data_9LVJ
#
_entry.id   9LVJ
#
_cell.length_a   1.00
_cell.length_b   1.00
_cell.length_c   1.00
_cell.angle_alpha   90.00
_cell.angle_beta   90.00
_cell.angle_gamma   90.00
#
_symmetry.space_group_name_H-M   'P 1'
#
loop_
_entity.id
_entity.type
_entity.pdbx_description
1 polymer 'GATOR2 complex protein MIOS'
2 polymer 'GATOR2 complex protein WDR24'
3 polymer 'GATOR2 complex protein WDR59'
4 polymer 'Isoform B of Nucleoporin SEH1'
5 polymer 'Protein SEC13 homolog'
6 polymer Sestrin-2
7 non-polymer 'ZINC ION'
#
loop_
_entity_poly.entity_id
_entity_poly.type
_entity_poly.pdbx_seq_one_letter_code
_entity_poly.pdbx_strand_id
1 'polypeptide(L)'
;MSGTKPDILWAPHHVDRFVVCDSELSLYHVESTVNSELKAGSLRLSEDSAATLLSINSDTPYMKCVAWYLNYDPECLLAV
GQANGRVVLTSLGQDHNSKFKDLIGKEFVPKHARQCNTLAWNPLDSNWLAAGLDKHRADFSVLIWDICSKYTPDIVPMEK
VKLSAGETETTLLVTKPLYELGQNDACLSLCWLPRDQKLLLAGMHRNLAIFDLRNTSQKMFVNTKAVQGVTVDPYFHDRV
ASFYEGQVAIWDLRKFEKPVLTLTEQPKPLTKVAWCPTRTGLLATLTRDSNIIRLYDMQHTPTPIGDETEPTIIERSVQP
CDNYIASFAWHPTSQNRMIVVTPNRTMSDFTVFERISLAWSPITSLMWACGRHLYECTEEENDNSLEKDIATKMRLRALS
RYGLDTEQVWRNHILAGNEDPQLKSLWYTLHFMKQYTEDMDQKSPGNKGSLVYAGIKSIVKSSLGMVESSRHNWSGLDKQ
SDIQNLNEERILALQLCGWIKKGTDVDVGPFLNSLVQEGEWERAAAVALFNLDIRRAIQILNEGASSEKGDLNLNVVAMA
LSGYTDEKNSLWREMCSTLRLQLNNPYLCVMFAFLTSETGSYDGVLYENKVAVRDRVAFACKFLSDTQLNRYIEKLTNEM
KEAGNLEGILLTGLTKDGVDLMESYVDRTGDVQTASYCMLQGSPLDVLKDERVQYWIENYRNLLDAWRFWHKRAEFDIHR
SKLDPSSKPLAQVFVSCNFCGKSISYSCSAVPHQGRGFSQYGVSGSPTKSKVTSCPGCRKPLPRCALCLINMGTPVSSCP
GGTKSDEKVDLSKDKKLAQFNNWFTWCHNCRHGGHAGHMLSWFRDHAECPVSACTCKCMQLDTTGNLVPAETVQP
;
A,B,K,L
2 'polypeptide(L)'
;MEKMSRVTTALGGSVLTGRTMHCHLDAPANAISVCRDAAQVVVAGRSIFKIYAIEEEQFVEKLNLRVGRKPSLNLSCADV
VWHQMDENLLATAATNGVVVTWNLGRPSRNKQDQLFTEHKRTVNKVCFHPTEAHVLLSGSQDGFMKCFDLRRKDSVSTFS
GQSESVRDVQFSIRDYFTFASTFENGNVQLWDIRRPDRCERMFTAHNGPVFCCDWHPEDRGWLATGGRDKMVKVWDMTTH
RAKEMHCVQTIASVARVKWRPECRHHLATCSMMVDHNIYVWDVRRPFVPAAMFEEHRDVTTGIAWRHPHDPSFLLSGSKD
SSLCQHLFRDASQPVERANPEGLCYGLFGDLAFAAKESLVAAESGRKPYTGDRRHPIFFKRKLDPAEPFAGLASSALSVF
ETEPGGGGMRWFVDTAERYALAGRPLAELCDHNAKVARELGRNQVAQTWTMLRIIYCSPGLVPTANLNHSVGKGGSCGLP
LMNSFNLKDMAPGLGSETRLDRSKGDARSDTVLLDSSATLITNEDNEETEGSDVPADYLLGDVEGEEDELYLLDPEHAHP
EDPECVLPQEAFPLRHEIVDTPPGPEHLQDKADSPHVSGSEADVASLAPVDSSFSLLSVSHALYDSRLPPDFFGVLVRDM
LHFYAEQGDVQMAVSVLIVLGERVRKDIDEQTQEHWYTSYIDLLQRFRLWNVSNEVVKLSTSRAVSCLNQASTTLHVNCS
HCKRPMSSRGWVCDRCHRCASMCAVCHHVVKGLFVWCQGCSHGGHLQHIMKWLEGSSHCPAGCGHLCEYS
;
C,M
3 'polypeptide(L)'
;MAARWSSENVVVEFRDSQATAMSVDCLGQHAVLSGRRFLYIVNLDAPFEGHRKISRQSKWDIGAVQWNPHDSFAHYFAAS
SNQRVDLYKWKDGSGEVGTTLQGHTRVISDLDWAVFEPDLLVTSSVDTYIYIWDIKDTRKPTVALSAVAGASQVKWNKKN
ANCLATSHDGDVRIWDKRKPSTAVEYLAAHLSKIHGLDWHPDSEHILATSSQDNSVKFWDYRQPRKYLNILPCQVPVWKA
RYTPFSNGLVTVMVPQLRRENSLLLWNVFDLNTPVHTFVGHDDVVLEFQWRKQKEGSKDYQLVTWSRDQTLRMWRVDSQM
QRLCANDILDGVDEFIESISLLPEPEKTLHTEDTDHQHTASHGEEEALKEDPPRNLLEERKSDQLGLPQTLQQEFSLINV
QIRNVNVEMDAADRSCTVSVHCSNHRVKMLVKFPAQYPNNAAPSFQFINPTTITSTMKAKLLKILKDTALQKVKRGQSCL
EPCLRQLVSCLESFVNQEDSASSNPFALPNSVTPPLPTFARVTTAYGSYQDANIPFPRTSGARFCGAGYLVYFTRPMTMH
RAVSPTEPTPRSLSALSAYHTGLIAPMKIRTEAPGNLRLYSGSPTRSEKEQVSISSFYYKERKSRRWKSKREGSDSGNRQ
IKAAGKVIIQDIACLLPVHKSLGELYILNVNDIQETCQKNAASALLVGRKDLVQVWSLATVATDLCLGPKSDPDLETPWA
RHPFGRQLLESLLAHYCRLRDVQTLAMLCSVFEAQSRPQGLPNPFGPFPNRSSNLVVSHSRYPSFTSSGSCSSMSDPGLN
TGGWNIAGREAEHLSSPWGESSPEELRFGSLTYSDPRERERDQHDKNKRLLDPANTQQFDDFKKCYGEILYRWGLREKRA
EVLKFVSCPPDPHKGIEFGVYCSHCRSEVRGTQCAICKGFTFQCAICHVAVRGSSNFCLTCGHGGHTSHMMEWFRTQEVC
PTGCGCHCLLESTF
;
D,N
4 'polypeptide(L)'
;MFVARSIAADHKDLIHDVSFDFHGRRMATCSSDQSVKVWDKSESGDWHCTASWKTHSGSVWRVTWAHPEFGQVLASCSFD
RTAAVWEEIVGESNDKLRGQSHWVKRTTLVDSRTSVTDVKFAPKHMGLMLATCSADGIVRIYEAPDVMNLSQWSLQHEIS
CKLSCSCISWNPSSSRAHSPMIAVGSDDSSPNAMAKVQIFEYNENTRKYAKAETLMTVTDPVHDIAFAPNLGRSFHILAI
ATKDVRIFTLKPVRKELTSSGGPTKFEIHIVAQFDNHNSQVWRVSWNITGTVLASSGDDGCVRLWKANYMDNWKCTGILK
GNGSPVNGSSQQGTSNPSLGSTIPSLQNSLNGSSAGRYFFTPLDSPRAGSRWSSYAQLLPPPPPPLVEHSCDADTANLQY
PHPRRRYLSRPLNPLPENEGI
;
E,F,G,O,P,Q
5 'polypeptide(L)'
;MREPVLTWCVPLELLCSHPLPLSAFLKSQVKLYTYRACAGKDEMGKMVSVINTVDTSHEDMIHDAQMDYYGTRLATCSSD
RSVKIFDVRNGGQILIADLRGHEGPVWQVAWAHPMYGNILASCSYDRKVIIWREENGTWEKSHEHAGHDSSVNSVCWAPH
DYGLILACGSSDGAISLLTYTGEGQWEVKKINNAHTIGCNAVSWAPAVVPGSLIDHPSGQKPNYIKRFASGGCDNLIKLW
KEEEDGQWKEEQKLEAHSDWVRDVAWAPSIGLPTSTIASCSQDGRVFIWTCDDASSNTWSPKLLHKFNDVVWHVSWSITA
NILAVSGGDNKVTLWKESVDGQWVCISDVNKGQGSVSASVTEGQQNEQ
;
H,R
6 'polypeptide(L)'
;MIVADSECRAELKDYLRFAPGGVGDSGPGEEQRESRARRGPRGPSAFIPVEEVLREGAESLEQHLGLEALMSSGRVDNLA
VVMGLHPDYFTSFWRLHYLLLHTDGPLASSWRHYIAIMAAARHQCSYLVGSHMAEFLQTGGDPEWLLGLHRAPEKLRKLS
EINKLLAHRPWLITKEHIQALLKTGEHTWSLAELIQALVLLTHCHSLSSFVFGCGILPEGDADGSPAPQAPTPPSEQSSP
PSRDPLNNSGGFESARDVEALMERMQQLQESLLRDEGTSQEEMESRFELEKSESLLVTPSADILEPSPHPDMLCFVEDPT
FGYEDFTRRGAQAPPTFRAQDYTWEDHGYSLIQRLYPEGGQLLDEKFQAAYSLTYNTIAMHSGVDTSVLRRAIWNYIHCV
FGIRYDDYDYGEVNQLLERNLKVYIKTVACYPEKTTRRMYNLFWRHFRHSEKVHVNLLLLEARMQAALLYALRAITRYMT
;
U,V
#
loop_
_chem_comp.id
_chem_comp.type
_chem_comp.name
_chem_comp.formula
ZN non-polymer 'ZINC ION' 'Zn 2'
#
# COMPACT_ATOMS: atom_id res chain seq x y z
N LYS A 5 23.74 28.36 63.92
CA LYS A 5 22.55 27.59 64.29
C LYS A 5 21.79 27.17 63.04
N PRO A 6 22.48 26.52 62.11
CA PRO A 6 21.82 26.12 60.85
C PRO A 6 20.78 25.05 61.08
N ASP A 7 19.80 25.00 60.18
CA ASP A 7 18.75 23.99 60.20
C ASP A 7 18.49 23.57 58.76
N ILE A 8 17.39 22.86 58.55
CA ILE A 8 16.97 22.45 57.21
C ILE A 8 15.46 22.56 57.10
N LEU A 9 14.99 22.69 55.85
CA LEU A 9 13.57 22.72 55.58
C LEU A 9 13.36 22.35 54.12
N TRP A 10 12.13 22.01 53.77
CA TRP A 10 11.73 21.72 52.41
C TRP A 10 10.76 22.79 51.93
N ALA A 11 10.42 22.72 50.65
CA ALA A 11 9.44 23.65 50.10
C ALA A 11 8.06 23.30 50.63
N PRO A 12 7.35 24.25 51.24
CA PRO A 12 6.01 23.94 51.76
C PRO A 12 5.01 23.53 50.69
N HIS A 13 5.25 23.89 49.44
CA HIS A 13 4.41 23.46 48.34
C HIS A 13 4.94 22.24 47.61
N HIS A 14 6.25 22.08 47.51
CA HIS A 14 6.87 20.98 46.79
C HIS A 14 7.61 20.09 47.78
N VAL A 15 7.18 18.83 47.88
CA VAL A 15 7.81 17.89 48.80
C VAL A 15 9.25 17.61 48.36
N ASP A 16 9.46 17.40 47.06
CA ASP A 16 10.79 17.06 46.55
C ASP A 16 11.77 18.20 46.67
N ARG A 17 11.30 19.45 46.72
CA ARG A 17 12.18 20.61 46.81
C ARG A 17 12.54 20.86 48.27
N PHE A 18 13.84 20.80 48.57
CA PHE A 18 14.34 20.95 49.93
C PHE A 18 15.34 22.11 49.98
N VAL A 19 15.55 22.63 51.18
CA VAL A 19 16.46 23.75 51.39
C VAL A 19 17.48 23.36 52.43
N VAL A 20 18.76 23.58 52.12
CA VAL A 20 19.86 23.37 53.06
C VAL A 20 20.31 24.73 53.54
N CYS A 21 20.11 25.00 54.83
CA CYS A 21 20.45 26.28 55.43
C CYS A 21 21.83 26.21 56.04
N ASP A 22 22.69 27.15 55.65
CA ASP A 22 24.07 27.20 56.11
C ASP A 22 24.51 28.67 56.12
N SER A 23 25.81 28.91 56.16
CA SER A 23 26.31 30.27 55.98
C SER A 23 25.86 30.83 54.63
N GLU A 24 25.66 29.96 53.64
CA GLU A 24 25.07 30.31 52.37
C GLU A 24 23.88 29.40 52.10
N LEU A 25 22.74 29.98 51.72
CA LEU A 25 21.53 29.20 51.53
C LEU A 25 21.62 28.38 50.25
N SER A 26 21.27 27.09 50.36
CA SER A 26 21.30 26.16 49.24
C SER A 26 19.95 25.49 49.10
N LEU A 27 19.42 25.47 47.88
CA LEU A 27 18.16 24.81 47.57
C LEU A 27 18.44 23.58 46.73
N TYR A 28 17.84 22.45 47.12
CA TYR A 28 18.07 21.17 46.46
C TYR A 28 16.74 20.48 46.21
N HIS A 29 16.73 19.60 45.21
CA HIS A 29 15.55 18.84 44.84
C HIS A 29 15.78 17.36 45.12
N VAL A 30 14.77 16.71 45.70
CA VAL A 30 14.88 15.29 46.01
C VAL A 30 14.39 14.46 44.82
N ALA A 51 21.14 14.18 46.84
CA ALA A 51 20.27 15.28 46.40
C ALA A 51 21.00 16.20 45.44
N THR A 52 20.27 16.75 44.47
CA THR A 52 20.81 17.66 43.48
C THR A 52 20.38 19.08 43.81
N LEU A 53 21.35 19.98 43.93
CA LEU A 53 21.06 21.36 44.30
C LEU A 53 20.41 22.11 43.14
N LEU A 54 19.56 23.08 43.47
CA LEU A 54 18.91 23.94 42.50
C LEU A 54 19.62 25.28 42.35
N SER A 55 19.89 25.95 43.47
CA SER A 55 20.65 27.20 43.45
C SER A 55 21.38 27.35 44.77
N ILE A 56 22.41 28.19 44.76
CA ILE A 56 23.21 28.49 45.94
C ILE A 56 23.07 29.98 46.24
N ASN A 57 22.43 30.29 47.36
CA ASN A 57 22.19 31.67 47.77
C ASN A 57 23.24 32.05 48.80
N SER A 58 24.32 32.68 48.34
CA SER A 58 25.38 33.19 49.22
C SER A 58 25.31 34.71 49.35
N ASP A 59 24.15 35.31 49.08
CA ASP A 59 23.96 36.75 49.19
C ASP A 59 23.54 37.18 50.59
N THR A 60 23.45 36.26 51.54
CA THR A 60 23.01 36.56 52.90
C THR A 60 24.02 36.00 53.89
N PRO A 61 25.22 36.57 53.93
CA PRO A 61 26.22 36.11 54.91
C PRO A 61 25.80 36.46 56.34
N TYR A 62 26.25 35.61 57.26
CA TYR A 62 25.98 35.80 58.70
C TYR A 62 24.48 35.82 58.98
N MET A 63 23.84 34.68 58.72
CA MET A 63 22.40 34.58 58.93
C MET A 63 22.06 34.40 60.41
N LYS A 64 20.96 35.01 60.84
CA LYS A 64 20.47 34.92 62.21
C LYS A 64 19.09 34.30 62.31
N CYS A 65 18.11 34.82 61.58
CA CYS A 65 16.74 34.32 61.64
C CYS A 65 16.23 34.09 60.22
N VAL A 66 15.44 33.03 60.05
CA VAL A 66 14.93 32.62 58.74
C VAL A 66 13.43 32.37 58.84
N ALA A 67 12.69 32.84 57.85
CA ALA A 67 11.25 32.60 57.77
C ALA A 67 10.89 32.31 56.31
N TRP A 68 9.76 31.63 56.13
CA TRP A 68 9.26 31.30 54.80
C TRP A 68 7.91 31.97 54.59
N TYR A 69 7.58 32.22 53.33
CA TYR A 69 6.30 32.84 53.01
C TYR A 69 5.17 31.81 53.13
N LEU A 70 4.09 32.20 53.81
CA LEU A 70 2.93 31.33 53.91
C LEU A 70 2.26 31.14 52.55
N ASN A 71 2.19 32.19 51.75
CA ASN A 71 1.57 32.10 50.44
C ASN A 71 2.44 31.29 49.48
N TYR A 72 1.80 30.63 48.52
CA TYR A 72 2.54 29.86 47.53
C TYR A 72 3.40 30.76 46.66
N ASP A 73 2.82 31.82 46.11
CA ASP A 73 3.60 32.78 45.37
C ASP A 73 4.37 33.68 46.33
N PRO A 74 5.67 33.92 46.10
CA PRO A 74 6.50 33.39 45.02
C PRO A 74 7.09 32.02 45.35
N GLU A 75 7.39 31.22 44.34
CA GLU A 75 8.01 29.92 44.57
C GLU A 75 9.43 30.09 45.09
N CYS A 76 9.80 29.27 46.08
CA CYS A 76 11.13 29.32 46.69
C CYS A 76 11.46 30.71 47.20
N LEU A 77 10.46 31.38 47.79
CA LEU A 77 10.62 32.70 48.38
C LEU A 77 10.64 32.56 49.89
N LEU A 78 11.57 33.27 50.53
CA LEU A 78 11.75 33.19 51.97
C LEU A 78 11.92 34.58 52.55
N ALA A 79 11.83 34.67 53.87
CA ALA A 79 12.08 35.89 54.61
C ALA A 79 13.20 35.64 55.60
N VAL A 80 14.17 36.57 55.66
CA VAL A 80 15.37 36.39 56.47
C VAL A 80 15.53 37.60 57.37
N GLY A 81 15.83 37.35 58.64
CA GLY A 81 16.21 38.42 59.55
C GLY A 81 17.62 38.21 60.10
N GLN A 82 18.55 39.06 59.67
CA GLN A 82 19.93 38.97 60.15
C GLN A 82 20.06 39.75 61.45
N ALA A 83 21.29 39.83 61.99
CA ALA A 83 21.52 40.50 63.25
C ALA A 83 21.06 41.95 63.24
N ASN A 84 21.05 42.60 62.08
CA ASN A 84 20.52 43.95 61.98
C ASN A 84 19.03 44.00 62.29
N GLY A 85 18.33 42.87 62.16
CA GLY A 85 16.92 42.80 62.50
C GLY A 85 15.98 43.30 61.43
N ARG A 86 16.49 43.77 60.30
CA ARG A 86 15.64 44.26 59.24
C ARG A 86 14.79 43.12 58.68
N VAL A 87 13.59 43.47 58.23
CA VAL A 87 12.69 42.51 57.59
C VAL A 87 13.04 42.53 56.11
N VAL A 88 13.78 41.52 55.66
CA VAL A 88 14.22 41.39 54.27
C VAL A 88 13.81 40.02 53.77
N LEU A 89 13.36 39.96 52.52
CA LEU A 89 12.90 38.72 51.90
C LEU A 89 13.80 38.37 50.72
N THR A 90 14.18 37.10 50.63
CA THR A 90 15.01 36.59 49.54
C THR A 90 14.36 35.36 48.93
N SER A 91 14.58 35.16 47.64
CA SER A 91 13.96 34.07 46.91
C SER A 91 15.00 33.36 46.04
N LEU A 92 14.72 32.10 45.72
CA LEU A 92 15.60 31.29 44.89
C LEU A 92 14.92 30.71 43.66
N GLY A 93 13.60 30.81 43.54
CA GLY A 93 12.91 30.23 42.40
C GLY A 93 13.03 31.06 41.14
N GLN A 94 12.69 30.44 40.02
CA GLN A 94 12.70 31.09 38.71
C GLN A 94 11.25 31.38 38.33
N ASP A 95 10.87 32.65 38.41
CA ASP A 95 9.51 33.10 38.11
C ASP A 95 9.56 34.08 36.94
N HIS A 96 8.73 33.82 35.92
CA HIS A 96 8.74 34.66 34.72
C HIS A 96 7.78 35.83 34.79
N ASN A 97 6.70 35.72 35.55
CA ASN A 97 5.74 36.80 35.74
C ASN A 97 5.28 36.83 37.18
N SER A 98 6.24 36.77 38.11
CA SER A 98 5.92 36.74 39.53
C SER A 98 4.99 37.89 39.89
N LYS A 99 3.92 37.57 40.62
CA LYS A 99 2.87 38.55 40.86
C LYS A 99 3.29 39.60 41.89
N PHE A 100 4.16 39.24 42.82
CA PHE A 100 4.56 40.11 43.92
C PHE A 100 6.08 40.20 43.97
N LYS A 101 6.63 41.22 43.31
CA LYS A 101 8.07 41.46 43.32
C LYS A 101 8.44 42.75 44.04
N ASP A 102 7.49 43.66 44.26
CA ASP A 102 7.78 44.89 44.98
C ASP A 102 8.19 44.59 46.42
N LEU A 103 7.76 43.45 46.95
CA LEU A 103 8.28 42.96 48.23
C LEU A 103 9.42 41.97 48.04
N ILE A 104 9.60 41.40 46.85
CA ILE A 104 10.71 40.50 46.58
C ILE A 104 11.99 41.30 46.51
N GLY A 105 12.95 40.98 47.38
CA GLY A 105 14.13 41.79 47.53
C GLY A 105 13.95 43.00 48.41
N LYS A 106 12.76 43.22 48.97
CA LYS A 106 12.50 44.39 49.79
C LYS A 106 13.18 44.27 51.15
N GLU A 107 13.35 45.41 51.80
CA GLU A 107 13.95 45.49 53.13
C GLU A 107 13.11 46.37 54.03
N PHE A 108 12.89 45.92 55.26
CA PHE A 108 12.09 46.64 56.25
C PHE A 108 12.85 46.61 57.57
N VAL A 109 13.65 47.64 57.83
CA VAL A 109 14.41 47.75 59.07
C VAL A 109 13.50 48.20 60.20
N PRO A 110 13.90 48.03 61.45
CA PRO A 110 13.06 48.50 62.57
C PRO A 110 13.28 49.97 62.89
N LYS A 111 12.71 50.44 64.00
CA LYS A 111 12.93 51.81 64.46
C LYS A 111 14.19 51.91 65.33
N HIS A 112 14.77 50.76 65.67
CA HIS A 112 16.03 50.72 66.41
C HIS A 112 16.73 49.40 66.12
N ALA A 113 18.02 49.36 66.42
CA ALA A 113 18.88 48.24 66.06
C ALA A 113 18.87 47.21 67.18
N ARG A 114 18.09 46.14 66.99
CA ARG A 114 18.07 45.00 67.89
C ARG A 114 18.40 43.75 67.10
N GLN A 115 19.15 42.84 67.72
CA GLN A 115 19.57 41.61 67.07
C GLN A 115 18.38 40.72 66.76
N CYS A 116 18.51 39.88 65.72
CA CYS A 116 17.44 38.98 65.35
C CYS A 116 17.25 37.90 66.41
N ASN A 117 16.00 37.71 66.83
CA ASN A 117 15.65 36.67 67.77
C ASN A 117 14.72 35.62 67.19
N THR A 118 13.61 36.02 66.58
CA THR A 118 12.65 35.07 66.04
C THR A 118 11.89 35.74 64.90
N LEU A 119 11.25 34.90 64.08
CA LEU A 119 10.45 35.37 62.97
C LEU A 119 9.47 34.28 62.56
N ALA A 120 8.27 34.68 62.18
CA ALA A 120 7.23 33.73 61.81
C ALA A 120 6.22 34.42 60.91
N TRP A 121 5.11 33.73 60.64
CA TRP A 121 4.04 34.26 59.82
C TRP A 121 2.77 33.47 60.13
N ASN A 122 1.63 34.05 59.74
CA ASN A 122 0.35 33.40 59.95
C ASN A 122 -0.17 32.80 58.65
N PRO A 123 -0.26 31.48 58.53
CA PRO A 123 -0.83 30.90 57.31
C PRO A 123 -2.29 31.27 57.10
N LEU A 124 -3.00 31.67 58.16
CA LEU A 124 -4.39 32.07 58.01
C LEU A 124 -4.51 33.30 57.12
N ASP A 125 -3.64 34.28 57.30
CA ASP A 125 -3.57 35.47 56.46
C ASP A 125 -2.10 35.77 56.21
N SER A 126 -1.61 35.39 55.02
CA SER A 126 -0.21 35.59 54.69
C SER A 126 0.17 37.06 54.59
N ASN A 127 -0.81 37.96 54.48
CA ASN A 127 -0.49 39.38 54.37
C ASN A 127 0.23 39.90 55.61
N TRP A 128 -0.24 39.50 56.79
CA TRP A 128 0.37 39.92 58.05
C TRP A 128 1.42 38.90 58.47
N LEU A 129 2.57 39.40 58.90
CA LEU A 129 3.66 38.57 59.39
C LEU A 129 4.29 39.23 60.62
N ALA A 130 4.85 38.40 61.49
CA ALA A 130 5.36 38.86 62.77
C ALA A 130 6.83 38.47 62.91
N ALA A 131 7.62 39.37 63.51
CA ALA A 131 9.04 39.14 63.73
C ALA A 131 9.41 39.56 65.14
N GLY A 132 10.49 38.98 65.65
CA GLY A 132 10.99 39.29 66.98
C GLY A 132 12.43 39.75 66.91
N LEU A 133 12.79 40.68 67.80
CA LEU A 133 14.12 41.26 67.84
C LEU A 133 14.66 41.24 69.25
N ASP A 134 15.90 41.68 69.40
CA ASP A 134 16.56 41.77 70.69
C ASP A 134 16.10 43.04 71.43
N LYS A 135 16.83 43.39 72.48
CA LYS A 135 16.43 44.49 73.35
C LYS A 135 17.00 45.81 72.82
N HIS A 136 16.14 46.69 72.36
CA HIS A 136 16.48 48.08 72.16
C HIS A 136 16.12 48.87 73.42
N ARG A 137 16.15 50.20 73.33
CA ARG A 137 15.86 51.00 74.51
C ARG A 137 14.37 50.99 74.81
N ALA A 138 13.57 51.66 73.98
CA ALA A 138 12.12 51.69 74.15
C ALA A 138 11.41 51.63 72.80
N ASP A 139 12.10 51.16 71.76
CA ASP A 139 11.49 50.99 70.45
C ASP A 139 10.68 49.71 70.44
N PHE A 140 10.11 49.39 69.28
CA PHE A 140 9.32 48.17 69.17
C PHE A 140 10.23 46.95 69.14
N SER A 141 9.75 45.86 69.75
CA SER A 141 10.43 44.57 69.74
C SER A 141 9.61 43.48 69.06
N VAL A 142 8.36 43.29 69.48
CA VAL A 142 7.44 42.36 68.82
C VAL A 142 6.69 43.17 67.78
N LEU A 143 7.29 43.32 66.60
CA LEU A 143 6.76 44.15 65.54
C LEU A 143 6.22 43.28 64.41
N ILE A 144 4.98 43.52 64.02
CA ILE A 144 4.33 42.79 62.94
C ILE A 144 4.12 43.75 61.79
N TRP A 145 4.58 43.37 60.60
CA TRP A 145 4.48 44.19 59.41
C TRP A 145 3.96 43.38 58.24
N ASP A 146 3.22 44.04 57.35
CA ASP A 146 2.75 43.44 56.11
C ASP A 146 3.69 43.81 54.99
N ILE A 147 4.11 42.80 54.22
CA ILE A 147 5.09 43.02 53.15
C ILE A 147 4.53 43.73 51.94
N CYS A 148 3.25 44.11 51.97
CA CYS A 148 2.55 44.77 50.85
C CYS A 148 2.60 43.79 49.66
N SER A 149 2.90 44.26 48.45
CA SER A 149 2.94 43.38 47.28
C SER A 149 3.75 43.98 46.13
N THR A 175 8.20 50.05 55.65
CA THR A 175 8.33 51.29 56.38
C THR A 175 8.32 51.05 57.89
N LYS A 176 7.13 50.71 58.42
CA LYS A 176 6.95 50.49 59.84
C LYS A 176 6.04 49.29 60.07
N PRO A 177 6.05 48.75 61.30
CA PRO A 177 5.23 47.56 61.58
C PRO A 177 3.73 47.86 61.53
N LEU A 178 2.97 46.86 61.10
CA LEU A 178 1.51 46.99 61.07
C LEU A 178 0.92 46.92 62.46
N TYR A 179 1.35 45.96 63.28
CA TYR A 179 0.89 45.81 64.66
C TYR A 179 2.10 45.62 65.56
N GLU A 180 2.12 46.34 66.68
CA GLU A 180 3.28 46.34 67.56
C GLU A 180 2.85 46.28 69.02
N LEU A 181 3.71 45.70 69.85
CA LEU A 181 3.47 45.60 71.29
C LEU A 181 4.76 45.16 71.96
N GLY A 182 4.75 45.23 73.30
CA GLY A 182 5.86 44.75 74.10
C GLY A 182 7.13 45.58 73.99
N GLN A 183 7.03 46.87 74.31
CA GLN A 183 8.18 47.75 74.19
C GLN A 183 9.23 47.46 75.25
N ASN A 184 10.49 47.54 74.86
CA ASN A 184 11.64 47.35 75.76
C ASN A 184 11.55 46.00 76.48
N ASP A 185 11.51 44.94 75.69
CA ASP A 185 11.39 43.59 76.21
C ASP A 185 11.99 42.62 75.20
N ALA A 186 12.28 41.41 75.67
CA ALA A 186 12.88 40.36 74.85
C ALA A 186 11.79 39.39 74.41
N CYS A 187 11.68 39.20 73.10
CA CYS A 187 10.73 38.24 72.52
C CYS A 187 11.53 37.05 72.02
N LEU A 188 11.61 36.00 72.85
CA LEU A 188 12.38 34.82 72.48
C LEU A 188 11.77 34.14 71.26
N SER A 189 10.45 34.04 71.20
CA SER A 189 9.76 33.42 70.09
C SER A 189 8.61 34.29 69.63
N LEU A 190 8.39 34.31 68.32
CA LEU A 190 7.25 34.97 67.72
C LEU A 190 6.46 33.93 66.93
N CYS A 191 5.16 33.89 67.13
CA CYS A 191 4.33 32.86 66.52
C CYS A 191 2.92 33.38 66.31
N TRP A 192 2.18 32.67 65.48
CA TRP A 192 0.80 32.98 65.17
C TRP A 192 -0.07 31.76 65.40
N LEU A 193 -1.27 31.98 65.91
CA LEU A 193 -2.21 30.89 66.12
C LEU A 193 -2.85 30.50 64.79
N PRO A 194 -2.71 29.25 64.35
CA PRO A 194 -3.34 28.86 63.08
C PRO A 194 -4.85 28.99 63.07
N ARG A 195 -5.52 28.74 64.20
CA ARG A 195 -6.96 28.70 64.24
C ARG A 195 -7.57 30.09 64.31
N ASP A 196 -7.31 30.82 65.38
CA ASP A 196 -7.87 32.15 65.59
C ASP A 196 -6.97 33.18 64.92
N GLN A 197 -7.45 33.75 63.81
CA GLN A 197 -6.64 34.66 63.01
C GLN A 197 -6.24 35.92 63.76
N LYS A 198 -6.90 36.23 64.88
CA LYS A 198 -6.53 37.34 65.73
C LYS A 198 -5.97 36.85 67.07
N LEU A 199 -5.22 35.76 67.03
CA LEU A 199 -4.62 35.21 68.24
C LEU A 199 -3.18 34.80 67.95
N LEU A 200 -2.36 34.83 69.00
CA LEU A 200 -0.96 34.45 68.90
C LEU A 200 -0.43 34.16 70.29
N LEU A 201 0.69 33.45 70.35
CA LEU A 201 1.39 33.15 71.58
C LEU A 201 2.79 33.73 71.52
N ALA A 202 3.20 34.42 72.58
CA ALA A 202 4.48 35.10 72.62
C ALA A 202 5.28 34.58 73.81
N GLY A 203 6.59 34.79 73.74
CA GLY A 203 7.47 34.46 74.84
C GLY A 203 8.35 35.61 75.27
N MET A 204 8.15 36.12 76.48
CA MET A 204 8.95 37.22 77.00
C MET A 204 10.27 36.67 77.55
N HIS A 205 11.01 37.50 78.28
CA HIS A 205 12.27 37.05 78.87
C HIS A 205 12.03 35.94 79.88
N ARG A 206 10.98 36.07 80.70
CA ARG A 206 10.65 35.04 81.68
C ARG A 206 9.15 34.78 81.78
N ASN A 207 8.39 35.08 80.72
CA ASN A 207 6.95 34.87 80.74
C ASN A 207 6.46 34.61 79.33
N LEU A 208 5.28 34.00 79.23
CA LEU A 208 4.62 33.77 77.96
C LEU A 208 3.19 34.30 78.04
N ALA A 209 2.80 35.11 77.06
CA ALA A 209 1.52 35.81 77.09
C ALA A 209 0.63 35.36 75.94
N ILE A 210 -0.67 35.28 76.21
CA ILE A 210 -1.66 34.90 75.22
C ILE A 210 -2.44 36.16 74.86
N PHE A 211 -2.01 36.84 73.79
CA PHE A 211 -2.58 38.12 73.39
C PHE A 211 -3.47 37.95 72.17
N ASP A 212 -3.95 39.10 71.65
CA ASP A 212 -4.83 39.12 70.49
C ASP A 212 -4.52 40.35 69.64
N LEU A 213 -4.80 40.23 68.33
CA LEU A 213 -4.55 41.33 67.41
C LEU A 213 -5.62 42.41 67.50
N ARG A 214 -6.90 42.01 67.63
CA ARG A 214 -7.99 42.97 67.64
C ARG A 214 -7.92 43.93 68.83
N ASN A 215 -7.33 43.51 69.94
CA ASN A 215 -7.12 44.42 71.07
C ASN A 215 -5.69 44.24 71.55
N THR A 216 -4.88 45.30 71.41
CA THR A 216 -3.46 45.21 71.74
C THR A 216 -3.25 44.95 73.23
N SER A 217 -4.00 45.63 74.09
CA SER A 217 -3.85 45.46 75.52
C SER A 217 -4.42 44.15 76.02
N GLN A 218 -5.22 43.46 75.21
CA GLN A 218 -5.84 42.20 75.61
C GLN A 218 -4.82 41.07 75.50
N LYS A 219 -4.45 40.48 76.62
CA LYS A 219 -3.46 39.42 76.64
C LYS A 219 -3.64 38.58 77.90
N MET A 220 -3.12 37.36 77.84
CA MET A 220 -3.15 36.42 78.96
C MET A 220 -1.73 35.91 79.18
N PHE A 221 -1.03 36.47 80.17
CA PHE A 221 0.36 36.15 80.43
C PHE A 221 0.47 35.10 81.54
N VAL A 222 1.29 34.08 81.31
CA VAL A 222 1.49 32.98 82.24
C VAL A 222 2.97 32.82 82.50
N ASN A 223 3.34 32.78 83.78
CA ASN A 223 4.75 32.68 84.16
C ASN A 223 5.26 31.26 83.98
N THR A 224 6.47 31.12 83.45
CA THR A 224 7.11 29.83 83.28
C THR A 224 8.61 30.05 83.15
N LYS A 225 9.36 28.97 83.38
CA LYS A 225 10.82 29.03 83.29
C LYS A 225 11.34 28.73 81.90
N ALA A 226 10.65 27.89 81.14
CA ALA A 226 11.03 27.56 79.77
C ALA A 226 10.08 28.26 78.81
N VAL A 227 10.65 29.00 77.85
CA VAL A 227 9.85 29.69 76.85
C VAL A 227 10.42 29.39 75.47
N GLN A 228 11.31 28.42 75.39
CA GLN A 228 11.98 28.07 74.15
C GLN A 228 11.27 26.90 73.48
N GLY A 229 11.19 26.96 72.16
CA GLY A 229 10.51 25.91 71.41
C GLY A 229 9.02 25.81 71.70
N VAL A 230 8.34 26.94 71.77
CA VAL A 230 6.91 26.97 72.06
C VAL A 230 6.13 26.78 70.76
N THR A 231 5.37 25.69 70.69
CA THR A 231 4.59 25.40 69.49
C THR A 231 3.44 24.49 69.87
N VAL A 232 2.41 24.49 69.02
CA VAL A 232 1.24 23.63 69.20
C VAL A 232 1.03 22.86 67.91
N ASP A 233 0.89 21.54 68.04
CA ASP A 233 0.67 20.71 66.86
C ASP A 233 -0.72 20.96 66.30
N PRO A 234 -0.88 20.82 64.98
CA PRO A 234 -2.21 21.06 64.38
C PRO A 234 -3.30 20.17 64.95
N TYR A 235 -3.00 18.91 65.22
CA TYR A 235 -4.00 18.03 65.82
C TYR A 235 -4.24 18.37 67.28
N PHE A 236 -3.19 18.78 68.00
CA PHE A 236 -3.28 19.09 69.42
C PHE A 236 -3.40 20.60 69.57
N HIS A 237 -4.63 21.08 69.64
CA HIS A 237 -4.87 22.52 69.72
C HIS A 237 -4.69 23.06 71.13
N ASP A 238 -4.70 22.21 72.15
CA ASP A 238 -4.57 22.65 73.53
C ASP A 238 -3.22 22.30 74.15
N ARG A 239 -2.29 21.77 73.36
CA ARG A 239 -0.99 21.35 73.85
C ARG A 239 0.07 22.36 73.47
N VAL A 240 0.81 22.83 74.48
CA VAL A 240 1.87 23.82 74.27
C VAL A 240 3.20 23.18 74.64
N ALA A 241 4.28 23.80 74.17
CA ALA A 241 5.62 23.29 74.38
C ALA A 241 6.51 24.38 74.97
N SER A 242 7.57 23.95 75.63
CA SER A 242 8.55 24.85 76.23
C SER A 242 9.80 24.06 76.57
N PHE A 243 10.95 24.52 76.07
CA PHE A 243 12.21 23.81 76.24
C PHE A 243 13.14 24.64 77.13
N TYR A 244 13.88 23.94 78.00
CA TYR A 244 14.85 24.57 78.90
C TYR A 244 16.11 23.72 78.91
N GLU A 245 17.06 24.07 78.04
CA GLU A 245 18.35 23.40 77.94
C GLU A 245 18.11 21.93 77.69
N GLY A 246 18.59 21.01 78.53
CA GLY A 246 18.30 19.60 78.34
C GLY A 246 16.95 19.15 78.83
N GLN A 247 16.18 20.05 79.46
CA GLN A 247 14.86 19.74 79.97
C GLN A 247 13.79 20.35 79.07
N VAL A 248 12.62 19.71 79.06
CA VAL A 248 11.49 20.14 78.24
C VAL A 248 10.27 20.26 79.15
N ALA A 249 9.52 21.34 78.99
CA ALA A 249 8.31 21.59 79.75
C ALA A 249 7.10 21.56 78.82
N ILE A 250 6.09 20.78 79.20
CA ILE A 250 4.87 20.64 78.41
C ILE A 250 3.71 21.16 79.25
N TRP A 251 2.86 21.98 78.64
CA TRP A 251 1.71 22.57 79.32
C TRP A 251 0.49 22.53 78.42
N ASP A 252 -0.67 22.53 79.06
CA ASP A 252 -1.95 22.53 78.35
C ASP A 252 -2.44 23.96 78.16
N LEU A 253 -2.99 24.23 76.98
CA LEU A 253 -3.50 25.58 76.71
C LEU A 253 -4.65 25.93 77.65
N ARG A 254 -5.57 24.98 77.87
CA ARG A 254 -6.67 25.23 78.80
C ARG A 254 -6.19 25.28 80.25
N LYS A 255 -4.99 24.78 80.51
CA LYS A 255 -4.40 24.79 81.86
C LYS A 255 -3.03 25.46 81.83
N PHE A 256 -2.96 26.61 81.17
CA PHE A 256 -1.70 27.33 80.99
C PHE A 256 -1.35 28.13 82.26
N GLU A 257 -1.17 27.39 83.34
CA GLU A 257 -0.69 27.94 84.60
C GLU A 257 0.54 27.23 85.13
N LYS A 258 0.59 25.92 85.02
CA LYS A 258 1.71 25.10 85.44
C LYS A 258 2.00 24.08 84.36
N PRO A 259 3.21 23.52 84.34
CA PRO A 259 3.56 22.54 83.30
C PRO A 259 2.73 21.28 83.46
N VAL A 260 1.99 20.93 82.40
CA VAL A 260 1.20 19.71 82.42
C VAL A 260 2.11 18.48 82.47
N LEU A 261 3.15 18.47 81.66
CA LEU A 261 4.12 17.37 81.64
C LEU A 261 5.53 17.93 81.68
N THR A 262 6.42 17.20 82.36
CA THR A 262 7.82 17.57 82.49
C THR A 262 8.68 16.40 82.05
N LEU A 263 9.62 16.66 81.17
CA LEU A 263 10.52 15.63 80.65
C LEU A 263 11.85 15.66 81.40
N THR A 264 12.62 14.60 81.23
CA THR A 264 13.91 14.50 81.89
C THR A 264 14.90 15.51 81.30
N GLU A 265 15.74 16.06 82.15
CA GLU A 265 16.76 17.02 81.72
C GLU A 265 17.99 16.25 81.24
N GLN A 266 18.08 16.03 79.93
CA GLN A 266 19.23 15.35 79.37
C GLN A 266 20.48 16.22 79.51
N PRO A 267 21.67 15.59 79.57
CA PRO A 267 22.88 16.39 79.81
C PRO A 267 23.13 17.44 78.74
N LYS A 268 23.23 17.03 77.48
CA LYS A 268 23.35 18.00 76.40
C LYS A 268 22.04 18.75 76.26
N PRO A 269 22.06 20.07 76.07
CA PRO A 269 20.81 20.81 75.92
C PRO A 269 20.06 20.38 74.67
N LEU A 270 18.73 20.39 74.76
CA LEU A 270 17.91 20.11 73.59
C LEU A 270 18.00 21.29 72.63
N THR A 271 18.33 20.99 71.37
CA THR A 271 18.55 22.01 70.37
C THR A 271 17.27 22.36 69.62
N LYS A 272 16.65 21.37 68.98
CA LYS A 272 15.42 21.58 68.23
C LYS A 272 14.39 20.54 68.63
N VAL A 273 13.16 20.99 68.86
CA VAL A 273 12.04 20.12 69.22
C VAL A 273 10.88 20.44 68.29
N ALA A 274 10.32 19.41 67.65
CA ALA A 274 9.25 19.60 66.69
C ALA A 274 8.25 18.46 66.81
N TRP A 275 7.03 18.72 66.33
CA TRP A 275 5.96 17.75 66.34
C TRP A 275 5.95 16.94 65.05
N CYS A 276 5.31 15.79 65.10
CA CYS A 276 5.23 14.92 63.92
C CYS A 276 4.27 15.52 62.90
N PRO A 277 4.69 15.68 61.64
CA PRO A 277 3.80 16.32 60.67
C PRO A 277 2.76 15.37 60.07
N THR A 278 2.91 14.06 60.25
CA THR A 278 1.95 13.10 59.73
C THR A 278 1.66 11.97 60.72
N ARG A 279 1.80 12.23 62.01
CA ARG A 279 1.50 11.25 63.04
C ARG A 279 0.73 11.92 64.16
N THR A 280 0.08 11.10 64.99
CA THR A 280 -0.73 11.58 66.09
C THR A 280 0.03 11.38 67.40
N GLY A 281 0.15 12.45 68.17
CA GLY A 281 0.77 12.38 69.49
C GLY A 281 2.23 11.98 69.47
N LEU A 282 3.00 12.48 68.50
CA LEU A 282 4.41 12.17 68.39
C LEU A 282 5.19 13.48 68.30
N LEU A 283 6.17 13.63 69.18
CA LEU A 283 7.06 14.79 69.19
C LEU A 283 8.50 14.33 69.32
N ALA A 284 9.41 15.04 68.68
CA ALA A 284 10.83 14.70 68.68
C ALA A 284 11.63 15.90 69.14
N THR A 285 12.61 15.67 70.00
CA THR A 285 13.50 16.70 70.49
C THR A 285 14.94 16.33 70.16
N LEU A 286 15.69 17.29 69.62
CA LEU A 286 17.06 17.07 69.20
C LEU A 286 18.02 17.82 70.12
N THR A 287 19.18 17.23 70.36
CA THR A 287 20.22 17.77 71.22
C THR A 287 21.48 18.05 70.41
N ARG A 288 22.55 18.39 71.12
CA ARG A 288 23.81 18.81 70.50
C ARG A 288 24.78 17.64 70.43
N ASP A 289 25.31 17.39 69.23
CA ASP A 289 26.37 16.40 69.02
C ASP A 289 25.93 15.01 69.48
N SER A 290 24.67 14.67 69.24
CA SER A 290 24.13 13.36 69.58
C SER A 290 23.69 12.67 68.29
N ASN A 291 24.13 11.41 68.12
CA ASN A 291 23.79 10.66 66.92
C ASN A 291 22.31 10.28 66.87
N ILE A 292 21.68 10.07 68.01
CA ILE A 292 20.28 9.64 68.09
C ILE A 292 19.48 10.72 68.80
N ILE A 293 18.33 11.06 68.23
CA ILE A 293 17.47 12.12 68.77
C ILE A 293 16.32 11.47 69.54
N ARG A 294 16.23 11.78 70.82
CA ARG A 294 15.19 11.21 71.66
C ARG A 294 13.83 11.80 71.30
N LEU A 295 12.78 11.05 71.62
CA LEU A 295 11.41 11.43 71.29
C LEU A 295 10.46 10.90 72.36
N TYR A 296 9.26 11.48 72.40
CA TYR A 296 8.25 11.11 73.36
C TYR A 296 6.92 10.89 72.65
N ASP A 297 6.04 10.13 73.28
CA ASP A 297 4.73 9.80 72.74
C ASP A 297 3.67 10.58 73.50
N MET A 298 2.91 11.40 72.78
CA MET A 298 1.87 12.24 73.38
C MET A 298 0.47 11.69 73.14
N GLN A 299 0.35 10.46 72.66
CA GLN A 299 -0.96 9.87 72.37
C GLN A 299 -1.59 9.20 73.59
N HIS A 300 -0.90 9.21 74.74
CA HIS A 300 -1.45 8.55 75.93
C HIS A 300 -2.75 9.21 76.39
N THR A 301 -2.79 10.55 76.38
CA THR A 301 -3.98 11.28 76.80
C THR A 301 -4.08 12.62 76.08
N THR A 312 1.43 7.06 80.70
CA THR A 312 2.86 6.92 80.44
C THR A 312 3.21 7.29 79.00
N ILE A 313 4.37 7.89 78.82
CA ILE A 313 4.85 8.32 77.51
C ILE A 313 6.02 7.43 77.11
N ILE A 314 5.90 6.78 75.97
CA ILE A 314 6.96 5.92 75.47
C ILE A 314 8.07 6.78 74.89
N GLU A 315 9.29 6.57 75.35
CA GLU A 315 10.45 7.35 74.92
C GLU A 315 11.34 6.48 74.05
N ARG A 316 11.52 6.90 72.80
CA ARG A 316 12.38 6.20 71.86
C ARG A 316 13.26 7.20 71.13
N SER A 317 14.47 6.77 70.81
CA SER A 317 15.45 7.60 70.12
C SER A 317 15.92 6.89 68.87
N VAL A 318 16.07 7.64 67.79
CA VAL A 318 16.48 7.11 66.49
C VAL A 318 17.69 7.88 66.00
N GLN A 319 18.68 7.15 65.50
CA GLN A 319 19.90 7.76 64.96
C GLN A 319 19.82 7.75 63.44
N PRO A 320 19.57 8.90 62.79
CA PRO A 320 19.52 8.92 61.32
C PRO A 320 20.89 8.85 60.67
N CYS A 321 21.96 9.03 61.44
CA CYS A 321 23.32 9.00 60.89
C CYS A 321 24.28 8.62 62.01
N ASP A 322 25.50 8.24 61.61
CA ASP A 322 26.53 7.86 62.55
C ASP A 322 27.39 9.03 63.00
N ASN A 323 27.09 10.24 62.55
CA ASN A 323 27.86 11.43 62.91
C ASN A 323 26.92 12.49 63.49
N TYR A 324 27.52 13.45 64.20
CA TYR A 324 26.75 14.52 64.81
C TYR A 324 26.08 15.38 63.73
N ILE A 325 24.79 15.61 63.89
CA ILE A 325 23.99 16.38 62.94
C ILE A 325 23.54 17.67 63.61
N ALA A 326 23.69 18.78 62.90
CA ALA A 326 23.33 20.07 63.47
C ALA A 326 21.83 20.15 63.78
N SER A 327 20.99 19.70 62.86
CA SER A 327 19.56 19.78 63.07
C SER A 327 18.87 18.67 62.28
N PHE A 328 17.73 18.21 62.79
CA PHE A 328 16.93 17.20 62.12
C PHE A 328 15.55 17.78 61.86
N ALA A 329 15.14 17.76 60.59
CA ALA A 329 13.86 18.31 60.18
C ALA A 329 13.07 17.27 59.41
N TRP A 330 11.82 17.07 59.79
CA TRP A 330 10.94 16.15 59.11
C TRP A 330 10.18 16.88 58.01
N HIS A 331 10.15 16.28 56.83
CA HIS A 331 9.42 16.89 55.72
C HIS A 331 7.94 16.95 56.05
N PRO A 332 7.30 18.12 55.98
CA PRO A 332 5.88 18.19 56.35
C PRO A 332 4.98 17.33 55.47
N THR A 333 5.27 17.22 54.18
CA THR A 333 4.42 16.45 53.29
C THR A 333 4.59 14.95 53.50
N SER A 334 5.82 14.49 53.68
CA SER A 334 6.08 13.06 53.80
C SER A 334 5.47 12.49 55.07
N GLN A 335 5.15 11.20 55.03
CA GLN A 335 4.48 10.52 56.14
C GLN A 335 5.53 10.00 57.11
N ASN A 336 5.77 10.77 58.18
CA ASN A 336 6.69 10.40 59.25
C ASN A 336 8.10 10.10 58.70
N ARG A 337 8.58 10.96 57.81
CA ARG A 337 9.92 10.86 57.26
C ARG A 337 10.74 12.05 57.75
N MET A 338 11.89 11.76 58.35
CA MET A 338 12.74 12.78 58.96
C MET A 338 14.03 12.94 58.16
N ILE A 339 14.53 14.17 58.09
CA ILE A 339 15.76 14.49 57.39
C ILE A 339 16.72 15.16 58.37
N VAL A 340 17.94 14.62 58.45
CA VAL A 340 18.96 15.09 59.38
C VAL A 340 20.10 15.70 58.58
N VAL A 341 20.58 16.86 59.03
CA VAL A 341 21.66 17.59 58.35
C VAL A 341 22.80 17.77 59.33
N THR A 342 24.02 17.47 58.88
CA THR A 342 25.22 17.56 59.68
C THR A 342 26.13 18.68 59.19
N PRO A 343 27.10 19.08 60.01
CA PRO A 343 28.00 20.17 59.58
C PRO A 343 28.88 19.81 58.39
N ASN A 344 29.02 18.53 58.07
CA ASN A 344 29.87 18.07 56.97
C ASN A 344 29.13 18.01 55.63
N ARG A 345 28.03 18.75 55.49
CA ARG A 345 27.27 18.81 54.25
C ARG A 345 26.82 17.43 53.79
N THR A 346 26.26 16.65 54.72
CA THR A 346 25.69 15.34 54.43
C THR A 346 24.26 15.30 54.99
N MET A 347 23.31 14.93 54.14
CA MET A 347 21.91 14.87 54.52
C MET A 347 21.39 13.46 54.32
N SER A 348 20.77 12.90 55.35
CA SER A 348 20.19 11.56 55.31
C SER A 348 18.74 11.64 55.74
N ASP A 349 17.84 11.05 54.96
CA ASP A 349 16.41 11.03 55.25
C ASP A 349 16.08 9.69 55.89
N PHE A 350 15.91 9.68 57.21
CA PHE A 350 15.58 8.46 57.95
C PHE A 350 14.18 8.59 58.52
N THR A 351 13.32 7.64 58.16
CA THR A 351 11.93 7.60 58.63
C THR A 351 11.87 6.61 59.79
N VAL A 352 11.73 7.13 61.00
CA VAL A 352 11.70 6.29 62.18
C VAL A 352 10.44 5.44 62.18
N PHE A 353 10.58 4.15 62.44
CA PHE A 353 9.47 3.22 62.55
C PHE A 353 9.08 3.01 64.00
N GLU A 354 7.91 2.40 64.19
CA GLU A 354 7.35 2.19 65.50
C GLU A 354 7.68 0.77 65.99
N ARG A 355 7.11 0.39 67.13
CA ARG A 355 7.37 -0.92 67.71
C ARG A 355 6.84 -2.03 66.81
N ILE A 356 7.53 -3.17 66.84
CA ILE A 356 7.26 -4.29 65.95
C ILE A 356 6.86 -5.48 66.78
N SER A 357 5.77 -6.14 66.38
CA SER A 357 5.31 -7.35 67.06
C SER A 357 5.63 -8.58 66.22
N LEU A 358 5.67 -9.74 66.89
CA LEU A 358 6.06 -10.99 66.25
C LEU A 358 5.17 -12.12 66.73
N ALA A 359 5.03 -13.14 65.88
CA ALA A 359 4.24 -14.32 66.20
C ALA A 359 4.65 -15.45 65.27
N TRP A 360 5.08 -16.57 65.84
CA TRP A 360 5.49 -17.70 65.03
C TRP A 360 4.29 -18.59 64.70
N SER A 361 4.49 -19.49 63.75
CA SER A 361 3.43 -20.38 63.32
C SER A 361 3.94 -21.81 63.21
N PRO A 362 3.07 -22.79 63.45
CA PRO A 362 3.49 -24.19 63.40
C PRO A 362 3.94 -24.70 62.03
N ILE A 363 3.97 -23.86 61.01
CA ILE A 363 4.38 -24.32 59.68
C ILE A 363 5.71 -23.65 59.35
N THR A 364 6.49 -23.34 60.40
CA THR A 364 7.79 -22.69 60.25
C THR A 364 7.67 -21.36 59.52
N SER A 365 6.61 -20.62 59.81
CA SER A 365 6.35 -19.33 59.19
C SER A 365 6.23 -18.26 60.26
N LEU A 366 6.71 -17.06 59.93
CA LEU A 366 6.76 -15.97 60.88
C LEU A 366 5.92 -14.82 60.37
N MET A 367 5.03 -14.32 61.22
CA MET A 367 4.15 -13.21 60.89
C MET A 367 4.50 -12.03 61.78
N TRP A 368 4.86 -10.91 61.17
CA TRP A 368 5.29 -9.73 61.90
C TRP A 368 4.50 -8.53 61.42
N ALA A 369 4.08 -7.70 62.35
CA ALA A 369 3.33 -6.49 62.05
C ALA A 369 4.25 -5.29 62.21
N CYS A 370 4.44 -4.54 61.14
CA CYS A 370 5.26 -3.33 61.16
C CYS A 370 4.35 -2.15 60.88
N GLY A 371 3.75 -1.62 61.92
CA GLY A 371 2.82 -0.50 61.79
C GLY A 371 1.38 -0.99 61.59
N ARG A 372 0.82 -0.66 60.43
CA ARG A 372 -0.54 -1.05 60.08
C ARG A 372 -0.59 -2.28 59.18
N HIS A 373 0.40 -2.45 58.32
CA HIS A 373 0.38 -3.56 57.37
C HIS A 373 0.88 -4.84 58.02
N LEU A 374 0.41 -5.96 57.49
CA LEU A 374 0.78 -7.29 57.97
C LEU A 374 1.69 -7.94 56.94
N TYR A 375 2.77 -8.56 57.41
CA TYR A 375 3.74 -9.22 56.54
C TYR A 375 3.97 -10.64 57.03
N GLU A 376 4.82 -11.37 56.32
CA GLU A 376 5.05 -12.77 56.62
C GLU A 376 6.36 -13.19 55.98
N CYS A 377 7.01 -14.18 56.61
CA CYS A 377 8.25 -14.75 56.11
C CYS A 377 8.06 -16.25 55.92
N THR A 378 8.55 -16.74 54.79
CA THR A 378 8.42 -18.14 54.41
C THR A 378 9.73 -18.87 54.70
N GLU A 379 9.77 -20.14 54.33
CA GLU A 379 10.89 -21.02 54.62
C GLU A 379 11.67 -21.30 53.34
N GLU A 380 12.59 -20.40 53.01
CA GLU A 380 13.52 -20.53 51.89
C GLU A 380 12.87 -21.06 50.61
N GLU A 381 12.46 -22.34 50.62
CA GLU A 381 11.93 -23.02 49.45
C GLU A 381 12.96 -23.04 48.31
N ASN A 382 14.11 -23.65 48.61
CA ASN A 382 15.20 -23.76 47.66
C ASN A 382 15.65 -25.19 47.40
N ASP A 383 15.29 -26.13 48.26
CA ASP A 383 15.69 -27.54 48.13
C ASP A 383 17.20 -27.70 48.07
N ASN A 384 17.92 -26.94 48.88
CA ASN A 384 19.38 -26.99 48.90
C ASN A 384 19.86 -26.48 50.26
N SER A 385 21.15 -26.21 50.37
CA SER A 385 21.77 -25.63 51.57
C SER A 385 21.62 -26.62 52.72
N LEU A 386 21.19 -26.19 53.90
CA LEU A 386 21.13 -27.06 55.08
C LEU A 386 19.74 -27.66 55.29
N GLU A 387 18.90 -27.65 54.25
CA GLU A 387 17.54 -28.19 54.33
C GLU A 387 16.74 -27.50 55.44
N LYS A 388 16.98 -26.21 55.63
CA LYS A 388 16.27 -25.38 56.59
C LYS A 388 16.37 -25.91 58.02
N ASP A 389 15.43 -25.49 58.87
CA ASP A 389 15.46 -25.77 60.30
C ASP A 389 14.92 -27.19 60.51
N ILE A 390 15.16 -27.73 61.71
CA ILE A 390 14.82 -29.12 62.01
C ILE A 390 13.32 -29.36 61.85
N ALA A 391 12.50 -28.34 62.06
CA ALA A 391 11.06 -28.51 61.96
C ALA A 391 10.64 -28.86 60.53
N THR A 392 11.23 -28.16 59.56
CA THR A 392 10.90 -28.44 58.16
C THR A 392 11.33 -29.84 57.76
N LYS A 393 12.54 -30.25 58.16
CA LYS A 393 12.99 -31.60 57.87
C LYS A 393 12.08 -32.63 58.54
N MET A 394 11.62 -32.31 59.75
CA MET A 394 10.75 -33.22 60.47
C MET A 394 9.42 -33.41 59.74
N ARG A 395 8.83 -32.31 59.28
CA ARG A 395 7.59 -32.41 58.53
C ARG A 395 7.81 -33.15 57.22
N LEU A 396 8.93 -32.90 56.54
CA LEU A 396 9.22 -33.58 55.29
C LEU A 396 9.35 -35.08 55.51
N ARG A 397 10.00 -35.49 56.60
CA ARG A 397 10.15 -36.90 56.91
C ARG A 397 8.80 -37.53 57.26
N ALA A 398 7.99 -36.82 58.04
CA ALA A 398 6.67 -37.35 58.39
C ALA A 398 5.82 -37.55 57.15
N LEU A 399 5.85 -36.59 56.22
CA LEU A 399 5.10 -36.73 54.98
C LEU A 399 5.64 -37.85 54.11
N SER A 400 6.89 -38.26 54.29
CA SER A 400 7.49 -39.32 53.49
C SER A 400 7.43 -40.67 54.19
N ARG A 401 6.70 -40.77 55.29
CA ARG A 401 6.53 -42.02 56.03
C ARG A 401 7.90 -42.56 56.45
N TYR A 402 8.53 -41.79 57.33
CA TYR A 402 9.88 -42.05 57.77
C TYR A 402 9.88 -42.92 59.02
N GLY A 403 10.77 -43.90 59.05
CA GLY A 403 10.88 -44.79 60.19
C GLY A 403 9.85 -45.89 60.19
N LEU A 404 8.69 -45.62 59.63
CA LEU A 404 7.58 -46.57 59.71
C LEU A 404 7.83 -47.80 58.84
N ASP A 405 8.60 -47.64 57.77
CA ASP A 405 8.85 -48.74 56.85
C ASP A 405 9.83 -49.71 57.50
N THR A 406 9.30 -50.72 58.19
CA THR A 406 10.13 -51.71 58.87
C THR A 406 9.84 -53.08 58.26
N GLU A 407 10.46 -53.33 57.13
CA GLU A 407 10.67 -54.65 56.55
C GLU A 407 12.12 -54.85 56.16
N GLN A 408 12.77 -53.79 55.67
CA GLN A 408 14.21 -53.72 55.52
C GLN A 408 14.65 -52.39 56.15
N VAL A 409 15.51 -52.49 57.16
CA VAL A 409 15.71 -51.35 58.06
C VAL A 409 16.46 -50.22 57.38
N TRP A 410 17.50 -50.55 56.61
CA TRP A 410 18.46 -49.55 56.18
C TRP A 410 17.89 -48.55 55.19
N ARG A 411 16.71 -48.82 54.60
CA ARG A 411 16.17 -47.92 53.60
C ARG A 411 15.83 -46.56 54.20
N ASN A 412 15.73 -46.46 55.52
CA ASN A 412 15.32 -45.20 56.12
C ASN A 412 16.36 -44.12 55.91
N HIS A 413 17.60 -44.47 55.59
CA HIS A 413 18.60 -43.46 55.33
C HIS A 413 18.34 -42.70 54.02
N ILE A 414 17.90 -43.39 52.97
CA ILE A 414 17.42 -42.63 51.83
C ILE A 414 16.04 -42.04 52.11
N LEU A 415 15.20 -42.73 52.88
CA LEU A 415 13.88 -42.20 53.18
C LEU A 415 13.96 -40.90 53.97
N ALA A 416 15.11 -40.63 54.61
CA ALA A 416 15.28 -39.43 55.41
C ALA A 416 15.59 -38.20 54.57
N GLY A 417 15.80 -38.37 53.27
CA GLY A 417 16.04 -37.24 52.40
C GLY A 417 17.46 -37.13 51.91
N ASN A 418 18.19 -36.13 52.40
CA ASN A 418 19.58 -35.95 52.00
C ASN A 418 20.46 -37.01 52.65
N GLU A 419 21.76 -36.94 52.36
CA GLU A 419 22.74 -37.88 52.91
C GLU A 419 23.38 -37.25 54.13
N ASP A 420 23.00 -37.72 55.32
CA ASP A 420 23.58 -37.27 56.57
C ASP A 420 24.34 -38.40 57.22
N PRO A 421 25.65 -38.25 57.45
CA PRO A 421 26.44 -39.38 57.98
C PRO A 421 25.96 -39.83 59.34
N GLN A 422 25.42 -38.93 60.16
CA GLN A 422 24.91 -39.34 61.45
C GLN A 422 23.75 -40.31 61.30
N LEU A 423 22.85 -40.03 60.37
CA LEU A 423 21.75 -40.96 60.10
C LEU A 423 22.12 -41.94 59.00
N LYS A 424 23.29 -42.50 59.16
CA LYS A 424 23.89 -43.58 58.39
C LYS A 424 24.42 -44.68 59.28
N SER A 425 25.07 -44.33 60.39
CA SER A 425 25.51 -45.33 61.33
C SER A 425 24.35 -45.92 62.11
N LEU A 426 23.36 -45.11 62.47
CA LEU A 426 22.23 -45.60 63.24
C LEU A 426 21.46 -46.67 62.49
N TRP A 427 21.06 -46.37 61.25
CA TRP A 427 20.16 -47.27 60.55
C TRP A 427 20.89 -48.50 60.02
N TYR A 428 22.19 -48.38 59.73
CA TYR A 428 22.94 -49.57 59.35
C TYR A 428 23.22 -50.45 60.56
N THR A 429 23.51 -49.84 61.71
CA THR A 429 23.68 -50.63 62.93
C THR A 429 22.36 -51.27 63.33
N LEU A 430 21.25 -50.54 63.21
CA LEU A 430 19.95 -51.10 63.58
C LEU A 430 19.55 -52.21 62.63
N HIS A 431 19.93 -52.11 61.36
CA HIS A 431 19.66 -53.20 60.43
C HIS A 431 20.45 -54.45 60.80
N PHE A 432 21.72 -54.27 61.19
CA PHE A 432 22.56 -55.41 61.55
C PHE A 432 22.01 -56.13 62.77
N MET A 433 21.61 -55.38 63.80
CA MET A 433 21.14 -56.00 65.02
C MET A 433 19.89 -56.83 64.78
N LYS A 434 18.94 -56.28 64.01
CA LYS A 434 17.73 -57.04 63.71
C LYS A 434 18.02 -58.24 62.83
N GLN A 435 18.92 -58.08 61.86
CA GLN A 435 19.21 -59.18 60.93
C GLN A 435 19.84 -60.36 61.66
N TYR A 436 20.72 -60.09 62.63
CA TYR A 436 21.38 -61.16 63.34
C TYR A 436 20.44 -61.87 64.31
N THR A 437 19.62 -61.11 65.04
CA THR A 437 18.73 -61.72 66.02
C THR A 437 17.61 -62.52 65.35
N GLU A 438 17.23 -62.17 64.13
CA GLU A 438 16.27 -63.00 63.39
C GLU A 438 16.85 -64.37 63.12
N ASP A 439 18.11 -64.44 62.68
CA ASP A 439 18.78 -65.72 62.54
C ASP A 439 19.02 -66.35 63.91
N MET A 440 19.42 -65.54 64.89
CA MET A 440 19.66 -66.02 66.24
C MET A 440 18.36 -66.45 66.91
N SER A 450 19.41 -58.75 74.70
CA SER A 450 20.70 -58.75 75.37
C SER A 450 21.80 -59.28 74.45
N LEU A 451 21.39 -60.03 73.43
CA LEU A 451 22.36 -60.57 72.48
C LEU A 451 22.95 -59.48 71.62
N VAL A 452 22.11 -58.80 70.84
CA VAL A 452 22.55 -57.71 69.98
C VAL A 452 22.33 -56.35 70.63
N TYR A 453 21.19 -56.18 71.30
CA TYR A 453 20.85 -54.90 71.89
C TYR A 453 21.60 -54.68 73.19
N ALA A 454 22.93 -54.83 73.15
CA ALA A 454 23.78 -54.64 74.32
C ALA A 454 25.03 -53.82 74.04
N GLY A 455 25.37 -53.57 72.78
CA GLY A 455 26.54 -52.80 72.45
C GLY A 455 27.82 -53.62 72.51
N ILE A 456 28.89 -53.02 72.00
CA ILE A 456 30.18 -53.70 71.97
C ILE A 456 30.72 -53.85 73.39
N LYS A 457 30.46 -52.87 74.25
CA LYS A 457 30.94 -52.95 75.63
C LYS A 457 30.48 -54.22 76.32
N SER A 458 29.18 -54.50 76.28
CA SER A 458 28.68 -55.72 76.90
C SER A 458 29.12 -56.96 76.12
N ILE A 459 29.24 -56.84 74.80
CA ILE A 459 29.61 -57.99 73.98
C ILE A 459 31.00 -58.50 74.35
N VAL A 460 31.95 -57.58 74.51
CA VAL A 460 33.32 -57.94 74.83
C VAL A 460 33.64 -57.69 76.30
N LYS A 461 32.62 -57.57 77.15
CA LYS A 461 32.87 -57.35 78.57
C LYS A 461 33.65 -58.51 79.18
N SER A 462 33.30 -59.74 78.81
CA SER A 462 34.01 -60.92 79.29
C SER A 462 34.98 -61.46 78.25
N SER A 463 35.61 -60.59 77.47
CA SER A 463 36.49 -61.05 76.41
C SER A 463 37.67 -61.82 76.97
N LEU A 464 38.01 -62.93 76.32
CA LEU A 464 39.13 -63.76 76.75
C LEU A 464 39.71 -64.48 75.54
N GLY A 465 41.02 -64.69 75.58
CA GLY A 465 41.70 -65.46 74.55
C GLY A 465 42.14 -64.66 73.34
N MET A 466 42.88 -63.59 73.57
CA MET A 466 43.45 -62.79 72.49
C MET A 466 44.97 -62.80 72.59
N VAL A 467 45.64 -63.04 71.46
CA VAL A 467 47.09 -63.17 71.41
C VAL A 467 47.63 -62.11 70.46
N GLU A 468 48.62 -61.36 70.92
CA GLU A 468 49.23 -60.32 70.10
C GLU A 468 50.45 -60.90 69.36
N SER A 469 50.95 -60.12 68.40
CA SER A 469 52.13 -60.50 67.63
C SER A 469 53.04 -59.29 67.50
N SER A 470 54.34 -59.51 67.68
CA SER A 470 55.29 -58.40 67.57
C SER A 470 55.32 -57.84 66.15
N ARG A 471 55.37 -58.72 65.16
CA ARG A 471 55.46 -58.29 63.76
C ARG A 471 54.38 -58.99 62.95
N HIS A 472 53.66 -58.20 62.16
CA HIS A 472 52.64 -58.76 61.29
C HIS A 472 53.28 -59.64 60.22
N ASN A 473 52.57 -60.68 59.81
CA ASN A 473 53.09 -61.63 58.84
C ASN A 473 52.77 -61.21 57.40
N TRP A 474 53.07 -59.95 57.08
CA TRP A 474 53.02 -59.41 55.72
C TRP A 474 51.81 -59.87 54.92
N SER A 475 52.04 -60.78 53.98
CA SER A 475 51.00 -61.40 53.17
C SER A 475 50.18 -60.37 52.40
N ILE A 483 41.14 -65.56 60.33
CA ILE A 483 40.35 -64.67 61.18
C ILE A 483 39.54 -65.49 62.17
N GLN A 484 39.28 -66.74 61.83
CA GLN A 484 38.53 -67.62 62.71
C GLN A 484 39.33 -68.06 63.93
N ASN A 485 40.65 -67.81 63.94
CA ASN A 485 41.46 -68.12 65.11
C ASN A 485 41.04 -67.31 66.33
N LEU A 486 40.32 -66.20 66.12
CA LEU A 486 39.84 -65.39 67.24
C LEU A 486 38.73 -66.11 67.98
N ASN A 487 38.53 -65.71 69.24
CA ASN A 487 37.43 -66.23 70.03
C ASN A 487 36.09 -65.82 69.43
N GLU A 488 35.10 -66.71 69.52
CA GLU A 488 33.85 -66.54 68.78
C GLU A 488 33.08 -65.31 69.23
N GLU A 489 33.00 -65.10 70.55
CA GLU A 489 32.38 -63.89 71.06
C GLU A 489 33.12 -62.63 70.61
N ARG A 490 34.45 -62.72 70.46
CA ARG A 490 35.21 -61.64 69.85
C ARG A 490 34.97 -61.53 68.36
N ILE A 491 34.35 -62.54 67.76
CA ILE A 491 33.96 -62.49 66.36
C ILE A 491 32.54 -61.96 66.17
N LEU A 492 31.71 -62.00 67.22
CA LEU A 492 30.41 -61.36 67.12
C LEU A 492 30.55 -59.86 66.91
N ALA A 493 31.52 -59.24 67.57
CA ALA A 493 31.81 -57.83 67.33
C ALA A 493 32.19 -57.58 65.88
N LEU A 494 33.03 -58.44 65.31
CA LEU A 494 33.39 -58.30 63.91
C LEU A 494 32.17 -58.44 63.01
N GLN A 495 31.28 -59.38 63.35
CA GLN A 495 30.07 -59.55 62.57
C GLN A 495 29.20 -58.31 62.60
N LEU A 496 29.06 -57.71 63.79
CA LEU A 496 28.19 -56.53 63.90
C LEU A 496 28.85 -55.31 63.28
N CYS A 497 30.18 -55.28 63.24
CA CYS A 497 30.88 -54.13 62.66
C CYS A 497 30.87 -54.12 61.15
N GLY A 498 30.10 -55.01 60.50
CA GLY A 498 29.91 -54.96 59.08
C GLY A 498 30.98 -55.61 58.25
N TRP A 499 32.05 -56.13 58.86
CA TRP A 499 33.08 -56.79 58.07
C TRP A 499 32.70 -58.24 57.78
N ILE A 500 32.59 -59.05 58.83
CA ILE A 500 32.27 -60.46 58.64
C ILE A 500 30.80 -60.61 58.25
N LYS A 501 30.53 -61.44 57.26
CA LYS A 501 29.17 -61.71 56.83
C LYS A 501 28.45 -62.55 57.88
N LYS A 502 27.20 -62.90 57.58
CA LYS A 502 26.41 -63.70 58.50
C LYS A 502 27.03 -65.06 58.72
N GLY A 503 27.55 -65.68 57.66
CA GLY A 503 28.15 -66.98 57.76
C GLY A 503 29.46 -66.94 58.54
N THR A 504 29.96 -68.14 58.82
CA THR A 504 31.18 -68.31 59.63
C THR A 504 32.45 -68.14 58.82
N ASP A 505 32.35 -67.86 57.52
CA ASP A 505 33.53 -67.71 56.69
C ASP A 505 34.39 -66.55 57.19
N VAL A 506 35.69 -66.78 57.27
CA VAL A 506 36.64 -65.76 57.72
C VAL A 506 37.10 -64.95 56.53
N ASP A 507 36.44 -65.14 55.39
CA ASP A 507 36.80 -64.45 54.15
C ASP A 507 35.94 -63.20 54.00
N VAL A 508 36.58 -62.04 54.11
CA VAL A 508 35.90 -60.76 53.98
C VAL A 508 35.76 -60.43 52.51
N GLY A 509 36.11 -61.41 51.66
CA GLY A 509 36.05 -61.29 50.22
C GLY A 509 34.84 -60.56 49.67
N PRO A 510 33.62 -60.99 50.04
CA PRO A 510 32.44 -60.24 49.60
C PRO A 510 32.44 -58.80 50.05
N PHE A 511 32.88 -58.52 51.28
CA PHE A 511 32.94 -57.13 51.72
C PHE A 511 33.89 -56.31 50.87
N LEU A 512 35.08 -56.87 50.60
CA LEU A 512 36.05 -56.15 49.78
C LEU A 512 35.55 -55.97 48.35
N ASN A 513 34.92 -57.00 47.79
CA ASN A 513 34.39 -56.89 46.44
C ASN A 513 33.32 -55.81 46.37
N SER A 514 32.42 -55.77 47.35
CA SER A 514 31.41 -54.72 47.40
C SER A 514 32.05 -53.35 47.53
N LEU A 515 33.11 -53.25 48.34
CA LEU A 515 33.81 -51.99 48.50
C LEU A 515 34.42 -51.52 47.19
N VAL A 516 35.08 -52.42 46.46
CA VAL A 516 35.71 -52.06 45.20
C VAL A 516 34.66 -51.70 44.17
N GLN A 517 33.52 -52.41 44.18
CA GLN A 517 32.42 -52.03 43.30
C GLN A 517 31.89 -50.65 43.63
N GLU A 518 31.82 -50.31 44.92
CA GLU A 518 31.35 -48.99 45.34
C GLU A 518 32.32 -47.88 44.99
N GLY A 519 33.53 -48.21 44.55
CA GLY A 519 34.51 -47.20 44.18
C GLY A 519 35.36 -46.69 45.31
N GLU A 520 35.07 -47.06 46.56
CA GLU A 520 35.86 -46.63 47.71
C GLU A 520 37.16 -47.42 47.71
N TRP A 521 38.08 -47.01 46.83
CA TRP A 521 39.33 -47.73 46.67
C TRP A 521 40.20 -47.64 47.91
N GLU A 522 40.31 -46.46 48.50
CA GLU A 522 41.15 -46.28 49.68
C GLU A 522 40.62 -47.07 50.87
N ARG A 523 39.29 -47.08 51.04
CA ARG A 523 38.70 -47.87 52.12
C ARG A 523 39.01 -49.35 51.94
N ALA A 524 38.89 -49.85 50.70
CA ALA A 524 39.21 -51.24 50.44
C ALA A 524 40.68 -51.53 50.71
N ALA A 525 41.57 -50.60 50.33
CA ALA A 525 42.98 -50.79 50.62
C ALA A 525 43.23 -50.87 52.12
N ALA A 526 42.56 -50.02 52.89
CA ALA A 526 42.71 -50.08 54.35
C ALA A 526 42.23 -51.40 54.90
N VAL A 527 41.09 -51.88 54.42
CA VAL A 527 40.56 -53.15 54.90
C VAL A 527 41.52 -54.28 54.59
N ALA A 528 42.09 -54.28 53.38
CA ALA A 528 43.04 -55.32 53.00
C ALA A 528 44.30 -55.26 53.86
N LEU A 529 44.84 -54.07 54.07
CA LEU A 529 46.04 -53.95 54.91
C LEU A 529 45.76 -54.46 56.30
N PHE A 530 44.59 -54.15 56.85
CA PHE A 530 44.19 -54.74 58.11
C PHE A 530 44.03 -56.25 58.00
N ASN A 531 43.69 -56.74 56.81
CA ASN A 531 43.50 -58.17 56.58
C ASN A 531 44.77 -58.85 56.08
N LEU A 532 45.87 -58.11 55.92
CA LEU A 532 47.19 -58.65 55.59
C LEU A 532 47.21 -59.29 54.19
N ASP A 533 46.84 -58.49 53.19
CA ASP A 533 47.03 -58.83 51.78
C ASP A 533 47.65 -57.62 51.11
N ILE A 534 48.98 -57.50 51.23
CA ILE A 534 49.68 -56.35 50.67
C ILE A 534 49.62 -56.38 49.15
N ARG A 535 49.83 -57.56 48.56
CA ARG A 535 49.83 -57.67 47.10
C ARG A 535 48.42 -57.45 46.55
N ARG A 536 47.41 -58.03 47.20
CA ARG A 536 46.03 -57.80 46.79
C ARG A 536 45.66 -56.33 46.94
N ALA A 537 46.13 -55.69 48.01
CA ALA A 537 45.87 -54.26 48.18
C ALA A 537 46.55 -53.44 47.08
N ILE A 538 47.76 -53.83 46.70
CA ILE A 538 48.46 -53.13 45.63
C ILE A 538 47.69 -53.27 44.32
N GLN A 539 47.20 -54.49 44.04
CA GLN A 539 46.38 -54.69 42.86
C GLN A 539 45.11 -53.85 42.94
N ILE A 540 44.51 -53.77 44.13
CA ILE A 540 43.30 -52.97 44.31
C ILE A 540 43.57 -51.50 43.99
N LEU A 541 44.66 -50.96 44.53
CA LEU A 541 45.00 -49.56 44.29
C LEU A 541 45.30 -49.30 42.83
N ASN A 542 46.01 -50.23 42.18
CA ASN A 542 46.29 -50.08 40.75
C ASN A 542 44.98 -50.08 39.95
N GLU A 543 44.06 -50.98 40.28
CA GLU A 543 42.79 -51.03 39.57
C GLU A 543 41.99 -49.76 39.77
N GLY A 544 41.95 -49.25 41.01
CA GLY A 544 41.24 -48.01 41.28
C GLY A 544 41.83 -46.84 40.53
N ALA A 545 43.16 -46.77 40.47
CA ALA A 545 43.82 -45.68 39.75
C ALA A 545 43.80 -45.87 38.24
N SER A 546 43.44 -47.06 37.76
CA SER A 546 43.26 -47.23 36.31
C SER A 546 42.12 -46.36 35.80
N SER A 547 41.03 -46.28 36.56
CA SER A 547 39.91 -45.44 36.19
C SER A 547 39.96 -44.12 36.95
N GLU A 548 39.32 -43.11 36.37
CA GLU A 548 39.26 -41.77 36.94
C GLU A 548 40.65 -41.22 37.23
N LEU A 552 45.81 -40.57 39.75
CA LEU A 552 47.19 -40.54 39.30
C LEU A 552 48.14 -40.56 40.47
N ASN A 553 47.68 -40.04 41.62
CA ASN A 553 48.46 -40.13 42.85
C ASN A 553 48.18 -41.43 43.57
N LEU A 554 47.10 -42.13 43.22
CA LEU A 554 46.79 -43.41 43.85
C LEU A 554 47.87 -44.45 43.55
N ASN A 555 48.21 -44.61 42.27
CA ASN A 555 49.32 -45.50 41.94
C ASN A 555 50.64 -44.97 42.51
N VAL A 556 50.76 -43.65 42.64
CA VAL A 556 51.99 -43.08 43.20
C VAL A 556 52.19 -43.54 44.64
N VAL A 557 51.16 -43.37 45.47
CA VAL A 557 51.22 -43.86 46.83
C VAL A 557 51.38 -45.38 46.85
N ALA A 558 50.64 -46.08 45.99
CA ALA A 558 50.65 -47.53 46.03
C ALA A 558 52.03 -48.10 45.72
N MET A 559 52.69 -47.55 44.69
CA MET A 559 54.04 -47.99 44.36
C MET A 559 55.03 -47.52 45.43
N ALA A 560 54.81 -46.35 46.00
CA ALA A 560 55.66 -45.91 47.10
C ALA A 560 55.58 -46.85 48.30
N LEU A 561 54.43 -47.47 48.50
CA LEU A 561 54.15 -48.21 49.73
C LEU A 561 55.05 -49.41 49.96
N SER A 562 55.78 -49.86 48.94
CA SER A 562 56.45 -51.15 49.10
C SER A 562 57.72 -51.07 49.96
N GLY A 563 57.93 -50.01 50.73
CA GLY A 563 59.10 -49.92 51.58
C GLY A 563 58.99 -50.56 52.94
N TYR A 564 57.85 -51.19 53.26
CA TYR A 564 57.61 -51.66 54.63
C TYR A 564 58.63 -52.71 55.04
N THR A 565 59.08 -52.63 56.29
CA THR A 565 60.09 -53.53 56.82
C THR A 565 60.05 -53.44 58.34
N ASP A 566 61.08 -54.01 58.97
CA ASP A 566 61.30 -53.87 60.41
C ASP A 566 62.63 -53.22 60.73
N GLU A 567 63.20 -52.44 59.82
CA GLU A 567 64.50 -51.82 60.05
C GLU A 567 64.42 -50.73 61.11
N LYS A 568 65.51 -50.57 61.86
CA LYS A 568 65.56 -49.54 62.89
C LYS A 568 65.48 -48.15 62.31
N ASN A 569 66.23 -47.88 61.24
CA ASN A 569 66.37 -46.55 60.68
C ASN A 569 66.20 -46.57 59.16
N SER A 570 65.16 -47.25 58.69
CA SER A 570 64.95 -47.39 57.26
C SER A 570 64.59 -46.07 56.62
N LEU A 571 65.03 -45.89 55.37
CA LEU A 571 64.58 -44.73 54.61
C LEU A 571 63.08 -44.76 54.45
N TRP A 572 62.53 -45.96 54.23
CA TRP A 572 61.08 -46.13 54.24
C TRP A 572 60.48 -45.74 55.58
N ARG A 573 61.12 -46.16 56.68
CA ARG A 573 60.54 -45.98 58.00
C ARG A 573 60.52 -44.51 58.40
N GLU A 574 61.69 -43.86 58.38
CA GLU A 574 61.75 -42.44 58.69
C GLU A 574 60.92 -41.61 57.70
N MET A 575 60.99 -41.96 56.41
CA MET A 575 60.25 -41.21 55.40
C MET A 575 58.74 -41.29 55.64
N CYS A 576 58.22 -42.49 55.91
CA CYS A 576 56.79 -42.64 56.13
C CYS A 576 56.38 -42.03 57.45
N SER A 577 57.25 -42.10 58.47
CA SER A 577 56.94 -41.44 59.73
C SER A 577 56.81 -39.93 59.55
N THR A 578 57.66 -39.36 58.69
CA THR A 578 57.53 -37.95 58.36
C THR A 578 56.23 -37.68 57.60
N LEU A 579 55.97 -38.47 56.55
CA LEU A 579 54.86 -38.21 55.63
C LEU A 579 53.50 -38.61 56.17
N ARG A 580 53.45 -39.31 57.31
CA ARG A 580 52.17 -39.76 57.83
C ARG A 580 51.22 -38.60 58.07
N LEU A 581 51.76 -37.45 58.48
CA LEU A 581 50.93 -36.26 58.63
C LEU A 581 50.87 -35.43 57.35
N GLN A 582 51.64 -35.79 56.33
CA GLN A 582 51.64 -35.04 55.08
C GLN A 582 50.51 -35.44 54.14
N LEU A 583 49.80 -36.52 54.43
CA LEU A 583 48.80 -37.05 53.50
C LEU A 583 47.48 -36.30 53.66
N ASN A 584 46.62 -36.48 52.67
CA ASN A 584 45.32 -35.82 52.60
C ASN A 584 44.15 -36.76 52.83
N ASN A 585 44.14 -37.92 52.20
CA ASN A 585 43.09 -38.90 52.42
C ASN A 585 43.26 -39.55 53.77
N PRO A 586 42.24 -39.52 54.64
CA PRO A 586 42.42 -40.10 55.98
C PRO A 586 42.76 -41.59 55.95
N TYR A 587 42.20 -42.35 55.01
CA TYR A 587 42.51 -43.77 54.94
C TYR A 587 43.96 -44.02 54.58
N LEU A 588 44.50 -43.23 53.63
CA LEU A 588 45.91 -43.36 53.30
C LEU A 588 46.79 -43.00 54.50
N CYS A 589 46.41 -41.96 55.23
CA CYS A 589 47.15 -41.60 56.43
C CYS A 589 47.12 -42.72 57.45
N VAL A 590 45.96 -43.36 57.62
CA VAL A 590 45.86 -44.46 58.59
C VAL A 590 46.73 -45.63 58.15
N MET A 591 46.75 -45.92 56.85
CA MET A 591 47.61 -47.00 56.36
C MET A 591 49.08 -46.69 56.62
N PHE A 592 49.49 -45.45 56.36
CA PHE A 592 50.86 -45.05 56.64
C PHE A 592 51.18 -45.19 58.12
N ALA A 593 50.27 -44.75 58.98
CA ALA A 593 50.50 -44.83 60.41
C ALA A 593 50.61 -46.27 60.87
N PHE A 594 49.75 -47.15 60.36
CA PHE A 594 49.84 -48.56 60.73
C PHE A 594 51.16 -49.15 60.29
N LEU A 595 51.58 -48.86 59.05
CA LEU A 595 52.84 -49.41 58.56
C LEU A 595 54.01 -48.90 59.38
N THR A 596 54.00 -47.62 59.75
CA THR A 596 55.08 -47.02 60.53
C THR A 596 54.86 -47.14 62.02
N SER A 597 53.76 -47.75 62.45
CA SER A 597 53.49 -47.88 63.88
C SER A 597 54.56 -48.73 64.55
N GLU A 598 55.03 -48.27 65.70
CA GLU A 598 55.94 -49.06 66.51
C GLU A 598 55.22 -50.29 67.05
N THR A 599 55.99 -51.34 67.32
CA THR A 599 55.41 -52.58 67.81
C THR A 599 54.82 -52.38 69.20
N GLY A 600 53.64 -52.94 69.42
CA GLY A 600 52.95 -52.80 70.69
C GLY A 600 51.99 -51.62 70.77
N SER A 601 52.48 -50.43 70.43
CA SER A 601 51.68 -49.21 70.51
C SER A 601 51.06 -48.96 69.15
N TYR A 602 49.72 -48.93 69.11
CA TYR A 602 48.98 -48.68 67.87
C TYR A 602 48.01 -47.53 68.04
N ASP A 603 48.38 -46.56 68.90
CA ASP A 603 47.47 -45.47 69.22
C ASP A 603 47.30 -44.47 68.09
N GLY A 604 48.14 -44.53 67.07
CA GLY A 604 47.95 -43.67 65.92
C GLY A 604 46.67 -43.97 65.16
N VAL A 605 46.41 -45.25 64.89
CA VAL A 605 45.24 -45.63 64.12
C VAL A 605 43.97 -45.44 64.95
N LEU A 606 43.99 -45.87 66.21
CA LEU A 606 42.77 -46.00 66.99
C LEU A 606 42.18 -44.66 67.40
N TYR A 607 42.88 -43.56 67.16
CA TYR A 607 42.44 -42.24 67.58
C TYR A 607 42.41 -41.27 66.41
N GLU A 608 41.96 -41.73 65.24
CA GLU A 608 41.83 -40.87 64.07
C GLU A 608 40.36 -40.43 64.00
N ASN A 609 40.06 -39.29 64.61
CA ASN A 609 38.69 -38.80 64.65
C ASN A 609 38.16 -38.44 63.27
N LYS A 610 39.04 -38.31 62.28
CA LYS A 610 38.62 -38.09 60.91
C LYS A 610 38.31 -39.38 60.17
N VAL A 611 38.45 -40.53 60.83
CA VAL A 611 38.17 -41.82 60.23
C VAL A 611 36.96 -42.44 60.91
N ALA A 612 36.38 -43.44 60.25
CA ALA A 612 35.16 -44.05 60.74
C ALA A 612 35.37 -44.71 62.10
N VAL A 613 34.38 -44.54 62.99
CA VAL A 613 34.42 -45.21 64.28
C VAL A 613 34.33 -46.72 64.10
N ARG A 614 33.52 -47.15 63.13
CA ARG A 614 33.29 -48.58 62.91
C ARG A 614 34.59 -49.31 62.61
N ASP A 615 35.36 -48.79 61.64
CA ASP A 615 36.58 -49.48 61.23
C ASP A 615 37.60 -49.50 62.35
N ARG A 616 37.74 -48.39 63.08
CA ARG A 616 38.69 -48.37 64.18
C ARG A 616 38.32 -49.38 65.25
N VAL A 617 37.03 -49.45 65.60
CA VAL A 617 36.61 -50.41 66.61
C VAL A 617 36.88 -51.84 66.13
N ALA A 618 36.59 -52.11 64.86
CA ALA A 618 36.79 -53.45 64.32
C ALA A 618 38.27 -53.83 64.29
N PHE A 619 39.13 -52.90 63.89
CA PHE A 619 40.57 -53.18 63.89
C PHE A 619 41.07 -53.41 65.31
N ALA A 620 40.60 -52.62 66.27
CA ALA A 620 41.00 -52.84 67.65
C ALA A 620 40.57 -54.21 68.13
N CYS A 621 39.35 -54.62 67.79
CA CYS A 621 38.89 -55.96 68.16
C CYS A 621 39.74 -57.03 67.49
N LYS A 622 40.15 -56.79 66.25
CA LYS A 622 40.94 -57.77 65.51
C LYS A 622 42.37 -57.91 66.02
N PHE A 623 42.96 -56.84 66.56
CA PHE A 623 44.37 -56.87 66.92
C PHE A 623 44.61 -56.73 68.42
N LEU A 624 43.95 -55.80 69.09
CA LEU A 624 44.27 -55.51 70.49
C LEU A 624 43.91 -56.68 71.41
N SER A 625 44.59 -56.74 72.55
CA SER A 625 44.45 -57.85 73.48
C SER A 625 43.30 -57.61 74.43
N ASP A 626 43.20 -58.45 75.48
CA ASP A 626 42.09 -58.35 76.41
C ASP A 626 42.11 -57.03 77.18
N THR A 627 43.23 -56.73 77.80
CA THR A 627 43.34 -55.55 78.66
C THR A 627 43.41 -54.25 77.88
N GLN A 628 43.89 -54.29 76.64
CA GLN A 628 44.01 -53.10 75.81
C GLN A 628 42.78 -52.85 74.96
N LEU A 629 41.70 -53.60 75.19
CA LEU A 629 40.40 -53.30 74.59
C LEU A 629 39.44 -52.67 75.57
N ASN A 630 39.49 -53.08 76.84
CA ASN A 630 38.63 -52.47 77.84
C ASN A 630 39.03 -51.05 78.18
N ARG A 631 40.23 -50.61 77.79
CA ARG A 631 40.54 -49.20 77.93
C ARG A 631 39.99 -48.42 76.75
N TYR A 632 40.27 -48.90 75.53
CA TYR A 632 39.87 -48.19 74.33
C TYR A 632 38.36 -48.09 74.20
N ILE A 633 37.65 -49.21 74.43
CA ILE A 633 36.21 -49.18 74.29
C ILE A 633 35.59 -48.19 75.26
N GLU A 634 36.01 -48.23 76.52
CA GLU A 634 35.43 -47.33 77.52
C GLU A 634 35.75 -45.88 77.21
N LYS A 635 36.99 -45.59 76.82
CA LYS A 635 37.34 -44.20 76.52
C LYS A 635 36.56 -43.69 75.32
N LEU A 636 36.45 -44.51 74.28
CA LEU A 636 35.70 -44.12 73.09
C LEU A 636 34.24 -43.90 73.42
N THR A 637 33.67 -44.78 74.26
CA THR A 637 32.26 -44.64 74.59
C THR A 637 31.99 -43.36 75.39
N ASN A 638 32.86 -43.05 76.36
CA ASN A 638 32.68 -41.80 77.08
C ASN A 638 32.85 -40.60 76.17
N GLU A 639 33.82 -40.64 75.26
CA GLU A 639 34.01 -39.54 74.34
C GLU A 639 32.78 -39.34 73.45
N MET A 640 32.25 -40.44 72.90
CA MET A 640 31.08 -40.33 72.04
C MET A 640 29.86 -39.85 72.80
N LYS A 641 29.66 -40.35 74.03
CA LYS A 641 28.52 -39.93 74.82
C LYS A 641 28.60 -38.44 75.14
N GLU A 642 29.77 -37.97 75.58
CA GLU A 642 29.92 -36.55 75.87
C GLU A 642 29.72 -35.70 74.63
N ALA A 643 30.25 -36.15 73.49
CA ALA A 643 30.13 -35.36 72.27
C ALA A 643 28.77 -35.53 71.59
N GLY A 644 28.00 -36.55 71.97
CA GLY A 644 26.72 -36.77 71.36
C GLY A 644 26.75 -37.29 69.94
N ASN A 645 27.77 -38.06 69.59
CA ASN A 645 27.87 -38.63 68.24
C ASN A 645 26.95 -39.84 68.12
N LEU A 646 26.01 -39.78 67.18
CA LEU A 646 25.08 -40.89 67.01
C LEU A 646 25.78 -42.17 66.55
N GLU A 647 26.96 -42.06 65.96
CA GLU A 647 27.61 -43.26 65.42
C GLU A 647 28.07 -44.20 66.52
N GLY A 648 28.05 -43.76 67.77
CA GLY A 648 28.46 -44.60 68.87
C GLY A 648 27.38 -45.49 69.44
N ILE A 649 26.19 -45.51 68.82
CA ILE A 649 25.12 -46.37 69.32
C ILE A 649 25.54 -47.83 69.25
N LEU A 650 26.38 -48.18 68.27
CA LEU A 650 26.90 -49.54 68.20
C LEU A 650 27.68 -49.91 69.45
N LEU A 651 28.40 -48.94 70.02
CA LEU A 651 29.11 -49.19 71.27
C LEU A 651 28.17 -49.15 72.46
N THR A 652 27.29 -48.15 72.51
CA THR A 652 26.45 -47.96 73.68
C THR A 652 25.35 -49.02 73.76
N GLY A 653 24.74 -49.34 72.63
CA GLY A 653 23.63 -50.27 72.64
C GLY A 653 22.36 -49.62 73.13
N LEU A 654 21.31 -50.43 73.26
CA LEU A 654 20.01 -49.95 73.71
C LEU A 654 19.84 -50.19 75.21
N THR A 655 20.73 -49.57 75.99
CA THR A 655 20.67 -49.61 77.44
C THR A 655 20.65 -48.19 77.98
N LYS A 656 20.81 -48.03 79.29
CA LYS A 656 20.80 -46.69 79.88
C LYS A 656 21.91 -45.81 79.28
N ASP A 657 23.04 -46.41 78.94
CA ASP A 657 24.11 -45.66 78.28
C ASP A 657 23.66 -45.13 76.92
N GLY A 658 22.98 -45.97 76.15
CA GLY A 658 22.43 -45.52 74.89
C GLY A 658 21.40 -44.41 75.09
N VAL A 659 20.63 -44.49 76.17
CA VAL A 659 19.67 -43.43 76.46
C VAL A 659 20.38 -42.12 76.75
N ASP A 660 21.47 -42.17 77.51
CA ASP A 660 22.23 -40.95 77.77
C ASP A 660 22.80 -40.37 76.48
N LEU A 661 23.30 -41.24 75.61
CA LEU A 661 23.80 -40.78 74.31
C LEU A 661 22.71 -40.10 73.51
N MET A 662 21.53 -40.71 73.47
CA MET A 662 20.42 -40.10 72.74
C MET A 662 19.98 -38.80 73.38
N GLU A 663 20.07 -38.69 74.71
CA GLU A 663 19.74 -37.43 75.36
C GLU A 663 20.69 -36.34 74.91
N SER A 664 21.98 -36.65 74.80
CA SER A 664 22.92 -35.67 74.30
C SER A 664 22.60 -35.30 72.85
N TYR A 665 22.23 -36.30 72.04
CA TYR A 665 21.91 -36.01 70.64
C TYR A 665 20.69 -35.11 70.51
N VAL A 666 19.65 -35.38 71.31
CA VAL A 666 18.47 -34.53 71.25
C VAL A 666 18.77 -33.13 71.76
N ASP A 667 19.59 -33.02 72.81
CA ASP A 667 19.97 -31.70 73.30
C ASP A 667 20.75 -30.93 72.24
N ARG A 668 21.50 -31.62 71.40
CA ARG A 668 22.27 -30.94 70.37
C ARG A 668 21.40 -30.59 69.16
N THR A 669 20.87 -31.60 68.48
CA THR A 669 20.18 -31.44 67.21
C THR A 669 18.73 -31.02 67.37
N GLY A 670 18.01 -31.63 68.31
CA GLY A 670 16.61 -31.33 68.49
C GLY A 670 15.70 -32.22 67.66
N ASP A 671 16.13 -33.47 67.45
CA ASP A 671 15.38 -34.44 66.67
C ASP A 671 14.71 -35.42 67.60
N VAL A 672 13.42 -35.69 67.36
CA VAL A 672 12.69 -36.65 68.18
C VAL A 672 12.17 -37.83 67.37
N GLN A 673 12.14 -37.76 66.05
CA GLN A 673 11.85 -38.97 65.29
C GLN A 673 13.00 -39.96 65.37
N THR A 674 14.22 -39.49 65.14
CA THR A 674 15.37 -40.36 65.27
C THR A 674 15.56 -40.85 66.70
N ALA A 675 14.92 -40.20 67.66
CA ALA A 675 14.96 -40.67 69.04
C ALA A 675 13.82 -41.63 69.35
N SER A 676 12.63 -41.33 68.84
CA SER A 676 11.48 -42.18 69.13
C SER A 676 11.56 -43.50 68.38
N TYR A 677 11.90 -43.46 67.10
CA TYR A 677 11.89 -44.68 66.29
C TYR A 677 13.08 -45.57 66.62
N CYS A 678 14.20 -44.98 67.03
CA CYS A 678 15.35 -45.79 67.43
C CYS A 678 15.08 -46.56 68.71
N MET A 679 14.49 -45.90 69.70
CA MET A 679 14.26 -46.55 70.99
C MET A 679 13.22 -47.66 70.87
N LEU A 680 12.17 -47.43 70.09
CA LEU A 680 11.12 -48.43 69.95
C LEU A 680 11.56 -49.65 69.15
N GLN A 681 12.72 -49.59 68.50
CA GLN A 681 13.20 -50.68 67.67
C GLN A 681 13.88 -51.69 68.58
N GLY A 682 13.11 -52.66 69.07
CA GLY A 682 13.70 -53.71 69.88
C GLY A 682 14.23 -53.24 71.22
N SER A 683 13.34 -52.89 72.14
CA SER A 683 13.78 -52.42 73.44
C SER A 683 13.29 -53.36 74.53
N PRO A 684 14.17 -53.91 75.34
CA PRO A 684 13.73 -54.69 76.51
C PRO A 684 13.02 -53.79 77.50
N LEU A 685 12.11 -54.39 78.26
CA LEU A 685 11.19 -53.60 79.07
C LEU A 685 11.87 -53.04 80.32
N ASP A 686 12.97 -52.34 80.12
CA ASP A 686 13.58 -51.51 81.14
C ASP A 686 13.93 -50.12 80.63
N VAL A 687 14.36 -50.02 79.37
CA VAL A 687 14.64 -48.71 78.78
C VAL A 687 13.35 -47.96 78.52
N LEU A 688 12.32 -48.64 78.02
CA LEU A 688 11.06 -47.97 77.70
C LEU A 688 10.37 -47.42 78.93
N LYS A 689 10.70 -47.92 80.12
CA LYS A 689 10.07 -47.43 81.34
C LYS A 689 10.66 -46.12 81.82
N ASP A 690 11.74 -45.66 81.21
CA ASP A 690 12.41 -44.44 81.66
C ASP A 690 11.51 -43.24 81.47
N GLU A 691 11.61 -42.27 82.38
CA GLU A 691 10.86 -41.03 82.24
C GLU A 691 11.35 -40.20 81.07
N ARG A 692 12.54 -40.49 80.55
CA ARG A 692 13.04 -39.74 79.40
C ARG A 692 12.57 -40.32 78.09
N VAL A 693 12.54 -41.65 77.98
CA VAL A 693 12.19 -42.29 76.71
C VAL A 693 10.72 -42.16 76.39
N GLN A 694 9.88 -41.83 77.37
CA GLN A 694 8.47 -41.55 77.13
C GLN A 694 8.22 -40.11 76.76
N TYR A 695 9.01 -39.18 77.31
CA TYR A 695 8.80 -37.77 77.03
C TYR A 695 9.04 -37.46 75.56
N TRP A 696 10.05 -38.07 74.95
CA TRP A 696 10.32 -37.81 73.54
C TRP A 696 9.16 -38.28 72.66
N ILE A 697 8.61 -39.46 72.94
CA ILE A 697 7.48 -39.94 72.16
C ILE A 697 6.28 -39.04 72.35
N GLU A 698 5.98 -38.65 73.59
CA GLU A 698 4.82 -37.79 73.82
C GLU A 698 4.98 -36.46 73.12
N ASN A 699 6.19 -35.90 73.14
CA ASN A 699 6.40 -34.60 72.53
C ASN A 699 6.38 -34.68 71.01
N TYR A 700 6.88 -35.78 70.44
CA TYR A 700 6.75 -35.99 69.00
C TYR A 700 5.29 -36.13 68.59
N ARG A 701 4.50 -36.85 69.39
CA ARG A 701 3.08 -36.98 69.08
C ARG A 701 2.39 -35.62 69.13
N ASN A 702 2.72 -34.79 70.11
CA ASN A 702 2.16 -33.46 70.16
C ASN A 702 2.58 -32.63 68.95
N LEU A 703 3.85 -32.75 68.55
CA LEU A 703 4.32 -32.04 67.36
C LEU A 703 3.54 -32.49 66.13
N LEU A 704 3.26 -33.79 66.05
CA LEU A 704 2.45 -34.29 64.95
C LEU A 704 1.04 -33.73 65.02
N ASP A 705 0.54 -33.50 66.23
CA ASP A 705 -0.76 -32.85 66.37
C ASP A 705 -0.72 -31.44 65.81
N ALA A 706 0.38 -30.73 66.04
CA ALA A 706 0.51 -29.37 65.50
C ALA A 706 0.51 -29.39 63.98
N TRP A 707 1.15 -30.38 63.38
CA TRP A 707 1.12 -30.52 61.93
C TRP A 707 -0.29 -30.72 61.40
N ARG A 708 -1.22 -31.11 62.26
CA ARG A 708 -2.52 -31.64 61.85
C ARG A 708 -2.35 -32.86 60.95
N PHE A 709 -1.33 -33.67 61.24
CA PHE A 709 -1.10 -34.92 60.52
C PHE A 709 -1.74 -36.04 61.34
N TRP A 710 -3.07 -36.06 61.36
CA TRP A 710 -3.79 -37.00 62.22
C TRP A 710 -3.49 -38.45 61.85
N HIS A 711 -3.55 -38.78 60.56
CA HIS A 711 -3.44 -40.17 60.14
C HIS A 711 -2.02 -40.70 60.34
N LYS A 712 -1.02 -39.84 60.12
CA LYS A 712 0.35 -40.24 60.41
C LYS A 712 0.52 -40.57 61.89
N ARG A 713 -0.09 -39.75 62.75
CA ARG A 713 -0.04 -40.04 64.18
C ARG A 713 -0.73 -41.35 64.50
N ALA A 714 -1.87 -41.62 63.86
CA ALA A 714 -2.56 -42.87 64.11
C ALA A 714 -1.69 -44.07 63.75
N GLU A 715 -1.01 -43.99 62.60
CA GLU A 715 -0.12 -45.07 62.19
C GLU A 715 1.03 -45.22 63.18
N PHE A 716 1.60 -44.10 63.63
CA PHE A 716 2.67 -44.18 64.61
C PHE A 716 2.18 -44.77 65.92
N ASP A 717 0.92 -44.51 66.27
CA ASP A 717 0.37 -45.11 67.47
C ASP A 717 0.24 -46.61 67.32
N ILE A 718 -0.20 -47.07 66.16
CA ILE A 718 -0.21 -48.52 65.90
C ILE A 718 1.18 -49.09 66.12
N HIS A 719 2.19 -48.43 65.55
CA HIS A 719 3.56 -48.91 65.66
C HIS A 719 4.01 -48.96 67.12
N ARG A 720 3.82 -47.86 67.86
CA ARG A 720 4.25 -47.81 69.25
C ARG A 720 3.52 -48.84 70.10
N SER A 721 2.22 -49.00 69.89
CA SER A 721 1.44 -49.94 70.67
C SER A 721 1.90 -51.36 70.41
N LYS A 722 2.18 -51.70 69.16
CA LYS A 722 2.63 -53.07 68.90
C LYS A 722 4.06 -53.30 69.32
N LEU A 723 4.84 -52.24 69.56
CA LEU A 723 6.23 -52.42 69.99
C LEU A 723 6.51 -51.92 71.40
N ASP A 724 5.49 -51.67 72.22
CA ASP A 724 5.69 -51.16 73.58
C ASP A 724 4.48 -51.49 74.43
N PRO A 725 4.50 -52.61 75.14
CA PRO A 725 3.33 -53.01 75.92
C PRO A 725 2.95 -52.04 77.02
N SER A 726 3.90 -51.24 77.52
CA SER A 726 3.62 -50.39 78.68
C SER A 726 2.64 -49.28 78.37
N SER A 727 2.53 -48.84 77.12
CA SER A 727 1.67 -47.72 76.75
C SER A 727 0.21 -48.13 76.87
N LYS A 728 -0.57 -47.33 77.57
CA LYS A 728 -1.99 -47.58 77.73
C LYS A 728 -2.79 -46.63 76.84
N PRO A 729 -3.64 -47.15 75.96
CA PRO A 729 -4.34 -46.29 75.01
C PRO A 729 -5.26 -45.30 75.71
N LEU A 730 -5.89 -44.46 74.90
CA LEU A 730 -6.65 -43.34 75.42
C LEU A 730 -7.81 -43.82 76.29
N ALA A 731 -8.18 -43.01 77.26
CA ALA A 731 -9.31 -43.29 78.15
C ALA A 731 -10.52 -42.54 77.63
N GLN A 732 -11.55 -43.27 77.24
CA GLN A 732 -12.73 -42.69 76.60
C GLN A 732 -14.00 -43.15 77.32
N VAL A 733 -15.13 -42.94 76.67
CA VAL A 733 -16.43 -43.28 77.22
C VAL A 733 -16.83 -44.70 76.85
N PHE A 734 -17.48 -45.37 77.81
CA PHE A 734 -18.24 -46.58 77.54
C PHE A 734 -19.66 -46.36 78.02
N VAL A 735 -20.61 -46.97 77.34
CA VAL A 735 -22.02 -46.81 77.67
C VAL A 735 -22.42 -47.90 78.65
N SER A 736 -23.41 -47.61 79.49
CA SER A 736 -23.84 -48.53 80.53
C SER A 736 -25.35 -48.69 80.51
N CYS A 737 -25.80 -49.91 80.86
CA CYS A 737 -27.21 -50.25 80.84
C CYS A 737 -27.96 -49.52 81.94
N ASN A 738 -29.29 -49.55 81.82
CA ASN A 738 -30.15 -48.84 82.76
C ASN A 738 -30.72 -49.75 83.84
N PHE A 739 -30.76 -51.06 83.60
CA PHE A 739 -31.24 -52.04 84.57
C PHE A 739 -30.12 -52.78 85.25
N CYS A 740 -29.22 -53.39 84.47
CA CYS A 740 -28.05 -54.04 85.07
C CYS A 740 -27.13 -53.03 85.74
N GLY A 741 -26.86 -51.91 85.06
CA GLY A 741 -25.94 -50.92 85.56
C GLY A 741 -24.50 -51.10 85.12
N LYS A 742 -24.18 -52.18 84.42
CA LYS A 742 -22.81 -52.48 84.05
C LYS A 742 -22.58 -52.22 82.57
N SER A 743 -21.31 -52.31 82.16
CA SER A 743 -20.89 -52.09 80.80
C SER A 743 -21.36 -53.21 79.89
N ILE A 744 -21.46 -52.89 78.60
CA ILE A 744 -21.81 -53.86 77.58
C ILE A 744 -20.60 -54.31 76.76
N SER A 745 -19.46 -53.63 76.87
CA SER A 745 -18.30 -53.99 76.07
C SER A 745 -17.79 -55.37 76.45
N TYR A 746 -17.45 -56.17 75.44
CA TYR A 746 -16.92 -57.50 75.66
C TYR A 746 -15.54 -57.45 76.30
N LYS A 771 -28.76 -63.14 73.10
CA LYS A 771 -29.09 -62.44 71.87
C LYS A 771 -28.22 -61.20 71.71
N VAL A 772 -27.86 -60.87 70.47
CA VAL A 772 -27.08 -59.67 70.20
C VAL A 772 -27.83 -58.44 70.69
N THR A 773 -29.12 -58.38 70.42
CA THR A 773 -29.95 -57.28 70.91
C THR A 773 -30.02 -57.27 72.42
N SER A 774 -30.02 -58.44 73.05
CA SER A 774 -30.08 -58.53 74.49
C SER A 774 -28.76 -58.11 75.11
N CYS A 775 -28.83 -57.47 76.26
CA CYS A 775 -27.62 -57.15 77.00
C CYS A 775 -27.02 -58.43 77.58
N PRO A 776 -25.69 -58.46 77.76
CA PRO A 776 -25.06 -59.66 78.33
C PRO A 776 -25.08 -59.70 79.85
N GLY A 777 -25.40 -58.58 80.50
CA GLY A 777 -25.41 -58.56 81.95
C GLY A 777 -26.54 -59.35 82.58
N CYS A 778 -27.78 -58.88 82.44
CA CYS A 778 -28.91 -59.62 82.99
C CYS A 778 -29.97 -59.92 81.93
N ARG A 779 -29.67 -59.67 80.66
CA ARG A 779 -30.61 -59.84 79.55
C ARG A 779 -31.85 -58.96 79.75
N LYS A 780 -31.63 -57.66 79.68
CA LYS A 780 -32.68 -56.66 79.62
C LYS A 780 -32.48 -55.82 78.37
N PRO A 781 -33.56 -55.33 77.77
CA PRO A 781 -33.47 -54.74 76.42
C PRO A 781 -32.47 -53.60 76.34
N LEU A 782 -31.74 -53.56 75.24
CA LEU A 782 -30.80 -52.49 74.95
C LEU A 782 -31.54 -51.29 74.34
N PRO A 783 -30.92 -50.11 74.30
CA PRO A 783 -31.55 -48.97 73.64
C PRO A 783 -31.82 -49.24 72.18
N ARG A 784 -32.54 -48.31 71.54
CA ARG A 784 -32.96 -48.45 70.17
C ARG A 784 -32.72 -47.15 69.41
N CYS A 785 -32.60 -47.26 68.08
CA CYS A 785 -32.49 -46.08 67.25
C CYS A 785 -33.75 -45.23 67.37
N ALA A 786 -33.57 -43.92 67.33
CA ALA A 786 -34.71 -43.03 67.22
C ALA A 786 -35.35 -43.10 65.84
N LEU A 787 -34.65 -43.65 64.86
CA LEU A 787 -35.15 -43.70 63.49
C LEU A 787 -35.72 -45.07 63.13
N CYS A 788 -34.92 -46.12 63.30
CA CYS A 788 -35.41 -47.47 63.03
C CYS A 788 -36.41 -47.96 64.07
N LEU A 789 -36.38 -47.39 65.28
CA LEU A 789 -37.14 -47.88 66.42
C LEU A 789 -36.77 -49.32 66.79
N ILE A 790 -35.70 -49.83 66.21
CA ILE A 790 -35.18 -51.17 66.46
C ILE A 790 -34.03 -51.07 67.47
N ASN A 791 -34.01 -52.01 68.41
CA ASN A 791 -33.00 -51.99 69.45
C ASN A 791 -31.61 -52.19 68.86
N MET A 792 -30.63 -51.55 69.50
CA MET A 792 -29.26 -51.59 69.00
C MET A 792 -28.63 -52.96 69.28
N GLY A 793 -27.34 -53.05 69.00
CA GLY A 793 -26.61 -54.28 69.21
C GLY A 793 -25.54 -54.52 68.17
N THR A 794 -24.51 -55.24 68.54
CA THR A 794 -23.37 -55.52 67.67
C THR A 794 -22.77 -56.86 68.09
N PRO A 795 -22.47 -57.76 67.15
CA PRO A 795 -21.90 -59.05 67.55
C PRO A 795 -20.55 -58.90 68.21
N VAL A 796 -20.48 -59.22 69.51
CA VAL A 796 -19.26 -59.11 70.27
C VAL A 796 -18.47 -60.42 70.22
N ASP A 814 -12.62 -60.34 54.10
CA ASP A 814 -13.39 -61.51 54.50
C ASP A 814 -14.80 -61.11 54.94
N LYS A 815 -15.52 -62.07 55.51
CA LYS A 815 -16.89 -61.80 55.94
C LYS A 815 -16.90 -60.70 56.99
N LYS A 816 -17.72 -59.68 56.76
CA LYS A 816 -17.78 -58.52 57.63
C LYS A 816 -18.76 -58.81 58.77
N LEU A 817 -18.22 -59.00 59.97
CA LEU A 817 -19.06 -59.43 61.09
C LEU A 817 -19.96 -58.30 61.58
N ALA A 818 -19.42 -57.10 61.75
CA ALA A 818 -20.17 -55.99 62.34
C ALA A 818 -19.82 -54.70 61.59
N GLN A 819 -20.62 -54.36 60.59
CA GLN A 819 -20.34 -53.20 59.75
C GLN A 819 -20.35 -51.92 60.57
N PHE A 820 -19.87 -50.84 59.94
CA PHE A 820 -19.82 -49.55 60.62
C PHE A 820 -21.21 -48.96 60.82
N ASN A 821 -22.12 -49.24 59.89
CA ASN A 821 -23.44 -48.63 59.91
C ASN A 821 -24.25 -49.00 61.14
N ASN A 822 -23.89 -50.08 61.84
CA ASN A 822 -24.64 -50.57 62.98
C ASN A 822 -24.03 -50.17 64.31
N TRP A 823 -23.04 -49.29 64.31
CA TRP A 823 -22.41 -48.87 65.54
C TRP A 823 -23.26 -47.83 66.25
N PHE A 824 -23.02 -47.69 67.55
CA PHE A 824 -23.69 -46.65 68.33
C PHE A 824 -23.18 -45.28 67.92
N THR A 825 -24.01 -44.26 68.16
CA THR A 825 -23.58 -42.86 68.05
C THR A 825 -24.63 -42.01 68.74
N TRP A 826 -24.19 -41.05 69.55
CA TRP A 826 -25.11 -40.28 70.38
C TRP A 826 -24.63 -38.85 70.53
N CYS A 827 -25.60 -37.95 70.74
CA CYS A 827 -25.31 -36.55 71.02
C CYS A 827 -24.87 -36.40 72.45
N HIS A 828 -23.76 -35.69 72.67
CA HIS A 828 -23.22 -35.55 74.00
C HIS A 828 -23.98 -34.53 74.84
N ASN A 829 -24.94 -33.82 74.25
CA ASN A 829 -25.82 -32.94 74.98
C ASN A 829 -27.21 -33.52 75.20
N CYS A 830 -27.73 -34.29 74.25
CA CYS A 830 -29.01 -34.95 74.36
C CYS A 830 -28.94 -36.31 75.04
N ARG A 831 -27.90 -37.08 74.75
CA ARG A 831 -27.86 -38.52 75.00
C ARG A 831 -28.90 -39.27 74.17
N HIS A 832 -29.28 -38.70 73.02
CA HIS A 832 -30.11 -39.39 72.05
C HIS A 832 -29.19 -40.08 71.04
N GLY A 833 -29.51 -41.33 70.72
CA GLY A 833 -28.62 -42.08 69.85
C GLY A 833 -29.32 -42.95 68.82
N GLY A 834 -28.54 -43.61 67.98
CA GLY A 834 -29.08 -44.53 67.00
C GLY A 834 -27.97 -45.13 66.18
N HIS A 835 -28.36 -45.83 65.12
CA HIS A 835 -27.38 -46.38 64.20
C HIS A 835 -26.60 -45.26 63.52
N ALA A 836 -25.36 -45.57 63.15
CA ALA A 836 -24.51 -44.56 62.50
C ALA A 836 -25.07 -44.15 61.15
N GLY A 837 -25.50 -45.13 60.35
CA GLY A 837 -25.96 -44.83 59.01
C GLY A 837 -27.22 -43.99 58.99
N HIS A 838 -28.20 -44.35 59.81
CA HIS A 838 -29.47 -43.62 59.80
C HIS A 838 -29.28 -42.20 60.31
N MET A 839 -28.44 -42.03 61.35
CA MET A 839 -28.16 -40.68 61.82
C MET A 839 -27.43 -39.85 60.78
N LEU A 840 -26.49 -40.48 60.07
CA LEU A 840 -25.78 -39.78 59.01
C LEU A 840 -26.74 -39.32 57.93
N SER A 841 -27.67 -40.18 57.53
CA SER A 841 -28.64 -39.79 56.53
C SER A 841 -29.56 -38.70 57.03
N TRP A 842 -30.05 -38.83 58.27
CA TRP A 842 -31.01 -37.86 58.81
C TRP A 842 -30.40 -36.48 58.92
N PHE A 843 -29.17 -36.38 59.46
CA PHE A 843 -28.54 -35.08 59.61
C PHE A 843 -28.00 -34.53 58.30
N ARG A 844 -27.99 -35.33 57.24
CA ARG A 844 -27.55 -34.83 55.94
C ARG A 844 -28.59 -33.91 55.33
N ASP A 845 -29.87 -34.24 55.49
CA ASP A 845 -30.96 -33.46 54.93
C ASP A 845 -31.69 -32.60 55.97
N HIS A 846 -31.48 -32.87 57.25
CA HIS A 846 -32.15 -32.15 58.33
C HIS A 846 -31.10 -31.68 59.32
N ALA A 847 -31.53 -30.92 60.33
CA ALA A 847 -30.59 -30.39 61.31
C ALA A 847 -31.08 -30.38 62.74
N GLU A 848 -32.16 -31.09 63.07
CA GLU A 848 -32.71 -31.09 64.42
C GLU A 848 -32.60 -32.48 65.03
N CYS A 849 -32.64 -32.54 66.37
CA CYS A 849 -32.50 -33.80 67.08
C CYS A 849 -33.56 -34.78 66.59
N PRO A 850 -33.19 -36.00 66.24
CA PRO A 850 -34.14 -36.90 65.56
C PRO A 850 -35.39 -37.19 66.37
N VAL A 851 -35.27 -37.24 67.70
CA VAL A 851 -36.41 -37.55 68.54
C VAL A 851 -37.39 -36.38 68.57
N SER A 852 -38.68 -36.69 68.53
CA SER A 852 -39.69 -35.65 68.64
C SER A 852 -39.62 -35.00 70.01
N ALA A 853 -39.92 -33.70 70.03
CA ALA A 853 -39.91 -32.81 71.20
C ALA A 853 -38.51 -32.43 71.65
N CYS A 854 -37.46 -33.02 71.08
CA CYS A 854 -36.09 -32.61 71.35
C CYS A 854 -35.79 -31.31 70.59
N THR A 855 -34.82 -30.55 71.10
CA THR A 855 -34.65 -29.21 70.54
C THR A 855 -33.28 -28.92 69.94
N CYS A 856 -32.20 -29.43 70.53
CA CYS A 856 -30.89 -28.89 70.16
C CYS A 856 -30.48 -29.35 68.78
N LYS A 857 -29.58 -28.59 68.17
CA LYS A 857 -29.08 -28.83 66.82
C LYS A 857 -27.84 -29.70 66.98
N CYS A 858 -28.02 -31.03 66.87
CA CYS A 858 -26.99 -31.95 67.36
C CYS A 858 -25.70 -31.86 66.56
N MET A 859 -25.78 -31.92 65.22
CA MET A 859 -24.54 -31.95 64.45
C MET A 859 -23.72 -30.67 64.52
N GLN A 860 -24.36 -29.52 64.33
CA GLN A 860 -23.58 -28.29 64.18
C GLN A 860 -22.88 -27.87 65.47
N LEU A 861 -23.16 -28.55 66.58
CA LEU A 861 -22.50 -28.21 67.84
C LEU A 861 -20.99 -28.34 67.73
N ASP A 862 -20.51 -29.37 67.03
CA ASP A 862 -19.09 -29.67 66.97
C ASP A 862 -18.44 -29.28 65.64
N THR A 863 -19.18 -29.34 64.54
CA THR A 863 -18.62 -29.02 63.24
C THR A 863 -18.30 -27.53 63.13
N LYS B 5 -13.70 -40.57 -32.30
CA LYS B 5 -14.91 -39.84 -31.93
C LYS B 5 -14.58 -38.70 -30.96
N PRO B 6 -14.30 -37.52 -31.51
CA PRO B 6 -14.07 -36.35 -30.65
C PRO B 6 -15.26 -36.06 -29.75
N ASP B 7 -14.97 -35.43 -28.62
CA ASP B 7 -15.99 -35.04 -27.67
C ASP B 7 -15.50 -33.85 -26.87
N ILE B 8 -16.45 -33.08 -26.35
CA ILE B 8 -16.16 -31.86 -25.60
C ILE B 8 -16.31 -32.18 -24.12
N LEU B 9 -15.31 -31.77 -23.33
CA LEU B 9 -15.29 -32.05 -21.90
C LEU B 9 -14.99 -30.78 -21.13
N TRP B 10 -15.32 -30.81 -19.84
CA TRP B 10 -15.12 -29.67 -18.95
C TRP B 10 -14.40 -30.12 -17.68
N ALA B 11 -13.75 -29.17 -17.03
CA ALA B 11 -13.01 -29.46 -15.80
C ALA B 11 -14.00 -29.84 -14.69
N PRO B 12 -13.62 -30.77 -13.81
CA PRO B 12 -14.53 -31.16 -12.72
C PRO B 12 -14.56 -30.19 -11.55
N HIS B 13 -13.56 -29.31 -11.44
CA HIS B 13 -13.52 -28.33 -10.35
C HIS B 13 -13.71 -26.90 -10.82
N HIS B 14 -13.46 -26.61 -12.10
CA HIS B 14 -13.63 -25.26 -12.65
C HIS B 14 -14.70 -25.30 -13.73
N VAL B 15 -15.62 -24.34 -13.67
CA VAL B 15 -16.70 -24.28 -14.65
C VAL B 15 -16.35 -23.41 -15.86
N ASP B 16 -15.35 -22.54 -15.74
CA ASP B 16 -14.95 -21.67 -16.84
C ASP B 16 -13.99 -22.34 -17.80
N ARG B 17 -13.61 -23.59 -17.55
CA ARG B 17 -12.66 -24.31 -18.40
C ARG B 17 -13.43 -25.12 -19.43
N PHE B 18 -13.14 -24.89 -20.71
CA PHE B 18 -13.77 -25.59 -21.82
C PHE B 18 -12.69 -26.25 -22.66
N VAL B 19 -12.97 -27.48 -23.10
CA VAL B 19 -12.00 -28.28 -23.84
C VAL B 19 -12.65 -28.85 -25.08
N VAL B 20 -11.93 -28.85 -26.19
CA VAL B 20 -12.33 -29.51 -27.43
C VAL B 20 -11.28 -30.54 -27.78
N CYS B 21 -11.71 -31.78 -28.00
CA CYS B 21 -10.78 -32.88 -28.25
C CYS B 21 -10.64 -33.12 -29.75
N ASP B 22 -9.39 -33.25 -30.20
CA ASP B 22 -9.09 -33.52 -31.60
C ASP B 22 -7.68 -34.12 -31.67
N SER B 23 -7.12 -34.18 -32.88
CA SER B 23 -5.73 -34.58 -33.02
C SER B 23 -4.80 -33.61 -32.29
N GLU B 24 -5.23 -32.37 -32.10
CA GLU B 24 -4.50 -31.36 -31.35
C GLU B 24 -5.45 -30.80 -30.29
N LEU B 25 -5.24 -31.21 -29.04
CA LEU B 25 -6.13 -30.80 -27.96
C LEU B 25 -6.02 -29.30 -27.69
N SER B 26 -7.17 -28.66 -27.49
CA SER B 26 -7.24 -27.23 -27.21
C SER B 26 -7.94 -27.02 -25.87
N LEU B 27 -7.28 -26.27 -24.98
CA LEU B 27 -7.83 -25.93 -23.67
C LEU B 27 -8.09 -24.44 -23.60
N TYR B 28 -9.32 -24.07 -23.22
CA TYR B 28 -9.74 -22.68 -23.20
C TYR B 28 -10.42 -22.35 -21.88
N HIS B 29 -10.30 -21.09 -21.47
CA HIS B 29 -10.92 -20.59 -20.26
C HIS B 29 -11.97 -19.54 -20.63
N VAL B 30 -13.17 -19.69 -20.07
CA VAL B 30 -14.27 -18.80 -20.40
C VAL B 30 -14.12 -17.50 -19.64
N GLU B 31 -14.25 -16.38 -20.35
CA GLU B 31 -14.19 -15.05 -19.76
C GLU B 31 -15.36 -14.22 -20.26
N SER B 32 -15.79 -13.27 -19.43
CA SER B 32 -16.91 -12.41 -19.80
C SER B 32 -16.51 -11.50 -20.95
N THR B 33 -17.47 -11.23 -21.83
CA THR B 33 -17.22 -10.37 -22.99
C THR B 33 -18.42 -9.44 -23.27
N SER B 42 -9.00 -15.58 -29.09
CA SER B 42 -10.21 -15.68 -28.28
C SER B 42 -11.40 -16.15 -29.11
N LEU B 43 -12.14 -17.12 -28.59
CA LEU B 43 -13.31 -17.67 -29.26
C LEU B 43 -14.58 -17.15 -28.60
N ARG B 44 -15.49 -16.61 -29.43
CA ARG B 44 -16.73 -16.03 -28.92
C ARG B 44 -17.79 -17.12 -28.90
N LEU B 45 -17.92 -17.78 -27.74
CA LEU B 45 -18.90 -18.85 -27.61
C LEU B 45 -20.33 -18.31 -27.73
N SER B 46 -20.59 -17.15 -27.13
CA SER B 46 -21.90 -16.52 -27.18
C SER B 46 -21.72 -15.06 -27.56
N GLU B 47 -22.82 -14.31 -27.54
CA GLU B 47 -22.78 -12.89 -27.88
C GLU B 47 -21.94 -12.10 -26.87
N ASP B 48 -22.08 -12.41 -25.58
CA ASP B 48 -21.41 -11.68 -24.52
C ASP B 48 -20.33 -12.51 -23.82
N SER B 49 -19.85 -13.56 -24.46
CA SER B 49 -18.86 -14.45 -23.86
C SER B 49 -17.72 -14.69 -24.84
N ALA B 50 -16.49 -14.67 -24.32
CA ALA B 50 -15.30 -14.95 -25.10
C ALA B 50 -14.46 -15.99 -24.37
N ALA B 51 -13.91 -16.94 -25.12
CA ALA B 51 -13.09 -18.01 -24.57
C ALA B 51 -11.67 -17.87 -25.12
N THR B 52 -10.70 -17.79 -24.21
CA THR B 52 -9.30 -17.63 -24.58
C THR B 52 -8.56 -18.94 -24.34
N LEU B 53 -7.80 -19.37 -25.35
CA LEU B 53 -7.08 -20.63 -25.24
C LEU B 53 -5.97 -20.55 -24.19
N LEU B 54 -5.88 -21.59 -23.37
CA LEU B 54 -4.85 -21.69 -22.34
C LEU B 54 -3.56 -22.33 -22.86
N SER B 55 -3.69 -23.43 -23.60
CA SER B 55 -2.54 -24.10 -24.19
C SER B 55 -3.00 -24.97 -25.34
N ILE B 56 -2.07 -25.32 -26.22
CA ILE B 56 -2.33 -26.19 -27.37
C ILE B 56 -1.31 -27.32 -27.33
N ASN B 57 -1.81 -28.56 -27.43
CA ASN B 57 -0.94 -29.74 -27.40
C ASN B 57 -1.54 -30.83 -28.26
N SER B 58 -0.68 -31.61 -28.91
CA SER B 58 -1.08 -32.73 -29.75
C SER B 58 -0.22 -33.95 -29.44
N ASP B 59 -0.07 -34.27 -28.15
CA ASP B 59 0.79 -35.37 -27.73
C ASP B 59 0.21 -36.74 -28.08
N THR B 60 -1.04 -36.83 -28.51
CA THR B 60 -1.71 -38.08 -28.83
C THR B 60 -2.30 -38.00 -30.22
N PRO B 61 -1.50 -38.22 -31.26
CA PRO B 61 -2.05 -38.19 -32.62
C PRO B 61 -2.84 -39.44 -32.92
N TYR B 62 -3.96 -39.27 -33.63
CA TYR B 62 -4.88 -40.36 -33.97
C TYR B 62 -5.32 -41.10 -32.72
N MET B 63 -5.66 -40.36 -31.67
CA MET B 63 -6.09 -40.95 -30.42
C MET B 63 -7.45 -41.60 -30.56
N LYS B 64 -7.77 -42.48 -29.61
CA LYS B 64 -9.02 -43.23 -29.67
C LYS B 64 -9.83 -43.08 -28.38
N CYS B 65 -9.15 -43.00 -27.23
CA CYS B 65 -9.82 -42.92 -25.94
C CYS B 65 -9.10 -41.92 -25.03
N VAL B 66 -9.86 -41.37 -24.08
CA VAL B 66 -9.32 -40.40 -23.13
C VAL B 66 -10.25 -40.37 -21.92
N ALA B 67 -9.76 -39.82 -20.82
CA ALA B 67 -10.54 -39.65 -19.61
C ALA B 67 -10.00 -38.46 -18.84
N TRP B 68 -10.41 -38.31 -17.58
CA TRP B 68 -10.01 -37.19 -16.75
C TRP B 68 -9.84 -37.65 -15.30
N TYR B 69 -9.14 -36.83 -14.53
CA TYR B 69 -8.82 -37.16 -13.15
C TYR B 69 -10.05 -37.05 -12.25
N LEU B 70 -9.95 -37.65 -11.07
CA LEU B 70 -11.01 -37.62 -10.06
C LEU B 70 -10.64 -36.77 -8.85
N ASN B 71 -9.60 -35.94 -8.96
CA ASN B 71 -9.12 -35.14 -7.86
C ASN B 71 -8.71 -33.75 -8.35
N TYR B 72 -8.96 -32.75 -7.51
CA TYR B 72 -8.55 -31.38 -7.84
C TYR B 72 -7.04 -31.27 -7.96
N ASP B 73 -6.31 -32.01 -7.12
CA ASP B 73 -4.85 -32.02 -7.18
C ASP B 73 -4.39 -33.35 -7.76
N PRO B 74 -3.79 -33.38 -8.95
CA PRO B 74 -3.52 -32.24 -9.84
C PRO B 74 -4.72 -31.91 -10.74
N GLU B 75 -4.73 -30.72 -11.31
CA GLU B 75 -5.75 -30.28 -12.25
C GLU B 75 -5.16 -30.20 -13.65
N CYS B 76 -6.05 -29.93 -14.61
CA CYS B 76 -5.67 -29.79 -16.02
C CYS B 76 -4.91 -31.03 -16.53
N LEU B 77 -5.37 -32.20 -16.10
CA LEU B 77 -4.80 -33.46 -16.53
C LEU B 77 -5.86 -34.30 -17.23
N LEU B 78 -5.55 -34.76 -18.45
CA LEU B 78 -6.46 -35.59 -19.22
C LEU B 78 -5.67 -36.72 -19.85
N ALA B 79 -6.35 -37.85 -20.06
CA ALA B 79 -5.68 -39.03 -20.60
C ALA B 79 -5.30 -38.84 -22.06
N VAL B 80 -4.20 -39.44 -22.46
CA VAL B 80 -3.74 -39.46 -23.84
C VAL B 80 -3.47 -40.91 -24.22
N GLY B 81 -4.48 -41.60 -24.72
CA GLY B 81 -4.37 -42.99 -25.10
C GLY B 81 -4.49 -43.15 -26.61
N GLN B 82 -3.36 -43.46 -27.23
CA GLN B 82 -3.29 -43.59 -28.68
C GLN B 82 -3.75 -44.99 -29.10
N ALA B 83 -3.74 -45.23 -30.41
CA ALA B 83 -4.17 -46.51 -30.94
C ALA B 83 -3.20 -47.64 -30.58
N ASN B 84 -1.94 -47.31 -30.27
CA ASN B 84 -0.95 -48.33 -29.95
C ASN B 84 -1.20 -49.02 -28.62
N GLY B 85 -2.15 -48.52 -27.82
CA GLY B 85 -2.44 -49.09 -26.52
C GLY B 85 -1.73 -48.41 -25.36
N ARG B 86 -0.74 -47.57 -25.64
CA ARG B 86 -0.02 -46.89 -24.58
C ARG B 86 -0.93 -45.88 -23.89
N VAL B 87 -0.84 -45.85 -22.55
CA VAL B 87 -1.60 -44.93 -21.73
C VAL B 87 -0.68 -43.82 -21.26
N VAL B 88 -0.95 -42.59 -21.70
CA VAL B 88 -0.13 -41.43 -21.35
C VAL B 88 -0.99 -40.47 -20.54
N LEU B 89 -0.57 -40.19 -19.31
CA LEU B 89 -1.23 -39.22 -18.46
C LEU B 89 -0.45 -37.91 -18.54
N THR B 90 -0.98 -36.95 -19.30
CA THR B 90 -0.34 -35.66 -19.51
C THR B 90 -1.19 -34.56 -18.90
N SER B 91 -0.52 -33.59 -18.29
CA SER B 91 -1.18 -32.43 -17.70
C SER B 91 -0.84 -31.19 -18.52
N LEU B 92 -1.86 -30.39 -18.84
CA LEU B 92 -1.70 -29.26 -19.75
C LEU B 92 -1.49 -27.93 -19.02
N GLY B 93 -1.91 -27.81 -17.77
CA GLY B 93 -1.73 -26.56 -17.05
C GLY B 93 -0.26 -26.30 -16.74
N GLN B 94 -0.01 -25.11 -16.19
CA GLN B 94 1.35 -24.71 -15.84
C GLN B 94 1.78 -25.50 -14.60
N ASP B 95 2.19 -26.74 -14.85
CA ASP B 95 2.52 -27.68 -13.79
C ASP B 95 3.80 -27.24 -13.11
N HIS B 96 3.71 -26.94 -11.81
CA HIS B 96 4.88 -26.62 -11.01
C HIS B 96 4.95 -27.36 -9.68
N ASN B 97 3.81 -27.74 -9.11
CA ASN B 97 3.77 -28.33 -7.77
C ASN B 97 2.80 -29.50 -7.71
N SER B 98 2.89 -30.40 -8.70
CA SER B 98 1.90 -31.46 -8.84
C SER B 98 1.90 -32.36 -7.60
N LYS B 99 0.69 -32.82 -7.23
CA LYS B 99 0.57 -33.73 -6.10
C LYS B 99 1.34 -35.01 -6.33
N PHE B 100 1.30 -35.52 -7.56
CA PHE B 100 2.04 -36.72 -7.97
C PHE B 100 2.80 -36.37 -9.24
N LYS B 101 4.01 -35.81 -9.08
CA LYS B 101 4.83 -35.50 -10.24
C LYS B 101 5.38 -36.76 -10.88
N ASP B 102 5.43 -37.87 -10.13
CA ASP B 102 5.91 -39.14 -10.70
C ASP B 102 4.96 -39.66 -11.77
N LEU B 103 3.65 -39.47 -11.57
CA LEU B 103 2.68 -39.93 -12.55
C LEU B 103 2.63 -39.05 -13.79
N ILE B 104 3.23 -37.86 -13.74
CA ILE B 104 3.18 -36.93 -14.87
C ILE B 104 3.89 -37.56 -16.06
N GLY B 105 3.15 -37.86 -17.12
CA GLY B 105 3.72 -38.48 -18.29
C GLY B 105 4.04 -39.95 -18.16
N LYS B 106 3.48 -40.63 -17.17
CA LYS B 106 3.76 -42.04 -16.98
C LYS B 106 3.33 -42.85 -18.21
N GLU B 107 4.25 -43.66 -18.72
CA GLU B 107 4.04 -44.41 -19.95
C GLU B 107 3.59 -45.82 -19.62
N PHE B 108 2.30 -46.07 -19.73
CA PHE B 108 1.72 -47.37 -19.43
C PHE B 108 1.22 -48.00 -20.72
N VAL B 109 1.63 -49.23 -20.97
CA VAL B 109 1.30 -49.92 -22.22
C VAL B 109 0.74 -51.29 -21.91
N PRO B 110 -0.05 -51.89 -22.80
CA PRO B 110 -0.54 -53.25 -22.56
C PRO B 110 0.42 -54.29 -23.13
N LYS B 111 0.39 -55.47 -22.52
CA LYS B 111 1.25 -56.57 -22.97
C LYS B 111 0.89 -56.98 -24.39
N HIS B 112 -0.40 -57.02 -24.71
CA HIS B 112 -0.88 -57.38 -26.03
C HIS B 112 -1.40 -56.12 -26.73
N ALA B 113 -1.12 -56.00 -28.01
CA ALA B 113 -1.56 -54.83 -28.77
C ALA B 113 -3.07 -54.80 -28.89
N ARG B 114 -3.64 -53.60 -28.74
CA ARG B 114 -5.08 -53.38 -28.86
C ARG B 114 -5.34 -51.88 -28.91
N GLN B 115 -6.58 -51.53 -29.22
CA GLN B 115 -7.02 -50.14 -29.28
C GLN B 115 -8.11 -49.92 -28.24
N CYS B 116 -7.97 -48.84 -27.46
CA CYS B 116 -8.91 -48.53 -26.39
C CYS B 116 -10.01 -47.61 -26.90
N ASN B 117 -11.26 -48.00 -26.67
CA ASN B 117 -12.40 -47.23 -27.16
C ASN B 117 -12.76 -46.09 -26.21
N THR B 118 -13.14 -46.43 -24.98
CA THR B 118 -13.55 -45.42 -24.01
C THR B 118 -12.74 -45.60 -22.73
N LEU B 119 -12.47 -44.48 -22.07
CA LEU B 119 -11.75 -44.46 -20.81
C LEU B 119 -12.57 -43.72 -19.77
N ALA B 120 -12.79 -44.36 -18.62
CA ALA B 120 -13.58 -43.80 -17.54
C ALA B 120 -12.79 -43.85 -16.25
N TRP B 121 -13.16 -42.98 -15.30
CA TRP B 121 -12.47 -42.88 -14.02
C TRP B 121 -13.41 -43.28 -12.89
N ASN B 122 -12.85 -43.95 -11.89
CA ASN B 122 -13.60 -44.26 -10.68
C ASN B 122 -13.74 -43.01 -9.83
N PRO B 123 -14.96 -42.68 -9.37
CA PRO B 123 -15.13 -41.41 -8.66
C PRO B 123 -14.62 -41.40 -7.23
N LEU B 124 -14.90 -42.47 -6.47
CA LEU B 124 -14.64 -42.44 -5.03
C LEU B 124 -13.16 -42.39 -4.71
N ASP B 125 -12.32 -42.97 -5.57
CA ASP B 125 -10.88 -42.96 -5.40
C ASP B 125 -10.22 -42.77 -6.76
N SER B 126 -9.13 -42.00 -6.78
CA SER B 126 -8.39 -41.72 -8.01
C SER B 126 -7.06 -42.45 -8.07
N ASN B 127 -6.81 -43.40 -7.17
CA ASN B 127 -5.54 -44.13 -7.13
C ASN B 127 -5.56 -45.38 -8.00
N TRP B 128 -6.52 -45.49 -8.92
CA TRP B 128 -6.63 -46.64 -9.81
C TRP B 128 -6.84 -46.15 -11.23
N LEU B 129 -6.53 -47.02 -12.19
CA LEU B 129 -6.68 -46.72 -13.61
C LEU B 129 -7.41 -47.87 -14.28
N ALA B 130 -8.62 -47.60 -14.77
CA ALA B 130 -9.45 -48.61 -15.41
C ALA B 130 -9.80 -48.18 -16.82
N ALA B 131 -9.62 -49.06 -17.79
CA ALA B 131 -9.95 -48.78 -19.17
C ALA B 131 -10.19 -50.09 -19.91
N GLY B 132 -10.87 -49.97 -21.05
CA GLY B 132 -11.17 -51.12 -21.90
C GLY B 132 -10.54 -50.96 -23.27
N LEU B 133 -9.98 -52.05 -23.78
CA LEU B 133 -9.30 -52.07 -25.07
C LEU B 133 -9.97 -53.09 -25.99
N ASP B 134 -9.36 -53.28 -27.16
CA ASP B 134 -9.90 -54.22 -28.14
C ASP B 134 -9.71 -55.66 -27.66
N LYS B 135 -10.45 -56.57 -28.29
CA LYS B 135 -10.39 -57.97 -27.92
C LYS B 135 -8.99 -58.53 -28.15
N HIS B 136 -8.53 -59.35 -27.23
CA HIS B 136 -7.21 -59.95 -27.33
C HIS B 136 -7.27 -61.25 -28.11
N ARG B 137 -6.09 -61.79 -28.44
CA ARG B 137 -6.02 -63.05 -29.15
C ARG B 137 -6.76 -64.13 -28.35
N ALA B 138 -6.27 -64.44 -27.15
CA ALA B 138 -6.94 -65.40 -26.29
C ALA B 138 -6.82 -64.97 -24.83
N ASP B 139 -6.69 -63.67 -24.59
CA ASP B 139 -6.30 -63.14 -23.29
C ASP B 139 -7.31 -62.12 -22.80
N PHE B 140 -7.00 -61.51 -21.65
CA PHE B 140 -7.91 -60.61 -20.96
C PHE B 140 -7.71 -59.18 -21.44
N SER B 141 -8.72 -58.64 -22.13
CA SER B 141 -8.62 -57.28 -22.65
C SER B 141 -8.78 -56.23 -21.56
N VAL B 142 -9.71 -56.45 -20.62
CA VAL B 142 -10.04 -55.46 -19.60
C VAL B 142 -9.06 -55.64 -18.45
N LEU B 143 -7.94 -54.93 -18.51
CA LEU B 143 -6.95 -54.91 -17.43
C LEU B 143 -6.85 -53.50 -16.88
N ILE B 144 -7.15 -53.36 -15.59
CA ILE B 144 -7.20 -52.06 -14.94
C ILE B 144 -5.96 -51.88 -14.08
N TRP B 145 -5.33 -50.72 -14.19
CA TRP B 145 -4.14 -50.39 -13.42
C TRP B 145 -4.51 -49.64 -12.14
N ASP B 146 -3.49 -49.37 -11.32
CA ASP B 146 -3.64 -48.61 -10.10
C ASP B 146 -2.81 -47.34 -10.21
N ILE B 147 -3.47 -46.19 -10.18
CA ILE B 147 -2.78 -44.91 -10.35
C ILE B 147 -1.90 -44.60 -9.15
N CYS B 148 -2.42 -44.85 -7.95
CA CYS B 148 -1.72 -44.56 -6.68
C CYS B 148 -1.37 -43.07 -6.69
N SER B 149 -0.19 -42.69 -6.20
CA SER B 149 0.19 -41.28 -6.11
C SER B 149 1.55 -41.03 -6.75
N THR B 175 4.13 -50.50 -12.84
CA THR B 175 4.68 -51.51 -13.72
C THR B 175 3.80 -52.77 -13.71
N LYS B 176 2.77 -52.75 -12.86
CA LYS B 176 1.79 -53.81 -12.76
C LYS B 176 0.40 -53.20 -12.58
N PRO B 177 -0.64 -53.88 -13.04
CA PRO B 177 -1.99 -53.31 -12.97
C PRO B 177 -2.73 -53.66 -11.69
N LEU B 178 -3.84 -52.97 -11.47
CA LEU B 178 -4.66 -53.22 -10.29
C LEU B 178 -5.47 -54.50 -10.43
N TYR B 179 -6.14 -54.68 -11.58
CA TYR B 179 -7.00 -55.83 -11.80
C TYR B 179 -7.27 -56.00 -13.28
N GLU B 180 -7.41 -57.25 -13.70
CA GLU B 180 -7.62 -57.57 -15.11
C GLU B 180 -8.80 -58.52 -15.26
N LEU B 181 -9.51 -58.39 -16.39
CA LEU B 181 -10.66 -59.23 -16.69
C LEU B 181 -10.90 -59.18 -18.20
N GLY B 182 -12.04 -59.71 -18.63
CA GLY B 182 -12.39 -59.71 -20.04
C GLY B 182 -11.53 -60.64 -20.88
N GLN B 183 -11.41 -61.90 -20.47
CA GLN B 183 -10.59 -62.86 -21.19
C GLN B 183 -11.18 -63.15 -22.57
N ASN B 184 -10.39 -62.86 -23.60
CA ASN B 184 -10.77 -63.11 -24.99
C ASN B 184 -12.08 -62.40 -25.33
N ASP B 185 -12.23 -61.16 -24.86
CA ASP B 185 -13.47 -60.44 -25.03
C ASP B 185 -13.17 -58.99 -25.44
N ALA B 186 -14.13 -58.39 -26.13
CA ALA B 186 -14.04 -57.00 -26.57
C ALA B 186 -14.94 -56.14 -25.72
N CYS B 187 -14.40 -55.08 -25.15
CA CYS B 187 -15.14 -54.15 -24.31
C CYS B 187 -15.29 -52.83 -25.07
N LEU B 188 -16.51 -52.56 -25.55
CA LEU B 188 -16.76 -51.30 -26.21
C LEU B 188 -16.62 -50.12 -25.26
N SER B 189 -17.12 -50.28 -24.03
CA SER B 189 -17.04 -49.22 -23.03
C SER B 189 -17.21 -49.82 -21.65
N LEU B 190 -16.82 -49.04 -20.63
CA LEU B 190 -16.98 -49.45 -19.24
C LEU B 190 -16.80 -48.23 -18.35
N CYS B 191 -17.24 -48.37 -17.10
CA CYS B 191 -17.12 -47.29 -16.13
C CYS B 191 -17.31 -47.86 -14.73
N TRP B 192 -16.53 -47.33 -13.79
CA TRP B 192 -16.69 -47.72 -12.39
C TRP B 192 -17.94 -47.06 -11.82
N LEU B 193 -18.77 -47.87 -11.17
CA LEU B 193 -20.00 -47.36 -10.61
C LEU B 193 -19.71 -46.36 -9.50
N PRO B 194 -20.54 -45.32 -9.35
CA PRO B 194 -20.24 -44.29 -8.35
C PRO B 194 -20.62 -44.68 -6.93
N ARG B 195 -21.67 -45.49 -6.79
CA ARG B 195 -22.15 -45.85 -5.46
C ARG B 195 -21.11 -46.62 -4.68
N ASP B 196 -20.42 -47.56 -5.33
CA ASP B 196 -19.43 -48.40 -4.67
C ASP B 196 -18.10 -48.30 -5.39
N GLN B 197 -17.03 -48.07 -4.63
CA GLN B 197 -15.68 -48.01 -5.20
C GLN B 197 -15.30 -49.30 -5.90
N LYS B 198 -15.79 -50.45 -5.42
CA LYS B 198 -15.49 -51.75 -6.01
C LYS B 198 -16.59 -52.20 -6.98
N LEU B 199 -17.24 -51.25 -7.66
CA LEU B 199 -18.32 -51.55 -8.58
C LEU B 199 -18.06 -50.88 -9.92
N LEU B 200 -18.30 -51.63 -10.99
CA LEU B 200 -18.09 -51.16 -12.35
C LEU B 200 -18.91 -52.03 -13.30
N LEU B 201 -18.97 -51.61 -14.56
CA LEU B 201 -19.74 -52.30 -15.58
C LEU B 201 -18.80 -52.99 -16.56
N ALA B 202 -19.06 -54.26 -16.84
CA ALA B 202 -18.29 -55.04 -17.80
C ALA B 202 -19.19 -55.45 -18.95
N GLY B 203 -18.82 -55.05 -20.16
CA GLY B 203 -19.62 -55.35 -21.33
C GLY B 203 -18.91 -56.27 -22.30
N MET B 204 -19.54 -57.40 -22.63
CA MET B 204 -18.96 -58.36 -23.55
C MET B 204 -19.16 -57.88 -25.00
N HIS B 205 -18.79 -58.72 -25.96
CA HIS B 205 -19.03 -58.39 -27.36
C HIS B 205 -20.51 -58.30 -27.66
N ARG B 206 -21.31 -59.20 -27.07
CA ARG B 206 -22.76 -59.20 -27.26
C ARG B 206 -23.49 -59.39 -25.93
N ASN B 207 -22.94 -58.87 -24.84
CA ASN B 207 -23.56 -59.02 -23.54
C ASN B 207 -22.99 -57.98 -22.59
N LEU B 208 -23.62 -57.86 -21.43
CA LEU B 208 -23.16 -57.01 -20.34
C LEU B 208 -23.02 -57.85 -19.08
N ALA B 209 -21.85 -57.81 -18.46
CA ALA B 209 -21.55 -58.60 -17.27
C ALA B 209 -21.42 -57.68 -16.06
N ILE B 210 -22.17 -57.98 -15.00
CA ILE B 210 -22.13 -57.20 -13.79
C ILE B 210 -20.89 -57.64 -13.01
N PHE B 211 -19.77 -56.99 -13.28
CA PHE B 211 -18.50 -57.35 -12.66
C PHE B 211 -18.37 -56.69 -11.30
N ASP B 212 -18.02 -57.48 -10.29
CA ASP B 212 -17.82 -57.00 -8.94
C ASP B 212 -16.35 -57.11 -8.56
N LEU B 213 -15.76 -55.99 -8.15
CA LEU B 213 -14.38 -56.02 -7.71
C LEU B 213 -14.22 -56.77 -6.39
N ARG B 214 -15.31 -56.94 -5.64
CA ARG B 214 -15.23 -57.67 -4.38
C ARG B 214 -14.81 -59.12 -4.62
N ASN B 215 -15.35 -59.74 -5.67
CA ASN B 215 -14.97 -61.10 -6.05
C ASN B 215 -15.04 -61.19 -7.57
N THR B 216 -13.87 -61.27 -8.21
CA THR B 216 -13.83 -61.39 -9.67
C THR B 216 -14.52 -62.66 -10.14
N SER B 217 -14.45 -63.72 -9.33
CA SER B 217 -15.17 -64.96 -9.62
C SER B 217 -16.68 -64.77 -9.53
N GLN B 218 -17.13 -63.65 -8.99
CA GLN B 218 -18.56 -63.38 -8.89
C GLN B 218 -18.92 -62.31 -9.91
N LYS B 219 -19.56 -62.74 -10.99
CA LYS B 219 -20.06 -61.82 -12.01
C LYS B 219 -21.33 -62.39 -12.62
N MET B 220 -22.21 -61.50 -13.06
CA MET B 220 -23.47 -61.88 -13.69
C MET B 220 -23.56 -61.23 -15.07
N PHE B 221 -23.77 -62.05 -16.10
CA PHE B 221 -23.78 -61.61 -17.48
C PHE B 221 -25.17 -61.78 -18.07
N VAL B 222 -25.65 -60.74 -18.76
CA VAL B 222 -26.94 -60.75 -19.44
C VAL B 222 -26.71 -60.40 -20.90
N ASN B 223 -27.24 -61.22 -21.80
CA ASN B 223 -27.03 -60.99 -23.23
C ASN B 223 -27.86 -59.80 -23.70
N THR B 224 -27.23 -58.91 -24.46
CA THR B 224 -27.90 -57.74 -25.01
C THR B 224 -27.12 -57.25 -26.22
N LYS B 225 -27.81 -56.49 -27.06
CA LYS B 225 -27.19 -55.95 -28.27
C LYS B 225 -26.65 -54.53 -28.09
N ALA B 226 -27.20 -53.76 -27.16
CA ALA B 226 -26.78 -52.38 -26.93
C ALA B 226 -25.70 -52.36 -25.86
N VAL B 227 -24.45 -52.20 -26.29
CA VAL B 227 -23.32 -52.12 -25.37
C VAL B 227 -22.56 -50.83 -25.64
N GLN B 228 -23.27 -49.82 -26.14
CA GLN B 228 -22.66 -48.54 -26.50
C GLN B 228 -23.56 -47.40 -26.02
N GLY B 229 -22.96 -46.23 -25.89
CA GLY B 229 -23.68 -45.06 -25.42
C GLY B 229 -24.16 -45.19 -23.99
N VAL B 230 -23.34 -45.74 -23.11
CA VAL B 230 -23.75 -46.00 -21.73
C VAL B 230 -23.86 -44.69 -20.99
N THR B 231 -25.08 -44.36 -20.54
CA THR B 231 -25.34 -43.17 -19.75
C THR B 231 -26.24 -43.54 -18.57
N VAL B 232 -26.04 -42.87 -17.44
CA VAL B 232 -26.79 -43.14 -16.22
C VAL B 232 -27.09 -41.82 -15.54
N ASP B 233 -28.30 -41.71 -14.99
CA ASP B 233 -28.66 -40.52 -14.24
C ASP B 233 -27.92 -40.48 -12.90
N PRO B 234 -27.48 -39.31 -12.45
CA PRO B 234 -26.81 -39.23 -11.15
C PRO B 234 -27.80 -39.31 -10.00
N TYR B 235 -28.97 -38.68 -10.17
CA TYR B 235 -30.03 -38.82 -9.18
C TYR B 235 -30.54 -40.26 -9.11
N PHE B 236 -30.70 -40.89 -10.26
CA PHE B 236 -31.14 -42.28 -10.35
C PHE B 236 -29.90 -43.12 -10.63
N HIS B 237 -29.15 -43.43 -9.55
CA HIS B 237 -27.92 -44.19 -9.68
C HIS B 237 -28.14 -45.59 -10.22
N ASP B 238 -29.33 -46.16 -10.01
CA ASP B 238 -29.63 -47.51 -10.47
C ASP B 238 -30.25 -47.55 -11.86
N ARG B 239 -30.35 -46.41 -12.53
CA ARG B 239 -30.92 -46.32 -13.87
C ARG B 239 -29.79 -46.19 -14.90
N VAL B 240 -29.84 -47.03 -15.93
CA VAL B 240 -28.81 -47.05 -16.96
C VAL B 240 -29.47 -46.85 -18.32
N ALA B 241 -28.68 -46.35 -19.27
CA ALA B 241 -29.13 -46.10 -20.62
C ALA B 241 -28.02 -46.45 -21.60
N SER B 242 -28.41 -46.66 -22.86
CA SER B 242 -27.47 -47.03 -23.91
C SER B 242 -27.89 -46.39 -25.22
N PHE B 243 -26.92 -46.28 -26.12
CA PHE B 243 -27.17 -45.80 -27.48
C PHE B 243 -26.55 -46.80 -28.45
N TYR B 244 -27.38 -47.46 -29.25
CA TYR B 244 -26.93 -48.49 -30.18
C TYR B 244 -27.34 -48.09 -31.59
N GLU B 245 -26.45 -47.37 -32.28
CA GLU B 245 -26.70 -46.86 -33.63
C GLU B 245 -27.95 -45.98 -33.57
N GLY B 246 -29.00 -46.28 -34.35
CA GLY B 246 -30.21 -45.49 -34.33
C GLY B 246 -31.23 -45.87 -33.28
N GLN B 247 -30.93 -46.85 -32.44
CA GLN B 247 -31.84 -47.30 -31.40
C GLN B 247 -31.17 -47.15 -30.04
N VAL B 248 -31.94 -46.68 -29.05
CA VAL B 248 -31.45 -46.47 -27.70
C VAL B 248 -32.33 -47.27 -26.74
N ALA B 249 -31.69 -48.04 -25.86
CA ALA B 249 -32.39 -48.87 -24.90
C ALA B 249 -31.91 -48.53 -23.49
N ILE B 250 -32.86 -48.46 -22.56
CA ILE B 250 -32.58 -48.18 -21.15
C ILE B 250 -33.14 -49.32 -20.31
N TRP B 251 -32.33 -49.85 -19.41
CA TRP B 251 -32.73 -50.94 -18.54
C TRP B 251 -32.35 -50.61 -17.10
N ASP B 252 -33.16 -51.12 -16.17
CA ASP B 252 -32.93 -50.91 -14.74
C ASP B 252 -31.94 -51.93 -14.22
N LEU B 253 -31.09 -51.49 -13.27
CA LEU B 253 -30.09 -52.38 -12.70
C LEU B 253 -30.74 -53.52 -11.93
N ARG B 254 -31.79 -53.22 -11.16
CA ARG B 254 -32.45 -54.26 -10.37
C ARG B 254 -33.22 -55.23 -11.24
N LYS B 255 -33.58 -54.82 -12.46
CA LYS B 255 -34.30 -55.66 -13.42
C LYS B 255 -33.53 -55.73 -14.73
N PHE B 256 -32.22 -55.98 -14.63
CA PHE B 256 -31.35 -56.02 -15.80
C PHE B 256 -31.52 -57.36 -16.53
N GLU B 257 -32.72 -57.55 -17.06
CA GLU B 257 -33.05 -58.72 -17.88
C GLU B 257 -33.57 -58.34 -19.25
N LYS B 258 -34.41 -57.30 -19.35
CA LYS B 258 -34.92 -56.79 -20.60
C LYS B 258 -34.94 -55.27 -20.53
N PRO B 259 -34.88 -54.59 -21.68
CA PRO B 259 -34.93 -53.12 -21.65
C PRO B 259 -36.26 -52.63 -21.11
N VAL B 260 -36.19 -51.55 -20.31
CA VAL B 260 -37.40 -50.96 -19.75
C VAL B 260 -38.21 -50.28 -20.85
N LEU B 261 -37.55 -49.52 -21.70
CA LEU B 261 -38.22 -48.84 -22.81
C LEU B 261 -37.24 -48.69 -23.97
N THR B 262 -37.78 -48.53 -25.16
CA THR B 262 -37.00 -48.39 -26.38
C THR B 262 -37.28 -47.03 -27.00
N LEU B 263 -36.21 -46.31 -27.33
CA LEU B 263 -36.34 -45.00 -27.95
C LEU B 263 -36.70 -45.15 -29.43
N THR B 264 -37.13 -44.03 -30.02
CA THR B 264 -37.51 -44.04 -31.43
C THR B 264 -36.30 -44.27 -32.31
N GLU B 265 -36.49 -45.09 -33.35
CA GLU B 265 -35.40 -45.40 -34.26
C GLU B 265 -35.04 -44.16 -35.08
N GLN B 266 -33.73 -43.90 -35.19
CA GLN B 266 -33.25 -42.74 -35.93
C GLN B 266 -32.49 -43.18 -37.17
N PRO B 267 -32.63 -42.46 -38.28
CA PRO B 267 -31.87 -42.82 -39.49
C PRO B 267 -30.39 -42.58 -39.33
N LYS B 268 -30.02 -41.38 -38.87
CA LYS B 268 -28.62 -41.08 -38.63
C LYS B 268 -28.14 -41.82 -37.37
N PRO B 269 -26.94 -42.39 -37.40
CA PRO B 269 -26.42 -43.05 -36.19
C PRO B 269 -26.15 -42.04 -35.09
N LEU B 270 -26.33 -42.49 -33.86
CA LEU B 270 -26.13 -41.61 -32.71
C LEU B 270 -24.67 -41.22 -32.58
N THR B 271 -24.42 -39.95 -32.26
CA THR B 271 -23.08 -39.45 -32.02
C THR B 271 -22.68 -39.50 -30.56
N LYS B 272 -23.59 -39.15 -29.66
CA LYS B 272 -23.31 -39.19 -28.23
C LYS B 272 -24.63 -39.23 -27.46
N VAL B 273 -24.68 -40.06 -26.42
CA VAL B 273 -25.82 -40.15 -25.52
C VAL B 273 -25.33 -39.82 -24.12
N ALA B 274 -25.99 -38.86 -23.47
CA ALA B 274 -25.60 -38.41 -22.15
C ALA B 274 -26.84 -37.99 -21.36
N TRP B 275 -26.67 -37.92 -20.05
CA TRP B 275 -27.74 -37.54 -19.14
C TRP B 275 -27.40 -36.21 -18.49
N CYS B 276 -28.34 -35.26 -18.55
CA CYS B 276 -28.13 -33.96 -17.93
C CYS B 276 -28.18 -34.09 -16.41
N PRO B 277 -27.15 -33.67 -15.69
CA PRO B 277 -27.14 -33.87 -14.24
C PRO B 277 -27.88 -32.77 -13.47
N THR B 278 -27.92 -31.57 -14.02
CA THR B 278 -28.54 -30.44 -13.33
C THR B 278 -30.06 -30.42 -13.48
N ARG B 279 -30.61 -31.18 -14.41
CA ARG B 279 -32.05 -31.26 -14.59
C ARG B 279 -32.50 -32.69 -14.33
N THR B 280 -33.48 -32.85 -13.43
CA THR B 280 -33.97 -34.18 -13.07
C THR B 280 -34.78 -34.76 -14.22
N GLY B 281 -34.51 -36.03 -14.54
CA GLY B 281 -35.22 -36.70 -15.61
C GLY B 281 -35.01 -36.08 -16.97
N LEU B 282 -33.79 -35.68 -17.27
CA LEU B 282 -33.46 -35.08 -18.57
C LEU B 282 -32.26 -35.82 -19.16
N LEU B 283 -32.38 -36.23 -20.42
CA LEU B 283 -31.31 -36.92 -21.12
C LEU B 283 -31.12 -36.30 -22.49
N ALA B 284 -29.87 -36.29 -22.96
CA ALA B 284 -29.51 -35.71 -24.24
C ALA B 284 -28.93 -36.78 -25.14
N THR B 285 -29.45 -36.88 -26.36
CA THR B 285 -28.98 -37.82 -27.36
C THR B 285 -28.61 -37.05 -28.63
N LEU B 286 -27.37 -37.24 -29.09
CA LEU B 286 -26.85 -36.57 -30.27
C LEU B 286 -26.59 -37.59 -31.35
N THR B 287 -27.06 -37.30 -32.56
CA THR B 287 -26.87 -38.19 -33.70
C THR B 287 -25.81 -37.63 -34.64
N ARG B 288 -25.13 -38.53 -35.32
CA ARG B 288 -24.11 -38.12 -36.29
C ARG B 288 -24.75 -37.32 -37.42
N ASP B 289 -24.13 -36.20 -37.76
CA ASP B 289 -24.63 -35.30 -38.80
C ASP B 289 -26.07 -34.87 -38.52
N SER B 290 -26.38 -34.59 -37.26
CA SER B 290 -27.69 -34.11 -36.85
C SER B 290 -27.54 -32.70 -36.28
N ASN B 291 -28.30 -31.75 -36.84
CA ASN B 291 -28.28 -30.38 -36.38
C ASN B 291 -29.30 -30.10 -35.28
N ILE B 292 -30.20 -31.04 -35.00
CA ILE B 292 -31.20 -30.91 -33.94
C ILE B 292 -30.95 -32.03 -32.94
N ILE B 293 -30.72 -31.65 -31.68
CA ILE B 293 -30.40 -32.60 -30.62
C ILE B 293 -31.67 -32.93 -29.85
N ARG B 294 -31.99 -34.21 -29.78
CA ARG B 294 -33.18 -34.66 -29.07
C ARG B 294 -32.91 -34.71 -27.57
N LEU B 295 -33.83 -34.15 -26.78
CA LEU B 295 -33.73 -34.11 -25.33
C LEU B 295 -35.02 -34.69 -24.75
N TYR B 296 -34.96 -35.93 -24.31
CA TYR B 296 -36.12 -36.62 -23.77
C TYR B 296 -36.25 -36.37 -22.28
N ASP B 297 -37.48 -36.17 -21.82
CA ASP B 297 -37.78 -36.03 -20.40
C ASP B 297 -38.20 -37.39 -19.86
N MET B 298 -37.32 -37.99 -19.04
CA MET B 298 -37.56 -39.30 -18.45
C MET B 298 -38.04 -39.22 -17.01
N GLN B 299 -38.45 -38.03 -16.55
CA GLN B 299 -38.90 -37.85 -15.17
C GLN B 299 -40.35 -38.25 -14.97
N HIS B 300 -41.06 -38.65 -16.03
CA HIS B 300 -42.46 -39.05 -15.88
C HIS B 300 -42.60 -40.29 -15.02
N THR B 301 -41.72 -41.26 -15.20
CA THR B 301 -41.77 -42.50 -14.43
C THR B 301 -40.49 -42.70 -13.63
N THR B 312 -45.16 -41.82 -20.76
CA THR B 312 -44.61 -41.17 -21.95
C THR B 312 -43.39 -40.32 -21.59
N ILE B 313 -42.46 -40.19 -22.54
CA ILE B 313 -41.24 -39.41 -22.36
C ILE B 313 -41.31 -38.21 -23.28
N ILE B 314 -41.13 -37.02 -22.70
CA ILE B 314 -41.24 -35.77 -23.44
C ILE B 314 -39.88 -35.49 -24.10
N GLU B 315 -39.81 -35.71 -25.41
CA GLU B 315 -38.58 -35.51 -26.17
C GLU B 315 -38.58 -34.11 -26.77
N ARG B 316 -37.53 -33.35 -26.48
CA ARG B 316 -37.38 -31.99 -26.98
C ARG B 316 -36.19 -31.91 -27.93
N SER B 317 -36.39 -31.28 -29.07
CA SER B 317 -35.36 -31.13 -30.08
C SER B 317 -34.72 -29.75 -29.97
N VAL B 318 -33.40 -29.71 -29.82
CA VAL B 318 -32.66 -28.46 -29.71
C VAL B 318 -31.66 -28.39 -30.86
N GLN B 319 -31.63 -27.26 -31.55
CA GLN B 319 -30.69 -27.03 -32.64
C GLN B 319 -29.74 -25.91 -32.27
N PRO B 320 -28.54 -26.21 -31.79
CA PRO B 320 -27.64 -25.13 -31.33
C PRO B 320 -27.04 -24.32 -32.46
N CYS B 321 -27.01 -24.85 -33.68
CA CYS B 321 -26.47 -24.14 -34.83
C CYS B 321 -26.98 -24.82 -36.10
N ASP B 322 -26.61 -24.26 -37.25
CA ASP B 322 -26.98 -24.84 -38.53
C ASP B 322 -26.05 -25.98 -38.94
N ASN B 323 -24.95 -26.19 -38.22
CA ASN B 323 -24.01 -27.26 -38.50
C ASN B 323 -24.05 -28.29 -37.38
N TYR B 324 -24.03 -29.57 -37.75
CA TYR B 324 -24.14 -30.64 -36.77
C TYR B 324 -22.92 -30.64 -35.86
N ILE B 325 -23.14 -30.40 -34.57
CA ILE B 325 -22.09 -30.42 -33.57
C ILE B 325 -21.71 -31.86 -33.29
N ALA B 326 -20.41 -32.15 -33.26
CA ALA B 326 -19.96 -33.52 -33.04
C ALA B 326 -20.35 -34.02 -31.65
N SER B 327 -20.17 -33.20 -30.62
CA SER B 327 -20.54 -33.59 -29.28
C SER B 327 -20.72 -32.34 -28.43
N PHE B 328 -21.44 -32.49 -27.33
CA PHE B 328 -21.71 -31.39 -26.41
C PHE B 328 -21.49 -31.86 -24.99
N ALA B 329 -21.20 -30.91 -24.10
CA ALA B 329 -20.91 -31.20 -22.70
C ALA B 329 -21.90 -30.47 -21.81
N TRP B 330 -22.57 -31.21 -20.93
CA TRP B 330 -23.47 -30.62 -19.96
C TRP B 330 -22.68 -30.05 -18.78
N HIS B 331 -23.16 -28.94 -18.24
CA HIS B 331 -22.48 -28.31 -17.12
C HIS B 331 -22.85 -28.99 -15.81
N PRO B 332 -21.89 -29.49 -15.04
CA PRO B 332 -22.23 -30.08 -13.73
C PRO B 332 -22.44 -29.05 -12.64
N THR B 333 -21.82 -27.88 -12.73
CA THR B 333 -22.01 -26.82 -11.76
C THR B 333 -23.15 -25.88 -12.15
N SER B 334 -23.11 -25.35 -13.36
CA SER B 334 -24.21 -24.55 -13.87
C SER B 334 -25.45 -25.42 -14.05
N GLN B 335 -26.61 -24.80 -13.92
CA GLN B 335 -27.88 -25.51 -14.03
C GLN B 335 -28.35 -25.48 -15.49
N ASN B 336 -28.51 -26.67 -16.07
CA ASN B 336 -29.07 -26.83 -17.42
C ASN B 336 -28.27 -26.04 -18.46
N ARG B 337 -26.95 -26.18 -18.41
CA ARG B 337 -26.05 -25.54 -19.36
C ARG B 337 -25.31 -26.60 -20.15
N MET B 338 -25.30 -26.45 -21.47
CA MET B 338 -24.60 -27.37 -22.36
C MET B 338 -23.85 -26.58 -23.42
N ILE B 339 -22.61 -27.00 -23.70
CA ILE B 339 -21.76 -26.36 -24.69
C ILE B 339 -21.47 -27.37 -25.78
N VAL B 340 -21.85 -27.03 -27.01
CA VAL B 340 -21.64 -27.91 -28.15
C VAL B 340 -20.53 -27.32 -29.02
N VAL B 341 -19.83 -28.21 -29.73
CA VAL B 341 -18.69 -27.83 -30.55
C VAL B 341 -19.07 -28.05 -32.02
N THR B 342 -19.17 -26.96 -32.77
CA THR B 342 -19.42 -27.06 -34.19
C THR B 342 -18.18 -27.61 -34.90
N PRO B 343 -18.35 -28.27 -36.06
CA PRO B 343 -17.19 -28.84 -36.76
C PRO B 343 -16.25 -27.79 -37.35
N ASN B 344 -16.61 -26.50 -37.29
CA ASN B 344 -15.75 -25.43 -37.76
C ASN B 344 -15.03 -24.72 -36.62
N ARG B 345 -14.65 -25.47 -35.58
CA ARG B 345 -13.96 -24.92 -34.41
C ARG B 345 -14.77 -23.82 -33.74
N THR B 346 -16.08 -24.01 -33.68
CA THR B 346 -16.99 -23.08 -33.02
C THR B 346 -17.64 -23.76 -31.83
N MET B 347 -17.58 -23.11 -30.67
CA MET B 347 -18.18 -23.62 -29.44
C MET B 347 -19.55 -22.97 -29.27
N SER B 348 -20.61 -23.76 -29.45
CA SER B 348 -21.98 -23.26 -29.33
C SER B 348 -22.53 -23.64 -27.96
N ASP B 349 -22.95 -22.64 -27.20
CA ASP B 349 -23.50 -22.84 -25.87
C ASP B 349 -24.96 -22.43 -25.85
N PHE B 350 -25.83 -23.34 -25.41
CA PHE B 350 -27.26 -23.08 -25.33
C PHE B 350 -27.76 -23.52 -23.97
N THR B 351 -28.84 -22.87 -23.52
CA THR B 351 -29.42 -23.17 -22.21
C THR B 351 -30.72 -23.96 -22.36
N ILE B 356 -41.99 -20.14 -18.62
CA ILE B 356 -42.57 -18.91 -18.11
C ILE B 356 -44.09 -18.98 -18.17
N SER B 357 -44.74 -18.31 -17.22
CA SER B 357 -46.20 -18.27 -17.15
C SER B 357 -46.68 -16.84 -17.33
N LEU B 358 -47.75 -16.67 -18.09
CA LEU B 358 -48.32 -15.36 -18.36
C LEU B 358 -49.83 -15.40 -18.20
N ALA B 359 -50.40 -14.25 -17.85
CA ALA B 359 -51.83 -14.14 -17.61
C ALA B 359 -52.28 -12.71 -17.82
N TRP B 360 -53.58 -12.49 -17.73
CA TRP B 360 -54.19 -11.18 -17.90
C TRP B 360 -54.95 -10.80 -16.64
N SER B 361 -55.42 -9.56 -16.62
CA SER B 361 -56.14 -9.01 -15.48
C SER B 361 -57.32 -8.17 -15.94
N PRO B 362 -58.38 -8.08 -15.14
CA PRO B 362 -59.56 -7.31 -15.57
C PRO B 362 -59.35 -5.80 -15.60
N ILE B 363 -58.29 -5.30 -14.96
CA ILE B 363 -57.97 -3.88 -15.00
C ILE B 363 -56.87 -3.60 -16.01
N THR B 364 -56.74 -4.44 -17.04
CA THR B 364 -55.73 -4.30 -18.08
C THR B 364 -54.31 -4.38 -17.50
N SER B 365 -54.02 -5.52 -16.89
CA SER B 365 -52.70 -5.82 -16.37
C SER B 365 -52.31 -7.23 -16.76
N LEU B 366 -51.00 -7.46 -16.86
CA LEU B 366 -50.46 -8.77 -17.22
C LEU B 366 -49.56 -9.27 -16.11
N MET B 367 -49.80 -10.50 -15.67
CA MET B 367 -48.98 -11.14 -14.65
C MET B 367 -48.10 -12.18 -15.32
N TRP B 368 -46.80 -12.18 -14.97
CA TRP B 368 -45.83 -13.08 -15.56
C TRP B 368 -45.06 -13.80 -14.47
N ALA B 369 -44.53 -14.97 -14.81
CA ALA B 369 -43.74 -15.76 -13.89
C ALA B 369 -42.59 -16.40 -14.65
N CYS B 370 -41.52 -16.72 -13.92
CA CYS B 370 -40.35 -17.34 -14.51
C CYS B 370 -39.60 -18.10 -13.41
N GLY B 371 -39.62 -19.43 -13.49
CA GLY B 371 -38.93 -20.26 -12.52
C GLY B 371 -39.41 -20.04 -11.10
N ARG B 372 -38.57 -19.41 -10.28
CA ARG B 372 -38.92 -19.04 -8.92
C ARG B 372 -39.20 -17.54 -8.79
N HIS B 373 -39.47 -16.87 -9.90
CA HIS B 373 -39.71 -15.43 -9.90
C HIS B 373 -40.99 -15.11 -10.66
N LEU B 374 -41.59 -13.98 -10.31
CA LEU B 374 -42.82 -13.52 -10.93
C LEU B 374 -42.67 -12.08 -11.38
N TYR B 375 -43.44 -11.71 -12.41
CA TYR B 375 -43.37 -10.38 -12.99
C TYR B 375 -44.77 -9.86 -13.24
N GLU B 376 -44.92 -8.54 -13.14
CA GLU B 376 -46.18 -7.86 -13.36
C GLU B 376 -46.00 -6.79 -14.44
N CYS B 377 -46.99 -6.67 -15.32
CA CYS B 377 -46.94 -5.74 -16.44
C CYS B 377 -48.14 -4.81 -16.41
N THR B 378 -47.89 -3.54 -16.70
CA THR B 378 -48.93 -2.52 -16.75
C THR B 378 -48.60 -1.53 -17.86
N GLU B 379 -49.64 -0.84 -18.34
CA GLU B 379 -49.49 0.05 -19.48
C GLU B 379 -48.59 1.23 -19.13
N GLU B 380 -47.82 1.68 -20.11
CA GLU B 380 -46.93 2.82 -19.93
C GLU B 380 -47.71 4.13 -19.93
N ASP B 389 -55.55 1.87 -24.37
CA ASP B 389 -56.21 0.57 -24.41
C ASP B 389 -57.73 0.74 -24.46
N ILE B 390 -58.39 -0.13 -25.23
CA ILE B 390 -59.84 -0.03 -25.38
C ILE B 390 -60.52 -0.26 -24.05
N ALA B 391 -60.08 -1.27 -23.30
CA ALA B 391 -60.68 -1.53 -21.99
C ALA B 391 -60.40 -0.40 -21.01
N THR B 392 -59.15 0.09 -20.98
CA THR B 392 -58.82 1.18 -20.07
C THR B 392 -59.58 2.44 -20.46
N LYS B 393 -59.71 2.69 -21.77
CA LYS B 393 -60.47 3.86 -22.21
C LYS B 393 -61.94 3.74 -21.83
N MET B 394 -62.52 2.55 -21.98
CA MET B 394 -63.90 2.35 -21.56
C MET B 394 -64.05 2.58 -20.08
N ARG B 395 -63.10 2.07 -19.29
CA ARG B 395 -63.14 2.27 -17.84
C ARG B 395 -63.04 3.75 -17.49
N LEU B 396 -62.15 4.47 -18.15
CA LEU B 396 -62.01 5.90 -17.89
C LEU B 396 -63.28 6.65 -18.26
N ARG B 397 -63.87 6.31 -19.41
CA ARG B 397 -65.14 6.93 -19.80
C ARG B 397 -66.21 6.66 -18.76
N ALA B 398 -66.20 5.46 -18.18
CA ALA B 398 -67.08 5.19 -17.05
C ALA B 398 -66.74 6.08 -15.87
N LEU B 399 -65.45 6.32 -15.63
CA LEU B 399 -65.01 7.08 -14.47
C LEU B 399 -65.47 8.53 -14.52
N SER B 400 -65.80 9.05 -15.69
CA SER B 400 -66.31 10.41 -15.82
C SER B 400 -67.83 10.47 -15.83
N ARG B 401 -68.51 9.36 -15.59
CA ARG B 401 -69.97 9.27 -15.68
C ARG B 401 -70.44 9.70 -17.07
N TYR B 402 -69.74 9.22 -18.10
CA TYR B 402 -70.10 9.54 -19.47
C TYR B 402 -71.44 8.91 -19.82
N GLY B 403 -72.24 9.62 -20.61
CA GLY B 403 -73.49 9.12 -21.13
C GLY B 403 -74.67 9.26 -20.19
N LEU B 404 -74.46 9.72 -18.97
CA LEU B 404 -75.56 9.90 -18.03
C LEU B 404 -76.28 11.23 -18.21
N ASP B 405 -75.78 12.09 -19.09
CA ASP B 405 -76.38 13.40 -19.27
C ASP B 405 -77.76 13.27 -19.90
N THR B 406 -78.72 14.00 -19.35
CA THR B 406 -80.06 14.10 -19.91
C THR B 406 -80.42 15.53 -20.28
N GLU B 407 -80.08 16.49 -19.42
CA GLU B 407 -80.38 17.89 -19.72
C GLU B 407 -79.57 18.40 -20.90
N GLN B 408 -78.29 18.04 -20.97
CA GLN B 408 -77.39 18.54 -22.01
C GLN B 408 -76.68 17.37 -22.67
N VAL B 409 -77.33 16.79 -23.69
CA VAL B 409 -76.70 15.73 -24.48
C VAL B 409 -75.50 16.24 -25.24
N TRP B 410 -75.43 17.54 -25.48
CA TRP B 410 -74.24 18.13 -26.11
C TRP B 410 -73.01 17.90 -25.25
N ARG B 411 -73.18 17.87 -23.93
CA ARG B 411 -72.03 17.75 -23.03
C ARG B 411 -71.41 16.36 -23.06
N ASN B 412 -72.09 15.38 -23.65
CA ASN B 412 -71.59 14.01 -23.62
C ASN B 412 -70.29 13.87 -24.40
N HIS B 413 -70.18 14.56 -25.54
CA HIS B 413 -68.95 14.51 -26.32
C HIS B 413 -67.78 15.05 -25.50
N ILE B 414 -67.98 16.16 -24.80
CA ILE B 414 -66.94 16.68 -23.92
C ILE B 414 -66.65 15.67 -22.83
N LEU B 415 -67.68 15.04 -22.27
CA LEU B 415 -67.50 14.05 -21.23
C LEU B 415 -66.71 12.84 -21.72
N ALA B 416 -66.70 12.59 -23.02
CA ALA B 416 -65.85 11.52 -23.55
C ALA B 416 -64.38 11.81 -23.28
N GLY B 417 -63.98 13.08 -23.35
CA GLY B 417 -62.65 13.48 -22.97
C GLY B 417 -61.63 13.50 -24.10
N ASN B 418 -61.39 12.35 -24.71
CA ASN B 418 -60.36 12.25 -25.74
C ASN B 418 -60.77 13.03 -26.99
N GLU B 419 -59.77 13.33 -27.81
CA GLU B 419 -60.01 14.05 -29.06
C GLU B 419 -60.38 13.04 -30.14
N ASP B 420 -61.66 12.96 -30.46
CA ASP B 420 -62.13 12.05 -31.50
C ASP B 420 -63.28 12.69 -32.26
N PRO B 421 -63.08 13.08 -33.51
CA PRO B 421 -64.18 13.67 -34.27
C PRO B 421 -65.37 12.75 -34.44
N GLN B 422 -65.12 11.44 -34.59
CA GLN B 422 -66.21 10.51 -34.84
C GLN B 422 -67.20 10.49 -33.67
N LEU B 423 -66.69 10.32 -32.46
CA LEU B 423 -67.57 10.43 -31.28
C LEU B 423 -68.12 11.84 -31.15
N LYS B 424 -67.28 12.85 -31.35
CA LYS B 424 -67.75 14.23 -31.34
C LYS B 424 -68.85 14.43 -32.38
N SER B 425 -68.70 13.78 -33.54
CA SER B 425 -69.80 13.76 -34.50
C SER B 425 -70.98 12.97 -33.95
N LEU B 426 -70.72 11.86 -33.26
CA LEU B 426 -71.79 10.97 -32.84
C LEU B 426 -72.75 11.66 -31.89
N TRP B 427 -72.23 12.24 -30.82
CA TRP B 427 -73.09 12.95 -29.89
C TRP B 427 -73.67 14.22 -30.52
N TYR B 428 -72.94 14.82 -31.45
CA TYR B 428 -73.46 16.01 -32.13
C TYR B 428 -74.75 15.70 -32.85
N THR B 429 -74.79 14.58 -33.57
CA THR B 429 -75.97 14.28 -34.37
C THR B 429 -77.21 14.11 -33.48
N LEU B 430 -77.04 13.45 -32.34
CA LEU B 430 -78.18 13.26 -31.45
C LEU B 430 -78.64 14.60 -30.88
N HIS B 431 -77.71 15.51 -30.63
CA HIS B 431 -78.07 16.78 -30.01
C HIS B 431 -79.05 17.57 -30.88
N PHE B 432 -78.80 17.62 -32.18
CA PHE B 432 -79.80 18.18 -33.08
C PHE B 432 -81.05 17.32 -33.09
N MET B 433 -80.86 16.00 -33.09
CA MET B 433 -82.01 15.10 -33.08
C MET B 433 -82.80 15.24 -31.78
N LYS B 434 -82.10 15.46 -30.67
CA LYS B 434 -82.80 15.64 -29.40
C LYS B 434 -83.69 16.87 -29.44
N GLN B 435 -83.19 17.98 -30.00
CA GLN B 435 -84.02 19.16 -30.15
C GLN B 435 -85.16 18.91 -31.13
N TYR B 436 -84.90 18.14 -32.19
CA TYR B 436 -85.92 17.87 -33.19
C TYR B 436 -87.07 17.08 -32.58
N THR B 437 -86.78 16.19 -31.64
CA THR B 437 -87.84 15.50 -30.92
C THR B 437 -88.69 16.48 -30.13
N GLU B 438 -88.05 17.43 -29.45
CA GLU B 438 -88.76 18.42 -28.66
C GLU B 438 -89.38 19.48 -29.56
N SER B 450 -90.81 11.04 -33.87
CA SER B 450 -90.09 9.77 -33.87
C SER B 450 -89.51 9.50 -35.25
N LEU B 451 -90.16 10.03 -36.28
CA LEU B 451 -89.68 9.86 -37.65
C LEU B 451 -88.31 10.50 -37.86
N VAL B 452 -87.89 11.37 -36.96
CA VAL B 452 -86.56 11.97 -37.06
C VAL B 452 -85.48 10.90 -36.93
N TYR B 453 -85.72 9.90 -36.09
CA TYR B 453 -84.74 8.83 -35.89
C TYR B 453 -84.65 7.89 -37.08
N ALA B 454 -85.56 7.99 -38.05
CA ALA B 454 -85.48 7.11 -39.21
C ALA B 454 -84.19 7.31 -39.98
N GLY B 455 -83.80 8.56 -40.21
CA GLY B 455 -82.56 8.88 -40.87
C GLY B 455 -82.76 9.74 -42.09
N ILE B 456 -81.64 10.13 -42.69
CA ILE B 456 -81.69 10.95 -43.90
C ILE B 456 -82.27 10.13 -45.05
N LYS B 457 -82.04 8.82 -45.06
CA LYS B 457 -82.50 8.00 -46.17
C LYS B 457 -84.02 8.02 -46.29
N SER B 458 -84.72 7.77 -45.19
CA SER B 458 -86.18 7.79 -45.23
C SER B 458 -86.71 9.17 -45.60
N ILE B 459 -86.10 10.23 -45.04
CA ILE B 459 -86.57 11.58 -45.33
C ILE B 459 -86.41 11.90 -46.81
N VAL B 460 -85.26 11.55 -47.39
CA VAL B 460 -85.03 11.81 -48.81
C VAL B 460 -85.86 10.89 -49.69
N LYS B 461 -86.31 9.75 -49.17
CA LYS B 461 -87.18 8.88 -49.95
C LYS B 461 -88.47 9.57 -50.34
N SER B 462 -89.06 10.31 -49.41
CA SER B 462 -90.30 11.02 -49.68
C SER B 462 -90.07 12.17 -50.65
N SER B 469 -80.41 26.22 -60.28
CA SER B 469 -79.82 27.38 -60.94
C SER B 469 -78.70 26.96 -61.90
N SER B 470 -78.91 27.24 -63.19
CA SER B 470 -77.88 26.94 -64.18
C SER B 470 -76.62 27.74 -63.93
N ARG B 471 -76.75 28.89 -63.28
CA ARG B 471 -75.65 29.78 -62.98
C ARG B 471 -75.51 29.95 -61.48
N HIS B 472 -74.60 30.84 -61.09
CA HIS B 472 -74.41 31.23 -59.70
C HIS B 472 -74.78 32.70 -59.57
N ASN B 473 -75.99 32.95 -59.08
CA ASN B 473 -76.47 34.32 -58.86
C ASN B 473 -76.13 34.69 -57.42
N TRP B 474 -74.87 35.02 -57.19
CA TRP B 474 -74.44 35.40 -55.85
C TRP B 474 -75.03 36.75 -55.46
N SER B 475 -75.46 36.85 -54.20
CA SER B 475 -76.06 38.09 -53.68
C SER B 475 -76.11 38.08 -52.15
N ILE B 483 -84.14 31.41 -50.59
CA ILE B 483 -83.80 30.55 -49.47
C ILE B 483 -85.00 29.70 -49.07
N GLN B 484 -86.16 30.34 -48.95
CA GLN B 484 -87.38 29.63 -48.59
C GLN B 484 -87.83 28.66 -49.68
N ASN B 485 -87.27 28.76 -50.89
CA ASN B 485 -87.66 27.89 -51.98
C ASN B 485 -87.29 26.43 -51.72
N LEU B 486 -86.46 26.16 -50.73
CA LEU B 486 -86.10 24.78 -50.41
C LEU B 486 -87.34 24.00 -49.96
N ASN B 487 -87.31 22.69 -50.20
CA ASN B 487 -88.43 21.85 -49.85
C ASN B 487 -88.55 21.73 -48.33
N GLU B 488 -89.77 21.45 -47.88
CA GLU B 488 -90.02 21.27 -46.45
C GLU B 488 -89.20 20.12 -45.89
N GLU B 489 -89.16 18.99 -46.60
CA GLU B 489 -88.31 17.89 -46.19
C GLU B 489 -86.84 18.28 -46.25
N ARG B 490 -86.45 19.01 -47.29
CA ARG B 490 -85.09 19.52 -47.37
C ARG B 490 -84.82 20.50 -46.25
N ILE B 491 -85.79 21.34 -45.92
CA ILE B 491 -85.62 22.28 -44.82
C ILE B 491 -85.38 21.53 -43.52
N LEU B 492 -86.17 20.48 -43.27
CA LEU B 492 -86.01 19.70 -42.06
C LEU B 492 -84.66 18.99 -42.03
N ALA B 493 -84.22 18.47 -43.19
CA ALA B 493 -82.92 17.81 -43.26
C ALA B 493 -81.80 18.78 -42.93
N LEU B 494 -81.86 19.98 -43.49
CA LEU B 494 -80.84 21.00 -43.18
C LEU B 494 -80.89 21.40 -41.73
N GLN B 495 -82.09 21.48 -41.15
CA GLN B 495 -82.23 21.76 -39.73
C GLN B 495 -81.58 20.68 -38.89
N LEU B 496 -81.81 19.42 -39.25
CA LEU B 496 -81.18 18.31 -38.55
C LEU B 496 -79.66 18.37 -38.68
N CYS B 497 -79.17 18.77 -39.85
CA CYS B 497 -77.74 18.83 -40.08
C CYS B 497 -77.06 19.92 -39.26
N GLY B 498 -77.82 20.80 -38.63
CA GLY B 498 -77.28 21.85 -37.80
C GLY B 498 -77.16 23.20 -38.46
N TRP B 499 -77.26 23.26 -39.78
CA TRP B 499 -77.14 24.55 -40.47
C TRP B 499 -78.35 25.44 -40.18
N ILE B 500 -79.56 24.89 -40.31
CA ILE B 500 -80.78 25.64 -40.10
C ILE B 500 -81.25 25.44 -38.67
N LYS B 501 -81.63 26.54 -38.01
CA LYS B 501 -82.17 26.46 -36.66
C LYS B 501 -83.64 26.07 -36.73
N LYS B 502 -84.34 26.21 -35.62
CA LYS B 502 -85.78 25.95 -35.62
C LYS B 502 -86.52 27.07 -36.33
N GLY B 503 -87.70 26.75 -36.81
CA GLY B 503 -88.54 27.72 -37.49
C GLY B 503 -88.27 27.80 -38.97
N THR B 504 -89.14 28.53 -39.65
CA THR B 504 -89.04 28.74 -41.09
C THR B 504 -88.06 29.84 -41.46
N ASP B 505 -87.44 30.48 -40.48
CA ASP B 505 -86.50 31.56 -40.75
C ASP B 505 -85.24 30.99 -41.39
N VAL B 506 -85.15 31.07 -42.71
CA VAL B 506 -83.97 30.57 -43.44
C VAL B 506 -82.95 31.71 -43.41
N ASP B 507 -82.19 31.75 -42.33
CA ASP B 507 -81.15 32.76 -42.14
C ASP B 507 -79.98 32.13 -41.44
N VAL B 508 -78.81 32.11 -42.10
CA VAL B 508 -77.63 31.47 -41.56
C VAL B 508 -76.86 32.41 -40.63
N GLY B 509 -77.40 33.58 -40.34
CA GLY B 509 -76.74 34.53 -39.47
C GLY B 509 -76.46 33.94 -38.11
N PRO B 510 -77.37 33.08 -37.64
CA PRO B 510 -77.07 32.35 -36.39
C PRO B 510 -75.85 31.46 -36.51
N PHE B 511 -75.83 30.55 -37.49
CA PHE B 511 -74.67 29.70 -37.67
C PHE B 511 -73.45 30.50 -38.09
N LEU B 512 -73.66 31.58 -38.84
CA LEU B 512 -72.55 32.44 -39.23
C LEU B 512 -71.86 33.03 -38.01
N ASN B 513 -72.64 33.64 -37.12
CA ASN B 513 -72.05 34.22 -35.91
C ASN B 513 -71.47 33.14 -35.01
N SER B 514 -72.12 31.97 -34.97
CA SER B 514 -71.61 30.87 -34.15
C SER B 514 -70.23 30.43 -34.62
N LEU B 515 -70.06 30.31 -35.94
CA LEU B 515 -68.75 29.96 -36.48
C LEU B 515 -67.75 31.10 -36.26
N VAL B 516 -68.20 32.35 -36.41
CA VAL B 516 -67.31 33.50 -36.22
C VAL B 516 -66.75 33.49 -34.81
N GLN B 517 -67.59 33.26 -33.81
CA GLN B 517 -67.11 33.11 -32.45
C GLN B 517 -66.32 31.83 -32.26
N GLU B 518 -66.63 30.79 -33.04
CA GLU B 518 -65.97 29.50 -32.89
C GLU B 518 -64.51 29.56 -33.31
N GLY B 519 -64.19 30.38 -34.31
CA GLY B 519 -62.82 30.52 -34.77
C GLY B 519 -62.48 29.73 -36.02
N GLU B 520 -63.34 28.80 -36.43
CA GLU B 520 -63.12 28.05 -37.66
C GLU B 520 -63.58 28.91 -38.84
N TRP B 521 -62.74 29.89 -39.18
CA TRP B 521 -63.10 30.87 -40.20
C TRP B 521 -63.29 30.21 -41.56
N GLU B 522 -62.44 29.23 -41.89
CA GLU B 522 -62.51 28.60 -43.21
C GLU B 522 -63.84 27.87 -43.39
N ARG B 523 -64.31 27.18 -42.35
CA ARG B 523 -65.58 26.47 -42.44
C ARG B 523 -66.71 27.46 -42.68
N ALA B 524 -66.69 28.60 -41.99
CA ALA B 524 -67.71 29.62 -42.21
C ALA B 524 -67.65 30.15 -43.63
N ALA B 525 -66.44 30.35 -44.15
CA ALA B 525 -66.32 30.83 -45.53
C ALA B 525 -66.92 29.84 -46.50
N ALA B 526 -66.64 28.55 -46.30
CA ALA B 526 -67.23 27.54 -47.17
C ALA B 526 -68.74 27.53 -47.06
N VAL B 527 -69.26 27.70 -45.84
CA VAL B 527 -70.72 27.68 -45.64
C VAL B 527 -71.37 28.86 -46.34
N ALA B 528 -70.79 30.05 -46.18
CA ALA B 528 -71.33 31.23 -46.85
C ALA B 528 -71.27 31.06 -48.36
N LEU B 529 -70.20 30.46 -48.87
CA LEU B 529 -70.14 30.14 -50.29
C LEU B 529 -71.28 29.22 -50.67
N PHE B 530 -71.55 28.21 -49.85
CA PHE B 530 -72.74 27.39 -50.06
C PHE B 530 -74.02 28.22 -49.92
N ASN B 531 -74.03 29.17 -48.99
CA ASN B 531 -75.16 30.07 -48.83
C ASN B 531 -75.16 31.20 -49.85
N LEU B 532 -74.11 31.29 -50.67
CA LEU B 532 -74.03 32.25 -51.77
C LEU B 532 -74.03 33.69 -51.27
N ASP B 533 -73.00 34.02 -50.48
CA ASP B 533 -72.74 35.39 -50.04
C ASP B 533 -71.26 35.67 -50.28
N ILE B 534 -70.93 36.09 -51.50
CA ILE B 534 -69.53 36.21 -51.90
C ILE B 534 -68.84 37.34 -51.14
N ARG B 535 -69.43 38.53 -51.17
CA ARG B 535 -68.81 39.67 -50.50
C ARG B 535 -68.83 39.50 -48.99
N ARG B 536 -69.86 38.83 -48.47
CA ARG B 536 -69.86 38.50 -47.05
C ARG B 536 -68.71 37.56 -46.72
N ALA B 537 -68.43 36.60 -47.61
CA ALA B 537 -67.27 35.73 -47.42
C ALA B 537 -65.97 36.50 -47.53
N ILE B 538 -65.94 37.50 -48.40
CA ILE B 538 -64.76 38.36 -48.51
C ILE B 538 -64.54 39.12 -47.21
N GLN B 539 -65.60 39.68 -46.64
CA GLN B 539 -65.49 40.37 -45.37
C GLN B 539 -65.08 39.41 -44.27
N ILE B 540 -65.61 38.19 -44.30
CA ILE B 540 -65.26 37.18 -43.30
C ILE B 540 -63.78 36.82 -43.39
N LEU B 541 -63.29 36.60 -44.61
CA LEU B 541 -61.88 36.25 -44.79
C LEU B 541 -60.97 37.42 -44.41
N ASN B 542 -61.37 38.64 -44.76
CA ASN B 542 -60.57 39.81 -44.39
C ASN B 542 -60.53 39.99 -42.87
N GLU B 543 -61.65 39.74 -42.20
CA GLU B 543 -61.66 39.80 -40.74
C GLU B 543 -60.80 38.69 -40.15
N GLY B 544 -60.84 37.51 -40.74
CA GLY B 544 -59.96 36.43 -40.29
C GLY B 544 -58.50 36.79 -40.43
N ALA B 545 -58.14 37.43 -41.55
CA ALA B 545 -56.78 37.92 -41.72
C ALA B 545 -56.48 39.03 -40.71
N SER B 546 -57.49 39.81 -40.35
CA SER B 546 -57.34 40.76 -39.26
C SER B 546 -57.08 40.04 -37.95
N SER B 547 -57.62 38.83 -37.81
CA SER B 547 -57.19 37.95 -36.73
C SER B 547 -55.88 37.29 -37.11
N GLU B 548 -55.28 36.60 -36.14
CA GLU B 548 -53.94 36.04 -36.31
C GLU B 548 -53.01 37.09 -36.87
N LEU B 552 -52.33 36.60 -43.58
CA LEU B 552 -51.36 36.85 -44.64
C LEU B 552 -51.68 36.00 -45.86
N ASN B 553 -51.48 34.69 -45.74
CA ASN B 553 -51.90 33.77 -46.78
C ASN B 553 -53.39 33.90 -47.08
N LEU B 554 -54.20 34.20 -46.05
CA LEU B 554 -55.64 34.35 -46.26
C LEU B 554 -55.95 35.53 -47.18
N ASN B 555 -55.18 36.62 -47.06
CA ASN B 555 -55.44 37.76 -47.92
C ASN B 555 -55.23 37.41 -49.38
N VAL B 556 -54.15 36.69 -49.69
CA VAL B 556 -53.86 36.31 -51.07
C VAL B 556 -54.89 35.29 -51.56
N VAL B 557 -55.31 34.37 -50.68
CA VAL B 557 -56.40 33.47 -51.02
C VAL B 557 -57.65 34.28 -51.39
N ALA B 558 -57.92 35.36 -50.65
CA ALA B 558 -59.09 36.18 -50.95
C ALA B 558 -58.91 36.95 -52.25
N MET B 559 -57.68 37.37 -52.54
CA MET B 559 -57.41 38.03 -53.82
C MET B 559 -57.68 37.08 -54.97
N ALA B 560 -57.40 35.79 -54.77
CA ALA B 560 -57.84 34.78 -55.74
C ALA B 560 -59.37 34.66 -55.74
N LEU B 561 -59.98 34.77 -54.57
CA LEU B 561 -61.44 34.65 -54.47
C LEU B 561 -62.15 35.76 -55.24
N SER B 562 -61.51 36.93 -55.35
CA SER B 562 -62.11 38.03 -56.09
C SER B 562 -62.20 37.74 -57.58
N GLY B 563 -61.55 36.68 -58.04
CA GLY B 563 -61.66 36.26 -59.43
C GLY B 563 -62.75 35.24 -59.65
N TYR B 564 -64.00 35.68 -59.57
CA TYR B 564 -65.16 34.81 -59.81
C TYR B 564 -65.65 35.06 -61.22
N THR B 565 -65.04 34.40 -62.18
CA THR B 565 -65.36 34.60 -63.60
C THR B 565 -65.89 33.31 -64.19
N ASP B 566 -66.97 33.43 -64.96
CA ASP B 566 -67.64 32.29 -65.55
C ASP B 566 -67.45 32.21 -67.06
N GLU B 567 -66.26 32.50 -67.56
CA GLU B 567 -66.02 32.39 -68.99
C GLU B 567 -65.46 31.01 -69.31
N LYS B 568 -65.96 30.40 -70.41
CA LYS B 568 -65.62 29.01 -70.70
C LYS B 568 -64.24 28.86 -71.31
N ASN B 569 -63.57 29.95 -71.64
CA ASN B 569 -62.24 29.96 -72.25
C ASN B 569 -61.24 30.68 -71.34
N SER B 570 -61.23 30.32 -70.06
CA SER B 570 -60.76 31.22 -69.03
C SER B 570 -59.32 30.92 -68.62
N LEU B 571 -58.45 31.92 -68.79
CA LEU B 571 -57.07 31.82 -68.29
C LEU B 571 -57.05 31.71 -66.77
N TRP B 572 -57.82 32.54 -66.07
CA TRP B 572 -57.89 32.45 -64.62
C TRP B 572 -58.37 31.07 -64.19
N ARG B 573 -59.40 30.54 -64.87
CA ARG B 573 -59.90 29.21 -64.55
C ARG B 573 -59.02 28.12 -65.15
N GLU B 574 -58.31 28.42 -66.25
CA GLU B 574 -57.34 27.46 -66.78
C GLU B 574 -56.20 27.23 -65.80
N MET B 575 -55.84 28.24 -65.01
CA MET B 575 -54.67 28.16 -64.13
C MET B 575 -55.03 27.80 -62.70
N CYS B 576 -55.89 28.61 -62.05
CA CYS B 576 -56.13 28.42 -60.62
C CYS B 576 -56.83 27.09 -60.34
N SER B 577 -57.62 26.59 -61.29
CA SER B 577 -58.33 25.32 -61.07
C SER B 577 -57.35 24.18 -60.86
N THR B 578 -56.28 24.13 -61.64
CA THR B 578 -55.23 23.15 -61.37
C THR B 578 -54.41 23.53 -60.15
N LEU B 579 -54.04 24.81 -60.05
CA LEU B 579 -53.07 25.23 -59.03
C LEU B 579 -53.61 25.19 -57.61
N ARG B 580 -54.93 25.07 -57.43
CA ARG B 580 -55.51 25.07 -56.10
C ARG B 580 -55.09 23.85 -55.27
N LEU B 581 -54.54 22.82 -55.92
CA LEU B 581 -54.20 21.59 -55.21
C LEU B 581 -53.16 21.81 -54.13
N GLN B 582 -52.34 22.87 -54.23
CA GLN B 582 -51.28 23.12 -53.27
C GLN B 582 -51.81 23.59 -51.91
N LEU B 583 -53.10 23.86 -51.79
CA LEU B 583 -53.64 24.32 -50.53
C LEU B 583 -53.53 23.23 -49.46
N ASN B 584 -53.37 23.67 -48.22
CA ASN B 584 -53.30 22.76 -47.08
C ASN B 584 -54.67 22.52 -46.47
N ASN B 585 -55.36 23.58 -46.09
CA ASN B 585 -56.71 23.43 -45.56
C ASN B 585 -57.66 22.99 -46.67
N PRO B 586 -58.40 21.90 -46.47
CA PRO B 586 -59.21 21.37 -47.58
C PRO B 586 -60.48 22.16 -47.84
N TYR B 587 -60.94 22.97 -46.87
CA TYR B 587 -62.12 23.79 -47.12
C TYR B 587 -61.89 24.77 -48.27
N LEU B 588 -60.73 25.43 -48.27
CA LEU B 588 -60.43 26.37 -49.34
C LEU B 588 -60.36 25.66 -50.68
N CYS B 589 -59.74 24.48 -50.73
CA CYS B 589 -59.66 23.75 -51.98
C CYS B 589 -61.04 23.33 -52.47
N VAL B 590 -61.90 22.89 -51.56
CA VAL B 590 -63.26 22.52 -51.94
C VAL B 590 -63.99 23.73 -52.49
N MET B 591 -63.85 24.88 -51.82
CA MET B 591 -64.52 26.08 -52.29
C MET B 591 -64.01 26.49 -53.67
N PHE B 592 -62.70 26.43 -53.87
CA PHE B 592 -62.15 26.77 -55.18
C PHE B 592 -62.69 25.85 -56.25
N ALA B 593 -62.76 24.55 -55.96
CA ALA B 593 -63.31 23.61 -56.92
C ALA B 593 -64.77 23.94 -57.24
N PHE B 594 -65.55 24.22 -56.20
CA PHE B 594 -66.97 24.53 -56.42
C PHE B 594 -67.13 25.78 -57.27
N LEU B 595 -66.34 26.81 -56.98
CA LEU B 595 -66.42 28.03 -57.78
C LEU B 595 -66.02 27.77 -59.22
N THR B 596 -64.97 26.96 -59.42
CA THR B 596 -64.40 26.74 -60.75
C THR B 596 -64.91 25.45 -61.40
N SER B 597 -65.82 24.73 -60.78
CA SER B 597 -66.37 23.56 -61.43
C SER B 597 -67.32 23.96 -62.56
N GLU B 598 -67.61 23.00 -63.42
CA GLU B 598 -68.54 23.24 -64.51
C GLU B 598 -69.96 23.42 -63.96
N THR B 599 -70.88 23.77 -64.87
CA THR B 599 -72.25 24.04 -64.48
C THR B 599 -72.95 22.77 -64.01
N GLY B 600 -73.36 22.74 -62.74
CA GLY B 600 -74.12 21.65 -62.17
C GLY B 600 -73.30 20.45 -61.78
N SER B 601 -72.36 20.04 -62.62
CA SER B 601 -71.62 18.78 -62.42
C SER B 601 -70.67 18.92 -61.23
N TYR B 602 -71.26 18.93 -60.04
CA TYR B 602 -70.48 18.97 -58.80
C TYR B 602 -70.06 17.57 -58.37
N ASP B 603 -69.41 16.86 -59.29
CA ASP B 603 -69.02 15.47 -59.01
C ASP B 603 -67.97 15.39 -57.92
N GLY B 604 -67.02 16.32 -57.91
CA GLY B 604 -66.02 16.33 -56.86
C GLY B 604 -66.57 16.78 -55.52
N VAL B 605 -67.74 17.40 -55.52
CA VAL B 605 -68.33 17.85 -54.27
C VAL B 605 -68.69 16.67 -53.39
N LEU B 606 -69.38 15.68 -53.94
CA LEU B 606 -69.80 14.53 -53.13
C LEU B 606 -68.62 13.65 -52.77
N TYR B 607 -67.71 13.41 -53.71
CA TYR B 607 -66.63 12.46 -53.53
C TYR B 607 -65.45 13.03 -52.75
N GLU B 608 -65.65 14.12 -52.02
CA GLU B 608 -64.64 14.63 -51.10
C GLU B 608 -64.74 13.86 -49.80
N ASN B 609 -63.60 13.40 -49.28
CA ASN B 609 -63.58 12.51 -48.14
C ASN B 609 -62.96 13.13 -46.89
N LYS B 610 -62.20 14.21 -47.01
CA LYS B 610 -61.55 14.81 -45.87
C LYS B 610 -62.35 15.95 -45.25
N VAL B 611 -63.56 16.20 -45.74
CA VAL B 611 -64.41 17.26 -45.21
C VAL B 611 -65.49 16.64 -44.32
N ALA B 612 -66.20 17.50 -43.61
CA ALA B 612 -67.24 17.04 -42.69
C ALA B 612 -68.40 16.42 -43.46
N VAL B 613 -69.00 15.38 -42.87
CA VAL B 613 -70.08 14.66 -43.54
C VAL B 613 -71.34 15.50 -43.61
N ARG B 614 -71.71 16.16 -42.50
CA ARG B 614 -72.94 16.95 -42.50
C ARG B 614 -72.86 18.09 -43.50
N ASP B 615 -71.70 18.73 -43.61
CA ASP B 615 -71.54 19.80 -44.57
C ASP B 615 -71.75 19.29 -45.99
N ARG B 616 -71.17 18.13 -46.31
CA ARG B 616 -71.37 17.57 -47.64
C ARG B 616 -72.84 17.24 -47.89
N VAL B 617 -73.50 16.68 -46.88
CA VAL B 617 -74.91 16.33 -47.03
C VAL B 617 -75.73 17.59 -47.27
N ALA B 618 -75.44 18.65 -46.52
CA ALA B 618 -76.17 19.89 -46.68
C ALA B 618 -75.94 20.49 -48.07
N PHE B 619 -74.71 20.45 -48.55
CA PHE B 619 -74.43 20.98 -49.88
C PHE B 619 -75.19 20.18 -50.93
N ALA B 620 -75.19 18.85 -50.80
CA ALA B 620 -75.91 18.03 -51.76
C ALA B 620 -77.40 18.33 -51.73
N CYS B 621 -77.97 18.48 -50.54
CA CYS B 621 -79.41 18.74 -50.44
C CYS B 621 -79.77 20.11 -51.00
N LYS B 622 -78.96 21.11 -50.72
CA LYS B 622 -79.28 22.47 -51.14
C LYS B 622 -78.88 22.77 -52.58
N PHE B 623 -78.11 21.90 -53.21
CA PHE B 623 -77.67 22.16 -54.58
C PHE B 623 -78.14 21.09 -55.57
N LEU B 624 -78.00 19.81 -55.23
CA LEU B 624 -78.16 18.76 -56.22
C LEU B 624 -79.63 18.59 -56.63
N SER B 625 -79.82 17.87 -57.73
CA SER B 625 -81.15 17.57 -58.24
C SER B 625 -81.75 16.39 -57.46
N ASP B 626 -83.06 16.23 -57.59
CA ASP B 626 -83.77 15.23 -56.80
C ASP B 626 -83.22 13.82 -57.07
N THR B 627 -83.15 13.43 -58.34
CA THR B 627 -82.54 12.15 -58.66
C THR B 627 -81.07 12.12 -58.27
N GLN B 628 -80.36 13.22 -58.55
CA GLN B 628 -78.95 13.29 -58.18
C GLN B 628 -78.77 13.20 -56.66
N LEU B 629 -79.60 13.92 -55.91
CA LEU B 629 -79.50 13.87 -54.46
C LEU B 629 -79.81 12.47 -53.93
N ASN B 630 -80.85 11.84 -54.47
CA ASN B 630 -81.19 10.49 -54.02
C ASN B 630 -80.06 9.51 -54.29
N ARG B 631 -79.49 9.55 -55.49
CA ARG B 631 -78.39 8.65 -55.81
C ARG B 631 -77.18 8.92 -54.92
N TYR B 632 -76.86 10.20 -54.69
CA TYR B 632 -75.73 10.54 -53.85
C TYR B 632 -75.94 10.05 -52.42
N ILE B 633 -77.15 10.24 -51.89
CA ILE B 633 -77.45 9.77 -50.55
C ILE B 633 -77.31 8.27 -50.46
N GLU B 634 -77.84 7.56 -51.46
CA GLU B 634 -77.75 6.10 -51.44
C GLU B 634 -76.31 5.63 -51.45
N LYS B 635 -75.49 6.19 -52.35
CA LYS B 635 -74.10 5.76 -52.44
C LYS B 635 -73.32 6.11 -51.18
N LEU B 636 -73.56 7.30 -50.62
CA LEU B 636 -72.87 7.68 -49.39
C LEU B 636 -73.26 6.76 -48.25
N THR B 637 -74.55 6.42 -48.14
CA THR B 637 -74.99 5.51 -47.09
C THR B 637 -74.36 4.14 -47.25
N ASN B 638 -74.31 3.63 -48.48
CA ASN B 638 -73.68 2.34 -48.70
C ASN B 638 -72.21 2.37 -48.30
N GLU B 639 -71.50 3.43 -48.69
CA GLU B 639 -70.09 3.52 -48.34
C GLU B 639 -69.91 3.60 -46.83
N MET B 640 -70.73 4.41 -46.15
CA MET B 640 -70.61 4.55 -44.71
C MET B 640 -70.90 3.25 -43.99
N LYS B 641 -71.92 2.51 -44.45
CA LYS B 641 -72.23 1.22 -43.82
C LYS B 641 -71.10 0.23 -44.04
N GLU B 642 -70.53 0.21 -45.24
CA GLU B 642 -69.42 -0.70 -45.52
C GLU B 642 -68.22 -0.37 -44.66
N ALA B 643 -67.93 0.93 -44.46
CA ALA B 643 -66.74 1.32 -43.72
C ALA B 643 -66.92 1.13 -42.22
N GLY B 644 -67.92 1.81 -41.64
CA GLY B 644 -68.11 1.77 -40.21
C GLY B 644 -67.63 3.01 -39.48
N ASN B 645 -67.94 4.18 -40.03
CA ASN B 645 -67.57 5.45 -39.40
C ASN B 645 -68.71 5.98 -38.55
N LEU B 646 -68.37 6.47 -37.37
CA LEU B 646 -69.39 6.89 -36.41
C LEU B 646 -70.26 8.03 -36.97
N GLU B 647 -69.72 8.82 -37.90
CA GLU B 647 -70.50 9.89 -38.49
C GLU B 647 -71.72 9.38 -39.24
N GLY B 648 -71.61 8.23 -39.91
CA GLY B 648 -72.68 7.76 -40.77
C GLY B 648 -74.00 7.49 -40.07
N ILE B 649 -74.00 7.49 -38.74
CA ILE B 649 -75.25 7.26 -38.01
C ILE B 649 -76.27 8.34 -38.34
N LEU B 650 -75.78 9.56 -38.60
CA LEU B 650 -76.70 10.68 -38.86
C LEU B 650 -77.52 10.44 -40.12
N LEU B 651 -76.88 10.00 -41.19
CA LEU B 651 -77.63 9.71 -42.41
C LEU B 651 -78.39 8.40 -42.29
N THR B 652 -77.80 7.41 -41.61
CA THR B 652 -78.45 6.11 -41.49
C THR B 652 -79.66 6.17 -40.57
N GLY B 653 -79.55 6.87 -39.44
CA GLY B 653 -80.64 6.96 -38.50
C GLY B 653 -80.73 5.73 -37.61
N LEU B 654 -81.68 5.79 -36.68
CA LEU B 654 -81.89 4.69 -35.73
C LEU B 654 -82.89 3.73 -36.36
N THR B 655 -82.37 2.67 -36.98
CA THR B 655 -83.20 1.70 -37.66
C THR B 655 -82.43 0.40 -37.79
N LYS B 656 -82.95 -0.51 -38.62
CA LYS B 656 -82.23 -1.76 -38.91
C LYS B 656 -80.91 -1.46 -39.61
N ASP B 657 -80.91 -0.48 -40.51
CA ASP B 657 -79.65 0.00 -41.08
C ASP B 657 -78.77 0.58 -39.99
N GLY B 658 -79.36 1.29 -39.03
CA GLY B 658 -78.60 1.74 -37.88
C GLY B 658 -78.03 0.58 -37.09
N VAL B 659 -78.79 -0.51 -36.97
CA VAL B 659 -78.28 -1.69 -36.28
C VAL B 659 -77.07 -2.25 -37.01
N ASP B 660 -77.17 -2.34 -38.34
CA ASP B 660 -76.05 -2.86 -39.12
C ASP B 660 -74.82 -1.97 -38.98
N LEU B 661 -75.02 -0.66 -38.98
CA LEU B 661 -73.90 0.26 -38.78
C LEU B 661 -73.29 0.08 -37.40
N MET B 662 -74.13 -0.12 -36.38
CA MET B 662 -73.61 -0.33 -35.04
C MET B 662 -72.77 -1.60 -35.00
N GLU B 663 -73.24 -2.67 -35.63
CA GLU B 663 -72.46 -3.91 -35.68
C GLU B 663 -71.14 -3.68 -36.41
N SER B 664 -71.17 -2.91 -37.49
CA SER B 664 -69.94 -2.61 -38.21
C SER B 664 -68.96 -1.85 -37.31
N TYR B 665 -69.45 -0.87 -36.55
CA TYR B 665 -68.56 -0.11 -35.69
C TYR B 665 -68.00 -1.00 -34.59
N VAL B 666 -68.82 -1.89 -34.05
CA VAL B 666 -68.35 -2.82 -33.03
C VAL B 666 -67.23 -3.68 -33.60
N ASP B 667 -67.43 -4.20 -34.82
CA ASP B 667 -66.37 -4.99 -35.45
C ASP B 667 -65.11 -4.16 -35.62
N ARG B 668 -65.27 -2.90 -36.03
CA ARG B 668 -64.10 -2.06 -36.27
C ARG B 668 -63.32 -1.80 -34.99
N THR B 669 -64.01 -1.47 -33.90
CA THR B 669 -63.36 -1.14 -32.65
C THR B 669 -63.71 -2.11 -31.54
N GLY B 670 -64.99 -2.29 -31.24
CA GLY B 670 -65.42 -3.11 -30.13
C GLY B 670 -65.84 -2.36 -28.88
N ASP B 671 -65.88 -1.03 -28.92
CA ASP B 671 -66.34 -0.27 -27.77
C ASP B 671 -67.83 -0.51 -27.56
N VAL B 672 -68.20 -0.86 -26.32
CA VAL B 672 -69.57 -1.23 -26.01
C VAL B 672 -70.32 -0.10 -25.33
N GLN B 673 -69.71 0.50 -24.30
CA GLN B 673 -70.39 1.53 -23.52
C GLN B 673 -70.94 2.63 -24.41
N THR B 674 -70.09 3.18 -25.29
CA THR B 674 -70.57 4.17 -26.24
C THR B 674 -71.73 3.62 -27.05
N ALA B 675 -71.54 2.44 -27.64
CA ALA B 675 -72.61 1.83 -28.40
C ALA B 675 -73.81 1.52 -27.52
N SER B 676 -73.57 1.09 -26.29
CA SER B 676 -74.68 0.72 -25.42
C SER B 676 -75.60 1.92 -25.20
N TYR B 677 -75.04 3.03 -24.77
CA TYR B 677 -75.85 4.24 -24.63
C TYR B 677 -76.45 4.64 -25.96
N CYS B 678 -75.71 4.49 -27.06
CA CYS B 678 -76.18 4.95 -28.35
C CYS B 678 -77.46 4.23 -28.76
N MET B 679 -77.50 2.91 -28.59
CA MET B 679 -78.73 2.19 -28.85
C MET B 679 -79.85 2.62 -27.92
N LEU B 680 -79.51 3.15 -26.75
CA LEU B 680 -80.49 3.63 -25.78
C LEU B 680 -80.91 5.07 -26.06
N GLN B 681 -80.41 5.68 -27.13
CA GLN B 681 -80.80 7.05 -27.49
C GLN B 681 -82.17 7.01 -28.18
N GLY B 682 -83.17 6.63 -27.40
CA GLY B 682 -84.55 6.67 -27.87
C GLY B 682 -84.88 5.74 -29.01
N SER B 683 -84.40 4.50 -28.95
CA SER B 683 -84.75 3.53 -29.97
C SER B 683 -86.23 3.15 -29.88
N PRO B 684 -86.83 2.73 -30.98
CA PRO B 684 -88.22 2.26 -30.93
C PRO B 684 -88.30 0.84 -30.40
N LEU B 685 -89.54 0.40 -30.15
CA LEU B 685 -89.75 -0.93 -29.59
C LEU B 685 -89.19 -2.02 -30.51
N ASP B 686 -89.46 -1.92 -31.81
CA ASP B 686 -88.95 -2.91 -32.74
C ASP B 686 -87.42 -2.90 -32.77
N VAL B 687 -86.82 -1.72 -32.79
CA VAL B 687 -85.36 -1.62 -32.78
C VAL B 687 -84.82 -2.20 -31.48
N LEU B 688 -85.46 -1.87 -30.36
CA LEU B 688 -85.01 -2.39 -29.07
C LEU B 688 -85.19 -3.90 -28.98
N LYS B 689 -85.95 -4.49 -29.90
CA LYS B 689 -86.12 -5.94 -29.94
C LYS B 689 -85.03 -6.64 -30.75
N ASP B 690 -84.04 -5.90 -31.22
CA ASP B 690 -82.98 -6.51 -32.02
C ASP B 690 -82.15 -7.46 -31.18
N GLU B 691 -81.89 -8.65 -31.74
CA GLU B 691 -81.03 -9.61 -31.05
C GLU B 691 -79.62 -9.06 -30.87
N ARG B 692 -79.11 -8.37 -31.90
CA ARG B 692 -77.79 -7.77 -31.78
C ARG B 692 -77.75 -6.73 -30.67
N VAL B 693 -78.79 -5.90 -30.58
CA VAL B 693 -78.82 -4.86 -29.55
C VAL B 693 -78.86 -5.48 -28.16
N GLN B 694 -79.73 -6.46 -27.95
CA GLN B 694 -79.84 -7.09 -26.65
C GLN B 694 -78.54 -7.81 -26.28
N TYR B 695 -77.94 -8.52 -27.22
CA TYR B 695 -76.69 -9.20 -26.95
C TYR B 695 -75.58 -8.22 -26.61
N TRP B 696 -75.52 -7.10 -27.34
CA TRP B 696 -74.49 -6.11 -27.06
C TRP B 696 -74.70 -5.48 -25.68
N ILE B 697 -75.95 -5.17 -25.35
CA ILE B 697 -76.24 -4.63 -24.03
C ILE B 697 -75.86 -5.62 -22.95
N GLU B 698 -76.16 -6.90 -23.16
CA GLU B 698 -75.82 -7.91 -22.17
C GLU B 698 -74.31 -8.06 -22.03
N ASN B 699 -73.58 -7.99 -23.15
CA ASN B 699 -72.13 -8.05 -23.07
C ASN B 699 -71.58 -6.88 -22.29
N TYR B 700 -72.11 -5.67 -22.53
CA TYR B 700 -71.69 -4.52 -21.77
C TYR B 700 -72.00 -4.69 -20.30
N ARG B 701 -73.16 -5.26 -19.99
CA ARG B 701 -73.53 -5.51 -18.61
C ARG B 701 -72.56 -6.47 -17.94
N ASN B 702 -72.20 -7.55 -18.64
CA ASN B 702 -71.25 -8.50 -18.08
C ASN B 702 -69.89 -7.84 -17.85
N LEU B 703 -69.44 -7.05 -18.82
CA LEU B 703 -68.16 -6.36 -18.65
C LEU B 703 -68.22 -5.41 -17.48
N LEU B 704 -69.32 -4.66 -17.35
CA LEU B 704 -69.44 -3.71 -16.25
C LEU B 704 -69.51 -4.44 -14.91
N ASP B 705 -70.04 -5.66 -14.91
CA ASP B 705 -70.03 -6.45 -13.69
C ASP B 705 -68.62 -6.87 -13.32
N ALA B 706 -67.84 -7.35 -14.30
CA ALA B 706 -66.49 -7.81 -14.00
C ALA B 706 -65.59 -6.71 -13.48
N TRP B 707 -65.88 -5.45 -13.83
CA TRP B 707 -65.03 -4.34 -13.42
C TRP B 707 -65.19 -3.98 -11.95
N ARG B 708 -66.13 -4.62 -11.26
CA ARG B 708 -66.39 -4.46 -9.83
C ARG B 708 -66.97 -3.10 -9.49
N PHE B 709 -67.33 -2.30 -10.49
CA PHE B 709 -67.91 -0.98 -10.25
C PHE B 709 -69.35 -1.14 -9.75
N TRP B 710 -69.45 -1.39 -8.44
CA TRP B 710 -70.69 -1.89 -7.85
C TRP B 710 -71.85 -0.92 -8.06
N HIS B 711 -71.61 0.36 -7.81
CA HIS B 711 -72.74 1.28 -7.75
C HIS B 711 -73.07 1.82 -9.14
N LYS B 712 -72.34 1.36 -10.16
CA LYS B 712 -72.54 1.89 -11.50
C LYS B 712 -73.36 0.95 -12.38
N ARG B 713 -73.28 -0.36 -12.15
CA ARG B 713 -74.07 -1.29 -12.96
C ARG B 713 -75.56 -1.06 -12.75
N ALA B 714 -75.94 -0.74 -11.51
CA ALA B 714 -77.33 -0.38 -11.25
C ALA B 714 -77.73 0.86 -12.03
N GLU B 715 -76.80 1.77 -12.31
CA GLU B 715 -77.15 2.97 -13.08
C GLU B 715 -77.58 2.60 -14.49
N PHE B 716 -76.85 1.70 -15.14
CA PHE B 716 -77.26 1.22 -16.45
C PHE B 716 -78.58 0.49 -16.36
N ASP B 717 -78.77 -0.31 -15.31
CA ASP B 717 -80.06 -0.98 -15.13
C ASP B 717 -81.20 0.02 -14.99
N ILE B 718 -80.97 1.09 -14.23
CA ILE B 718 -81.98 2.11 -14.04
C ILE B 718 -82.32 2.78 -15.35
N HIS B 719 -81.29 3.10 -16.15
CA HIS B 719 -81.56 3.71 -17.45
C HIS B 719 -82.32 2.76 -18.36
N ARG B 720 -81.99 1.47 -18.31
CA ARG B 720 -82.70 0.50 -19.12
C ARG B 720 -84.17 0.42 -18.72
N SER B 721 -84.45 0.43 -17.42
CA SER B 721 -85.84 0.35 -16.96
C SER B 721 -86.59 1.64 -17.27
N LYS B 722 -85.91 2.79 -17.17
CA LYS B 722 -86.54 4.06 -17.45
C LYS B 722 -86.88 4.19 -18.93
N LEU B 723 -85.91 3.94 -19.80
CA LEU B 723 -86.15 4.06 -21.24
C LEU B 723 -87.16 3.04 -21.72
N ASP B 724 -87.07 1.80 -21.24
CA ASP B 724 -87.91 0.73 -21.76
C ASP B 724 -88.67 0.06 -20.64
N PRO B 725 -89.95 -0.25 -20.81
CA PRO B 725 -90.65 -1.02 -19.80
C PRO B 725 -90.59 -2.54 -19.94
N SER B 726 -89.84 -3.10 -20.89
CA SER B 726 -89.56 -4.52 -20.86
C SER B 726 -88.39 -4.87 -19.95
N SER B 727 -87.53 -3.90 -19.65
CA SER B 727 -86.38 -4.13 -18.78
C SER B 727 -86.74 -4.03 -17.30
N LYS B 728 -88.02 -4.15 -16.97
CA LYS B 728 -88.43 -4.11 -15.57
C LYS B 728 -87.87 -5.31 -14.82
N PRO B 729 -87.49 -5.13 -13.56
CA PRO B 729 -86.95 -6.24 -12.79
C PRO B 729 -88.05 -7.17 -12.30
N LEU B 730 -87.64 -8.41 -12.02
CA LEU B 730 -88.59 -9.40 -11.54
C LEU B 730 -88.96 -9.10 -10.09
N ALA B 731 -90.10 -9.66 -9.66
CA ALA B 731 -90.46 -9.55 -8.26
C ALA B 731 -89.44 -10.20 -7.34
N GLN B 732 -88.75 -11.25 -7.79
CA GLN B 732 -87.78 -11.96 -6.98
C GLN B 732 -88.41 -12.52 -5.71
N VAL B 733 -88.14 -11.90 -4.57
CA VAL B 733 -88.57 -12.41 -3.28
C VAL B 733 -90.08 -12.28 -3.13
N PHE B 734 -90.72 -13.36 -2.66
CA PHE B 734 -92.17 -13.42 -2.55
C PHE B 734 -92.54 -14.15 -1.26
N VAL B 735 -93.06 -13.41 -0.29
CA VAL B 735 -93.32 -13.96 1.04
C VAL B 735 -94.67 -14.68 0.98
N SER B 736 -94.62 -15.98 0.71
CA SER B 736 -95.80 -16.83 0.81
C SER B 736 -95.33 -18.26 0.98
N CYS B 737 -95.44 -18.79 2.20
CA CYS B 737 -94.94 -20.13 2.49
C CYS B 737 -95.46 -20.54 3.87
N ASN B 738 -94.99 -21.70 4.35
CA ASN B 738 -95.30 -22.24 5.67
C ASN B 738 -96.79 -22.55 5.74
N PHE B 739 -97.52 -22.07 6.75
CA PHE B 739 -98.88 -22.51 6.99
C PHE B 739 -99.93 -21.45 6.69
N CYS B 740 -99.50 -20.27 6.23
CA CYS B 740 -100.41 -19.14 6.06
C CYS B 740 -101.11 -18.81 7.37
N GLY B 741 -102.32 -19.34 7.56
CA GLY B 741 -103.07 -19.08 8.77
C GLY B 741 -103.88 -17.81 8.69
N LYS B 742 -104.75 -17.57 9.67
CA LYS B 742 -105.59 -16.38 9.67
C LYS B 742 -105.95 -15.98 11.09
N SER B 743 -106.74 -14.90 11.18
CA SER B 743 -107.12 -14.23 12.42
C SER B 743 -105.93 -13.51 13.03
N ILE B 744 -104.74 -13.73 12.45
CA ILE B 744 -103.54 -13.02 12.85
C ILE B 744 -102.71 -12.75 11.60
N SER B 745 -102.77 -11.51 11.10
CA SER B 745 -102.02 -11.13 9.92
C SER B 745 -101.65 -9.66 10.04
N TYR B 746 -100.68 -9.25 9.21
CA TYR B 746 -100.26 -7.85 9.20
C TYR B 746 -101.22 -6.99 8.39
N SER B 747 -101.30 -7.26 7.09
CA SER B 747 -102.12 -6.46 6.19
C SER B 747 -102.37 -7.18 4.87
N LYS B 780 -98.83 -18.04 12.24
CA LYS B 780 -99.69 -17.03 12.82
C LYS B 780 -99.31 -15.78 12.11
N PRO B 781 -98.08 -15.33 12.41
CA PRO B 781 -97.19 -14.24 11.99
C PRO B 781 -96.08 -14.82 11.17
N LEU B 782 -95.38 -13.97 10.47
CA LEU B 782 -94.28 -14.43 9.62
C LEU B 782 -92.91 -14.11 10.22
N PRO B 783 -92.60 -12.87 10.63
CA PRO B 783 -91.36 -12.66 11.39
C PRO B 783 -91.52 -12.87 12.88
N ARG B 784 -90.37 -12.85 13.56
CA ARG B 784 -90.25 -12.61 14.98
C ARG B 784 -88.82 -12.14 15.21
N CYS B 785 -88.65 -11.15 16.07
CA CYS B 785 -87.34 -10.60 16.39
C CYS B 785 -86.56 -11.57 17.27
N ALA B 786 -85.62 -12.29 16.68
CA ALA B 786 -84.87 -13.27 17.44
C ALA B 786 -84.06 -12.62 18.55
N LEU B 787 -83.83 -11.30 18.45
CA LEU B 787 -83.00 -10.56 19.39
C LEU B 787 -83.79 -9.50 20.14
N CYS B 788 -85.06 -9.25 19.77
CA CYS B 788 -85.96 -8.43 20.57
C CYS B 788 -87.34 -9.04 20.75
N LEU B 789 -87.69 -10.08 19.99
CA LEU B 789 -88.98 -10.78 20.09
C LEU B 789 -90.15 -9.82 20.01
N ILE B 790 -90.04 -8.90 19.05
CA ILE B 790 -91.07 -7.96 18.66
C ILE B 790 -91.48 -8.26 17.22
N ASN B 791 -92.77 -8.39 16.99
CA ASN B 791 -93.27 -8.63 15.63
C ASN B 791 -92.81 -7.51 14.71
N MET B 792 -92.29 -7.89 13.54
CA MET B 792 -91.72 -6.91 12.63
C MET B 792 -92.81 -6.05 12.01
N GLY B 793 -92.42 -4.86 11.58
CA GLY B 793 -93.36 -3.90 11.02
C GLY B 793 -93.79 -2.80 11.97
N THR B 794 -93.26 -2.75 13.18
CA THR B 794 -93.66 -1.73 14.14
C THR B 794 -93.07 -0.38 13.74
N PRO B 795 -93.72 0.74 14.09
CA PRO B 795 -93.20 2.06 13.73
C PRO B 795 -91.95 2.44 14.51
N ALA B 818 -81.35 6.21 9.35
CA ALA B 818 -81.48 4.99 10.12
C ALA B 818 -82.73 4.21 9.73
N GLN B 819 -83.38 4.63 8.64
CA GLN B 819 -84.56 3.92 8.16
C GLN B 819 -84.23 2.50 7.75
N PHE B 820 -83.09 2.30 7.09
CA PHE B 820 -82.64 0.95 6.75
C PHE B 820 -82.39 0.11 8.00
N ASN B 821 -82.08 0.74 9.12
CA ASN B 821 -81.85 0.01 10.37
C ASN B 821 -83.13 -0.57 10.95
N ASN B 822 -84.30 -0.20 10.42
CA ASN B 822 -85.56 -0.70 10.93
C ASN B 822 -86.11 -1.87 10.11
N TRP B 823 -85.43 -2.29 9.05
CA TRP B 823 -85.89 -3.41 8.27
C TRP B 823 -85.63 -4.72 9.00
N PHE B 824 -86.00 -5.83 8.35
CA PHE B 824 -85.82 -7.16 8.93
C PHE B 824 -85.11 -8.07 7.95
N THR B 825 -84.03 -8.69 8.41
CA THR B 825 -83.24 -9.61 7.59
C THR B 825 -83.75 -11.04 7.75
N TRP B 826 -83.41 -11.87 6.78
CA TRP B 826 -83.78 -13.28 6.80
C TRP B 826 -82.58 -14.11 6.39
N CYS B 827 -82.57 -15.37 6.80
CA CYS B 827 -81.44 -16.26 6.58
C CYS B 827 -81.79 -17.30 5.53
N HIS B 828 -81.00 -17.37 4.46
CA HIS B 828 -81.21 -18.41 3.46
C HIS B 828 -80.92 -19.79 4.02
N ASN B 829 -79.85 -19.92 4.81
CA ASN B 829 -79.47 -21.18 5.41
C ASN B 829 -79.97 -21.34 6.84
N CYS B 830 -79.71 -20.33 7.68
CA CYS B 830 -80.02 -20.45 9.11
C CYS B 830 -81.51 -20.51 9.38
N ARG B 831 -82.35 -20.23 8.38
CA ARG B 831 -83.80 -20.26 8.52
C ARG B 831 -84.25 -19.37 9.69
N HIS B 832 -83.58 -18.25 9.85
CA HIS B 832 -83.81 -17.38 10.99
C HIS B 832 -83.78 -15.93 10.52
N GLY B 833 -84.03 -15.03 11.45
CA GLY B 833 -84.00 -13.61 11.12
C GLY B 833 -84.29 -12.78 12.35
N GLY B 834 -84.23 -11.47 12.17
CA GLY B 834 -84.47 -10.56 13.27
C GLY B 834 -84.29 -9.12 12.84
N HIS B 835 -84.35 -8.22 13.82
CA HIS B 835 -84.22 -6.80 13.53
C HIS B 835 -82.87 -6.49 12.91
N ALA B 836 -82.86 -5.62 11.89
CA ALA B 836 -81.64 -5.36 11.14
C ALA B 836 -80.56 -4.74 12.03
N GLY B 837 -80.92 -3.74 12.83
CA GLY B 837 -79.95 -3.17 13.75
C GLY B 837 -79.53 -4.15 14.82
N HIS B 838 -80.49 -4.86 15.39
CA HIS B 838 -80.18 -5.87 16.40
C HIS B 838 -79.28 -6.95 15.83
N MET B 839 -79.60 -7.44 14.63
CA MET B 839 -78.76 -8.45 14.00
C MET B 839 -77.37 -7.89 13.70
N LEU B 840 -77.29 -6.66 13.22
CA LEU B 840 -75.99 -6.07 12.93
C LEU B 840 -75.13 -5.98 14.19
N SER B 841 -75.70 -5.48 15.28
CA SER B 841 -74.95 -5.35 16.52
C SER B 841 -74.53 -6.69 17.07
N TRP B 842 -75.46 -7.66 17.09
CA TRP B 842 -75.14 -8.97 17.64
C TRP B 842 -74.07 -9.68 16.81
N PHE B 843 -74.17 -9.59 15.48
CA PHE B 843 -73.17 -10.23 14.64
C PHE B 843 -71.83 -9.51 14.71
N ARG B 844 -71.85 -8.19 14.97
CA ARG B 844 -70.60 -7.50 15.23
C ARG B 844 -69.95 -7.99 16.52
N ASP B 845 -70.75 -8.14 17.59
CA ASP B 845 -70.22 -8.63 18.86
C ASP B 845 -70.11 -10.15 18.87
N HIS B 846 -71.25 -10.84 18.79
CA HIS B 846 -71.30 -12.29 18.77
C HIS B 846 -71.07 -12.82 17.36
N ALA B 847 -70.70 -14.09 17.27
CA ALA B 847 -70.31 -14.71 16.00
C ALA B 847 -70.96 -16.08 15.81
N GLU B 848 -72.26 -16.18 16.04
CA GLU B 848 -72.97 -17.44 15.85
C GLU B 848 -74.43 -17.14 15.55
N CYS B 849 -75.17 -18.17 15.18
CA CYS B 849 -76.59 -18.01 14.91
C CYS B 849 -77.31 -17.64 16.20
N PRO B 850 -77.69 -16.37 16.39
CA PRO B 850 -78.50 -16.03 17.57
C PRO B 850 -79.81 -16.77 17.60
N VAL B 851 -80.23 -17.35 16.47
CA VAL B 851 -81.35 -18.28 16.46
C VAL B 851 -81.10 -19.36 17.49
N SER B 852 -82.09 -19.60 18.34
CA SER B 852 -81.85 -20.38 19.53
C SER B 852 -81.51 -21.83 19.17
N ALA B 853 -80.48 -22.36 19.84
CA ALA B 853 -80.01 -23.72 19.62
C ALA B 853 -79.70 -23.98 18.16
N CYS B 854 -79.11 -22.99 17.50
CA CYS B 854 -78.74 -23.08 16.09
C CYS B 854 -77.24 -22.88 15.93
N THR B 855 -76.72 -23.25 14.77
CA THR B 855 -75.31 -23.14 14.48
C THR B 855 -75.00 -22.50 13.14
N CYS B 856 -76.00 -22.28 12.28
CA CYS B 856 -75.76 -21.79 10.94
C CYS B 856 -75.59 -20.27 10.95
N LYS B 857 -74.40 -19.81 10.57
CA LYS B 857 -74.12 -18.39 10.52
C LYS B 857 -74.99 -17.71 9.48
N CYS B 858 -76.02 -16.98 9.93
CA CYS B 858 -76.95 -16.35 9.02
C CYS B 858 -76.33 -15.22 8.21
N MET B 859 -75.19 -14.70 8.63
CA MET B 859 -74.54 -13.65 7.86
C MET B 859 -73.10 -13.98 7.49
N GLN B 860 -72.35 -14.61 8.39
CA GLN B 860 -70.95 -14.94 8.13
C GLN B 860 -70.84 -16.22 7.30
N LEU B 861 -71.54 -16.22 6.17
CA LEU B 861 -71.51 -17.33 5.24
C LEU B 861 -71.04 -16.92 3.84
N ASP B 862 -71.43 -15.74 3.37
CA ASP B 862 -70.92 -15.24 2.10
C ASP B 862 -69.50 -14.71 2.23
N THR B 863 -69.16 -14.12 3.37
CA THR B 863 -67.83 -13.58 3.65
C THR B 863 -67.41 -12.56 2.59
N THR B 864 -68.17 -11.47 2.53
CA THR B 864 -67.89 -10.41 1.57
C THR B 864 -66.67 -9.61 1.99
N VAL C 15 -60.74 -116.74 44.96
CA VAL C 15 -60.46 -115.35 45.29
C VAL C 15 -61.14 -114.96 46.58
N LEU C 16 -60.36 -114.53 47.57
CA LEU C 16 -60.91 -114.12 48.85
C LEU C 16 -61.81 -112.89 48.65
N THR C 17 -62.94 -112.89 49.34
CA THR C 17 -63.94 -111.83 49.20
C THR C 17 -64.43 -111.41 50.58
N GLY C 18 -63.91 -110.28 51.07
CA GLY C 18 -64.31 -109.79 52.38
C GLY C 18 -64.43 -108.29 52.37
N ARG C 19 -65.33 -107.78 53.19
CA ARG C 19 -65.55 -106.35 53.31
C ARG C 19 -64.65 -105.78 54.41
N THR C 20 -64.90 -104.54 54.82
CA THR C 20 -64.20 -103.94 55.95
C THR C 20 -65.05 -104.11 57.21
N MET C 21 -64.67 -105.08 58.03
CA MET C 21 -65.36 -105.37 59.28
C MET C 21 -64.34 -105.42 60.41
N HIS C 22 -64.80 -105.08 61.62
CA HIS C 22 -63.96 -105.10 62.80
C HIS C 22 -64.70 -105.85 63.91
N CYS C 23 -64.15 -106.98 64.33
CA CYS C 23 -64.73 -107.73 65.43
C CYS C 23 -64.18 -107.21 66.75
N HIS C 24 -64.67 -107.80 67.84
CA HIS C 24 -64.34 -107.32 69.18
C HIS C 24 -63.61 -108.39 69.97
N LEU C 25 -62.70 -107.93 70.83
CA LEU C 25 -62.00 -108.78 71.78
C LEU C 25 -62.20 -108.21 73.17
N ASP C 26 -62.17 -109.09 74.17
CA ASP C 26 -62.35 -108.67 75.55
C ASP C 26 -61.03 -108.27 76.20
N ALA C 27 -59.90 -108.70 75.65
CA ALA C 27 -58.60 -108.40 76.22
C ALA C 27 -57.63 -107.92 75.16
N PRO C 28 -56.73 -107.00 75.50
CA PRO C 28 -55.76 -106.49 74.53
C PRO C 28 -54.83 -107.60 74.03
N ALA C 29 -54.39 -107.49 72.79
CA ALA C 29 -53.58 -108.51 72.15
C ALA C 29 -52.22 -107.93 71.74
N ASN C 30 -51.27 -108.83 71.52
CA ASN C 30 -49.92 -108.41 71.16
C ASN C 30 -49.36 -109.10 69.92
N ALA C 31 -50.01 -110.14 69.38
CA ALA C 31 -49.42 -110.82 68.23
C ALA C 31 -50.48 -111.58 67.45
N ILE C 32 -50.32 -111.62 66.13
CA ILE C 32 -51.21 -112.31 65.19
C ILE C 32 -50.36 -113.24 64.33
N SER C 33 -50.94 -114.37 63.95
CA SER C 33 -50.34 -115.24 62.95
C SER C 33 -51.42 -115.78 62.02
N VAL C 34 -51.04 -116.13 60.80
CA VAL C 34 -51.98 -116.52 59.76
C VAL C 34 -51.60 -117.89 59.20
N CYS C 35 -52.56 -118.80 59.12
CA CYS C 35 -52.33 -120.15 58.63
C CYS C 35 -52.25 -120.16 57.11
N ARG C 36 -51.83 -121.29 56.55
CA ARG C 36 -51.66 -121.44 55.12
C ARG C 36 -52.97 -121.50 54.36
N ASP C 37 -54.07 -121.81 55.03
CA ASP C 37 -55.37 -121.93 54.40
C ASP C 37 -56.12 -120.59 54.34
N ALA C 38 -55.61 -119.55 54.99
CA ALA C 38 -56.24 -118.24 54.99
C ALA C 38 -57.70 -118.31 55.43
N ALA C 39 -57.98 -119.13 56.43
CA ALA C 39 -59.36 -119.28 56.90
C ALA C 39 -59.46 -118.94 58.39
N GLN C 40 -58.39 -119.16 59.14
CA GLN C 40 -58.37 -118.90 60.57
C GLN C 40 -57.11 -118.11 60.92
N VAL C 41 -57.23 -117.29 61.96
CA VAL C 41 -56.15 -116.41 62.40
C VAL C 41 -55.95 -116.59 63.90
N VAL C 42 -54.70 -116.60 64.33
CA VAL C 42 -54.36 -116.63 65.75
C VAL C 42 -54.21 -115.20 66.24
N VAL C 43 -54.87 -114.89 67.36
CA VAL C 43 -54.73 -113.61 68.03
C VAL C 43 -54.49 -113.87 69.51
N ALA C 44 -53.45 -113.25 70.05
CA ALA C 44 -52.99 -113.58 71.39
C ALA C 44 -52.26 -112.39 71.99
N GLY C 45 -52.26 -112.34 73.32
CA GLY C 45 -51.56 -111.30 74.03
C GLY C 45 -51.08 -111.79 75.37
N ARG C 46 -51.26 -110.97 76.41
CA ARG C 46 -50.92 -111.39 77.76
C ARG C 46 -52.05 -112.16 78.44
N SER C 47 -53.31 -111.82 78.15
CA SER C 47 -54.43 -112.49 78.79
C SER C 47 -55.47 -112.96 77.78
N ILE C 48 -55.05 -113.30 76.57
CA ILE C 48 -55.98 -113.84 75.58
C ILE C 48 -55.20 -114.81 74.69
N PHE C 49 -55.78 -115.96 74.41
CA PHE C 49 -55.14 -116.94 73.54
C PHE C 49 -56.17 -117.64 72.66
N LYS C 50 -57.14 -116.90 72.14
CA LYS C 50 -58.18 -117.50 71.31
C LYS C 50 -57.70 -117.72 69.88
N ILE C 51 -58.59 -118.33 69.09
CA ILE C 51 -58.42 -118.51 67.66
C ILE C 51 -59.69 -118.01 66.98
N TYR C 52 -59.55 -117.36 65.82
CA TYR C 52 -60.68 -116.84 65.09
C TYR C 52 -60.65 -117.36 63.67
N ALA C 53 -61.83 -117.57 63.10
CA ALA C 53 -61.98 -118.11 61.76
C ALA C 53 -62.56 -117.04 60.85
N ILE C 54 -61.98 -116.88 59.66
CA ILE C 54 -62.41 -115.85 58.73
C ILE C 54 -63.51 -116.41 57.85
N GLU C 55 -64.66 -115.74 57.85
CA GLU C 55 -65.79 -116.12 57.03
C GLU C 55 -65.93 -115.13 55.87
N GLU C 56 -66.95 -115.37 55.02
CA GLU C 56 -67.19 -114.48 53.89
C GLU C 56 -67.69 -113.12 54.34
N GLU C 57 -68.48 -113.09 55.42
CA GLU C 57 -69.12 -111.87 55.88
C GLU C 57 -68.61 -111.39 57.23
N GLN C 58 -68.66 -112.23 58.26
CA GLN C 58 -68.20 -111.84 59.59
C GLN C 58 -67.47 -112.99 60.24
N PHE C 59 -66.32 -112.68 60.85
CA PHE C 59 -65.57 -113.67 61.60
C PHE C 59 -66.20 -113.87 62.97
N VAL C 60 -66.23 -115.11 63.43
CA VAL C 60 -66.89 -115.47 64.68
C VAL C 60 -65.94 -116.29 65.53
N GLU C 61 -66.19 -116.28 66.83
CA GLU C 61 -65.35 -117.03 67.77
C GLU C 61 -65.45 -118.52 67.48
N LYS C 62 -64.32 -119.21 67.58
CA LYS C 62 -64.25 -120.61 67.21
C LYS C 62 -63.72 -121.52 68.31
N LEU C 63 -62.70 -121.09 69.06
CA LEU C 63 -62.07 -121.95 70.04
C LEU C 63 -61.25 -121.10 71.00
N ASN C 64 -61.11 -121.57 72.23
CA ASN C 64 -60.36 -120.87 73.28
C ASN C 64 -59.25 -121.76 73.79
N LEU C 65 -58.00 -121.44 73.44
CA LEU C 65 -56.88 -122.28 73.84
C LEU C 65 -56.50 -122.05 75.30
N ARG C 66 -56.64 -120.82 75.77
CA ARG C 66 -56.35 -120.49 77.16
C ARG C 66 -57.52 -120.93 78.02
N VAL C 67 -57.46 -122.16 78.53
CA VAL C 67 -58.57 -122.70 79.29
C VAL C 67 -58.11 -123.32 80.62
N GLY C 68 -56.87 -123.03 81.02
CA GLY C 68 -56.37 -123.54 82.29
C GLY C 68 -57.16 -123.00 83.46
N ARG C 69 -57.22 -123.80 84.54
CA ARG C 69 -58.05 -123.45 85.69
C ARG C 69 -57.52 -122.21 86.41
N LYS C 70 -56.22 -121.99 86.39
CA LYS C 70 -55.61 -120.87 87.10
C LYS C 70 -54.80 -120.03 86.13
N PRO C 71 -54.68 -118.73 86.38
CA PRO C 71 -53.90 -117.86 85.46
C PRO C 71 -52.40 -118.01 85.66
N SER C 72 -51.86 -119.15 85.20
CA SER C 72 -50.44 -119.39 85.32
C SER C 72 -49.66 -118.49 84.37
N LEU C 73 -48.35 -118.42 84.60
CA LEU C 73 -47.54 -117.44 83.90
C LEU C 73 -47.08 -117.95 82.54
N ASN C 74 -47.21 -119.25 82.28
CA ASN C 74 -46.84 -119.74 80.96
C ASN C 74 -48.03 -119.74 80.01
N LEU C 75 -48.78 -118.65 79.97
CA LEU C 75 -49.77 -118.40 78.93
C LEU C 75 -49.70 -116.99 78.39
N SER C 76 -49.08 -116.05 79.09
CA SER C 76 -49.01 -114.66 78.66
C SER C 76 -48.02 -114.57 77.52
N CYS C 77 -48.48 -114.91 76.33
CA CYS C 77 -47.62 -114.95 75.16
C CYS C 77 -47.19 -113.54 74.75
N ALA C 78 -46.11 -113.49 73.98
CA ALA C 78 -45.68 -112.26 73.34
C ALA C 78 -45.42 -112.42 71.86
N ASP C 79 -45.42 -113.65 71.34
CA ASP C 79 -45.19 -113.89 69.92
C ASP C 79 -45.71 -115.29 69.59
N VAL C 80 -46.57 -115.38 68.59
CA VAL C 80 -47.21 -116.63 68.20
C VAL C 80 -46.97 -116.85 66.72
N VAL C 81 -46.60 -118.07 66.36
CA VAL C 81 -46.37 -118.43 64.96
C VAL C 81 -47.09 -119.74 64.65
N TRP C 82 -47.78 -119.77 63.53
CA TRP C 82 -48.36 -120.98 62.98
C TRP C 82 -47.35 -121.61 62.03
N HIS C 83 -47.77 -122.61 61.28
CA HIS C 83 -46.90 -123.33 60.36
C HIS C 83 -47.59 -123.44 59.01
N GLN C 84 -46.79 -123.53 57.94
CA GLN C 84 -47.34 -123.40 56.60
C GLN C 84 -47.59 -124.73 55.90
N MET C 85 -47.12 -125.84 56.46
CA MET C 85 -47.36 -127.16 55.89
C MET C 85 -48.02 -128.13 56.85
N ASP C 86 -48.07 -127.81 58.14
CA ASP C 86 -48.76 -128.64 59.12
C ASP C 86 -49.70 -127.75 59.92
N GLU C 87 -50.98 -127.76 59.55
CA GLU C 87 -51.97 -126.88 60.16
C GLU C 87 -52.27 -127.21 61.61
N ASN C 88 -51.84 -128.37 62.09
CA ASN C 88 -52.06 -128.77 63.47
C ASN C 88 -50.99 -128.27 64.43
N LEU C 89 -49.84 -127.86 63.93
CA LEU C 89 -48.74 -127.40 64.76
C LEU C 89 -48.89 -125.91 65.10
N LEU C 90 -48.49 -125.57 66.32
CA LEU C 90 -48.49 -124.18 66.78
C LEU C 90 -47.34 -124.01 67.76
N ALA C 91 -46.94 -122.75 67.97
CA ALA C 91 -45.80 -122.46 68.83
C ALA C 91 -45.89 -121.00 69.27
N THR C 92 -45.30 -120.71 70.42
CA THR C 92 -45.40 -119.39 71.03
C THR C 92 -44.26 -119.17 72.01
N ALA C 93 -44.10 -117.92 72.44
CA ALA C 93 -43.13 -117.54 73.45
C ALA C 93 -43.85 -116.90 74.63
N ALA C 94 -43.64 -117.46 75.82
CA ALA C 94 -44.23 -116.93 77.04
C ALA C 94 -43.28 -115.87 77.60
N THR C 95 -43.82 -114.97 78.42
CA THR C 95 -43.09 -113.81 78.89
C THR C 95 -41.76 -114.20 79.54
N ASN C 96 -41.82 -114.93 80.66
CA ASN C 96 -40.62 -115.58 81.18
C ASN C 96 -40.37 -116.87 80.43
N GLY C 97 -39.11 -117.14 80.11
CA GLY C 97 -38.78 -118.00 79.00
C GLY C 97 -39.43 -119.36 79.02
N VAL C 98 -40.46 -119.50 78.19
CA VAL C 98 -41.14 -120.78 78.01
C VAL C 98 -41.52 -120.91 76.54
N VAL C 99 -40.72 -121.65 75.78
CA VAL C 99 -41.03 -121.90 74.37
C VAL C 99 -41.94 -123.11 74.36
N VAL C 100 -43.23 -122.88 74.57
CA VAL C 100 -44.23 -123.93 74.67
C VAL C 100 -44.88 -124.15 73.32
N THR C 101 -44.85 -125.37 72.83
CA THR C 101 -45.41 -125.74 71.55
C THR C 101 -46.77 -126.39 71.74
N TRP C 102 -47.66 -126.22 70.76
CA TRP C 102 -49.02 -126.73 70.85
C TRP C 102 -49.33 -127.52 69.59
N ASN C 103 -49.81 -128.74 69.76
CA ASN C 103 -50.21 -129.61 68.65
C ASN C 103 -51.69 -129.97 68.83
N LEU C 104 -52.53 -129.48 67.92
CA LEU C 104 -53.96 -129.69 68.03
C LEU C 104 -54.38 -131.12 67.74
N GLY C 105 -53.46 -131.96 67.25
CA GLY C 105 -53.81 -133.35 66.97
C GLY C 105 -54.30 -134.10 68.19
N ARG C 106 -53.66 -133.89 69.33
CA ARG C 106 -54.12 -134.50 70.55
C ARG C 106 -55.48 -133.92 70.92
N PRO C 107 -56.53 -134.73 71.04
CA PRO C 107 -57.87 -134.19 71.25
C PRO C 107 -58.17 -133.89 72.71
N SER C 108 -57.14 -133.88 73.54
CA SER C 108 -57.30 -133.70 74.98
C SER C 108 -57.40 -132.22 75.33
N ARG C 109 -58.39 -131.55 74.73
CA ARG C 109 -58.79 -130.21 75.14
C ARG C 109 -57.61 -129.24 75.04
N ASN C 110 -56.86 -129.06 76.14
CA ASN C 110 -55.72 -128.16 76.13
C ASN C 110 -54.57 -128.81 75.37
N LYS C 111 -54.57 -128.65 74.05
CA LYS C 111 -53.67 -129.41 73.20
C LYS C 111 -52.25 -128.90 73.33
N GLN C 112 -51.64 -129.14 74.49
CA GLN C 112 -50.26 -128.75 74.71
C GLN C 112 -49.31 -129.85 74.23
N ASP C 113 -48.03 -129.52 74.26
CA ASP C 113 -46.99 -130.40 73.75
C ASP C 113 -45.73 -130.13 74.55
N GLN C 114 -44.58 -130.50 73.99
CA GLN C 114 -43.28 -130.32 74.63
C GLN C 114 -43.14 -128.93 75.23
N LEU C 115 -42.99 -128.88 76.55
CA LEU C 115 -42.79 -127.63 77.27
C LEU C 115 -41.30 -127.38 77.42
N PHE C 116 -40.87 -126.15 77.14
CA PHE C 116 -39.48 -125.77 77.22
C PHE C 116 -39.32 -124.69 78.28
N THR C 117 -38.25 -124.80 79.07
CA THR C 117 -37.97 -123.83 80.11
C THR C 117 -36.47 -123.53 80.16
N GLU C 118 -35.72 -123.97 79.16
CA GLU C 118 -34.27 -123.98 79.19
C GLU C 118 -33.66 -122.65 78.75
N HIS C 119 -34.38 -121.54 78.88
CA HIS C 119 -33.83 -120.22 78.59
C HIS C 119 -33.79 -119.42 79.87
N LYS C 120 -32.97 -118.37 79.86
CA LYS C 120 -32.69 -117.60 81.06
C LYS C 120 -33.65 -116.44 81.31
N ARG C 121 -33.86 -115.57 80.33
CA ARG C 121 -34.68 -114.38 80.55
C ARG C 121 -35.75 -114.32 79.46
N THR C 122 -36.44 -113.17 79.41
CA THR C 122 -37.59 -113.00 78.52
C THR C 122 -37.22 -113.28 77.06
N VAL C 123 -37.91 -114.26 76.48
CA VAL C 123 -37.82 -114.49 75.05
C VAL C 123 -38.62 -113.41 74.31
N ASN C 124 -38.24 -113.15 73.06
CA ASN C 124 -38.85 -112.07 72.31
C ASN C 124 -39.62 -112.55 71.08
N LYS C 125 -39.00 -113.34 70.22
CA LYS C 125 -39.75 -113.84 69.07
C LYS C 125 -39.34 -115.26 68.74
N VAL C 126 -40.27 -116.01 68.15
CA VAL C 126 -40.04 -117.36 67.73
C VAL C 126 -40.23 -117.40 66.22
N CYS C 127 -39.82 -118.49 65.58
CA CYS C 127 -39.89 -118.59 64.13
C CYS C 127 -40.19 -120.03 63.74
N PHE C 128 -40.01 -120.33 62.45
CA PHE C 128 -40.15 -121.68 61.91
C PHE C 128 -39.43 -121.73 60.56
N HIS C 129 -39.02 -122.91 60.18
CA HIS C 129 -38.48 -123.08 58.84
C HIS C 129 -39.62 -123.26 57.85
N PRO C 130 -39.72 -122.42 56.82
CA PRO C 130 -40.82 -122.58 55.84
C PRO C 130 -40.68 -123.83 54.97
N THR C 131 -39.67 -124.66 55.19
CA THR C 131 -39.47 -125.87 54.42
C THR C 131 -39.56 -127.14 55.25
N GLU C 132 -39.08 -127.12 56.48
CA GLU C 132 -39.14 -128.26 57.39
C GLU C 132 -40.14 -127.97 58.51
N ALA C 133 -40.63 -129.05 59.13
CA ALA C 133 -41.62 -128.94 60.20
C ALA C 133 -41.05 -129.36 61.55
N HIS C 134 -39.76 -129.63 61.64
CA HIS C 134 -39.14 -130.07 62.89
C HIS C 134 -38.21 -129.04 63.52
N VAL C 135 -37.53 -128.24 62.71
CA VAL C 135 -36.51 -127.32 63.21
C VAL C 135 -37.15 -126.04 63.68
N LEU C 136 -36.75 -125.59 64.86
CA LEU C 136 -37.34 -124.44 65.54
C LEU C 136 -36.23 -123.50 65.98
N LEU C 137 -36.53 -122.20 65.95
CA LEU C 137 -35.60 -121.16 66.38
C LEU C 137 -36.23 -120.37 67.53
N SER C 138 -35.41 -119.53 68.15
CA SER C 138 -35.87 -118.67 69.24
C SER C 138 -34.83 -117.60 69.49
N GLY C 139 -35.27 -116.53 70.16
CA GLY C 139 -34.38 -115.42 70.48
C GLY C 139 -34.86 -114.62 71.67
N SER C 140 -33.95 -114.29 72.59
CA SER C 140 -34.35 -113.75 73.88
C SER C 140 -33.45 -112.59 74.24
N GLN C 141 -33.54 -112.15 75.51
CA GLN C 141 -32.89 -110.92 75.94
C GLN C 141 -31.41 -111.14 76.24
N ASP C 142 -30.96 -112.39 76.27
CA ASP C 142 -29.62 -112.72 76.74
C ASP C 142 -28.57 -112.57 75.67
N GLY C 143 -28.91 -112.03 74.50
CA GLY C 143 -28.01 -112.13 73.37
C GLY C 143 -27.80 -113.57 72.95
N PHE C 144 -28.85 -114.38 73.02
CA PHE C 144 -28.79 -115.79 72.70
C PHE C 144 -29.80 -116.11 71.60
N MET C 145 -29.69 -117.33 71.06
CA MET C 145 -30.62 -117.79 70.03
C MET C 145 -30.82 -119.28 70.26
N LYS C 146 -31.96 -119.64 70.84
CA LYS C 146 -32.22 -121.02 71.23
C LYS C 146 -32.74 -121.79 70.02
N CYS C 147 -31.94 -122.74 69.55
CA CYS C 147 -32.38 -123.65 68.49
C CYS C 147 -32.85 -124.96 69.10
N PHE C 148 -33.75 -125.64 68.40
CA PHE C 148 -34.33 -126.87 68.91
C PHE C 148 -34.64 -127.81 67.75
N ASP C 149 -34.81 -129.08 68.10
CA ASP C 149 -35.31 -130.10 67.18
C ASP C 149 -36.54 -130.72 67.81
N LEU C 150 -37.64 -130.74 67.06
CA LEU C 150 -38.90 -131.26 67.59
C LEU C 150 -38.95 -132.77 67.64
N ARG C 151 -37.82 -133.45 67.45
CA ARG C 151 -37.71 -134.87 67.75
C ARG C 151 -37.57 -135.13 69.25
N ARG C 152 -37.79 -134.09 70.05
CA ARG C 152 -37.81 -134.13 71.51
C ARG C 152 -36.41 -134.22 72.10
N LYS C 153 -35.39 -134.43 71.26
CA LYS C 153 -33.95 -134.39 71.51
C LYS C 153 -33.50 -133.89 72.89
N ASP C 154 -32.49 -133.02 72.90
CA ASP C 154 -32.19 -132.19 74.06
C ASP C 154 -32.19 -130.70 73.72
N SER C 155 -31.42 -130.32 72.70
CA SER C 155 -31.35 -128.97 72.16
C SER C 155 -30.78 -129.09 70.75
N VAL C 156 -30.36 -127.97 70.17
CA VAL C 156 -29.65 -128.11 68.90
C VAL C 156 -28.28 -127.43 68.92
N SER C 157 -28.25 -126.10 68.93
CA SER C 157 -27.01 -125.40 68.62
C SER C 157 -26.87 -124.04 69.31
N THR C 158 -27.37 -123.91 70.55
CA THR C 158 -27.51 -122.61 71.22
C THR C 158 -26.32 -121.68 70.96
N PHE C 159 -26.62 -120.50 70.44
CA PHE C 159 -25.60 -119.59 69.95
C PHE C 159 -25.24 -118.54 71.00
N SER C 160 -24.11 -117.87 70.76
CA SER C 160 -23.68 -116.74 71.58
C SER C 160 -23.70 -115.49 70.71
N GLY C 161 -24.64 -114.61 70.98
CA GLY C 161 -24.80 -113.43 70.12
C GLY C 161 -23.75 -112.37 70.38
N GLN C 162 -23.28 -112.28 71.63
CA GLN C 162 -22.32 -111.28 72.04
C GLN C 162 -22.85 -109.87 71.76
N SER C 163 -24.13 -109.69 72.08
CA SER C 163 -24.82 -108.41 71.91
C SER C 163 -25.89 -108.27 72.97
N GLU C 164 -26.83 -107.34 72.77
CA GLU C 164 -27.92 -107.13 73.71
C GLU C 164 -29.16 -107.84 73.17
N SER C 165 -30.31 -107.56 73.79
CA SER C 165 -31.54 -108.32 73.55
C SER C 165 -31.83 -108.52 72.07
N VAL C 166 -32.13 -109.76 71.71
CA VAL C 166 -32.39 -110.14 70.32
C VAL C 166 -33.87 -109.96 70.03
N ARG C 167 -34.19 -109.51 68.83
CA ARG C 167 -35.57 -109.28 68.43
C ARG C 167 -35.75 -109.65 66.96
N ASP C 168 -36.97 -110.04 66.60
CA ASP C 168 -37.35 -110.32 65.21
C ASP C 168 -36.36 -111.27 64.55
N VAL C 169 -36.34 -112.50 65.04
CA VAL C 169 -35.40 -113.49 64.54
C VAL C 169 -35.65 -113.78 63.07
N GLN C 170 -36.81 -114.36 62.75
CA GLN C 170 -37.18 -114.71 61.38
C GLN C 170 -36.18 -115.65 60.71
N PHE C 171 -36.43 -115.98 59.45
CA PHE C 171 -35.72 -117.03 58.74
C PHE C 171 -35.81 -116.74 57.25
N SER C 172 -34.86 -117.27 56.49
CA SER C 172 -34.82 -117.00 55.05
C SER C 172 -36.02 -117.61 54.35
N ILE C 173 -36.27 -117.12 53.13
CA ILE C 173 -37.44 -117.52 52.35
C ILE C 173 -37.05 -118.47 51.22
N ARG C 174 -36.23 -118.00 50.28
CA ARG C 174 -35.85 -118.84 49.14
C ARG C 174 -34.80 -119.88 49.51
N ASP C 175 -33.86 -119.53 50.39
CA ASP C 175 -32.79 -120.43 50.76
C ASP C 175 -33.25 -121.38 51.86
N TYR C 176 -32.34 -122.24 52.30
CA TYR C 176 -32.65 -123.20 53.35
C TYR C 176 -31.77 -123.07 54.59
N PHE C 177 -30.59 -122.48 54.47
CA PHE C 177 -29.63 -122.46 55.56
C PHE C 177 -29.35 -121.08 56.11
N THR C 178 -29.62 -120.03 55.34
CA THR C 178 -29.40 -118.67 55.81
C THR C 178 -30.35 -118.35 56.96
N PHE C 179 -29.93 -117.45 57.84
CA PHE C 179 -30.69 -117.11 59.04
C PHE C 179 -30.12 -115.85 59.64
N ALA C 180 -30.95 -114.84 59.83
CA ALA C 180 -30.53 -113.53 60.32
C ALA C 180 -31.22 -113.23 61.65
N SER C 181 -30.74 -112.17 62.31
CA SER C 181 -31.27 -111.77 63.61
C SER C 181 -30.75 -110.38 63.93
N THR C 182 -31.63 -109.52 64.44
CA THR C 182 -31.31 -108.12 64.69
C THR C 182 -31.30 -107.85 66.18
N PHE C 183 -30.41 -106.96 66.62
CA PHE C 183 -30.13 -106.75 68.03
C PHE C 183 -30.60 -105.37 68.50
N GLU C 184 -30.35 -105.10 69.77
CA GLU C 184 -30.87 -103.92 70.46
C GLU C 184 -29.95 -102.71 70.43
N ASN C 185 -28.64 -102.92 70.31
CA ASN C 185 -27.72 -101.79 70.17
C ASN C 185 -27.51 -101.35 68.72
N GLY C 186 -27.98 -102.12 67.74
CA GLY C 186 -28.01 -101.64 66.39
C GLY C 186 -27.20 -102.36 65.32
N ASN C 187 -27.03 -103.67 65.43
CA ASN C 187 -26.40 -104.45 64.37
C ASN C 187 -27.29 -105.62 63.96
N VAL C 188 -27.16 -106.03 62.71
CA VAL C 188 -27.84 -107.21 62.17
C VAL C 188 -26.77 -108.21 61.75
N GLN C 189 -27.10 -109.49 61.87
CA GLN C 189 -26.16 -110.57 61.61
C GLN C 189 -26.77 -111.57 60.63
N LEU C 190 -25.99 -112.59 60.31
CA LEU C 190 -26.42 -113.66 59.42
C LEU C 190 -25.64 -114.91 59.75
N TRP C 191 -26.34 -116.02 59.93
CA TRP C 191 -25.73 -117.25 60.42
C TRP C 191 -25.97 -118.39 59.45
N ASP C 192 -25.54 -119.58 59.88
CA ASP C 192 -25.79 -120.82 59.19
C ASP C 192 -25.98 -121.90 60.26
N ILE C 193 -26.92 -122.81 60.02
CA ILE C 193 -27.18 -123.85 61.00
C ILE C 193 -25.96 -124.75 61.16
N ARG C 194 -25.36 -125.18 60.04
CA ARG C 194 -24.26 -126.13 60.10
C ARG C 194 -22.99 -125.53 60.71
N ARG C 195 -22.87 -124.22 60.77
CA ARG C 195 -21.69 -123.54 61.32
C ARG C 195 -22.14 -122.62 62.44
N PRO C 196 -22.30 -123.13 63.65
CA PRO C 196 -22.84 -122.33 64.76
C PRO C 196 -21.82 -121.56 65.58
N ASP C 197 -20.58 -121.45 65.12
CA ASP C 197 -19.53 -120.82 65.93
C ASP C 197 -19.39 -119.33 65.65
N ARG C 198 -19.48 -118.91 64.39
CA ARG C 198 -19.22 -117.54 64.01
C ARG C 198 -20.33 -117.00 63.12
N CYS C 199 -20.64 -115.72 63.28
CA CYS C 199 -21.62 -115.05 62.44
C CYS C 199 -21.00 -114.77 61.07
N GLU C 200 -21.69 -115.19 60.02
CA GLU C 200 -21.11 -115.12 58.67
C GLU C 200 -20.95 -113.68 58.22
N ARG C 201 -21.91 -112.82 58.58
CA ARG C 201 -21.93 -111.44 58.11
C ARG C 201 -22.12 -110.49 59.28
N MET C 202 -21.42 -109.36 59.23
CA MET C 202 -21.41 -108.37 60.29
C MET C 202 -21.57 -106.99 59.69
N PHE C 203 -22.61 -106.27 60.12
CA PHE C 203 -22.86 -104.93 59.61
C PHE C 203 -23.80 -104.15 60.52
N THR C 204 -23.40 -102.95 60.91
CA THR C 204 -24.27 -102.09 61.69
C THR C 204 -25.33 -101.45 60.79
N ALA C 205 -26.51 -101.24 61.35
CA ALA C 205 -27.67 -100.84 60.55
C ALA C 205 -28.30 -99.54 61.04
N HIS C 206 -28.42 -99.35 62.34
CA HIS C 206 -29.19 -98.25 62.89
C HIS C 206 -28.42 -97.53 63.98
N ASN C 207 -29.02 -96.45 64.48
CA ASN C 207 -28.50 -95.70 65.62
C ASN C 207 -29.41 -95.88 66.83
N GLY C 208 -29.88 -97.10 67.03
CA GLY C 208 -30.77 -97.43 68.12
C GLY C 208 -31.24 -98.87 68.04
N PRO C 209 -32.27 -99.20 68.82
CA PRO C 209 -32.80 -100.58 68.79
C PRO C 209 -33.47 -100.92 67.48
N VAL C 210 -33.01 -102.01 66.87
CA VAL C 210 -33.60 -102.52 65.63
C VAL C 210 -34.81 -103.36 66.03
N PHE C 211 -36.00 -102.85 65.74
CA PHE C 211 -37.25 -103.45 66.19
C PHE C 211 -37.90 -104.38 65.18
N CYS C 212 -37.35 -104.50 63.97
CA CYS C 212 -38.05 -105.20 62.91
C CYS C 212 -37.07 -105.75 61.89
N CYS C 213 -37.55 -106.67 61.08
CA CYS C 213 -36.77 -107.36 60.06
C CYS C 213 -37.73 -108.19 59.21
N ASP C 214 -37.51 -108.21 57.89
CA ASP C 214 -38.26 -109.13 57.04
C ASP C 214 -37.55 -109.16 55.69
N TRP C 215 -37.66 -110.31 55.01
CA TRP C 215 -37.04 -110.52 53.71
C TRP C 215 -37.88 -109.94 52.58
N HIS C 216 -37.51 -110.29 51.35
CA HIS C 216 -38.35 -109.98 50.20
C HIS C 216 -38.78 -111.27 49.54
N PRO C 217 -40.07 -111.57 49.47
CA PRO C 217 -40.51 -112.81 48.82
C PRO C 217 -40.07 -112.93 47.37
N GLU C 218 -40.06 -111.83 46.63
CA GLU C 218 -39.73 -111.86 45.22
C GLU C 218 -38.22 -111.74 45.00
N ASP C 219 -37.63 -110.63 45.44
CA ASP C 219 -36.21 -110.38 45.22
C ASP C 219 -35.39 -111.11 46.28
N ARG C 220 -34.39 -111.86 45.85
CA ARG C 220 -33.54 -112.61 46.78
C ARG C 220 -32.47 -111.67 47.31
N GLY C 221 -32.24 -111.72 48.61
CA GLY C 221 -31.16 -110.96 49.20
C GLY C 221 -31.51 -109.53 49.54
N TRP C 222 -32.78 -109.14 49.37
CA TRP C 222 -33.19 -107.76 49.60
C TRP C 222 -33.87 -107.69 50.96
N LEU C 223 -33.05 -107.56 52.00
CA LEU C 223 -33.50 -107.51 53.38
C LEU C 223 -33.86 -106.06 53.76
N ALA C 224 -34.91 -105.92 54.57
CA ALA C 224 -35.37 -104.60 54.99
C ALA C 224 -35.58 -104.55 56.49
N THR C 225 -34.87 -103.66 57.16
CA THR C 225 -34.88 -103.54 58.60
C THR C 225 -35.49 -102.22 59.04
N GLY C 226 -36.12 -102.21 60.21
CA GLY C 226 -36.64 -101.00 60.81
C GLY C 226 -36.15 -100.88 62.24
N GLY C 227 -36.21 -99.66 62.76
CA GLY C 227 -35.70 -99.42 64.09
C GLY C 227 -36.33 -98.21 64.75
N ARG C 228 -35.86 -97.93 65.96
CA ARG C 228 -36.31 -96.76 66.71
C ARG C 228 -35.76 -95.47 66.11
N ASP C 229 -34.82 -95.56 65.17
CA ASP C 229 -34.30 -94.38 64.48
C ASP C 229 -35.37 -93.64 63.69
N LYS C 230 -36.60 -94.17 63.63
CA LYS C 230 -37.65 -93.68 62.75
C LYS C 230 -37.23 -93.74 61.29
N MET C 231 -36.44 -94.77 60.95
CA MET C 231 -36.04 -95.02 59.58
C MET C 231 -36.39 -96.45 59.21
N VAL C 232 -36.44 -96.72 57.91
CA VAL C 232 -36.62 -98.06 57.38
C VAL C 232 -35.72 -98.20 56.17
N LYS C 233 -34.78 -99.15 56.23
CA LYS C 233 -33.71 -99.26 55.27
C LYS C 233 -33.70 -100.64 54.62
N VAL C 234 -33.58 -100.67 53.31
CA VAL C 234 -33.55 -101.92 52.56
C VAL C 234 -32.13 -102.14 52.07
N TRP C 235 -31.60 -103.35 52.30
CA TRP C 235 -30.19 -103.64 52.09
C TRP C 235 -30.02 -104.67 50.97
N ASP C 236 -28.91 -104.56 50.25
CA ASP C 236 -28.59 -105.47 49.16
C ASP C 236 -27.52 -106.44 49.64
N MET C 237 -27.88 -107.72 49.70
CA MET C 237 -26.99 -108.76 50.18
C MET C 237 -26.38 -109.59 49.05
N THR C 238 -26.56 -109.17 47.80
CA THR C 238 -25.94 -109.88 46.69
C THR C 238 -24.42 -109.75 46.75
N THR C 239 -23.91 -108.56 47.07
CA THR C 239 -22.49 -108.35 47.16
C THR C 239 -21.96 -108.87 48.49
N HIS C 240 -20.65 -108.74 48.69
CA HIS C 240 -20.03 -109.15 49.94
C HIS C 240 -20.19 -108.11 51.04
N ARG C 241 -20.75 -106.95 50.74
CA ARG C 241 -20.89 -105.86 51.69
C ARG C 241 -22.36 -105.53 51.90
N ALA C 242 -22.65 -104.70 52.90
CA ALA C 242 -24.00 -104.26 53.22
C ALA C 242 -24.31 -103.02 52.40
N LYS C 243 -24.94 -103.21 51.24
CA LYS C 243 -25.19 -102.13 50.30
C LYS C 243 -26.61 -101.63 50.50
N GLU C 244 -26.75 -100.33 50.70
CA GLU C 244 -28.06 -99.70 50.85
C GLU C 244 -28.65 -99.39 49.48
N MET C 245 -29.98 -99.47 49.40
CA MET C 245 -30.65 -99.16 48.15
C MET C 245 -31.63 -98.02 48.37
N HIS C 246 -32.33 -98.02 49.52
CA HIS C 246 -33.31 -96.98 49.77
C HIS C 246 -33.31 -96.67 51.26
N CYS C 247 -34.19 -95.74 51.64
CA CYS C 247 -34.37 -95.37 53.04
C CYS C 247 -35.66 -94.57 53.16
N VAL C 248 -36.48 -94.89 54.16
CA VAL C 248 -37.79 -94.27 54.34
C VAL C 248 -37.83 -93.62 55.71
N GLN C 249 -38.11 -92.31 55.74
CA GLN C 249 -38.29 -91.57 56.98
C GLN C 249 -39.76 -91.60 57.38
N THR C 250 -40.02 -91.86 58.66
CA THR C 250 -41.37 -92.02 59.17
C THR C 250 -41.61 -91.06 60.35
N ILE C 251 -42.76 -91.24 60.99
CA ILE C 251 -43.17 -90.32 62.06
C ILE C 251 -42.60 -90.75 63.41
N ALA C 252 -42.62 -92.04 63.71
CA ALA C 252 -42.21 -92.52 65.01
C ALA C 252 -41.47 -93.83 64.83
N SER C 253 -41.21 -94.52 65.93
CA SER C 253 -40.46 -95.76 65.90
C SER C 253 -41.22 -96.82 65.11
N VAL C 254 -40.47 -97.64 64.39
CA VAL C 254 -41.02 -98.66 63.50
C VAL C 254 -41.02 -99.99 64.23
N ALA C 255 -42.19 -100.59 64.39
CA ALA C 255 -42.32 -101.85 65.10
C ALA C 255 -42.25 -103.05 64.16
N ARG C 256 -43.15 -103.10 63.18
CA ARG C 256 -43.24 -104.23 62.26
C ARG C 256 -43.08 -103.74 60.83
N VAL C 257 -42.28 -104.45 60.04
CA VAL C 257 -42.12 -104.16 58.62
C VAL C 257 -42.57 -105.38 57.85
N LYS C 258 -43.61 -105.22 57.04
CA LYS C 258 -44.20 -106.31 56.29
C LYS C 258 -44.23 -105.97 54.81
N TRP C 259 -43.89 -106.95 53.97
CA TRP C 259 -43.88 -106.77 52.53
C TRP C 259 -45.18 -107.29 51.93
N ARG C 260 -45.79 -106.46 51.09
CA ARG C 260 -46.99 -106.88 50.37
C ARG C 260 -46.61 -107.86 49.26
N PRO C 261 -47.38 -108.91 49.05
CA PRO C 261 -47.03 -109.90 48.01
C PRO C 261 -47.42 -109.42 46.63
N GLU C 262 -46.76 -110.02 45.63
CA GLU C 262 -47.03 -109.81 44.21
C GLU C 262 -46.66 -108.41 43.73
N CYS C 263 -46.19 -107.57 44.63
CA CYS C 263 -45.59 -106.29 44.26
C CYS C 263 -44.14 -106.30 44.72
N ARG C 264 -43.38 -105.32 44.24
CA ARG C 264 -41.95 -105.27 44.51
C ARG C 264 -41.50 -104.03 45.25
N HIS C 265 -42.40 -103.08 45.53
CA HIS C 265 -41.96 -101.81 46.10
C HIS C 265 -42.90 -101.26 47.15
N HIS C 266 -43.68 -102.09 47.82
CA HIS C 266 -44.56 -101.61 48.86
C HIS C 266 -44.31 -102.31 50.18
N LEU C 267 -44.37 -101.55 51.27
CA LEU C 267 -44.21 -102.08 52.63
C LEU C 267 -45.49 -101.92 53.42
N ALA C 268 -45.42 -102.20 54.73
CA ALA C 268 -46.52 -101.90 55.64
C ALA C 268 -45.91 -101.83 57.03
N THR C 269 -45.89 -100.64 57.62
CA THR C 269 -45.22 -100.40 58.88
C THR C 269 -46.17 -99.82 59.91
N CYS C 270 -46.08 -100.31 61.13
CA CYS C 270 -46.87 -99.81 62.25
C CYS C 270 -45.94 -99.19 63.29
N SER C 271 -46.43 -98.14 63.94
CA SER C 271 -45.68 -97.40 64.93
C SER C 271 -45.73 -98.13 66.27
N MET C 272 -44.93 -97.63 67.22
CA MET C 272 -44.84 -98.21 68.55
C MET C 272 -45.42 -97.32 69.64
N MET C 273 -45.32 -96.00 69.51
CA MET C 273 -46.00 -95.09 70.43
C MET C 273 -46.57 -93.91 69.66
N VAL C 274 -47.49 -93.22 70.33
CA VAL C 274 -48.18 -92.04 69.80
C VAL C 274 -49.01 -92.39 68.57
N ASP C 275 -48.35 -92.77 67.48
CA ASP C 275 -49.06 -93.02 66.23
C ASP C 275 -49.82 -94.34 66.29
N HIS C 276 -51.08 -94.32 65.82
CA HIS C 276 -51.94 -95.49 65.81
C HIS C 276 -52.23 -95.95 64.38
N ASN C 277 -51.46 -95.48 63.40
CA ASN C 277 -51.85 -95.61 62.01
C ASN C 277 -50.91 -96.52 61.25
N ILE C 278 -51.47 -97.36 60.40
CA ILE C 278 -50.69 -98.16 59.47
C ILE C 278 -50.43 -97.34 58.22
N TYR C 279 -49.23 -97.50 57.65
CA TYR C 279 -48.86 -96.81 56.42
C TYR C 279 -48.29 -97.83 55.44
N VAL C 280 -48.62 -97.67 54.17
CA VAL C 280 -48.12 -98.54 53.11
C VAL C 280 -47.16 -97.69 52.29
N TRP C 281 -45.88 -97.74 52.64
CA TRP C 281 -44.90 -96.89 51.98
C TRP C 281 -44.46 -97.52 50.66
N ASP C 282 -44.18 -96.65 49.69
CA ASP C 282 -43.56 -97.05 48.43
C ASP C 282 -42.07 -96.77 48.55
N VAL C 283 -41.27 -97.82 48.38
CA VAL C 283 -39.84 -97.68 48.65
C VAL C 283 -39.23 -96.68 47.68
N ARG C 284 -39.83 -96.53 46.50
CA ARG C 284 -39.36 -95.53 45.55
C ARG C 284 -39.70 -94.13 46.03
N ARG C 285 -40.93 -93.92 46.52
CA ARG C 285 -41.34 -92.60 47.00
C ARG C 285 -41.32 -92.61 48.51
N PRO C 286 -40.27 -92.11 49.16
CA PRO C 286 -40.10 -92.32 50.61
C PRO C 286 -40.60 -91.20 51.49
N PHE C 287 -41.20 -90.14 50.96
CA PHE C 287 -41.55 -88.98 51.76
C PHE C 287 -43.02 -88.89 52.11
N VAL C 288 -43.92 -89.43 51.28
CA VAL C 288 -45.35 -89.35 51.49
C VAL C 288 -45.93 -90.75 51.37
N PRO C 289 -46.72 -91.22 52.33
CA PRO C 289 -47.22 -92.60 52.26
C PRO C 289 -48.18 -92.80 51.11
N ALA C 290 -48.20 -94.02 50.58
CA ALA C 290 -49.16 -94.36 49.52
C ALA C 290 -50.55 -94.59 50.09
N ALA C 291 -50.65 -95.34 51.19
CA ALA C 291 -51.94 -95.66 51.81
C ALA C 291 -51.90 -95.34 53.30
N MET C 292 -53.06 -95.47 53.94
CA MET C 292 -53.23 -95.07 55.33
C MET C 292 -54.51 -95.67 55.87
N PHE C 293 -54.44 -96.29 57.04
CA PHE C 293 -55.60 -96.83 57.74
C PHE C 293 -55.72 -96.18 59.11
N GLU C 294 -56.96 -95.90 59.53
CA GLU C 294 -57.20 -95.03 60.67
C GLU C 294 -58.36 -95.58 61.52
N GLU C 295 -58.54 -96.90 61.51
CA GLU C 295 -59.60 -97.53 62.30
C GLU C 295 -58.94 -98.24 63.48
N HIS C 296 -58.67 -97.48 64.54
CA HIS C 296 -58.08 -97.99 65.77
C HIS C 296 -58.16 -96.87 66.81
N ARG C 297 -57.73 -97.18 68.03
CA ARG C 297 -57.75 -96.19 69.09
C ARG C 297 -56.44 -96.17 69.88
N ASP C 298 -55.70 -97.27 69.83
CA ASP C 298 -54.38 -97.38 70.45
C ASP C 298 -53.39 -97.83 69.39
N VAL C 299 -52.16 -98.15 69.83
CA VAL C 299 -51.12 -98.52 68.88
C VAL C 299 -51.42 -99.91 68.33
N THR C 300 -51.19 -100.09 67.03
CA THR C 300 -51.45 -101.38 66.42
C THR C 300 -50.23 -102.28 66.60
N THR C 301 -50.42 -103.36 67.35
CA THR C 301 -49.29 -104.19 67.74
C THR C 301 -48.82 -105.08 66.60
N GLY C 302 -49.75 -105.59 65.80
CA GLY C 302 -49.39 -106.59 64.80
C GLY C 302 -49.90 -106.22 63.43
N ILE C 303 -49.10 -106.56 62.43
CA ILE C 303 -49.47 -106.41 61.03
C ILE C 303 -49.16 -107.72 60.32
N ALA C 304 -50.20 -108.35 59.79
CA ALA C 304 -50.04 -109.63 59.13
C ALA C 304 -50.89 -109.64 57.87
N TRP C 305 -50.45 -110.43 56.90
CA TRP C 305 -51.18 -110.56 55.65
C TRP C 305 -52.38 -111.48 55.86
N ARG C 306 -53.04 -111.86 54.77
CA ARG C 306 -54.00 -112.94 54.77
C ARG C 306 -53.75 -113.84 53.56
N HIS C 307 -52.69 -113.59 52.81
CA HIS C 307 -52.56 -114.13 51.47
C HIS C 307 -51.37 -115.08 51.37
N PRO C 308 -51.49 -116.15 50.61
CA PRO C 308 -50.29 -116.80 50.11
C PRO C 308 -49.64 -115.82 49.14
N HIS C 309 -50.44 -115.38 48.17
CA HIS C 309 -50.08 -114.26 47.30
C HIS C 309 -51.39 -113.67 46.75
N ASP C 310 -51.85 -112.59 47.39
CA ASP C 310 -52.91 -111.75 46.84
C ASP C 310 -52.57 -110.31 47.20
N PRO C 311 -53.05 -109.35 46.42
CA PRO C 311 -52.50 -107.99 46.55
C PRO C 311 -53.15 -107.11 47.61
N SER C 312 -54.40 -107.37 48.00
CA SER C 312 -55.15 -106.32 48.68
C SER C 312 -55.93 -106.82 49.88
N PHE C 313 -55.31 -107.61 50.76
CA PHE C 313 -55.97 -108.00 52.00
C PHE C 313 -54.96 -108.01 53.14
N LEU C 314 -55.23 -107.21 54.17
CA LEU C 314 -54.33 -107.02 55.30
C LEU C 314 -55.08 -107.20 56.60
N LEU C 315 -54.49 -107.94 57.53
CA LEU C 315 -55.01 -108.13 58.88
C LEU C 315 -54.24 -107.27 59.86
N SER C 316 -54.81 -107.09 61.05
CA SER C 316 -54.21 -106.19 62.02
C SER C 316 -54.69 -106.57 63.42
N GLY C 317 -54.01 -106.03 64.43
CA GLY C 317 -54.36 -106.23 65.81
C GLY C 317 -53.68 -105.22 66.71
N SER C 318 -54.38 -104.71 67.71
CA SER C 318 -53.89 -103.58 68.49
C SER C 318 -54.02 -103.85 69.98
N LYS C 319 -53.78 -102.81 70.76
CA LYS C 319 -53.88 -102.86 72.22
C LYS C 319 -55.20 -102.32 72.75
N ASP C 320 -56.16 -102.05 71.87
CA ASP C 320 -57.49 -101.60 72.25
C ASP C 320 -58.47 -102.77 72.33
N SER C 321 -57.96 -104.00 72.21
CA SER C 321 -58.77 -105.21 72.10
C SER C 321 -59.63 -105.17 70.84
N SER C 322 -58.97 -105.10 69.69
CA SER C 322 -59.63 -105.10 68.40
C SER C 322 -58.82 -105.92 67.40
N LEU C 323 -59.51 -106.41 66.37
CA LEU C 323 -58.93 -107.21 65.30
C LEU C 323 -59.73 -106.96 64.03
N CYS C 324 -59.06 -106.50 62.99
CA CYS C 324 -59.79 -106.07 61.79
C CYS C 324 -59.00 -106.43 60.54
N GLN C 325 -59.74 -106.56 59.44
CA GLN C 325 -59.21 -106.90 58.13
C GLN C 325 -59.26 -105.65 57.26
N HIS C 326 -58.27 -105.48 56.40
CA HIS C 326 -58.21 -104.27 55.60
C HIS C 326 -58.27 -104.57 54.11
N LEU C 327 -58.54 -103.53 53.32
CA LEU C 327 -58.63 -103.62 51.87
C LEU C 327 -57.91 -102.42 51.29
N PHE C 328 -57.12 -102.65 50.24
CA PHE C 328 -56.40 -101.54 49.61
C PHE C 328 -57.35 -100.47 49.09
N ARG C 329 -58.50 -100.90 48.56
CA ARG C 329 -59.43 -99.95 47.94
C ARG C 329 -59.99 -98.95 48.94
N ASP C 330 -60.34 -99.40 50.15
CA ASP C 330 -60.98 -98.52 51.12
C ASP C 330 -60.00 -97.63 51.87
N ALA C 331 -58.70 -97.80 51.65
CA ALA C 331 -57.71 -97.03 52.39
C ALA C 331 -57.88 -95.54 52.11
N SER C 332 -57.74 -94.74 53.18
CA SER C 332 -57.87 -93.28 53.07
C SER C 332 -56.62 -92.73 52.40
N GLN C 333 -56.68 -92.55 51.09
CA GLN C 333 -55.52 -92.11 50.32
C GLN C 333 -55.28 -90.62 50.54
N PRO C 334 -54.14 -90.22 51.11
CA PRO C 334 -53.93 -88.80 51.41
C PRO C 334 -53.34 -87.99 50.26
N VAL C 335 -52.59 -88.64 49.37
CA VAL C 335 -51.93 -87.92 48.29
C VAL C 335 -52.95 -87.30 47.35
N GLU C 336 -54.08 -87.98 47.13
CA GLU C 336 -55.10 -87.48 46.23
C GLU C 336 -55.89 -86.30 46.80
N ARG C 337 -55.70 -85.97 48.08
CA ARG C 337 -56.48 -84.93 48.73
C ARG C 337 -55.58 -83.96 49.49
N ALA C 338 -54.55 -83.45 48.80
CA ALA C 338 -53.61 -82.50 49.38
C ALA C 338 -53.59 -81.22 48.57
N ASN C 339 -53.06 -80.16 49.17
CA ASN C 339 -52.96 -78.87 48.51
C ASN C 339 -51.70 -78.82 47.65
N PRO C 340 -51.81 -78.65 46.33
CA PRO C 340 -50.64 -78.70 45.46
C PRO C 340 -50.02 -77.36 45.11
N GLU C 341 -50.56 -76.24 45.58
CA GLU C 341 -50.11 -74.94 45.12
C GLU C 341 -49.82 -74.02 46.29
N GLY C 342 -49.17 -72.90 45.98
CA GLY C 342 -48.90 -71.85 46.96
C GLY C 342 -48.34 -70.59 46.34
N LEU C 343 -48.94 -69.44 46.66
CA LEU C 343 -48.47 -68.18 46.11
C LEU C 343 -48.63 -67.07 47.15
N CYS C 344 -47.82 -66.03 46.99
CA CYS C 344 -47.82 -64.90 47.90
C CYS C 344 -47.35 -63.67 47.13
N TYR C 345 -47.77 -62.51 47.62
CA TYR C 345 -47.40 -61.23 47.01
C TYR C 345 -46.14 -60.66 47.65
N GLY C 346 -45.40 -59.90 46.86
CA GLY C 346 -44.19 -59.24 47.32
C GLY C 346 -44.45 -57.79 47.67
N LEU C 347 -43.35 -57.08 47.92
CA LEU C 347 -43.46 -55.66 48.29
C LEU C 347 -43.88 -54.80 47.10
N PHE C 348 -43.15 -54.89 46.00
CA PHE C 348 -43.45 -54.05 44.85
C PHE C 348 -44.39 -54.76 43.88
N GLY C 349 -43.93 -55.85 43.31
CA GLY C 349 -44.80 -56.90 42.82
C GLY C 349 -43.93 -58.08 42.47
N ASP C 350 -44.17 -59.21 43.13
CA ASP C 350 -43.29 -60.36 43.02
C ASP C 350 -44.08 -61.65 43.13
N LEU C 351 -45.23 -61.72 42.46
CA LEU C 351 -46.07 -62.91 42.61
C LEU C 351 -45.27 -64.18 42.34
N ALA C 352 -45.05 -64.98 43.38
CA ALA C 352 -44.29 -66.21 43.29
C ALA C 352 -45.26 -67.37 43.32
N PHE C 353 -45.22 -68.20 42.30
CA PHE C 353 -46.21 -69.25 42.11
C PHE C 353 -45.53 -70.61 42.13
N ALA C 354 -46.13 -71.56 42.83
CA ALA C 354 -45.64 -72.93 42.90
C ALA C 354 -46.81 -73.88 42.68
N ALA C 355 -46.60 -74.89 41.83
CA ALA C 355 -47.65 -75.84 41.51
C ALA C 355 -47.02 -77.13 41.01
N LYS C 356 -47.82 -78.19 41.00
CA LYS C 356 -47.32 -79.50 40.60
C LYS C 356 -46.84 -79.47 39.14
N GLU C 357 -45.91 -80.36 38.83
CA GLU C 357 -45.46 -80.52 37.45
C GLU C 357 -46.57 -81.06 36.54
N SER C 358 -47.64 -81.60 37.12
CA SER C 358 -48.78 -82.07 36.34
C SER C 358 -49.88 -81.04 36.24
N LEU C 359 -49.67 -79.83 36.79
CA LEU C 359 -50.62 -78.74 36.67
C LEU C 359 -50.15 -77.64 35.75
N VAL C 360 -48.87 -77.63 35.38
CA VAL C 360 -48.33 -76.59 34.50
C VAL C 360 -47.87 -77.13 33.15
N ALA C 361 -47.66 -78.43 33.02
CA ALA C 361 -47.23 -79.00 31.75
C ALA C 361 -48.43 -79.34 30.87
N GLY C 391 -44.18 -88.68 37.51
CA GLY C 391 -44.25 -87.31 37.06
C GLY C 391 -45.27 -86.48 37.81
N LEU C 392 -45.45 -86.79 39.10
CA LEU C 392 -46.42 -86.09 39.93
C LEU C 392 -45.85 -85.75 41.30
N ALA C 393 -44.54 -85.90 41.49
CA ALA C 393 -43.91 -85.63 42.78
C ALA C 393 -42.87 -84.51 42.68
N SER C 394 -43.20 -83.45 41.95
CA SER C 394 -42.30 -82.32 41.79
C SER C 394 -43.11 -81.06 41.56
N SER C 395 -42.47 -79.92 41.75
CA SER C 395 -43.10 -78.62 41.59
C SER C 395 -42.21 -77.73 40.75
N ALA C 396 -42.77 -76.60 40.32
CA ALA C 396 -42.04 -75.60 39.56
C ALA C 396 -42.18 -74.26 40.27
N LEU C 397 -41.09 -73.50 40.32
CA LEU C 397 -41.06 -72.22 41.00
C LEU C 397 -40.79 -71.13 39.98
N SER C 398 -41.60 -70.08 40.01
CA SER C 398 -41.45 -68.96 39.08
C SER C 398 -41.99 -67.70 39.74
N VAL C 399 -41.41 -66.56 39.41
CA VAL C 399 -41.80 -65.29 40.00
C VAL C 399 -42.31 -64.39 38.88
N PHE C 400 -43.58 -64.00 38.98
CA PHE C 400 -44.13 -63.02 38.06
C PHE C 400 -43.95 -61.63 38.65
N GLU C 401 -43.59 -60.67 37.81
CA GLU C 401 -43.46 -59.29 38.27
C GLU C 401 -43.93 -58.30 37.22
N MET C 409 -46.05 -48.65 41.82
CA MET C 409 -45.81 -48.34 43.24
C MET C 409 -44.72 -47.28 43.37
N ARG C 410 -44.06 -46.97 42.26
CA ARG C 410 -43.01 -45.97 42.26
C ARG C 410 -43.50 -44.59 42.65
N TRP C 411 -44.78 -44.29 42.42
CA TRP C 411 -45.31 -42.98 42.78
C TRP C 411 -45.24 -42.75 44.28
N PHE C 412 -45.58 -43.78 45.06
CA PHE C 412 -45.51 -43.68 46.52
C PHE C 412 -44.10 -43.32 46.98
N VAL C 413 -43.12 -44.10 46.54
CA VAL C 413 -41.74 -43.89 46.97
C VAL C 413 -41.22 -42.54 46.50
N ASP C 414 -41.51 -42.19 45.24
CA ASP C 414 -41.02 -40.93 44.69
C ASP C 414 -41.62 -39.74 45.42
N THR C 415 -42.90 -39.80 45.76
CA THR C 415 -43.52 -38.71 46.47
C THR C 415 -43.12 -38.62 47.93
N ALA C 416 -42.72 -39.74 48.55
CA ALA C 416 -42.44 -39.73 49.98
C ALA C 416 -41.41 -38.66 50.34
N GLU C 417 -40.26 -38.68 49.65
CA GLU C 417 -39.18 -37.76 49.98
C GLU C 417 -39.22 -36.47 49.20
N ARG C 418 -40.12 -36.34 48.22
CA ARG C 418 -40.17 -35.16 47.37
C ARG C 418 -41.27 -34.19 47.78
N TYR C 419 -42.04 -34.51 48.82
CA TYR C 419 -43.09 -33.64 49.30
C TYR C 419 -42.49 -32.58 50.21
N ALA C 420 -43.34 -31.76 50.82
CA ALA C 420 -42.92 -30.78 51.80
C ALA C 420 -44.01 -30.67 52.85
N LEU C 421 -43.63 -30.65 54.12
CA LEU C 421 -44.59 -30.81 55.20
C LEU C 421 -44.62 -29.66 56.19
N ALA C 422 -43.54 -28.89 56.34
CA ALA C 422 -43.53 -27.78 57.28
C ALA C 422 -42.36 -26.86 56.96
N GLY C 423 -42.31 -25.73 57.68
CA GLY C 423 -41.22 -24.78 57.57
C GLY C 423 -41.52 -23.55 56.74
N ARG C 424 -42.53 -23.59 55.88
CA ARG C 424 -42.89 -22.49 55.02
C ARG C 424 -44.38 -22.21 55.22
N PRO C 425 -44.84 -21.02 54.83
CA PRO C 425 -46.26 -20.70 54.98
C PRO C 425 -47.14 -21.66 54.17
N LEU C 426 -48.45 -21.50 54.35
CA LEU C 426 -49.39 -22.42 53.73
C LEU C 426 -49.29 -22.38 52.20
N ALA C 427 -49.22 -21.17 51.64
CA ALA C 427 -49.21 -21.04 50.18
C ALA C 427 -47.99 -21.71 49.56
N GLU C 428 -46.82 -21.52 50.17
CA GLU C 428 -45.60 -22.12 49.64
C GLU C 428 -45.68 -23.63 49.65
N LEU C 429 -46.13 -24.20 50.76
CA LEU C 429 -46.26 -25.66 50.85
C LEU C 429 -47.26 -26.18 49.84
N CYS C 430 -48.41 -25.52 49.71
CA CYS C 430 -49.44 -25.99 48.80
C CYS C 430 -48.96 -25.94 47.36
N ASP C 431 -48.33 -24.83 46.96
CA ASP C 431 -47.83 -24.72 45.61
C ASP C 431 -46.74 -25.74 45.32
N HIS C 432 -45.81 -25.93 46.27
CA HIS C 432 -44.74 -26.89 46.05
C HIS C 432 -45.29 -28.31 45.91
N ASN C 433 -46.25 -28.67 46.77
CA ASN C 433 -46.85 -30.00 46.68
C ASN C 433 -47.62 -30.18 45.39
N ALA C 434 -48.33 -29.14 44.94
CA ALA C 434 -49.04 -29.23 43.67
C ALA C 434 -48.07 -29.45 42.52
N LYS C 435 -46.95 -28.72 42.52
CA LYS C 435 -45.95 -28.93 41.47
C LYS C 435 -45.38 -30.34 41.53
N VAL C 436 -45.13 -30.84 42.74
CA VAL C 436 -44.59 -32.19 42.90
C VAL C 436 -45.57 -33.22 42.35
N ALA C 437 -46.86 -33.03 42.60
CA ALA C 437 -47.85 -33.95 42.06
C ALA C 437 -47.93 -33.87 40.55
N ARG C 438 -48.01 -32.65 40.01
CA ARG C 438 -48.11 -32.47 38.56
C ARG C 438 -46.94 -33.08 37.83
N GLU C 439 -45.72 -32.95 38.38
CA GLU C 439 -44.56 -33.49 37.70
C GLU C 439 -44.60 -35.00 37.57
N LEU C 440 -45.48 -35.67 38.32
CA LEU C 440 -45.55 -37.13 38.30
C LEU C 440 -46.63 -37.67 37.39
N GLY C 441 -47.82 -37.06 37.38
CA GLY C 441 -48.88 -37.54 36.53
C GLY C 441 -50.25 -37.48 37.19
N ARG C 442 -50.30 -37.60 38.51
CA ARG C 442 -51.55 -37.50 39.23
C ARG C 442 -52.03 -36.05 39.21
N ASN C 443 -53.19 -35.80 38.62
CA ASN C 443 -53.68 -34.45 38.39
C ASN C 443 -54.68 -34.00 39.44
N GLN C 444 -55.59 -34.90 39.83
CA GLN C 444 -56.64 -34.54 40.78
C GLN C 444 -56.05 -34.12 42.11
N VAL C 445 -54.93 -34.73 42.51
CA VAL C 445 -54.32 -34.38 43.79
C VAL C 445 -53.74 -32.97 43.74
N ALA C 446 -53.14 -32.60 42.60
CA ALA C 446 -52.66 -31.24 42.44
C ALA C 446 -53.82 -30.25 42.50
N GLN C 447 -54.95 -30.60 41.88
CA GLN C 447 -56.11 -29.74 41.94
C GLN C 447 -56.61 -29.60 43.39
N THR C 448 -56.58 -30.69 44.15
CA THR C 448 -56.98 -30.61 45.57
C THR C 448 -56.06 -29.70 46.36
N TRP C 449 -54.75 -29.81 46.13
CA TRP C 449 -53.81 -28.90 46.79
C TRP C 449 -54.18 -27.46 46.51
N THR C 450 -54.35 -27.13 45.22
CA THR C 450 -54.62 -25.75 44.84
C THR C 450 -55.94 -25.26 45.43
N MET C 451 -56.97 -26.10 45.39
CA MET C 451 -58.24 -25.74 46.00
C MET C 451 -58.13 -25.50 47.48
N LEU C 452 -57.35 -26.31 48.19
CA LEU C 452 -57.17 -26.08 49.62
C LEU C 452 -56.50 -24.74 49.86
N ARG C 453 -55.52 -24.40 49.02
CA ARG C 453 -54.86 -23.11 49.18
C ARG C 453 -55.83 -21.96 48.93
N ILE C 454 -56.74 -22.12 47.98
CA ILE C 454 -57.75 -21.08 47.76
C ILE C 454 -58.70 -21.00 48.94
N ILE C 455 -59.11 -22.15 49.47
CA ILE C 455 -60.11 -22.18 50.54
C ILE C 455 -59.56 -21.51 51.80
N TYR C 456 -58.31 -21.81 52.15
CA TYR C 456 -57.80 -21.28 53.40
C TYR C 456 -57.07 -19.95 53.21
N CYS C 457 -56.02 -19.93 52.40
CA CYS C 457 -55.27 -18.71 52.14
C CYS C 457 -56.10 -17.85 51.19
N SER C 458 -57.04 -17.09 51.74
CA SER C 458 -57.96 -16.29 50.94
C SER C 458 -57.30 -15.00 50.46
N SER C 626 -70.33 -9.40 52.76
CA SER C 626 -69.97 -9.76 51.40
C SER C 626 -68.87 -10.81 51.39
N ARG C 627 -68.92 -11.72 52.35
CA ARG C 627 -67.95 -12.79 52.47
C ARG C 627 -68.67 -14.09 52.79
N LEU C 628 -68.04 -15.20 52.42
CA LEU C 628 -68.57 -16.50 52.75
C LEU C 628 -68.48 -16.73 54.26
N PRO C 629 -69.40 -17.54 54.81
CA PRO C 629 -69.32 -17.84 56.23
C PRO C 629 -68.02 -18.55 56.55
N PRO C 630 -67.50 -18.39 57.77
CA PRO C 630 -66.14 -18.87 58.06
C PRO C 630 -66.03 -20.39 58.00
N ASP C 631 -66.89 -21.10 58.73
CA ASP C 631 -66.84 -22.55 58.78
C ASP C 631 -67.74 -23.16 57.71
N PHE C 632 -67.52 -22.69 56.47
CA PHE C 632 -68.36 -23.11 55.35
C PHE C 632 -67.83 -24.36 54.65
N PHE C 633 -66.51 -24.56 54.64
CA PHE C 633 -65.91 -25.66 53.90
C PHE C 633 -65.50 -26.84 54.77
N GLY C 634 -65.87 -26.83 56.06
CA GLY C 634 -65.39 -27.88 56.95
C GLY C 634 -65.85 -29.27 56.54
N VAL C 635 -67.14 -29.40 56.22
CA VAL C 635 -67.68 -30.70 55.83
C VAL C 635 -67.01 -31.19 54.55
N LEU C 636 -66.77 -30.29 53.60
CA LEU C 636 -66.14 -30.69 52.35
C LEU C 636 -64.72 -31.21 52.58
N VAL C 637 -63.94 -30.52 53.41
CA VAL C 637 -62.58 -30.98 53.68
C VAL C 637 -62.60 -32.31 54.40
N ARG C 638 -63.47 -32.46 55.40
CA ARG C 638 -63.53 -33.72 56.12
C ARG C 638 -63.91 -34.87 55.19
N ASP C 639 -64.86 -34.63 54.30
CA ASP C 639 -65.27 -35.68 53.37
C ASP C 639 -64.17 -36.00 52.39
N MET C 640 -63.36 -35.01 51.99
CA MET C 640 -62.19 -35.32 51.17
C MET C 640 -61.22 -36.22 51.91
N LEU C 641 -60.95 -35.91 53.18
CA LEU C 641 -60.02 -36.73 53.94
C LEU C 641 -60.54 -38.15 54.06
N HIS C 642 -61.83 -38.31 54.32
CA HIS C 642 -62.43 -39.64 54.40
C HIS C 642 -62.37 -40.35 53.05
N PHE C 643 -62.62 -39.64 51.97
CA PHE C 643 -62.62 -40.23 50.64
C PHE C 643 -61.23 -40.71 50.25
N TYR C 644 -60.20 -39.92 50.54
CA TYR C 644 -58.83 -40.32 50.20
C TYR C 644 -58.34 -41.43 51.09
N ALA C 645 -58.72 -41.42 52.37
CA ALA C 645 -58.29 -42.46 53.28
C ALA C 645 -58.99 -43.78 53.02
N GLU C 646 -60.28 -43.74 52.66
CA GLU C 646 -61.06 -44.94 52.47
C GLU C 646 -60.52 -45.84 51.37
N GLN C 647 -60.16 -45.28 50.22
CA GLN C 647 -59.73 -46.07 49.08
C GLN C 647 -58.31 -46.59 49.23
N GLY C 648 -57.70 -46.40 50.39
CA GLY C 648 -56.38 -46.95 50.65
C GLY C 648 -55.21 -46.06 50.32
N ASP C 649 -55.43 -44.76 50.17
CA ASP C 649 -54.36 -43.81 49.87
C ASP C 649 -54.22 -42.89 51.07
N VAL C 650 -53.31 -43.24 51.97
CA VAL C 650 -53.08 -42.44 53.17
C VAL C 650 -51.97 -41.42 52.99
N GLN C 651 -51.11 -41.58 51.99
CA GLN C 651 -50.05 -40.60 51.74
C GLN C 651 -50.62 -39.22 51.51
N MET C 652 -51.85 -39.11 51.07
CA MET C 652 -52.50 -37.81 50.88
C MET C 652 -53.21 -37.32 52.12
N ALA C 653 -53.98 -38.20 52.79
CA ALA C 653 -54.70 -37.78 53.99
C ALA C 653 -53.76 -37.34 55.10
N VAL C 654 -52.70 -38.12 55.34
CA VAL C 654 -51.76 -37.76 56.40
C VAL C 654 -51.07 -36.44 56.09
N SER C 655 -50.64 -36.26 54.83
CA SER C 655 -49.93 -35.05 54.47
C SER C 655 -50.82 -33.83 54.60
N VAL C 656 -52.06 -33.94 54.12
CA VAL C 656 -53.00 -32.83 54.22
C VAL C 656 -53.30 -32.51 55.68
N LEU C 657 -53.46 -33.55 56.49
CA LEU C 657 -53.68 -33.35 57.92
C LEU C 657 -52.53 -32.58 58.54
N ILE C 658 -51.29 -33.01 58.26
CA ILE C 658 -50.14 -32.37 58.87
C ILE C 658 -50.06 -30.91 58.45
N VAL C 659 -50.23 -30.64 57.15
CA VAL C 659 -50.06 -29.28 56.66
C VAL C 659 -51.14 -28.37 57.21
N LEU C 660 -52.40 -28.79 57.15
CA LEU C 660 -53.48 -27.91 57.56
C LEU C 660 -53.53 -27.74 59.08
N GLY C 661 -53.07 -28.73 59.84
CA GLY C 661 -52.96 -28.56 61.28
C GLY C 661 -54.30 -28.31 61.94
N GLU C 662 -54.31 -27.32 62.84
CA GLU C 662 -55.47 -27.07 63.69
C GLU C 662 -56.70 -26.64 62.91
N ARG C 663 -56.53 -26.17 61.67
CA ARG C 663 -57.68 -25.79 60.86
C ARG C 663 -58.65 -26.95 60.69
N VAL C 664 -58.14 -28.17 60.62
CA VAL C 664 -58.97 -29.34 60.37
C VAL C 664 -58.84 -30.43 61.42
N ARG C 665 -57.77 -30.44 62.23
CA ARG C 665 -57.56 -31.56 63.15
C ARG C 665 -58.67 -31.68 64.20
N LYS C 666 -59.31 -30.58 64.56
CA LYS C 666 -60.37 -30.61 65.57
C LYS C 666 -61.71 -31.04 65.01
N ASP C 667 -61.72 -31.66 63.83
CA ASP C 667 -62.96 -32.11 63.19
C ASP C 667 -63.10 -33.62 63.12
N ILE C 668 -62.00 -34.36 63.14
CA ILE C 668 -62.03 -35.81 63.06
C ILE C 668 -61.73 -36.39 64.43
N ASP C 669 -62.23 -37.59 64.69
CA ASP C 669 -61.99 -38.23 65.97
C ASP C 669 -60.55 -38.71 66.08
N GLU C 670 -60.14 -39.04 67.30
CA GLU C 670 -58.74 -39.40 67.53
C GLU C 670 -58.41 -40.79 67.00
N GLN C 671 -59.34 -41.73 67.10
CA GLN C 671 -59.05 -43.10 66.70
C GLN C 671 -58.74 -43.19 65.20
N THR C 672 -59.53 -42.51 64.37
CA THR C 672 -59.28 -42.54 62.93
C THR C 672 -57.94 -41.89 62.58
N GLN C 673 -57.61 -40.79 63.25
CA GLN C 673 -56.32 -40.15 63.03
C GLN C 673 -55.18 -41.11 63.37
N GLU C 674 -55.28 -41.79 64.51
CA GLU C 674 -54.22 -42.72 64.90
C GLU C 674 -54.11 -43.84 63.89
N HIS C 675 -55.25 -44.31 63.38
CA HIS C 675 -55.23 -45.33 62.34
C HIS C 675 -54.48 -44.84 61.11
N TRP C 676 -54.82 -43.64 60.61
CA TRP C 676 -54.13 -43.10 59.45
C TRP C 676 -52.63 -43.09 59.68
N TYR C 677 -52.21 -42.49 60.80
CA TYR C 677 -50.79 -42.29 61.05
C TYR C 677 -50.05 -43.62 61.13
N THR C 678 -50.58 -44.55 61.93
CA THR C 678 -49.90 -45.83 62.11
C THR C 678 -49.79 -46.57 60.79
N SER C 679 -50.87 -46.61 60.00
CA SER C 679 -50.82 -47.34 58.74
C SER C 679 -49.80 -46.73 57.79
N TYR C 680 -49.79 -45.40 57.68
CA TYR C 680 -48.83 -44.76 56.79
C TYR C 680 -47.40 -45.01 57.25
N ILE C 681 -47.15 -44.96 58.56
CA ILE C 681 -45.79 -45.17 59.05
C ILE C 681 -45.35 -46.60 58.80
N ASP C 682 -46.27 -47.56 58.96
CA ASP C 682 -45.92 -48.95 58.67
C ASP C 682 -45.55 -49.10 57.21
N LEU C 683 -46.36 -48.53 56.31
CA LEU C 683 -46.04 -48.60 54.89
C LEU C 683 -44.69 -47.96 54.59
N LEU C 684 -44.40 -46.81 55.20
CA LEU C 684 -43.14 -46.13 54.95
C LEU C 684 -41.96 -46.97 55.42
N GLN C 685 -42.04 -47.53 56.62
CA GLN C 685 -40.95 -48.35 57.12
C GLN C 685 -40.76 -49.61 56.28
N ARG C 686 -41.84 -50.13 55.70
CA ARG C 686 -41.75 -51.29 54.84
C ARG C 686 -40.79 -51.04 53.68
N PHE C 687 -40.71 -49.81 53.19
CA PHE C 687 -39.85 -49.44 52.07
C PHE C 687 -38.49 -48.93 52.51
N ARG C 688 -38.19 -48.97 53.81
CA ARG C 688 -36.93 -48.49 54.35
C ARG C 688 -36.75 -46.99 54.13
N LEU C 689 -37.84 -46.23 54.20
CA LEU C 689 -37.78 -44.78 54.11
C LEU C 689 -37.86 -44.23 55.53
N TRP C 690 -36.72 -44.27 56.23
CA TRP C 690 -36.71 -43.91 57.65
C TRP C 690 -36.79 -42.40 57.84
N ASN C 691 -36.20 -41.62 56.92
CA ASN C 691 -36.20 -40.17 57.08
C ASN C 691 -37.62 -39.64 57.13
N VAL C 692 -38.45 -39.99 56.13
CA VAL C 692 -39.80 -39.46 56.09
C VAL C 692 -40.67 -40.05 57.18
N SER C 693 -40.44 -41.32 57.55
CA SER C 693 -41.21 -41.89 58.65
C SER C 693 -40.94 -41.15 59.95
N ASN C 694 -39.68 -40.88 60.26
CA ASN C 694 -39.37 -40.09 61.44
C ASN C 694 -39.90 -38.67 61.30
N GLU C 695 -39.92 -38.14 60.08
CA GLU C 695 -40.48 -36.82 59.88
C GLU C 695 -41.96 -36.78 60.24
N VAL C 696 -42.70 -37.81 59.83
CA VAL C 696 -44.12 -37.89 60.20
C VAL C 696 -44.26 -38.07 61.70
N VAL C 697 -43.36 -38.85 62.31
CA VAL C 697 -43.41 -39.04 63.75
C VAL C 697 -43.23 -37.71 64.48
N LYS C 698 -42.27 -36.91 64.04
CA LYS C 698 -41.93 -35.69 64.76
C LYS C 698 -43.06 -34.66 64.70
N LEU C 699 -43.67 -34.49 63.53
CA LEU C 699 -44.71 -33.48 63.34
C LEU C 699 -46.10 -34.03 63.57
N SER C 700 -46.23 -35.30 63.97
CA SER C 700 -47.54 -35.89 64.16
C SER C 700 -48.37 -35.06 65.12
N THR C 701 -49.62 -34.81 64.76
CA THR C 701 -50.47 -33.88 65.50
C THR C 701 -51.21 -34.54 66.66
N SER C 702 -51.06 -35.84 66.86
CA SER C 702 -51.69 -36.56 67.95
C SER C 702 -50.63 -36.96 68.97
N ARG C 703 -51.03 -37.03 70.23
CA ARG C 703 -50.09 -37.37 71.30
C ARG C 703 -49.60 -38.81 71.18
N ALA C 704 -50.47 -39.73 70.77
CA ALA C 704 -50.12 -41.14 70.77
C ALA C 704 -49.11 -41.50 69.69
N VAL C 705 -48.83 -40.61 68.74
CA VAL C 705 -47.89 -40.93 67.67
C VAL C 705 -46.57 -40.21 67.91
N SER C 706 -46.63 -39.04 68.54
CA SER C 706 -45.39 -38.35 68.88
C SER C 706 -44.85 -38.85 70.22
N CYS C 707 -44.72 -40.17 70.33
CA CYS C 707 -44.13 -40.80 71.50
C CYS C 707 -43.33 -42.04 71.15
N LEU C 708 -43.25 -42.41 69.88
CA LEU C 708 -42.60 -43.68 69.52
C LEU C 708 -41.08 -43.58 69.65
N ASN C 709 -40.51 -42.40 69.40
CA ASN C 709 -39.08 -42.24 69.49
C ASN C 709 -38.64 -41.69 70.83
N GLN C 710 -39.56 -41.52 71.78
CA GLN C 710 -39.24 -41.09 73.13
C GLN C 710 -39.16 -42.25 74.11
N ALA C 711 -39.20 -43.48 73.61
CA ALA C 711 -39.24 -44.67 74.45
C ALA C 711 -37.95 -45.45 74.30
N SER C 712 -37.16 -45.50 75.38
CA SER C 712 -35.96 -46.32 75.46
C SER C 712 -34.94 -45.96 74.38
N THR C 713 -34.76 -44.66 74.16
CA THR C 713 -33.78 -44.19 73.19
C THR C 713 -32.65 -43.36 73.80
N THR C 714 -32.61 -43.21 75.11
CA THR C 714 -31.57 -42.42 75.78
C THR C 714 -30.56 -43.35 76.44
N LEU C 715 -29.28 -43.07 76.21
CA LEU C 715 -28.20 -43.88 76.77
C LEU C 715 -27.73 -43.31 78.11
N HIS C 716 -26.91 -44.10 78.80
CA HIS C 716 -26.26 -43.67 80.03
C HIS C 716 -24.75 -43.81 79.81
N VAL C 717 -24.04 -42.69 79.98
CA VAL C 717 -22.63 -42.61 79.60
C VAL C 717 -21.74 -42.69 80.83
N ASN C 718 -20.57 -43.31 80.65
CA ASN C 718 -19.65 -43.59 81.75
C ASN C 718 -18.23 -43.17 81.38
N CYS C 719 -17.41 -42.97 82.41
CA CYS C 719 -15.99 -42.70 82.21
C CYS C 719 -15.21 -44.00 82.38
N SER C 720 -14.31 -44.29 81.44
CA SER C 720 -13.59 -45.55 81.48
C SER C 720 -12.42 -45.52 82.46
N HIS C 721 -12.13 -44.39 83.07
CA HIS C 721 -11.07 -44.35 84.06
C HIS C 721 -11.60 -44.45 85.49
N CYS C 722 -12.75 -43.81 85.75
CA CYS C 722 -13.35 -43.82 87.08
C CYS C 722 -14.50 -44.81 87.21
N LYS C 723 -15.10 -45.23 86.09
CA LYS C 723 -16.29 -46.08 86.09
C LYS C 723 -17.44 -45.48 86.89
N ARG C 724 -17.71 -44.18 86.71
CA ARG C 724 -18.88 -43.56 87.32
C ARG C 724 -19.62 -42.68 86.32
N PRO C 725 -20.93 -42.53 86.46
CA PRO C 725 -21.72 -41.82 85.46
C PRO C 725 -21.41 -40.33 85.44
N MET C 726 -21.61 -39.73 84.26
CA MET C 726 -21.51 -38.29 84.10
C MET C 726 -22.88 -37.70 83.84
N SER C 727 -23.01 -36.40 84.07
CA SER C 727 -24.29 -35.72 83.93
C SER C 727 -24.73 -35.69 82.48
N SER C 728 -25.91 -35.10 82.25
CA SER C 728 -26.53 -35.14 80.92
C SER C 728 -26.15 -33.96 80.03
N ARG C 729 -25.40 -32.98 80.54
CA ARG C 729 -25.08 -31.79 79.77
C ARG C 729 -23.63 -31.38 79.95
N GLY C 730 -22.71 -32.34 79.88
CA GLY C 730 -21.31 -32.04 80.08
C GLY C 730 -20.42 -33.00 79.33
N TRP C 731 -19.14 -32.64 79.27
CA TRP C 731 -18.14 -33.47 78.64
C TRP C 731 -16.92 -33.75 79.52
N VAL C 732 -16.99 -33.50 80.83
CA VAL C 732 -15.86 -33.73 81.70
C VAL C 732 -16.28 -34.62 82.86
N CYS C 733 -15.27 -35.04 83.61
CA CYS C 733 -15.46 -36.01 84.68
C CYS C 733 -15.34 -35.31 86.04
N ASP C 734 -16.24 -35.65 86.95
CA ASP C 734 -16.26 -34.96 88.24
C ASP C 734 -15.14 -35.44 89.16
N ARG C 735 -14.83 -36.73 89.16
CA ARG C 735 -13.71 -37.22 89.95
C ARG C 735 -12.45 -37.30 89.12
N CYS C 736 -12.57 -37.81 87.90
CA CYS C 736 -11.43 -37.97 87.00
C CYS C 736 -10.81 -36.63 86.62
N HIS C 737 -11.63 -35.64 86.26
CA HIS C 737 -11.27 -34.34 85.69
C HIS C 737 -10.71 -34.46 84.29
N ARG C 738 -10.52 -35.66 83.77
CA ARG C 738 -10.07 -35.83 82.40
C ARG C 738 -11.26 -35.69 81.46
N CYS C 739 -11.12 -34.83 80.47
CA CYS C 739 -12.19 -34.69 79.48
C CYS C 739 -12.35 -36.02 78.75
N ALA C 740 -13.48 -36.67 78.96
CA ALA C 740 -13.69 -38.04 78.51
C ALA C 740 -14.38 -38.07 77.15
N SER C 741 -14.24 -36.98 76.40
CA SER C 741 -14.80 -36.92 75.06
C SER C 741 -13.69 -36.39 74.14
N MET C 742 -12.85 -37.29 73.65
CA MET C 742 -11.74 -36.92 72.79
C MET C 742 -11.75 -37.86 71.59
N CYS C 743 -11.85 -37.31 70.39
CA CYS C 743 -11.82 -38.14 69.21
C CYS C 743 -10.45 -38.80 69.09
N ALA C 744 -10.45 -40.08 68.73
CA ALA C 744 -9.21 -40.82 68.60
C ALA C 744 -8.44 -40.48 67.34
N VAL C 745 -8.90 -39.52 66.55
CA VAL C 745 -8.23 -39.10 65.32
C VAL C 745 -7.62 -37.71 65.46
N CYS C 746 -8.40 -36.76 65.94
CA CYS C 746 -7.93 -35.37 66.00
C CYS C 746 -7.58 -34.90 67.41
N HIS C 747 -7.84 -35.70 68.44
CA HIS C 747 -7.56 -35.32 69.82
C HIS C 747 -8.21 -34.00 70.19
N HIS C 748 -9.47 -33.83 69.80
CA HIS C 748 -10.24 -32.64 70.14
C HIS C 748 -11.51 -33.06 70.87
N VAL C 749 -12.08 -32.12 71.60
CA VAL C 749 -13.25 -32.42 72.43
C VAL C 749 -14.46 -32.61 71.53
N VAL C 750 -15.12 -33.75 71.68
CA VAL C 750 -16.33 -34.08 70.93
C VAL C 750 -17.54 -33.65 71.73
N LYS C 751 -18.31 -32.72 71.19
CA LYS C 751 -19.43 -32.14 71.90
C LYS C 751 -20.77 -32.59 71.36
N GLY C 752 -20.78 -33.19 70.17
CA GLY C 752 -21.99 -33.62 69.51
C GLY C 752 -22.06 -35.12 69.36
N LEU C 753 -21.91 -35.61 68.14
CA LEU C 753 -22.08 -37.03 67.86
C LEU C 753 -20.80 -37.79 68.15
N PHE C 754 -20.96 -39.00 68.69
CA PHE C 754 -19.86 -39.79 69.23
C PHE C 754 -20.10 -41.26 68.90
N VAL C 755 -19.34 -41.80 67.96
CA VAL C 755 -19.43 -43.22 67.63
C VAL C 755 -18.62 -44.01 68.65
N TRP C 756 -18.94 -45.29 68.80
CA TRP C 756 -18.39 -46.11 69.87
C TRP C 756 -18.31 -47.56 69.39
N CYS C 757 -17.09 -48.07 69.25
CA CYS C 757 -16.89 -49.50 69.00
C CYS C 757 -17.13 -50.27 70.28
N GLN C 758 -17.79 -51.41 70.17
CA GLN C 758 -18.21 -52.18 71.34
C GLN C 758 -17.14 -53.12 71.86
N GLY C 759 -16.15 -53.49 71.05
CA GLY C 759 -15.11 -54.39 71.50
C GLY C 759 -13.87 -53.68 71.99
N CYS C 760 -13.77 -52.37 71.70
CA CYS C 760 -12.63 -51.57 72.10
C CYS C 760 -12.97 -50.52 73.14
N SER C 761 -14.22 -50.09 73.21
CA SER C 761 -14.63 -48.95 74.02
C SER C 761 -13.90 -47.68 73.58
N HIS C 762 -13.55 -47.63 72.29
CA HIS C 762 -12.88 -46.49 71.69
C HIS C 762 -13.79 -45.88 70.64
N GLY C 763 -13.66 -44.57 70.45
CA GLY C 763 -14.43 -43.91 69.42
C GLY C 763 -14.15 -42.42 69.41
N GLY C 764 -14.79 -41.75 68.45
CA GLY C 764 -14.63 -40.32 68.31
C GLY C 764 -15.69 -39.67 67.45
N HIS C 765 -15.28 -38.63 66.71
CA HIS C 765 -16.19 -37.93 65.81
C HIS C 765 -16.77 -38.90 64.79
N LEU C 766 -18.02 -38.66 64.40
CA LEU C 766 -18.68 -39.54 63.46
C LEU C 766 -18.00 -39.51 62.10
N GLN C 767 -17.59 -38.32 61.65
CA GLN C 767 -17.01 -38.22 60.31
C GLN C 767 -15.57 -38.71 60.30
N HIS C 768 -14.80 -38.42 61.35
CA HIS C 768 -13.41 -38.83 61.38
C HIS C 768 -13.29 -40.35 61.33
N ILE C 769 -14.10 -41.04 62.12
CA ILE C 769 -13.97 -42.48 62.26
C ILE C 769 -14.32 -43.17 60.96
N MET C 770 -15.31 -42.66 60.22
CA MET C 770 -15.66 -43.24 58.94
C MET C 770 -14.49 -43.18 57.97
N LYS C 771 -13.85 -42.02 57.89
CA LYS C 771 -12.71 -41.87 56.98
C LYS C 771 -11.56 -42.78 57.40
N TRP C 772 -11.29 -42.85 58.70
CA TRP C 772 -10.21 -43.72 59.16
C TRP C 772 -10.51 -45.17 58.83
N LEU C 773 -11.76 -45.60 59.02
CA LEU C 773 -12.14 -46.98 58.77
C LEU C 773 -12.15 -47.31 57.29
N GLU C 774 -12.44 -46.33 56.43
CA GLU C 774 -12.22 -46.53 55.00
C GLU C 774 -10.73 -46.68 54.71
N GLY C 775 -9.89 -45.87 55.36
CA GLY C 775 -8.47 -45.93 55.09
C GLY C 775 -7.82 -47.22 55.55
N SER C 776 -8.16 -47.67 56.76
CA SER C 776 -7.51 -48.85 57.35
C SER C 776 -8.51 -49.57 58.22
N SER C 777 -8.07 -50.67 58.85
CA SER C 777 -8.96 -51.52 59.62
C SER C 777 -8.48 -51.70 61.05
N HIS C 778 -7.81 -50.70 61.62
CA HIS C 778 -7.31 -50.77 62.98
C HIS C 778 -7.99 -49.71 63.82
N CYS C 779 -8.11 -49.98 65.10
CA CYS C 779 -8.61 -48.98 66.04
C CYS C 779 -7.66 -47.80 66.04
N PRO C 780 -8.13 -46.59 65.74
CA PRO C 780 -7.20 -45.44 65.66
C PRO C 780 -6.49 -45.17 66.98
N ALA C 781 -7.14 -45.41 68.11
CA ALA C 781 -6.49 -45.17 69.39
C ALA C 781 -5.23 -46.02 69.53
N GLY C 782 -5.22 -47.21 68.94
CA GLY C 782 -4.08 -48.09 69.00
C GLY C 782 -4.24 -49.19 70.01
N CYS C 783 -4.64 -50.36 69.52
CA CYS C 783 -4.79 -51.57 70.32
C CYS C 783 -5.06 -52.69 69.33
N GLY C 784 -4.40 -53.83 69.48
CA GLY C 784 -4.61 -54.87 68.50
C GLY C 784 -6.07 -55.27 68.50
N HIS C 785 -6.80 -54.72 67.53
CA HIS C 785 -8.23 -54.96 67.39
C HIS C 785 -8.72 -54.44 66.05
N LEU C 786 -9.35 -55.30 65.27
CA LEU C 786 -9.96 -54.89 64.01
C LEU C 786 -11.44 -54.66 64.30
N CYS C 787 -11.83 -53.38 64.39
CA CYS C 787 -13.14 -53.05 64.93
C CYS C 787 -14.28 -53.50 64.02
N GLU C 788 -13.98 -53.99 62.83
CA GLU C 788 -14.99 -54.46 61.90
C GLU C 788 -14.67 -55.85 61.37
N TYR C 789 -13.49 -56.39 61.73
CA TYR C 789 -12.97 -57.66 61.19
C TYR C 789 -12.96 -57.65 59.66
N SER C 790 -12.64 -56.51 59.08
CA SER C 790 -12.55 -56.36 57.62
C SER C 790 -13.80 -56.84 56.90
N ASP D 531 -123.89 2.09 47.66
CA ASP D 531 -122.47 2.35 47.49
C ASP D 531 -121.66 1.72 48.61
N ALA D 532 -122.35 1.21 49.62
CA ALA D 532 -121.67 0.52 50.71
C ALA D 532 -120.98 -0.74 50.21
N ASN D 533 -121.64 -1.47 49.30
CA ASN D 533 -121.04 -2.68 48.75
C ASN D 533 -119.81 -2.39 47.90
N ILE D 534 -119.67 -1.17 47.41
CA ILE D 534 -118.51 -0.76 46.63
C ILE D 534 -117.30 -0.72 47.56
N PRO D 535 -116.08 -0.84 47.03
CA PRO D 535 -114.90 -0.70 47.89
C PRO D 535 -114.73 0.74 48.34
N PHE D 536 -113.76 0.93 49.16
CA PHE D 536 -113.60 2.27 49.72
C PHE D 536 -112.35 2.93 49.15
N PRO D 537 -112.33 4.26 49.03
CA PRO D 537 -111.28 4.91 48.23
C PRO D 537 -109.89 4.68 48.81
N ARG D 538 -108.93 4.45 47.92
CA ARG D 538 -107.55 4.24 48.31
C ARG D 538 -106.76 5.49 47.95
N THR D 539 -106.06 6.05 48.95
CA THR D 539 -105.34 7.31 48.78
C THR D 539 -103.84 7.13 48.98
N SER D 540 -103.36 5.89 48.94
CA SER D 540 -101.95 5.63 49.12
C SER D 540 -101.59 4.37 48.35
N GLY D 541 -100.29 4.19 48.13
CA GLY D 541 -99.78 3.03 47.44
C GLY D 541 -98.29 3.15 47.22
N ALA D 542 -97.64 1.99 47.10
CA ALA D 542 -96.21 1.93 46.86
C ALA D 542 -95.87 0.55 46.31
N ARG D 543 -95.36 0.50 45.08
CA ARG D 543 -95.12 -0.78 44.42
C ARG D 543 -93.82 -0.75 43.64
N PHE D 544 -93.33 -1.95 43.35
CA PHE D 544 -92.08 -2.12 42.63
C PHE D 544 -92.28 -1.88 41.15
N CYS D 545 -91.20 -1.52 40.46
CA CYS D 545 -91.26 -1.22 39.04
C CYS D 545 -89.87 -1.26 38.43
N GLY D 546 -89.83 -1.35 37.11
CA GLY D 546 -88.56 -1.37 36.40
C GLY D 546 -87.75 -2.59 36.78
N ALA D 547 -86.51 -2.36 37.21
CA ALA D 547 -85.66 -3.40 37.75
C ALA D 547 -84.98 -3.02 39.06
N GLY D 548 -85.03 -1.75 39.44
CA GLY D 548 -84.44 -1.34 40.70
C GLY D 548 -85.11 -0.18 41.40
N TYR D 549 -86.36 0.13 41.08
CA TYR D 549 -87.00 1.32 41.60
C TYR D 549 -88.34 1.00 42.26
N LEU D 550 -88.84 1.99 43.01
CA LEU D 550 -90.13 1.98 43.68
C LEU D 550 -90.88 3.26 43.36
N VAL D 551 -92.14 3.32 43.75
CA VAL D 551 -92.94 4.51 43.60
C VAL D 551 -94.00 4.56 44.69
N TYR D 552 -94.06 5.65 45.47
CA TYR D 552 -95.01 5.75 46.57
C TYR D 552 -95.89 6.99 46.40
N PHE D 553 -97.17 6.76 46.11
CA PHE D 553 -98.17 7.82 46.03
C PHE D 553 -98.89 7.90 47.37
N THR D 554 -98.22 8.49 48.36
CA THR D 554 -98.74 8.51 49.73
C THR D 554 -99.03 9.95 50.12
N ARG D 555 -100.30 10.33 50.04
CA ARG D 555 -100.76 11.67 50.43
C ARG D 555 -100.00 12.77 49.71
N LYS D 646 -97.00 14.06 45.74
CA LYS D 646 -96.53 13.53 44.47
C LYS D 646 -95.87 12.16 44.67
N VAL D 647 -95.27 11.66 43.59
CA VAL D 647 -94.70 10.32 43.55
C VAL D 647 -93.18 10.44 43.44
N ILE D 648 -92.46 9.57 44.13
CA ILE D 648 -91.01 9.59 44.17
C ILE D 648 -90.47 8.28 43.62
N ILE D 649 -89.43 8.37 42.81
CA ILE D 649 -88.75 7.21 42.25
C ILE D 649 -87.36 7.15 42.89
N GLN D 650 -87.09 6.10 43.65
CA GLN D 650 -85.82 5.92 44.32
C GLN D 650 -85.17 4.64 43.85
N ASP D 651 -83.90 4.72 43.46
CA ASP D 651 -83.18 3.53 43.03
C ASP D 651 -82.89 2.66 44.23
N ILE D 652 -83.32 1.40 44.17
CA ILE D 652 -83.21 0.49 45.30
C ILE D 652 -82.48 -0.79 44.89
N ALA D 653 -81.59 -0.68 43.91
CA ALA D 653 -80.77 -1.83 43.52
C ALA D 653 -79.78 -2.22 44.60
N CYS D 654 -79.61 -1.38 45.63
CA CYS D 654 -78.70 -1.69 46.72
C CYS D 654 -79.22 -2.81 47.62
N LEU D 655 -80.53 -3.07 47.61
CA LEU D 655 -81.09 -4.12 48.46
C LEU D 655 -81.36 -5.41 47.70
N LEU D 656 -81.47 -5.34 46.38
CA LEU D 656 -81.67 -6.54 45.59
C LEU D 656 -80.40 -7.39 45.60
N PRO D 657 -80.52 -8.70 45.81
CA PRO D 657 -79.34 -9.57 45.74
C PRO D 657 -78.65 -9.58 44.38
N VAL D 658 -79.14 -8.80 43.43
CA VAL D 658 -78.58 -8.74 42.09
C VAL D 658 -78.02 -7.34 41.86
N HIS D 659 -76.98 -7.26 41.04
CA HIS D 659 -76.31 -6.00 40.75
C HIS D 659 -76.16 -5.85 39.25
N LYS D 660 -76.53 -4.67 38.73
CA LYS D 660 -76.54 -4.46 37.30
C LYS D 660 -75.13 -4.36 36.72
N SER D 661 -74.19 -3.79 37.48
CA SER D 661 -72.84 -3.59 36.97
C SER D 661 -72.17 -4.92 36.67
N LEU D 662 -72.33 -5.91 37.56
CA LEU D 662 -71.84 -7.24 37.28
C LEU D 662 -72.44 -7.78 35.99
N GLY D 663 -73.73 -7.55 35.78
CA GLY D 663 -74.36 -7.97 34.55
C GLY D 663 -73.75 -7.33 33.32
N GLU D 664 -73.33 -6.06 33.44
CA GLU D 664 -72.65 -5.42 32.33
C GLU D 664 -71.26 -5.99 32.09
N LEU D 665 -70.51 -6.24 33.15
CA LEU D 665 -69.10 -6.61 33.03
C LEU D 665 -68.86 -8.09 32.73
N TYR D 666 -69.86 -8.95 32.92
CA TYR D 666 -69.63 -10.38 32.78
C TYR D 666 -69.43 -10.76 31.31
N ILE D 667 -68.94 -11.97 31.09
CA ILE D 667 -68.67 -12.47 29.74
C ILE D 667 -68.67 -13.98 29.78
N LEU D 668 -69.31 -14.60 28.80
CA LEU D 668 -69.35 -16.05 28.64
C LEU D 668 -68.86 -16.42 27.25
N ASN D 669 -67.90 -17.34 27.19
CA ASN D 669 -67.32 -17.78 25.93
C ASN D 669 -67.09 -19.27 25.99
N VAL D 670 -67.84 -20.02 25.17
CA VAL D 670 -67.70 -21.47 25.14
C VAL D 670 -66.39 -21.88 24.51
N ASN D 671 -65.70 -20.97 23.82
CA ASN D 671 -64.43 -21.30 23.19
C ASN D 671 -63.37 -21.63 24.24
N ASP D 672 -63.31 -20.83 25.30
CA ASP D 672 -62.36 -21.03 26.39
C ASP D 672 -63.03 -20.68 27.70
N ILE D 673 -63.38 -21.70 28.49
CA ILE D 673 -64.12 -21.52 29.72
C ILE D 673 -63.27 -20.95 30.84
N GLN D 674 -61.98 -21.28 30.86
CA GLN D 674 -61.03 -20.75 31.83
C GLN D 674 -60.92 -19.23 31.76
N GLU D 675 -60.85 -18.67 30.55
CA GLU D 675 -60.71 -17.23 30.39
C GLU D 675 -61.90 -16.49 30.95
N THR D 676 -63.12 -17.00 30.70
CA THR D 676 -64.31 -16.37 31.26
C THR D 676 -64.25 -16.38 32.78
N CYS D 677 -63.74 -17.47 33.36
CA CYS D 677 -63.63 -17.53 34.81
C CYS D 677 -62.68 -16.48 35.36
N GLN D 678 -61.47 -16.35 34.79
CA GLN D 678 -60.57 -15.34 35.36
C GLN D 678 -61.10 -13.93 35.15
N LYS D 679 -61.66 -13.64 33.97
CA LYS D 679 -62.15 -12.28 33.74
C LYS D 679 -63.34 -11.96 34.65
N ASN D 680 -64.20 -12.94 34.90
CA ASN D 680 -65.30 -12.73 35.83
C ASN D 680 -64.78 -12.52 37.25
N ALA D 681 -63.72 -13.22 37.63
CA ALA D 681 -63.13 -13.00 38.95
C ALA D 681 -62.58 -11.57 39.06
N ALA D 682 -61.92 -11.10 38.00
CA ALA D 682 -61.41 -9.74 38.00
C ALA D 682 -62.54 -8.73 38.15
N SER D 683 -63.64 -8.94 37.41
CA SER D 683 -64.77 -8.04 37.52
C SER D 683 -65.38 -8.08 38.92
N ALA D 684 -65.46 -9.28 39.51
CA ALA D 684 -66.05 -9.40 40.84
C ALA D 684 -65.22 -8.65 41.88
N LEU D 685 -63.89 -8.77 41.81
CA LEU D 685 -63.05 -7.97 42.68
C LEU D 685 -63.22 -6.48 42.40
N LEU D 686 -63.42 -6.12 41.13
CA LEU D 686 -63.58 -4.71 40.77
C LEU D 686 -64.84 -4.12 41.38
N VAL D 687 -65.93 -4.89 41.43
CA VAL D 687 -67.17 -4.37 41.96
C VAL D 687 -67.23 -4.43 43.48
N GLY D 688 -66.32 -5.16 44.12
CA GLY D 688 -66.24 -5.15 45.56
C GLY D 688 -67.09 -6.18 46.27
N ARG D 689 -66.91 -7.46 45.94
CA ARG D 689 -67.54 -8.55 46.68
C ARG D 689 -66.52 -9.66 46.87
N LYS D 690 -66.09 -9.86 48.12
CA LYS D 690 -65.08 -10.85 48.44
C LYS D 690 -65.63 -12.25 48.58
N ASP D 691 -66.82 -12.51 48.05
CA ASP D 691 -67.39 -13.86 47.95
C ASP D 691 -67.29 -14.41 46.54
N LEU D 692 -67.61 -13.59 45.54
CA LEU D 692 -67.54 -14.05 44.16
C LEU D 692 -66.11 -14.32 43.73
N VAL D 693 -65.11 -13.67 44.34
CA VAL D 693 -63.74 -13.96 43.97
C VAL D 693 -63.35 -15.37 44.41
N GLN D 694 -63.75 -15.75 45.63
CA GLN D 694 -63.54 -17.13 46.08
C GLN D 694 -64.29 -18.11 45.19
N VAL D 695 -65.55 -17.80 44.89
CA VAL D 695 -66.37 -18.72 44.11
C VAL D 695 -65.79 -18.92 42.72
N TRP D 696 -65.40 -17.84 42.05
CA TRP D 696 -64.88 -17.95 40.70
C TRP D 696 -63.50 -18.58 40.69
N SER D 697 -62.70 -18.36 41.74
CA SER D 697 -61.43 -19.05 41.83
C SER D 697 -61.61 -20.56 41.94
N LEU D 698 -62.51 -20.99 42.82
CA LEU D 698 -62.82 -22.41 42.91
C LEU D 698 -63.35 -22.94 41.58
N ALA D 699 -64.13 -22.11 40.89
CA ALA D 699 -64.66 -22.53 39.59
C ALA D 699 -63.54 -22.75 38.58
N THR D 700 -62.65 -21.77 38.42
CA THR D 700 -61.64 -21.87 37.38
C THR D 700 -60.68 -23.03 37.68
N VAL D 701 -60.48 -23.33 38.96
CA VAL D 701 -59.70 -24.53 39.27
C VAL D 701 -60.50 -25.78 38.93
N ALA D 702 -61.81 -25.74 39.16
CA ALA D 702 -62.62 -26.95 39.05
C ALA D 702 -62.86 -27.35 37.60
N THR D 703 -62.97 -26.37 36.69
CA THR D 703 -63.27 -26.65 35.29
C THR D 703 -62.01 -26.73 34.42
N ASP D 704 -60.89 -27.16 34.98
CA ASP D 704 -59.68 -27.36 34.19
C ASP D 704 -59.87 -28.52 33.22
N LEU D 705 -59.36 -28.34 32.01
CA LEU D 705 -59.61 -29.30 30.94
C LEU D 705 -58.88 -30.61 31.14
N CYS D 706 -57.98 -30.69 32.10
CA CYS D 706 -57.27 -31.94 32.38
C CYS D 706 -58.04 -32.86 33.30
N LEU D 707 -59.25 -32.48 33.71
CA LEU D 707 -60.08 -33.28 34.60
C LEU D 707 -61.23 -33.94 33.86
N GLY D 708 -61.05 -34.19 32.57
CA GLY D 708 -62.13 -34.69 31.74
C GLY D 708 -62.41 -36.15 31.96
N PRO D 709 -63.69 -36.50 32.01
CA PRO D 709 -64.07 -37.92 32.14
C PRO D 709 -63.66 -38.73 30.93
N LYS D 710 -63.45 -40.02 31.16
CA LYS D 710 -63.15 -40.98 30.11
C LYS D 710 -64.35 -41.89 29.90
N SER D 711 -64.59 -42.29 28.65
CA SER D 711 -65.77 -43.09 28.34
C SER D 711 -65.51 -44.57 28.59
N ASP D 712 -64.98 -44.89 29.77
CA ASP D 712 -64.85 -46.26 30.22
C ASP D 712 -64.62 -46.16 31.72
N PRO D 713 -65.45 -46.80 32.54
CA PRO D 713 -65.26 -46.70 33.99
C PRO D 713 -63.96 -47.33 34.48
N ASP D 714 -63.47 -48.38 33.82
CA ASP D 714 -62.50 -49.27 34.44
C ASP D 714 -61.11 -48.67 34.60
N LEU D 715 -60.95 -47.35 34.44
CA LEU D 715 -59.63 -46.74 34.62
C LEU D 715 -59.53 -45.94 35.92
N GLU D 716 -60.39 -44.95 36.10
CA GLU D 716 -60.21 -44.04 37.22
C GLU D 716 -61.56 -43.43 37.60
N THR D 717 -61.64 -42.96 38.85
CA THR D 717 -62.87 -42.37 39.33
C THR D 717 -63.13 -41.03 38.65
N PRO D 718 -64.36 -40.70 38.30
CA PRO D 718 -64.63 -39.41 37.68
C PRO D 718 -64.52 -38.30 38.70
N TRP D 719 -64.28 -37.08 38.19
CA TRP D 719 -64.19 -35.92 39.07
C TRP D 719 -65.52 -35.60 39.74
N ALA D 720 -66.64 -36.03 39.16
CA ALA D 720 -67.93 -35.76 39.78
C ALA D 720 -68.05 -36.46 41.13
N ARG D 721 -67.56 -37.69 41.24
CA ARG D 721 -67.68 -38.43 42.48
C ARG D 721 -66.66 -37.99 43.52
N HIS D 722 -65.70 -37.16 43.13
CA HIS D 722 -64.78 -36.57 44.10
C HIS D 722 -65.56 -35.64 45.01
N PRO D 723 -65.24 -35.59 46.31
CA PRO D 723 -66.02 -34.73 47.23
C PRO D 723 -65.73 -33.25 47.09
N PHE D 724 -65.01 -32.84 46.05
CA PHE D 724 -64.76 -31.44 45.71
C PHE D 724 -65.38 -31.06 44.37
N GLY D 725 -66.18 -31.92 43.79
CA GLY D 725 -66.79 -31.67 42.51
C GLY D 725 -68.28 -31.42 42.63
N ARG D 726 -69.06 -32.47 42.41
CA ARG D 726 -70.50 -32.32 42.42
C ARG D 726 -71.01 -31.79 43.76
N GLN D 727 -70.44 -32.28 44.86
CA GLN D 727 -70.95 -31.89 46.18
C GLN D 727 -70.67 -30.43 46.49
N LEU D 728 -69.50 -29.93 46.11
CA LEU D 728 -69.20 -28.52 46.32
C LEU D 728 -70.15 -27.64 45.50
N LEU D 729 -70.41 -28.02 44.26
CA LEU D 729 -71.35 -27.29 43.44
C LEU D 729 -72.74 -27.29 44.06
N GLU D 730 -73.18 -28.44 44.56
CA GLU D 730 -74.50 -28.50 45.19
C GLU D 730 -74.57 -27.62 46.42
N SER D 731 -73.51 -27.61 47.23
CA SER D 731 -73.52 -26.77 48.42
C SER D 731 -73.57 -25.28 48.06
N LEU D 732 -72.78 -24.87 47.06
CA LEU D 732 -72.81 -23.47 46.66
C LEU D 732 -74.17 -23.09 46.07
N LEU D 733 -74.76 -24.00 45.29
CA LEU D 733 -76.08 -23.74 44.73
C LEU D 733 -77.11 -23.59 45.83
N ALA D 734 -77.05 -24.43 46.85
CA ALA D 734 -77.97 -24.30 47.98
C ALA D 734 -77.77 -22.98 48.71
N HIS D 735 -76.51 -22.58 48.91
CA HIS D 735 -76.25 -21.32 49.60
C HIS D 735 -76.82 -20.13 48.84
N TYR D 736 -76.59 -20.07 47.53
CA TYR D 736 -77.09 -18.93 46.77
C TYR D 736 -78.59 -19.01 46.55
N CYS D 737 -79.16 -20.21 46.58
CA CYS D 737 -80.61 -20.35 46.59
C CYS D 737 -81.21 -19.79 47.86
N ARG D 738 -80.54 -20.00 48.99
CA ARG D 738 -80.96 -19.35 50.23
C ARG D 738 -80.82 -17.84 50.10
N LEU D 739 -79.76 -17.38 49.44
CA LEU D 739 -79.58 -15.93 49.26
C LEU D 739 -80.60 -15.33 48.29
N ARG D 740 -81.23 -16.16 47.46
CA ARG D 740 -82.31 -15.74 46.57
C ARG D 740 -81.82 -14.70 45.54
N ASP D 741 -80.80 -15.11 44.79
CA ASP D 741 -80.36 -14.34 43.63
C ASP D 741 -80.18 -15.31 42.48
N VAL D 742 -80.33 -14.82 41.24
CA VAL D 742 -80.29 -15.70 40.09
C VAL D 742 -79.01 -15.51 39.30
N GLN D 743 -78.29 -14.42 39.54
CA GLN D 743 -77.11 -14.10 38.74
C GLN D 743 -76.07 -15.20 38.85
N THR D 744 -75.53 -15.41 40.06
CA THR D 744 -74.47 -16.41 40.21
C THR D 744 -74.97 -17.81 39.92
N LEU D 745 -76.24 -18.10 40.23
CA LEU D 745 -76.78 -19.42 39.91
C LEU D 745 -76.74 -19.68 38.41
N ALA D 746 -77.29 -18.75 37.62
CA ALA D 746 -77.32 -18.94 36.18
C ALA D 746 -75.91 -18.98 35.61
N MET D 747 -75.02 -18.12 36.11
CA MET D 747 -73.66 -18.12 35.60
C MET D 747 -72.95 -19.44 35.88
N LEU D 748 -73.09 -19.96 37.11
CA LEU D 748 -72.45 -21.23 37.44
C LEU D 748 -73.01 -22.37 36.63
N CYS D 749 -74.33 -22.44 36.48
CA CYS D 749 -74.91 -23.50 35.68
C CYS D 749 -74.48 -23.40 34.22
N SER D 750 -74.42 -22.18 33.68
CA SER D 750 -73.98 -22.01 32.31
C SER D 750 -72.55 -22.49 32.13
N VAL D 751 -71.67 -22.14 33.06
CA VAL D 751 -70.27 -22.54 32.94
C VAL D 751 -70.13 -24.05 33.05
N PHE D 752 -70.80 -24.66 34.02
CA PHE D 752 -70.66 -26.09 34.28
C PHE D 752 -71.49 -26.96 33.33
N GLU D 753 -72.28 -26.35 32.45
CA GLU D 753 -73.16 -27.14 31.58
C GLU D 753 -72.42 -28.19 30.78
N ALA D 754 -71.16 -27.93 30.44
CA ALA D 754 -70.37 -28.91 29.69
C ALA D 754 -70.15 -30.16 30.52
N PRO D 836 -76.63 -55.66 30.68
CA PRO D 836 -75.74 -55.35 31.82
C PRO D 836 -74.69 -54.32 31.47
N ARG D 837 -73.92 -54.56 30.40
CA ARG D 837 -72.92 -53.59 29.97
C ARG D 837 -73.58 -52.29 29.54
N GLU D 838 -74.71 -52.37 28.85
CA GLU D 838 -75.43 -51.16 28.45
C GLU D 838 -75.90 -50.38 29.67
N ARG D 839 -76.40 -51.08 30.69
CA ARG D 839 -76.82 -50.42 31.92
C ARG D 839 -75.63 -49.76 32.62
N GLU D 840 -74.49 -50.45 32.66
CA GLU D 840 -73.30 -49.87 33.28
C GLU D 840 -72.84 -48.63 32.54
N ARG D 841 -72.84 -48.68 31.20
CA ARG D 841 -72.45 -47.51 30.42
C ARG D 841 -73.43 -46.36 30.65
N ASP D 842 -74.73 -46.65 30.70
CA ASP D 842 -75.72 -45.60 30.92
C ASP D 842 -75.55 -44.97 32.29
N GLN D 843 -75.32 -45.78 33.33
CA GLN D 843 -75.14 -45.24 34.66
C GLN D 843 -73.85 -44.43 34.76
N HIS D 844 -72.77 -44.89 34.14
CA HIS D 844 -71.55 -44.08 34.12
C HIS D 844 -71.78 -42.76 33.39
N ASP D 845 -72.53 -42.79 32.30
CA ASP D 845 -72.83 -41.56 31.58
C ASP D 845 -73.62 -40.60 32.44
N LYS D 846 -74.63 -41.10 33.15
CA LYS D 846 -75.37 -40.24 34.07
C LYS D 846 -74.53 -39.82 35.26
N ASN D 847 -73.40 -40.48 35.49
CA ASN D 847 -72.56 -40.19 36.66
C ASN D 847 -71.31 -39.38 36.32
N LYS D 848 -70.94 -39.27 35.04
CA LYS D 848 -69.75 -38.49 34.70
C LYS D 848 -69.93 -37.01 35.01
N ARG D 849 -71.09 -36.46 34.70
CA ARG D 849 -71.24 -35.02 34.63
C ARG D 849 -71.34 -34.38 36.01
N LEU D 850 -71.02 -33.09 36.05
CA LEU D 850 -70.94 -32.32 37.29
C LEU D 850 -72.26 -31.66 37.66
N LEU D 851 -73.28 -31.77 36.81
CA LEU D 851 -74.60 -31.22 37.12
C LEU D 851 -75.60 -32.36 37.19
N ASP D 852 -76.37 -32.40 38.27
CA ASP D 852 -77.30 -33.49 38.49
C ASP D 852 -78.37 -33.48 37.39
N PRO D 853 -78.62 -34.61 36.72
CA PRO D 853 -79.63 -34.64 35.65
C PRO D 853 -81.06 -34.44 36.14
N ALA D 854 -81.31 -34.59 37.44
CA ALA D 854 -82.67 -34.49 37.93
C ALA D 854 -83.16 -33.06 38.11
N ASN D 855 -82.28 -32.06 37.98
CA ASN D 855 -82.65 -30.67 38.14
C ASN D 855 -82.38 -29.84 36.89
N THR D 856 -82.44 -30.47 35.70
CA THR D 856 -82.21 -29.73 34.47
C THR D 856 -83.30 -28.69 34.24
N GLN D 857 -84.55 -29.03 34.57
CA GLN D 857 -85.62 -28.05 34.47
C GLN D 857 -85.37 -26.86 35.39
N GLN D 858 -84.89 -27.13 36.60
CA GLN D 858 -84.59 -26.04 37.52
C GLN D 858 -83.47 -25.15 37.00
N PHE D 859 -82.42 -25.75 36.44
CA PHE D 859 -81.33 -24.96 35.89
C PHE D 859 -81.80 -24.11 34.71
N ASP D 860 -82.63 -24.70 33.85
CA ASP D 860 -83.20 -23.93 32.74
C ASP D 860 -84.06 -22.79 33.26
N ASP D 861 -84.80 -23.02 34.34
CA ASP D 861 -85.61 -21.96 34.93
C ASP D 861 -84.74 -20.82 35.44
N PHE D 862 -83.63 -21.16 36.11
CA PHE D 862 -82.68 -20.12 36.53
C PHE D 862 -82.23 -19.29 35.35
N LYS D 863 -81.85 -19.96 34.26
CA LYS D 863 -81.34 -19.26 33.09
C LYS D 863 -82.38 -18.33 32.51
N LYS D 864 -83.61 -18.83 32.32
CA LYS D 864 -84.64 -18.06 31.64
C LYS D 864 -85.31 -17.04 32.55
N CYS D 865 -85.00 -17.05 33.84
CA CYS D 865 -85.36 -15.94 34.72
C CYS D 865 -84.31 -14.84 34.72
N TYR D 866 -83.02 -15.22 34.78
CA TYR D 866 -81.98 -14.22 34.61
C TYR D 866 -82.09 -13.54 33.26
N GLY D 867 -82.57 -14.27 32.25
CA GLY D 867 -82.81 -13.65 30.95
C GLY D 867 -83.83 -12.54 30.97
N GLU D 868 -84.94 -12.74 31.67
CA GLU D 868 -85.92 -11.67 31.82
C GLU D 868 -85.35 -10.50 32.60
N ILE D 869 -84.56 -10.77 33.64
CA ILE D 869 -83.86 -9.68 34.32
C ILE D 869 -83.01 -8.89 33.33
N LEU D 870 -82.24 -9.60 32.52
CA LEU D 870 -81.31 -8.96 31.60
C LEU D 870 -82.06 -8.12 30.58
N TYR D 871 -83.16 -8.65 30.03
CA TYR D 871 -83.96 -7.89 29.09
C TYR D 871 -84.60 -6.67 29.75
N ARG D 872 -85.01 -6.79 31.01
CA ARG D 872 -85.50 -5.64 31.75
C ARG D 872 -84.46 -4.55 31.81
N TRP D 873 -83.21 -4.91 32.12
CA TRP D 873 -82.16 -3.90 32.22
C TRP D 873 -81.94 -3.19 30.89
N GLY D 874 -81.94 -3.95 29.80
CA GLY D 874 -81.72 -3.38 28.48
C GLY D 874 -80.46 -3.84 27.78
N LEU D 875 -79.56 -4.55 28.46
CA LEU D 875 -78.39 -5.16 27.82
C LEU D 875 -78.82 -6.55 27.34
N ARG D 876 -79.23 -6.61 26.08
CA ARG D 876 -79.84 -7.81 25.55
C ARG D 876 -78.82 -8.79 24.99
N GLU D 877 -77.76 -8.32 24.33
CA GLU D 877 -76.78 -9.23 23.75
C GLU D 877 -76.24 -10.22 24.78
N LYS D 878 -76.08 -9.76 26.02
CA LYS D 878 -75.73 -10.67 27.10
C LYS D 878 -76.82 -11.72 27.30
N ARG D 879 -78.08 -11.32 27.16
CA ARG D 879 -79.17 -12.28 27.28
C ARG D 879 -79.15 -13.31 26.17
N ALA D 880 -78.88 -12.86 24.94
CA ALA D 880 -78.77 -13.77 23.82
C ALA D 880 -77.59 -14.71 23.98
N GLU D 881 -76.56 -14.27 24.69
CA GLU D 881 -75.44 -15.16 24.99
C GLU D 881 -75.82 -16.17 26.07
N VAL D 882 -76.52 -15.73 27.12
CA VAL D 882 -76.80 -16.61 28.24
C VAL D 882 -77.86 -17.65 27.89
N LEU D 883 -78.84 -17.28 27.07
CA LEU D 883 -79.94 -18.19 26.78
C LEU D 883 -79.57 -19.30 25.82
N LYS D 884 -78.28 -19.53 25.56
CA LYS D 884 -77.96 -20.64 24.68
C LYS D 884 -77.87 -21.95 25.44
N PHE D 885 -77.26 -21.93 26.61
CA PHE D 885 -76.97 -23.12 27.38
C PHE D 885 -78.22 -23.83 27.89
N VAL D 886 -79.41 -23.33 27.56
CA VAL D 886 -80.63 -24.01 27.96
C VAL D 886 -80.71 -25.35 27.26
N SER D 887 -81.04 -26.39 28.03
CA SER D 887 -81.16 -27.72 27.44
C SER D 887 -82.46 -27.86 26.65
N CYS D 888 -83.43 -26.99 26.92
CA CYS D 888 -84.72 -27.06 26.24
C CYS D 888 -84.60 -26.56 24.81
N PRO D 889 -85.03 -27.33 23.83
CA PRO D 889 -85.02 -26.88 22.44
C PRO D 889 -85.87 -25.62 22.29
N PRO D 890 -85.51 -24.74 21.35
CA PRO D 890 -86.29 -23.53 21.14
C PRO D 890 -87.62 -23.82 20.47
N ASP D 891 -88.56 -22.95 20.69
CA ASP D 891 -89.80 -23.01 19.94
C ASP D 891 -89.56 -22.53 18.51
N PRO D 892 -90.09 -23.25 17.51
CA PRO D 892 -90.01 -22.78 16.14
C PRO D 892 -91.16 -21.82 15.80
N HIS D 893 -91.01 -21.12 14.69
CA HIS D 893 -91.96 -20.10 14.26
C HIS D 893 -93.06 -20.73 13.40
N LYS D 894 -94.26 -20.19 13.52
CA LYS D 894 -95.41 -20.66 12.74
C LYS D 894 -96.13 -19.45 12.17
N GLY D 895 -96.62 -19.58 10.95
CA GLY D 895 -97.30 -18.48 10.29
C GLY D 895 -96.95 -18.45 8.81
N ILE D 896 -96.81 -17.23 8.29
CA ILE D 896 -96.39 -17.07 6.91
C ILE D 896 -94.86 -17.19 6.84
N GLU D 897 -94.36 -17.45 5.64
CA GLU D 897 -92.92 -17.53 5.40
C GLU D 897 -92.62 -17.04 3.99
N PHE D 898 -91.36 -16.71 3.77
CA PHE D 898 -90.93 -16.09 2.53
C PHE D 898 -90.48 -17.15 1.52
N GLY D 899 -90.65 -16.83 0.24
CA GLY D 899 -90.16 -17.67 -0.83
C GLY D 899 -89.51 -16.86 -1.93
N VAL D 900 -88.29 -17.25 -2.31
CA VAL D 900 -87.54 -16.57 -3.36
C VAL D 900 -87.78 -17.32 -4.66
N TYR D 901 -88.39 -16.64 -5.64
CA TYR D 901 -88.63 -17.26 -6.93
C TYR D 901 -87.31 -17.66 -7.57
N CYS D 902 -87.33 -18.75 -8.32
CA CYS D 902 -86.11 -19.26 -8.92
C CYS D 902 -85.55 -18.25 -9.92
N SER D 903 -84.22 -18.13 -9.95
CA SER D 903 -83.56 -17.25 -10.89
C SER D 903 -83.47 -17.84 -12.29
N HIS D 904 -83.79 -19.13 -12.45
CA HIS D 904 -83.72 -19.79 -13.75
C HIS D 904 -85.09 -20.21 -14.26
N CYS D 905 -85.85 -20.98 -13.48
CA CYS D 905 -87.15 -21.46 -13.89
C CYS D 905 -88.30 -20.64 -13.35
N ARG D 906 -88.01 -19.55 -12.63
CA ARG D 906 -89.02 -18.61 -12.13
C ARG D 906 -90.07 -19.29 -11.25
N SER D 907 -89.69 -20.30 -10.49
CA SER D 907 -90.60 -20.98 -9.59
C SER D 907 -90.32 -20.59 -8.13
N GLU D 908 -91.38 -20.61 -7.32
CA GLU D 908 -91.26 -20.27 -5.91
C GLU D 908 -90.67 -21.47 -5.18
N VAL D 909 -89.46 -21.30 -4.64
CA VAL D 909 -88.73 -22.36 -3.96
C VAL D 909 -88.48 -21.93 -2.53
N ARG D 910 -88.80 -22.81 -1.58
CA ARG D 910 -88.61 -22.53 -0.16
C ARG D 910 -87.24 -23.05 0.27
N GLY D 911 -86.21 -22.29 -0.08
CA GLY D 911 -84.85 -22.66 0.27
C GLY D 911 -83.86 -21.84 -0.52
N THR D 912 -82.59 -21.97 -0.11
CA THR D 912 -81.52 -21.25 -0.79
C THR D 912 -81.16 -21.87 -2.14
N GLN D 913 -81.53 -23.13 -2.37
CA GLN D 913 -81.24 -23.83 -3.61
C GLN D 913 -82.53 -24.32 -4.25
N CYS D 914 -82.64 -24.15 -5.56
CA CYS D 914 -83.83 -24.58 -6.28
C CYS D 914 -83.93 -26.10 -6.32
N ALA D 915 -85.15 -26.60 -6.19
CA ALA D 915 -85.40 -28.04 -6.23
C ALA D 915 -85.58 -28.57 -7.65
N ILE D 916 -85.63 -27.71 -8.64
CA ILE D 916 -85.80 -28.10 -10.04
C ILE D 916 -84.55 -27.80 -10.86
N CYS D 917 -84.08 -26.55 -10.81
CA CYS D 917 -82.93 -26.13 -11.59
C CYS D 917 -81.59 -26.37 -10.90
N LYS D 918 -81.61 -26.80 -9.64
CA LYS D 918 -80.40 -27.08 -8.87
C LYS D 918 -79.47 -25.88 -8.79
N GLY D 919 -80.01 -24.67 -8.65
CA GLY D 919 -79.24 -23.46 -8.58
C GLY D 919 -79.76 -22.48 -7.54
N PHE D 920 -79.12 -21.31 -7.52
CA PHE D 920 -79.47 -20.27 -6.56
C PHE D 920 -80.69 -19.49 -7.02
N THR D 921 -81.67 -19.33 -6.13
CA THR D 921 -82.92 -18.65 -6.46
C THR D 921 -82.87 -17.15 -6.22
N PHE D 922 -82.01 -16.69 -5.31
CA PHE D 922 -81.88 -15.28 -5.00
C PHE D 922 -80.49 -14.80 -5.39
N GLN D 923 -80.43 -13.75 -6.21
CA GLN D 923 -79.17 -13.17 -6.67
C GLN D 923 -79.06 -11.75 -6.15
N CYS D 924 -77.86 -11.39 -5.70
CA CYS D 924 -77.68 -10.08 -5.10
C CYS D 924 -77.96 -8.97 -6.09
N ALA D 925 -78.75 -7.98 -5.66
CA ALA D 925 -79.10 -6.86 -6.51
C ALA D 925 -77.93 -5.91 -6.74
N ILE D 926 -76.82 -6.10 -6.04
CA ILE D 926 -75.65 -5.23 -6.18
C ILE D 926 -74.47 -5.98 -6.79
N CYS D 927 -74.02 -7.05 -6.13
CA CYS D 927 -72.85 -7.77 -6.63
C CYS D 927 -73.19 -8.74 -7.75
N HIS D 928 -74.47 -8.98 -8.02
CA HIS D 928 -74.90 -9.85 -9.12
C HIS D 928 -74.29 -11.25 -9.00
N VAL D 929 -74.35 -11.81 -7.79
CA VAL D 929 -73.86 -13.16 -7.53
C VAL D 929 -74.86 -13.88 -6.64
N ALA D 930 -74.60 -15.16 -6.39
CA ALA D 930 -75.41 -15.92 -5.45
C ALA D 930 -75.14 -15.45 -4.02
N VAL D 931 -76.16 -15.51 -3.18
CA VAL D 931 -76.09 -15.04 -1.80
C VAL D 931 -76.50 -16.18 -0.88
N ARG D 932 -75.95 -16.19 0.34
CA ARG D 932 -76.26 -17.18 1.35
C ARG D 932 -76.51 -16.58 2.72
N GLY D 933 -76.30 -15.28 2.88
CA GLY D 933 -76.40 -14.64 4.18
C GLY D 933 -77.75 -14.01 4.49
N SER D 934 -77.73 -12.77 4.97
CA SER D 934 -78.95 -12.04 5.29
C SER D 934 -79.35 -11.16 4.11
N SER D 935 -80.66 -10.91 3.99
CA SER D 935 -81.20 -10.15 2.85
C SER D 935 -81.85 -8.84 3.26
N ASN D 936 -82.84 -8.85 4.16
CA ASN D 936 -83.52 -7.62 4.54
C ASN D 936 -84.00 -6.84 3.31
N PHE D 937 -84.64 -7.55 2.38
CA PHE D 937 -84.94 -7.10 1.03
C PHE D 937 -86.12 -6.13 1.06
N CYS D 938 -86.60 -5.74 -0.11
CA CYS D 938 -87.74 -4.84 -0.24
C CYS D 938 -89.01 -5.67 -0.40
N LEU D 939 -90.02 -5.37 0.40
CA LEU D 939 -91.22 -6.19 0.40
C LEU D 939 -92.18 -5.75 -0.70
N THR D 940 -92.16 -4.46 -1.04
CA THR D 940 -93.05 -3.98 -2.10
C THR D 940 -92.64 -4.55 -3.46
N CYS D 941 -91.37 -4.43 -3.83
CA CYS D 941 -90.90 -4.88 -5.13
C CYS D 941 -90.19 -6.23 -5.11
N GLY D 942 -89.77 -6.70 -3.95
CA GLY D 942 -89.19 -8.02 -3.81
C GLY D 942 -87.72 -8.14 -4.16
N HIS D 943 -87.04 -7.04 -4.46
CA HIS D 943 -85.64 -7.08 -4.85
C HIS D 943 -84.74 -6.86 -3.64
N GLY D 944 -83.62 -7.58 -3.60
CA GLY D 944 -82.75 -7.51 -2.43
C GLY D 944 -81.41 -8.16 -2.67
N GLY D 945 -80.55 -8.11 -1.65
CA GLY D 945 -79.18 -8.56 -1.85
C GLY D 945 -78.51 -8.88 -0.54
N HIS D 946 -77.18 -9.00 -0.61
CA HIS D 946 -76.42 -9.31 0.60
C HIS D 946 -76.23 -8.08 1.49
N THR D 947 -76.39 -8.28 2.80
CA THR D 947 -76.80 -7.20 3.69
C THR D 947 -75.91 -5.97 3.54
N SER D 948 -74.60 -6.19 3.51
CA SER D 948 -73.68 -5.07 3.38
C SER D 948 -73.94 -4.30 2.09
N HIS D 949 -74.30 -5.00 1.02
CA HIS D 949 -74.43 -4.33 -0.27
C HIS D 949 -75.54 -3.29 -0.28
N MET D 950 -76.74 -3.65 0.20
CA MET D 950 -77.79 -2.63 0.18
C MET D 950 -77.61 -1.62 1.30
N MET D 951 -77.01 -2.02 2.43
CA MET D 951 -76.68 -1.01 3.43
C MET D 951 -75.82 0.08 2.81
N GLU D 952 -74.79 -0.31 2.05
CA GLU D 952 -73.96 0.65 1.35
C GLU D 952 -74.76 1.43 0.31
N TRP D 953 -75.65 0.75 -0.43
CA TRP D 953 -76.45 1.45 -1.44
C TRP D 953 -77.32 2.53 -0.82
N PHE D 954 -78.03 2.20 0.25
CA PHE D 954 -78.94 3.14 0.89
C PHE D 954 -78.22 4.11 1.82
N ARG D 955 -76.90 3.96 1.99
CA ARG D 955 -76.15 4.99 2.70
C ARG D 955 -76.38 6.37 2.11
N THR D 956 -76.21 6.52 0.79
CA THR D 956 -76.43 7.80 0.12
C THR D 956 -77.44 7.69 -1.01
N GLN D 957 -77.38 6.62 -1.81
CA GLN D 957 -78.33 6.44 -2.90
C GLN D 957 -79.70 6.07 -2.35
N GLU D 958 -80.74 6.48 -3.08
CA GLU D 958 -82.11 6.35 -2.59
C GLU D 958 -83.09 5.87 -3.64
N VAL D 959 -82.64 5.02 -4.57
CA VAL D 959 -83.52 4.44 -5.59
C VAL D 959 -83.23 2.95 -5.69
N CYS D 960 -84.26 2.20 -6.10
CA CYS D 960 -84.13 0.75 -6.15
C CYS D 960 -83.08 0.36 -7.19
N PRO D 961 -82.02 -0.35 -6.79
CA PRO D 961 -80.97 -0.74 -7.74
C PRO D 961 -81.49 -1.56 -8.91
N THR D 962 -82.50 -2.37 -8.69
CA THR D 962 -83.06 -3.21 -9.75
C THR D 962 -83.67 -2.39 -10.89
N GLY D 963 -84.06 -1.14 -10.64
CA GLY D 963 -84.56 -0.27 -11.68
C GLY D 963 -86.06 -0.03 -11.68
N CYS D 964 -86.84 -0.80 -10.92
CA CYS D 964 -88.28 -0.57 -10.88
C CYS D 964 -88.65 0.73 -10.16
N GLY D 965 -87.65 1.50 -9.72
CA GLY D 965 -87.85 2.76 -9.03
C GLY D 965 -88.16 2.55 -7.56
N CYS D 966 -89.43 2.25 -7.26
CA CYS D 966 -89.88 1.64 -6.01
C CYS D 966 -89.07 2.10 -4.80
N HIS D 967 -89.06 3.40 -4.51
CA HIS D 967 -88.27 3.88 -3.39
C HIS D 967 -88.92 3.48 -2.08
N CYS D 968 -88.56 2.30 -1.58
CA CYS D 968 -89.21 1.68 -0.44
C CYS D 968 -88.55 2.05 0.89
N LEU D 969 -87.54 2.92 0.89
CA LEU D 969 -86.87 3.28 2.14
C LEU D 969 -87.83 3.91 3.14
N LEU D 970 -88.90 4.53 2.66
CA LEU D 970 -89.99 4.99 3.51
C LEU D 970 -91.24 4.15 3.39
N GLU D 971 -91.27 3.20 2.45
CA GLU D 971 -92.46 2.37 2.27
C GLU D 971 -92.39 1.13 3.16
N SER D 972 -91.33 0.34 3.02
CA SER D 972 -91.19 -0.87 3.83
C SER D 972 -91.03 -0.53 5.31
N THR D 973 -90.25 0.50 5.62
CA THR D 973 -90.03 0.89 7.00
C THR D 973 -91.27 1.59 7.55
N PHE D 974 -92.22 0.82 8.08
CA PHE D 974 -93.46 1.37 8.60
C PHE D 974 -93.22 2.20 9.87
N MET E 1 18.09 -17.43 55.11
CA MET E 1 17.39 -18.05 53.98
C MET E 1 15.91 -17.68 54.00
N PHE E 2 15.54 -16.79 54.92
CA PHE E 2 14.16 -16.37 55.07
C PHE E 2 13.81 -15.27 54.09
N VAL E 3 12.75 -15.48 53.32
CA VAL E 3 12.27 -14.51 52.34
C VAL E 3 10.96 -13.95 52.85
N ALA E 4 10.68 -12.69 52.51
CA ALA E 4 9.48 -12.03 53.01
C ALA E 4 8.37 -12.09 51.98
N ARG E 5 7.23 -11.50 52.36
CA ARG E 5 6.07 -11.38 51.49
C ARG E 5 5.20 -10.25 52.03
N SER E 6 3.96 -10.17 51.55
CA SER E 6 2.99 -9.21 52.05
C SER E 6 1.66 -9.90 52.26
N ILE E 7 0.99 -9.58 53.38
CA ILE E 7 -0.26 -10.21 53.76
C ILE E 7 -1.40 -9.25 53.43
N ALA E 8 -2.43 -9.75 52.76
CA ALA E 8 -3.53 -8.94 52.26
C ALA E 8 -4.52 -8.66 53.39
N ALA E 9 -4.22 -7.61 54.15
CA ALA E 9 -5.06 -7.18 55.26
C ALA E 9 -5.01 -5.67 55.35
N ASP E 10 -6.16 -5.05 55.65
CA ASP E 10 -6.27 -3.61 55.75
C ASP E 10 -6.76 -3.23 57.14
N HIS E 11 -6.07 -2.28 57.76
CA HIS E 11 -6.45 -1.75 59.06
C HIS E 11 -6.50 -0.24 58.98
N LYS E 12 -7.08 0.37 60.01
CA LYS E 12 -7.06 1.82 60.14
C LYS E 12 -6.00 2.29 61.12
N ASP E 13 -6.09 1.86 62.36
CA ASP E 13 -5.17 2.32 63.40
C ASP E 13 -3.98 1.38 63.52
N LEU E 14 -2.92 1.88 64.16
CA LEU E 14 -1.75 1.07 64.45
C LEU E 14 -2.14 -0.10 65.37
N ILE E 15 -1.58 -1.27 65.08
CA ILE E 15 -1.87 -2.48 65.86
C ILE E 15 -0.66 -2.83 66.72
N HIS E 16 -0.91 -3.52 67.84
CA HIS E 16 0.10 -3.74 68.86
C HIS E 16 0.51 -5.19 69.05
N ASP E 17 -0.18 -6.15 68.44
CA ASP E 17 0.18 -7.55 68.65
C ASP E 17 -0.40 -8.39 67.52
N VAL E 18 0.09 -9.62 67.43
CA VAL E 18 -0.47 -10.67 66.58
C VAL E 18 -0.20 -11.99 67.28
N SER E 19 -1.17 -12.90 67.25
CA SER E 19 -1.01 -14.15 67.99
C SER E 19 -1.82 -15.28 67.37
N PHE E 20 -1.14 -16.35 67.00
CA PHE E 20 -1.77 -17.53 66.45
C PHE E 20 -2.35 -18.39 67.58
N ASP E 21 -3.24 -19.32 67.22
CA ASP E 21 -3.97 -20.03 68.26
C ASP E 21 -3.18 -21.23 68.79
N PHE E 22 -3.15 -22.33 68.03
CA PHE E 22 -2.24 -23.43 68.31
C PHE E 22 -1.82 -24.09 67.01
N HIS E 23 -2.60 -23.89 65.96
CA HIS E 23 -2.40 -24.55 64.68
C HIS E 23 -1.91 -23.59 63.60
N GLY E 24 -2.09 -22.30 63.79
CA GLY E 24 -1.78 -21.35 62.74
C GLY E 24 -2.91 -21.11 61.78
N ARG E 25 -4.13 -20.92 62.28
CA ARG E 25 -5.27 -20.58 61.44
C ARG E 25 -6.16 -19.50 62.04
N ARG E 26 -5.75 -18.84 63.12
CA ARG E 26 -6.54 -17.77 63.73
C ARG E 26 -5.57 -16.82 64.42
N MET E 27 -5.57 -15.57 63.97
CA MET E 27 -4.78 -14.54 64.62
C MET E 27 -5.67 -13.50 65.28
N ALA E 28 -5.10 -12.79 66.25
CA ALA E 28 -5.85 -11.83 67.05
C ALA E 28 -5.00 -10.59 67.23
N THR E 29 -5.39 -9.50 66.57
CA THR E 29 -4.63 -8.27 66.53
C THR E 29 -5.40 -7.16 67.24
N CYS E 30 -4.71 -6.41 68.09
CA CYS E 30 -5.34 -5.32 68.82
C CYS E 30 -4.86 -3.99 68.22
N SER E 31 -5.80 -3.12 67.90
CA SER E 31 -5.53 -1.86 67.23
C SER E 31 -5.49 -0.71 68.24
N SER E 32 -4.91 0.40 67.81
CA SER E 32 -4.84 1.59 68.65
C SER E 32 -6.21 2.22 68.89
N ASP E 33 -7.23 1.81 68.15
CA ASP E 33 -8.59 2.31 68.31
C ASP E 33 -9.39 1.49 69.33
N GLN E 34 -8.71 0.80 70.24
CA GLN E 34 -9.37 -0.03 71.26
C GLN E 34 -10.22 -1.13 70.63
N SER E 35 -9.89 -1.53 69.40
CA SER E 35 -10.69 -2.50 68.66
C SER E 35 -9.82 -3.69 68.31
N VAL E 36 -10.20 -4.86 68.83
CA VAL E 36 -9.52 -6.12 68.55
C VAL E 36 -10.33 -6.86 67.51
N LYS E 37 -9.64 -7.56 66.62
CA LYS E 37 -10.28 -8.27 65.51
C LYS E 37 -9.54 -9.57 65.25
N VAL E 38 -10.29 -10.56 64.78
CA VAL E 38 -9.80 -11.92 64.64
C VAL E 38 -9.91 -12.33 63.18
N TRP E 39 -8.79 -12.68 62.57
CA TRP E 39 -8.78 -13.20 61.21
C TRP E 39 -8.93 -14.71 61.24
N ASP E 40 -9.07 -15.31 60.06
CA ASP E 40 -9.23 -16.75 59.97
C ASP E 40 -8.77 -17.22 58.60
N LYS E 41 -7.59 -17.80 58.53
CA LYS E 41 -7.05 -18.28 57.26
C LYS E 41 -7.93 -19.38 56.70
N SER E 42 -8.20 -19.32 55.40
CA SER E 42 -9.11 -20.23 54.75
C SER E 42 -8.33 -21.32 54.03
N GLU E 43 -9.05 -22.19 53.33
CA GLU E 43 -8.42 -23.30 52.63
C GLU E 43 -7.59 -22.83 51.44
N SER E 44 -7.90 -21.64 50.92
CA SER E 44 -7.18 -21.11 49.77
C SER E 44 -5.97 -20.26 50.17
N GLY E 45 -5.65 -20.20 51.46
CA GLY E 45 -4.52 -19.43 51.91
C GLY E 45 -4.80 -17.96 52.14
N ASP E 46 -6.03 -17.51 51.93
CA ASP E 46 -6.38 -16.11 52.12
C ASP E 46 -6.75 -15.84 53.57
N TRP E 47 -6.68 -14.57 53.95
CA TRP E 47 -7.07 -14.12 55.28
C TRP E 47 -8.33 -13.27 55.20
N HIS E 48 -9.34 -13.65 55.98
CA HIS E 48 -10.60 -12.94 56.04
C HIS E 48 -10.74 -12.35 57.43
N CYS E 49 -11.73 -11.47 57.58
CA CYS E 49 -12.07 -10.91 58.87
C CYS E 49 -13.37 -11.54 59.34
N THR E 50 -13.41 -11.98 60.59
CA THR E 50 -14.58 -12.63 61.14
C THR E 50 -15.30 -11.81 62.19
N ALA E 51 -14.57 -11.11 63.07
CA ALA E 51 -15.22 -10.35 64.11
C ALA E 51 -14.42 -9.07 64.39
N SER E 52 -15.02 -8.20 65.20
CA SER E 52 -14.38 -7.01 65.72
C SER E 52 -15.27 -6.37 66.77
N TRP E 53 -14.68 -5.79 67.82
CA TRP E 53 -15.46 -5.13 68.86
C TRP E 53 -14.54 -4.27 69.71
N LYS E 54 -15.04 -3.12 70.12
CA LYS E 54 -14.27 -2.23 70.97
C LYS E 54 -14.10 -2.81 72.37
N THR E 55 -12.97 -2.52 72.99
CA THR E 55 -12.64 -2.99 74.32
C THR E 55 -12.85 -1.87 75.34
N HIS E 56 -12.37 -2.09 76.56
CA HIS E 56 -12.58 -1.17 77.66
C HIS E 56 -11.86 0.16 77.48
N SER E 57 -11.93 1.02 78.49
CA SER E 57 -11.54 2.42 78.33
C SER E 57 -10.06 2.57 77.99
N GLY E 58 -9.21 1.73 78.57
CA GLY E 58 -7.78 1.88 78.38
C GLY E 58 -7.34 1.56 76.96
N SER E 59 -6.03 1.37 76.83
CA SER E 59 -5.39 1.01 75.57
C SER E 59 -4.85 -0.41 75.67
N VAL E 60 -5.28 -1.27 74.77
CA VAL E 60 -4.89 -2.68 74.81
C VAL E 60 -3.47 -2.83 74.31
N TRP E 61 -2.63 -3.53 75.06
CA TRP E 61 -1.31 -3.90 74.57
C TRP E 61 -1.18 -5.36 74.18
N ARG E 62 -1.78 -6.29 74.92
CA ARG E 62 -1.53 -7.70 74.71
C ARG E 62 -2.84 -8.44 74.47
N VAL E 63 -2.83 -9.35 73.50
CA VAL E 63 -3.91 -10.30 73.26
C VAL E 63 -3.30 -11.67 73.03
N THR E 64 -3.74 -12.66 73.81
CA THR E 64 -3.16 -13.99 73.79
C THR E 64 -4.24 -15.04 73.52
N TRP E 65 -3.82 -16.19 73.03
CA TRP E 65 -4.72 -17.28 72.69
C TRP E 65 -4.65 -18.39 73.74
N ALA E 66 -5.46 -19.42 73.55
CA ALA E 66 -5.61 -20.51 74.50
C ALA E 66 -5.57 -21.84 73.78
N HIS E 67 -5.34 -22.89 74.55
CA HIS E 67 -5.27 -24.23 73.97
C HIS E 67 -6.66 -24.65 73.48
N PRO E 68 -6.75 -25.28 72.32
CA PRO E 68 -8.07 -25.65 71.76
C PRO E 68 -8.84 -26.63 72.62
N GLU E 69 -8.18 -27.36 73.52
CA GLU E 69 -8.87 -28.34 74.34
C GLU E 69 -9.88 -27.65 75.27
N PHE E 70 -9.55 -26.44 75.72
CA PHE E 70 -10.39 -25.75 76.67
C PHE E 70 -11.48 -24.91 76.02
N GLY E 71 -11.59 -24.95 74.69
CA GLY E 71 -12.53 -24.10 73.99
C GLY E 71 -11.82 -23.15 73.07
N GLN E 72 -12.19 -21.87 73.10
CA GLN E 72 -11.52 -20.82 72.34
C GLN E 72 -11.67 -19.52 73.11
N VAL E 73 -10.68 -19.15 73.89
CA VAL E 73 -10.73 -17.95 74.71
C VAL E 73 -9.48 -17.12 74.48
N LEU E 74 -9.58 -15.82 74.75
CA LEU E 74 -8.45 -14.91 74.65
C LEU E 74 -8.41 -13.99 75.86
N ALA E 75 -7.20 -13.72 76.35
CA ALA E 75 -6.99 -12.80 77.45
C ALA E 75 -6.32 -11.54 76.92
N SER E 76 -6.87 -10.40 77.28
CA SER E 76 -6.35 -9.11 76.84
C SER E 76 -6.29 -8.16 78.01
N CYS E 77 -5.20 -7.42 78.12
CA CYS E 77 -5.00 -6.44 79.18
C CYS E 77 -4.87 -5.05 78.56
N SER E 78 -5.21 -4.04 79.36
CA SER E 78 -5.18 -2.66 78.91
C SER E 78 -5.03 -1.75 80.11
N PHE E 79 -4.89 -0.45 79.86
CA PHE E 79 -4.70 0.52 80.94
C PHE E 79 -5.96 0.72 81.76
N ASP E 80 -7.04 0.02 81.46
CA ASP E 80 -8.26 0.07 82.24
C ASP E 80 -8.14 -0.64 83.58
N ARG E 81 -6.94 -1.10 83.94
CA ARG E 81 -6.70 -1.82 85.18
C ARG E 81 -7.56 -3.08 85.27
N THR E 82 -7.69 -3.78 84.15
CA THR E 82 -8.54 -4.96 84.11
C THR E 82 -7.98 -5.95 83.08
N ALA E 83 -8.32 -7.21 83.26
CA ALA E 83 -7.99 -8.28 82.34
C ALA E 83 -9.28 -8.99 81.92
N ALA E 84 -9.36 -9.38 80.65
CA ALA E 84 -10.61 -9.83 80.06
C ALA E 84 -10.47 -11.24 79.49
N VAL E 85 -11.61 -11.89 79.29
CA VAL E 85 -11.70 -13.15 78.58
C VAL E 85 -12.85 -13.06 77.59
N TRP E 86 -12.81 -13.94 76.58
CA TRP E 86 -13.72 -13.85 75.44
C TRP E 86 -13.93 -15.25 74.89
N GLU E 87 -15.19 -15.67 74.70
CA GLU E 87 -15.50 -16.99 74.18
C GLU E 87 -16.43 -16.89 72.98
N GLU E 88 -16.18 -17.73 71.97
CA GLU E 88 -17.03 -17.82 70.79
C GLU E 88 -18.35 -18.49 71.09
N ILE E 89 -19.43 -17.89 70.59
CA ILE E 89 -20.77 -18.47 70.60
C ILE E 89 -21.28 -18.46 69.17
N VAL E 90 -21.47 -19.65 68.60
CA VAL E 90 -21.94 -19.76 67.23
C VAL E 90 -23.01 -20.83 67.13
N SER E 101 -20.79 -15.50 64.66
CA SER E 101 -20.01 -15.75 65.87
C SER E 101 -19.89 -14.48 66.70
N HIS E 102 -20.65 -14.43 67.80
CA HIS E 102 -20.68 -13.27 68.68
C HIS E 102 -19.92 -13.63 69.96
N TRP E 103 -18.79 -12.98 70.17
CA TRP E 103 -18.04 -13.16 71.41
C TRP E 103 -18.80 -12.56 72.59
N VAL E 104 -18.51 -13.07 73.79
CA VAL E 104 -19.13 -12.60 75.01
C VAL E 104 -18.09 -12.43 76.09
N LYS E 105 -18.20 -11.34 76.83
CA LYS E 105 -17.46 -11.19 78.07
C LYS E 105 -17.91 -12.24 79.08
N ARG E 106 -16.95 -12.84 79.78
CA ARG E 106 -17.26 -13.86 80.77
C ARG E 106 -16.90 -13.41 82.17
N THR E 107 -15.67 -12.94 82.39
CA THR E 107 -15.26 -12.50 83.72
C THR E 107 -14.10 -11.54 83.57
N THR E 108 -14.33 -10.26 83.89
CA THR E 108 -13.26 -9.27 83.87
C THR E 108 -12.51 -9.34 85.19
N LEU E 109 -11.32 -9.93 85.17
CA LEU E 109 -10.52 -10.06 86.39
C LEU E 109 -9.97 -8.69 86.75
N VAL E 110 -10.72 -7.97 87.59
CA VAL E 110 -10.37 -6.60 87.96
C VAL E 110 -9.99 -6.63 89.43
N ASP E 111 -8.69 -6.67 89.70
CA ASP E 111 -8.20 -6.62 91.08
C ASP E 111 -6.90 -5.83 91.18
N SER E 112 -6.60 -4.98 90.21
CA SER E 112 -5.31 -4.32 90.10
C SER E 112 -5.46 -2.82 90.25
N ARG E 113 -4.58 -2.21 91.04
CA ARG E 113 -4.58 -0.77 91.23
C ARG E 113 -3.65 -0.05 90.26
N THR E 114 -3.11 -0.75 89.27
CA THR E 114 -2.21 -0.17 88.29
C THR E 114 -2.56 -0.70 86.91
N SER E 115 -1.73 -0.32 85.94
CA SER E 115 -1.95 -0.76 84.56
C SER E 115 -1.35 -2.15 84.38
N VAL E 116 -2.21 -3.15 84.14
CA VAL E 116 -1.75 -4.52 84.01
C VAL E 116 -1.05 -4.67 82.66
N THR E 117 0.28 -4.73 82.69
CA THR E 117 1.06 -4.63 81.46
C THR E 117 0.96 -5.91 80.63
N ASP E 118 1.04 -7.08 81.26
CA ASP E 118 1.16 -8.34 80.54
C ASP E 118 0.13 -9.35 81.04
N VAL E 119 -0.32 -10.20 80.12
CA VAL E 119 -1.17 -11.34 80.43
C VAL E 119 -0.69 -12.53 79.61
N LYS E 120 -0.58 -13.69 80.26
CA LYS E 120 -0.07 -14.91 79.64
C LYS E 120 -0.83 -16.11 80.17
N PHE E 121 -0.86 -17.16 79.37
CA PHE E 121 -1.61 -18.37 79.72
C PHE E 121 -0.68 -19.48 80.17
N ALA E 122 -1.10 -20.21 81.19
CA ALA E 122 -0.33 -21.32 81.72
C ALA E 122 -0.35 -22.49 80.75
N PRO E 123 0.62 -23.40 80.85
CA PRO E 123 0.63 -24.57 79.97
C PRO E 123 -0.59 -25.45 80.19
N LYS E 124 -0.89 -26.26 79.17
CA LYS E 124 -2.10 -27.05 79.17
C LYS E 124 -2.12 -28.08 80.30
N HIS E 125 -0.97 -28.69 80.58
CA HIS E 125 -0.91 -29.85 81.49
C HIS E 125 -1.33 -29.54 82.89
N MET E 126 -1.64 -28.31 83.30
CA MET E 126 -2.00 -28.05 84.68
C MET E 126 -3.35 -27.40 84.87
N GLY E 127 -4.03 -27.01 83.79
CA GLY E 127 -5.35 -26.43 83.91
C GLY E 127 -5.45 -25.07 83.25
N LEU E 128 -6.48 -24.31 83.61
CA LEU E 128 -6.70 -22.98 83.04
C LEU E 128 -6.27 -21.94 84.06
N MET E 129 -5.00 -21.55 83.98
CA MET E 129 -4.46 -20.43 84.75
C MET E 129 -4.01 -19.33 83.80
N LEU E 130 -3.94 -18.12 84.32
CA LEU E 130 -3.42 -16.98 83.58
C LEU E 130 -2.76 -16.03 84.56
N ALA E 131 -1.60 -15.50 84.19
CA ALA E 131 -0.80 -14.69 85.08
C ALA E 131 -0.74 -13.25 84.58
N THR E 132 -0.95 -12.30 85.49
CA THR E 132 -0.89 -10.89 85.19
C THR E 132 -0.14 -10.16 86.30
N CYS E 133 0.68 -9.18 85.93
CA CYS E 133 1.15 -8.23 86.91
C CYS E 133 1.14 -6.82 86.32
N SER E 134 0.93 -5.84 87.19
CA SER E 134 0.78 -4.45 86.80
C SER E 134 1.98 -3.64 87.25
N ALA E 135 1.91 -2.33 87.00
CA ALA E 135 3.04 -1.45 87.30
C ALA E 135 3.32 -1.38 88.80
N ASP E 136 2.33 -1.73 89.63
CA ASP E 136 2.55 -1.72 91.07
C ASP E 136 3.64 -2.71 91.49
N GLY E 137 3.85 -3.76 90.71
CA GLY E 137 4.85 -4.74 91.01
C GLY E 137 4.36 -5.97 91.73
N ILE E 138 3.13 -6.40 91.49
CA ILE E 138 2.56 -7.57 92.14
C ILE E 138 1.99 -8.48 91.05
N VAL E 139 2.42 -9.73 91.05
CA VAL E 139 1.97 -10.71 90.06
C VAL E 139 0.80 -11.48 90.64
N ARG E 140 -0.20 -11.75 89.81
CA ARG E 140 -1.39 -12.48 90.21
C ARG E 140 -1.57 -13.71 89.35
N ILE E 141 -2.03 -14.80 89.96
CA ILE E 141 -2.30 -16.05 89.27
C ILE E 141 -3.77 -16.40 89.49
N TYR E 142 -4.48 -16.65 88.39
CA TYR E 142 -5.91 -16.91 88.42
C TYR E 142 -6.20 -18.35 88.04
N GLU E 143 -7.41 -18.79 88.31
CA GLU E 143 -7.78 -20.20 88.18
C GLU E 143 -9.21 -20.31 87.70
N ALA E 144 -9.47 -21.35 86.91
CA ALA E 144 -10.83 -21.69 86.49
C ALA E 144 -11.08 -23.14 86.84
N PRO E 145 -11.41 -23.43 88.11
CA PRO E 145 -11.56 -24.84 88.50
C PRO E 145 -12.93 -25.39 88.16
N ASP E 146 -13.44 -24.99 87.00
CA ASP E 146 -14.57 -25.66 86.36
C ASP E 146 -14.52 -25.23 84.89
N VAL E 147 -14.03 -26.11 84.03
CA VAL E 147 -13.90 -25.76 82.62
C VAL E 147 -15.27 -25.53 81.99
N MET E 148 -16.33 -25.98 82.67
CA MET E 148 -17.70 -25.71 82.25
C MET E 148 -17.97 -24.22 82.12
N ASN E 149 -18.03 -23.52 83.24
CA ASN E 149 -18.37 -22.11 83.26
C ASN E 149 -17.11 -21.30 83.48
N LEU E 150 -16.92 -20.28 82.64
CA LEU E 150 -15.77 -19.40 82.74
C LEU E 150 -16.07 -18.14 83.54
N SER E 151 -17.27 -18.07 84.12
CA SER E 151 -17.71 -16.89 84.87
C SER E 151 -17.35 -16.97 86.33
N GLN E 152 -16.27 -17.68 86.68
CA GLN E 152 -15.85 -17.84 88.06
C GLN E 152 -14.35 -18.11 88.07
N TRP E 153 -13.58 -17.22 88.70
CA TRP E 153 -12.14 -17.35 88.80
C TRP E 153 -11.68 -17.03 90.21
N SER E 154 -10.50 -17.52 90.55
CA SER E 154 -9.95 -17.36 91.90
C SER E 154 -8.49 -16.95 91.80
N LEU E 155 -8.11 -15.92 92.56
CA LEU E 155 -6.73 -15.44 92.60
C LEU E 155 -6.04 -16.06 93.81
N GLN E 156 -5.29 -17.15 93.56
CA GLN E 156 -4.66 -17.85 94.68
C GLN E 156 -3.45 -17.08 95.21
N HIS E 157 -2.43 -16.92 94.39
CA HIS E 157 -1.16 -16.41 94.86
C HIS E 157 -0.93 -14.99 94.36
N GLU E 158 -0.43 -14.14 95.26
CA GLU E 158 0.05 -12.81 94.93
C GLU E 158 1.53 -12.74 95.26
N ILE E 159 2.33 -12.29 94.31
CA ILE E 159 3.78 -12.29 94.45
C ILE E 159 4.27 -10.84 94.42
N SER E 160 4.99 -10.45 95.47
CA SER E 160 5.61 -9.14 95.51
C SER E 160 6.91 -9.18 94.72
N CYS E 161 7.14 -8.16 93.90
CA CYS E 161 8.32 -8.10 93.06
C CYS E 161 9.34 -7.05 93.47
N LYS E 162 8.95 -6.10 94.32
CA LYS E 162 9.84 -5.03 94.78
C LYS E 162 10.44 -4.24 93.62
N LEU E 163 9.74 -4.24 92.49
CA LEU E 163 10.14 -3.53 91.28
C LEU E 163 8.91 -3.51 90.37
N SER E 164 9.09 -3.09 89.12
CA SER E 164 7.98 -3.04 88.19
C SER E 164 7.94 -4.31 87.34
N CYS E 165 6.94 -4.39 86.47
CA CYS E 165 6.83 -5.45 85.47
C CYS E 165 6.99 -4.88 84.08
N SER E 166 7.63 -5.65 83.21
CA SER E 166 7.59 -5.41 81.77
C SER E 166 7.00 -6.60 81.04
N CYS E 167 7.53 -7.80 81.24
CA CYS E 167 7.04 -8.99 80.58
C CYS E 167 7.22 -10.20 81.48
N ILE E 168 6.42 -11.22 81.23
CA ILE E 168 6.49 -12.49 81.95
C ILE E 168 6.38 -13.61 80.94
N SER E 169 6.87 -14.79 81.34
CA SER E 169 6.76 -15.97 80.49
C SER E 169 6.81 -17.23 81.34
N TRP E 170 5.97 -18.20 80.99
CA TRP E 170 5.95 -19.49 81.68
C TRP E 170 7.03 -20.41 81.13
N ASN E 171 7.06 -21.64 81.64
CA ASN E 171 7.95 -22.66 81.12
C ASN E 171 7.14 -23.67 80.34
N PRO E 172 7.32 -23.77 79.01
CA PRO E 172 6.57 -24.76 78.24
C PRO E 172 6.82 -26.20 78.66
N SER E 173 7.91 -26.48 79.39
CA SER E 173 8.27 -27.86 79.70
C SER E 173 7.19 -28.54 80.52
N SER E 174 6.87 -29.78 80.15
CA SER E 174 5.82 -30.55 80.80
C SER E 174 6.33 -31.87 81.37
N SER E 175 7.63 -32.04 81.53
CA SER E 175 8.14 -33.22 82.20
C SER E 175 7.86 -33.15 83.70
N ARG E 176 7.57 -34.30 84.29
CA ARG E 176 7.16 -34.32 85.69
C ARG E 176 8.24 -33.81 86.64
N ALA E 177 9.50 -33.87 86.24
CA ALA E 177 10.58 -33.41 87.12
C ALA E 177 10.49 -31.92 87.37
N HIS E 178 10.19 -31.13 86.34
CA HIS E 178 10.22 -29.68 86.47
C HIS E 178 8.97 -29.17 87.18
N SER E 179 9.18 -28.49 88.30
CA SER E 179 8.13 -27.77 88.97
C SER E 179 7.75 -26.53 88.15
N PRO E 180 6.55 -26.00 88.35
CA PRO E 180 6.15 -24.81 87.58
C PRO E 180 7.09 -23.64 87.84
N MET E 181 7.35 -22.87 86.79
CA MET E 181 8.28 -21.75 86.88
C MET E 181 7.69 -20.52 86.19
N ILE E 182 8.18 -19.35 86.60
CA ILE E 182 7.71 -18.09 86.03
C ILE E 182 8.87 -17.11 86.06
N ALA E 183 8.88 -16.19 85.10
CA ALA E 183 9.95 -15.21 84.97
C ALA E 183 9.34 -13.82 84.93
N VAL E 184 9.81 -12.94 85.81
CA VAL E 184 9.27 -11.61 85.95
C VAL E 184 10.37 -10.63 85.61
N GLY E 185 10.08 -9.70 84.69
CA GLY E 185 11.05 -8.71 84.27
C GLY E 185 10.89 -7.40 85.02
N SER E 186 11.55 -6.38 84.50
CA SER E 186 11.44 -5.03 85.02
C SER E 186 11.83 -4.06 83.93
N ASP E 187 11.32 -2.84 84.03
CA ASP E 187 11.65 -1.77 83.07
C ASP E 187 11.92 -0.48 83.81
N ASP E 188 12.65 -0.58 84.92
CA ASP E 188 12.97 0.57 85.75
C ASP E 188 14.40 1.01 85.46
N SER E 189 14.56 2.27 85.05
CA SER E 189 15.86 2.83 84.72
C SER E 189 16.47 3.61 85.87
N SER E 190 16.22 3.20 87.11
CA SER E 190 16.75 3.93 88.25
C SER E 190 18.27 3.91 88.22
N PRO E 191 18.92 4.98 88.69
CA PRO E 191 20.40 5.03 88.60
C PRO E 191 21.09 3.86 89.28
N ASN E 192 20.46 3.29 90.31
CA ASN E 192 21.04 2.14 90.98
C ASN E 192 21.06 0.93 90.06
N ALA E 193 21.87 -0.06 90.43
CA ALA E 193 22.00 -1.28 89.67
C ALA E 193 21.45 -2.44 90.48
N MET E 194 20.50 -3.16 89.90
CA MET E 194 19.92 -4.34 90.55
C MET E 194 19.46 -5.30 89.46
N ALA E 195 19.30 -6.56 89.86
CA ALA E 195 18.80 -7.56 88.94
C ALA E 195 17.41 -7.17 88.47
N LYS E 196 17.18 -7.25 87.16
CA LYS E 196 15.90 -6.88 86.58
C LYS E 196 15.12 -8.07 86.06
N VAL E 197 15.67 -9.29 86.14
CA VAL E 197 14.99 -10.50 85.73
C VAL E 197 15.13 -11.51 86.86
N GLN E 198 14.02 -12.08 87.30
CA GLN E 198 14.01 -13.03 88.41
C GLN E 198 13.07 -14.18 88.11
N ILE E 199 13.31 -15.31 88.76
CA ILE E 199 12.61 -16.56 88.49
C ILE E 199 12.05 -17.08 89.80
N PHE E 200 10.80 -17.54 89.78
CA PHE E 200 10.16 -18.15 90.92
C PHE E 200 9.78 -19.59 90.61
N GLU E 201 9.85 -20.44 91.63
CA GLU E 201 9.47 -21.83 91.55
C GLU E 201 8.27 -22.07 92.45
N TYR E 202 7.85 -23.34 92.56
CA TYR E 202 6.67 -23.69 93.34
C TYR E 202 6.95 -24.97 94.12
N ASN E 203 7.30 -24.83 95.39
CA ASN E 203 7.53 -25.98 96.25
C ASN E 203 6.20 -26.58 96.65
N GLU E 204 5.93 -27.81 96.20
CA GLU E 204 4.66 -28.45 96.51
C GLU E 204 4.50 -28.65 98.01
N ASN E 205 5.61 -28.88 98.72
CA ASN E 205 5.53 -29.05 100.17
C ASN E 205 4.99 -27.80 100.85
N THR E 206 5.58 -26.64 100.56
CA THR E 206 5.08 -25.40 101.11
C THR E 206 3.81 -24.91 100.41
N ARG E 207 3.52 -25.43 99.22
CA ARG E 207 2.35 -25.03 98.44
C ARG E 207 2.35 -23.51 98.21
N LYS E 208 3.50 -22.98 97.81
CA LYS E 208 3.63 -21.55 97.56
C LYS E 208 4.73 -21.32 96.54
N TYR E 209 4.77 -20.11 96.00
CA TYR E 209 5.79 -19.73 95.03
C TYR E 209 6.95 -19.04 95.77
N ALA E 210 8.17 -19.50 95.51
CA ALA E 210 9.34 -18.99 96.19
C ALA E 210 10.35 -18.49 95.17
N LYS E 211 11.05 -17.41 95.53
CA LYS E 211 12.12 -16.91 94.70
C LYS E 211 13.22 -17.95 94.59
N ALA E 212 13.66 -18.21 93.35
CA ALA E 212 14.58 -19.30 93.09
C ALA E 212 15.95 -18.80 92.64
N GLU E 213 16.01 -18.01 91.57
CA GLU E 213 17.27 -17.49 91.09
C GLU E 213 17.03 -16.18 90.35
N THR E 214 18.03 -15.31 90.40
CA THR E 214 18.00 -14.04 89.71
C THR E 214 19.30 -13.87 88.94
N LEU E 215 19.24 -13.08 87.87
CA LEU E 215 20.36 -12.94 86.95
C LEU E 215 21.04 -11.60 87.23
N MET E 216 22.11 -11.64 88.01
CA MET E 216 22.80 -10.44 88.44
C MET E 216 23.45 -9.70 87.27
N THR E 217 23.77 -10.40 86.18
CA THR E 217 24.38 -9.73 85.04
C THR E 217 23.45 -8.72 84.39
N VAL E 218 22.15 -8.80 84.68
CA VAL E 218 21.19 -7.85 84.10
C VAL E 218 21.23 -6.57 84.93
N THR E 219 21.60 -5.46 84.29
CA THR E 219 21.65 -4.17 84.97
C THR E 219 20.76 -3.12 84.34
N ASP E 220 20.53 -3.17 83.04
CA ASP E 220 19.70 -2.20 82.35
C ASP E 220 18.23 -2.62 82.39
N PRO E 221 17.31 -1.71 82.02
CA PRO E 221 15.91 -2.11 81.91
C PRO E 221 15.69 -3.20 80.87
N VAL E 222 14.72 -4.06 81.14
CA VAL E 222 14.40 -5.23 80.32
C VAL E 222 13.05 -4.99 79.66
N HIS E 223 12.95 -5.33 78.37
CA HIS E 223 11.74 -5.12 77.60
C HIS E 223 10.86 -6.36 77.49
N ASP E 224 11.45 -7.53 77.22
CA ASP E 224 10.65 -8.73 77.07
C ASP E 224 11.49 -9.95 77.44
N ILE E 225 10.80 -11.02 77.83
CA ILE E 225 11.41 -12.27 78.26
C ILE E 225 10.60 -13.42 77.67
N ALA E 226 11.29 -14.48 77.23
CA ALA E 226 10.63 -15.65 76.69
C ALA E 226 11.37 -16.91 77.12
N PHE E 227 10.66 -18.02 77.13
CA PHE E 227 11.22 -19.33 77.44
C PHE E 227 11.19 -20.20 76.19
N ALA E 228 12.31 -20.82 75.87
CA ALA E 228 12.32 -21.72 74.73
C ALA E 228 11.67 -23.04 75.08
N PRO E 229 10.81 -23.57 74.22
CA PRO E 229 10.14 -24.84 74.51
C PRO E 229 11.14 -25.96 74.68
N ASN E 230 10.76 -26.95 75.50
CA ASN E 230 11.72 -27.97 75.91
C ASN E 230 11.98 -28.98 74.82
N LEU E 231 10.94 -29.67 74.35
CA LEU E 231 11.07 -30.74 73.37
C LEU E 231 12.00 -31.85 73.87
N GLY E 232 11.93 -32.16 75.16
CA GLY E 232 12.67 -33.27 75.71
C GLY E 232 14.11 -33.00 76.07
N ARG E 233 14.55 -31.75 76.06
CA ARG E 233 15.92 -31.43 76.43
C ARG E 233 16.14 -31.63 77.93
N SER E 234 17.39 -31.45 78.35
CA SER E 234 17.71 -31.64 79.76
C SER E 234 17.66 -30.31 80.52
N PHE E 235 18.20 -29.25 79.94
CA PHE E 235 18.27 -27.93 80.56
C PHE E 235 17.19 -27.02 79.97
N HIS E 236 17.26 -25.73 80.31
CA HIS E 236 16.30 -24.74 79.87
C HIS E 236 17.01 -23.65 79.07
N ILE E 237 16.26 -22.97 78.20
CA ILE E 237 16.80 -21.90 77.38
C ILE E 237 15.93 -20.66 77.55
N LEU E 238 16.57 -19.53 77.81
CA LEU E 238 15.88 -18.29 78.13
C LEU E 238 16.52 -17.13 77.39
N ALA E 239 15.70 -16.28 76.79
CA ALA E 239 16.15 -15.12 76.05
C ALA E 239 15.61 -13.86 76.70
N ILE E 240 16.47 -12.86 76.85
CA ILE E 240 16.13 -11.61 77.54
C ILE E 240 16.34 -10.45 76.59
N ALA E 241 15.36 -9.56 76.52
CA ALA E 241 15.46 -8.35 75.71
C ALA E 241 16.06 -7.24 76.54
N THR E 242 17.14 -6.65 76.06
CA THR E 242 17.87 -5.58 76.72
C THR E 242 18.49 -4.73 75.62
N LYS E 243 19.52 -3.94 75.97
CA LYS E 243 20.25 -3.26 74.91
C LYS E 243 20.73 -4.28 73.89
N ASP E 244 21.05 -5.49 74.35
CA ASP E 244 21.56 -6.57 73.53
C ASP E 244 20.74 -7.82 73.80
N VAL E 245 20.46 -8.58 72.75
CA VAL E 245 19.80 -9.87 72.91
C VAL E 245 20.76 -10.84 73.60
N ARG E 246 20.30 -11.49 74.66
CA ARG E 246 21.09 -12.43 75.41
C ARG E 246 20.31 -13.72 75.61
N ILE E 247 21.00 -14.85 75.57
CA ILE E 247 20.40 -16.17 75.76
C ILE E 247 21.12 -16.86 76.91
N PHE E 248 20.36 -17.29 77.91
CA PHE E 248 20.89 -17.99 79.06
C PHE E 248 20.31 -19.39 79.14
N THR E 249 21.07 -20.31 79.71
CA THR E 249 20.64 -21.68 79.95
C THR E 249 20.82 -22.01 81.42
N LEU E 250 19.79 -22.61 82.03
CA LEU E 250 19.78 -22.89 83.46
C LEU E 250 19.71 -24.40 83.67
N LYS E 251 20.85 -25.01 83.95
CA LYS E 251 20.89 -26.45 84.22
C LYS E 251 20.35 -26.72 85.62
N PRO E 252 19.40 -27.64 85.76
CA PRO E 252 19.00 -28.06 87.11
C PRO E 252 20.13 -28.79 87.82
N VAL E 253 20.18 -28.62 89.13
CA VAL E 253 21.22 -29.24 89.95
C VAL E 253 20.78 -30.63 90.39
N GLY E 262 13.49 -26.65 99.33
CA GLY E 262 13.42 -25.31 98.79
C GLY E 262 13.59 -25.26 97.28
N PRO E 263 13.89 -24.08 96.75
CA PRO E 263 14.10 -23.97 95.31
C PRO E 263 15.34 -24.74 94.87
N THR E 264 15.27 -25.27 93.65
CA THR E 264 16.38 -26.03 93.11
C THR E 264 17.49 -25.09 92.66
N LYS E 265 18.72 -25.43 93.01
CA LYS E 265 19.87 -24.67 92.56
C LYS E 265 20.01 -24.78 91.04
N PHE E 266 20.40 -23.68 90.41
CA PHE E 266 20.48 -23.62 88.96
C PHE E 266 21.89 -23.26 88.53
N GLU E 267 22.42 -24.01 87.56
CA GLU E 267 23.70 -23.72 86.95
C GLU E 267 23.46 -22.79 85.77
N ILE E 268 23.88 -21.53 85.92
CA ILE E 268 23.61 -20.49 84.94
C ILE E 268 24.90 -20.13 84.22
N HIS E 269 24.87 -20.14 82.90
CA HIS E 269 25.98 -19.67 82.09
C HIS E 269 25.44 -19.14 80.78
N ILE E 270 26.01 -18.03 80.31
CA ILE E 270 25.54 -17.38 79.09
C ILE E 270 25.96 -18.21 77.88
N VAL E 271 25.26 -18.01 76.77
CA VAL E 271 25.54 -18.74 75.55
C VAL E 271 25.67 -17.78 74.38
N ALA E 272 25.06 -16.60 74.50
CA ALA E 272 25.10 -15.63 73.41
C ALA E 272 24.95 -14.22 73.97
N GLN E 273 25.43 -13.25 73.18
CA GLN E 273 25.30 -11.84 73.53
C GLN E 273 25.45 -11.05 72.22
N PHE E 274 24.35 -10.48 71.75
CA PHE E 274 24.26 -9.95 70.40
C PHE E 274 23.99 -8.45 70.41
N ASP E 275 24.85 -7.72 69.71
CA ASP E 275 24.64 -6.28 69.56
C ASP E 275 24.39 -5.88 68.12
N ASN E 276 23.97 -6.80 67.25
CA ASN E 276 23.78 -6.49 65.85
C ASN E 276 22.48 -5.77 65.62
N HIS E 277 22.17 -4.79 66.46
CA HIS E 277 21.00 -3.94 66.27
C HIS E 277 21.27 -2.46 66.45
N ASN E 278 22.32 -2.06 67.18
CA ASN E 278 22.64 -0.67 67.46
C ASN E 278 21.46 0.09 68.06
N SER E 279 20.60 -0.60 68.80
CA SER E 279 19.40 0.02 69.36
C SER E 279 18.95 -0.80 70.55
N GLN E 280 17.74 -0.54 71.02
CA GLN E 280 17.15 -1.26 72.14
C GLN E 280 16.18 -2.31 71.62
N VAL E 281 16.33 -3.54 72.11
CA VAL E 281 15.48 -4.63 71.66
C VAL E 281 14.10 -4.50 72.29
N TRP E 282 13.06 -4.77 71.51
CA TRP E 282 11.69 -4.66 71.98
C TRP E 282 11.05 -6.01 72.23
N ARG E 283 11.01 -6.89 71.23
CA ARG E 283 10.28 -8.15 71.35
C ARG E 283 11.19 -9.32 71.04
N VAL E 284 10.91 -10.44 71.70
CA VAL E 284 11.63 -11.69 71.54
C VAL E 284 10.60 -12.80 71.36
N SER E 285 10.86 -13.73 70.45
CA SER E 285 9.96 -14.85 70.23
C SER E 285 10.75 -16.12 69.94
N TRP E 286 10.05 -17.25 70.00
CA TRP E 286 10.65 -18.57 69.84
C TRP E 286 9.79 -19.42 68.92
N ASN E 287 10.40 -20.44 68.34
CA ASN E 287 9.71 -21.36 67.45
C ASN E 287 8.94 -22.42 68.25
N ILE E 288 8.23 -23.27 67.53
CA ILE E 288 7.57 -24.41 68.17
C ILE E 288 8.61 -25.39 68.69
N THR E 289 9.60 -25.72 67.86
CA THR E 289 10.71 -26.57 68.29
C THR E 289 11.63 -25.89 69.28
N GLY E 290 11.86 -24.59 69.15
CA GLY E 290 12.78 -23.90 70.04
C GLY E 290 14.19 -23.86 69.53
N THR E 291 14.37 -23.53 68.24
CA THR E 291 15.69 -23.45 67.64
C THR E 291 15.96 -22.14 66.92
N VAL E 292 14.95 -21.36 66.58
CA VAL E 292 15.13 -20.08 65.91
C VAL E 292 14.51 -18.98 66.76
N LEU E 293 15.26 -17.90 66.94
CA LEU E 293 14.81 -16.73 67.69
C LEU E 293 14.56 -15.60 66.72
N ALA E 294 13.44 -14.91 66.89
CA ALA E 294 13.11 -13.73 66.12
C ALA E 294 13.06 -12.53 67.05
N SER E 295 13.81 -11.48 66.73
CA SER E 295 13.92 -10.31 67.56
C SER E 295 13.67 -9.05 66.74
N SER E 296 12.97 -8.09 67.32
CA SER E 296 12.67 -6.83 66.66
C SER E 296 13.17 -5.68 67.53
N GLY E 297 13.65 -4.62 66.87
CA GLY E 297 14.21 -3.50 67.61
C GLY E 297 13.86 -2.14 67.03
N ASP E 298 14.43 -1.08 67.60
CA ASP E 298 14.19 0.27 67.13
C ASP E 298 14.91 0.57 65.83
N ASP E 299 15.83 -0.30 65.40
CA ASP E 299 16.51 -0.12 64.13
C ASP E 299 15.61 -0.40 62.93
N GLY E 300 14.39 -0.87 63.15
CA GLY E 300 13.47 -1.09 62.05
C GLY E 300 13.68 -2.37 61.29
N CYS E 301 14.39 -3.33 61.87
CA CYS E 301 14.70 -4.58 61.21
C CYS E 301 14.36 -5.75 62.13
N VAL E 302 14.12 -6.90 61.53
CA VAL E 302 13.85 -8.14 62.26
C VAL E 302 14.96 -9.12 61.92
N ARG E 303 15.72 -9.52 62.95
CA ARG E 303 16.86 -10.40 62.78
C ARG E 303 16.57 -11.74 63.43
N LEU E 304 16.77 -12.82 62.67
CA LEU E 304 16.48 -14.17 63.13
C LEU E 304 17.78 -14.91 63.37
N TRP E 305 17.92 -15.48 64.55
CA TRP E 305 19.14 -16.16 64.96
C TRP E 305 18.90 -17.66 65.08
N LYS E 306 19.81 -18.45 64.50
CA LYS E 306 19.78 -19.88 64.61
C LYS E 306 21.16 -20.35 65.06
N ALA E 307 21.28 -21.64 65.35
CA ALA E 307 22.53 -22.21 65.86
C ALA E 307 23.21 -23.01 64.75
N ASN E 308 24.53 -22.98 64.74
CA ASN E 308 25.34 -23.62 63.71
C ASN E 308 25.96 -24.91 64.25
N TYR E 309 26.73 -25.57 63.38
CA TYR E 309 27.27 -26.89 63.71
C TYR E 309 28.28 -26.81 64.86
N MET E 310 28.94 -25.68 65.02
CA MET E 310 29.86 -25.47 66.12
C MET E 310 29.15 -25.07 67.41
N ASP E 311 27.83 -25.31 67.48
CA ASP E 311 27.02 -24.89 68.62
C ASP E 311 27.18 -23.39 68.87
N ASN E 312 27.25 -22.63 67.79
CA ASN E 312 27.44 -21.18 67.86
C ASN E 312 26.16 -20.49 67.40
N TRP E 313 25.82 -19.39 68.08
CA TRP E 313 24.62 -18.63 67.79
C TRP E 313 24.96 -17.47 66.86
N LYS E 314 24.39 -17.49 65.66
CA LYS E 314 24.68 -16.49 64.64
C LYS E 314 23.39 -16.14 63.92
N CYS E 315 23.41 -15.03 63.18
CA CYS E 315 22.22 -14.58 62.47
C CYS E 315 21.93 -15.47 61.27
N THR E 316 20.70 -15.36 60.77
CA THR E 316 20.26 -16.10 59.60
C THR E 316 19.53 -15.24 58.60
N GLY E 317 18.91 -14.14 59.03
CA GLY E 317 18.28 -13.21 58.12
C GLY E 317 17.89 -11.90 58.75
N ILE E 318 18.23 -10.78 58.09
CA ILE E 318 17.85 -9.45 58.55
C ILE E 318 16.75 -8.94 57.64
N LEU E 319 15.55 -8.78 58.19
CA LEU E 319 14.39 -8.40 57.41
C LEU E 319 13.84 -7.07 57.89
N LYS E 320 13.31 -6.30 56.94
CA LYS E 320 12.66 -5.03 57.25
C LYS E 320 11.50 -4.78 56.29
N MET F 1 -45.82 -0.87 -24.96
CA MET F 1 -46.22 0.10 -23.93
C MET F 1 -46.50 -0.61 -22.61
N PHE F 2 -45.64 -1.55 -22.25
CA PHE F 2 -45.76 -2.31 -21.00
C PHE F 2 -44.44 -2.23 -20.25
N VAL F 3 -44.53 -1.94 -18.95
CA VAL F 3 -43.36 -1.85 -18.08
C VAL F 3 -43.37 -3.07 -17.16
N ALA F 4 -42.31 -3.86 -17.23
CA ALA F 4 -42.22 -5.11 -16.46
C ALA F 4 -41.79 -4.79 -15.03
N ARG F 5 -42.62 -5.20 -14.07
CA ARG F 5 -42.32 -5.04 -12.65
C ARG F 5 -42.31 -6.42 -12.00
N SER F 6 -41.16 -6.80 -11.45
CA SER F 6 -41.04 -8.10 -10.81
C SER F 6 -41.93 -8.17 -9.57
N ILE F 7 -42.51 -9.34 -9.34
CA ILE F 7 -43.38 -9.58 -8.19
C ILE F 7 -42.60 -10.41 -7.18
N ALA F 8 -42.66 -9.99 -5.91
CA ALA F 8 -41.90 -10.65 -4.84
C ALA F 8 -42.56 -11.98 -4.48
N ALA F 9 -42.40 -12.94 -5.40
CA ALA F 9 -42.89 -14.30 -5.21
C ALA F 9 -41.75 -15.27 -5.45
N ASP F 10 -41.57 -16.21 -4.53
CA ASP F 10 -40.51 -17.22 -4.62
C ASP F 10 -41.14 -18.60 -4.71
N HIS F 11 -40.67 -19.39 -5.67
CA HIS F 11 -41.17 -20.74 -5.89
C HIS F 11 -40.09 -21.74 -5.49
N LYS F 12 -40.41 -22.60 -4.53
CA LYS F 12 -39.45 -23.62 -4.09
C LYS F 12 -39.10 -24.56 -5.23
N ASP F 13 -40.09 -24.99 -5.99
CA ASP F 13 -39.90 -25.81 -7.18
C ASP F 13 -40.31 -25.02 -8.42
N LEU F 14 -40.05 -25.62 -9.58
CA LEU F 14 -40.44 -24.98 -10.83
C LEU F 14 -41.95 -24.89 -10.94
N ILE F 15 -42.44 -23.76 -11.46
CA ILE F 15 -43.87 -23.56 -11.59
C ILE F 15 -44.44 -24.53 -12.60
N HIS F 16 -45.50 -25.23 -12.22
CA HIS F 16 -46.16 -26.20 -13.09
C HIS F 16 -47.37 -25.61 -13.82
N ASP F 17 -48.12 -24.73 -13.18
CA ASP F 17 -49.26 -24.07 -13.80
C ASP F 17 -49.68 -22.88 -12.94
N VAL F 18 -50.48 -22.00 -13.53
CA VAL F 18 -50.97 -20.80 -12.85
C VAL F 18 -52.45 -20.64 -13.14
N SER F 19 -53.20 -20.13 -12.16
CA SER F 19 -54.63 -19.94 -12.28
C SER F 19 -55.02 -18.58 -11.72
N PHE F 20 -56.15 -18.07 -12.18
CA PHE F 20 -56.67 -16.77 -11.76
C PHE F 20 -58.16 -16.84 -11.49
N ASP F 21 -58.83 -15.69 -11.39
CA ASP F 21 -60.26 -15.64 -11.12
C ASP F 21 -60.88 -14.43 -11.78
N PHE F 22 -62.20 -14.48 -11.96
CA PHE F 22 -62.91 -13.37 -12.57
C PHE F 22 -62.69 -12.08 -11.80
N HIS F 23 -62.95 -12.10 -10.49
CA HIS F 23 -62.62 -10.95 -9.66
C HIS F 23 -61.13 -10.79 -9.46
N GLY F 24 -60.36 -11.88 -9.52
CA GLY F 24 -58.92 -11.81 -9.41
C GLY F 24 -58.38 -11.48 -8.03
N ARG F 25 -59.16 -11.74 -6.97
CA ARG F 25 -58.67 -11.45 -5.63
C ARG F 25 -57.49 -12.33 -5.26
N ARG F 26 -57.54 -13.61 -5.63
CA ARG F 26 -56.48 -14.55 -5.32
C ARG F 26 -56.02 -15.25 -6.59
N MET F 27 -54.80 -15.76 -6.56
CA MET F 27 -54.22 -16.50 -7.68
C MET F 27 -53.70 -17.84 -7.19
N ALA F 28 -53.77 -18.85 -8.06
CA ALA F 28 -53.33 -20.20 -7.75
C ALA F 28 -52.10 -20.53 -8.57
N THR F 29 -51.07 -21.04 -7.91
CA THR F 29 -49.81 -21.39 -8.57
C THR F 29 -49.50 -22.86 -8.32
N CYS F 30 -49.14 -23.57 -9.38
CA CYS F 30 -48.77 -24.97 -9.31
C CYS F 30 -47.26 -25.11 -9.46
N SER F 31 -46.64 -25.86 -8.56
CA SER F 31 -45.20 -26.04 -8.56
C SER F 31 -44.86 -27.48 -8.98
N SER F 32 -43.59 -27.68 -9.33
CA SER F 32 -43.09 -29.01 -9.67
C SER F 32 -42.97 -29.90 -8.45
N ASP F 33 -43.14 -29.37 -7.24
CA ASP F 33 -43.00 -30.14 -6.01
C ASP F 33 -44.23 -30.98 -5.69
N GLN F 34 -45.10 -31.22 -6.68
CA GLN F 34 -46.33 -31.99 -6.50
C GLN F 34 -47.19 -31.38 -5.40
N SER F 35 -47.18 -30.05 -5.31
CA SER F 35 -47.96 -29.31 -4.33
C SER F 35 -48.60 -28.10 -4.99
N VAL F 36 -49.76 -27.70 -4.46
CA VAL F 36 -50.53 -26.59 -5.00
C VAL F 36 -50.66 -25.53 -3.92
N LYS F 37 -50.28 -24.30 -4.26
CA LYS F 37 -50.35 -23.17 -3.34
C LYS F 37 -51.10 -22.03 -4.00
N VAL F 38 -51.87 -21.29 -3.20
CA VAL F 38 -52.68 -20.19 -3.69
C VAL F 38 -52.21 -18.91 -3.01
N TRP F 39 -51.88 -17.91 -3.82
CA TRP F 39 -51.44 -16.61 -3.34
C TRP F 39 -52.49 -15.56 -3.68
N ASP F 40 -52.82 -14.70 -2.73
CA ASP F 40 -53.84 -13.69 -2.91
C ASP F 40 -53.23 -12.31 -2.82
N LYS F 41 -53.52 -11.45 -3.80
CA LYS F 41 -53.10 -10.06 -3.73
C LYS F 41 -53.95 -9.32 -2.70
N SER F 42 -53.29 -8.60 -1.79
CA SER F 42 -53.99 -7.94 -0.71
C SER F 42 -54.63 -6.65 -1.19
N GLU F 43 -55.28 -5.93 -0.27
CA GLU F 43 -55.86 -4.64 -0.60
C GLU F 43 -54.78 -3.65 -1.03
N SER F 44 -53.64 -3.67 -0.34
CA SER F 44 -52.49 -2.87 -0.76
C SER F 44 -51.85 -3.41 -2.02
N GLY F 45 -52.24 -4.60 -2.48
CA GLY F 45 -51.68 -5.20 -3.66
C GLY F 45 -50.66 -6.29 -3.39
N ASP F 46 -50.20 -6.42 -2.15
CA ASP F 46 -49.22 -7.45 -1.83
C ASP F 46 -49.85 -8.83 -2.00
N TRP F 47 -49.16 -9.70 -2.73
CA TRP F 47 -49.64 -11.05 -2.99
C TRP F 47 -49.08 -11.98 -1.93
N HIS F 48 -49.96 -12.52 -1.08
CA HIS F 48 -49.57 -13.42 -0.02
C HIS F 48 -50.28 -14.75 -0.21
N CYS F 49 -49.57 -15.83 0.11
CA CYS F 49 -50.11 -17.18 -0.05
C CYS F 49 -50.61 -17.70 1.28
N THR F 50 -51.83 -18.22 1.29
CA THR F 50 -52.44 -18.79 2.49
C THR F 50 -52.86 -20.25 2.33
N ALA F 51 -52.72 -20.83 1.14
CA ALA F 51 -53.10 -22.21 0.90
C ALA F 51 -51.89 -23.00 0.45
N SER F 52 -51.87 -24.28 0.84
CA SER F 52 -50.76 -25.16 0.49
C SER F 52 -51.23 -26.60 0.61
N TRP F 53 -51.31 -27.30 -0.52
CA TRP F 53 -51.73 -28.69 -0.53
C TRP F 53 -51.00 -29.43 -1.63
N LYS F 54 -50.87 -30.74 -1.45
CA LYS F 54 -50.30 -31.61 -2.47
C LYS F 54 -51.44 -32.35 -3.17
N THR F 55 -51.56 -32.14 -4.48
CA THR F 55 -52.71 -32.67 -5.21
C THR F 55 -52.54 -34.15 -5.53
N HIS F 56 -51.51 -34.50 -6.29
CA HIS F 56 -51.31 -35.87 -6.73
C HIS F 56 -49.86 -36.26 -6.49
N SER F 57 -49.62 -37.58 -6.53
CA SER F 57 -48.26 -38.08 -6.39
C SER F 57 -47.38 -37.58 -7.52
N GLY F 58 -47.92 -37.53 -8.74
CA GLY F 58 -47.18 -36.95 -9.84
C GLY F 58 -47.12 -35.45 -9.77
N SER F 59 -46.29 -34.88 -10.63
CA SER F 59 -46.21 -33.43 -10.73
C SER F 59 -47.48 -32.89 -11.38
N VAL F 60 -47.71 -31.59 -11.19
CA VAL F 60 -48.92 -30.97 -11.71
C VAL F 60 -48.81 -30.82 -13.23
N TRP F 61 -49.89 -31.14 -13.93
CA TRP F 61 -49.98 -30.93 -15.37
C TRP F 61 -50.65 -29.61 -15.71
N ARG F 62 -51.81 -29.32 -15.12
CA ARG F 62 -52.52 -28.07 -15.36
C ARG F 62 -53.43 -27.78 -14.17
N VAL F 63 -53.87 -26.52 -14.08
CA VAL F 63 -54.76 -26.09 -13.00
C VAL F 63 -55.54 -24.87 -13.48
N THR F 64 -56.80 -24.78 -13.04
CA THR F 64 -57.68 -23.69 -13.45
C THR F 64 -58.74 -23.46 -12.39
N TRP F 65 -59.43 -22.34 -12.50
CA TRP F 65 -60.48 -21.97 -11.56
C TRP F 65 -61.84 -22.05 -12.24
N ALA F 66 -62.88 -21.64 -11.52
CA ALA F 66 -64.24 -21.64 -12.01
C ALA F 66 -64.87 -20.26 -11.80
N HIS F 67 -66.13 -20.13 -12.19
CA HIS F 67 -66.79 -18.83 -12.14
C HIS F 67 -66.96 -18.39 -10.70
N PRO F 68 -66.66 -17.12 -10.39
CA PRO F 68 -67.02 -16.59 -9.07
C PRO F 68 -68.51 -16.59 -8.81
N GLU F 69 -69.32 -16.75 -9.87
CA GLU F 69 -70.77 -16.78 -9.71
C GLU F 69 -71.24 -18.00 -8.92
N PHE F 70 -70.37 -19.00 -8.73
CA PHE F 70 -70.77 -20.26 -8.12
C PHE F 70 -69.83 -20.66 -6.98
N GLY F 71 -69.54 -19.73 -6.07
CA GLY F 71 -68.67 -20.06 -4.96
C GLY F 71 -67.21 -20.16 -5.40
N GLN F 72 -66.42 -20.86 -4.59
CA GLN F 72 -64.99 -21.03 -4.83
C GLN F 72 -64.75 -22.47 -5.28
N VAL F 73 -64.22 -22.63 -6.49
CA VAL F 73 -63.96 -23.94 -7.06
C VAL F 73 -62.63 -23.91 -7.79
N LEU F 74 -61.81 -24.93 -7.58
CA LEU F 74 -60.51 -25.07 -8.24
C LEU F 74 -60.34 -26.50 -8.72
N ALA F 75 -59.75 -26.65 -9.90
CA ALA F 75 -59.54 -27.95 -10.52
C ALA F 75 -58.10 -28.06 -10.97
N SER F 76 -57.56 -29.29 -10.92
CA SER F 76 -56.16 -29.53 -11.25
C SER F 76 -56.04 -30.78 -12.11
N CYS F 77 -54.97 -30.82 -12.90
CA CYS F 77 -54.65 -31.96 -13.75
C CYS F 77 -53.24 -32.44 -13.43
N SER F 78 -53.04 -33.76 -13.45
CA SER F 78 -51.76 -34.35 -13.10
C SER F 78 -51.40 -35.44 -14.10
N PHE F 79 -50.12 -35.81 -14.09
CA PHE F 79 -49.60 -36.88 -14.92
C PHE F 79 -49.94 -38.26 -14.39
N ASP F 80 -50.57 -38.35 -13.22
CA ASP F 80 -50.91 -39.63 -12.60
C ASP F 80 -52.23 -40.19 -13.11
N ARG F 81 -52.69 -39.75 -14.29
CA ARG F 81 -53.94 -40.21 -14.88
C ARG F 81 -55.12 -39.97 -13.94
N THR F 82 -55.12 -38.81 -13.29
CA THR F 82 -56.17 -38.46 -12.35
C THR F 82 -56.33 -36.94 -12.31
N ALA F 83 -57.55 -36.50 -12.00
CA ALA F 83 -57.85 -35.09 -11.88
C ALA F 83 -58.50 -34.82 -10.52
N ALA F 84 -58.00 -33.82 -9.82
CA ALA F 84 -58.45 -33.49 -8.48
C ALA F 84 -59.03 -32.08 -8.46
N VAL F 85 -60.04 -31.87 -7.62
CA VAL F 85 -60.70 -30.58 -7.49
C VAL F 85 -60.69 -30.23 -6.01
N TRP F 86 -59.64 -29.52 -5.58
CA TRP F 86 -59.53 -29.08 -4.20
C TRP F 86 -60.45 -27.90 -3.96
N GLU F 87 -61.11 -27.89 -2.79
CA GLU F 87 -62.04 -26.82 -2.42
C GLU F 87 -61.62 -26.26 -1.07
N GLU F 88 -61.43 -24.95 -1.01
CA GLU F 88 -61.02 -24.31 0.23
C GLU F 88 -62.18 -24.28 1.23
N ILE F 89 -61.89 -24.65 2.48
CA ILE F 89 -62.87 -24.65 3.56
C ILE F 89 -62.31 -23.80 4.69
N VAL F 90 -63.00 -22.72 5.02
CA VAL F 90 -62.55 -21.76 6.02
C VAL F 90 -63.31 -22.00 7.32
N GLY F 91 -62.58 -22.16 8.41
CA GLY F 91 -63.19 -22.36 9.71
C GLY F 91 -62.89 -21.24 10.68
N GLY F 99 -59.59 -17.36 10.82
CA GLY F 99 -60.21 -18.50 10.15
C GLY F 99 -59.52 -18.88 8.85
N GLN F 100 -58.44 -19.64 8.96
CA GLN F 100 -57.70 -20.05 7.78
C GLN F 100 -58.51 -21.04 6.96
N SER F 101 -58.46 -20.88 5.63
CA SER F 101 -59.16 -21.79 4.74
C SER F 101 -58.40 -23.11 4.64
N HIS F 102 -59.13 -24.18 4.33
CA HIS F 102 -58.56 -25.51 4.16
C HIS F 102 -59.00 -26.06 2.81
N TRP F 103 -58.04 -26.23 1.90
CA TRP F 103 -58.32 -26.75 0.57
C TRP F 103 -58.51 -28.26 0.67
N VAL F 104 -59.76 -28.70 0.56
CA VAL F 104 -60.11 -30.11 0.68
C VAL F 104 -60.76 -30.55 -0.63
N LYS F 105 -60.28 -31.66 -1.18
CA LYS F 105 -60.82 -32.16 -2.44
C LYS F 105 -62.27 -32.58 -2.26
N ARG F 106 -63.11 -32.22 -3.23
CA ARG F 106 -64.53 -32.57 -3.19
C ARG F 106 -64.85 -33.82 -3.98
N THR F 107 -64.07 -34.14 -5.00
CA THR F 107 -64.30 -35.31 -5.83
C THR F 107 -63.03 -35.59 -6.62
N THR F 108 -63.09 -36.62 -7.46
CA THR F 108 -61.97 -37.03 -8.28
C THR F 108 -62.43 -37.34 -9.70
N LEU F 109 -61.50 -37.27 -10.64
CA LEU F 109 -61.75 -37.61 -12.04
C LEU F 109 -60.53 -38.37 -12.57
N VAL F 110 -60.56 -39.69 -12.46
CA VAL F 110 -59.45 -40.53 -12.88
C VAL F 110 -59.95 -41.61 -13.84
N ASP F 111 -61.03 -41.32 -14.56
CA ASP F 111 -61.60 -42.30 -15.48
C ASP F 111 -60.61 -42.66 -16.58
N SER F 112 -59.91 -41.67 -17.12
CA SER F 112 -58.95 -41.92 -18.19
C SER F 112 -57.71 -42.61 -17.62
N ARG F 113 -57.32 -43.72 -18.25
CA ARG F 113 -56.15 -44.46 -17.80
C ARG F 113 -54.85 -43.72 -18.07
N THR F 114 -54.87 -42.71 -18.94
CA THR F 114 -53.68 -41.96 -19.29
C THR F 114 -53.67 -40.61 -18.58
N SER F 115 -52.48 -40.01 -18.53
CA SER F 115 -52.32 -38.70 -17.91
C SER F 115 -53.13 -37.65 -18.66
N VAL F 116 -53.64 -36.69 -17.91
CA VAL F 116 -54.49 -35.64 -18.49
C VAL F 116 -53.60 -34.56 -19.08
N THR F 117 -53.78 -34.29 -20.38
CA THR F 117 -53.03 -33.20 -21.01
C THR F 117 -53.43 -31.85 -20.43
N ASP F 118 -54.73 -31.63 -20.22
CA ASP F 118 -55.22 -30.41 -19.60
C ASP F 118 -56.66 -30.62 -19.18
N VAL F 119 -57.10 -29.83 -18.19
CA VAL F 119 -58.47 -29.86 -17.69
C VAL F 119 -58.95 -28.43 -17.53
N LYS F 120 -60.13 -28.13 -18.07
CA LYS F 120 -60.65 -26.76 -18.04
C LYS F 120 -62.17 -26.81 -18.04
N PHE F 121 -62.78 -25.67 -17.71
CA PHE F 121 -64.22 -25.55 -17.60
C PHE F 121 -64.81 -24.91 -18.85
N ALA F 122 -66.11 -25.08 -19.03
CA ALA F 122 -66.84 -24.54 -20.17
C ALA F 122 -67.37 -23.15 -19.85
N PRO F 123 -68.07 -22.51 -20.79
CA PRO F 123 -68.63 -21.19 -20.50
C PRO F 123 -69.67 -21.26 -19.40
N LYS F 124 -69.81 -20.15 -18.67
CA LYS F 124 -70.69 -20.11 -17.51
C LYS F 124 -72.16 -20.00 -17.87
N HIS F 125 -72.49 -19.78 -19.15
CA HIS F 125 -73.88 -19.56 -19.52
C HIS F 125 -74.73 -20.80 -19.28
N MET F 126 -74.22 -21.97 -19.64
CA MET F 126 -75.06 -23.16 -19.72
C MET F 126 -75.03 -24.03 -18.47
N GLY F 127 -74.29 -23.64 -17.44
CA GLY F 127 -74.24 -24.41 -16.22
C GLY F 127 -72.84 -24.92 -15.90
N LEU F 128 -72.78 -25.78 -14.90
CA LEU F 128 -71.51 -26.30 -14.41
C LEU F 128 -71.01 -27.43 -15.30
N MET F 129 -69.84 -27.24 -15.91
CA MET F 129 -69.26 -28.25 -16.76
C MET F 129 -67.77 -27.95 -16.94
N LEU F 130 -66.93 -28.86 -16.45
CA LEU F 130 -65.50 -28.80 -16.66
C LEU F 130 -65.03 -30.12 -17.26
N ALA F 131 -64.17 -30.03 -18.26
CA ALA F 131 -63.70 -31.20 -18.98
C ALA F 131 -62.18 -31.26 -18.93
N THR F 132 -61.63 -32.36 -19.43
CA THR F 132 -60.19 -32.55 -19.47
C THR F 132 -59.79 -33.17 -20.81
N CYS F 133 -58.61 -32.82 -21.29
CA CYS F 133 -58.05 -33.37 -22.51
C CYS F 133 -57.03 -34.44 -22.16
N SER F 134 -57.22 -35.65 -22.68
CA SER F 134 -56.31 -36.75 -22.46
C SER F 134 -55.31 -36.84 -23.61
N ALA F 135 -54.09 -37.27 -23.27
CA ALA F 135 -53.01 -37.34 -24.25
C ALA F 135 -53.23 -38.42 -25.29
N ASP F 136 -54.20 -39.31 -25.09
CA ASP F 136 -54.55 -40.32 -26.08
C ASP F 136 -55.61 -39.83 -27.06
N GLY F 137 -55.78 -38.52 -27.19
CA GLY F 137 -56.83 -38.00 -28.05
C GLY F 137 -58.21 -38.08 -27.46
N ILE F 138 -58.34 -37.99 -26.14
CA ILE F 138 -59.62 -38.13 -25.46
C ILE F 138 -59.91 -36.85 -24.69
N VAL F 139 -61.18 -36.45 -24.70
CA VAL F 139 -61.67 -35.36 -23.87
C VAL F 139 -63.08 -35.74 -23.44
N ARG F 140 -63.39 -35.52 -22.17
CA ARG F 140 -64.68 -35.87 -21.59
C ARG F 140 -65.13 -34.81 -20.61
N ILE F 141 -66.42 -34.50 -20.62
CA ILE F 141 -66.99 -33.40 -19.85
C ILE F 141 -67.94 -33.98 -18.81
N TYR F 142 -67.79 -33.55 -17.57
CA TYR F 142 -68.63 -34.00 -16.47
C TYR F 142 -69.52 -32.85 -15.99
N GLU F 143 -70.81 -33.12 -15.85
CA GLU F 143 -71.78 -32.12 -15.45
C GLU F 143 -72.35 -32.49 -14.09
N ALA F 144 -72.26 -31.56 -13.14
CA ALA F 144 -72.75 -31.81 -11.79
C ALA F 144 -74.27 -31.67 -11.74
N PRO F 145 -75.01 -32.69 -11.29
CA PRO F 145 -76.48 -32.57 -11.26
C PRO F 145 -76.99 -31.47 -10.34
N ASP F 146 -76.30 -31.21 -9.23
CA ASP F 146 -76.75 -30.20 -8.28
C ASP F 146 -75.54 -29.38 -7.81
N VAL F 147 -75.70 -28.06 -7.80
CA VAL F 147 -74.61 -27.18 -7.38
C VAL F 147 -74.36 -27.32 -5.88
N MET F 148 -75.42 -27.49 -5.09
CA MET F 148 -75.27 -27.56 -3.64
C MET F 148 -74.37 -28.72 -3.21
N ASN F 149 -74.36 -29.80 -3.98
CA ASN F 149 -73.50 -30.94 -3.71
C ASN F 149 -72.23 -30.79 -4.54
N LEU F 150 -71.08 -30.80 -3.87
CA LEU F 150 -69.80 -30.62 -4.55
C LEU F 150 -69.07 -31.92 -4.81
N SER F 151 -69.54 -33.04 -4.26
CA SER F 151 -68.88 -34.32 -4.46
C SER F 151 -69.43 -35.12 -5.62
N GLN F 152 -70.51 -34.66 -6.25
CA GLN F 152 -71.16 -35.37 -7.34
C GLN F 152 -70.79 -34.73 -8.68
N TRP F 153 -70.30 -35.54 -9.60
CA TRP F 153 -69.93 -35.06 -10.94
C TRP F 153 -69.95 -36.24 -11.90
N SER F 154 -70.83 -36.20 -12.89
CA SER F 154 -71.02 -37.30 -13.82
C SER F 154 -70.66 -36.84 -15.24
N LEU F 155 -69.88 -37.66 -15.93
CA LEU F 155 -69.42 -37.33 -17.27
C LEU F 155 -70.62 -37.22 -18.21
N GLN F 156 -70.78 -36.03 -18.81
CA GLN F 156 -71.91 -35.83 -19.71
C GLN F 156 -71.66 -36.48 -21.07
N HIS F 157 -70.42 -36.43 -21.56
CA HIS F 157 -70.09 -36.96 -22.87
C HIS F 157 -68.59 -37.09 -22.97
N GLU F 158 -68.14 -37.58 -24.14
CA GLU F 158 -66.73 -37.80 -24.41
C GLU F 158 -66.42 -37.45 -25.85
N ILE F 159 -65.15 -37.14 -26.12
CA ILE F 159 -64.68 -36.79 -27.45
C ILE F 159 -63.44 -37.62 -27.77
N SER F 160 -63.44 -38.27 -28.93
CA SER F 160 -62.33 -39.12 -29.36
C SER F 160 -61.59 -38.40 -30.48
N CYS F 161 -60.48 -37.73 -30.13
CA CYS F 161 -59.71 -36.99 -31.12
C CYS F 161 -58.87 -37.89 -32.01
N LYS F 162 -58.61 -39.12 -31.59
CA LYS F 162 -57.80 -40.09 -32.34
C LYS F 162 -56.40 -39.58 -32.62
N LEU F 163 -55.96 -38.52 -31.94
CA LEU F 163 -54.62 -38.01 -32.09
C LEU F 163 -54.25 -37.30 -30.80
N SER F 164 -52.98 -37.43 -30.41
CA SER F 164 -52.53 -37.01 -29.09
C SER F 164 -52.87 -35.55 -28.82
N CYS F 165 -53.79 -35.33 -27.88
CA CYS F 165 -54.29 -34.00 -27.59
C CYS F 165 -53.32 -33.23 -26.72
N SER F 166 -53.07 -31.98 -27.08
CA SER F 166 -52.19 -31.09 -26.32
C SER F 166 -52.97 -30.00 -25.58
N CYS F 167 -53.87 -29.29 -26.26
CA CYS F 167 -54.66 -28.26 -25.62
C CYS F 167 -56.05 -28.25 -26.23
N ILE F 168 -57.01 -27.74 -25.44
CA ILE F 168 -58.41 -27.70 -25.84
C ILE F 168 -58.99 -26.32 -25.50
N SER F 169 -60.06 -25.97 -26.22
CA SER F 169 -60.74 -24.70 -26.01
C SER F 169 -62.16 -24.82 -26.56
N TRP F 170 -63.14 -24.50 -25.72
CA TRP F 170 -64.54 -24.65 -26.10
C TRP F 170 -65.08 -23.33 -26.64
N ASN F 171 -66.40 -23.28 -26.82
CA ASN F 171 -67.04 -22.07 -27.34
C ASN F 171 -66.95 -20.95 -26.31
N PRO F 172 -66.36 -19.81 -26.65
CA PRO F 172 -66.22 -18.72 -25.68
C PRO F 172 -67.33 -17.68 -25.71
N SER F 173 -68.33 -17.85 -26.59
CA SER F 173 -69.36 -16.85 -26.79
C SER F 173 -70.67 -17.30 -26.14
N SER F 174 -71.28 -16.41 -25.36
CA SER F 174 -72.54 -16.67 -24.68
C SER F 174 -73.75 -16.33 -25.53
N SER F 175 -73.55 -16.03 -26.81
CA SER F 175 -74.65 -15.62 -27.66
C SER F 175 -75.63 -16.76 -27.85
N ARG F 176 -76.91 -16.40 -27.94
CA ARG F 176 -77.95 -17.40 -28.16
C ARG F 176 -77.75 -18.12 -29.49
N ALA F 177 -77.38 -17.38 -30.53
CA ALA F 177 -77.04 -18.02 -31.79
C ALA F 177 -75.76 -18.82 -31.71
N HIS F 178 -74.85 -18.45 -30.81
CA HIS F 178 -73.57 -19.16 -30.66
C HIS F 178 -73.86 -20.52 -30.05
N SER F 179 -73.88 -21.55 -30.88
CA SER F 179 -74.17 -22.89 -30.42
C SER F 179 -72.96 -23.49 -29.71
N PRO F 180 -73.10 -24.69 -29.14
CA PRO F 180 -71.96 -25.33 -28.49
C PRO F 180 -70.83 -25.57 -29.48
N MET F 181 -69.61 -25.36 -29.01
CA MET F 181 -68.43 -25.53 -29.84
C MET F 181 -67.22 -25.82 -28.96
N ILE F 182 -66.41 -26.79 -29.39
CA ILE F 182 -65.21 -27.19 -28.67
C ILE F 182 -64.08 -27.36 -29.67
N ALA F 183 -62.93 -26.79 -29.37
CA ALA F 183 -61.74 -26.92 -30.22
C ALA F 183 -60.62 -27.53 -29.41
N VAL F 184 -59.99 -28.58 -29.96
CA VAL F 184 -58.92 -29.29 -29.31
C VAL F 184 -57.73 -29.36 -30.26
N GLY F 185 -56.53 -29.09 -29.73
CA GLY F 185 -55.33 -29.20 -30.52
C GLY F 185 -54.66 -30.56 -30.40
N SER F 186 -53.72 -30.82 -31.32
CA SER F 186 -53.01 -32.09 -31.37
C SER F 186 -51.51 -31.86 -31.50
N ASP F 187 -50.73 -32.60 -30.71
CA ASP F 187 -49.27 -32.54 -30.76
C ASP F 187 -48.66 -33.92 -30.99
N ASP F 188 -49.42 -34.85 -31.56
CA ASP F 188 -48.93 -36.19 -31.84
C ASP F 188 -47.75 -36.17 -32.81
N ALA F 193 -48.01 -35.25 -41.78
CA ALA F 193 -48.58 -33.91 -41.60
C ALA F 193 -50.10 -33.96 -41.68
N MET F 194 -50.76 -33.22 -40.79
CA MET F 194 -52.20 -33.20 -40.76
C MET F 194 -52.67 -31.99 -39.96
N ALA F 195 -53.98 -31.75 -40.00
CA ALA F 195 -54.57 -30.70 -39.19
C ALA F 195 -54.58 -31.10 -37.73
N LYS F 196 -54.44 -30.11 -36.84
CA LYS F 196 -54.34 -30.35 -35.41
C LYS F 196 -55.52 -29.81 -34.60
N VAL F 197 -56.19 -28.77 -35.08
CA VAL F 197 -57.25 -28.11 -34.32
C VAL F 197 -58.59 -28.53 -34.91
N GLN F 198 -59.37 -29.27 -34.12
CA GLN F 198 -60.66 -29.76 -34.54
C GLN F 198 -61.75 -29.08 -33.72
N ILE F 199 -62.63 -28.35 -34.40
CA ILE F 199 -63.73 -27.67 -33.76
C ILE F 199 -64.90 -28.65 -33.66
N PHE F 200 -65.26 -29.01 -32.43
CA PHE F 200 -66.34 -29.96 -32.18
C PHE F 200 -67.53 -29.21 -31.60
N GLU F 201 -68.73 -29.59 -32.02
CA GLU F 201 -69.95 -28.92 -31.62
C GLU F 201 -70.97 -29.93 -31.13
N TYR F 202 -71.58 -29.64 -29.98
CA TYR F 202 -72.66 -30.46 -29.45
C TYR F 202 -73.96 -29.92 -30.03
N ASN F 203 -74.52 -30.63 -30.99
CA ASN F 203 -75.75 -30.18 -31.66
C ASN F 203 -76.91 -30.20 -30.69
N GLU F 204 -77.71 -29.13 -30.70
CA GLU F 204 -78.87 -29.06 -29.81
C GLU F 204 -79.89 -30.13 -30.16
N ASN F 205 -80.16 -30.33 -31.45
CA ASN F 205 -81.14 -31.33 -31.86
C ASN F 205 -80.62 -32.75 -31.62
N THR F 206 -79.38 -33.02 -32.05
CA THR F 206 -78.82 -34.35 -31.91
C THR F 206 -78.35 -34.64 -30.49
N ARG F 207 -78.09 -33.60 -29.70
CA ARG F 207 -77.58 -33.77 -28.33
C ARG F 207 -76.28 -34.58 -28.34
N LYS F 208 -75.43 -34.34 -29.33
CA LYS F 208 -74.16 -35.04 -29.44
C LYS F 208 -73.10 -34.08 -29.93
N TYR F 209 -71.90 -34.22 -29.38
CA TYR F 209 -70.78 -33.38 -29.80
C TYR F 209 -70.24 -33.87 -31.13
N ALA F 210 -70.33 -33.03 -32.15
CA ALA F 210 -69.89 -33.37 -33.50
C ALA F 210 -68.91 -32.33 -34.00
N LYS F 211 -67.86 -32.80 -34.67
CA LYS F 211 -66.83 -31.90 -35.17
C LYS F 211 -67.40 -31.01 -36.27
N ALA F 212 -66.86 -29.79 -36.36
CA ALA F 212 -67.23 -28.85 -37.40
C ALA F 212 -66.21 -28.85 -38.54
N GLU F 213 -64.94 -28.58 -38.25
CA GLU F 213 -63.91 -28.56 -39.26
C GLU F 213 -62.55 -28.68 -38.58
N THR F 214 -61.54 -29.01 -39.38
CA THR F 214 -60.18 -29.17 -38.90
C THR F 214 -59.30 -28.10 -39.52
N LEU F 215 -58.43 -27.50 -38.69
CA LEU F 215 -57.57 -26.40 -39.13
C LEU F 215 -56.49 -26.97 -40.03
N MET F 216 -56.85 -27.18 -41.30
CA MET F 216 -55.93 -27.78 -42.26
C MET F 216 -54.72 -26.90 -42.54
N THR F 217 -54.78 -25.62 -42.18
CA THR F 217 -53.69 -24.70 -42.50
C THR F 217 -52.46 -24.94 -41.62
N VAL F 218 -52.57 -25.74 -40.57
CA VAL F 218 -51.48 -25.98 -39.63
C VAL F 218 -51.15 -27.47 -39.66
N THR F 219 -49.86 -27.78 -39.81
CA THR F 219 -49.38 -29.16 -39.77
C THR F 219 -48.35 -29.41 -38.68
N ASP F 220 -47.69 -28.37 -38.18
CA ASP F 220 -46.76 -28.54 -37.09
C ASP F 220 -47.51 -28.89 -35.81
N PRO F 221 -46.84 -29.53 -34.85
CA PRO F 221 -47.51 -29.89 -33.60
C PRO F 221 -48.03 -28.67 -32.87
N VAL F 222 -49.21 -28.82 -32.26
CA VAL F 222 -49.90 -27.73 -31.60
C VAL F 222 -49.61 -27.80 -30.11
N HIS F 223 -49.21 -26.69 -29.52
CA HIS F 223 -48.96 -26.63 -28.08
C HIS F 223 -50.17 -26.11 -27.31
N ASP F 224 -50.77 -25.01 -27.76
CA ASP F 224 -51.89 -24.40 -27.07
C ASP F 224 -52.98 -24.03 -28.06
N ILE F 225 -54.23 -24.20 -27.65
CA ILE F 225 -55.40 -23.84 -28.44
C ILE F 225 -56.30 -22.97 -27.57
N ALA F 226 -56.56 -21.74 -28.01
CA ALA F 226 -57.37 -20.82 -27.23
C ALA F 226 -58.12 -19.88 -28.16
N PHE F 227 -59.28 -19.43 -27.69
CA PHE F 227 -60.09 -18.45 -28.39
C PHE F 227 -60.20 -17.21 -27.52
N ALA F 228 -59.95 -16.04 -28.12
CA ALA F 228 -59.88 -14.80 -27.37
C ALA F 228 -61.27 -14.40 -26.88
N PRO F 229 -61.34 -13.46 -25.94
CA PRO F 229 -62.64 -13.03 -25.41
C PRO F 229 -63.56 -12.52 -26.50
N ASN F 230 -64.81 -12.98 -26.47
CA ASN F 230 -65.72 -12.70 -27.58
C ASN F 230 -66.14 -11.24 -27.62
N LEU F 231 -66.56 -10.70 -26.48
CA LEU F 231 -67.13 -9.35 -26.42
C LEU F 231 -68.24 -9.17 -27.44
N GLY F 232 -68.85 -10.27 -27.87
CA GLY F 232 -69.98 -10.21 -28.78
C GLY F 232 -69.67 -9.65 -30.15
N ARG F 233 -68.53 -10.01 -30.72
CA ARG F 233 -68.21 -9.60 -32.09
C ARG F 233 -69.15 -10.28 -33.08
N SER F 234 -68.95 -9.98 -34.35
CA SER F 234 -69.72 -10.60 -35.41
C SER F 234 -69.05 -11.85 -35.98
N PHE F 235 -67.81 -12.13 -35.56
CA PHE F 235 -67.09 -13.31 -36.00
C PHE F 235 -66.41 -13.92 -34.78
N HIS F 236 -65.49 -14.86 -35.02
CA HIS F 236 -64.75 -15.51 -33.97
C HIS F 236 -63.26 -15.37 -34.19
N ILE F 237 -62.50 -15.19 -33.10
CA ILE F 237 -61.06 -15.05 -33.14
C ILE F 237 -60.44 -16.05 -32.18
N LEU F 238 -59.40 -16.74 -32.64
CA LEU F 238 -58.71 -17.74 -31.83
C LEU F 238 -57.26 -17.82 -32.25
N ALA F 239 -56.44 -18.43 -31.38
CA ALA F 239 -55.01 -18.54 -31.62
C ALA F 239 -54.56 -19.98 -31.40
N ILE F 240 -53.50 -20.37 -32.10
CA ILE F 240 -52.93 -21.70 -32.01
C ILE F 240 -51.42 -21.57 -31.81
N ALA F 241 -50.86 -22.39 -30.92
CA ALA F 241 -49.44 -22.34 -30.61
C ALA F 241 -48.72 -23.49 -31.30
N THR F 242 -47.78 -23.15 -32.17
CA THR F 242 -46.98 -24.12 -32.92
C THR F 242 -45.61 -23.49 -33.17
N LYS F 243 -44.88 -24.02 -34.15
CA LYS F 243 -43.56 -23.48 -34.47
C LYS F 243 -43.64 -22.01 -34.87
N ASP F 244 -44.80 -21.56 -35.34
CA ASP F 244 -45.02 -20.16 -35.70
C ASP F 244 -46.36 -19.68 -35.16
N VAL F 245 -46.40 -18.43 -34.70
CA VAL F 245 -47.63 -17.87 -34.15
C VAL F 245 -48.43 -17.22 -35.25
N ARG F 246 -49.70 -17.60 -35.36
CA ARG F 246 -50.59 -17.10 -36.41
C ARG F 246 -51.92 -16.67 -35.80
N ILE F 247 -52.57 -15.72 -36.47
CA ILE F 247 -53.88 -15.22 -36.07
C ILE F 247 -54.86 -15.52 -37.19
N PHE F 248 -55.99 -16.13 -36.84
CA PHE F 248 -57.00 -16.54 -37.81
C PHE F 248 -58.37 -16.16 -37.30
N THR F 249 -59.29 -15.95 -38.23
CA THR F 249 -60.64 -15.51 -37.92
C THR F 249 -61.66 -16.51 -38.46
N LEU F 250 -62.68 -16.79 -37.66
CA LEU F 250 -63.76 -17.68 -38.04
C LEU F 250 -65.07 -16.89 -38.07
N LYS F 251 -65.71 -16.86 -39.23
CA LYS F 251 -66.97 -16.15 -39.41
C LYS F 251 -68.05 -17.13 -39.85
N PRO F 252 -69.07 -17.38 -39.03
CA PRO F 252 -70.10 -18.35 -39.43
C PRO F 252 -70.86 -17.89 -40.68
N VAL F 253 -71.27 -18.87 -41.47
CA VAL F 253 -72.06 -18.60 -42.66
C VAL F 253 -73.35 -17.89 -42.30
N GLY F 262 -77.12 -30.01 -40.07
CA GLY F 262 -75.93 -30.39 -39.31
C GLY F 262 -75.11 -29.19 -38.88
N PRO F 263 -73.79 -29.36 -38.82
CA PRO F 263 -72.93 -28.25 -38.43
C PRO F 263 -73.04 -27.09 -39.39
N THR F 264 -72.99 -25.88 -38.85
CA THR F 264 -73.10 -24.68 -39.66
C THR F 264 -71.79 -24.36 -40.34
N LYS F 265 -71.86 -23.91 -41.59
CA LYS F 265 -70.66 -23.52 -42.30
C LYS F 265 -70.07 -22.24 -41.69
N PHE F 266 -68.81 -21.98 -42.01
CA PHE F 266 -68.12 -20.80 -41.50
C PHE F 266 -67.14 -20.29 -42.54
N GLU F 267 -66.70 -19.05 -42.35
CA GLU F 267 -65.70 -18.42 -43.19
C GLU F 267 -64.37 -18.42 -42.46
N ILE F 268 -63.29 -18.71 -43.18
CA ILE F 268 -61.96 -18.84 -42.61
C ILE F 268 -61.04 -17.83 -43.26
N HIS F 269 -60.27 -17.12 -42.43
CA HIS F 269 -59.27 -16.17 -42.91
C HIS F 269 -58.25 -15.95 -41.81
N ILE F 270 -56.97 -15.97 -42.19
CA ILE F 270 -55.89 -15.79 -41.23
C ILE F 270 -55.70 -14.29 -40.99
N VAL F 271 -55.93 -13.86 -39.75
CA VAL F 271 -55.77 -12.45 -39.41
C VAL F 271 -54.32 -12.03 -39.53
N ALA F 272 -53.40 -12.86 -39.05
CA ALA F 272 -51.98 -12.55 -39.08
C ALA F 272 -51.19 -13.82 -38.81
N GLN F 273 -49.87 -13.72 -38.99
CA GLN F 273 -48.96 -14.80 -38.65
C GLN F 273 -47.58 -14.19 -38.41
N PHE F 274 -47.22 -13.99 -37.15
CA PHE F 274 -45.95 -13.41 -36.77
C PHE F 274 -45.12 -14.46 -36.05
N ASP F 275 -43.89 -14.67 -36.52
CA ASP F 275 -42.98 -15.66 -35.95
C ASP F 275 -41.74 -14.98 -35.35
N ASN F 276 -41.95 -13.89 -34.61
CA ASN F 276 -40.83 -13.14 -34.06
C ASN F 276 -40.02 -13.97 -33.07
N HIS F 277 -40.67 -14.86 -32.32
CA HIS F 277 -39.93 -15.72 -31.39
C HIS F 277 -39.00 -16.66 -32.12
N ASN F 278 -39.26 -16.93 -33.40
CA ASN F 278 -38.45 -17.83 -34.22
C ASN F 278 -38.37 -19.23 -33.63
N SER F 279 -39.43 -19.65 -32.94
CA SER F 279 -39.46 -20.96 -32.31
C SER F 279 -40.90 -21.30 -31.96
N GLN F 280 -41.11 -22.52 -31.45
CA GLN F 280 -42.43 -22.95 -31.03
C GLN F 280 -42.83 -22.25 -29.74
N VAL F 281 -44.10 -21.86 -29.66
CA VAL F 281 -44.60 -21.18 -28.47
C VAL F 281 -45.18 -22.22 -27.51
N TRP F 282 -44.84 -22.08 -26.23
CA TRP F 282 -45.33 -23.03 -25.24
C TRP F 282 -46.84 -22.89 -25.02
N ARG F 283 -47.35 -21.67 -25.06
CA ARG F 283 -48.76 -21.42 -24.78
C ARG F 283 -49.20 -20.14 -25.45
N VAL F 284 -50.52 -19.96 -25.52
CA VAL F 284 -51.14 -18.77 -26.09
C VAL F 284 -52.05 -18.14 -25.04
N SER F 285 -51.90 -16.84 -24.84
CA SER F 285 -52.71 -16.08 -23.88
C SER F 285 -53.27 -14.84 -24.55
N TRP F 286 -54.15 -14.14 -23.85
CA TRP F 286 -54.84 -13.00 -24.42
C TRP F 286 -55.18 -12.01 -23.30
N ASN F 287 -56.10 -11.10 -23.60
CA ASN F 287 -56.54 -10.07 -22.68
C ASN F 287 -58.04 -10.21 -22.41
N ILE F 288 -58.49 -9.55 -21.35
CA ILE F 288 -59.88 -9.69 -20.91
C ILE F 288 -60.84 -9.21 -21.97
N THR F 289 -60.52 -8.08 -22.61
CA THR F 289 -61.35 -7.56 -23.69
C THR F 289 -60.99 -8.14 -25.04
N GLY F 290 -60.02 -9.04 -25.10
CA GLY F 290 -59.57 -9.56 -26.37
C GLY F 290 -58.77 -8.58 -27.19
N THR F 291 -58.40 -7.44 -26.61
CA THR F 291 -57.67 -6.42 -27.36
C THR F 291 -56.30 -6.92 -27.79
N VAL F 292 -55.62 -7.67 -26.92
CA VAL F 292 -54.27 -8.13 -27.19
C VAL F 292 -54.15 -9.60 -26.80
N LEU F 293 -53.51 -10.39 -27.65
CA LEU F 293 -53.20 -11.78 -27.37
C LEU F 293 -51.71 -11.90 -27.09
N ALA F 294 -51.35 -12.66 -26.07
CA ALA F 294 -49.97 -12.80 -25.62
C ALA F 294 -49.47 -14.20 -25.90
N SER F 295 -48.29 -14.31 -26.49
CA SER F 295 -47.68 -15.59 -26.80
C SER F 295 -46.22 -15.57 -26.37
N SER F 296 -45.77 -16.66 -25.74
CA SER F 296 -44.38 -16.81 -25.32
C SER F 296 -43.77 -17.96 -26.11
N GLY F 297 -42.72 -17.67 -26.87
CA GLY F 297 -42.05 -18.66 -27.68
C GLY F 297 -40.94 -19.37 -26.90
N ASP F 298 -40.36 -20.38 -27.56
CA ASP F 298 -39.29 -21.15 -26.95
C ASP F 298 -38.02 -20.33 -26.78
N ASP F 299 -37.94 -19.15 -27.38
CA ASP F 299 -36.78 -18.29 -27.27
C ASP F 299 -36.71 -17.55 -25.95
N GLY F 300 -37.57 -17.88 -24.99
CA GLY F 300 -37.56 -17.17 -23.73
C GLY F 300 -38.12 -15.77 -23.81
N CYS F 301 -38.92 -15.48 -24.82
CA CYS F 301 -39.52 -14.17 -25.01
C CYS F 301 -41.03 -14.31 -25.18
N VAL F 302 -41.76 -13.30 -24.73
CA VAL F 302 -43.21 -13.25 -24.83
C VAL F 302 -43.59 -12.17 -25.83
N ARG F 303 -44.40 -12.55 -26.82
CA ARG F 303 -44.84 -11.63 -27.86
C ARG F 303 -46.32 -11.35 -27.69
N LEU F 304 -46.67 -10.08 -27.51
CA LEU F 304 -48.05 -9.64 -27.42
C LEU F 304 -48.37 -8.79 -28.64
N TRP F 305 -49.42 -9.16 -29.37
CA TRP F 305 -49.75 -8.54 -30.64
C TRP F 305 -51.04 -7.75 -30.51
N LYS F 306 -51.05 -6.53 -31.05
CA LYS F 306 -52.23 -5.68 -31.05
C LYS F 306 -52.57 -5.30 -32.49
N ALA F 307 -53.85 -5.35 -32.82
CA ALA F 307 -54.29 -4.97 -34.15
C ALA F 307 -54.15 -3.47 -34.35
N ASN F 308 -53.70 -3.08 -35.54
CA ASN F 308 -53.56 -1.67 -35.86
C ASN F 308 -54.92 -1.08 -36.25
N TYR F 309 -54.96 0.25 -36.35
CA TYR F 309 -56.19 0.93 -36.72
C TYR F 309 -56.68 0.49 -38.10
N MET F 310 -55.77 0.00 -38.94
CA MET F 310 -56.12 -0.55 -40.24
C MET F 310 -56.37 -2.05 -40.19
N ASP F 311 -56.81 -2.57 -39.04
CA ASP F 311 -57.06 -3.99 -38.84
C ASP F 311 -55.83 -4.82 -39.21
N ASN F 312 -54.67 -4.41 -38.69
CA ASN F 312 -53.41 -5.09 -38.92
C ASN F 312 -52.77 -5.42 -37.58
N TRP F 313 -52.68 -6.71 -37.26
CA TRP F 313 -52.08 -7.13 -36.01
C TRP F 313 -50.60 -6.78 -35.99
N LYS F 314 -50.14 -6.19 -34.89
CA LYS F 314 -48.74 -5.85 -34.70
C LYS F 314 -48.30 -6.25 -33.31
N CYS F 315 -47.12 -6.86 -33.21
CA CYS F 315 -46.59 -7.30 -31.92
C CYS F 315 -46.22 -6.05 -31.12
N THR F 316 -47.12 -5.63 -30.22
CA THR F 316 -46.96 -4.40 -29.49
C THR F 316 -46.29 -4.59 -28.14
N GLY F 317 -45.83 -5.79 -27.82
CA GLY F 317 -45.15 -6.03 -26.57
C GLY F 317 -43.98 -6.99 -26.71
N ILE F 318 -42.88 -6.70 -26.03
CA ILE F 318 -41.69 -7.54 -26.05
C ILE F 318 -41.27 -7.81 -24.61
N LEU F 319 -41.02 -9.08 -24.30
CA LEU F 319 -40.63 -9.49 -22.95
C LEU F 319 -39.41 -10.41 -23.03
N LYS F 320 -38.65 -10.44 -21.94
CA LYS F 320 -37.46 -11.27 -21.87
C LYS F 320 -37.42 -12.04 -20.55
N PHE G 2 -45.89 -58.78 31.58
CA PHE G 2 -45.37 -59.63 32.63
C PHE G 2 -44.48 -60.73 32.04
N VAL G 3 -43.40 -61.06 32.75
CA VAL G 3 -42.49 -62.11 32.35
C VAL G 3 -42.25 -63.01 33.56
N ALA G 4 -41.72 -64.21 33.31
CA ALA G 4 -41.44 -65.19 34.35
C ALA G 4 -39.97 -65.57 34.32
N ARG G 5 -39.45 -65.94 35.49
CA ARG G 5 -38.07 -66.39 35.64
C ARG G 5 -38.10 -67.70 36.42
N SER G 6 -37.91 -68.82 35.72
CA SER G 6 -37.89 -70.12 36.36
C SER G 6 -36.67 -70.26 37.27
N ILE G 7 -36.89 -70.83 38.46
CA ILE G 7 -35.87 -70.97 39.49
C ILE G 7 -35.70 -72.46 39.80
N ALA G 8 -34.46 -72.91 39.84
CA ALA G 8 -34.16 -74.32 40.12
C ALA G 8 -34.48 -74.61 41.58
N ALA G 9 -35.60 -75.31 41.81
CA ALA G 9 -36.02 -75.59 43.17
C ALA G 9 -35.04 -76.52 43.89
N ASP G 10 -34.56 -77.55 43.19
CA ASP G 10 -33.66 -78.55 43.77
C ASP G 10 -34.28 -79.21 44.99
N HIS G 11 -35.60 -79.38 44.96
CA HIS G 11 -36.32 -80.10 46.00
C HIS G 11 -36.57 -81.53 45.53
N LYS G 12 -37.02 -82.37 46.44
CA LYS G 12 -37.28 -83.78 46.15
C LYS G 12 -38.76 -84.12 46.17
N ASP G 13 -39.63 -83.13 46.34
CA ASP G 13 -41.07 -83.39 46.40
C ASP G 13 -41.80 -82.08 46.14
N LEU G 14 -43.11 -82.10 46.37
CA LEU G 14 -43.96 -80.95 46.09
C LEU G 14 -43.60 -79.78 47.00
N ILE G 15 -43.44 -78.60 46.39
CA ILE G 15 -43.33 -77.38 47.17
C ILE G 15 -44.72 -76.95 47.61
N HIS G 16 -44.87 -76.65 48.90
CA HIS G 16 -46.19 -76.31 49.42
C HIS G 16 -46.41 -74.79 49.43
N ASP G 17 -45.55 -74.04 50.14
CA ASP G 17 -45.73 -72.61 50.23
C ASP G 17 -44.43 -71.87 49.96
N VAL G 18 -44.58 -70.62 49.51
CA VAL G 18 -43.50 -69.63 49.45
C VAL G 18 -44.02 -68.39 50.14
N SER G 19 -43.21 -67.81 51.03
CA SER G 19 -43.60 -66.62 51.78
C SER G 19 -42.51 -65.57 51.66
N PHE G 20 -42.91 -64.31 51.62
CA PHE G 20 -41.96 -63.24 51.40
C PHE G 20 -41.57 -62.56 52.71
N ASP G 21 -40.38 -61.97 52.72
CA ASP G 21 -39.88 -61.24 53.87
C ASP G 21 -40.72 -59.98 54.07
N PHE G 22 -40.50 -59.33 55.21
CA PHE G 22 -41.17 -58.06 55.48
C PHE G 22 -40.76 -56.99 54.47
N HIS G 23 -39.47 -56.93 54.15
CA HIS G 23 -38.94 -55.92 53.25
C HIS G 23 -38.92 -56.37 51.80
N GLY G 24 -39.41 -57.57 51.50
CA GLY G 24 -39.55 -58.00 50.12
C GLY G 24 -38.30 -58.49 49.43
N ARG G 25 -37.19 -58.58 50.14
CA ARG G 25 -35.94 -59.03 49.53
C ARG G 25 -35.64 -60.50 49.79
N ARG G 26 -36.34 -61.15 50.71
CA ARG G 26 -36.11 -62.55 51.02
C ARG G 26 -37.41 -63.33 50.89
N MET G 27 -37.28 -64.62 50.65
CA MET G 27 -38.44 -65.49 50.52
C MET G 27 -38.06 -66.89 50.97
N ALA G 28 -39.00 -67.57 51.60
CA ALA G 28 -38.77 -68.87 52.20
C ALA G 28 -39.67 -69.92 51.56
N THR G 29 -39.11 -71.12 51.39
CA THR G 29 -39.83 -72.22 50.75
C THR G 29 -39.84 -73.43 51.66
N CYS G 30 -40.82 -74.30 51.44
CA CYS G 30 -40.97 -75.53 52.20
C CYS G 30 -41.54 -76.60 51.28
N SER G 31 -41.45 -77.85 51.71
CA SER G 31 -41.89 -78.96 50.87
C SER G 31 -42.16 -80.19 51.71
N SER G 32 -42.84 -81.15 51.11
CA SER G 32 -43.08 -82.44 51.72
C SER G 32 -41.85 -83.33 51.73
N ASP G 33 -40.70 -82.82 51.32
CA ASP G 33 -39.44 -83.53 51.48
C ASP G 33 -38.75 -83.22 52.79
N GLN G 34 -39.47 -82.61 53.73
CA GLN G 34 -38.99 -82.37 55.09
C GLN G 34 -37.77 -81.44 55.09
N SER G 35 -37.98 -80.23 54.62
CA SER G 35 -36.90 -79.26 54.59
C SER G 35 -37.45 -77.86 54.41
N VAL G 36 -36.60 -76.88 54.70
CA VAL G 36 -36.92 -75.47 54.51
C VAL G 36 -35.70 -74.79 53.91
N LYS G 37 -35.89 -74.02 52.84
CA LYS G 37 -34.81 -73.29 52.22
C LYS G 37 -35.14 -71.81 52.16
N VAL G 38 -34.10 -70.98 52.25
CA VAL G 38 -34.23 -69.53 52.25
C VAL G 38 -33.43 -68.98 51.07
N TRP G 39 -34.07 -68.17 50.24
CA TRP G 39 -33.43 -67.52 49.10
C TRP G 39 -33.44 -66.02 49.30
N ASP G 40 -32.32 -65.38 48.97
CA ASP G 40 -32.21 -63.94 48.98
C ASP G 40 -31.86 -63.44 47.58
N LYS G 41 -32.44 -62.30 47.22
CA LYS G 41 -32.15 -61.66 45.94
C LYS G 41 -30.78 -61.00 45.98
N SER G 42 -30.20 -60.80 44.80
CA SER G 42 -28.86 -60.27 44.66
C SER G 42 -28.90 -58.93 43.91
N GLU G 43 -27.70 -58.41 43.63
CA GLU G 43 -27.61 -57.12 42.95
C GLU G 43 -28.18 -57.19 41.54
N SER G 44 -27.93 -58.30 40.85
CA SER G 44 -28.40 -58.47 39.47
C SER G 44 -29.76 -59.16 39.41
N GLY G 45 -30.55 -58.99 40.47
CA GLY G 45 -31.89 -59.54 40.53
C GLY G 45 -31.96 -61.04 40.46
N ASP G 46 -30.86 -61.70 40.77
CA ASP G 46 -30.81 -63.17 40.74
C ASP G 46 -31.15 -63.73 42.11
N TRP G 47 -31.72 -64.93 42.10
CA TRP G 47 -32.06 -65.66 43.31
C TRP G 47 -31.07 -66.81 43.49
N HIS G 48 -30.57 -66.98 44.71
CA HIS G 48 -29.71 -68.12 45.00
C HIS G 48 -29.99 -68.56 46.43
N CYS G 49 -29.67 -69.82 46.72
CA CYS G 49 -29.98 -70.40 48.02
C CYS G 49 -28.99 -69.90 49.08
N THR G 50 -29.44 -69.93 50.33
CA THR G 50 -28.60 -69.57 51.46
C THR G 50 -28.63 -70.56 52.61
N ALA G 51 -29.66 -71.40 52.74
CA ALA G 51 -29.78 -72.31 53.86
C ALA G 51 -30.70 -73.46 53.47
N SER G 52 -30.25 -74.69 53.72
CA SER G 52 -30.96 -75.88 53.26
C SER G 52 -31.01 -76.94 54.36
N TRP G 53 -31.39 -76.54 55.56
CA TRP G 53 -31.40 -77.46 56.69
C TRP G 53 -32.74 -78.16 56.84
N LYS G 54 -32.70 -79.33 57.46
CA LYS G 54 -33.89 -80.14 57.70
C LYS G 54 -34.56 -79.69 59.00
N THR G 55 -35.89 -79.65 59.00
CA THR G 55 -36.65 -79.05 60.10
C THR G 55 -37.46 -80.08 60.89
N HIS G 56 -38.32 -80.83 60.21
CA HIS G 56 -39.21 -81.78 60.86
C HIS G 56 -38.93 -83.20 60.37
N SER G 57 -39.78 -84.12 60.79
CA SER G 57 -39.75 -85.49 60.30
C SER G 57 -41.04 -85.88 59.59
N GLY G 58 -41.93 -84.93 59.32
CA GLY G 58 -43.08 -85.14 58.48
C GLY G 58 -43.13 -84.13 57.34
N SER G 59 -44.17 -84.23 56.54
CA SER G 59 -44.32 -83.33 55.40
C SER G 59 -44.51 -81.89 55.87
N VAL G 60 -43.62 -80.99 55.46
CA VAL G 60 -43.61 -79.64 56.02
C VAL G 60 -44.60 -78.77 55.24
N TRP G 61 -45.63 -78.30 55.93
CA TRP G 61 -46.65 -77.44 55.38
C TRP G 61 -46.31 -75.97 55.66
N ARG G 62 -47.33 -75.11 55.64
CA ARG G 62 -47.19 -73.65 55.66
C ARG G 62 -46.02 -73.17 56.52
N VAL G 63 -45.23 -72.27 55.94
CA VAL G 63 -44.08 -71.64 56.58
C VAL G 63 -44.24 -70.13 56.50
N THR G 64 -44.03 -69.45 57.63
CA THR G 64 -44.32 -68.02 57.71
C THR G 64 -43.12 -67.25 58.22
N TRP G 65 -43.12 -65.95 57.93
CA TRP G 65 -42.12 -65.00 58.40
C TRP G 65 -42.71 -64.17 59.53
N ALA G 66 -41.86 -63.73 60.44
CA ALA G 66 -42.28 -62.82 61.50
C ALA G 66 -41.64 -61.46 61.30
N HIS G 67 -42.22 -60.45 61.94
CA HIS G 67 -41.77 -59.08 61.76
C HIS G 67 -40.32 -58.94 62.23
N PRO G 68 -39.48 -58.23 61.48
CA PRO G 68 -38.06 -58.13 61.89
C PRO G 68 -37.84 -57.24 63.10
N GLU G 69 -38.89 -56.68 63.69
CA GLU G 69 -38.74 -56.02 64.98
C GLU G 69 -38.33 -57.00 66.05
N PHE G 70 -38.75 -58.26 65.92
CA PHE G 70 -38.36 -59.34 66.82
C PHE G 70 -37.13 -60.08 66.35
N GLY G 71 -36.56 -59.70 65.20
CA GLY G 71 -35.46 -60.45 64.62
C GLY G 71 -35.88 -61.22 63.39
N GLN G 72 -34.98 -62.04 62.86
CA GLN G 72 -35.26 -62.87 61.69
C GLN G 72 -35.70 -64.24 62.19
N VAL G 73 -36.97 -64.35 62.56
CA VAL G 73 -37.50 -65.56 63.18
C VAL G 73 -38.62 -66.12 62.31
N LEU G 74 -38.55 -67.41 62.03
CA LEU G 74 -39.51 -68.11 61.19
C LEU G 74 -40.41 -69.00 62.03
N ALA G 75 -41.30 -69.72 61.35
CA ALA G 75 -42.18 -70.70 61.99
C ALA G 75 -42.61 -71.71 60.95
N SER G 76 -43.03 -72.89 61.41
CA SER G 76 -43.41 -73.95 60.49
C SER G 76 -44.27 -74.98 61.19
N CYS G 77 -45.01 -75.73 60.38
CA CYS G 77 -45.80 -76.86 60.84
C CYS G 77 -45.61 -78.01 59.88
N SER G 78 -45.79 -79.23 60.36
CA SER G 78 -45.52 -80.41 59.54
C SER G 78 -46.39 -81.56 60.00
N PHE G 79 -46.19 -82.71 59.36
CA PHE G 79 -46.96 -83.90 59.72
C PHE G 79 -46.72 -84.29 61.17
N ASP G 80 -45.49 -84.12 61.65
CA ASP G 80 -45.24 -84.19 63.07
C ASP G 80 -46.15 -83.20 63.76
N ARG G 81 -46.87 -83.65 64.78
CA ARG G 81 -47.90 -82.81 65.36
C ARG G 81 -47.29 -81.71 66.22
N THR G 82 -46.48 -80.86 65.59
CA THR G 82 -45.66 -79.88 66.29
C THR G 82 -45.71 -78.50 65.63
N ALA G 83 -44.83 -77.60 66.04
CA ALA G 83 -44.69 -76.28 65.45
C ALA G 83 -43.41 -75.65 65.99
N ALA G 84 -42.61 -75.07 65.11
CA ALA G 84 -41.29 -74.56 65.46
C ALA G 84 -41.19 -73.05 65.28
N VAL G 85 -40.19 -72.47 65.94
CA VAL G 85 -39.96 -71.03 65.94
C VAL G 85 -38.52 -70.74 65.53
N TRP G 86 -38.05 -71.44 64.49
CA TRP G 86 -36.68 -71.30 63.98
C TRP G 86 -36.24 -69.84 63.89
N GLU G 87 -34.94 -69.61 64.13
CA GLU G 87 -34.34 -68.29 64.12
C GLU G 87 -32.96 -68.36 63.48
N GLU G 88 -32.55 -67.30 62.79
CA GLU G 88 -31.21 -67.18 62.23
C GLU G 88 -30.34 -66.36 63.16
N ILE G 89 -29.13 -66.86 63.44
CA ILE G 89 -28.18 -66.19 64.30
C ILE G 89 -26.87 -66.02 63.54
N VAL G 90 -26.08 -65.03 63.93
CA VAL G 90 -24.83 -64.73 63.26
C VAL G 90 -23.69 -65.57 63.82
N GLN G 100 -20.16 -66.27 58.65
CA GLN G 100 -21.23 -67.17 58.25
C GLN G 100 -22.35 -67.18 59.30
N SER G 101 -23.56 -67.49 58.85
CA SER G 101 -24.72 -67.56 59.72
C SER G 101 -25.50 -68.82 59.42
N HIS G 102 -26.25 -69.28 60.42
CA HIS G 102 -27.06 -70.49 60.30
C HIS G 102 -28.29 -70.34 61.18
N TRP G 103 -29.31 -71.15 60.89
CA TRP G 103 -30.56 -71.10 61.62
C TRP G 103 -30.56 -72.16 62.72
N VAL G 104 -30.98 -71.75 63.92
CA VAL G 104 -30.98 -72.62 65.09
C VAL G 104 -32.39 -72.63 65.69
N LYS G 105 -32.81 -73.80 66.16
CA LYS G 105 -34.14 -73.92 66.72
C LYS G 105 -34.22 -73.23 68.07
N ARG G 106 -35.43 -72.79 68.42
CA ARG G 106 -35.67 -72.10 69.68
C ARG G 106 -36.69 -72.79 70.54
N THR G 107 -37.76 -73.34 69.96
CA THR G 107 -38.74 -74.10 70.71
C THR G 107 -39.44 -75.07 69.78
N THR G 108 -40.33 -75.88 70.36
CA THR G 108 -41.11 -76.87 69.62
C THR G 108 -42.41 -77.08 70.40
N LEU G 109 -43.50 -76.50 69.90
CA LEU G 109 -44.79 -76.58 70.58
C LEU G 109 -45.45 -77.91 70.20
N VAL G 110 -45.54 -78.82 71.16
CA VAL G 110 -46.04 -80.16 70.93
C VAL G 110 -47.24 -80.37 71.85
N ASP G 111 -48.43 -80.06 71.34
CA ASP G 111 -49.65 -80.20 72.12
C ASP G 111 -50.79 -80.88 71.40
N SER G 112 -50.79 -80.92 70.07
CA SER G 112 -51.92 -81.44 69.33
C SER G 112 -51.77 -82.94 69.08
N ARG G 113 -52.89 -83.65 69.19
CA ARG G 113 -52.90 -85.07 68.89
C ARG G 113 -52.98 -85.37 67.40
N THR G 114 -53.36 -84.40 66.58
CA THR G 114 -53.41 -84.56 65.13
C THR G 114 -52.47 -83.55 64.48
N SER G 115 -52.23 -83.74 63.18
CA SER G 115 -51.25 -82.93 62.47
C SER G 115 -51.70 -81.48 62.41
N VAL G 116 -50.76 -80.56 62.62
CA VAL G 116 -51.02 -79.13 62.59
C VAL G 116 -51.02 -78.67 61.13
N THR G 117 -52.06 -77.92 60.76
CA THR G 117 -52.25 -77.53 59.37
C THR G 117 -51.60 -76.19 59.03
N ASP G 118 -52.02 -75.11 59.70
CA ASP G 118 -51.54 -73.78 59.38
C ASP G 118 -51.09 -73.06 60.64
N VAL G 119 -50.08 -72.20 60.47
CA VAL G 119 -49.57 -71.37 61.55
C VAL G 119 -49.35 -69.96 61.03
N LYS G 120 -49.91 -68.97 61.71
CA LYS G 120 -49.81 -67.59 61.28
C LYS G 120 -49.47 -66.68 62.45
N PHE G 121 -48.49 -65.81 62.24
CA PHE G 121 -48.12 -64.79 63.21
C PHE G 121 -49.21 -63.72 63.30
N ALA G 122 -49.31 -63.13 64.48
CA ALA G 122 -50.28 -62.09 64.76
C ALA G 122 -49.77 -60.75 64.27
N PRO G 123 -50.64 -59.74 64.20
CA PRO G 123 -50.16 -58.38 63.90
C PRO G 123 -49.20 -57.90 64.98
N LYS G 124 -48.35 -56.93 64.61
CA LYS G 124 -47.38 -56.42 65.57
C LYS G 124 -48.04 -55.81 66.79
N HIS G 125 -49.11 -55.06 66.60
CA HIS G 125 -49.63 -54.24 67.68
C HIS G 125 -50.23 -55.03 68.82
N MET G 126 -50.12 -56.36 68.83
CA MET G 126 -50.55 -57.16 69.97
C MET G 126 -49.43 -58.04 70.49
N GLY G 127 -48.18 -57.61 70.31
CA GLY G 127 -47.05 -58.37 70.78
C GLY G 127 -46.64 -59.47 69.81
N LEU G 128 -45.86 -60.41 70.31
CA LEU G 128 -45.44 -61.59 69.54
C LEU G 128 -46.38 -62.73 69.88
N MET G 129 -47.16 -63.16 68.90
CA MET G 129 -48.10 -64.26 69.07
C MET G 129 -47.97 -65.23 67.92
N LEU G 130 -48.61 -66.38 68.06
CA LEU G 130 -48.56 -67.46 67.09
C LEU G 130 -49.78 -68.33 67.27
N ALA G 131 -50.48 -68.61 66.17
CA ALA G 131 -51.69 -69.41 66.19
C ALA G 131 -51.51 -70.63 65.32
N THR G 132 -52.01 -71.77 65.79
CA THR G 132 -51.93 -73.02 65.05
C THR G 132 -53.28 -73.71 65.10
N CYS G 133 -53.70 -74.21 63.95
CA CYS G 133 -54.95 -74.95 63.82
C CYS G 133 -54.61 -76.43 63.63
N SER G 134 -55.35 -77.29 64.32
CA SER G 134 -55.11 -78.72 64.26
C SER G 134 -56.22 -79.41 63.49
N ALA G 135 -55.89 -80.57 62.91
CA ALA G 135 -56.85 -81.28 62.08
C ALA G 135 -58.07 -81.75 62.85
N ASP G 136 -57.93 -81.99 64.16
CA ASP G 136 -59.08 -82.45 64.94
C ASP G 136 -60.07 -81.34 65.25
N GLY G 137 -59.70 -80.08 65.05
CA GLY G 137 -60.61 -78.97 65.25
C GLY G 137 -60.25 -78.04 66.38
N ILE G 138 -59.04 -78.08 66.91
CA ILE G 138 -58.65 -77.21 68.02
C ILE G 138 -57.65 -76.19 67.51
N VAL G 139 -57.90 -74.92 67.81
CA VAL G 139 -57.00 -73.83 67.46
C VAL G 139 -56.56 -73.15 68.76
N ARG G 140 -55.29 -72.74 68.82
CA ARG G 140 -54.69 -72.29 70.06
C ARG G 140 -53.74 -71.13 69.81
N ILE G 141 -53.77 -70.15 70.71
CA ILE G 141 -52.95 -68.95 70.60
C ILE G 141 -51.83 -68.99 71.64
N TYR G 142 -50.63 -68.67 71.18
CA TYR G 142 -49.45 -68.64 72.02
C TYR G 142 -48.96 -67.20 72.18
N GLU G 143 -48.06 -67.00 73.13
CA GLU G 143 -47.53 -65.68 73.41
C GLU G 143 -46.14 -65.81 74.05
N ALA G 144 -45.29 -64.83 73.78
CA ALA G 144 -43.92 -64.83 74.27
C ALA G 144 -43.63 -63.48 74.93
N PRO G 145 -44.07 -63.29 76.17
CA PRO G 145 -43.90 -61.98 76.82
C PRO G 145 -42.46 -61.52 76.94
N ASP G 146 -41.51 -62.45 77.09
CA ASP G 146 -40.10 -62.10 77.13
C ASP G 146 -39.57 -62.12 75.70
N VAL G 147 -39.47 -60.94 75.09
CA VAL G 147 -39.24 -60.83 73.65
C VAL G 147 -37.85 -61.32 73.26
N MET G 148 -36.85 -61.10 74.10
CA MET G 148 -35.47 -61.31 73.69
C MET G 148 -35.03 -62.76 73.70
N ASN G 149 -35.82 -63.65 74.28
CA ASN G 149 -35.54 -65.08 74.25
C ASN G 149 -36.76 -65.83 73.72
N LEU G 150 -36.65 -66.30 72.49
CA LEU G 150 -37.79 -66.93 71.82
C LEU G 150 -37.88 -68.41 72.20
N SER G 151 -37.85 -68.66 73.50
CA SER G 151 -37.98 -70.01 74.02
C SER G 151 -38.96 -70.12 75.18
N GLN G 152 -39.41 -69.02 75.76
CA GLN G 152 -40.47 -69.06 76.78
C GLN G 152 -41.83 -68.77 76.15
N TRP G 153 -42.33 -69.76 75.44
CA TRP G 153 -43.64 -69.67 74.81
C TRP G 153 -44.70 -70.21 75.76
N SER G 154 -45.85 -69.55 75.79
CA SER G 154 -46.94 -69.91 76.67
C SER G 154 -48.23 -70.04 75.86
N LEU G 155 -49.13 -70.89 76.33
CA LEU G 155 -50.43 -71.09 75.69
C LEU G 155 -51.49 -70.32 76.48
N GLN G 156 -52.23 -69.46 75.77
CA GLN G 156 -53.16 -68.52 76.37
C GLN G 156 -54.62 -68.91 76.17
N HIS G 157 -55.02 -69.26 74.97
CA HIS G 157 -56.42 -69.58 74.69
C HIS G 157 -56.51 -70.86 73.89
N GLU G 158 -57.64 -71.53 74.00
CA GLU G 158 -57.92 -72.76 73.26
C GLU G 158 -59.39 -72.77 72.87
N ILE G 159 -59.66 -72.98 71.59
CA ILE G 159 -61.01 -72.94 71.04
C ILE G 159 -61.30 -74.26 70.33
N SER G 160 -62.56 -74.67 70.35
CA SER G 160 -63.00 -75.90 69.69
C SER G 160 -63.92 -75.56 68.53
N CYS G 161 -63.61 -76.08 67.35
CA CYS G 161 -64.29 -75.70 66.12
C CYS G 161 -65.35 -76.69 65.67
N LYS G 162 -65.51 -77.82 66.37
CA LYS G 162 -66.51 -78.84 66.05
C LYS G 162 -66.39 -79.38 64.63
N LEU G 163 -65.26 -79.16 63.97
CA LEU G 163 -65.06 -79.60 62.60
C LEU G 163 -63.58 -79.47 62.28
N SER G 164 -63.17 -80.15 61.21
CA SER G 164 -61.76 -80.12 60.82
C SER G 164 -61.33 -78.71 60.44
N CYS G 165 -60.08 -78.40 60.72
CA CYS G 165 -59.50 -77.09 60.47
C CYS G 165 -58.46 -77.19 59.36
N SER G 166 -58.51 -76.26 58.43
CA SER G 166 -57.61 -76.29 57.27
C SER G 166 -56.81 -75.01 57.08
N CYS G 167 -57.31 -73.86 57.47
CA CYS G 167 -56.62 -72.60 57.21
C CYS G 167 -56.93 -71.62 58.33
N ILE G 168 -56.06 -70.61 58.48
CA ILE G 168 -56.23 -69.60 59.50
C ILE G 168 -55.74 -68.28 58.93
N SER G 169 -56.37 -67.18 59.33
CA SER G 169 -55.97 -65.86 58.84
C SER G 169 -56.28 -64.79 59.88
N TRP G 170 -55.29 -63.96 60.17
CA TRP G 170 -55.42 -62.86 61.13
C TRP G 170 -56.00 -61.62 60.45
N ASN G 171 -56.50 -60.71 61.27
CA ASN G 171 -57.03 -59.44 60.78
C ASN G 171 -56.04 -58.32 61.07
N PRO G 172 -55.50 -57.63 60.06
CA PRO G 172 -54.39 -56.70 60.30
C PRO G 172 -54.82 -55.30 60.70
N SER G 173 -56.10 -55.12 61.05
CA SER G 173 -56.59 -53.79 61.37
C SER G 173 -55.87 -53.25 62.60
N SER G 174 -55.13 -52.15 62.42
CA SER G 174 -54.26 -51.62 63.45
C SER G 174 -54.96 -50.64 64.38
N SER G 175 -56.24 -50.35 64.14
CA SER G 175 -56.92 -49.35 64.95
C SER G 175 -57.25 -49.92 66.32
N ARG G 176 -57.63 -49.02 67.24
CA ARG G 176 -58.10 -49.43 68.55
C ARG G 176 -59.62 -49.41 68.65
N ALA G 177 -60.31 -49.22 67.53
CA ALA G 177 -61.74 -49.44 67.46
C ALA G 177 -62.09 -50.85 66.97
N HIS G 178 -61.11 -51.61 66.49
CA HIS G 178 -61.30 -52.99 66.08
C HIS G 178 -60.61 -53.89 67.08
N SER G 179 -61.37 -54.75 67.73
CA SER G 179 -60.72 -55.76 68.54
C SER G 179 -60.16 -56.87 67.64
N PRO G 180 -59.10 -57.56 68.09
CA PRO G 180 -58.52 -58.61 67.26
C PRO G 180 -59.51 -59.72 66.97
N MET G 181 -59.41 -60.27 65.76
CA MET G 181 -60.32 -61.33 65.34
C MET G 181 -59.59 -62.28 64.41
N ILE G 182 -60.03 -63.53 64.40
CA ILE G 182 -59.34 -64.61 63.71
C ILE G 182 -60.37 -65.43 62.94
N ALA G 183 -60.02 -65.83 61.72
CA ALA G 183 -60.92 -66.59 60.85
C ALA G 183 -60.45 -68.03 60.74
N VAL G 184 -61.40 -68.95 60.76
CA VAL G 184 -61.13 -70.38 60.78
C VAL G 184 -61.73 -71.02 59.53
N GLY G 185 -60.90 -71.70 58.76
CA GLY G 185 -61.39 -72.34 57.56
C GLY G 185 -61.51 -73.85 57.67
N SER G 186 -62.73 -74.36 57.55
CA SER G 186 -62.96 -75.79 57.65
C SER G 186 -62.68 -76.48 56.31
N ASP G 187 -62.65 -77.81 56.36
CA ASP G 187 -62.36 -78.61 55.17
C ASP G 187 -63.24 -79.85 55.01
N ASP G 188 -64.07 -80.19 55.99
CA ASP G 188 -64.82 -81.44 55.94
C ASP G 188 -65.76 -81.48 54.74
N SER G 189 -65.77 -82.60 54.04
CA SER G 189 -66.57 -82.77 52.83
C SER G 189 -67.79 -83.66 53.05
N SER G 190 -68.07 -84.05 54.29
CA SER G 190 -69.18 -84.98 54.55
C SER G 190 -70.50 -84.36 54.10
N PRO G 191 -71.33 -85.08 53.36
CA PRO G 191 -72.60 -84.50 52.89
C PRO G 191 -73.57 -84.25 54.02
N ASN G 192 -73.32 -83.22 54.82
CA ASN G 192 -74.22 -82.81 55.89
C ASN G 192 -74.44 -81.30 55.90
N ALA G 193 -74.13 -80.63 54.79
CA ALA G 193 -74.29 -79.18 54.62
C ALA G 193 -73.47 -78.49 55.71
N MET G 194 -74.06 -77.63 56.54
CA MET G 194 -73.38 -76.93 57.63
C MET G 194 -72.31 -75.96 57.11
N ALA G 195 -72.00 -74.95 57.91
CA ALA G 195 -71.07 -73.91 57.48
C ALA G 195 -69.62 -74.37 57.66
N LYS G 196 -68.72 -73.66 57.00
CA LYS G 196 -67.28 -73.91 57.11
C LYS G 196 -66.55 -72.77 57.79
N VAL G 197 -66.66 -71.56 57.28
CA VAL G 197 -65.93 -70.42 57.80
C VAL G 197 -66.64 -69.89 59.05
N GLN G 198 -65.85 -69.57 60.07
CA GLN G 198 -66.35 -68.99 61.30
C GLN G 198 -65.45 -67.85 61.71
N ILE G 199 -66.01 -66.91 62.48
CA ILE G 199 -65.30 -65.71 62.90
C ILE G 199 -65.25 -65.70 64.42
N PHE G 200 -64.04 -65.54 64.97
CA PHE G 200 -63.83 -65.47 66.41
C PHE G 200 -63.29 -64.09 66.76
N GLU G 201 -63.89 -63.48 67.79
CA GLU G 201 -63.58 -62.09 68.11
C GLU G 201 -63.20 -61.99 69.58
N TYR G 202 -62.08 -61.32 69.84
CA TYR G 202 -61.63 -61.08 71.22
C TYR G 202 -62.67 -60.27 71.98
N ASN G 203 -62.75 -60.52 73.28
CA ASN G 203 -63.80 -60.00 74.16
C ASN G 203 -63.22 -59.40 75.42
N GLU G 204 -62.30 -58.45 75.26
CA GLU G 204 -61.46 -57.93 76.33
C GLU G 204 -62.20 -57.63 77.62
N ASN G 205 -63.51 -57.43 77.55
CA ASN G 205 -64.31 -57.33 78.78
C ASN G 205 -64.17 -58.58 79.62
N THR G 206 -64.24 -59.76 79.01
CA THR G 206 -64.12 -61.03 79.70
C THR G 206 -62.81 -61.75 79.44
N ARG G 207 -61.98 -61.24 78.54
CA ARG G 207 -60.66 -61.81 78.22
C ARG G 207 -60.79 -63.23 77.69
N LYS G 208 -61.58 -63.38 76.62
CA LYS G 208 -61.73 -64.67 75.97
C LYS G 208 -62.23 -64.44 74.56
N TYR G 209 -61.99 -65.43 73.69
CA TYR G 209 -62.48 -65.36 72.32
C TYR G 209 -63.89 -65.92 72.24
N ALA G 210 -64.77 -65.20 71.56
CA ALA G 210 -66.18 -65.53 71.51
C ALA G 210 -66.58 -65.96 70.12
N LYS G 211 -67.89 -66.15 69.93
CA LYS G 211 -68.43 -66.45 68.61
C LYS G 211 -69.10 -65.21 68.05
N ALA G 212 -68.56 -64.69 66.95
CA ALA G 212 -69.03 -63.43 66.38
C ALA G 212 -69.98 -63.61 65.21
N GLU G 213 -69.58 -64.37 64.19
CA GLU G 213 -70.42 -64.61 63.03
C GLU G 213 -70.00 -65.91 62.37
N THR G 214 -70.93 -66.46 61.58
CA THR G 214 -70.73 -67.74 60.90
C THR G 214 -71.31 -67.61 59.49
N LEU G 215 -70.48 -67.88 58.48
CA LEU G 215 -70.91 -67.75 57.10
C LEU G 215 -71.78 -68.93 56.70
N MET G 216 -73.09 -68.71 56.67
CA MET G 216 -74.02 -69.79 56.38
C MET G 216 -74.05 -70.18 54.90
N THR G 217 -73.68 -69.26 54.00
CA THR G 217 -73.78 -69.49 52.58
C THR G 217 -72.60 -70.30 52.03
N VAL G 218 -71.73 -70.81 52.89
CA VAL G 218 -70.56 -71.58 52.47
C VAL G 218 -70.80 -73.01 52.88
N THR G 219 -70.82 -73.91 51.90
CA THR G 219 -71.05 -75.33 52.12
C THR G 219 -69.99 -76.21 51.48
N ASP G 220 -69.45 -75.81 50.34
CA ASP G 220 -68.36 -76.53 49.70
C ASP G 220 -67.07 -76.36 50.50
N PRO G 221 -66.16 -77.32 50.41
CA PRO G 221 -64.94 -77.27 51.23
C PRO G 221 -64.13 -76.00 50.99
N VAL G 222 -63.66 -75.40 52.08
CA VAL G 222 -62.83 -74.20 52.03
C VAL G 222 -61.38 -74.63 52.10
N HIS G 223 -60.55 -74.07 51.21
CA HIS G 223 -59.20 -74.54 50.99
C HIS G 223 -58.13 -73.51 51.31
N ASP G 224 -58.50 -72.23 51.43
CA ASP G 224 -57.60 -71.18 51.86
C ASP G 224 -58.43 -69.94 52.17
N ILE G 225 -57.93 -69.11 53.08
CA ILE G 225 -58.63 -67.95 53.58
C ILE G 225 -57.63 -66.82 53.78
N ALA G 226 -58.13 -65.58 53.77
CA ALA G 226 -57.24 -64.43 53.88
C ALA G 226 -58.06 -63.18 54.19
N PHE G 227 -57.49 -62.30 55.01
CA PHE G 227 -58.06 -61.00 55.32
C PHE G 227 -57.34 -59.93 54.50
N ALA G 228 -58.08 -58.91 54.09
CA ALA G 228 -57.49 -57.85 53.28
C ALA G 228 -56.80 -56.82 54.18
N PRO G 229 -55.62 -56.33 53.79
CA PRO G 229 -54.99 -55.26 54.56
C PRO G 229 -55.88 -54.03 54.58
N ASN G 230 -55.81 -53.29 55.68
CA ASN G 230 -56.81 -52.24 55.90
C ASN G 230 -56.32 -50.89 55.39
N LEU G 231 -55.23 -50.39 55.95
CA LEU G 231 -54.59 -49.16 55.53
C LEU G 231 -55.45 -47.93 55.73
N GLY G 232 -56.66 -48.09 56.26
CA GLY G 232 -57.52 -46.95 56.49
C GLY G 232 -58.99 -47.23 56.28
N ARG G 233 -59.30 -48.40 55.73
CA ARG G 233 -60.68 -48.77 55.48
C ARG G 233 -61.45 -48.88 56.80
N SER G 234 -62.72 -48.50 56.75
CA SER G 234 -63.58 -48.53 57.93
C SER G 234 -64.35 -49.83 58.10
N PHE G 235 -64.27 -50.75 57.15
CA PHE G 235 -64.89 -52.06 57.31
C PHE G 235 -63.83 -53.13 57.05
N HIS G 236 -64.29 -54.38 56.95
CA HIS G 236 -63.40 -55.53 56.79
C HIS G 236 -63.74 -56.25 55.50
N ILE G 237 -62.72 -56.69 54.77
CA ILE G 237 -62.90 -57.45 53.55
C ILE G 237 -62.27 -58.82 53.72
N LEU G 238 -63.00 -59.85 53.34
CA LEU G 238 -62.57 -61.24 53.47
C LEU G 238 -62.47 -61.90 52.11
N ALA G 239 -61.66 -62.94 52.02
CA ALA G 239 -61.53 -63.75 50.82
C ALA G 239 -61.59 -65.22 51.21
N ILE G 240 -62.15 -66.05 50.32
CA ILE G 240 -62.31 -67.47 50.59
C ILE G 240 -61.94 -68.25 49.33
N ALA G 241 -61.15 -69.31 49.50
CA ALA G 241 -60.71 -70.15 48.37
C ALA G 241 -61.52 -71.45 48.37
N THR G 242 -62.76 -71.35 47.91
CA THR G 242 -63.59 -72.52 47.71
C THR G 242 -63.43 -72.98 46.26
N LYS G 243 -64.33 -73.84 45.79
CA LYS G 243 -64.37 -74.14 44.35
C LYS G 243 -64.63 -72.89 43.51
N ASP G 244 -65.20 -71.85 44.10
CA ASP G 244 -65.22 -70.53 43.47
C ASP G 244 -64.39 -69.56 44.29
N VAL G 245 -64.31 -68.31 43.85
CA VAL G 245 -63.65 -67.25 44.60
C VAL G 245 -64.72 -66.28 45.05
N ARG G 246 -64.79 -66.05 46.37
CA ARG G 246 -65.78 -65.16 46.96
C ARG G 246 -65.08 -64.09 47.78
N ILE G 247 -65.67 -62.90 47.80
CA ILE G 247 -65.16 -61.77 48.56
C ILE G 247 -66.31 -61.23 49.40
N PHE G 248 -66.08 -61.09 50.69
CA PHE G 248 -67.11 -60.68 51.64
C PHE G 248 -66.77 -59.32 52.24
N THR G 249 -67.79 -58.63 52.72
CA THR G 249 -67.64 -57.31 53.31
C THR G 249 -68.39 -57.29 54.64
N LEU G 250 -67.73 -56.79 55.69
CA LEU G 250 -68.26 -56.87 57.05
C LEU G 250 -68.22 -55.49 57.67
N LYS G 251 -69.40 -54.92 57.94
CA LYS G 251 -69.50 -53.59 58.54
C LYS G 251 -70.00 -53.68 59.98
N PRO G 252 -69.14 -53.37 60.95
CA PRO G 252 -69.58 -53.38 62.36
C PRO G 252 -70.61 -52.31 62.68
N VAL G 253 -71.70 -52.67 63.36
CA VAL G 253 -72.66 -51.67 63.82
C VAL G 253 -72.12 -51.05 65.11
N ARG G 254 -72.33 -49.74 65.26
CA ARG G 254 -71.92 -49.03 66.47
C ARG G 254 -72.70 -49.52 67.69
N GLY G 262 -70.82 -59.21 75.19
CA GLY G 262 -70.90 -60.03 73.99
C GLY G 262 -70.10 -59.45 72.84
N PRO G 263 -70.05 -60.17 71.73
CA PRO G 263 -69.31 -59.69 70.56
C PRO G 263 -70.11 -58.65 69.80
N THR G 264 -69.42 -57.93 68.93
CA THR G 264 -70.07 -56.94 68.08
C THR G 264 -70.92 -57.64 67.03
N LYS G 265 -72.00 -56.97 66.63
CA LYS G 265 -72.87 -57.49 65.57
C LYS G 265 -72.37 -57.02 64.21
N PHE G 266 -72.36 -57.93 63.24
CA PHE G 266 -71.79 -57.67 61.93
C PHE G 266 -72.88 -57.76 60.86
N GLU G 267 -72.55 -57.23 59.69
CA GLU G 267 -73.39 -57.29 58.48
C GLU G 267 -72.57 -57.95 57.40
N ILE G 268 -73.03 -59.12 56.94
CA ILE G 268 -72.25 -59.93 56.02
C ILE G 268 -72.87 -59.84 54.64
N HIS G 269 -72.13 -59.26 53.70
CA HIS G 269 -72.57 -59.13 52.31
C HIS G 269 -71.61 -59.91 51.42
N ILE G 270 -72.06 -60.21 50.22
CA ILE G 270 -71.28 -60.94 49.24
C ILE G 270 -71.08 -60.05 48.04
N VAL G 271 -69.83 -59.91 47.62
CA VAL G 271 -69.44 -58.94 46.61
C VAL G 271 -69.07 -59.61 45.29
N ALA G 272 -68.30 -60.70 45.35
CA ALA G 272 -67.82 -61.36 44.15
C ALA G 272 -68.20 -62.84 44.17
N GLN G 273 -68.62 -63.36 43.02
CA GLN G 273 -68.98 -64.77 42.84
C GLN G 273 -68.31 -65.32 41.59
N PHE G 274 -67.01 -65.05 41.50
CA PHE G 274 -66.18 -65.41 40.36
C PHE G 274 -66.07 -66.92 40.14
N ASP G 275 -66.37 -67.35 38.91
CA ASP G 275 -66.35 -68.77 38.55
C ASP G 275 -65.81 -68.94 37.12
N ASN G 276 -64.69 -68.29 36.81
CA ASN G 276 -64.07 -68.48 35.50
C ASN G 276 -62.79 -69.30 35.58
N HIS G 277 -62.53 -69.92 36.72
CA HIS G 277 -61.45 -70.90 36.84
C HIS G 277 -61.83 -72.28 36.33
N ASN G 278 -63.12 -72.61 36.32
CA ASN G 278 -63.65 -73.95 36.04
C ASN G 278 -62.77 -75.02 36.66
N SER G 279 -62.44 -74.81 37.93
CA SER G 279 -61.58 -75.73 38.68
C SER G 279 -61.81 -75.48 40.16
N GLN G 280 -60.93 -76.02 40.99
CA GLN G 280 -60.99 -75.86 42.44
C GLN G 280 -59.91 -74.87 42.84
N VAL G 281 -60.31 -73.81 43.54
CA VAL G 281 -59.36 -72.75 43.86
C VAL G 281 -58.62 -73.13 45.14
N TRP G 282 -57.30 -73.10 45.06
CA TRP G 282 -56.40 -73.63 46.06
C TRP G 282 -55.92 -72.55 47.02
N ARG G 283 -55.53 -71.39 46.51
CA ARG G 283 -54.91 -70.34 47.29
C ARG G 283 -55.53 -68.99 46.99
N VAL G 284 -55.38 -68.06 47.93
CA VAL G 284 -55.75 -66.66 47.75
C VAL G 284 -54.70 -65.80 48.43
N SER G 285 -54.43 -64.63 47.86
CA SER G 285 -53.38 -63.73 48.35
C SER G 285 -53.71 -62.30 47.96
N TRP G 286 -53.57 -61.39 48.91
CA TRP G 286 -53.84 -59.98 48.65
C TRP G 286 -52.54 -59.21 48.39
N ASN G 287 -52.70 -57.91 48.18
CA ASN G 287 -51.59 -57.01 47.96
C ASN G 287 -51.20 -56.33 49.26
N ILE G 288 -50.33 -55.33 49.20
CA ILE G 288 -50.00 -54.57 50.40
C ILE G 288 -51.05 -53.50 50.64
N THR G 289 -51.30 -52.67 49.64
CA THR G 289 -52.39 -51.71 49.73
C THR G 289 -53.75 -52.38 49.74
N GLY G 290 -53.83 -53.66 49.42
CA GLY G 290 -55.07 -54.39 49.55
C GLY G 290 -56.15 -53.94 48.59
N THR G 291 -55.77 -53.62 47.35
CA THR G 291 -56.74 -53.26 46.34
C THR G 291 -56.83 -54.26 45.20
N VAL G 292 -55.90 -55.21 45.12
CA VAL G 292 -55.90 -56.24 44.08
C VAL G 292 -55.75 -57.59 44.76
N LEU G 293 -56.46 -58.58 44.24
CA LEU G 293 -56.44 -59.93 44.80
C LEU G 293 -55.76 -60.87 43.80
N ALA G 294 -55.31 -62.01 44.31
CA ALA G 294 -54.73 -63.05 43.47
C ALA G 294 -55.28 -64.39 43.89
N SER G 295 -55.27 -65.35 42.97
CA SER G 295 -55.79 -66.67 43.25
C SER G 295 -55.29 -67.64 42.20
N SER G 296 -55.13 -68.89 42.60
CA SER G 296 -54.73 -69.95 41.70
C SER G 296 -55.66 -71.14 41.88
N GLY G 297 -55.94 -71.83 40.79
CA GLY G 297 -56.83 -72.97 40.84
C GLY G 297 -56.23 -74.18 40.14
N ASP G 298 -57.00 -75.25 40.04
CA ASP G 298 -56.51 -76.45 39.39
C ASP G 298 -56.31 -76.27 37.89
N ASP G 299 -56.89 -75.23 37.29
CA ASP G 299 -56.64 -74.99 35.87
C ASP G 299 -55.16 -74.68 35.62
N GLY G 300 -54.55 -73.88 36.50
CA GLY G 300 -53.11 -73.75 36.54
C GLY G 300 -52.57 -72.35 36.40
N CYS G 301 -53.41 -71.33 36.27
CA CYS G 301 -52.93 -69.97 36.09
C CYS G 301 -53.37 -69.10 37.26
N VAL G 302 -52.84 -67.89 37.30
CA VAL G 302 -53.07 -66.95 38.38
C VAL G 302 -53.93 -65.81 37.84
N ARG G 303 -54.98 -65.47 38.57
CA ARG G 303 -55.87 -64.38 38.21
C ARG G 303 -55.68 -63.22 39.18
N LEU G 304 -55.98 -62.03 38.69
CA LEU G 304 -55.88 -60.81 39.48
C LEU G 304 -57.23 -60.12 39.41
N TRP G 305 -57.78 -59.69 40.55
CA TRP G 305 -59.08 -59.04 40.52
C TRP G 305 -58.99 -57.68 41.20
N LYS G 306 -59.71 -56.69 40.65
CA LYS G 306 -59.66 -55.31 41.12
C LYS G 306 -61.07 -54.74 41.09
N ALA G 307 -61.28 -53.67 41.86
CA ALA G 307 -62.58 -53.03 41.93
C ALA G 307 -62.69 -51.91 40.89
N ASN G 308 -63.83 -51.84 40.20
CA ASN G 308 -64.08 -50.80 39.22
C ASN G 308 -64.86 -49.64 39.85
N TYR G 309 -64.34 -49.19 40.97
CA TYR G 309 -64.68 -47.98 41.71
C TYR G 309 -66.17 -47.88 42.07
N MET G 310 -66.95 -48.93 41.84
CA MET G 310 -68.36 -48.89 42.17
C MET G 310 -68.82 -50.19 42.81
N ASP G 311 -67.94 -50.84 43.57
CA ASP G 311 -68.20 -52.16 44.15
C ASP G 311 -68.57 -53.16 43.06
N ASN G 312 -67.77 -53.18 42.00
CA ASN G 312 -67.99 -54.05 40.85
C ASN G 312 -66.63 -54.59 40.40
N TRP G 313 -66.25 -55.75 40.92
CA TRP G 313 -64.94 -56.31 40.63
C TRP G 313 -64.90 -56.91 39.23
N LYS G 314 -63.70 -56.92 38.66
CA LYS G 314 -63.50 -57.47 37.32
C LYS G 314 -62.06 -57.93 37.17
N CYS G 315 -61.85 -58.92 36.32
CA CYS G 315 -60.51 -59.48 36.14
C CYS G 315 -59.59 -58.48 35.43
N THR G 316 -58.36 -58.38 35.93
CA THR G 316 -57.36 -57.48 35.36
C THR G 316 -56.05 -58.19 35.05
N GLY G 317 -56.10 -59.35 34.43
CA GLY G 317 -54.90 -60.05 34.06
C GLY G 317 -55.04 -61.54 34.30
N ILE G 318 -54.27 -62.32 33.55
CA ILE G 318 -54.27 -63.77 33.65
C ILE G 318 -52.83 -64.20 33.43
N LEU G 319 -52.17 -64.67 34.48
CA LEU G 319 -50.75 -65.02 34.40
C LEU G 319 -50.60 -66.54 34.43
N LYS G 320 -49.85 -67.07 33.48
CA LYS G 320 -49.65 -68.51 33.39
C LYS G 320 -48.20 -68.83 33.06
N ILE H 51 -83.47 10.04 43.42
CA ILE H 51 -84.75 10.52 43.91
C ILE H 51 -85.18 11.78 43.15
N ASN H 52 -86.30 11.66 42.42
CA ASN H 52 -86.84 12.77 41.65
C ASN H 52 -88.36 12.75 41.76
N THR H 53 -88.94 13.93 41.99
CA THR H 53 -90.37 14.06 42.23
C THR H 53 -91.05 14.54 40.95
N VAL H 54 -92.01 13.76 40.47
CA VAL H 54 -92.72 14.09 39.25
C VAL H 54 -93.76 15.15 39.56
N ASP H 55 -93.93 16.09 38.63
CA ASP H 55 -94.98 17.09 38.77
C ASP H 55 -96.34 16.44 38.55
N THR H 56 -97.20 16.54 39.56
CA THR H 56 -98.50 15.88 39.48
C THR H 56 -99.35 16.45 38.35
N SER H 57 -99.50 17.78 38.32
CA SER H 57 -100.27 18.50 37.32
C SER H 57 -101.73 18.04 37.24
N HIS H 58 -102.26 17.45 38.30
CA HIS H 58 -103.62 16.92 38.31
C HIS H 58 -104.45 17.66 39.34
N GLU H 59 -105.78 17.56 39.19
CA GLU H 59 -106.73 18.17 40.09
C GLU H 59 -107.50 17.14 40.91
N ASP H 60 -106.89 15.97 41.15
CA ASP H 60 -107.53 14.91 41.91
C ASP H 60 -106.46 14.06 42.56
N MET H 61 -106.88 13.31 43.58
CA MET H 61 -105.98 12.39 44.26
C MET H 61 -105.68 11.19 43.36
N ILE H 62 -104.39 10.85 43.25
CA ILE H 62 -104.00 9.70 42.46
C ILE H 62 -104.40 8.42 43.20
N HIS H 63 -104.51 7.34 42.44
CA HIS H 63 -104.92 6.05 43.01
C HIS H 63 -103.87 4.97 42.85
N ASP H 64 -103.23 4.88 41.68
CA ASP H 64 -102.09 4.00 41.50
C ASP H 64 -101.18 4.59 40.43
N ALA H 65 -99.90 4.22 40.51
CA ALA H 65 -98.91 4.73 39.57
C ALA H 65 -98.01 3.58 39.16
N GLN H 66 -98.40 2.88 38.09
CA GLN H 66 -97.60 1.82 37.54
C GLN H 66 -96.50 2.41 36.67
N MET H 67 -95.57 1.57 36.24
CA MET H 67 -94.40 2.04 35.50
C MET H 67 -94.02 0.96 34.50
N ASP H 68 -93.61 1.38 33.31
CA ASP H 68 -93.43 0.45 32.20
C ASP H 68 -92.27 -0.51 32.48
N TYR H 69 -92.12 -1.47 31.57
CA TYR H 69 -91.20 -2.58 31.78
C TYR H 69 -89.76 -2.13 31.82
N TYR H 70 -89.33 -1.31 30.87
CA TYR H 70 -87.94 -0.86 30.81
C TYR H 70 -87.64 0.22 31.82
N GLY H 71 -88.66 0.88 32.35
CA GLY H 71 -88.49 2.00 33.24
C GLY H 71 -88.59 3.37 32.62
N THR H 72 -89.15 3.48 31.41
CA THR H 72 -89.08 4.73 30.67
C THR H 72 -90.15 5.72 31.12
N ARG H 73 -91.41 5.30 31.13
CA ARG H 73 -92.51 6.24 31.31
C ARG H 73 -93.35 5.89 32.54
N LEU H 74 -93.70 6.91 33.31
CA LEU H 74 -94.58 6.74 34.46
C LEU H 74 -96.04 6.75 34.02
N ALA H 75 -96.91 6.23 34.90
CA ALA H 75 -98.34 6.16 34.66
C ALA H 75 -99.08 6.85 35.80
N THR H 76 -100.38 7.05 35.61
CA THR H 76 -101.13 7.86 36.56
C THR H 76 -102.60 7.47 36.60
N CYS H 77 -103.26 7.91 37.67
CA CYS H 77 -104.69 7.76 37.89
C CYS H 77 -105.18 8.99 38.63
N SER H 78 -106.49 9.19 38.64
CA SER H 78 -107.07 10.25 39.46
C SER H 78 -108.57 10.06 39.57
N SER H 79 -109.20 11.02 40.27
CA SER H 79 -110.63 11.06 40.47
C SER H 79 -111.37 11.89 39.42
N ASP H 80 -110.63 12.53 38.51
CA ASP H 80 -111.24 13.30 37.43
C ASP H 80 -111.41 12.49 36.16
N ARG H 81 -111.20 11.16 36.22
CA ARG H 81 -111.28 10.29 35.05
C ARG H 81 -110.26 10.70 33.98
N SER H 82 -109.02 10.88 34.41
CA SER H 82 -107.95 11.30 33.52
C SER H 82 -106.71 10.47 33.79
N VAL H 83 -105.89 10.28 32.76
CA VAL H 83 -104.65 9.54 32.83
C VAL H 83 -103.56 10.42 32.22
N LYS H 84 -102.32 10.18 32.63
CA LYS H 84 -101.20 10.95 32.13
C LYS H 84 -99.93 10.11 32.21
N ILE H 85 -99.23 10.00 31.09
CA ILE H 85 -97.97 9.27 31.01
C ILE H 85 -96.86 10.28 30.76
N PHE H 86 -95.83 10.22 31.59
CA PHE H 86 -94.77 11.21 31.60
C PHE H 86 -93.46 10.60 31.10
N ASP H 87 -92.42 11.42 31.11
CA ASP H 87 -91.10 11.01 30.62
C ASP H 87 -90.17 10.92 31.82
N VAL H 88 -90.09 9.74 32.42
CA VAL H 88 -89.16 9.55 33.54
C VAL H 88 -87.72 9.50 33.06
N ARG H 89 -87.49 9.35 31.76
CA ARG H 89 -86.13 9.27 31.24
C ARG H 89 -85.34 10.53 31.60
N ASN H 90 -84.09 10.33 32.01
CA ASN H 90 -83.14 11.37 32.37
C ASN H 90 -83.59 12.18 33.58
N GLY H 91 -84.70 11.83 34.21
CA GLY H 91 -85.18 12.59 35.36
C GLY H 91 -85.90 13.87 35.03
N GLY H 92 -86.32 14.07 33.79
CA GLY H 92 -87.07 15.25 33.41
C GLY H 92 -88.51 14.95 33.05
N GLN H 93 -89.44 15.31 33.93
CA GLN H 93 -90.84 14.97 33.76
C GLN H 93 -91.46 15.77 32.62
N ILE H 94 -91.78 15.11 31.52
CA ILE H 94 -92.45 15.71 30.38
C ILE H 94 -93.72 14.93 30.13
N LEU H 95 -94.86 15.63 30.11
CA LEU H 95 -96.12 14.99 29.78
C LEU H 95 -96.12 14.57 28.31
N ILE H 96 -96.58 13.34 28.06
CA ILE H 96 -96.73 12.85 26.71
C ILE H 96 -98.19 12.71 26.30
N ALA H 97 -99.12 12.76 27.25
CA ALA H 97 -100.54 12.74 26.94
C ALA H 97 -101.33 13.21 28.16
N ASP H 98 -102.57 13.61 27.91
CA ASP H 98 -103.55 13.91 28.95
C ASP H 98 -104.86 13.29 28.50
N LEU H 99 -105.03 12.00 28.79
CA LEU H 99 -106.13 11.22 28.23
C LEU H 99 -107.43 11.57 28.96
N ARG H 100 -108.34 12.23 28.25
CA ARG H 100 -109.69 12.40 28.78
C ARG H 100 -110.40 11.06 28.74
N GLY H 101 -110.48 10.40 29.89
CA GLY H 101 -110.92 9.02 29.93
C GLY H 101 -112.41 8.81 30.13
N HIS H 102 -112.76 8.01 31.14
CA HIS H 102 -114.13 7.56 31.36
C HIS H 102 -114.94 8.67 32.04
N GLU H 103 -116.09 8.31 32.59
CA GLU H 103 -116.93 9.24 33.31
C GLU H 103 -116.65 9.27 34.81
N GLY H 104 -115.72 8.45 35.29
CA GLY H 104 -115.44 8.36 36.71
C GLY H 104 -114.01 8.01 37.03
N PRO H 105 -113.67 8.06 38.32
CA PRO H 105 -112.28 7.83 38.74
C PRO H 105 -111.80 6.42 38.40
N VAL H 106 -110.50 6.31 38.11
CA VAL H 106 -109.87 5.05 37.74
C VAL H 106 -108.95 4.62 38.88
N TRP H 107 -108.61 3.33 38.89
CA TRP H 107 -107.74 2.81 39.95
C TRP H 107 -106.40 2.29 39.44
N GLN H 108 -106.40 1.35 38.49
CA GLN H 108 -105.17 0.66 38.11
C GLN H 108 -104.89 0.78 36.63
N VAL H 109 -103.60 0.89 36.29
CA VAL H 109 -103.11 1.08 34.94
C VAL H 109 -101.98 0.12 34.54
N ALA H 110 -101.99 -1.08 35.09
CA ALA H 110 -100.89 -2.02 34.84
C ALA H 110 -100.65 -2.22 33.34
N TRP H 111 -99.38 -2.17 32.94
CA TRP H 111 -98.97 -2.24 31.55
C TRP H 111 -98.84 -3.70 31.11
N ALA H 112 -98.33 -3.88 29.89
CA ALA H 112 -98.13 -5.20 29.31
C ALA H 112 -96.71 -5.33 28.80
N HIS H 113 -96.34 -6.56 28.44
CA HIS H 113 -95.00 -6.81 27.94
C HIS H 113 -94.87 -6.24 26.53
N PRO H 114 -93.71 -5.70 26.15
CA PRO H 114 -93.49 -5.36 24.74
C PRO H 114 -93.45 -6.57 23.84
N MET H 115 -93.80 -7.73 24.39
CA MET H 115 -93.88 -8.94 23.57
C MET H 115 -94.87 -8.72 22.44
N TYR H 116 -95.98 -8.06 22.76
CA TYR H 116 -97.08 -7.67 21.89
C TYR H 116 -97.17 -6.16 21.70
N GLY H 117 -96.30 -5.39 22.33
CA GLY H 117 -96.16 -3.99 22.02
C GLY H 117 -96.54 -3.06 23.15
N ASN H 118 -96.85 -1.83 22.77
CA ASN H 118 -97.21 -0.78 23.72
C ASN H 118 -98.71 -0.82 23.98
N ILE H 119 -99.12 -1.49 25.04
CA ILE H 119 -100.52 -1.62 25.44
C ILE H 119 -100.67 -1.08 26.85
N LEU H 120 -101.80 -0.42 27.12
CA LEU H 120 -102.13 0.03 28.47
C LEU H 120 -103.50 -0.49 28.85
N ALA H 121 -103.77 -0.52 30.15
CA ALA H 121 -105.04 -0.97 30.70
C ALA H 121 -105.57 0.04 31.71
N SER H 122 -106.88 0.10 31.84
CA SER H 122 -107.50 1.03 32.79
C SER H 122 -108.85 0.49 33.24
N CYS H 123 -109.23 0.84 34.47
CA CYS H 123 -110.50 0.41 35.04
C CYS H 123 -111.00 1.50 35.97
N SER H 124 -112.28 1.85 35.86
CA SER H 124 -112.81 3.05 36.48
C SER H 124 -114.10 2.76 37.25
N TYR H 125 -114.45 3.71 38.12
CA TYR H 125 -115.72 3.63 38.84
C TYR H 125 -116.89 3.64 37.88
N ASP H 126 -116.83 4.49 36.86
CA ASP H 126 -117.76 4.40 35.75
C ASP H 126 -117.43 3.12 35.00
N ARG H 127 -118.30 2.12 35.12
CA ARG H 127 -117.98 0.77 34.72
C ARG H 127 -117.58 0.70 33.25
N LYS H 128 -116.29 0.44 32.99
CA LYS H 128 -115.74 0.37 31.64
C LYS H 128 -114.30 -0.11 31.73
N VAL H 129 -113.90 -0.94 30.77
CA VAL H 129 -112.52 -1.41 30.66
C VAL H 129 -111.99 -0.92 29.33
N ILE H 130 -110.86 -0.21 29.37
CA ILE H 130 -110.35 0.53 28.22
C ILE H 130 -108.90 0.16 28.01
N ILE H 131 -108.51 -0.06 26.75
CA ILE H 131 -107.14 -0.43 26.39
C ILE H 131 -106.58 0.64 25.47
N TRP H 132 -105.37 1.13 25.80
CA TRP H 132 -104.72 2.18 25.03
C TRP H 132 -103.45 1.67 24.38
N ARG H 133 -103.14 2.21 23.20
CA ARG H 133 -101.92 1.88 22.47
C ARG H 133 -101.35 3.16 21.86
N GLU H 134 -100.03 3.34 21.99
CA GLU H 134 -99.36 4.56 21.54
C GLU H 134 -99.03 4.40 20.07
N GLU H 135 -99.89 4.95 19.21
CA GLU H 135 -99.81 4.76 17.77
C GLU H 135 -99.32 6.03 17.09
N ASN H 136 -98.27 5.91 16.28
CA ASN H 136 -97.79 6.98 15.41
C ASN H 136 -97.45 8.24 16.19
N GLY H 137 -96.86 8.07 17.37
CA GLY H 137 -96.47 9.20 18.19
C GLY H 137 -97.57 9.79 19.04
N THR H 138 -98.76 9.19 19.06
CA THR H 138 -99.86 9.68 19.87
C THR H 138 -100.52 8.51 20.59
N TRP H 139 -101.23 8.84 21.67
CA TRP H 139 -101.95 7.85 22.46
C TRP H 139 -103.44 7.96 22.15
N GLU H 140 -104.06 6.83 21.81
CA GLU H 140 -105.46 6.86 21.45
C GLU H 140 -106.10 5.51 21.76
N LYS H 141 -107.42 5.53 21.83
CA LYS H 141 -108.23 4.36 22.11
C LYS H 141 -107.96 3.26 21.10
N SER H 142 -107.90 2.01 21.57
CA SER H 142 -107.72 0.86 20.67
C SER H 142 -108.91 -0.09 20.66
N HIS H 143 -109.29 -0.65 21.80
CA HIS H 143 -110.45 -1.54 21.88
C HIS H 143 -110.92 -1.59 23.33
N GLU H 144 -112.17 -2.01 23.51
CA GLU H 144 -112.79 -1.87 24.82
C GLU H 144 -113.59 -3.11 25.17
N HIS H 145 -113.85 -3.28 26.47
CA HIS H 145 -114.78 -4.27 26.98
C HIS H 145 -115.98 -3.54 27.58
N ALA H 146 -117.16 -4.13 27.40
CA ALA H 146 -118.41 -3.46 27.75
C ALA H 146 -119.09 -4.10 28.97
N GLY H 147 -119.10 -5.42 29.06
CA GLY H 147 -119.81 -6.09 30.13
C GLY H 147 -119.28 -5.73 31.50
N HIS H 148 -120.02 -4.89 32.22
CA HIS H 148 -119.66 -4.52 33.59
C HIS H 148 -120.94 -4.06 34.29
N ASP H 149 -121.55 -4.94 35.07
CA ASP H 149 -122.77 -4.58 35.77
C ASP H 149 -122.51 -3.53 36.84
N SER H 150 -121.42 -3.67 37.58
CA SER H 150 -121.09 -2.78 38.69
C SER H 150 -119.70 -2.18 38.47
N SER H 151 -119.24 -1.40 39.43
CA SER H 151 -117.94 -0.77 39.35
C SER H 151 -116.84 -1.81 39.37
N VAL H 152 -115.84 -1.63 38.50
CA VAL H 152 -114.74 -2.58 38.40
C VAL H 152 -113.71 -2.28 39.47
N ASN H 153 -113.10 -3.35 39.99
CA ASN H 153 -112.23 -3.26 41.16
C ASN H 153 -110.74 -3.38 40.85
N SER H 154 -110.37 -4.19 39.85
CA SER H 154 -108.95 -4.41 39.60
C SER H 154 -108.74 -4.87 38.16
N VAL H 155 -107.48 -4.80 37.74
CA VAL H 155 -107.05 -5.24 36.42
C VAL H 155 -105.59 -5.63 36.49
N CYS H 156 -105.26 -6.80 35.94
CA CYS H 156 -103.88 -7.25 35.85
C CYS H 156 -103.69 -8.01 34.56
N TRP H 157 -102.44 -8.07 34.11
CA TRP H 157 -102.09 -8.75 32.88
C TRP H 157 -101.58 -10.15 33.20
N ALA H 158 -101.22 -10.88 32.15
CA ALA H 158 -100.85 -12.28 32.24
C ALA H 158 -99.41 -12.48 31.81
N PRO H 159 -98.80 -13.59 32.20
CA PRO H 159 -97.42 -13.86 31.78
C PRO H 159 -97.29 -13.86 30.26
N HIS H 160 -96.13 -13.45 29.77
CA HIS H 160 -95.92 -13.33 28.34
C HIS H 160 -95.56 -14.67 27.72
N ASP H 161 -96.27 -15.71 28.14
CA ASP H 161 -96.21 -17.01 27.49
C ASP H 161 -97.59 -17.58 27.27
N TYR H 162 -98.60 -17.14 28.02
CA TYR H 162 -99.96 -17.59 27.81
C TYR H 162 -100.57 -16.91 26.58
N GLY H 163 -100.08 -15.72 26.25
CA GLY H 163 -100.58 -14.97 25.11
C GLY H 163 -100.65 -13.50 25.40
N LEU H 164 -101.80 -12.89 25.15
CA LEU H 164 -102.07 -11.50 25.54
C LEU H 164 -103.42 -11.52 26.25
N ILE H 165 -103.39 -11.82 27.55
CA ILE H 165 -104.60 -12.07 28.32
C ILE H 165 -104.73 -10.97 29.38
N LEU H 166 -105.91 -10.38 29.46
CA LEU H 166 -106.27 -9.47 30.54
C LEU H 166 -107.13 -10.19 31.57
N ALA H 167 -107.17 -9.63 32.76
CA ALA H 167 -108.07 -10.10 33.81
C ALA H 167 -108.59 -8.90 34.56
N CYS H 168 -109.86 -8.94 34.95
CA CYS H 168 -110.50 -7.83 35.65
C CYS H 168 -111.54 -8.40 36.61
N GLY H 169 -111.91 -7.58 37.58
CA GLY H 169 -112.95 -7.94 38.51
C GLY H 169 -113.80 -6.74 38.92
N SER H 170 -115.12 -6.90 38.93
CA SER H 170 -116.03 -5.83 39.27
C SER H 170 -116.81 -6.18 40.53
N SER H 171 -117.55 -5.20 41.05
CA SER H 171 -118.35 -5.42 42.24
C SER H 171 -119.50 -6.38 41.98
N ASP H 172 -119.81 -6.70 40.73
CA ASP H 172 -120.87 -7.64 40.41
C ASP H 172 -120.50 -9.08 40.73
N GLY H 173 -119.24 -9.34 41.08
CA GLY H 173 -118.82 -10.68 41.41
C GLY H 173 -118.66 -11.61 40.24
N ALA H 174 -118.44 -11.09 39.04
CA ALA H 174 -118.26 -11.91 37.85
C ALA H 174 -116.79 -11.88 37.44
N ILE H 175 -116.22 -13.07 37.23
CA ILE H 175 -114.82 -13.20 36.82
C ILE H 175 -114.81 -13.19 35.30
N SER H 176 -114.44 -12.05 34.72
CA SER H 176 -114.45 -11.88 33.27
C SER H 176 -113.02 -11.68 32.79
N LEU H 177 -112.39 -12.77 32.36
CA LEU H 177 -111.12 -12.67 31.65
C LEU H 177 -111.36 -12.07 30.27
N LEU H 178 -110.40 -11.29 29.81
CA LEU H 178 -110.54 -10.57 28.55
C LEU H 178 -109.48 -10.99 27.56
N THR H 179 -109.31 -12.29 27.38
CA THR H 179 -108.21 -12.85 26.57
C THR H 179 -108.34 -12.31 25.15
N TYR H 180 -107.47 -11.38 24.80
CA TYR H 180 -107.58 -10.66 23.53
C TYR H 180 -107.33 -11.60 22.37
N THR H 181 -108.33 -11.72 21.48
CA THR H 181 -108.25 -12.60 20.33
C THR H 181 -107.45 -11.92 19.23
N GLY H 182 -107.51 -12.47 18.02
CA GLY H 182 -106.85 -11.86 16.89
C GLY H 182 -107.71 -10.82 16.19
N GLU H 183 -107.03 -9.99 15.40
CA GLU H 183 -107.68 -8.96 14.58
C GLU H 183 -108.41 -7.93 15.44
N GLY H 184 -107.88 -7.67 16.63
CA GLY H 184 -108.38 -6.61 17.48
C GLY H 184 -109.54 -6.96 18.36
N GLN H 185 -110.18 -8.11 18.16
CA GLN H 185 -111.31 -8.52 18.97
C GLN H 185 -110.83 -9.17 20.26
N TRP H 186 -111.67 -9.12 21.29
CA TRP H 186 -111.38 -9.71 22.59
C TRP H 186 -112.39 -10.82 22.86
N GLU H 187 -111.90 -12.02 23.15
CA GLU H 187 -112.75 -13.18 23.43
C GLU H 187 -113.06 -13.19 24.92
N VAL H 188 -114.10 -12.43 25.29
CA VAL H 188 -114.38 -12.12 26.68
C VAL H 188 -115.06 -13.33 27.31
N LYS H 189 -114.28 -14.17 27.98
CA LYS H 189 -114.81 -15.24 28.81
C LYS H 189 -115.32 -14.67 30.12
N LYS H 190 -116.27 -15.37 30.74
CA LYS H 190 -116.89 -14.89 31.97
C LYS H 190 -117.06 -16.03 32.97
N ILE H 191 -117.00 -15.68 34.25
CA ILE H 191 -117.32 -16.58 35.34
C ILE H 191 -118.13 -15.80 36.38
N ASN H 192 -119.44 -15.98 36.37
CA ASN H 192 -120.34 -15.17 37.17
C ASN H 192 -120.44 -15.69 38.59
N ASN H 193 -120.89 -14.82 39.49
CA ASN H 193 -121.12 -15.16 40.90
C ASN H 193 -119.86 -15.72 41.55
N ALA H 194 -118.72 -15.11 41.23
CA ALA H 194 -117.44 -15.54 41.79
C ALA H 194 -117.32 -15.24 43.27
N HIS H 195 -118.23 -14.44 43.83
CA HIS H 195 -118.17 -14.09 45.24
C HIS H 195 -119.56 -13.68 45.71
N THR H 196 -119.76 -13.71 47.02
CA THR H 196 -121.04 -13.32 47.59
C THR H 196 -121.31 -11.84 47.38
N ILE H 197 -120.30 -11.00 47.60
CA ILE H 197 -120.44 -9.55 47.47
C ILE H 197 -119.82 -9.05 46.17
N GLY H 198 -118.59 -9.46 45.88
CA GLY H 198 -117.92 -9.03 44.67
C GLY H 198 -116.42 -9.16 44.72
N CYS H 199 -115.79 -9.36 43.56
CA CYS H 199 -114.34 -9.48 43.51
C CYS H 199 -113.66 -8.14 43.73
N ASN H 200 -112.45 -8.20 44.27
CA ASN H 200 -111.68 -6.99 44.56
C ASN H 200 -110.37 -6.92 43.79
N ALA H 201 -109.61 -8.00 43.73
CA ALA H 201 -108.33 -7.98 43.02
C ALA H 201 -107.94 -9.38 42.61
N VAL H 202 -107.17 -9.47 41.52
CA VAL H 202 -106.71 -10.73 40.97
C VAL H 202 -105.21 -10.66 40.77
N SER H 203 -104.55 -11.82 40.83
CA SER H 203 -103.13 -11.93 40.56
C SER H 203 -102.85 -13.25 39.86
N TRP H 204 -101.95 -13.22 38.89
CA TRP H 204 -101.64 -14.38 38.07
C TRP H 204 -100.47 -15.15 38.65
N ALA H 205 -100.20 -16.32 38.07
CA ALA H 205 -99.18 -17.21 38.57
C ALA H 205 -98.07 -17.39 37.55
N PRO H 206 -96.82 -17.48 37.98
CA PRO H 206 -95.70 -17.59 37.04
C PRO H 206 -95.81 -18.84 36.18
N ALA H 207 -95.32 -18.74 34.95
CA ALA H 207 -95.38 -19.83 34.01
C ALA H 207 -94.46 -20.96 34.46
N VAL H 208 -95.04 -22.12 34.77
CA VAL H 208 -94.30 -23.32 35.15
C VAL H 208 -94.79 -24.45 34.27
N VAL H 209 -93.87 -25.28 33.80
CA VAL H 209 -94.22 -26.42 32.96
C VAL H 209 -94.99 -27.46 33.76
N ASN H 223 -99.48 -28.69 27.02
CA ASN H 223 -99.27 -27.25 27.03
C ASN H 223 -98.85 -26.76 28.41
N TYR H 224 -99.59 -25.77 28.92
CA TYR H 224 -99.32 -25.20 30.23
C TYR H 224 -100.47 -25.52 31.17
N ILE H 225 -100.32 -25.11 32.42
CA ILE H 225 -101.37 -25.19 33.43
C ILE H 225 -101.52 -23.79 33.99
N LYS H 226 -102.43 -23.02 33.39
CA LYS H 226 -102.61 -21.63 33.79
C LYS H 226 -103.31 -21.54 35.12
N ARG H 227 -103.04 -20.45 35.85
CA ARG H 227 -103.62 -20.24 37.17
C ARG H 227 -103.68 -18.75 37.46
N PHE H 228 -104.53 -18.40 38.42
CA PHE H 228 -104.53 -17.06 39.01
C PHE H 228 -105.26 -17.12 40.33
N ALA H 229 -105.03 -16.11 41.16
CA ALA H 229 -105.61 -16.06 42.49
C ALA H 229 -106.40 -14.77 42.65
N SER H 230 -107.43 -14.82 43.48
CA SER H 230 -108.30 -13.67 43.67
C SER H 230 -108.97 -13.75 45.03
N GLY H 231 -109.47 -12.61 45.48
CA GLY H 231 -110.22 -12.53 46.72
C GLY H 231 -111.14 -11.34 46.71
N GLY H 232 -112.26 -11.47 47.42
CA GLY H 232 -113.27 -10.42 47.40
C GLY H 232 -113.59 -9.81 48.74
N CYS H 233 -114.77 -9.23 48.87
CA CYS H 233 -115.20 -8.58 50.10
C CYS H 233 -115.81 -9.53 51.11
N ASP H 234 -115.95 -10.81 50.76
CA ASP H 234 -116.50 -11.82 51.66
C ASP H 234 -115.52 -12.30 52.69
N ASN H 235 -114.38 -11.63 52.84
CA ASN H 235 -113.31 -12.10 53.72
C ASN H 235 -112.89 -13.51 53.37
N LEU H 236 -112.51 -13.71 52.11
CA LEU H 236 -112.13 -15.02 51.63
C LEU H 236 -111.22 -14.85 50.41
N ILE H 237 -110.37 -15.84 50.20
CA ILE H 237 -109.43 -15.86 49.08
C ILE H 237 -109.67 -17.13 48.28
N LYS H 238 -109.72 -16.99 46.95
CA LYS H 238 -109.97 -18.11 46.05
C LYS H 238 -108.80 -18.30 45.10
N LEU H 239 -108.72 -19.49 44.51
CA LEU H 239 -107.73 -19.80 43.49
C LEU H 239 -108.43 -20.51 42.34
N TRP H 240 -107.98 -20.27 41.11
CA TRP H 240 -108.68 -20.76 39.94
C TRP H 240 -107.70 -21.34 38.91
N LYS H 241 -107.87 -22.62 38.60
CA LYS H 241 -107.13 -23.29 37.54
C LYS H 241 -108.07 -23.58 36.37
N GLU H 242 -107.52 -24.18 35.30
CA GLU H 242 -108.30 -24.49 34.10
C GLU H 242 -108.20 -25.98 33.79
N GLU H 243 -109.33 -26.54 33.38
CA GLU H 243 -109.33 -27.91 32.87
C GLU H 243 -108.71 -27.93 31.47
N GLU H 244 -108.56 -29.15 30.94
CA GLU H 244 -107.99 -29.30 29.60
C GLU H 244 -108.89 -28.69 28.53
N ASP H 245 -110.20 -28.58 28.80
CA ASP H 245 -111.13 -27.98 27.85
C ASP H 245 -111.20 -26.46 27.96
N GLY H 246 -110.94 -25.91 29.13
CA GLY H 246 -110.99 -24.47 29.30
C GLY H 246 -112.02 -23.99 30.30
N GLN H 247 -112.28 -24.79 31.32
CA GLN H 247 -113.24 -24.44 32.37
C GLN H 247 -112.49 -23.87 33.56
N TRP H 248 -112.83 -22.62 33.93
CA TRP H 248 -112.19 -21.90 35.03
C TRP H 248 -113.05 -22.06 36.28
N LYS H 249 -113.07 -23.27 36.83
CA LYS H 249 -114.07 -23.60 37.85
C LYS H 249 -113.59 -23.30 39.26
N GLU H 250 -112.56 -24.01 39.72
CA GLU H 250 -112.01 -23.82 41.06
C GLU H 250 -110.83 -24.75 41.31
N GLU H 251 -109.93 -24.36 42.18
CA GLU H 251 -108.87 -25.26 42.60
C GLU H 251 -108.75 -25.37 44.11
N GLN H 252 -108.93 -24.26 44.83
CA GLN H 252 -108.86 -24.27 46.29
C GLN H 252 -109.53 -23.02 46.83
N LYS H 253 -109.90 -23.08 48.10
CA LYS H 253 -110.54 -21.96 48.79
C LYS H 253 -109.83 -21.78 50.12
N LEU H 254 -108.90 -20.83 50.17
CA LEU H 254 -108.12 -20.53 51.36
C LEU H 254 -108.79 -19.38 52.10
N GLU H 255 -109.04 -19.57 53.40
CA GLU H 255 -109.74 -18.57 54.20
C GLU H 255 -109.10 -18.51 55.58
N ALA H 256 -108.54 -17.35 55.91
CA ALA H 256 -108.00 -17.10 57.24
C ALA H 256 -108.37 -15.74 57.81
N HIS H 257 -108.74 -14.77 56.99
CA HIS H 257 -109.05 -13.44 57.46
C HIS H 257 -110.55 -13.25 57.60
N SER H 258 -110.93 -12.32 58.49
CA SER H 258 -112.32 -11.95 58.67
C SER H 258 -112.65 -10.58 58.11
N ASP H 259 -111.65 -9.76 57.83
CA ASP H 259 -111.89 -8.46 57.22
C ASP H 259 -111.92 -8.58 55.71
N TRP H 260 -112.35 -7.50 55.05
CA TRP H 260 -112.48 -7.50 53.60
C TRP H 260 -111.12 -7.52 52.92
N VAL H 261 -110.71 -8.67 52.40
CA VAL H 261 -109.43 -8.78 51.71
C VAL H 261 -109.42 -7.89 50.48
N ARG H 262 -108.29 -7.24 50.22
CA ARG H 262 -108.23 -6.22 49.18
C ARG H 262 -107.31 -6.62 48.03
N ASP H 263 -106.04 -6.93 48.30
CA ASP H 263 -105.08 -7.18 47.23
C ASP H 263 -104.38 -8.53 47.45
N VAL H 264 -104.06 -9.18 46.34
CA VAL H 264 -103.38 -10.46 46.32
C VAL H 264 -102.27 -10.38 45.28
N ALA H 265 -101.11 -10.93 45.63
CA ALA H 265 -100.00 -10.94 44.69
C ALA H 265 -99.28 -12.27 44.78
N TRP H 266 -98.61 -12.63 43.68
CA TRP H 266 -97.79 -13.83 43.62
C TRP H 266 -96.33 -13.41 43.59
N ALA H 267 -95.52 -14.03 44.42
CA ALA H 267 -94.09 -13.79 44.35
C ALA H 267 -93.55 -14.37 43.06
N PRO H 268 -92.79 -13.59 42.27
CA PRO H 268 -92.25 -14.11 41.02
C PRO H 268 -91.36 -15.33 41.25
N SER H 269 -91.48 -16.30 40.36
CA SER H 269 -90.87 -17.61 40.55
C SER H 269 -89.47 -17.61 39.98
N ILE H 270 -88.47 -17.74 40.87
CA ILE H 270 -87.09 -17.79 40.43
C ILE H 270 -86.79 -19.10 39.73
N GLY H 271 -87.44 -20.18 40.16
CA GLY H 271 -87.17 -21.53 39.67
C GLY H 271 -87.34 -22.49 40.83
N LEU H 272 -87.37 -21.93 42.04
CA LEU H 272 -87.54 -22.73 43.24
C LEU H 272 -88.96 -23.29 43.31
N PRO H 273 -89.13 -24.50 43.85
CA PRO H 273 -90.46 -25.12 43.96
C PRO H 273 -91.22 -24.71 45.22
N THR H 274 -91.24 -23.41 45.49
CA THR H 274 -92.01 -22.85 46.60
C THR H 274 -92.69 -21.58 46.13
N SER H 275 -94.01 -21.54 46.26
CA SER H 275 -94.79 -20.37 45.91
C SER H 275 -94.98 -19.49 47.13
N THR H 276 -95.58 -18.32 46.92
CA THR H 276 -95.85 -17.39 47.99
C THR H 276 -96.90 -16.40 47.53
N ILE H 277 -97.90 -16.18 48.37
CA ILE H 277 -99.02 -15.28 48.09
C ILE H 277 -99.16 -14.35 49.27
N ALA H 278 -98.65 -13.13 49.16
CA ALA H 278 -98.82 -12.13 50.19
C ALA H 278 -100.10 -11.37 49.92
N SER H 279 -101.03 -11.38 50.89
CA SER H 279 -102.31 -10.74 50.72
C SER H 279 -102.61 -9.90 51.96
N CYS H 280 -103.22 -8.74 51.73
CA CYS H 280 -103.55 -7.79 52.79
C CYS H 280 -105.07 -7.62 52.84
N SER H 281 -105.63 -7.81 54.03
CA SER H 281 -107.07 -7.70 54.22
C SER H 281 -107.42 -6.30 54.71
N GLN H 282 -108.71 -6.09 55.02
CA GLN H 282 -109.16 -4.75 55.39
C GLN H 282 -108.57 -4.29 56.71
N ASP H 283 -108.66 -5.12 57.75
CA ASP H 283 -108.27 -4.65 59.07
C ASP H 283 -106.76 -4.75 59.28
N GLY H 284 -106.22 -5.96 59.37
CA GLY H 284 -104.78 -6.10 59.51
C GLY H 284 -104.15 -7.33 58.90
N ARG H 285 -104.95 -8.22 58.32
CA ARG H 285 -104.45 -9.53 57.94
C ARG H 285 -103.49 -9.40 56.77
N VAL H 286 -102.22 -9.71 57.01
CA VAL H 286 -101.16 -9.60 56.00
C VAL H 286 -100.53 -10.98 55.82
N PHE H 287 -101.33 -12.02 55.97
CA PHE H 287 -100.82 -13.38 56.01
C PHE H 287 -100.14 -13.77 54.70
N ILE H 288 -98.97 -14.38 54.83
CA ILE H 288 -98.29 -15.03 53.72
C ILE H 288 -98.89 -16.43 53.59
N TRP H 289 -98.99 -16.91 52.35
CA TRP H 289 -99.80 -18.05 51.98
C TRP H 289 -98.96 -19.11 51.30
N THR H 290 -97.83 -19.45 51.91
CA THR H 290 -96.86 -20.33 51.27
C THR H 290 -97.46 -21.73 51.03
N CYS H 291 -97.07 -22.34 49.91
CA CYS H 291 -97.63 -23.58 49.38
C CYS H 291 -96.52 -24.55 49.01
N ASP H 292 -95.58 -24.75 49.94
CA ASP H 292 -94.30 -25.42 49.68
C ASP H 292 -94.40 -26.72 48.91
N ASP H 293 -95.48 -27.48 49.08
CA ASP H 293 -95.63 -28.79 48.46
C ASP H 293 -96.50 -28.65 47.21
N ALA H 294 -95.97 -29.12 46.07
CA ALA H 294 -96.71 -29.02 44.82
C ALA H 294 -97.91 -29.97 44.80
N SER H 295 -97.72 -31.20 45.28
CA SER H 295 -98.80 -32.18 45.24
C SER H 295 -99.82 -31.94 46.34
N SER H 296 -99.36 -31.49 47.51
CA SER H 296 -100.27 -31.37 48.66
C SER H 296 -101.30 -30.28 48.45
N ASN H 297 -100.93 -29.20 47.76
CA ASN H 297 -101.83 -28.05 47.54
C ASN H 297 -102.35 -27.50 48.86
N THR H 298 -101.48 -27.48 49.88
CA THR H 298 -101.83 -27.00 51.20
C THR H 298 -101.09 -25.70 51.47
N TRP H 299 -101.83 -24.66 51.84
CA TRP H 299 -101.26 -23.34 52.11
C TRP H 299 -101.15 -23.15 53.62
N SER H 300 -99.96 -22.84 54.09
CA SER H 300 -99.68 -22.72 55.51
C SER H 300 -99.42 -21.26 55.86
N PRO H 301 -100.37 -20.57 56.49
CA PRO H 301 -100.17 -19.15 56.80
C PRO H 301 -98.89 -18.88 57.57
N LYS H 302 -98.38 -17.67 57.42
CA LYS H 302 -97.37 -17.12 58.32
C LYS H 302 -97.65 -15.63 58.42
N LEU H 303 -98.41 -15.25 59.43
CA LEU H 303 -98.95 -13.90 59.51
C LEU H 303 -97.86 -12.89 59.80
N LEU H 304 -98.06 -11.68 59.28
CA LEU H 304 -97.12 -10.58 59.45
C LEU H 304 -97.58 -9.67 60.59
N HIS H 305 -96.95 -8.51 60.73
CA HIS H 305 -97.36 -7.54 61.72
C HIS H 305 -98.78 -7.04 61.41
N LYS H 306 -99.43 -6.49 62.42
CA LYS H 306 -100.79 -5.98 62.31
C LYS H 306 -100.71 -4.47 62.14
N PHE H 307 -101.20 -3.99 61.01
CA PHE H 307 -101.14 -2.55 60.72
C PHE H 307 -102.13 -1.81 61.59
N ASN H 308 -101.76 -0.58 61.99
CA ASN H 308 -102.67 0.25 62.77
C ASN H 308 -103.93 0.59 61.99
N ASP H 309 -103.79 0.89 60.70
CA ASP H 309 -104.92 1.24 59.84
C ASP H 309 -105.10 0.18 58.76
N VAL H 310 -106.04 0.42 57.85
CA VAL H 310 -106.34 -0.53 56.81
C VAL H 310 -105.20 -0.59 55.81
N VAL H 311 -104.93 -1.80 55.30
CA VAL H 311 -103.91 -2.04 54.28
C VAL H 311 -104.59 -2.56 53.03
N TRP H 312 -104.28 -1.97 51.88
CA TRP H 312 -105.00 -2.25 50.65
C TRP H 312 -104.13 -2.76 49.52
N HIS H 313 -102.83 -2.49 49.54
CA HIS H 313 -101.95 -2.78 48.42
C HIS H 313 -100.85 -3.72 48.92
N VAL H 314 -100.27 -4.48 48.00
CA VAL H 314 -99.10 -5.32 48.26
C VAL H 314 -98.29 -5.39 46.97
N SER H 315 -96.96 -5.45 47.10
CA SER H 315 -96.07 -5.50 45.95
C SER H 315 -94.78 -6.22 46.30
N TRP H 316 -94.24 -6.93 45.33
CA TRP H 316 -93.06 -7.77 45.50
C TRP H 316 -91.89 -7.21 44.73
N SER H 317 -90.68 -7.49 45.20
CA SER H 317 -89.48 -7.19 44.44
C SER H 317 -89.35 -8.17 43.29
N ILE H 318 -88.25 -8.07 42.53
CA ILE H 318 -88.13 -8.89 41.33
C ILE H 318 -87.60 -10.28 41.65
N THR H 319 -87.11 -10.50 42.86
CA THR H 319 -86.65 -11.83 43.26
C THR H 319 -87.30 -12.30 44.55
N ALA H 320 -88.48 -11.75 44.88
CA ALA H 320 -89.26 -12.20 46.02
C ALA H 320 -88.51 -12.05 47.34
N ASN H 321 -87.57 -11.10 47.36
CA ASN H 321 -86.76 -10.86 48.55
C ASN H 321 -87.37 -9.81 49.46
N ILE H 322 -87.86 -8.70 48.91
CA ILE H 322 -88.36 -7.59 49.69
C ILE H 322 -89.86 -7.44 49.41
N LEU H 323 -90.61 -7.21 50.48
CA LEU H 323 -92.05 -6.98 50.39
C LEU H 323 -92.35 -5.60 50.96
N ALA H 324 -92.98 -4.75 50.16
CA ALA H 324 -93.41 -3.43 50.61
C ALA H 324 -94.92 -3.35 50.55
N VAL H 325 -95.53 -2.91 51.65
CA VAL H 325 -96.99 -2.88 51.80
C VAL H 325 -97.44 -1.45 51.98
N SER H 326 -98.64 -1.15 51.49
CA SER H 326 -99.23 0.17 51.61
C SER H 326 -100.45 0.11 52.53
N GLY H 327 -100.55 1.07 53.45
CA GLY H 327 -101.58 1.08 54.45
C GLY H 327 -102.27 2.43 54.56
N GLY H 328 -103.25 2.47 55.47
CA GLY H 328 -104.05 3.65 55.71
C GLY H 328 -103.39 4.75 56.51
N ASP H 329 -102.18 4.51 56.99
CA ASP H 329 -101.43 5.52 57.72
C ASP H 329 -100.57 6.39 56.82
N ASN H 330 -100.79 6.33 55.51
CA ASN H 330 -100.04 7.13 54.53
C ASN H 330 -98.54 6.90 54.67
N LYS H 331 -98.13 5.64 54.79
CA LYS H 331 -96.73 5.31 54.97
C LYS H 331 -96.42 4.01 54.25
N VAL H 332 -95.15 3.88 53.84
CA VAL H 332 -94.65 2.69 53.17
C VAL H 332 -93.51 2.12 54.00
N THR H 333 -93.62 0.85 54.38
CA THR H 333 -92.60 0.15 55.14
C THR H 333 -92.11 -1.03 54.31
N LEU H 334 -90.80 -1.20 54.24
CA LEU H 334 -90.18 -2.25 53.44
C LEU H 334 -89.77 -3.41 54.34
N TRP H 335 -90.17 -4.61 53.97
CA TRP H 335 -89.95 -5.80 54.80
C TRP H 335 -89.13 -6.83 54.04
N LYS H 336 -88.49 -7.72 54.79
CA LYS H 336 -87.72 -8.82 54.22
C LYS H 336 -87.67 -9.95 55.23
N GLU H 337 -87.77 -11.18 54.74
CA GLU H 337 -87.74 -12.35 55.62
C GLU H 337 -86.34 -12.55 56.19
N SER H 338 -86.29 -12.87 57.48
CA SER H 338 -85.02 -13.04 58.17
C SER H 338 -84.53 -14.49 58.01
N VAL H 339 -83.40 -14.79 58.66
CA VAL H 339 -82.84 -16.13 58.58
C VAL H 339 -83.76 -17.15 59.23
N ASP H 340 -84.32 -16.81 60.38
CA ASP H 340 -85.21 -17.70 61.11
C ASP H 340 -86.60 -17.83 60.47
N GLY H 341 -86.81 -17.28 59.29
CA GLY H 341 -88.10 -17.35 58.64
C GLY H 341 -89.07 -16.25 58.99
N GLN H 342 -88.73 -15.41 59.96
CA GLN H 342 -89.57 -14.29 60.33
C GLN H 342 -89.34 -13.12 59.39
N TRP H 343 -90.41 -12.37 59.12
CA TRP H 343 -90.34 -11.20 58.26
C TRP H 343 -89.88 -10.00 59.09
N VAL H 344 -88.83 -9.33 58.64
CA VAL H 344 -88.25 -8.22 59.37
C VAL H 344 -88.37 -6.95 58.53
N CYS H 345 -88.81 -5.87 59.18
CA CYS H 345 -88.91 -4.58 58.51
C CYS H 345 -87.51 -3.98 58.33
N ILE H 346 -87.44 -2.90 57.57
CA ILE H 346 -86.19 -2.28 57.20
C ILE H 346 -86.34 -0.76 57.26
N SER H 347 -85.26 -0.06 56.93
CA SER H 347 -85.23 1.40 56.94
C SER H 347 -86.18 2.00 55.92
N LYS I 5 -29.86 65.80 15.64
CA LYS I 5 -28.91 65.93 14.55
C LYS I 5 -28.16 64.63 14.32
N PRO I 6 -28.75 63.73 13.53
CA PRO I 6 -28.08 62.45 13.24
C PRO I 6 -26.77 62.66 12.49
N ASP I 7 -25.82 61.79 12.77
CA ASP I 7 -24.53 61.82 12.09
C ASP I 7 -23.99 60.40 12.00
N ILE I 8 -23.17 60.17 10.98
CA ILE I 8 -22.60 58.85 10.70
C ILE I 8 -21.09 58.96 10.77
N LEU I 9 -20.48 58.12 11.61
CA LEU I 9 -19.04 58.13 11.79
C LEU I 9 -18.52 56.70 11.72
N TRP I 10 -17.34 56.54 11.14
CA TRP I 10 -16.73 55.23 11.00
C TRP I 10 -15.85 54.92 12.21
N ALA I 11 -15.69 53.64 12.49
CA ALA I 11 -14.85 53.21 13.59
C ALA I 11 -13.39 53.59 13.30
N PRO I 12 -12.71 54.23 14.24
CA PRO I 12 -11.31 54.61 13.99
C PRO I 12 -10.40 53.42 13.74
N HIS I 13 -10.70 52.26 14.34
CA HIS I 13 -9.89 51.07 14.15
C HIS I 13 -10.43 50.13 13.08
N HIS I 14 -11.74 50.11 12.86
CA HIS I 14 -12.36 49.24 11.87
C HIS I 14 -12.91 50.09 10.74
N VAL I 15 -12.33 49.94 9.55
CA VAL I 15 -12.74 50.75 8.40
C VAL I 15 -14.09 50.35 7.83
N ASP I 16 -14.54 49.12 8.10
CA ASP I 16 -15.83 48.65 7.61
C ASP I 16 -16.96 48.85 8.61
N ARG I 17 -16.65 49.20 9.86
CA ARG I 17 -17.67 49.38 10.88
C ARG I 17 -18.05 50.86 10.93
N PHE I 18 -19.21 51.19 10.36
CA PHE I 18 -19.71 52.56 10.31
C PHE I 18 -20.95 52.68 11.18
N VAL I 19 -20.96 53.66 12.06
CA VAL I 19 -22.05 53.88 13.01
C VAL I 19 -22.69 55.23 12.70
N VAL I 20 -24.02 55.25 12.61
CA VAL I 20 -24.77 56.46 12.33
C VAL I 20 -25.66 56.75 13.52
N CYS I 21 -25.72 58.03 13.92
CA CYS I 21 -26.54 58.44 15.04
C CYS I 21 -28.02 58.38 14.67
N ASP I 22 -28.85 57.89 15.58
CA ASP I 22 -30.29 57.79 15.39
C ASP I 22 -30.95 57.91 16.76
N SER I 23 -32.22 57.50 16.83
CA SER I 23 -32.91 57.49 18.12
C SER I 23 -32.24 56.53 19.09
N GLU I 24 -31.87 55.34 18.62
CA GLU I 24 -31.07 54.39 19.39
C GLU I 24 -29.84 54.04 18.57
N LEU I 25 -28.67 54.07 19.20
CA LEU I 25 -27.41 53.93 18.49
C LEU I 25 -27.35 52.60 17.73
N SER I 26 -26.94 52.67 16.46
CA SER I 26 -26.82 51.49 15.61
C SER I 26 -25.40 51.41 15.07
N LEU I 27 -24.80 50.24 15.17
CA LEU I 27 -23.47 49.98 14.64
C LEU I 27 -23.58 49.02 13.46
N TYR I 28 -23.04 49.43 12.32
CA TYR I 28 -23.13 48.66 11.09
C TYR I 28 -21.73 48.37 10.54
N HIS I 29 -21.54 47.12 10.11
CA HIS I 29 -20.27 46.68 9.55
C HIS I 29 -20.41 46.42 8.06
N VAL I 30 -19.42 46.86 7.29
CA VAL I 30 -19.44 46.71 5.84
C VAL I 30 -18.90 45.34 5.47
N GLU I 31 -19.65 44.61 4.65
CA GLU I 31 -19.25 43.28 4.18
C GLU I 31 -19.38 43.23 2.67
N SER I 32 -18.43 42.55 2.03
CA SER I 32 -18.45 42.44 0.58
C SER I 32 -19.63 41.58 0.12
N THR I 33 -20.28 42.03 -0.97
CA THR I 33 -21.42 41.29 -1.51
C THR I 33 -21.37 41.21 -3.04
N VAL I 34 -20.19 41.35 -3.64
CA VAL I 34 -20.07 41.25 -5.10
C VAL I 34 -20.29 39.81 -5.55
N ASN I 35 -19.68 38.86 -4.86
CA ASN I 35 -19.78 37.45 -5.21
C ASN I 35 -20.87 36.72 -4.43
N SER I 36 -21.64 37.42 -3.60
CA SER I 36 -22.68 36.80 -2.81
C SER I 36 -24.00 37.52 -3.04
N GLU I 37 -25.10 36.78 -2.87
CA GLU I 37 -26.42 37.36 -3.06
C GLU I 37 -26.77 38.27 -1.89
N LEU I 38 -27.98 38.83 -1.94
CA LEU I 38 -28.45 39.75 -0.90
C LEU I 38 -28.73 38.95 0.37
N LYS I 39 -27.81 39.05 1.33
CA LYS I 39 -27.97 38.33 2.60
C LYS I 39 -29.09 38.95 3.42
N ALA I 40 -29.79 38.09 4.17
CA ALA I 40 -30.87 38.56 5.02
C ALA I 40 -30.33 39.41 6.17
N GLY I 41 -31.03 40.49 6.48
CA GLY I 41 -30.62 41.37 7.56
C GLY I 41 -29.50 42.32 7.23
N SER I 42 -29.06 42.38 5.97
CA SER I 42 -27.99 43.27 5.54
C SER I 42 -28.54 44.30 4.57
N LEU I 43 -28.27 45.57 4.83
CA LEU I 43 -28.72 46.64 3.95
C LEU I 43 -27.88 46.69 2.69
N ARG I 44 -28.54 46.88 1.54
CA ARG I 44 -27.87 46.99 0.26
C ARG I 44 -27.44 48.43 0.05
N LEU I 45 -26.29 48.77 0.64
CA LEU I 45 -25.78 50.13 0.56
C LEU I 45 -25.46 50.52 -0.87
N SER I 46 -24.84 49.62 -1.62
CA SER I 46 -24.44 49.89 -3.01
C SER I 46 -24.78 48.66 -3.84
N GLU I 47 -24.29 48.65 -5.09
CA GLU I 47 -24.55 47.53 -5.98
C GLU I 47 -23.86 46.27 -5.47
N ASP I 48 -22.62 46.38 -5.00
CA ASP I 48 -21.85 45.23 -4.52
C ASP I 48 -21.37 45.42 -3.09
N SER I 49 -22.00 46.32 -2.33
CA SER I 49 -21.63 46.57 -0.94
C SER I 49 -22.84 46.35 -0.06
N ALA I 50 -22.64 45.62 1.04
CA ALA I 50 -23.70 45.33 2.00
C ALA I 50 -23.26 45.73 3.39
N ALA I 51 -24.17 46.35 4.13
CA ALA I 51 -23.91 46.79 5.50
C ALA I 51 -24.72 45.95 6.47
N THR I 52 -24.05 45.34 7.44
CA THR I 52 -24.68 44.48 8.43
C THR I 52 -24.58 45.12 9.80
N LEU I 53 -25.71 45.22 10.49
CA LEU I 53 -25.73 45.82 11.82
C LEU I 53 -24.98 44.95 12.83
N LEU I 54 -24.26 45.61 13.74
CA LEU I 54 -23.48 44.91 14.76
C LEU I 54 -24.22 44.86 16.09
N SER I 55 -24.65 46.01 16.60
CA SER I 55 -25.40 46.06 17.84
C SER I 55 -26.24 47.33 17.86
N ILE I 56 -27.27 47.33 18.71
CA ILE I 56 -28.13 48.48 18.90
C ILE I 56 -28.27 48.72 20.40
N ASN I 57 -28.03 49.96 20.83
CA ASN I 57 -28.17 50.35 22.23
C ASN I 57 -29.14 51.52 22.31
N SER I 58 -30.14 51.41 23.18
CA SER I 58 -31.19 52.42 23.33
C SER I 58 -31.12 53.09 24.70
N ASP I 59 -29.93 53.12 25.30
CA ASP I 59 -29.75 53.63 26.65
C ASP I 59 -29.50 55.14 26.70
N THR I 60 -29.57 55.82 25.56
CA THR I 60 -29.31 57.27 25.48
C THR I 60 -30.47 57.95 24.77
N PRO I 61 -31.63 58.05 25.43
CA PRO I 61 -32.76 58.75 24.82
C PRO I 61 -32.50 60.24 24.67
N TYR I 62 -33.07 60.82 23.62
CA TYR I 62 -32.92 62.24 23.31
C TYR I 62 -31.45 62.64 23.21
N MET I 63 -30.69 61.82 22.48
CA MET I 63 -29.26 62.08 22.30
C MET I 63 -29.03 63.38 21.55
N LYS I 64 -27.98 64.11 21.94
CA LYS I 64 -27.64 65.39 21.34
C LYS I 64 -26.32 65.36 20.58
N CYS I 65 -25.24 64.92 21.22
CA CYS I 65 -23.92 64.90 20.61
C CYS I 65 -23.28 63.54 20.81
N VAL I 66 -22.52 63.09 19.82
CA VAL I 66 -21.84 61.81 19.84
C VAL I 66 -20.36 62.03 19.58
N ALA I 67 -19.52 61.43 20.42
CA ALA I 67 -18.07 61.50 20.26
C ALA I 67 -17.48 60.10 20.41
N TRP I 68 -16.41 59.85 19.68
CA TRP I 68 -15.70 58.57 19.73
C TRP I 68 -14.44 58.73 20.56
N TYR I 69 -14.25 57.82 21.51
CA TYR I 69 -13.05 57.86 22.34
C TYR I 69 -11.82 57.56 21.49
N LEU I 70 -10.75 58.31 21.75
CA LEU I 70 -9.51 58.12 20.97
C LEU I 70 -8.81 56.81 21.29
N ASN I 71 -9.24 56.10 22.34
CA ASN I 71 -8.59 54.85 22.72
C ASN I 71 -8.89 53.76 21.69
N TYR I 72 -7.85 53.00 21.34
CA TYR I 72 -8.02 51.92 20.37
C TYR I 72 -8.71 50.72 20.98
N ASP I 73 -8.52 50.49 22.28
CA ASP I 73 -9.14 49.39 22.99
C ASP I 73 -9.73 49.87 24.31
N PRO I 74 -10.95 49.44 24.66
CA PRO I 74 -11.83 48.52 23.92
C PRO I 74 -12.53 49.19 22.74
N GLU I 75 -12.80 48.42 21.68
CA GLU I 75 -13.40 48.96 20.47
C GLU I 75 -14.92 49.06 20.59
N CYS I 76 -15.53 49.68 19.59
CA CYS I 76 -16.98 49.88 19.53
C CYS I 76 -17.49 50.62 20.76
N LEU I 77 -16.70 51.59 21.23
CA LEU I 77 -17.06 52.42 22.37
C LEU I 77 -17.05 53.88 21.93
N LEU I 78 -18.08 54.62 22.34
CA LEU I 78 -18.22 56.02 21.97
C LEU I 78 -18.85 56.79 23.13
N ALA I 79 -18.66 58.10 23.13
CA ALA I 79 -19.19 58.98 24.16
C ALA I 79 -20.35 59.79 23.58
N VAL I 80 -21.46 59.82 24.32
CA VAL I 80 -22.67 60.51 23.90
C VAL I 80 -23.00 61.58 24.92
N GLY I 81 -23.23 62.81 24.44
CA GLY I 81 -23.62 63.89 25.32
C GLY I 81 -25.10 64.17 25.29
N GLN I 82 -25.77 63.92 26.41
CA GLN I 82 -27.21 64.14 26.51
C GLN I 82 -27.51 65.58 26.90
N ALA I 83 -28.66 66.08 26.42
CA ALA I 83 -29.07 67.44 26.76
C ALA I 83 -29.41 67.58 28.23
N ASN I 84 -29.59 66.47 28.95
CA ASN I 84 -29.82 66.51 30.39
C ASN I 84 -28.55 66.84 31.17
N GLY I 85 -27.39 66.88 30.51
CA GLY I 85 -26.14 67.15 31.18
C GLY I 85 -25.38 65.91 31.61
N ARG I 86 -25.96 64.72 31.49
CA ARG I 86 -25.31 63.48 31.88
C ARG I 86 -24.69 62.84 30.64
N VAL I 87 -23.41 63.10 30.42
CA VAL I 87 -22.68 62.53 29.29
C VAL I 87 -22.01 61.25 29.77
N VAL I 88 -22.33 60.14 29.11
CA VAL I 88 -21.84 58.83 29.50
C VAL I 88 -21.33 58.10 28.27
N LEU I 89 -20.16 57.47 28.39
CA LEU I 89 -19.58 56.68 27.32
C LEU I 89 -20.02 55.23 27.44
N THR I 90 -20.32 54.60 26.31
CA THR I 90 -20.82 53.23 26.29
C THR I 90 -20.16 52.46 25.15
N SER I 91 -20.15 51.13 25.29
CA SER I 91 -19.49 50.26 24.33
C SER I 91 -20.51 49.33 23.69
N LEU I 92 -20.16 48.78 22.52
CA LEU I 92 -21.07 47.96 21.74
C LEU I 92 -20.60 46.53 21.48
N GLY I 93 -19.29 46.32 21.31
CA GLY I 93 -18.81 45.01 20.91
C GLY I 93 -18.93 43.97 22.02
N GLN I 94 -18.66 42.72 21.65
CA GLN I 94 -18.80 41.59 22.58
C GLN I 94 -17.53 41.49 23.43
N ASP I 95 -17.50 42.29 24.50
CA ASP I 95 -16.34 42.39 25.38
C ASP I 95 -16.72 41.88 26.77
N HIS I 96 -16.35 40.65 27.08
CA HIS I 96 -16.40 40.16 28.44
C HIS I 96 -15.04 40.22 29.15
N ASN I 97 -13.98 40.61 28.44
CA ASN I 97 -12.59 40.63 28.91
C ASN I 97 -11.90 41.94 28.52
N SER I 98 -12.57 43.07 28.79
CA SER I 98 -12.12 44.36 28.31
C SER I 98 -11.16 45.03 29.28
N LYS I 99 -10.54 46.13 28.84
CA LYS I 99 -9.41 46.72 29.54
C LYS I 99 -9.84 47.61 30.69
N PHE I 100 -11.03 48.21 30.60
CA PHE I 100 -11.49 49.20 31.57
C PHE I 100 -12.94 48.94 31.94
N LYS I 101 -13.20 48.83 33.23
CA LYS I 101 -14.53 48.48 33.76
C LYS I 101 -15.18 49.63 34.53
N ASP I 102 -14.44 50.28 35.42
CA ASP I 102 -14.98 51.44 36.11
C ASP I 102 -15.28 52.57 35.13
N LEU I 103 -14.43 52.73 34.12
CA LEU I 103 -14.70 53.69 33.05
C LEU I 103 -15.87 53.26 32.17
N ILE I 104 -16.17 51.96 32.11
CA ILE I 104 -17.32 51.48 31.35
C ILE I 104 -18.57 51.95 32.08
N GLY I 105 -19.28 52.90 31.48
CA GLY I 105 -20.41 53.54 32.12
C GLY I 105 -20.05 54.71 33.01
N LYS I 106 -18.77 55.05 33.15
CA LYS I 106 -18.38 56.22 33.91
C LYS I 106 -18.94 57.47 33.26
N GLU I 107 -19.39 58.42 34.07
CA GLU I 107 -20.05 59.62 33.59
C GLU I 107 -19.51 60.84 34.29
N PHE I 108 -19.60 61.98 33.60
CA PHE I 108 -19.19 63.28 34.15
C PHE I 108 -20.42 64.18 34.23
N VAL I 109 -20.64 64.76 35.40
CA VAL I 109 -21.83 65.57 35.66
C VAL I 109 -21.39 67.02 35.88
N PRO I 110 -21.83 67.97 35.06
CA PRO I 110 -21.50 69.37 35.32
C PRO I 110 -22.21 69.89 36.56
N LYS I 111 -21.76 71.07 37.02
CA LYS I 111 -22.27 71.62 38.27
C LYS I 111 -23.75 71.98 38.17
N HIS I 112 -24.12 72.76 37.17
CA HIS I 112 -25.48 73.26 37.01
C HIS I 112 -26.27 72.37 36.05
N ALA I 113 -27.43 72.85 35.65
CA ALA I 113 -28.25 72.19 34.64
C ALA I 113 -28.13 72.97 33.33
N ARG I 114 -27.54 72.34 32.32
CA ARG I 114 -27.41 72.93 30.99
C ARG I 114 -27.24 71.82 29.98
N GLN I 115 -27.55 72.11 28.72
CA GLN I 115 -27.43 71.13 27.67
C GLN I 115 -25.96 70.91 27.28
N CYS I 116 -25.72 69.81 26.56
CA CYS I 116 -24.39 69.51 26.03
C CYS I 116 -24.35 69.88 24.56
N ASN I 117 -23.58 70.91 24.22
CA ASN I 117 -23.51 71.36 22.83
C ASN I 117 -22.78 70.35 21.96
N THR I 118 -21.65 69.83 22.44
CA THR I 118 -20.85 68.90 21.66
C THR I 118 -19.95 68.10 22.59
N LEU I 119 -19.27 67.11 22.02
CA LEU I 119 -18.32 66.28 22.76
C LEU I 119 -17.13 65.96 21.87
N ALA I 120 -15.93 66.08 22.43
CA ALA I 120 -14.70 65.84 21.68
C ALA I 120 -13.70 65.10 22.55
N TRP I 121 -12.85 64.30 21.92
CA TRP I 121 -11.84 63.50 22.59
C TRP I 121 -10.46 63.88 22.07
N ASN I 122 -9.54 64.15 22.99
CA ASN I 122 -8.19 64.56 22.61
C ASN I 122 -7.46 63.38 21.98
N PRO I 123 -6.85 63.56 20.82
CA PRO I 123 -6.11 62.45 20.20
C PRO I 123 -4.67 62.36 20.70
N LEU I 124 -4.15 63.46 21.25
CA LEU I 124 -2.79 63.45 21.78
C LEU I 124 -2.64 62.45 22.91
N ASP I 125 -3.62 62.41 23.82
CA ASP I 125 -3.72 61.39 24.86
C ASP I 125 -5.18 61.00 24.97
N SER I 126 -5.48 59.71 24.80
CA SER I 126 -6.86 59.25 24.82
C SER I 126 -7.45 59.20 26.22
N ASN I 127 -6.61 59.28 27.26
CA ASN I 127 -7.07 59.17 28.64
C ASN I 127 -7.99 60.30 29.05
N TRP I 128 -7.76 61.52 28.57
CA TRP I 128 -8.55 62.69 28.95
C TRP I 128 -9.16 63.32 27.72
N LEU I 129 -10.39 63.83 27.87
CA LEU I 129 -11.12 64.48 26.78
C LEU I 129 -11.75 65.77 27.28
N ALA I 130 -11.97 66.71 26.38
CA ALA I 130 -12.48 68.03 26.70
C ALA I 130 -13.79 68.29 25.95
N ALA I 131 -14.68 69.05 26.58
CA ALA I 131 -15.97 69.38 25.95
C ALA I 131 -16.56 70.62 26.61
N GLY I 132 -17.48 71.25 25.90
CA GLY I 132 -18.22 72.40 26.40
C GLY I 132 -19.70 72.12 26.42
N LEU I 133 -20.41 72.82 27.29
CA LEU I 133 -21.84 72.61 27.49
C LEU I 133 -22.61 73.91 27.20
N ASP I 134 -23.93 73.86 27.46
CA ASP I 134 -24.77 75.03 27.25
C ASP I 134 -24.55 76.05 28.36
N LYS I 135 -25.21 77.20 28.22
CA LYS I 135 -24.89 78.36 29.03
C LYS I 135 -25.54 78.28 30.41
N HIS I 136 -24.73 78.33 31.45
CA HIS I 136 -25.15 78.68 32.79
C HIS I 136 -24.70 80.11 33.10
N ARG I 137 -24.87 80.54 34.36
CA ARG I 137 -24.64 81.95 34.69
C ARG I 137 -23.15 82.29 34.67
N ALA I 138 -22.38 81.74 35.61
CA ALA I 138 -20.94 81.93 35.61
C ALA I 138 -20.17 80.65 35.95
N ASP I 139 -20.85 79.53 36.14
CA ASP I 139 -20.19 78.29 36.53
C ASP I 139 -19.65 77.55 35.32
N PHE I 140 -18.69 76.66 35.57
CA PHE I 140 -17.88 76.09 34.50
C PHE I 140 -18.70 75.22 33.57
N SER I 141 -18.42 75.31 32.27
CA SER I 141 -19.09 74.53 31.23
C SER I 141 -18.12 73.81 30.29
N VAL I 142 -16.96 74.39 30.01
CA VAL I 142 -16.01 73.82 29.06
C VAL I 142 -14.83 73.27 29.85
N LEU I 143 -14.90 71.99 30.19
CA LEU I 143 -13.92 71.35 31.07
C LEU I 143 -13.51 69.99 30.50
N ILE I 144 -12.35 69.52 30.94
CA ILE I 144 -11.76 68.27 30.47
C ILE I 144 -11.53 67.35 31.66
N TRP I 145 -12.16 66.18 31.65
CA TRP I 145 -12.05 65.20 32.73
C TRP I 145 -11.32 63.96 32.25
N ASP I 146 -10.40 63.47 33.08
CA ASP I 146 -9.68 62.23 32.80
C ASP I 146 -10.62 61.05 33.05
N ILE I 147 -10.45 59.99 32.26
CA ILE I 147 -11.34 58.83 32.36
C ILE I 147 -10.83 57.76 33.30
N CYS I 148 -9.60 57.89 33.80
CA CYS I 148 -8.96 56.86 34.63
C CYS I 148 -8.99 55.52 33.93
N SER I 149 -9.78 54.59 34.44
CA SER I 149 -9.90 53.26 33.85
C SER I 149 -11.17 52.55 34.32
N THR I 175 -13.18 62.90 40.33
CA THR I 175 -14.52 63.35 40.66
C THR I 175 -14.87 64.63 39.89
N LYS I 176 -13.83 65.27 39.36
CA LYS I 176 -13.94 66.55 38.67
C LYS I 176 -13.12 66.52 37.39
N PRO I 177 -13.23 67.58 36.58
CA PRO I 177 -12.42 67.64 35.36
C PRO I 177 -11.07 68.27 35.62
N LEU I 178 -10.05 67.75 34.93
CA LEU I 178 -8.68 68.20 35.14
C LEU I 178 -8.49 69.65 34.74
N TYR I 179 -9.04 70.04 33.59
CA TYR I 179 -8.98 71.42 33.13
C TYR I 179 -10.38 72.01 33.19
N GLU I 180 -10.49 73.23 33.72
CA GLU I 180 -11.79 73.88 33.89
C GLU I 180 -11.61 75.38 33.67
N LEU I 181 -12.19 75.88 32.58
CA LEU I 181 -12.09 77.28 32.21
C LEU I 181 -13.40 77.69 31.53
N GLY I 182 -13.38 78.84 30.86
CA GLY I 182 -14.56 79.30 30.16
C GLY I 182 -15.72 79.62 31.08
N GLN I 183 -15.47 80.36 32.15
CA GLN I 183 -16.53 80.75 33.07
C GLN I 183 -17.49 81.72 32.37
N ASN I 184 -18.78 81.58 32.70
CA ASN I 184 -19.83 82.50 32.23
C ASN I 184 -19.85 82.60 30.71
N ASP I 185 -19.74 81.46 30.03
CA ASP I 185 -19.74 81.45 28.57
C ASP I 185 -20.33 80.13 28.09
N ALA I 186 -20.80 80.15 26.85
CA ALA I 186 -21.38 78.98 26.20
C ALA I 186 -20.39 78.45 25.16
N CYS I 187 -19.99 77.19 25.31
CA CYS I 187 -19.02 76.57 24.41
C CYS I 187 -19.78 75.64 23.46
N LEU I 188 -20.26 76.22 22.35
CA LEU I 188 -20.96 75.42 21.35
C LEU I 188 -20.03 74.40 20.70
N SER I 189 -18.80 74.81 20.40
CA SER I 189 -17.82 73.95 19.77
C SER I 189 -16.63 73.76 20.70
N LEU I 190 -16.28 72.51 20.96
CA LEU I 190 -15.14 72.17 21.79
C LEU I 190 -14.24 71.22 21.01
N CYS I 191 -12.97 71.59 20.86
CA CYS I 191 -12.02 70.76 20.15
C CYS I 191 -10.61 71.04 20.69
N TRP I 192 -9.72 70.08 20.50
CA TRP I 192 -8.36 70.15 20.99
C TRP I 192 -7.39 70.00 19.83
N LEU I 193 -6.20 70.56 19.99
CA LEU I 193 -5.20 70.55 18.93
C LEU I 193 -4.57 69.17 18.81
N PRO I 194 -4.60 68.53 17.64
CA PRO I 194 -3.89 67.26 17.48
C PRO I 194 -2.38 67.38 17.66
N ARG I 195 -1.80 68.52 17.30
CA ARG I 195 -0.35 68.66 17.36
C ARG I 195 0.14 68.95 18.78
N ASP I 196 -0.40 69.99 19.41
CA ASP I 196 -0.01 70.39 20.76
C ASP I 196 -1.05 69.88 21.75
N GLN I 197 -0.59 69.08 22.73
CA GLN I 197 -1.50 68.50 23.70
C GLN I 197 -2.12 69.53 24.62
N LYS I 198 -1.37 70.55 25.03
CA LYS I 198 -1.84 71.57 25.95
C LYS I 198 -2.36 72.81 25.22
N LEU I 199 -2.97 72.63 24.05
CA LEU I 199 -3.57 73.71 23.28
C LEU I 199 -4.87 73.22 22.65
N LEU I 200 -5.84 74.13 22.55
CA LEU I 200 -7.17 73.77 22.04
C LEU I 200 -7.89 75.04 21.60
N LEU I 201 -9.01 74.85 20.91
CA LEU I 201 -9.83 75.96 20.44
C LEU I 201 -11.29 75.65 20.70
N ALA I 202 -12.06 76.69 21.05
CA ALA I 202 -13.46 76.53 21.38
C ALA I 202 -14.24 77.71 20.81
N GLY I 203 -15.55 77.50 20.63
CA GLY I 203 -16.43 78.51 20.11
C GLY I 203 -17.26 79.16 21.20
N MET I 204 -17.16 80.48 21.30
CA MET I 204 -17.91 81.23 22.29
C MET I 204 -19.24 81.68 21.68
N HIS I 205 -19.94 82.59 22.38
CA HIS I 205 -21.23 83.05 21.89
C HIS I 205 -21.09 83.85 20.59
N ARG I 206 -20.16 84.81 20.55
CA ARG I 206 -19.97 85.61 19.36
C ARG I 206 -18.50 85.89 19.07
N ASN I 207 -17.59 85.06 19.56
CA ASN I 207 -16.16 85.29 19.38
C ASN I 207 -15.44 83.95 19.35
N LEU I 208 -14.23 83.96 18.80
CA LEU I 208 -13.39 82.78 18.71
C LEU I 208 -12.18 82.95 19.62
N ALA I 209 -11.98 82.00 20.52
CA ALA I 209 -10.91 82.06 21.50
C ALA I 209 -9.99 80.87 21.36
N ILE I 210 -8.68 81.13 21.43
CA ILE I 210 -7.66 80.10 21.43
C ILE I 210 -6.99 80.10 22.80
N PHE I 211 -7.01 78.95 23.46
CA PHE I 211 -6.59 78.85 24.85
C PHE I 211 -5.66 77.67 25.04
N ASP I 212 -4.89 77.72 26.13
CA ASP I 212 -3.95 76.66 26.49
C ASP I 212 -4.28 76.12 27.88
N LEU I 213 -4.25 74.79 28.00
CA LEU I 213 -4.48 74.15 29.30
C LEU I 213 -3.35 74.41 30.28
N ARG I 214 -2.20 74.93 29.81
CA ARG I 214 -1.12 75.27 30.72
C ARG I 214 -1.54 76.37 31.69
N ASN I 215 -2.26 77.37 31.20
CA ASN I 215 -2.79 78.43 32.04
C ASN I 215 -4.08 78.97 31.42
N THR I 216 -5.15 78.98 32.21
CA THR I 216 -6.42 79.50 31.72
C THR I 216 -6.31 80.99 31.38
N SER I 217 -5.49 81.71 32.14
CA SER I 217 -5.22 83.11 31.79
C SER I 217 -4.45 83.22 30.49
N GLN I 218 -3.64 82.21 30.15
CA GLN I 218 -2.90 82.21 28.90
C GLN I 218 -3.86 81.88 27.76
N LYS I 219 -4.35 82.91 27.08
CA LYS I 219 -5.31 82.73 26.00
C LYS I 219 -5.17 83.86 24.98
N MET I 220 -5.65 83.59 23.77
CA MET I 220 -5.67 84.55 22.67
C MET I 220 -7.01 84.41 21.94
N PHE I 221 -7.90 85.38 22.14
CA PHE I 221 -9.26 85.33 21.60
C PHE I 221 -9.40 86.35 20.47
N VAL I 222 -10.13 85.96 19.43
CA VAL I 222 -10.30 86.76 18.23
C VAL I 222 -11.80 86.94 17.97
N ASN I 223 -12.21 88.17 17.68
CA ASN I 223 -13.61 88.44 17.37
C ASN I 223 -13.93 88.04 15.94
N THR I 224 -15.04 87.31 15.76
CA THR I 224 -15.43 86.83 14.45
C THR I 224 -16.94 86.55 14.46
N LYS I 225 -17.48 86.35 13.26
CA LYS I 225 -18.91 86.05 13.11
C LYS I 225 -19.19 84.55 13.11
N ALA I 226 -18.29 83.75 12.56
CA ALA I 226 -18.50 82.31 12.43
C ALA I 226 -17.70 81.58 13.50
N VAL I 227 -18.40 80.90 14.41
CA VAL I 227 -17.76 80.12 15.47
C VAL I 227 -18.38 78.74 15.54
N GLN I 228 -19.28 78.44 14.61
CA GLN I 228 -19.98 77.16 14.58
C GLN I 228 -19.32 76.23 13.58
N GLY I 229 -19.14 74.97 13.98
CA GLY I 229 -18.48 74.00 13.13
C GLY I 229 -17.02 74.29 12.86
N VAL I 230 -16.27 74.67 13.91
CA VAL I 230 -14.86 74.97 13.74
C VAL I 230 -14.10 73.69 13.48
N THR I 231 -13.23 73.71 12.46
CA THR I 231 -12.44 72.53 12.11
C THR I 231 -11.08 72.98 11.58
N VAL I 232 -10.12 72.07 11.64
CA VAL I 232 -8.78 72.31 11.13
C VAL I 232 -8.39 71.16 10.22
N ASP I 233 -7.93 71.48 9.01
CA ASP I 233 -7.55 70.45 8.06
C ASP I 233 -6.32 69.70 8.57
N PRO I 234 -6.30 68.37 8.44
CA PRO I 234 -5.10 67.62 8.86
C PRO I 234 -3.84 68.02 8.11
N TYR I 235 -3.96 68.26 6.80
CA TYR I 235 -2.81 68.72 6.03
C TYR I 235 -2.47 70.17 6.36
N PHE I 236 -3.48 71.02 6.40
CA PHE I 236 -3.31 72.44 6.72
C PHE I 236 -3.63 72.62 8.20
N HIS I 237 -2.66 72.25 9.05
CA HIS I 237 -2.85 72.34 10.49
C HIS I 237 -2.99 73.79 10.96
N ASP I 238 -2.62 74.75 10.12
CA ASP I 238 -2.75 76.16 10.46
C ASP I 238 -3.99 76.80 9.84
N ARG I 239 -4.91 76.00 9.32
CA ARG I 239 -6.12 76.49 8.68
C ARG I 239 -7.33 76.23 9.57
N VAL I 240 -8.22 77.23 9.67
CA VAL I 240 -9.42 77.12 10.47
C VAL I 240 -10.60 77.64 9.65
N ALA I 241 -11.80 77.26 10.08
CA ALA I 241 -13.02 77.66 9.40
C ALA I 241 -14.19 77.49 10.34
N SER I 242 -15.33 78.04 9.95
CA SER I 242 -16.57 77.86 10.70
C SER I 242 -17.74 78.21 9.79
N PHE I 243 -18.76 77.36 9.80
CA PHE I 243 -19.94 77.52 8.97
C PHE I 243 -21.07 78.08 9.82
N TYR I 244 -21.65 79.19 9.37
CA TYR I 244 -22.71 79.88 10.09
C TYR I 244 -23.91 79.98 9.16
N GLU I 245 -24.81 79.00 9.25
CA GLU I 245 -26.03 78.95 8.45
C GLU I 245 -25.71 79.10 6.96
N GLY I 246 -26.17 80.18 6.35
CA GLY I 246 -25.86 80.47 4.97
C GLY I 246 -24.51 81.10 4.73
N GLN I 247 -23.74 81.35 5.78
CA GLN I 247 -22.43 81.99 5.66
C GLN I 247 -21.36 81.03 6.15
N VAL I 248 -20.30 80.88 5.37
CA VAL I 248 -19.16 80.04 5.71
C VAL I 248 -17.90 80.88 5.59
N ALA I 249 -17.07 80.84 6.63
CA ALA I 249 -15.84 81.64 6.67
C ALA I 249 -14.67 80.75 7.10
N ILE I 250 -13.56 80.87 6.37
CA ILE I 250 -12.35 80.13 6.67
C ILE I 250 -11.23 81.12 6.98
N TRP I 251 -10.32 80.71 7.84
CA TRP I 251 -9.24 81.60 8.26
C TRP I 251 -7.97 80.78 8.51
N ASP I 252 -6.83 81.46 8.46
CA ASP I 252 -5.54 80.83 8.71
C ASP I 252 -5.07 81.19 10.11
N LEU I 253 -4.59 80.18 10.85
CA LEU I 253 -4.17 80.41 12.22
C LEU I 253 -3.00 81.37 12.31
N ARG I 254 -2.22 81.51 11.23
CA ARG I 254 -1.10 82.44 11.24
C ARG I 254 -1.57 83.89 11.24
N LYS I 255 -2.69 84.18 10.60
CA LYS I 255 -3.25 85.53 10.53
C LYS I 255 -4.75 85.50 10.84
N PHE I 256 -5.11 84.84 11.94
CA PHE I 256 -6.51 84.66 12.30
C PHE I 256 -7.13 85.93 12.85
N GLU I 257 -7.35 86.91 11.99
CA GLU I 257 -8.05 88.14 12.34
C GLU I 257 -9.22 88.44 11.41
N LYS I 258 -9.09 88.13 10.14
CA LYS I 258 -10.15 88.25 9.14
C LYS I 258 -10.23 86.94 8.38
N PRO I 259 -11.40 86.62 7.82
CA PRO I 259 -11.56 85.34 7.13
C PRO I 259 -10.65 85.24 5.91
N VAL I 260 -9.96 84.11 5.79
CA VAL I 260 -9.06 83.89 4.66
C VAL I 260 -9.85 83.86 3.36
N LEU I 261 -10.98 83.17 3.35
CA LEU I 261 -11.83 83.11 2.17
C LEU I 261 -13.28 83.05 2.61
N THR I 262 -14.11 83.91 2.01
CA THR I 262 -15.54 83.97 2.29
C THR I 262 -16.27 83.37 1.09
N LEU I 263 -16.80 82.16 1.27
CA LEU I 263 -17.48 81.47 0.19
C LEU I 263 -18.83 82.10 -0.09
N THR I 264 -19.42 81.72 -1.22
CA THR I 264 -20.72 82.23 -1.61
C THR I 264 -21.80 81.72 -0.65
N GLU I 265 -22.78 82.58 -0.38
CA GLU I 265 -23.89 82.19 0.49
C GLU I 265 -24.88 81.32 -0.28
N GLN I 266 -25.42 80.32 0.41
CA GLN I 266 -26.33 79.38 -0.21
C GLN I 266 -27.73 79.51 0.37
N PRO I 267 -28.77 79.12 -0.38
CA PRO I 267 -30.13 79.21 0.17
C PRO I 267 -30.35 78.31 1.38
N LYS I 268 -30.09 77.01 1.24
CA LYS I 268 -30.23 76.11 2.38
C LYS I 268 -29.04 76.30 3.31
N PRO I 269 -29.27 76.59 4.60
CA PRO I 269 -28.14 76.80 5.51
C PRO I 269 -27.26 75.56 5.61
N LEU I 270 -25.96 75.80 5.71
CA LEU I 270 -25.00 74.70 5.77
C LEU I 270 -25.19 73.89 7.06
N THR I 271 -25.19 72.57 6.91
CA THR I 271 -25.35 71.68 8.05
C THR I 271 -24.03 71.42 8.79
N LYS I 272 -22.95 71.18 8.05
CA LYS I 272 -21.66 70.94 8.67
C LYS I 272 -20.54 71.29 7.69
N VAL I 273 -19.40 71.68 8.25
CA VAL I 273 -18.19 71.94 7.48
C VAL I 273 -17.17 70.88 7.87
N ALA I 274 -16.75 70.07 6.91
CA ALA I 274 -15.88 68.95 7.17
C ALA I 274 -14.75 68.89 6.15
N TRP I 275 -13.65 68.27 6.53
CA TRP I 275 -12.48 68.14 5.68
C TRP I 275 -12.33 66.69 5.23
N CYS I 276 -12.10 66.50 3.94
CA CYS I 276 -11.83 65.16 3.44
C CYS I 276 -10.51 64.66 4.00
N PRO I 277 -10.41 63.37 4.35
CA PRO I 277 -9.17 62.85 4.95
C PRO I 277 -8.21 62.20 3.98
N THR I 278 -8.58 62.01 2.72
CA THR I 278 -7.74 61.33 1.74
C THR I 278 -7.36 62.23 0.57
N ARG I 279 -7.34 63.55 0.78
CA ARG I 279 -7.00 64.48 -0.29
C ARG I 279 -6.35 65.72 0.33
N THR I 280 -5.70 66.50 -0.52
CA THR I 280 -5.07 67.75 -0.12
C THR I 280 -5.90 68.92 -0.60
N GLY I 281 -6.22 69.83 0.31
CA GLY I 281 -6.98 71.02 -0.04
C GLY I 281 -8.39 70.74 -0.50
N LEU I 282 -9.08 69.78 0.12
CA LEU I 282 -10.45 69.45 -0.21
C LEU I 282 -11.37 69.92 0.90
N LEU I 283 -12.28 70.82 0.56
CA LEU I 283 -13.25 71.37 1.51
C LEU I 283 -14.64 70.89 1.14
N ALA I 284 -15.32 70.25 2.10
CA ALA I 284 -16.63 69.66 1.88
C ALA I 284 -17.63 70.30 2.83
N THR I 285 -18.83 70.59 2.31
CA THR I 285 -19.88 71.20 3.09
C THR I 285 -21.21 70.53 2.78
N LEU I 286 -22.10 70.50 3.77
CA LEU I 286 -23.42 69.94 3.62
C LEU I 286 -24.46 70.92 4.17
N THR I 287 -25.66 70.86 3.63
CA THR I 287 -26.77 71.71 4.04
C THR I 287 -27.91 70.84 4.57
N ARG I 288 -29.04 71.49 4.85
CA ARG I 288 -30.21 70.80 5.37
C ARG I 288 -31.21 70.56 4.25
N ASP I 289 -31.62 69.30 4.09
CA ASP I 289 -32.61 68.89 3.10
C ASP I 289 -32.15 69.25 1.69
N SER I 290 -30.98 68.74 1.33
CA SER I 290 -30.39 68.99 0.02
C SER I 290 -29.91 67.68 -0.59
N ASN I 291 -29.89 67.62 -1.92
CA ASN I 291 -29.47 66.43 -2.64
C ASN I 291 -28.03 66.47 -3.12
N ILE I 292 -27.48 67.66 -3.38
CA ILE I 292 -26.13 67.82 -3.92
C ILE I 292 -25.27 68.47 -2.85
N ILE I 293 -24.11 67.88 -2.58
CA ILE I 293 -23.20 68.36 -1.54
C ILE I 293 -22.25 69.38 -2.16
N ARG I 294 -22.18 70.56 -1.55
CA ARG I 294 -21.29 71.61 -2.03
C ARG I 294 -19.87 71.35 -1.57
N LEU I 295 -18.92 71.44 -2.50
CA LEU I 295 -17.51 71.21 -2.21
C LEU I 295 -16.69 72.35 -2.79
N TYR I 296 -15.45 72.45 -2.32
CA TYR I 296 -14.52 73.46 -2.79
C TYR I 296 -13.09 72.96 -2.64
N ASP I 297 -12.17 73.56 -3.38
CA ASP I 297 -10.77 73.17 -3.38
C ASP I 297 -9.94 74.30 -2.77
N MET I 298 -9.17 73.98 -1.74
CA MET I 298 -8.30 74.94 -1.08
C MET I 298 -6.82 74.65 -1.34
N GLN I 299 -6.51 73.73 -2.26
CA GLN I 299 -5.13 73.36 -2.54
C GLN I 299 -4.42 74.35 -3.45
N HIS I 300 -5.15 75.25 -4.11
CA HIS I 300 -4.51 76.22 -4.98
C HIS I 300 -3.61 77.18 -4.19
N THR I 301 -4.07 77.61 -3.02
CA THR I 301 -3.30 78.55 -2.19
C THR I 301 -3.20 78.05 -0.76
N THR I 312 -7.84 81.51 -6.79
CA THR I 312 -9.20 81.04 -7.03
C THR I 312 -9.42 79.67 -6.40
N ILE I 313 -10.66 79.38 -6.05
CA ILE I 313 -11.05 78.12 -5.43
C ILE I 313 -11.94 77.35 -6.41
N ILE I 314 -11.55 76.12 -6.72
CA ILE I 314 -12.31 75.29 -7.63
C ILE I 314 -13.52 74.73 -6.89
N GLU I 315 -14.70 74.91 -7.48
CA GLU I 315 -15.95 74.47 -6.88
C GLU I 315 -16.44 73.18 -7.51
N ARG I 316 -17.22 72.43 -6.74
CA ARG I 316 -17.79 71.18 -7.24
C ARG I 316 -19.05 70.85 -6.45
N SER I 317 -19.92 70.06 -7.07
CA SER I 317 -21.15 69.60 -6.45
C SER I 317 -21.31 68.11 -6.72
N VAL I 318 -21.67 67.37 -5.66
CA VAL I 318 -21.82 65.91 -5.74
C VAL I 318 -23.10 65.52 -5.02
N GLN I 319 -23.83 64.58 -5.60
CA GLN I 319 -25.07 64.07 -5.04
C GLN I 319 -24.92 62.58 -4.78
N PRO I 320 -24.50 62.17 -3.58
CA PRO I 320 -24.35 60.74 -3.31
C PRO I 320 -25.65 59.96 -3.36
N CYS I 321 -26.80 60.62 -3.24
CA CYS I 321 -28.09 59.95 -3.29
C CYS I 321 -29.14 60.91 -3.82
N ASP I 322 -30.25 60.35 -4.28
CA ASP I 322 -31.35 61.13 -4.83
C ASP I 322 -32.31 61.66 -3.77
N ASN I 323 -32.10 61.32 -2.50
CA ASN I 323 -32.94 61.77 -1.41
C ASN I 323 -32.21 62.82 -0.58
N TYR I 324 -32.96 63.44 0.32
CA TYR I 324 -32.42 64.49 1.19
C TYR I 324 -31.53 63.85 2.25
N ILE I 325 -30.22 63.86 2.00
CA ILE I 325 -29.25 63.26 2.91
C ILE I 325 -29.02 64.22 4.08
N ALA I 326 -29.24 63.72 5.30
CA ALA I 326 -29.07 64.57 6.48
C ALA I 326 -27.61 64.94 6.69
N SER I 327 -26.69 63.99 6.52
CA SER I 327 -25.30 64.24 6.82
C SER I 327 -24.42 63.26 6.05
N PHE I 328 -23.11 63.55 6.06
CA PHE I 328 -22.10 62.68 5.46
C PHE I 328 -20.75 62.99 6.08
N ALA I 329 -19.92 61.96 6.23
CA ALA I 329 -18.61 62.12 6.83
C ALA I 329 -17.60 61.24 6.09
N TRP I 330 -16.39 61.75 5.94
CA TRP I 330 -15.35 61.04 5.21
C TRP I 330 -14.83 59.87 6.05
N HIS I 331 -14.88 58.67 5.48
CA HIS I 331 -14.33 57.51 6.16
C HIS I 331 -12.81 57.62 6.21
N PRO I 332 -12.20 57.53 7.39
CA PRO I 332 -10.77 57.86 7.50
C PRO I 332 -9.86 57.00 6.65
N THR I 333 -10.19 55.72 6.46
CA THR I 333 -9.36 54.83 5.67
C THR I 333 -9.75 54.82 4.19
N SER I 334 -11.01 55.10 3.89
CA SER I 334 -11.45 55.06 2.50
C SER I 334 -10.81 56.19 1.71
N GLN I 335 -10.31 55.85 0.52
CA GLN I 335 -9.64 56.82 -0.35
C GLN I 335 -10.68 57.41 -1.30
N ASN I 336 -10.96 58.71 -1.13
CA ASN I 336 -11.92 59.42 -1.97
C ASN I 336 -13.29 58.73 -1.99
N ARG I 337 -13.74 58.30 -0.81
CA ARG I 337 -15.06 57.71 -0.65
C ARG I 337 -15.75 58.37 0.52
N MET I 338 -17.07 58.53 0.42
CA MET I 338 -17.85 59.23 1.43
C MET I 338 -19.19 58.53 1.62
N ILE I 339 -19.64 58.48 2.87
CA ILE I 339 -20.88 57.81 3.25
C ILE I 339 -21.88 58.88 3.67
N VAL I 340 -23.03 58.89 3.00
CA VAL I 340 -24.09 59.86 3.26
C VAL I 340 -25.33 59.11 3.72
N VAL I 341 -25.88 59.53 4.86
CA VAL I 341 -27.06 58.90 5.45
C VAL I 341 -28.19 59.91 5.45
N THR I 342 -29.33 59.52 4.91
CA THR I 342 -30.53 60.33 4.86
C THR I 342 -31.49 59.94 5.98
N PRO I 343 -32.61 60.64 6.11
CA PRO I 343 -33.58 60.27 7.17
C PRO I 343 -34.17 58.89 6.99
N ASN I 344 -34.15 58.33 5.78
CA ASN I 344 -34.82 57.07 5.47
C ASN I 344 -34.04 55.84 5.94
N ARG I 345 -32.97 56.02 6.71
CA ARG I 345 -32.18 54.91 7.23
C ARG I 345 -31.67 54.00 6.11
N THR I 346 -31.20 54.61 5.02
CA THR I 346 -30.58 53.91 3.92
C THR I 346 -29.26 54.60 3.59
N MET I 347 -28.15 54.03 4.05
CA MET I 347 -26.83 54.62 3.92
C MET I 347 -26.15 54.11 2.67
N SER I 348 -25.56 55.02 1.90
CA SER I 348 -24.85 54.68 0.67
C SER I 348 -23.49 55.35 0.67
N ASP I 349 -22.47 54.60 0.28
CA ASP I 349 -21.10 55.10 0.19
C ASP I 349 -20.82 55.51 -1.25
N PHE I 350 -20.43 56.77 -1.44
CA PHE I 350 -20.17 57.32 -2.75
C PHE I 350 -18.73 57.82 -2.84
N THR I 351 -18.21 57.85 -4.06
CA THR I 351 -16.85 58.30 -4.31
C THR I 351 -16.89 59.60 -5.09
N VAL I 352 -16.19 60.62 -4.58
CA VAL I 352 -16.08 61.91 -5.25
C VAL I 352 -14.89 61.82 -6.18
N PHE I 353 -15.16 61.62 -7.47
CA PHE I 353 -14.10 61.41 -8.44
C PHE I 353 -13.49 62.74 -8.89
N GLU I 354 -12.33 62.64 -9.53
CA GLU I 354 -11.61 63.80 -10.04
C GLU I 354 -11.98 64.06 -11.50
N ARG I 355 -11.26 65.02 -12.09
CA ARG I 355 -11.50 65.37 -13.48
C ARG I 355 -10.99 64.26 -14.40
N ILE I 356 -11.47 64.26 -15.63
CA ILE I 356 -11.03 63.31 -16.65
C ILE I 356 -10.77 64.08 -17.94
N SER I 357 -9.50 64.17 -18.34
CA SER I 357 -9.13 64.76 -19.61
C SER I 357 -9.32 63.76 -20.73
N LEU I 358 -9.39 64.26 -21.97
CA LEU I 358 -9.68 63.42 -23.11
C LEU I 358 -8.68 63.67 -24.23
N ALA I 359 -8.44 62.65 -25.04
CA ALA I 359 -7.53 62.74 -26.18
C ALA I 359 -7.84 61.61 -27.13
N TRP I 360 -7.91 61.92 -28.43
CA TRP I 360 -8.24 60.94 -29.44
C TRP I 360 -7.00 60.47 -30.18
N SER I 361 -7.15 59.38 -30.92
CA SER I 361 -6.10 58.81 -31.74
C SER I 361 -6.67 58.48 -33.12
N PRO I 362 -5.84 58.45 -34.16
CA PRO I 362 -6.37 58.31 -35.52
C PRO I 362 -6.94 56.95 -35.84
N ILE I 363 -6.78 55.95 -34.97
CA ILE I 363 -7.38 54.63 -35.20
C ILE I 363 -8.65 54.47 -34.37
N THR I 364 -9.26 55.59 -33.97
CA THR I 364 -10.45 55.60 -33.11
C THR I 364 -10.18 54.84 -31.81
N SER I 365 -9.24 55.38 -31.03
CA SER I 365 -8.85 54.80 -29.76
C SER I 365 -8.77 55.93 -28.73
N LEU I 366 -9.88 56.19 -28.05
CA LEU I 366 -9.94 57.27 -27.08
C LEU I 366 -9.08 56.93 -25.87
N MET I 367 -8.43 57.95 -25.32
CA MET I 367 -7.59 57.81 -24.12
C MET I 367 -7.97 58.89 -23.14
N TRP I 368 -8.23 58.50 -21.89
CA TRP I 368 -8.57 59.45 -20.86
C TRP I 368 -7.82 59.11 -19.57
N ALA I 369 -7.68 60.11 -18.71
CA ALA I 369 -6.92 59.98 -17.48
C ALA I 369 -7.74 60.48 -16.31
N CYS I 370 -7.88 59.64 -15.28
CA CYS I 370 -8.51 60.01 -14.03
C CYS I 370 -7.57 59.68 -12.89
N GLY I 371 -7.39 60.62 -11.98
CA GLY I 371 -6.50 60.41 -10.86
C GLY I 371 -5.04 60.27 -11.28
N ARG I 372 -4.49 59.08 -11.15
CA ARG I 372 -3.09 58.83 -11.48
C ARG I 372 -2.94 57.60 -12.36
N HIS I 373 -3.99 57.18 -13.05
CA HIS I 373 -3.93 56.04 -13.95
C HIS I 373 -4.65 56.38 -15.24
N LEU I 374 -4.02 56.07 -16.37
CA LEU I 374 -4.55 56.37 -17.68
C LEU I 374 -5.22 55.15 -18.29
N TYR I 375 -6.31 55.38 -19.00
CA TYR I 375 -7.11 54.31 -19.58
C TYR I 375 -7.31 54.54 -21.07
N GLU I 376 -7.68 53.48 -21.77
CA GLU I 376 -7.82 53.49 -23.22
C GLU I 376 -9.15 52.85 -23.60
N CYS I 377 -9.73 53.32 -24.71
CA CYS I 377 -11.02 52.86 -25.19
C CYS I 377 -10.92 52.53 -26.67
N THR I 378 -11.04 51.25 -27.01
CA THR I 378 -11.01 50.80 -28.38
C THR I 378 -12.41 50.46 -28.86
N GLU I 379 -12.53 50.23 -30.17
CA GLU I 379 -13.81 49.89 -30.76
C GLU I 379 -14.28 48.52 -30.30
N LYS I 388 -19.69 49.64 -37.00
CA LYS I 388 -18.47 50.41 -36.79
C LYS I 388 -18.61 51.81 -37.37
N ASP I 389 -17.78 52.73 -36.90
CA ASP I 389 -17.83 54.10 -37.36
C ASP I 389 -17.27 54.21 -38.78
N ILE I 390 -17.26 55.43 -39.31
CA ILE I 390 -16.78 55.64 -40.68
C ILE I 390 -15.27 55.49 -40.76
N ALA I 391 -14.54 55.84 -39.70
CA ALA I 391 -13.09 55.85 -39.78
C ALA I 391 -12.51 54.44 -39.83
N THR I 392 -12.94 53.56 -38.92
CA THR I 392 -12.44 52.20 -38.94
C THR I 392 -12.87 51.48 -40.21
N LYS I 393 -14.11 51.70 -40.62
CA LYS I 393 -14.58 51.17 -41.89
C LYS I 393 -13.70 51.64 -43.04
N MET I 394 -13.32 52.92 -43.03
CA MET I 394 -12.50 53.48 -44.08
C MET I 394 -11.13 52.82 -44.11
N ARG I 395 -10.54 52.61 -42.94
CA ARG I 395 -9.25 51.92 -42.89
C ARG I 395 -9.36 50.52 -43.47
N LEU I 396 -10.42 49.80 -43.09
CA LEU I 396 -10.61 48.46 -43.62
C LEU I 396 -10.75 48.47 -45.13
N ARG I 397 -11.49 49.45 -45.67
CA ARG I 397 -11.58 49.57 -47.12
C ARG I 397 -10.23 49.90 -47.74
N ALA I 398 -9.44 50.75 -47.07
CA ALA I 398 -8.15 51.17 -47.64
C ALA I 398 -7.19 50.00 -47.72
N LEU I 399 -7.16 49.16 -46.69
CA LEU I 399 -6.23 48.03 -46.71
C LEU I 399 -6.63 46.94 -47.70
N SER I 400 -7.84 47.01 -48.25
CA SER I 400 -8.33 45.98 -49.17
C SER I 400 -8.33 46.45 -50.62
N ARG I 401 -7.64 47.54 -50.93
CA ARG I 401 -7.56 48.08 -52.29
C ARG I 401 -8.94 48.38 -52.85
N TYR I 402 -9.71 49.15 -52.08
CA TYR I 402 -11.05 49.53 -52.50
C TYR I 402 -10.97 50.62 -53.56
N GLY I 403 -11.70 50.43 -54.65
CA GLY I 403 -11.81 51.44 -55.68
C GLY I 403 -10.71 51.46 -56.71
N LEU I 404 -9.71 50.60 -56.58
CA LEU I 404 -8.60 50.56 -57.53
C LEU I 404 -8.78 49.48 -58.59
N ASP I 405 -9.90 48.76 -58.59
CA ASP I 405 -10.10 47.64 -59.49
C ASP I 405 -10.66 48.14 -60.82
N THR I 406 -9.74 48.49 -61.72
CA THR I 406 -10.15 48.93 -63.05
C THR I 406 -10.58 47.77 -63.93
N GLU I 407 -10.23 46.54 -63.56
CA GLU I 407 -10.61 45.39 -64.38
C GLU I 407 -12.12 45.20 -64.43
N GLN I 408 -12.78 45.29 -63.28
CA GLN I 408 -14.23 45.11 -63.21
C GLN I 408 -14.77 45.97 -62.09
N VAL I 409 -15.54 47.00 -62.44
CA VAL I 409 -16.01 47.94 -61.44
C VAL I 409 -16.98 47.29 -60.47
N TRP I 410 -17.73 46.27 -60.91
CA TRP I 410 -18.69 45.62 -60.03
C TRP I 410 -18.00 44.97 -58.83
N ARG I 411 -16.73 44.57 -58.99
CA ARG I 411 -16.01 43.93 -57.91
C ARG I 411 -15.71 44.89 -56.77
N ASN I 412 -15.90 46.19 -56.96
CA ASN I 412 -15.71 47.14 -55.88
C ASN I 412 -16.73 46.92 -54.77
N HIS I 413 -17.98 46.59 -55.15
CA HIS I 413 -18.99 46.27 -54.16
C HIS I 413 -18.61 45.05 -53.33
N ILE I 414 -18.08 44.02 -53.98
CA ILE I 414 -17.61 42.85 -53.24
C ILE I 414 -16.45 43.23 -52.33
N LEU I 415 -15.51 44.04 -52.83
CA LEU I 415 -14.36 44.42 -52.05
C LEU I 415 -14.71 45.33 -50.88
N ALA I 416 -15.94 45.87 -50.86
CA ALA I 416 -16.35 46.71 -49.74
C ALA I 416 -16.56 45.90 -48.48
N GLY I 417 -16.59 44.58 -48.56
CA GLY I 417 -16.72 43.74 -47.39
C GLY I 417 -18.15 43.62 -46.90
N ASN I 418 -18.66 44.66 -46.25
CA ASN I 418 -20.00 44.64 -45.69
C ASN I 418 -21.03 44.71 -46.80
N GLU I 419 -22.30 44.66 -46.42
CA GLU I 419 -23.42 44.73 -47.36
C GLU I 419 -24.12 46.07 -47.19
N ASP I 420 -24.11 46.88 -48.24
CA ASP I 420 -24.80 48.16 -48.25
C ASP I 420 -25.60 48.20 -49.54
N PRO I 421 -26.86 48.63 -49.49
CA PRO I 421 -27.65 48.72 -50.71
C PRO I 421 -27.16 49.80 -51.64
N GLN I 422 -26.96 51.01 -51.10
CA GLN I 422 -26.60 52.16 -51.92
C GLN I 422 -25.24 51.96 -52.59
N LEU I 423 -24.28 51.37 -51.87
CA LEU I 423 -22.93 51.24 -52.41
C LEU I 423 -22.92 50.31 -53.62
N LYS I 424 -23.68 49.22 -53.57
CA LYS I 424 -23.72 48.30 -54.71
C LYS I 424 -24.32 48.98 -55.93
N SER I 425 -25.37 49.79 -55.74
CA SER I 425 -25.98 50.49 -56.86
C SER I 425 -25.02 51.49 -57.49
N LEU I 426 -24.20 52.14 -56.67
CA LEU I 426 -23.26 53.13 -57.21
C LEU I 426 -22.25 52.48 -58.13
N TRP I 427 -21.68 51.35 -57.72
CA TRP I 427 -20.67 50.72 -58.55
C TRP I 427 -21.29 50.02 -59.74
N TYR I 428 -22.53 49.54 -59.60
CA TYR I 428 -23.21 48.90 -60.73
C TYR I 428 -23.51 49.90 -61.83
N THR I 429 -23.88 51.14 -61.46
CA THR I 429 -24.11 52.17 -62.47
C THR I 429 -22.84 52.47 -63.24
N LEU I 430 -21.71 52.60 -62.54
CA LEU I 430 -20.46 52.90 -63.22
C LEU I 430 -20.04 51.77 -64.14
N HIS I 431 -20.16 50.53 -63.66
CA HIS I 431 -19.78 49.37 -64.48
C HIS I 431 -20.62 49.31 -65.75
N PHE I 432 -21.93 49.54 -65.62
CA PHE I 432 -22.78 49.56 -66.81
C PHE I 432 -22.42 50.74 -67.70
N MET I 433 -21.98 51.85 -67.11
CA MET I 433 -21.62 53.01 -67.91
C MET I 433 -20.34 52.79 -68.68
N LYS I 434 -19.32 52.22 -68.03
CA LYS I 434 -18.03 52.03 -68.69
C LYS I 434 -18.11 50.95 -69.76
N GLN I 435 -18.96 49.94 -69.55
CA GLN I 435 -19.14 48.91 -70.56
C GLN I 435 -19.68 49.51 -71.86
N TYR I 436 -20.63 50.44 -71.76
CA TYR I 436 -21.11 51.14 -72.94
C TYR I 436 -20.06 52.11 -73.46
N THR I 437 -19.30 52.74 -72.55
CA THR I 437 -18.30 53.71 -72.97
C THR I 437 -17.22 53.07 -73.83
N GLU I 438 -16.98 51.78 -73.65
CA GLU I 438 -16.00 51.07 -74.47
C GLU I 438 -16.61 50.68 -75.81
N LEU I 451 -19.97 58.92 -74.17
CA LEU I 451 -20.55 60.24 -74.05
C LEU I 451 -21.75 60.24 -73.12
N VAL I 452 -22.15 59.05 -72.67
CA VAL I 452 -23.29 58.92 -71.75
C VAL I 452 -22.73 59.02 -70.35
N TYR I 453 -22.53 60.26 -69.91
CA TYR I 453 -22.03 60.55 -68.57
C TYR I 453 -22.78 61.68 -67.89
N ALA I 454 -23.73 62.31 -68.57
CA ALA I 454 -24.53 63.38 -67.99
C ALA I 454 -25.80 62.85 -67.34
N GLY I 455 -25.96 61.53 -67.25
CA GLY I 455 -27.08 60.94 -66.55
C GLY I 455 -28.31 60.75 -67.42
N ILE I 456 -29.32 60.12 -66.82
CA ILE I 456 -30.56 59.88 -67.55
C ILE I 456 -31.30 61.17 -67.80
N LYS I 457 -31.04 62.21 -66.99
CA LYS I 457 -31.70 63.50 -67.21
C LYS I 457 -31.32 64.08 -68.56
N SER I 458 -30.02 64.11 -68.88
CA SER I 458 -29.61 64.57 -70.20
C SER I 458 -29.92 63.53 -71.27
N ILE I 459 -29.96 62.25 -70.90
CA ILE I 459 -30.28 61.21 -71.87
C ILE I 459 -31.71 61.39 -72.38
N VAL I 460 -32.62 61.80 -71.51
CA VAL I 460 -34.01 62.05 -71.91
C VAL I 460 -34.28 63.51 -72.24
N LYS I 461 -33.31 64.39 -72.04
CA LYS I 461 -33.51 65.78 -72.44
C LYS I 461 -33.27 65.94 -73.93
N SER I 462 -33.93 65.13 -74.73
CA SER I 462 -33.78 65.09 -76.18
C SER I 462 -34.88 64.21 -76.74
N SER I 463 -34.76 63.87 -78.03
CA SER I 463 -35.57 62.85 -78.68
C SER I 463 -37.03 63.24 -78.82
N LEU I 464 -37.79 62.43 -79.55
CA LEU I 464 -39.22 62.65 -79.73
C LEU I 464 -39.86 61.31 -80.04
N GLY I 465 -41.16 61.21 -79.81
CA GLY I 465 -41.88 59.96 -80.04
C GLY I 465 -43.34 60.12 -79.70
N MET I 466 -44.01 58.99 -79.47
CA MET I 466 -45.42 58.97 -79.12
C MET I 466 -45.70 57.69 -78.34
N VAL I 467 -46.99 57.39 -78.15
CA VAL I 467 -47.42 56.22 -77.41
C VAL I 467 -48.85 55.89 -77.81
N GLU I 468 -49.26 54.65 -77.53
CA GLU I 468 -50.64 54.23 -77.79
C GLU I 468 -51.03 53.21 -76.72
N SER I 469 -51.66 53.71 -75.67
CA SER I 469 -52.08 52.89 -74.53
C SER I 469 -53.54 52.51 -74.69
N SER I 470 -53.84 51.23 -74.56
CA SER I 470 -55.20 50.71 -74.65
C SER I 470 -55.22 49.32 -74.07
N ARG I 471 -56.33 48.60 -74.29
CA ARG I 471 -56.47 47.24 -73.80
C ARG I 471 -57.58 46.51 -74.55
N GLN I 484 -37.85 47.45 -78.33
CA GLN I 484 -37.09 47.94 -79.47
C GLN I 484 -37.84 49.06 -80.20
N ASN I 485 -39.16 49.08 -80.02
CA ASN I 485 -39.98 50.09 -80.67
C ASN I 485 -39.79 51.48 -80.08
N LEU I 486 -39.09 51.61 -78.98
CA LEU I 486 -38.92 52.90 -78.33
C LEU I 486 -37.90 53.75 -79.07
N ASN I 487 -37.77 55.01 -78.63
CA ASN I 487 -36.81 55.92 -79.23
C ASN I 487 -35.38 55.51 -78.85
N GLU I 488 -34.42 56.09 -79.58
CA GLU I 488 -33.02 55.79 -79.33
C GLU I 488 -32.62 56.18 -77.90
N GLU I 489 -33.08 57.35 -77.46
CA GLU I 489 -32.79 57.77 -76.09
C GLU I 489 -33.36 56.78 -75.09
N ARG I 490 -34.61 56.34 -75.31
CA ARG I 490 -35.21 55.35 -74.42
C ARG I 490 -34.44 54.04 -74.44
N ILE I 491 -34.01 53.60 -75.62
CA ILE I 491 -33.28 52.35 -75.72
C ILE I 491 -31.96 52.43 -74.96
N LEU I 492 -31.24 53.55 -75.11
CA LEU I 492 -30.00 53.74 -74.38
C LEU I 492 -30.23 53.77 -72.87
N ALA I 493 -31.29 54.47 -72.43
CA ALA I 493 -31.57 54.55 -71.01
C ALA I 493 -31.88 53.18 -70.44
N LEU I 494 -32.70 52.39 -71.15
CA LEU I 494 -33.04 51.06 -70.66
C LEU I 494 -31.81 50.16 -70.67
N GLN I 495 -30.94 50.30 -71.67
CA GLN I 495 -29.72 49.50 -71.70
C GLN I 495 -28.83 49.81 -70.51
N LEU I 496 -28.66 51.10 -70.19
CA LEU I 496 -27.86 51.45 -69.02
C LEU I 496 -28.55 51.04 -67.73
N CYS I 497 -29.89 50.93 -67.74
CA CYS I 497 -30.62 50.56 -66.54
C CYS I 497 -30.35 49.12 -66.13
N GLY I 498 -29.88 48.30 -67.07
CA GLY I 498 -29.62 46.90 -66.80
C GLY I 498 -30.71 45.95 -67.22
N TRP I 499 -31.78 46.44 -67.84
CA TRP I 499 -32.86 45.56 -68.26
C TRP I 499 -32.48 44.77 -69.51
N ILE I 500 -31.63 45.33 -70.36
CA ILE I 500 -31.18 44.66 -71.57
C ILE I 500 -29.73 45.03 -71.83
N LYS I 501 -28.99 44.11 -72.42
CA LYS I 501 -27.58 44.32 -72.72
C LYS I 501 -27.40 44.87 -74.13
N GLY I 509 -35.07 38.29 -71.43
CA GLY I 509 -34.55 36.99 -71.82
C GLY I 509 -33.35 36.56 -70.99
N PRO I 510 -32.16 37.04 -71.34
CA PRO I 510 -31.00 36.79 -70.48
C PRO I 510 -31.14 37.42 -69.11
N PHE I 511 -31.74 38.61 -69.05
CA PHE I 511 -32.03 39.21 -67.75
C PHE I 511 -33.05 38.38 -66.98
N LEU I 512 -34.04 37.83 -67.68
CA LEU I 512 -35.01 36.97 -67.02
C LEU I 512 -34.34 35.71 -66.46
N ASN I 513 -33.45 35.10 -67.23
CA ASN I 513 -32.73 33.93 -66.74
C ASN I 513 -31.86 34.29 -65.55
N SER I 514 -31.18 35.44 -65.60
CA SER I 514 -30.36 35.85 -64.48
C SER I 514 -31.19 36.08 -63.22
N LEU I 515 -32.33 36.74 -63.35
CA LEU I 515 -33.20 36.97 -62.20
C LEU I 515 -33.75 35.67 -61.65
N VAL I 516 -34.14 34.74 -62.54
CA VAL I 516 -34.65 33.46 -62.08
C VAL I 516 -33.57 32.70 -61.31
N GLN I 517 -32.35 32.71 -61.83
CA GLN I 517 -31.25 32.03 -61.14
C GLN I 517 -30.97 32.68 -59.78
N GLU I 518 -31.06 34.01 -59.71
CA GLU I 518 -30.80 34.69 -58.44
C GLU I 518 -31.82 34.33 -57.37
N GLY I 519 -32.98 33.78 -57.77
CA GLY I 519 -34.00 33.39 -56.82
C GLY I 519 -35.05 34.45 -56.54
N GLU I 520 -34.86 35.67 -57.05
CA GLU I 520 -35.81 36.77 -56.81
C GLU I 520 -37.04 36.54 -57.70
N TRP I 521 -37.90 35.62 -57.25
CA TRP I 521 -39.11 35.30 -58.01
C TRP I 521 -40.04 36.51 -58.08
N GLU I 522 -40.14 37.27 -56.99
CA GLU I 522 -41.03 38.43 -56.99
C GLU I 522 -40.55 39.48 -57.98
N ARG I 523 -39.26 39.84 -57.93
CA ARG I 523 -38.74 40.85 -58.84
C ARG I 523 -38.80 40.37 -60.28
N ALA I 524 -38.55 39.08 -60.51
CA ALA I 524 -38.63 38.55 -61.86
C ALA I 524 -40.05 38.62 -62.39
N ALA I 525 -41.03 38.23 -61.58
CA ALA I 525 -42.42 38.29 -62.01
C ALA I 525 -42.84 39.73 -62.29
N ALA I 526 -42.41 40.66 -61.43
CA ALA I 526 -42.71 42.06 -61.67
C ALA I 526 -42.09 42.55 -62.97
N VAL I 527 -40.85 42.14 -63.24
CA VAL I 527 -40.17 42.58 -64.46
C VAL I 527 -40.90 42.04 -65.68
N ALA I 528 -41.35 40.79 -65.61
CA ALA I 528 -42.14 40.23 -66.71
C ALA I 528 -43.42 41.03 -66.92
N LEU I 529 -44.16 41.29 -65.84
CA LEU I 529 -45.42 42.01 -65.95
C LEU I 529 -45.20 43.42 -66.50
N PHE I 530 -44.04 44.02 -66.17
CA PHE I 530 -43.70 45.32 -66.74
C PHE I 530 -43.46 45.23 -68.24
N ASN I 531 -43.17 44.03 -68.74
CA ASN I 531 -43.08 43.78 -70.18
C ASN I 531 -44.39 43.22 -70.75
N LEU I 532 -45.42 43.05 -69.92
CA LEU I 532 -46.76 42.65 -70.36
C LEU I 532 -46.77 41.25 -70.96
N ASP I 533 -46.34 40.26 -70.18
CA ASP I 533 -46.42 38.85 -70.55
C ASP I 533 -47.08 38.12 -69.38
N ILE I 534 -48.40 37.94 -69.46
CA ILE I 534 -49.14 37.42 -68.31
C ILE I 534 -48.79 35.95 -68.06
N ARG I 535 -48.79 35.13 -69.11
CA ARG I 535 -48.52 33.71 -68.94
C ARG I 535 -47.08 33.45 -68.50
N ARG I 536 -46.14 34.25 -69.00
CA ARG I 536 -44.76 34.15 -68.53
C ARG I 536 -44.67 34.44 -67.03
N ALA I 537 -45.35 35.50 -66.58
CA ALA I 537 -45.34 35.83 -65.16
C ALA I 537 -45.98 34.74 -64.33
N ILE I 538 -47.08 34.15 -64.82
CA ILE I 538 -47.72 33.06 -64.10
C ILE I 538 -46.80 31.87 -64.01
N GLN I 539 -46.09 31.55 -65.10
CA GLN I 539 -45.14 30.45 -65.08
C GLN I 539 -44.06 30.71 -64.04
N ILE I 540 -43.50 31.93 -64.01
CA ILE I 540 -42.44 32.25 -63.08
C ILE I 540 -42.93 32.15 -61.65
N LEU I 541 -44.14 32.66 -61.38
CA LEU I 541 -44.68 32.61 -60.03
C LEU I 541 -44.90 31.17 -59.57
N ASN I 542 -45.45 30.32 -60.46
CA ASN I 542 -45.65 28.92 -60.10
C ASN I 542 -44.31 28.23 -59.83
N GLU I 543 -43.32 28.50 -60.67
CA GLU I 543 -41.99 27.89 -60.48
C GLU I 543 -41.40 28.31 -59.14
N GLY I 544 -41.44 29.61 -58.83
CA GLY I 544 -40.90 30.07 -57.57
C GLY I 544 -41.66 29.54 -56.37
N ALA I 545 -42.98 29.38 -56.51
CA ALA I 545 -43.76 28.75 -55.46
C ALA I 545 -43.33 27.32 -55.23
N SER I 546 -43.05 26.59 -56.32
CA SER I 546 -42.55 25.23 -56.19
C SER I 546 -41.11 25.20 -55.68
N SER I 547 -40.45 26.34 -55.58
CA SER I 547 -39.08 26.40 -55.11
C SER I 547 -38.94 27.35 -53.93
N LEU I 552 -46.77 29.03 -48.54
CA LEU I 552 -47.99 28.73 -49.29
C LEU I 552 -48.68 30.03 -49.71
N ASN I 553 -47.87 31.08 -49.87
CA ASN I 553 -48.40 32.37 -50.28
C ASN I 553 -48.11 32.69 -51.73
N LEU I 554 -47.05 32.10 -52.30
CA LEU I 554 -46.67 32.40 -53.67
C LEU I 554 -47.68 31.84 -54.67
N ASN I 555 -48.13 30.61 -54.47
CA ASN I 555 -49.18 30.08 -55.32
C ASN I 555 -50.49 30.84 -55.13
N VAL I 556 -50.75 31.30 -53.90
CA VAL I 556 -51.96 32.07 -53.64
C VAL I 556 -51.93 33.38 -54.43
N VAL I 557 -50.82 34.10 -54.35
CA VAL I 557 -50.68 35.34 -55.12
C VAL I 557 -50.67 35.05 -56.61
N ALA I 558 -50.13 33.89 -57.01
CA ALA I 558 -50.08 33.55 -58.44
C ALA I 558 -51.46 33.30 -59.02
N MET I 559 -52.25 32.44 -58.38
CA MET I 559 -53.60 32.19 -58.89
C MET I 559 -54.51 33.39 -58.64
N ALA I 560 -54.13 34.27 -57.71
CA ALA I 560 -54.86 35.53 -57.57
C ALA I 560 -54.57 36.46 -58.76
N LEU I 561 -53.30 36.63 -59.09
CA LEU I 561 -52.91 37.52 -60.19
C LEU I 561 -53.34 36.94 -61.53
N SER I 562 -53.54 35.63 -61.61
CA SER I 562 -54.18 35.05 -62.79
C SER I 562 -55.60 35.58 -62.94
N GLY I 563 -56.10 36.29 -61.93
CA GLY I 563 -57.31 37.07 -62.04
C GLY I 563 -57.04 38.44 -62.65
N TYR I 564 -57.56 38.66 -63.85
CA TYR I 564 -57.34 39.89 -64.60
C TYR I 564 -58.69 40.32 -65.16
N THR I 565 -59.26 41.39 -64.61
CA THR I 565 -60.58 41.88 -65.01
C THR I 565 -60.45 43.30 -65.54
N ASP I 566 -60.98 43.53 -66.74
CA ASP I 566 -61.00 44.85 -67.34
C ASP I 566 -62.30 45.60 -67.12
N GLU I 567 -63.31 44.93 -66.55
CA GLU I 567 -64.59 45.59 -66.28
C GLU I 567 -64.42 46.68 -65.23
N LYS I 568 -65.23 47.73 -65.35
CA LYS I 568 -65.09 48.87 -64.46
C LYS I 568 -65.33 48.48 -63.00
N ASN I 569 -66.46 47.84 -62.72
CA ASN I 569 -66.85 47.51 -61.36
C ASN I 569 -66.64 46.03 -61.03
N SER I 570 -65.72 45.39 -61.75
CA SER I 570 -65.44 43.99 -61.48
C SER I 570 -64.85 43.83 -60.09
N LEU I 571 -65.28 42.79 -59.38
CA LEU I 571 -64.84 42.59 -58.00
C LEU I 571 -63.32 42.46 -57.91
N TRP I 572 -62.71 41.96 -58.98
CA TRP I 572 -61.26 41.79 -58.96
C TRP I 572 -60.54 43.11 -58.74
N ARG I 573 -60.94 44.16 -59.44
CA ARG I 573 -60.18 45.40 -59.39
C ARG I 573 -60.25 46.06 -58.02
N GLU I 574 -61.46 46.24 -57.50
CA GLU I 574 -61.61 46.88 -56.21
C GLU I 574 -61.01 46.02 -55.10
N MET I 575 -61.17 44.70 -55.19
CA MET I 575 -60.60 43.83 -54.15
C MET I 575 -59.08 43.90 -54.14
N CYS I 576 -58.45 43.81 -55.32
CA CYS I 576 -57.00 43.84 -55.38
C CYS I 576 -56.47 45.20 -54.99
N SER I 577 -57.18 46.28 -55.33
CA SER I 577 -56.77 47.61 -54.89
C SER I 577 -56.81 47.71 -53.37
N THR I 578 -57.89 47.21 -52.76
CA THR I 578 -58.00 47.28 -51.31
C THR I 578 -56.92 46.46 -50.63
N LEU I 579 -56.70 45.24 -51.08
CA LEU I 579 -55.73 44.35 -50.45
C LEU I 579 -54.31 44.56 -50.93
N ARG I 580 -54.08 45.45 -51.89
CA ARG I 580 -52.72 45.78 -52.30
C ARG I 580 -51.93 46.33 -51.12
N LEU I 581 -52.56 47.20 -50.32
CA LEU I 581 -51.93 47.66 -49.10
C LEU I 581 -51.76 46.52 -48.10
N GLN I 582 -52.76 45.64 -47.99
CA GLN I 582 -52.73 44.59 -46.98
C GLN I 582 -51.56 43.63 -47.17
N LEU I 583 -51.26 43.26 -48.40
CA LEU I 583 -50.17 42.32 -48.66
C LEU I 583 -48.85 42.85 -48.12
N ASN I 584 -47.87 41.95 -47.98
CA ASN I 584 -46.60 42.28 -47.38
C ASN I 584 -45.42 42.26 -48.35
N ASN I 585 -45.61 41.74 -49.55
CA ASN I 585 -44.53 41.75 -50.54
C ASN I 585 -44.50 43.08 -51.28
N PRO I 586 -43.40 43.84 -51.21
CA PRO I 586 -43.38 45.17 -51.82
C PRO I 586 -43.57 45.15 -53.32
N TYR I 587 -42.72 44.40 -54.03
CA TYR I 587 -42.79 44.37 -55.49
C TYR I 587 -44.10 43.75 -55.96
N LEU I 588 -44.59 42.73 -55.27
CA LEU I 588 -45.87 42.12 -55.64
C LEU I 588 -47.00 43.14 -55.51
N CYS I 589 -46.98 43.92 -54.43
CA CYS I 589 -47.96 44.99 -54.28
C CYS I 589 -47.83 46.00 -55.41
N VAL I 590 -46.60 46.32 -55.81
CA VAL I 590 -46.39 47.26 -56.90
C VAL I 590 -47.00 46.73 -58.19
N MET I 591 -46.78 45.44 -58.47
CA MET I 591 -47.34 44.85 -59.68
C MET I 591 -48.87 44.87 -59.64
N PHE I 592 -49.44 44.53 -58.49
CA PHE I 592 -50.89 44.56 -58.36
C PHE I 592 -51.44 45.95 -58.60
N ALA I 593 -50.77 46.97 -58.03
CA ALA I 593 -51.22 48.35 -58.22
C ALA I 593 -51.10 48.76 -59.68
N PHE I 594 -50.01 48.37 -60.34
CA PHE I 594 -49.84 48.69 -61.75
C PHE I 594 -50.96 48.08 -62.58
N LEU I 595 -51.34 46.84 -62.26
CA LEU I 595 -52.49 46.24 -62.95
C LEU I 595 -53.78 46.99 -62.62
N THR I 596 -53.90 47.49 -61.39
CA THR I 596 -55.12 48.16 -60.94
C THR I 596 -55.22 49.60 -61.40
N SER I 597 -54.13 50.20 -61.85
CA SER I 597 -54.12 51.63 -62.15
C SER I 597 -54.94 51.94 -63.39
N GLU I 598 -55.66 53.06 -63.34
CA GLU I 598 -56.38 53.54 -64.50
C GLU I 598 -55.40 53.94 -65.60
N THR I 599 -55.82 53.73 -66.85
CA THR I 599 -54.94 53.98 -67.98
C THR I 599 -54.48 55.43 -67.98
N GLY I 600 -53.18 55.62 -68.14
CA GLY I 600 -52.58 56.94 -68.12
C GLY I 600 -52.25 57.47 -66.74
N SER I 601 -52.52 56.72 -65.68
CA SER I 601 -52.27 57.16 -64.31
C SER I 601 -51.57 56.04 -63.56
N TYR I 602 -50.24 56.09 -63.51
CA TYR I 602 -49.43 55.01 -62.96
C TYR I 602 -48.64 55.45 -61.73
N ASP I 603 -49.03 56.58 -61.12
CA ASP I 603 -48.25 57.13 -60.02
C ASP I 603 -48.25 56.22 -58.80
N GLY I 604 -49.14 55.23 -58.74
CA GLY I 604 -49.12 54.30 -57.62
C GLY I 604 -47.80 53.54 -57.54
N VAL I 605 -47.22 53.23 -58.70
CA VAL I 605 -45.90 52.61 -58.73
C VAL I 605 -44.79 53.65 -58.87
N LEU I 606 -45.08 54.79 -59.50
CA LEU I 606 -44.05 55.78 -59.78
C LEU I 606 -43.50 56.40 -58.51
N TYR I 607 -44.30 56.47 -57.44
CA TYR I 607 -43.89 57.10 -56.20
C TYR I 607 -43.72 56.10 -55.05
N GLU I 608 -43.44 54.84 -55.37
CA GLU I 608 -43.24 53.81 -54.35
C GLU I 608 -41.75 53.71 -54.03
N ASN I 609 -41.37 54.24 -52.86
CA ASN I 609 -39.96 54.24 -52.46
C ASN I 609 -39.49 52.91 -51.91
N LYS I 610 -40.39 51.95 -51.73
CA LYS I 610 -40.00 50.63 -51.24
C LYS I 610 -39.29 49.79 -52.30
N VAL I 611 -39.41 50.13 -53.57
CA VAL I 611 -38.77 49.40 -54.64
C VAL I 611 -37.55 50.17 -55.12
N ALA I 612 -36.72 49.52 -55.92
CA ALA I 612 -35.48 50.13 -56.38
C ALA I 612 -35.77 51.27 -57.36
N VAL I 613 -34.84 52.21 -57.41
CA VAL I 613 -35.00 53.36 -58.31
C VAL I 613 -34.83 52.94 -59.76
N ARG I 614 -33.88 52.04 -60.03
CA ARG I 614 -33.57 51.68 -61.41
C ARG I 614 -34.77 51.05 -62.10
N ASP I 615 -35.45 50.13 -61.41
CA ASP I 615 -36.63 49.49 -61.99
C ASP I 615 -37.75 50.50 -62.21
N ARG I 616 -37.91 51.44 -61.27
CA ARG I 616 -38.92 52.48 -61.46
C ARG I 616 -38.62 53.32 -62.71
N VAL I 617 -37.35 53.69 -62.89
CA VAL I 617 -36.98 54.50 -64.05
C VAL I 617 -37.19 53.70 -65.33
N ALA I 618 -36.87 52.40 -65.30
CA ALA I 618 -37.08 51.56 -66.48
C ALA I 618 -38.56 51.47 -66.84
N PHE I 619 -39.42 51.25 -65.84
CA PHE I 619 -40.85 51.20 -66.11
C PHE I 619 -41.35 52.53 -66.66
N ALA I 620 -40.88 53.64 -66.07
CA ALA I 620 -41.29 54.95 -66.55
C ALA I 620 -40.90 55.15 -68.00
N CYS I 621 -39.67 54.78 -68.35
CA CYS I 621 -39.22 54.93 -69.73
C CYS I 621 -40.03 54.04 -70.67
N LYS I 622 -40.37 52.83 -70.22
CA LYS I 622 -41.13 51.93 -71.08
C LYS I 622 -42.61 52.27 -71.14
N PHE I 623 -43.10 53.20 -70.30
CA PHE I 623 -44.52 53.53 -70.32
C PHE I 623 -44.84 55.01 -70.42
N LEU I 624 -44.06 55.88 -69.78
CA LEU I 624 -44.53 57.24 -69.53
C LEU I 624 -44.44 58.11 -70.78
N SER I 625 -45.16 59.24 -70.72
CA SER I 625 -45.24 60.21 -71.81
C SER I 625 -44.13 61.25 -71.67
N ASP I 626 -43.70 61.79 -72.83
CA ASP I 626 -42.46 62.57 -72.89
C ASP I 626 -42.47 63.74 -71.92
N THR I 627 -43.50 64.58 -71.97
CA THR I 627 -43.60 65.67 -71.00
C THR I 627 -43.76 65.11 -69.60
N GLN I 628 -44.59 64.08 -69.44
CA GLN I 628 -44.76 63.44 -68.15
C GLN I 628 -43.46 62.82 -67.67
N LEU I 629 -42.72 62.18 -68.57
CA LEU I 629 -41.44 61.60 -68.20
C LEU I 629 -40.46 62.67 -67.74
N ASN I 630 -40.40 63.80 -68.45
CA ASN I 630 -39.49 64.86 -68.05
C ASN I 630 -39.87 65.45 -66.69
N ARG I 631 -41.16 65.66 -66.45
CA ARG I 631 -41.59 66.17 -65.16
C ARG I 631 -41.25 65.20 -64.04
N TYR I 632 -41.52 63.91 -64.25
CA TYR I 632 -41.20 62.90 -63.25
C TYR I 632 -39.70 62.86 -62.99
N ILE I 633 -38.90 62.95 -64.04
CA ILE I 633 -37.44 62.87 -63.89
C ILE I 633 -36.95 64.06 -63.08
N GLU I 634 -37.48 65.26 -63.36
CA GLU I 634 -37.07 66.43 -62.59
C GLU I 634 -37.42 66.27 -61.13
N LYS I 635 -38.65 65.82 -60.83
CA LYS I 635 -39.06 65.68 -59.43
C LYS I 635 -38.20 64.64 -58.71
N LEU I 636 -37.97 63.49 -59.35
CA LEU I 636 -37.20 62.43 -58.72
C LEU I 636 -35.74 62.82 -58.53
N THR I 637 -35.15 63.49 -59.51
CA THR I 637 -33.77 63.94 -59.37
C THR I 637 -33.65 64.95 -58.24
N ASN I 638 -34.61 65.87 -58.12
CA ASN I 638 -34.57 66.81 -57.01
C ASN I 638 -34.68 66.09 -55.67
N GLU I 639 -35.57 65.10 -55.59
CA GLU I 639 -35.73 64.36 -54.34
C GLU I 639 -34.45 63.63 -53.98
N MET I 640 -33.82 62.97 -54.94
CA MET I 640 -32.60 62.22 -54.66
C MET I 640 -31.45 63.16 -54.28
N LYS I 641 -31.35 64.31 -54.96
CA LYS I 641 -30.30 65.26 -54.62
C LYS I 641 -30.47 65.80 -53.21
N GLU I 642 -31.70 66.13 -52.83
CA GLU I 642 -31.94 66.60 -51.47
C GLU I 642 -31.64 65.51 -50.46
N ALA I 643 -32.03 64.26 -50.76
CA ALA I 643 -31.86 63.18 -49.80
C ALA I 643 -30.40 62.77 -49.67
N GLY I 644 -29.65 62.78 -50.76
CA GLY I 644 -28.27 62.33 -50.74
C GLY I 644 -28.08 60.85 -50.96
N ASN I 645 -29.12 60.12 -51.34
CA ASN I 645 -28.97 58.70 -51.58
C ASN I 645 -28.23 58.46 -52.89
N LEU I 646 -27.18 57.65 -52.81
CA LEU I 646 -26.29 57.46 -53.96
C LEU I 646 -26.99 56.80 -55.13
N GLU I 647 -28.15 56.17 -54.91
CA GLU I 647 -28.87 55.54 -56.00
C GLU I 647 -29.28 56.54 -57.08
N GLY I 648 -29.31 57.82 -56.75
CA GLY I 648 -29.65 58.86 -57.70
C GLY I 648 -28.54 59.30 -58.61
N ILE I 649 -27.35 58.71 -58.48
CA ILE I 649 -26.25 59.05 -59.38
C ILE I 649 -26.61 58.69 -60.81
N LEU I 650 -27.32 57.57 -60.99
CA LEU I 650 -27.74 57.17 -62.33
C LEU I 650 -28.61 58.23 -62.98
N LEU I 651 -29.56 58.79 -62.23
CA LEU I 651 -30.44 59.80 -62.80
C LEU I 651 -29.74 61.15 -62.92
N THR I 652 -28.76 61.43 -62.07
CA THR I 652 -28.15 62.76 -62.03
C THR I 652 -27.01 62.92 -63.02
N GLY I 653 -26.12 61.93 -63.08
CA GLY I 653 -24.97 62.02 -63.94
C GLY I 653 -23.82 62.76 -63.29
N LEU I 654 -22.64 62.64 -63.91
CA LEU I 654 -21.43 63.30 -63.43
C LEU I 654 -21.40 64.72 -63.97
N THR I 655 -22.05 65.63 -63.28
CA THR I 655 -22.05 67.04 -63.61
C THR I 655 -22.15 67.82 -62.31
N LYS I 656 -22.50 69.11 -62.42
CA LYS I 656 -22.71 69.90 -61.21
C LYS I 656 -23.78 69.28 -60.32
N ASP I 657 -24.77 68.62 -60.93
CA ASP I 657 -25.77 67.90 -60.17
C ASP I 657 -25.14 66.77 -59.37
N GLY I 658 -24.21 66.04 -59.98
CA GLY I 658 -23.50 65.00 -59.25
C GLY I 658 -22.67 65.54 -58.11
N VAL I 659 -22.05 66.70 -58.32
CA VAL I 659 -21.28 67.33 -57.25
C VAL I 659 -22.18 67.69 -56.08
N ASP I 660 -23.36 68.24 -56.38
CA ASP I 660 -24.30 68.58 -55.31
C ASP I 660 -24.79 67.33 -54.59
N LEU I 661 -25.10 66.27 -55.33
CA LEU I 661 -25.56 65.04 -54.70
C LEU I 661 -24.49 64.47 -53.77
N MET I 662 -23.24 64.45 -54.22
CA MET I 662 -22.21 63.87 -53.38
C MET I 662 -21.86 64.79 -52.22
N GLU I 663 -22.05 66.10 -52.38
CA GLU I 663 -21.94 66.98 -51.22
C GLU I 663 -22.97 66.60 -50.17
N SER I 664 -24.19 66.32 -50.61
CA SER I 664 -25.22 65.85 -49.69
C SER I 664 -24.80 64.53 -49.03
N TYR I 665 -24.27 63.60 -49.80
CA TYR I 665 -23.93 62.30 -49.23
C TYR I 665 -22.80 62.41 -48.22
N VAL I 666 -21.78 63.20 -48.53
CA VAL I 666 -20.69 63.41 -47.60
C VAL I 666 -21.20 64.11 -46.36
N ASP I 667 -22.16 65.01 -46.51
CA ASP I 667 -22.79 65.63 -45.36
C ASP I 667 -23.47 64.58 -44.50
N ARG I 668 -24.07 63.58 -45.14
CA ARG I 668 -24.80 62.55 -44.41
C ARG I 668 -23.86 61.61 -43.67
N THR I 669 -22.78 61.20 -44.32
CA THR I 669 -21.93 60.15 -43.79
C THR I 669 -20.51 60.58 -43.46
N GLY I 670 -19.94 61.51 -44.21
CA GLY I 670 -18.55 61.85 -44.01
C GLY I 670 -17.57 60.97 -44.75
N ASP I 671 -18.05 60.10 -45.64
CA ASP I 671 -17.19 59.20 -46.39
C ASP I 671 -16.57 59.98 -47.55
N VAL I 672 -15.26 60.17 -47.51
CA VAL I 672 -14.55 60.94 -48.53
C VAL I 672 -13.86 59.98 -49.48
N GLN I 673 -13.72 58.72 -49.08
CA GLN I 673 -13.13 57.72 -49.96
C GLN I 673 -14.01 57.48 -51.17
N THR I 674 -15.29 57.25 -50.93
CA THR I 674 -16.21 56.93 -52.03
C THR I 674 -16.29 58.07 -53.02
N ALA I 675 -16.40 59.30 -52.52
CA ALA I 675 -16.47 60.45 -53.42
C ALA I 675 -15.19 60.58 -54.24
N SER I 676 -14.04 60.45 -53.59
CA SER I 676 -12.77 60.62 -54.28
C SER I 676 -12.62 59.61 -55.41
N TYR I 677 -13.01 58.36 -55.15
CA TYR I 677 -12.86 57.36 -56.20
C TYR I 677 -13.93 57.50 -57.27
N CYS I 678 -15.14 57.93 -56.90
CA CYS I 678 -16.23 57.97 -57.87
C CYS I 678 -16.06 59.13 -58.83
N MET I 679 -15.67 60.31 -58.33
CA MET I 679 -15.47 61.44 -59.22
C MET I 679 -14.31 61.22 -60.17
N LEU I 680 -13.41 60.31 -59.85
CA LEU I 680 -12.26 60.05 -60.70
C LEU I 680 -12.52 58.99 -61.77
N GLN I 681 -13.68 58.32 -61.72
CA GLN I 681 -14.00 57.27 -62.69
C GLN I 681 -14.36 57.91 -64.03
N GLY I 682 -13.36 58.55 -64.63
CA GLY I 682 -13.51 59.11 -65.97
C GLY I 682 -14.48 60.27 -66.07
N SER I 683 -14.41 61.21 -65.14
CA SER I 683 -15.27 62.38 -65.19
C SER I 683 -14.78 63.36 -66.24
N PRO I 684 -15.68 64.22 -66.74
CA PRO I 684 -15.24 65.30 -67.64
C PRO I 684 -14.25 66.22 -66.95
N LEU I 685 -13.40 66.85 -67.77
CA LEU I 685 -12.35 67.71 -67.24
C LEU I 685 -12.92 68.85 -66.41
N ASP I 686 -14.10 69.35 -66.79
CA ASP I 686 -14.73 70.42 -66.02
C ASP I 686 -15.11 69.95 -64.62
N VAL I 687 -15.61 68.71 -64.51
CA VAL I 687 -16.05 68.20 -63.22
C VAL I 687 -14.88 68.10 -62.25
N LEU I 688 -13.73 67.61 -62.71
CA LEU I 688 -12.59 67.42 -61.84
C LEU I 688 -11.98 68.74 -61.39
N LYS I 689 -12.36 69.87 -61.99
CA LYS I 689 -11.81 71.15 -61.62
C LYS I 689 -12.64 71.89 -60.58
N ASP I 690 -13.75 71.31 -60.12
CA ASP I 690 -14.52 71.94 -59.06
C ASP I 690 -13.73 71.93 -57.75
N GLU I 691 -13.95 72.93 -56.92
CA GLU I 691 -13.15 73.06 -55.70
C GLU I 691 -13.40 71.92 -54.74
N ARG I 692 -14.65 71.47 -54.62
CA ARG I 692 -15.00 70.51 -53.58
C ARG I 692 -14.41 69.13 -53.87
N VAL I 693 -14.36 68.75 -55.16
CA VAL I 693 -13.77 67.46 -55.51
C VAL I 693 -12.30 67.43 -55.11
N GLN I 694 -11.56 68.47 -55.47
CA GLN I 694 -10.16 68.55 -55.09
C GLN I 694 -10.01 68.58 -53.57
N TYR I 695 -10.93 69.26 -52.90
CA TYR I 695 -10.84 69.37 -51.46
C TYR I 695 -11.00 68.03 -50.76
N TRP I 696 -12.00 67.24 -51.15
CA TRP I 696 -12.09 65.98 -50.43
C TRP I 696 -11.12 64.93 -50.93
N ILE I 697 -10.56 65.09 -52.14
CA ILE I 697 -9.40 64.28 -52.50
C ILE I 697 -8.24 64.57 -51.55
N GLU I 698 -7.96 65.86 -51.31
CA GLU I 698 -6.90 66.22 -50.39
C GLU I 698 -7.19 65.74 -48.98
N ASN I 699 -8.45 65.76 -48.56
CA ASN I 699 -8.79 65.27 -47.23
C ASN I 699 -8.53 63.77 -47.11
N TYR I 700 -8.87 63.00 -48.14
CA TYR I 700 -8.58 61.58 -48.10
C TYR I 700 -7.08 61.34 -48.03
N ARG I 701 -6.30 62.14 -48.75
CA ARG I 701 -4.85 61.99 -48.70
C ARG I 701 -4.30 62.31 -47.32
N ASN I 702 -4.81 63.37 -46.67
CA ASN I 702 -4.35 63.70 -45.34
C ASN I 702 -4.72 62.61 -44.34
N LEU I 703 -5.92 62.03 -44.49
CA LEU I 703 -6.31 60.92 -43.64
C LEU I 703 -5.36 59.75 -43.80
N LEU I 704 -5.02 59.42 -45.05
CA LEU I 704 -4.07 58.33 -45.27
C LEU I 704 -2.71 58.66 -44.66
N ASP I 705 -2.32 59.93 -44.73
CA ASP I 705 -1.02 60.33 -44.16
C ASP I 705 -1.02 60.20 -42.65
N ALA I 706 -2.17 60.41 -42.01
CA ALA I 706 -2.26 60.23 -40.56
C ALA I 706 -2.10 58.77 -40.16
N TRP I 707 -2.75 57.86 -40.90
CA TRP I 707 -2.66 56.43 -40.63
C TRP I 707 -1.35 55.82 -41.08
N ARG I 708 -0.50 56.60 -41.77
CA ARG I 708 0.80 56.17 -42.24
C ARG I 708 0.70 55.07 -43.29
N PHE I 709 -0.36 55.05 -44.08
CA PHE I 709 -0.47 54.12 -45.20
C PHE I 709 0.18 54.74 -46.44
N TRP I 710 1.50 54.90 -46.34
CA TRP I 710 2.21 55.74 -47.29
C TRP I 710 2.29 55.10 -48.67
N HIS I 711 2.47 53.78 -48.73
CA HIS I 711 2.53 53.12 -50.03
C HIS I 711 1.15 53.08 -50.69
N LYS I 712 0.09 52.99 -49.87
CA LYS I 712 -1.25 53.06 -50.42
C LYS I 712 -1.52 54.41 -51.06
N ARG I 713 -1.10 55.49 -50.40
CA ARG I 713 -1.30 56.80 -50.99
C ARG I 713 -0.39 57.01 -52.18
N ALA I 714 0.78 56.35 -52.20
CA ALA I 714 1.62 56.39 -53.39
C ALA I 714 0.90 55.76 -54.58
N GLU I 715 0.27 54.61 -54.35
CA GLU I 715 -0.51 53.99 -55.41
C GLU I 715 -1.66 54.88 -55.85
N PHE I 716 -2.34 55.51 -54.88
CA PHE I 716 -3.42 56.43 -55.21
C PHE I 716 -2.93 57.61 -56.03
N ASP I 717 -1.74 58.11 -55.71
CA ASP I 717 -1.15 59.22 -56.46
C ASP I 717 -0.83 58.81 -57.89
N ILE I 718 -0.30 57.59 -58.07
CA ILE I 718 -0.07 57.10 -59.43
C ILE I 718 -1.38 57.03 -60.19
N HIS I 719 -2.42 56.49 -59.56
CA HIS I 719 -3.73 56.37 -60.18
C HIS I 719 -4.28 57.75 -60.60
N ARG I 720 -4.31 58.68 -59.65
CA ARG I 720 -4.89 59.99 -59.94
C ARG I 720 -4.06 60.75 -60.97
N SER I 721 -2.74 60.69 -60.87
CA SER I 721 -1.91 61.34 -61.87
C SER I 721 -2.16 60.75 -63.26
N LYS I 722 -2.46 59.45 -63.33
CA LYS I 722 -2.88 58.89 -64.60
C LYS I 722 -4.21 59.46 -65.06
N LEU I 723 -5.13 59.70 -64.13
CA LEU I 723 -6.48 60.09 -64.51
C LEU I 723 -6.76 61.59 -64.44
N ASP I 724 -5.95 62.37 -63.74
CA ASP I 724 -6.29 63.78 -63.54
C ASP I 724 -5.17 64.67 -64.07
N PRO I 725 -5.16 65.01 -65.36
CA PRO I 725 -4.11 65.87 -65.91
C PRO I 725 -3.95 67.20 -65.18
N SER I 726 -5.07 67.81 -64.78
CA SER I 726 -5.00 69.13 -64.14
C SER I 726 -4.22 69.08 -62.84
N SER I 727 -4.13 67.91 -62.21
CA SER I 727 -3.35 67.77 -60.99
C SER I 727 -1.86 67.84 -61.30
N LYS I 728 -1.14 68.61 -60.49
CA LYS I 728 0.31 68.72 -60.66
C LYS I 728 1.01 68.06 -59.47
N PRO I 729 2.08 67.31 -59.71
CA PRO I 729 2.76 66.63 -58.61
C PRO I 729 3.48 67.61 -57.70
N LEU I 730 4.15 67.05 -56.69
CA LEU I 730 4.82 67.87 -55.70
C LEU I 730 6.00 68.60 -56.32
N ALA I 731 6.36 69.74 -55.72
CA ALA I 731 7.46 70.57 -56.19
C ALA I 731 8.61 70.51 -55.19
N GLN I 732 9.69 69.83 -55.56
CA GLN I 732 10.85 69.67 -54.72
C GLN I 732 12.07 70.30 -55.39
N VAL I 733 13.18 70.34 -54.65
CA VAL I 733 14.36 71.06 -55.10
C VAL I 733 15.02 70.35 -56.27
N PHE I 734 15.94 71.06 -56.91
CA PHE I 734 16.75 70.49 -57.98
C PHE I 734 18.18 71.02 -57.82
N VAL I 735 19.09 70.44 -58.60
CA VAL I 735 20.50 70.74 -58.51
C VAL I 735 20.92 71.58 -59.71
N SER I 736 21.74 72.59 -59.46
CA SER I 736 22.18 73.53 -60.48
C SER I 736 23.69 73.51 -60.60
N CYS I 737 24.18 73.59 -61.84
CA CYS I 737 25.62 73.63 -62.08
C CYS I 737 26.22 74.89 -61.51
N ASN I 738 27.48 74.78 -61.05
CA ASN I 738 28.15 75.90 -60.42
C ASN I 738 28.74 76.88 -61.42
N PHE I 739 28.57 76.63 -62.73
CA PHE I 739 29.08 77.53 -63.76
C PHE I 739 27.97 78.16 -64.59
N CYS I 740 27.11 77.35 -65.20
CA CYS I 740 26.04 77.93 -66.03
C CYS I 740 24.85 78.37 -65.20
N GLY I 741 24.59 77.71 -64.07
CA GLY I 741 23.52 78.11 -63.19
C GLY I 741 22.16 77.52 -63.49
N LYS I 742 22.03 76.74 -64.57
CA LYS I 742 20.76 76.16 -64.95
C LYS I 742 20.57 74.79 -64.30
N SER I 743 19.39 74.23 -64.50
CA SER I 743 19.10 72.88 -64.04
C SER I 743 19.81 71.86 -64.92
N ILE I 744 20.18 70.72 -64.32
CA ILE I 744 20.82 69.65 -65.06
C ILE I 744 19.89 68.46 -65.23
N SER I 745 18.58 68.68 -65.23
CA SER I 745 17.63 67.60 -65.45
C SER I 745 17.55 67.24 -66.92
N LYS I 771 27.75 62.33 -74.06
CA LYS I 771 28.34 62.33 -72.72
C LYS I 771 27.25 62.14 -71.66
N VAL I 772 27.66 61.68 -70.48
CA VAL I 772 26.74 61.45 -69.38
C VAL I 772 27.14 62.30 -68.18
N THR I 773 28.43 62.58 -68.06
CA THR I 773 28.96 63.31 -66.91
C THR I 773 29.17 64.79 -67.19
N SER I 774 28.83 65.29 -68.38
CA SER I 774 28.98 66.69 -68.70
C SER I 774 27.67 67.42 -68.45
N CYS I 775 27.77 68.67 -68.00
CA CYS I 775 26.57 69.48 -67.83
C CYS I 775 25.89 69.66 -69.20
N PRO I 776 24.57 69.55 -69.27
CA PRO I 776 23.91 69.71 -70.57
C PRO I 776 23.83 71.15 -71.04
N GLY I 777 24.02 72.13 -70.16
CA GLY I 777 23.88 73.51 -70.56
C GLY I 777 25.13 74.05 -71.23
N CYS I 778 26.22 74.06 -70.47
CA CYS I 778 27.47 74.59 -70.98
C CYS I 778 28.53 73.51 -71.17
N ARG I 779 28.25 72.24 -70.89
CA ARG I 779 29.31 71.25 -71.09
C ARG I 779 30.54 71.54 -70.19
N LYS I 780 30.34 71.36 -68.86
CA LYS I 780 31.30 71.60 -67.79
C LYS I 780 31.35 70.39 -66.83
N PRO I 781 32.38 70.30 -65.98
CA PRO I 781 32.47 69.13 -65.07
C PRO I 781 31.40 69.16 -63.98
N LEU I 782 30.66 68.07 -63.87
CA LEU I 782 29.68 67.90 -62.79
C LEU I 782 30.39 67.62 -61.47
N PRO I 783 29.72 67.84 -60.34
CA PRO I 783 30.35 67.56 -59.05
C PRO I 783 30.72 66.09 -58.91
N ARG I 784 31.79 65.84 -58.15
CA ARG I 784 32.33 64.49 -58.03
C ARG I 784 31.94 63.84 -56.71
N CYS I 785 31.80 62.51 -56.75
CA CYS I 785 31.46 61.74 -55.57
C CYS I 785 32.56 61.85 -54.52
N ALA I 786 32.16 62.06 -53.27
CA ALA I 786 33.14 62.19 -52.20
C ALA I 786 33.94 60.90 -52.01
N LEU I 787 33.26 59.75 -52.06
CA LEU I 787 33.92 58.48 -51.82
C LEU I 787 34.62 57.95 -53.06
N CYS I 788 33.96 57.99 -54.22
CA CYS I 788 34.56 57.41 -55.41
C CYS I 788 35.64 58.27 -56.02
N LEU I 789 35.65 59.58 -55.74
CA LEU I 789 36.50 60.54 -56.42
C LEU I 789 36.36 60.42 -57.93
N ILE I 790 35.14 60.12 -58.39
CA ILE I 790 34.79 60.07 -59.80
C ILE I 790 33.50 60.85 -59.98
N ASN I 791 33.31 61.36 -61.19
CA ASN I 791 32.15 62.19 -61.48
C ASN I 791 30.87 61.36 -61.49
N MET I 792 29.74 62.04 -61.31
CA MET I 792 28.45 61.38 -61.20
C MET I 792 27.41 62.05 -62.09
N GLY I 793 26.62 61.21 -62.74
CA GLY I 793 25.56 61.66 -63.62
C GLY I 793 24.79 60.47 -64.12
N THR I 794 23.60 60.74 -64.65
CA THR I 794 22.70 59.69 -65.10
C THR I 794 22.24 59.95 -66.52
N PRO I 795 22.02 58.90 -67.30
CA PRO I 795 21.63 59.09 -68.70
C PRO I 795 20.16 59.46 -68.83
N VAL I 796 19.90 60.72 -69.19
CA VAL I 796 18.55 61.21 -69.34
C VAL I 796 18.10 61.04 -70.78
N LYS I 815 17.21 45.23 -68.89
CA LYS I 815 18.29 46.13 -68.51
C LYS I 815 17.73 47.42 -67.93
N LYS I 816 18.28 47.84 -66.79
CA LYS I 816 17.91 49.10 -66.17
C LYS I 816 18.88 50.18 -66.64
N LEU I 817 18.34 51.21 -67.29
CA LEU I 817 19.20 52.23 -67.89
C LEU I 817 19.99 52.99 -66.83
N ALA I 818 19.37 53.28 -65.69
CA ALA I 818 20.01 54.03 -64.61
C ALA I 818 19.69 53.34 -63.29
N GLN I 819 20.65 52.58 -62.77
CA GLN I 819 20.42 51.87 -61.51
C GLN I 819 20.35 52.85 -60.35
N PHE I 820 19.75 52.40 -59.25
CA PHE I 820 19.57 53.27 -58.10
C PHE I 820 20.89 53.63 -57.43
N ASN I 821 21.86 52.71 -57.48
CA ASN I 821 23.15 52.94 -56.82
C ASN I 821 23.97 54.03 -57.48
N ASN I 822 23.59 54.48 -58.69
CA ASN I 822 24.32 55.50 -59.40
C ASN I 822 23.59 56.84 -59.42
N TRP I 823 22.74 57.10 -58.42
CA TRP I 823 21.96 58.32 -58.39
C TRP I 823 22.69 59.43 -57.65
N PHE I 824 22.01 60.56 -57.51
CA PHE I 824 22.51 61.70 -56.75
C PHE I 824 22.12 61.55 -55.29
N THR I 825 22.92 62.15 -54.41
CA THR I 825 22.60 62.17 -52.99
C THR I 825 23.39 63.29 -52.33
N TRP I 826 22.74 63.99 -51.40
CA TRP I 826 23.39 65.09 -50.70
C TRP I 826 22.69 65.33 -49.38
N CYS I 827 23.46 65.82 -48.41
CA CYS I 827 22.90 66.19 -47.12
C CYS I 827 22.44 67.63 -47.17
N HIS I 828 21.25 67.89 -46.66
CA HIS I 828 20.70 69.24 -46.80
C HIS I 828 21.37 70.25 -45.89
N ASN I 829 22.23 69.81 -44.97
CA ASN I 829 22.99 70.72 -44.13
C ASN I 829 24.37 71.01 -44.71
N CYS I 830 25.20 69.98 -44.85
CA CYS I 830 26.54 70.15 -45.41
C CYS I 830 26.52 70.42 -46.90
N ARG I 831 25.56 69.87 -47.64
CA ARG I 831 25.49 69.96 -49.09
C ARG I 831 26.67 69.25 -49.76
N HIS I 832 27.24 68.26 -49.08
CA HIS I 832 28.26 67.39 -49.64
C HIS I 832 27.58 66.19 -50.29
N GLY I 833 28.34 65.16 -50.61
CA GLY I 833 27.74 63.89 -50.98
C GLY I 833 27.99 63.41 -52.39
N GLY I 834 27.80 62.12 -52.61
CA GLY I 834 28.06 61.50 -53.89
C GLY I 834 26.95 60.60 -54.38
N HIS I 835 27.29 59.35 -54.68
CA HIS I 835 26.32 58.40 -55.21
C HIS I 835 25.37 57.96 -54.12
N ALA I 836 24.53 56.98 -54.42
CA ALA I 836 23.65 56.39 -53.40
C ALA I 836 24.31 55.19 -52.75
N GLY I 837 24.83 54.27 -53.55
CA GLY I 837 25.37 53.03 -53.01
C GLY I 837 26.55 53.25 -52.10
N HIS I 838 27.52 54.06 -52.52
CA HIS I 838 28.70 54.27 -51.71
C HIS I 838 28.34 55.02 -50.43
N MET I 839 27.41 55.97 -50.52
CA MET I 839 27.01 56.71 -49.32
C MET I 839 26.31 55.80 -48.32
N LEU I 840 25.43 54.93 -48.79
CA LEU I 840 24.82 53.96 -47.88
C LEU I 840 25.86 53.03 -47.28
N SER I 841 26.81 52.57 -48.08
CA SER I 841 27.84 51.67 -47.57
C SER I 841 28.71 52.34 -46.53
N TRP I 842 28.96 53.64 -46.69
CA TRP I 842 29.78 54.35 -45.70
C TRP I 842 28.98 54.64 -44.43
N PHE I 843 27.71 54.95 -44.58
CA PHE I 843 26.92 55.27 -43.40
C PHE I 843 26.44 54.03 -42.66
N ARG I 844 26.57 52.84 -43.27
CA ARG I 844 26.28 51.61 -42.56
C ARG I 844 27.33 51.29 -41.50
N ASP I 845 28.55 51.79 -41.64
CA ASP I 845 29.63 51.50 -40.71
C ASP I 845 29.98 52.68 -39.81
N HIS I 846 30.18 53.87 -40.38
CA HIS I 846 30.59 55.03 -39.60
C HIS I 846 29.43 56.01 -39.47
N ALA I 847 29.72 57.19 -38.91
CA ALA I 847 28.68 58.14 -38.58
C ALA I 847 28.98 59.59 -38.94
N GLU I 848 30.23 59.95 -39.22
CA GLU I 848 30.57 61.32 -39.56
C GLU I 848 30.28 61.57 -41.04
N CYS I 849 30.76 62.70 -41.57
CA CYS I 849 30.64 63.17 -42.94
C CYS I 849 31.84 62.74 -43.76
N PRO I 850 31.62 62.16 -44.94
CA PRO I 850 32.76 61.61 -45.71
C PRO I 850 33.82 62.64 -46.07
N VAL I 851 33.44 63.91 -46.17
CA VAL I 851 34.40 64.93 -46.58
C VAL I 851 35.33 65.25 -45.41
N SER I 852 36.57 65.57 -45.75
CA SER I 852 37.55 65.94 -44.74
C SER I 852 37.20 67.27 -44.10
N ALA I 853 37.52 67.39 -42.81
CA ALA I 853 37.26 68.59 -42.01
C ALA I 853 35.77 68.94 -41.96
N CYS I 854 34.92 67.92 -41.85
CA CYS I 854 33.48 68.10 -41.69
C CYS I 854 33.07 67.48 -40.37
N THR I 855 32.13 68.12 -39.69
CA THR I 855 31.75 67.75 -38.33
C THR I 855 30.24 67.68 -38.18
N CYS I 856 29.57 66.99 -39.08
CA CYS I 856 28.13 66.78 -38.98
C CYS I 856 27.83 65.30 -39.16
N LYS I 857 26.78 64.83 -38.48
CA LYS I 857 26.32 63.45 -38.61
C LYS I 857 25.04 63.49 -39.44
N CYS I 858 25.20 63.23 -40.74
CA CYS I 858 24.09 63.42 -41.67
C CYS I 858 22.96 62.45 -41.41
N MET I 859 23.28 61.19 -41.15
CA MET I 859 22.24 60.18 -40.97
C MET I 859 21.46 60.42 -39.69
N GLN I 860 22.11 60.92 -38.65
CA GLN I 860 21.44 61.18 -37.37
C GLN I 860 20.52 62.39 -37.42
N LEU I 861 20.61 63.23 -38.44
CA LEU I 861 19.73 64.40 -38.54
C LEU I 861 18.28 64.02 -38.80
N ASP I 862 18.01 62.77 -39.13
CA ASP I 862 16.65 62.33 -39.44
C ASP I 862 16.31 61.07 -38.66
N LYS J 5 19.13 -37.20 -32.96
CA LYS J 5 20.18 -36.38 -32.35
C LYS J 5 19.59 -35.32 -31.44
N PRO J 6 19.46 -35.64 -30.15
CA PRO J 6 18.91 -34.67 -29.21
C PRO J 6 19.84 -33.48 -29.01
N ASP J 7 19.23 -32.33 -28.72
CA ASP J 7 19.98 -31.10 -28.50
C ASP J 7 19.18 -30.20 -27.58
N ILE J 8 19.87 -29.23 -26.98
CA ILE J 8 19.26 -28.27 -26.07
C ILE J 8 19.37 -26.89 -26.71
N LEU J 9 18.26 -26.17 -26.74
CA LEU J 9 18.21 -24.82 -27.31
C LEU J 9 17.95 -23.80 -26.21
N TRP J 10 18.59 -22.65 -26.33
CA TRP J 10 18.38 -21.53 -25.42
C TRP J 10 17.56 -20.45 -26.10
N ALA J 11 16.75 -19.76 -25.31
CA ALA J 11 15.90 -18.71 -25.85
C ALA J 11 16.75 -17.56 -26.38
N PRO J 12 16.40 -17.02 -27.55
CA PRO J 12 17.18 -15.89 -28.09
C PRO J 12 17.17 -14.66 -27.19
N HIS J 13 16.07 -14.42 -26.48
CA HIS J 13 15.96 -13.25 -25.61
C HIS J 13 16.14 -13.58 -24.14
N HIS J 14 16.06 -14.85 -23.75
CA HIS J 14 16.21 -15.27 -22.36
C HIS J 14 17.40 -16.21 -22.24
N VAL J 15 18.38 -15.82 -21.41
CA VAL J 15 19.56 -16.66 -21.19
C VAL J 15 19.34 -17.68 -20.08
N ASP J 16 18.21 -17.64 -19.40
CA ASP J 16 17.89 -18.59 -18.33
C ASP J 16 16.78 -19.55 -18.73
N ARG J 17 16.46 -19.64 -20.02
CA ARG J 17 15.43 -20.56 -20.50
C ARG J 17 16.09 -21.78 -21.11
N PHE J 18 15.82 -22.96 -20.54
CA PHE J 18 16.43 -24.21 -20.96
C PHE J 18 15.40 -25.08 -21.69
N VAL J 19 15.87 -25.76 -22.73
CA VAL J 19 15.01 -26.60 -23.55
C VAL J 19 15.68 -27.94 -23.80
N VAL J 20 14.87 -28.93 -24.18
CA VAL J 20 15.33 -30.28 -24.49
C VAL J 20 14.54 -30.78 -25.69
N CYS J 21 15.21 -31.52 -26.58
CA CYS J 21 14.60 -32.06 -27.79
C CYS J 21 14.72 -33.58 -27.77
N ASP J 22 13.61 -34.25 -27.48
CA ASP J 22 13.58 -35.71 -27.43
C ASP J 22 12.19 -36.16 -27.87
N SER J 23 11.83 -37.40 -27.51
CA SER J 23 10.54 -37.95 -27.94
C SER J 23 9.38 -37.10 -27.45
N GLU J 24 9.46 -36.60 -26.21
CA GLU J 24 8.50 -35.65 -25.68
C GLU J 24 9.26 -34.40 -25.25
N LEU J 25 9.03 -33.30 -25.97
CA LEU J 25 9.78 -32.08 -25.72
C LEU J 25 9.40 -31.45 -24.38
N SER J 26 10.39 -30.86 -23.72
CA SER J 26 10.18 -30.20 -22.44
C SER J 26 11.00 -28.92 -22.40
N LEU J 27 10.55 -27.97 -21.58
CA LEU J 27 11.21 -26.68 -21.42
C LEU J 27 11.33 -26.34 -19.94
N TYR J 28 12.44 -25.73 -19.56
CA TYR J 28 12.69 -25.35 -18.18
C TYR J 28 13.32 -23.95 -18.14
N HIS J 29 13.15 -23.27 -17.01
CA HIS J 29 13.70 -21.94 -16.79
C HIS J 29 14.71 -22.01 -15.66
N VAL J 30 15.88 -21.41 -15.89
CA VAL J 30 16.97 -21.49 -14.92
C VAL J 30 16.66 -20.59 -13.72
N GLU J 31 16.71 -21.17 -12.54
CA GLU J 31 16.51 -20.44 -11.29
C GLU J 31 17.67 -20.71 -10.35
N SER J 32 18.12 -19.66 -9.67
CA SER J 32 19.28 -19.77 -8.79
C SER J 32 18.98 -20.68 -7.60
N THR J 33 20.00 -21.41 -7.17
CA THR J 33 19.86 -22.33 -6.04
C THR J 33 20.97 -22.14 -5.02
N LEU J 43 14.99 -29.67 -11.08
CA LEU J 43 16.24 -30.43 -11.11
C LEU J 43 17.41 -29.59 -10.63
N ARG J 44 18.54 -30.25 -10.37
CA ARG J 44 19.74 -29.56 -9.88
C ARG J 44 20.72 -29.48 -11.04
N LEU J 45 20.59 -28.43 -11.84
CA LEU J 45 21.49 -28.24 -12.98
C LEU J 45 22.93 -28.00 -12.52
N SER J 46 23.11 -27.17 -11.49
CA SER J 46 24.43 -26.88 -10.95
C SER J 46 24.33 -26.79 -9.44
N GLU J 47 25.47 -26.55 -8.80
CA GLU J 47 25.48 -26.43 -7.34
C GLU J 47 24.65 -25.25 -6.88
N ASP J 48 24.77 -24.11 -7.57
CA ASP J 48 24.01 -22.92 -7.24
C ASP J 48 22.84 -22.69 -8.19
N SER J 49 22.47 -23.69 -8.99
CA SER J 49 21.41 -23.57 -9.96
C SER J 49 20.39 -24.68 -9.76
N ALA J 50 19.12 -24.33 -9.93
CA ALA J 50 18.02 -25.29 -9.87
C ALA J 50 17.19 -25.19 -11.14
N ALA J 51 16.81 -26.34 -11.68
CA ALA J 51 16.06 -26.42 -12.93
C ALA J 51 14.60 -26.74 -12.64
N THR J 52 13.70 -25.91 -13.17
CA THR J 52 12.26 -26.10 -13.00
C THR J 52 11.59 -26.08 -14.36
N LEU J 53 10.85 -27.13 -14.66
CA LEU J 53 10.18 -27.24 -15.95
C LEU J 53 9.01 -26.27 -16.04
N LEU J 54 8.77 -25.79 -17.27
CA LEU J 54 7.68 -24.86 -17.55
C LEU J 54 6.53 -25.53 -18.29
N SER J 55 6.81 -26.17 -19.42
CA SER J 55 5.78 -26.84 -20.20
C SER J 55 6.40 -27.98 -20.99
N ILE J 56 5.75 -29.14 -20.97
CA ILE J 56 6.21 -30.33 -21.66
C ILE J 56 5.09 -30.83 -22.56
N ASN J 57 5.34 -30.81 -23.88
CA ASN J 57 4.35 -31.25 -24.86
C ASN J 57 5.02 -32.15 -25.89
N SER J 58 4.26 -33.12 -26.39
CA SER J 58 4.72 -34.07 -27.40
C SER J 58 3.90 -33.95 -28.67
N ASP J 59 3.59 -32.71 -29.08
CA ASP J 59 2.77 -32.48 -30.25
C ASP J 59 3.43 -32.90 -31.55
N THR J 60 4.74 -33.11 -31.56
CA THR J 60 5.48 -33.52 -32.76
C THR J 60 6.38 -34.71 -32.43
N PRO J 61 5.80 -35.90 -32.34
CA PRO J 61 6.62 -37.09 -32.10
C PRO J 61 7.54 -37.39 -33.27
N TYR J 62 8.69 -37.98 -32.96
CA TYR J 62 9.69 -38.36 -33.96
C TYR J 62 10.12 -37.16 -34.80
N MET J 63 10.78 -36.21 -34.12
CA MET J 63 11.11 -34.94 -34.73
C MET J 63 12.06 -35.11 -35.91
N LYS J 64 11.94 -34.22 -36.89
CA LYS J 64 12.76 -34.24 -38.10
C LYS J 64 13.71 -33.07 -38.18
N CYS J 65 13.21 -31.84 -38.11
CA CYS J 65 14.04 -30.65 -38.21
C CYS J 65 13.62 -29.63 -37.15
N VAL J 66 14.61 -28.96 -36.58
CA VAL J 66 14.38 -27.97 -35.53
C VAL J 66 14.90 -26.62 -36.01
N ALA J 67 14.08 -25.58 -35.83
CA ALA J 67 14.45 -24.23 -36.21
C ALA J 67 13.89 -23.24 -35.21
N TRP J 68 14.48 -22.05 -35.18
CA TRP J 68 14.08 -21.00 -34.26
C TRP J 68 13.86 -19.70 -35.04
N TYR J 69 13.09 -18.80 -34.45
CA TYR J 69 12.72 -17.55 -35.09
C TYR J 69 13.50 -16.39 -34.46
N LEU J 70 13.98 -15.47 -35.31
CA LEU J 70 14.77 -14.35 -34.84
C LEU J 70 13.92 -13.30 -34.11
N ASN J 71 12.63 -13.22 -34.43
CA ASN J 71 11.79 -12.18 -33.87
C ASN J 71 11.58 -12.36 -32.38
N TYR J 72 11.58 -11.24 -31.64
CA TYR J 72 11.31 -11.29 -30.21
C TYR J 72 9.90 -11.81 -29.94
N ASP J 73 8.94 -11.38 -30.73
CA ASP J 73 7.57 -11.86 -30.63
C ASP J 73 7.23 -12.67 -31.87
N PRO J 74 6.49 -13.78 -31.74
CA PRO J 74 5.97 -14.36 -30.48
C PRO J 74 7.06 -15.08 -29.68
N GLU J 75 6.90 -15.16 -28.37
CA GLU J 75 7.89 -15.85 -27.55
C GLU J 75 7.75 -17.36 -27.69
N CYS J 76 8.78 -18.07 -27.23
CA CYS J 76 8.83 -19.53 -27.30
C CYS J 76 8.69 -20.02 -28.74
N LEU J 77 9.35 -19.33 -29.67
CA LEU J 77 9.21 -19.63 -31.09
C LEU J 77 10.28 -20.63 -31.50
N LEU J 78 9.93 -21.91 -31.48
CA LEU J 78 10.79 -22.98 -31.99
C LEU J 78 9.98 -23.81 -32.99
N ALA J 79 10.60 -24.14 -34.11
CA ALA J 79 9.92 -24.82 -35.21
C ALA J 79 10.11 -26.33 -35.10
N VAL J 80 9.05 -27.08 -35.38
CA VAL J 80 9.05 -28.53 -35.29
C VAL J 80 8.51 -29.11 -36.59
N GLY J 81 9.25 -30.04 -37.19
CA GLY J 81 8.85 -30.68 -38.43
C GLY J 81 8.71 -32.17 -38.25
N GLN J 82 7.88 -32.79 -39.09
CA GLN J 82 7.61 -34.22 -39.02
C GLN J 82 8.43 -34.98 -40.06
N ALA J 83 8.50 -36.29 -39.88
CA ALA J 83 9.26 -37.15 -40.78
C ALA J 83 8.66 -37.17 -42.19
N ASN J 84 7.38 -36.86 -42.32
CA ASN J 84 6.75 -36.78 -43.63
C ASN J 84 6.87 -35.39 -44.26
N GLY J 85 7.53 -34.46 -43.57
CA GLY J 85 7.64 -33.10 -44.04
C GLY J 85 6.56 -32.17 -43.55
N ARG J 86 5.71 -32.60 -42.64
CA ARG J 86 4.65 -31.76 -42.08
C ARG J 86 5.19 -31.02 -40.87
N VAL J 87 5.48 -29.74 -41.04
CA VAL J 87 6.07 -28.93 -39.99
C VAL J 87 4.97 -28.48 -39.04
N VAL J 88 5.31 -28.39 -37.76
CA VAL J 88 4.38 -27.92 -36.74
C VAL J 88 5.01 -26.70 -36.07
N LEU J 89 4.27 -25.59 -36.05
CA LEU J 89 4.75 -24.34 -35.46
C LEU J 89 3.99 -24.11 -34.15
N THR J 90 4.60 -24.54 -33.05
CA THR J 90 3.98 -24.46 -31.73
C THR J 90 4.78 -23.52 -30.82
N SER J 91 4.07 -22.87 -29.92
CA SER J 91 4.67 -21.97 -28.93
C SER J 91 4.53 -22.59 -27.55
N LEU J 92 5.66 -22.74 -26.86
CA LEU J 92 5.65 -23.36 -25.54
C LEU J 92 4.94 -22.51 -24.49
N GLY J 93 5.11 -21.19 -24.53
CA GLY J 93 4.49 -20.33 -23.55
C GLY J 93 2.97 -20.35 -23.65
N GLN J 94 2.33 -20.32 -22.48
CA GLN J 94 0.87 -20.31 -22.40
C GLN J 94 0.36 -18.93 -22.83
N ASP J 95 0.35 -18.72 -24.14
CA ASP J 95 0.02 -17.42 -24.73
C ASP J 95 -1.31 -17.54 -25.47
N HIS J 96 -2.36 -17.02 -24.83
CA HIS J 96 -3.67 -16.91 -25.46
C HIS J 96 -3.71 -15.94 -26.63
N ASN J 97 -2.81 -14.94 -26.66
CA ASN J 97 -2.83 -13.89 -27.69
C ASN J 97 -1.41 -13.55 -28.11
N SER J 98 -0.60 -14.57 -28.31
CA SER J 98 0.74 -14.36 -28.84
C SER J 98 0.69 -13.61 -30.16
N LYS J 99 1.85 -13.09 -30.57
CA LYS J 99 1.90 -12.08 -31.64
C LYS J 99 1.17 -12.55 -32.89
N PHE J 100 1.44 -13.78 -33.34
CA PHE J 100 0.81 -14.33 -34.54
C PHE J 100 0.17 -15.66 -34.16
N LYS J 101 -1.09 -15.60 -33.68
CA LYS J 101 -1.81 -16.83 -33.37
C LYS J 101 -2.24 -17.56 -34.63
N ASP J 102 -2.34 -16.85 -35.76
CA ASP J 102 -2.71 -17.51 -37.01
C ASP J 102 -1.67 -18.53 -37.42
N LEU J 103 -0.39 -18.19 -37.31
CA LEU J 103 0.67 -19.14 -37.61
C LEU J 103 0.93 -20.09 -36.45
N ILE J 104 0.28 -19.87 -35.31
CA ILE J 104 0.44 -20.80 -34.19
C ILE J 104 -0.21 -22.13 -34.54
N GLY J 105 0.56 -23.20 -34.42
CA GLY J 105 0.09 -24.51 -34.85
C GLY J 105 0.05 -24.70 -36.34
N LYS J 106 0.79 -23.89 -37.10
CA LYS J 106 0.71 -23.96 -38.56
C LYS J 106 1.41 -25.20 -39.10
N GLU J 107 1.05 -25.55 -40.34
CA GLU J 107 1.64 -26.69 -41.02
C GLU J 107 1.53 -26.47 -42.52
N PHE J 108 2.63 -26.05 -43.13
CA PHE J 108 2.68 -25.90 -44.59
C PHE J 108 2.78 -27.28 -45.21
N VAL J 109 1.76 -27.65 -45.99
CA VAL J 109 1.66 -28.99 -46.55
C VAL J 109 2.86 -29.27 -47.43
N PRO J 110 3.60 -30.35 -47.19
CA PRO J 110 4.72 -30.67 -48.08
C PRO J 110 4.22 -31.18 -49.42
N LYS J 111 4.63 -30.50 -50.49
CA LYS J 111 4.21 -30.90 -51.83
C LYS J 111 4.68 -32.31 -52.14
N HIS J 112 5.90 -32.65 -51.75
CA HIS J 112 6.43 -34.00 -51.89
C HIS J 112 6.70 -34.56 -50.50
N ALA J 113 6.41 -35.84 -50.32
CA ALA J 113 6.63 -36.52 -49.05
C ALA J 113 8.13 -36.75 -48.87
N ARG J 114 8.76 -35.94 -48.02
CA ARG J 114 10.19 -36.03 -47.79
C ARG J 114 10.49 -35.71 -46.33
N GLN J 115 11.65 -36.15 -45.87
CA GLN J 115 12.07 -35.99 -44.48
C GLN J 115 13.20 -34.97 -44.40
N CYS J 116 13.05 -34.01 -43.48
CA CYS J 116 14.05 -32.98 -43.26
C CYS J 116 14.95 -33.37 -42.09
N ASN J 117 16.26 -33.22 -42.27
CA ASN J 117 17.21 -33.57 -41.22
C ASN J 117 17.40 -32.42 -40.22
N THR J 118 17.42 -31.18 -40.69
CA THR J 118 17.60 -30.02 -39.82
C THR J 118 16.91 -28.82 -40.44
N LEU J 119 16.90 -27.71 -39.69
CA LEU J 119 16.23 -26.49 -40.13
C LEU J 119 16.85 -25.30 -39.43
N ALA J 120 16.51 -24.11 -39.92
CA ALA J 120 17.00 -22.85 -39.38
C ALA J 120 16.05 -21.74 -39.81
N TRP J 121 16.50 -20.49 -39.67
CA TRP J 121 15.77 -19.33 -40.15
C TRP J 121 16.75 -18.27 -40.61
N ASN J 122 16.26 -17.34 -41.40
CA ASN J 122 17.11 -16.29 -41.96
C ASN J 122 17.38 -15.23 -40.90
N PRO J 123 18.64 -14.89 -40.63
CA PRO J 123 18.88 -13.85 -39.62
C PRO J 123 18.57 -12.46 -40.12
N LEU J 124 18.96 -12.12 -41.35
CA LEU J 124 18.73 -10.78 -41.86
C LEU J 124 17.25 -10.50 -42.06
N ASP J 125 16.49 -11.48 -42.52
CA ASP J 125 15.06 -11.32 -42.78
C ASP J 125 14.27 -12.27 -41.90
N SER J 126 13.30 -11.73 -41.16
CA SER J 126 12.43 -12.53 -40.32
C SER J 126 11.06 -12.79 -40.94
N ASN J 127 10.89 -12.45 -42.23
CA ASN J 127 9.63 -12.63 -42.92
C ASN J 127 9.62 -13.87 -43.82
N TRP J 128 10.61 -14.74 -43.69
CA TRP J 128 10.73 -15.93 -44.52
C TRP J 128 11.04 -17.14 -43.65
N LEU J 129 10.68 -18.31 -44.17
CA LEU J 129 11.01 -19.59 -43.53
C LEU J 129 11.65 -20.50 -44.58
N ALA J 130 12.83 -21.02 -44.25
CA ALA J 130 13.62 -21.82 -45.18
C ALA J 130 13.94 -23.17 -44.56
N ALA J 131 13.73 -24.24 -45.34
CA ALA J 131 14.05 -25.59 -44.89
C ALA J 131 14.34 -26.46 -46.10
N GLY J 132 15.10 -27.52 -45.87
CA GLY J 132 15.45 -28.48 -46.92
C GLY J 132 14.93 -29.86 -46.57
N LEU J 133 14.37 -30.54 -47.55
CA LEU J 133 13.77 -31.86 -47.37
C LEU J 133 14.67 -32.92 -48.00
N ASP J 134 14.18 -34.16 -48.00
CA ASP J 134 14.94 -35.28 -48.52
C ASP J 134 14.98 -35.25 -50.04
N LYS J 135 15.95 -35.96 -50.60
CA LYS J 135 16.11 -36.03 -52.05
C LYS J 135 14.90 -36.69 -52.69
N HIS J 136 14.51 -36.19 -53.86
CA HIS J 136 13.31 -36.62 -54.55
C HIS J 136 13.65 -37.49 -55.76
N ARG J 137 12.61 -38.11 -56.31
CA ARG J 137 12.79 -38.99 -57.46
C ARG J 137 13.49 -38.26 -58.60
N ALA J 138 12.95 -37.10 -59.00
CA ALA J 138 13.65 -36.24 -59.94
C ALA J 138 13.38 -34.76 -59.64
N ASP J 139 13.14 -34.41 -58.38
CA ASP J 139 12.62 -33.12 -58.02
C ASP J 139 13.49 -32.44 -56.97
N PHE J 140 13.13 -31.19 -56.67
CA PHE J 140 13.88 -30.37 -55.72
C PHE J 140 13.61 -30.82 -54.29
N SER J 141 14.57 -30.51 -53.41
CA SER J 141 14.47 -30.88 -52.01
C SER J 141 14.49 -29.69 -51.05
N VAL J 142 14.67 -28.47 -51.55
CA VAL J 142 14.75 -27.27 -50.71
C VAL J 142 13.61 -26.34 -51.12
N LEU J 143 12.75 -26.01 -50.16
CA LEU J 143 11.61 -25.12 -50.37
C LEU J 143 11.57 -24.10 -49.25
N ILE J 144 11.81 -22.84 -49.58
CA ILE J 144 11.78 -21.75 -48.61
C ILE J 144 10.51 -20.95 -48.86
N TRP J 145 9.74 -20.72 -47.79
CA TRP J 145 8.47 -20.03 -47.88
C TRP J 145 8.50 -18.78 -47.01
N ASP J 146 7.80 -17.75 -47.45
CA ASP J 146 7.74 -16.51 -46.69
C ASP J 146 6.96 -16.74 -45.40
N ILE J 147 7.59 -16.43 -44.27
CA ILE J 147 6.89 -16.53 -42.99
C ILE J 147 5.76 -15.50 -42.93
N CYS J 148 5.98 -14.32 -43.52
CA CYS J 148 4.98 -13.26 -43.55
C CYS J 148 4.51 -12.93 -42.14
N SER J 149 3.34 -13.43 -41.76
CA SER J 149 2.81 -13.23 -40.42
C SER J 149 2.10 -14.49 -39.92
N THR J 175 0.53 -21.65 -50.58
CA THR J 175 0.64 -22.18 -51.93
C THR J 175 2.09 -22.51 -52.27
N LYS J 176 2.63 -21.81 -53.20
CA LYS J 176 4.01 -22.09 -53.53
C LYS J 176 4.95 -21.45 -52.53
N PRO J 177 6.10 -22.08 -52.26
CA PRO J 177 7.06 -21.49 -51.33
C PRO J 177 7.76 -20.29 -51.95
N LEU J 178 8.31 -19.44 -51.08
CA LEU J 178 8.98 -18.22 -51.53
C LEU J 178 10.21 -18.54 -52.37
N TYR J 179 11.00 -19.52 -51.96
CA TYR J 179 12.22 -19.88 -52.67
C TYR J 179 12.34 -21.39 -52.81
N GLU J 180 12.90 -21.83 -53.93
CA GLU J 180 13.09 -23.24 -54.19
C GLU J 180 14.22 -23.41 -55.19
N LEU J 181 14.93 -24.53 -55.08
CA LEU J 181 16.00 -24.90 -56.00
C LEU J 181 16.46 -26.31 -55.67
N GLY J 182 17.44 -26.79 -56.44
CA GLY J 182 18.11 -28.04 -56.13
C GLY J 182 17.34 -29.30 -56.46
N GLN J 183 17.05 -29.51 -57.74
CA GLN J 183 16.38 -30.73 -58.17
C GLN J 183 17.37 -31.87 -58.30
N ASN J 184 16.90 -33.09 -58.05
CA ASN J 184 17.71 -34.30 -58.11
C ASN J 184 18.93 -34.20 -57.19
N ASP J 185 18.69 -33.83 -55.94
CA ASP J 185 19.76 -33.66 -54.96
C ASP J 185 19.19 -33.76 -53.55
N ALA J 186 20.10 -33.89 -52.58
CA ALA J 186 19.75 -34.00 -51.16
C ALA J 186 20.45 -32.91 -50.37
N CYS J 187 19.79 -32.42 -49.32
CA CYS J 187 20.32 -31.37 -48.47
C CYS J 187 20.07 -31.73 -47.00
N LEU J 188 21.12 -32.13 -46.29
CA LEU J 188 20.96 -32.49 -44.88
C LEU J 188 20.69 -31.27 -44.01
N SER J 189 21.38 -30.17 -44.28
CA SER J 189 21.21 -28.96 -43.50
C SER J 189 21.70 -27.76 -44.31
N LEU J 190 21.25 -26.57 -43.90
CA LEU J 190 21.64 -25.33 -44.55
C LEU J 190 21.13 -24.17 -43.71
N CYS J 191 21.39 -22.96 -44.18
CA CYS J 191 20.90 -21.76 -43.53
C CYS J 191 21.09 -20.59 -44.48
N TRP J 192 20.42 -19.48 -44.16
CA TRP J 192 20.54 -18.26 -44.94
C TRP J 192 21.86 -17.57 -44.62
N LEU J 193 22.10 -16.47 -45.34
CA LEU J 193 23.22 -15.63 -44.99
C LEU J 193 22.83 -14.75 -43.81
N PRO J 194 23.56 -14.80 -42.70
CA PRO J 194 23.16 -13.98 -41.53
C PRO J 194 23.13 -12.50 -41.82
N ARG J 195 24.08 -11.98 -42.59
CA ARG J 195 24.14 -10.56 -42.92
C ARG J 195 23.49 -10.22 -44.25
N ASP J 196 22.96 -11.20 -44.97
CA ASP J 196 22.34 -10.97 -46.27
C ASP J 196 21.01 -11.71 -46.32
N GLN J 197 19.92 -10.95 -46.42
CA GLN J 197 18.61 -11.56 -46.59
C GLN J 197 18.43 -12.12 -47.99
N LYS J 198 19.19 -11.61 -48.97
CA LYS J 198 19.14 -12.08 -50.34
C LYS J 198 20.24 -13.09 -50.64
N LEU J 199 20.69 -13.83 -49.64
CA LEU J 199 21.75 -14.81 -49.82
C LEU J 199 21.60 -15.94 -48.81
N LEU J 200 22.03 -17.13 -49.21
CA LEU J 200 21.93 -18.32 -48.38
C LEU J 200 22.96 -19.34 -48.85
N LEU J 201 23.27 -20.29 -47.97
CA LEU J 201 24.23 -21.33 -48.25
C LEU J 201 23.61 -22.69 -47.99
N ALA J 202 23.86 -23.63 -48.89
CA ALA J 202 23.28 -24.97 -48.80
C ALA J 202 24.33 -26.02 -49.10
N GLY J 203 24.06 -27.24 -48.64
CA GLY J 203 24.92 -28.36 -48.90
C GLY J 203 24.23 -29.47 -49.68
N MET J 204 24.70 -29.74 -50.89
CA MET J 204 24.08 -30.75 -51.75
C MET J 204 24.57 -32.13 -51.32
N HIS J 205 24.22 -33.15 -52.13
CA HIS J 205 24.63 -34.52 -51.81
C HIS J 205 26.14 -34.68 -51.86
N ARG J 206 26.78 -34.07 -52.86
CA ARG J 206 28.24 -34.16 -53.00
C ARG J 206 28.86 -32.80 -53.29
N ASN J 207 28.17 -31.71 -52.97
CA ASN J 207 28.68 -30.38 -53.22
C ASN J 207 28.01 -29.40 -52.26
N LEU J 208 28.44 -28.15 -52.34
CA LEU J 208 27.86 -27.07 -51.56
C LEU J 208 27.36 -25.98 -52.51
N ALA J 209 26.19 -25.43 -52.20
CA ALA J 209 25.56 -24.40 -53.02
C ALA J 209 25.36 -23.14 -52.20
N ILE J 210 26.11 -22.08 -52.54
CA ILE J 210 25.94 -20.77 -51.95
C ILE J 210 25.49 -19.84 -53.06
N PHE J 211 24.33 -19.21 -52.88
CA PHE J 211 23.71 -18.43 -53.93
C PHE J 211 23.18 -17.12 -53.39
N ASP J 212 23.05 -16.14 -54.28
CA ASP J 212 22.42 -14.87 -53.97
C ASP J 212 21.01 -14.86 -54.56
N LEU J 213 20.02 -14.53 -53.71
CA LEU J 213 18.63 -14.57 -54.14
C LEU J 213 18.35 -13.63 -55.29
N ARG J 214 19.19 -12.62 -55.49
CA ARG J 214 18.99 -11.69 -56.60
C ARG J 214 19.11 -12.41 -57.95
N ASN J 215 20.10 -13.30 -58.08
CA ASN J 215 20.34 -14.02 -59.33
C ASN J 215 20.30 -15.51 -59.04
N THR J 216 19.30 -16.20 -59.59
CA THR J 216 19.20 -17.64 -59.42
C THR J 216 20.36 -18.36 -60.12
N SER J 217 20.72 -17.92 -61.32
CA SER J 217 21.82 -18.55 -62.06
C SER J 217 23.16 -18.37 -61.36
N GLN J 218 23.30 -17.35 -60.51
CA GLN J 218 24.56 -17.04 -59.85
C GLN J 218 24.61 -17.78 -58.52
N LYS J 219 24.98 -19.05 -58.59
CA LYS J 219 25.13 -19.91 -57.43
C LYS J 219 26.52 -20.54 -57.44
N MET J 220 27.16 -20.58 -56.27
CA MET J 220 28.49 -21.15 -56.13
C MET J 220 28.36 -22.63 -55.81
N PHE J 221 28.71 -23.49 -56.77
CA PHE J 221 28.64 -24.93 -56.62
C PHE J 221 30.05 -25.49 -56.59
N VAL J 222 30.46 -25.99 -55.42
CA VAL J 222 31.78 -26.57 -55.24
C VAL J 222 31.61 -27.96 -54.63
N ASN J 223 32.17 -28.97 -55.29
CA ASN J 223 32.08 -30.33 -54.78
C ASN J 223 32.94 -30.48 -53.53
N THR J 224 32.39 -31.14 -52.51
CA THR J 224 33.10 -31.37 -51.26
C THR J 224 32.51 -32.59 -50.58
N LYS J 225 33.38 -33.41 -49.99
CA LYS J 225 32.91 -34.56 -49.23
C LYS J 225 32.32 -34.16 -47.88
N ALA J 226 32.84 -33.09 -47.29
CA ALA J 226 32.37 -32.58 -46.00
C ALA J 226 31.47 -31.38 -46.26
N VAL J 227 30.18 -31.63 -46.42
CA VAL J 227 29.19 -30.58 -46.63
C VAL J 227 28.21 -30.48 -45.46
N GLN J 228 28.55 -31.09 -44.33
CA GLN J 228 27.69 -31.10 -43.15
C GLN J 228 28.45 -30.58 -41.94
N GLY J 229 27.71 -30.40 -40.86
CA GLY J 229 28.30 -29.85 -39.64
C GLY J 229 28.82 -28.45 -39.80
N VAL J 230 28.06 -27.59 -40.48
CA VAL J 230 28.50 -26.23 -40.76
C VAL J 230 28.70 -25.48 -39.45
N THR J 231 29.88 -24.91 -39.27
CA THR J 231 30.22 -24.16 -38.06
C THR J 231 30.95 -22.89 -38.46
N VAL J 232 30.39 -21.75 -38.08
CA VAL J 232 30.98 -20.45 -38.35
C VAL J 232 31.08 -19.68 -37.05
N ASP J 233 32.26 -19.14 -36.76
CA ASP J 233 32.42 -18.30 -35.58
C ASP J 233 31.62 -17.02 -35.76
N PRO J 234 30.77 -16.64 -34.80
CA PRO J 234 29.97 -15.44 -34.99
C PRO J 234 30.79 -14.18 -35.16
N TYR J 235 32.01 -14.15 -34.63
CA TYR J 235 32.86 -12.98 -34.78
C TYR J 235 33.16 -12.68 -36.24
N PHE J 236 33.48 -13.71 -37.02
CA PHE J 236 33.85 -13.54 -38.42
C PHE J 236 32.85 -14.28 -39.31
N HIS J 237 32.23 -13.56 -40.23
CA HIS J 237 31.34 -14.17 -41.20
C HIS J 237 32.07 -14.64 -42.44
N ASP J 238 33.38 -14.44 -42.52
CA ASP J 238 34.17 -14.85 -43.68
C ASP J 238 34.85 -16.20 -43.49
N ARG J 239 34.59 -16.89 -42.39
CA ARG J 239 35.22 -18.17 -42.09
C ARG J 239 34.16 -19.18 -41.68
N VAL J 240 34.44 -20.46 -41.94
CA VAL J 240 33.46 -21.52 -41.71
C VAL J 240 34.19 -22.79 -41.26
N ALA J 241 33.38 -23.78 -40.88
CA ALA J 241 33.88 -25.10 -40.50
C ALA J 241 32.76 -26.10 -40.75
N SER J 242 33.12 -27.28 -41.25
CA SER J 242 32.16 -28.33 -41.57
C SER J 242 32.66 -29.66 -41.02
N PHE J 243 31.84 -30.30 -40.19
CA PHE J 243 32.17 -31.58 -39.58
C PHE J 243 31.31 -32.67 -40.21
N TYR J 244 31.96 -33.68 -40.78
CA TYR J 244 31.28 -34.79 -41.43
C TYR J 244 31.87 -36.10 -40.92
N GLU J 245 31.03 -36.96 -40.36
CA GLU J 245 31.43 -38.26 -39.80
C GLU J 245 32.49 -37.99 -38.75
N GLY J 246 33.65 -38.64 -38.79
CA GLY J 246 34.69 -38.45 -37.82
C GLY J 246 35.68 -37.35 -38.14
N GLN J 247 35.42 -36.53 -39.16
CA GLN J 247 36.33 -35.49 -39.58
C GLN J 247 35.62 -34.14 -39.65
N VAL J 248 36.38 -33.08 -39.40
CA VAL J 248 35.87 -31.71 -39.45
C VAL J 248 36.71 -30.93 -40.45
N ALA J 249 36.04 -30.26 -41.39
CA ALA J 249 36.69 -29.50 -42.44
C ALA J 249 36.33 -28.02 -42.29
N ILE J 250 37.34 -27.16 -42.21
CA ILE J 250 37.14 -25.73 -42.04
C ILE J 250 37.13 -25.09 -43.42
N TRP J 251 36.16 -24.23 -43.67
CA TRP J 251 35.99 -23.56 -44.95
C TRP J 251 36.21 -22.06 -44.79
N ASP J 252 36.65 -21.44 -45.86
CA ASP J 252 36.85 -19.99 -45.92
C ASP J 252 35.90 -19.39 -46.93
N LEU J 253 35.15 -18.37 -46.51
CA LEU J 253 34.22 -17.70 -47.42
C LEU J 253 34.96 -17.03 -48.58
N ARG J 254 36.08 -16.38 -48.27
CA ARG J 254 36.86 -15.71 -49.31
C ARG J 254 37.67 -16.68 -50.15
N LYS J 255 37.99 -17.86 -49.62
CA LYS J 255 38.82 -18.85 -50.31
C LYS J 255 38.10 -20.19 -50.36
N PHE J 256 36.85 -20.17 -50.82
CA PHE J 256 36.02 -21.38 -50.88
C PHE J 256 36.41 -22.25 -52.07
N GLU J 257 37.67 -22.70 -52.05
CA GLU J 257 38.21 -23.62 -53.04
C GLU J 257 38.87 -24.83 -52.41
N LYS J 258 39.54 -24.66 -51.27
CA LYS J 258 40.17 -25.75 -50.54
C LYS J 258 39.87 -25.57 -49.06
N PRO J 259 39.98 -26.64 -48.28
CA PRO J 259 39.70 -26.52 -46.84
C PRO J 259 40.66 -25.56 -46.14
N VAL J 260 40.10 -24.70 -45.30
CA VAL J 260 40.92 -23.75 -44.55
C VAL J 260 41.75 -24.46 -43.49
N LEU J 261 41.13 -25.40 -42.76
CA LEU J 261 41.84 -26.16 -41.75
C LEU J 261 41.19 -27.53 -41.64
N THR J 262 41.97 -28.50 -41.16
CA THR J 262 41.50 -29.87 -40.97
C THR J 262 41.75 -30.27 -39.53
N LEU J 263 40.69 -30.68 -38.83
CA LEU J 263 40.82 -31.13 -37.46
C LEU J 263 41.34 -32.56 -37.40
N THR J 264 41.80 -32.94 -36.20
CA THR J 264 42.29 -34.30 -36.00
C THR J 264 41.16 -35.31 -36.17
N GLU J 265 41.45 -36.41 -36.84
CA GLU J 265 40.45 -37.44 -37.08
C GLU J 265 40.06 -38.11 -35.78
N GLN J 266 38.76 -38.35 -35.59
CA GLN J 266 38.25 -38.99 -34.38
C GLN J 266 37.58 -40.31 -34.71
N PRO J 267 37.60 -41.27 -33.78
CA PRO J 267 36.95 -42.57 -34.05
C PRO J 267 35.45 -42.44 -34.17
N LYS J 268 34.80 -41.81 -33.18
CA LYS J 268 33.37 -41.64 -33.21
C LYS J 268 32.98 -40.56 -34.22
N PRO J 269 31.84 -40.73 -34.90
CA PRO J 269 31.38 -39.68 -35.82
C PRO J 269 31.00 -38.42 -35.06
N LEU J 270 31.18 -37.29 -35.73
CA LEU J 270 30.90 -36.00 -35.10
C LEU J 270 29.40 -35.85 -34.83
N THR J 271 29.08 -35.40 -33.62
CA THR J 271 27.70 -35.15 -33.23
C THR J 271 27.27 -33.72 -33.55
N LYS J 272 28.06 -32.73 -33.15
CA LYS J 272 27.76 -31.34 -33.45
C LYS J 272 29.01 -30.51 -33.27
N VAL J 273 29.26 -29.60 -34.21
CA VAL J 273 30.38 -28.67 -34.15
C VAL J 273 29.87 -27.27 -34.44
N ALA J 274 30.14 -26.33 -33.54
CA ALA J 274 29.72 -24.95 -33.70
C ALA J 274 30.57 -24.07 -32.79
N TRP J 275 30.59 -22.77 -33.10
CA TRP J 275 31.36 -21.79 -32.36
C TRP J 275 30.41 -20.84 -31.64
N CYS J 276 30.38 -20.93 -30.32
CA CYS J 276 29.49 -20.08 -29.54
C CYS J 276 29.96 -18.63 -29.61
N PRO J 277 29.06 -17.68 -29.88
CA PRO J 277 29.47 -16.27 -29.90
C PRO J 277 29.91 -15.73 -28.55
N THR J 278 29.78 -16.53 -27.47
CA THR J 278 30.14 -16.07 -26.14
C THR J 278 31.63 -15.75 -26.01
N ARG J 279 32.49 -16.41 -26.78
CA ARG J 279 33.92 -16.13 -26.74
C ARG J 279 34.57 -16.72 -27.98
N THR J 280 35.26 -15.87 -28.74
CA THR J 280 36.00 -16.32 -29.90
C THR J 280 37.35 -16.91 -29.47
N GLY J 281 38.14 -17.30 -30.47
CA GLY J 281 39.43 -17.89 -30.18
C GLY J 281 39.35 -19.32 -29.67
N LEU J 282 38.16 -19.90 -29.68
CA LEU J 282 37.95 -21.27 -29.24
C LEU J 282 36.72 -21.84 -29.92
N LEU J 283 36.76 -23.13 -30.22
CA LEU J 283 35.66 -23.81 -30.90
C LEU J 283 35.27 -25.05 -30.11
N ALA J 284 34.04 -25.51 -30.32
CA ALA J 284 33.50 -26.67 -29.62
C ALA J 284 32.93 -27.64 -30.64
N THR J 285 33.31 -28.92 -30.51
CA THR J 285 32.79 -29.99 -31.34
C THR J 285 32.36 -31.15 -30.45
N LEU J 286 31.31 -31.86 -30.87
CA LEU J 286 30.74 -32.95 -30.11
C LEU J 286 30.91 -34.27 -30.85
N THR J 287 31.22 -35.32 -30.11
CA THR J 287 31.38 -36.66 -30.65
C THR J 287 30.37 -37.59 -30.00
N ARG J 288 29.83 -38.51 -30.80
CA ARG J 288 28.84 -39.46 -30.30
C ARG J 288 29.46 -40.38 -29.25
N ASP J 289 28.70 -40.63 -28.19
CA ASP J 289 29.12 -41.52 -27.10
C ASP J 289 30.44 -41.06 -26.49
N SER J 290 30.64 -39.75 -26.43
CA SER J 290 31.84 -39.16 -25.87
C SER J 290 31.46 -38.38 -24.61
N ASN J 291 32.11 -38.71 -23.49
CA ASN J 291 31.90 -38.01 -22.24
C ASN J 291 32.85 -36.84 -22.05
N ILE J 292 33.80 -36.64 -22.96
CA ILE J 292 34.74 -35.52 -22.93
C ILE J 292 34.64 -34.77 -24.24
N ILE J 293 34.50 -33.45 -24.17
CA ILE J 293 34.36 -32.60 -25.35
C ILE J 293 35.69 -31.91 -25.60
N ARG J 294 36.23 -32.10 -26.81
CA ARG J 294 37.52 -31.53 -27.18
C ARG J 294 37.31 -30.16 -27.81
N LEU J 295 37.72 -29.10 -27.12
CA LEU J 295 37.58 -27.74 -27.61
C LEU J 295 38.90 -27.29 -28.23
N TYR J 296 38.82 -26.75 -29.43
CA TYR J 296 39.99 -26.30 -30.18
C TYR J 296 40.08 -24.79 -30.15
N ASP J 297 41.27 -24.27 -29.82
CA ASP J 297 41.52 -22.84 -29.80
C ASP J 297 42.06 -22.42 -31.16
N MET J 298 41.29 -21.60 -31.87
CA MET J 298 41.62 -21.18 -33.22
C MET J 298 42.15 -19.75 -33.28
N GLN J 299 42.53 -19.18 -32.13
CA GLN J 299 43.03 -17.81 -32.10
C GLN J 299 44.40 -17.67 -32.74
N HIS J 300 45.09 -18.77 -33.04
CA HIS J 300 46.43 -18.68 -33.63
C HIS J 300 46.37 -18.06 -35.02
N THR J 301 45.40 -18.46 -35.84
CA THR J 301 45.29 -17.94 -37.19
C THR J 301 43.99 -17.16 -37.39
N THR J 312 49.52 -22.79 -35.18
CA THR J 312 49.19 -24.01 -34.44
C THR J 312 47.96 -23.79 -33.57
N ILE J 313 46.87 -24.49 -33.90
CA ILE J 313 45.62 -24.39 -33.16
C ILE J 313 45.72 -25.26 -31.92
N ILE J 314 45.42 -24.67 -30.77
CA ILE J 314 45.44 -25.40 -29.50
C ILE J 314 44.13 -26.17 -29.35
N GLU J 315 44.22 -27.39 -28.84
CA GLU J 315 43.06 -28.23 -28.58
C GLU J 315 43.00 -28.59 -27.11
N ARG J 316 41.82 -28.45 -26.51
CA ARG J 316 41.60 -28.75 -25.11
C ARG J 316 40.37 -29.63 -24.97
N SER J 317 40.46 -30.61 -24.07
CA SER J 317 39.38 -31.56 -23.83
C SER J 317 38.75 -31.27 -22.48
N VAL J 318 37.43 -31.14 -22.46
CA VAL J 318 36.68 -30.84 -21.24
C VAL J 318 35.55 -31.85 -21.13
N GLN J 319 35.37 -32.42 -19.94
CA GLN J 319 34.28 -33.35 -19.65
C GLN J 319 33.25 -32.67 -18.77
N PRO J 320 32.04 -32.42 -19.26
CA PRO J 320 31.06 -31.69 -18.44
C PRO J 320 30.31 -32.59 -17.47
N CYS J 321 30.25 -33.88 -17.76
CA CYS J 321 29.53 -34.83 -16.91
C CYS J 321 30.15 -36.21 -17.06
N ASP J 322 29.87 -37.07 -16.08
CA ASP J 322 30.36 -38.44 -16.13
C ASP J 322 29.77 -39.21 -17.29
N ASN J 323 28.47 -39.07 -17.53
CA ASN J 323 27.81 -39.71 -18.66
C ASN J 323 28.14 -38.96 -19.95
N TYR J 324 28.04 -39.67 -21.07
CA TYR J 324 28.34 -39.08 -22.36
C TYR J 324 27.31 -38.01 -22.69
N ILE J 325 27.78 -36.78 -22.84
CA ILE J 325 26.89 -35.65 -23.11
C ILE J 325 26.25 -35.85 -24.49
N ALA J 326 24.92 -35.83 -24.52
CA ALA J 326 24.21 -35.97 -25.78
C ALA J 326 24.52 -34.83 -26.73
N SER J 327 24.53 -33.60 -26.21
CA SER J 327 24.82 -32.42 -27.00
C SER J 327 25.31 -31.32 -26.05
N PHE J 328 25.42 -30.10 -26.56
CA PHE J 328 25.87 -28.95 -25.79
C PHE J 328 24.95 -27.77 -26.04
N ALA J 329 24.87 -26.88 -25.05
CA ALA J 329 24.01 -25.70 -25.12
C ALA J 329 24.73 -24.54 -24.45
N TRP J 330 25.24 -23.62 -25.25
CA TRP J 330 26.04 -22.50 -24.76
C TRP J 330 25.22 -21.22 -24.74
N HIS J 331 25.18 -20.55 -23.59
CA HIS J 331 24.55 -19.25 -23.51
C HIS J 331 25.44 -18.22 -24.19
N PRO J 332 24.98 -17.55 -25.26
CA PRO J 332 25.84 -16.61 -25.96
C PRO J 332 26.15 -15.37 -25.14
N THR J 333 25.11 -14.71 -24.62
CA THR J 333 25.30 -13.46 -23.90
C THR J 333 26.15 -13.68 -22.66
N SER J 334 25.90 -14.76 -21.92
CA SER J 334 26.78 -15.15 -20.84
C SER J 334 28.14 -15.50 -21.42
N GLN J 335 29.20 -15.01 -20.78
CA GLN J 335 30.54 -15.19 -21.32
C GLN J 335 31.03 -16.60 -21.09
N ASN J 336 31.25 -17.35 -22.18
CA ASN J 336 31.86 -18.67 -22.15
C ASN J 336 31.09 -19.62 -21.22
N ARG J 337 29.77 -19.59 -21.30
CA ARG J 337 28.90 -20.44 -20.50
C ARG J 337 28.20 -21.44 -21.41
N MET J 338 28.34 -22.72 -21.10
CA MET J 338 27.71 -23.78 -21.88
C MET J 338 27.08 -24.81 -20.95
N ILE J 339 26.01 -25.44 -21.44
CA ILE J 339 25.31 -26.49 -20.72
C ILE J 339 25.29 -27.73 -21.60
N VAL J 340 25.67 -28.87 -21.02
CA VAL J 340 25.68 -30.15 -21.74
C VAL J 340 24.54 -31.01 -21.21
N VAL J 341 24.16 -32.00 -22.00
CA VAL J 341 23.10 -32.93 -21.64
C VAL J 341 23.71 -34.32 -21.54
N THR J 342 23.99 -34.76 -20.32
CA THR J 342 24.55 -36.08 -20.12
C THR J 342 23.53 -37.15 -20.51
N PRO J 343 24.00 -38.36 -20.85
CA PRO J 343 23.08 -39.38 -21.37
C PRO J 343 21.99 -39.78 -20.39
N ASN J 344 22.18 -39.56 -19.09
CA ASN J 344 21.17 -39.88 -18.09
C ASN J 344 20.19 -38.73 -17.85
N ARG J 345 19.98 -37.88 -18.85
CA ARG J 345 19.15 -36.69 -18.73
C ARG J 345 19.66 -35.78 -17.62
N THR J 346 20.97 -35.77 -17.39
CA THR J 346 21.60 -34.97 -16.36
C THR J 346 22.07 -33.66 -17.00
N MET J 347 21.32 -32.59 -16.77
CA MET J 347 21.65 -31.28 -17.33
C MET J 347 22.83 -30.72 -16.53
N SER J 348 24.04 -30.90 -17.06
CA SER J 348 25.26 -30.42 -16.43
C SER J 348 25.82 -29.26 -17.24
N ASP J 349 26.08 -28.14 -16.58
CA ASP J 349 26.58 -26.94 -17.22
C ASP J 349 28.01 -26.68 -16.78
N PHE J 350 28.89 -26.46 -17.74
CA PHE J 350 30.30 -26.22 -17.48
C PHE J 350 30.77 -24.98 -18.22
N THR J 351 31.79 -24.32 -17.69
CA THR J 351 32.34 -23.13 -18.31
C THR J 351 33.70 -23.44 -18.93
N ILE J 356 44.10 -17.74 -15.26
CA ILE J 356 44.56 -17.12 -14.02
C ILE J 356 46.05 -17.34 -13.85
N SER J 357 46.74 -16.31 -13.36
CA SER J 357 48.19 -16.33 -13.19
C SER J 357 48.56 -15.85 -11.80
N LEU J 358 49.62 -16.43 -11.24
CA LEU J 358 50.11 -16.08 -9.92
C LEU J 358 51.61 -15.88 -9.95
N ALA J 359 52.11 -15.07 -9.02
CA ALA J 359 53.54 -14.80 -8.91
C ALA J 359 53.88 -14.60 -7.44
N TRP J 360 55.17 -14.74 -7.13
CA TRP J 360 55.67 -14.68 -5.76
C TRP J 360 56.42 -13.37 -5.53
N SER J 361 56.78 -13.15 -4.27
CA SER J 361 57.43 -11.92 -3.82
C SER J 361 58.45 -12.26 -2.75
N PRO J 362 59.47 -11.42 -2.57
CA PRO J 362 60.44 -11.66 -1.48
C PRO J 362 59.86 -11.39 -0.11
N ILE J 363 58.67 -10.81 -0.02
CA ILE J 363 57.98 -10.68 1.25
C ILE J 363 57.11 -11.91 1.43
N THR J 364 57.40 -12.95 0.63
CA THR J 364 56.66 -14.21 0.64
C THR J 364 55.18 -14.00 0.32
N SER J 365 54.91 -13.01 -0.52
CA SER J 365 53.57 -12.70 -0.96
C SER J 365 53.33 -13.38 -2.30
N LEU J 366 52.17 -14.00 -2.46
CA LEU J 366 51.83 -14.67 -3.70
C LEU J 366 50.32 -14.82 -3.78
N MET J 367 49.74 -14.41 -4.90
CA MET J 367 48.32 -14.62 -5.13
C MET J 367 48.08 -14.68 -6.64
N TRP J 368 46.99 -15.36 -7.00
CA TRP J 368 46.64 -15.55 -8.40
C TRP J 368 45.73 -14.40 -8.85
N ALA J 369 46.10 -13.79 -9.96
CA ALA J 369 45.27 -12.75 -10.57
C ALA J 369 44.48 -13.38 -11.71
N CYS J 370 43.15 -13.29 -11.64
CA CYS J 370 42.26 -13.87 -12.63
C CYS J 370 41.42 -12.77 -13.25
N GLY J 371 41.26 -12.82 -14.56
CA GLY J 371 40.50 -11.80 -15.25
C GLY J 371 41.20 -10.46 -15.16
N ARG J 372 40.44 -9.42 -14.82
CA ARG J 372 40.96 -8.07 -14.72
C ARG J 372 41.32 -7.69 -13.29
N HIS J 373 41.17 -8.59 -12.34
CA HIS J 373 41.42 -8.32 -10.92
C HIS J 373 42.80 -8.82 -10.55
N LEU J 374 43.66 -7.91 -10.09
CA LEU J 374 45.02 -8.24 -9.66
C LEU J 374 45.18 -7.80 -8.21
N TYR J 375 45.44 -8.77 -7.33
CA TYR J 375 45.68 -8.45 -5.93
C TYR J 375 46.48 -9.58 -5.30
N GLU J 376 47.37 -9.21 -4.39
CA GLU J 376 48.27 -10.15 -3.73
C GLU J 376 47.63 -10.71 -2.47
N CYS J 377 48.33 -11.65 -1.85
CA CYS J 377 47.89 -12.28 -0.61
C CYS J 377 49.08 -12.46 0.32
N THR J 378 48.78 -12.63 1.60
CA THR J 378 49.79 -12.86 2.63
C THR J 378 49.33 -14.00 3.53
N GLU J 379 50.11 -14.26 4.57
CA GLU J 379 49.78 -15.33 5.52
C GLU J 379 48.75 -14.83 6.53
N GLU J 380 48.52 -15.60 7.57
CA GLU J 380 47.59 -15.21 8.62
C GLU J 380 48.17 -14.07 9.46
N ILE J 390 61.26 -22.10 6.34
CA ILE J 390 61.76 -21.14 7.32
C ILE J 390 61.19 -19.76 7.01
N ALA J 391 62.01 -18.91 6.40
CA ALA J 391 61.60 -17.60 5.94
C ALA J 391 60.97 -16.77 7.06
N THR J 392 59.89 -16.08 6.71
CA THR J 392 59.06 -15.26 7.60
C THR J 392 59.80 -14.77 8.84
N LYS J 393 59.99 -15.66 9.81
CA LYS J 393 60.55 -15.25 11.09
C LYS J 393 62.05 -15.04 11.01
N MET J 394 62.70 -15.69 10.03
CA MET J 394 64.16 -15.61 9.95
C MET J 394 64.60 -14.15 9.89
N ARG J 395 63.93 -13.31 9.10
CA ARG J 395 64.39 -11.93 8.97
C ARG J 395 63.83 -11.06 10.09
N LEU J 396 62.76 -11.51 10.77
CA LEU J 396 62.40 -10.83 12.00
C LEU J 396 63.54 -10.96 12.99
N ARG J 397 64.14 -12.16 13.03
CA ARG J 397 65.34 -12.37 13.81
C ARG J 397 66.45 -11.45 13.34
N ALA J 398 66.63 -11.35 12.02
CA ALA J 398 67.69 -10.50 11.48
C ALA J 398 67.49 -9.05 11.93
N LEU J 399 66.25 -8.56 11.85
CA LEU J 399 65.94 -7.21 12.29
C LEU J 399 66.03 -7.10 13.81
N SER J 400 65.76 -8.19 14.52
CA SER J 400 65.84 -8.19 15.97
C SER J 400 67.27 -8.24 16.47
N ARG J 401 68.25 -8.01 15.58
CA ARG J 401 69.66 -8.06 15.93
C ARG J 401 70.05 -9.42 16.51
N TYR J 402 69.32 -10.45 16.12
CA TYR J 402 69.66 -11.80 16.55
C TYR J 402 70.98 -12.24 15.92
N GLY J 403 71.78 -12.96 16.70
CA GLY J 403 73.10 -13.33 16.26
C GLY J 403 74.10 -12.21 16.26
N LEU J 404 73.86 -11.15 17.04
CA LEU J 404 74.80 -10.05 17.17
C LEU J 404 75.46 -10.00 18.54
N ASP J 405 74.91 -10.68 19.53
CA ASP J 405 75.39 -10.58 20.90
C ASP J 405 76.83 -11.05 21.02
N THR J 406 77.59 -10.37 21.87
CA THR J 406 78.99 -10.72 22.09
C THR J 406 79.29 -10.85 23.58
N GLU J 407 78.64 -10.02 24.39
CA GLU J 407 78.90 -10.03 25.82
C GLU J 407 78.43 -11.34 26.45
N GLN J 408 77.20 -11.74 26.18
CA GLN J 408 76.64 -12.97 26.74
C GLN J 408 76.12 -13.82 25.60
N VAL J 409 76.67 -15.03 25.46
CA VAL J 409 76.18 -15.96 24.46
C VAL J 409 74.79 -16.45 24.84
N TRP J 410 74.54 -16.66 26.14
CA TRP J 410 73.24 -17.14 26.58
C TRP J 410 72.14 -16.12 26.29
N ARG J 411 72.49 -14.83 26.20
CA ARG J 411 71.52 -13.81 25.86
C ARG J 411 70.93 -14.01 24.48
N ASN J 412 71.66 -14.64 23.57
CA ASN J 412 71.12 -14.91 22.23
C ASN J 412 69.92 -15.83 22.29
N HIS J 413 69.95 -16.84 23.17
CA HIS J 413 68.82 -17.74 23.30
C HIS J 413 67.58 -17.00 23.77
N ILE J 414 67.75 -16.06 24.70
CA ILE J 414 66.62 -15.24 25.14
C ILE J 414 66.13 -14.37 23.98
N LEU J 415 67.06 -13.79 23.24
CA LEU J 415 66.69 -12.94 22.11
C LEU J 415 66.09 -13.73 20.96
N ALA J 416 66.19 -15.06 21.00
CA ALA J 416 65.62 -15.88 19.91
C ALA J 416 64.11 -15.75 19.86
N GLY J 417 63.49 -15.38 20.97
CA GLY J 417 62.06 -15.07 20.98
C GLY J 417 61.16 -16.26 21.22
N ASN J 418 61.03 -17.12 20.22
CA ASN J 418 60.14 -18.28 20.33
C ASN J 418 60.84 -19.39 21.12
N GLU J 419 60.26 -20.58 21.07
CA GLU J 419 60.85 -21.75 21.72
C GLU J 419 61.45 -22.64 20.65
N ASP J 420 62.69 -23.06 20.87
CA ASP J 420 63.40 -23.95 19.94
C ASP J 420 64.31 -24.85 20.75
N PRO J 421 63.89 -26.08 21.01
CA PRO J 421 64.70 -26.95 21.88
C PRO J 421 66.11 -27.16 21.38
N GLN J 422 66.30 -27.28 20.06
CA GLN J 422 67.65 -27.42 19.52
C GLN J 422 68.46 -26.14 19.74
N LEU J 423 67.84 -24.98 19.52
CA LEU J 423 68.58 -23.73 19.55
C LEU J 423 69.10 -23.42 20.94
N LYS J 424 68.41 -23.90 21.98
CA LYS J 424 68.81 -23.56 23.35
C LYS J 424 70.21 -24.06 23.65
N SER J 425 70.55 -25.27 23.20
CA SER J 425 71.89 -25.78 23.42
C SER J 425 72.93 -24.95 22.70
N LEU J 426 72.61 -24.49 21.48
CA LEU J 426 73.61 -23.80 20.66
C LEU J 426 74.20 -22.62 21.40
N TRP J 427 73.37 -21.77 21.97
CA TRP J 427 73.88 -20.70 22.82
C TRP J 427 74.63 -21.27 24.01
N TYR J 428 74.06 -22.32 24.63
CA TYR J 428 74.75 -22.97 25.73
C TYR J 428 76.07 -23.58 25.26
N THR J 429 76.10 -24.08 24.02
CA THR J 429 77.34 -24.66 23.51
C THR J 429 78.44 -23.61 23.43
N LEU J 430 78.14 -22.44 22.88
CA LEU J 430 79.12 -21.36 22.86
C LEU J 430 79.39 -20.84 24.26
N HIS J 431 78.35 -20.77 25.10
CA HIS J 431 78.51 -20.19 26.42
C HIS J 431 79.56 -20.93 27.24
N PHE J 432 79.42 -22.26 27.34
CA PHE J 432 80.39 -23.04 28.09
C PHE J 432 81.76 -23.02 27.42
N MET J 433 81.78 -23.12 26.08
CA MET J 433 83.05 -23.16 25.37
C MET J 433 83.83 -21.86 25.55
N LYS J 434 83.15 -20.72 25.49
CA LYS J 434 83.84 -19.44 25.53
C LYS J 434 84.59 -19.24 26.83
N GLN J 435 83.93 -19.50 27.97
CA GLN J 435 84.61 -19.40 29.25
C GLN J 435 85.76 -20.41 29.34
N TYR J 436 85.53 -21.63 28.86
CA TYR J 436 86.58 -22.64 28.86
C TYR J 436 87.73 -22.23 27.96
N THR J 437 87.43 -21.63 26.81
CA THR J 437 88.47 -21.16 25.91
C THR J 437 89.08 -19.86 26.44
N LEU J 451 91.61 -27.00 20.52
CA LEU J 451 91.11 -28.30 20.95
C LEU J 451 89.74 -28.16 21.60
N VAL J 452 89.37 -26.92 21.94
CA VAL J 452 88.08 -26.69 22.59
C VAL J 452 86.94 -27.00 21.64
N TYR J 453 87.01 -26.48 20.43
CA TYR J 453 85.97 -26.71 19.44
C TYR J 453 86.03 -28.10 18.83
N ALA J 454 86.98 -28.94 19.25
CA ALA J 454 87.11 -30.27 18.68
C ALA J 454 85.87 -31.11 18.96
N GLY J 455 85.36 -31.06 20.18
CA GLY J 455 84.17 -31.82 20.53
C GLY J 455 84.38 -32.81 21.67
N ILE J 456 83.28 -33.32 22.21
CA ILE J 456 83.37 -34.26 23.31
C ILE J 456 83.99 -35.57 22.84
N LYS J 457 83.72 -35.97 21.60
CA LYS J 457 84.22 -37.24 21.09
C LYS J 457 85.74 -37.28 21.14
N SER J 458 86.40 -36.20 20.71
CA SER J 458 87.86 -36.17 20.72
C SER J 458 88.38 -36.29 22.15
N ILE J 459 87.76 -35.59 23.09
CA ILE J 459 88.22 -35.63 24.48
C ILE J 459 88.06 -37.04 25.04
N VAL J 460 86.91 -37.66 24.81
CA VAL J 460 86.67 -39.00 25.34
C VAL J 460 87.47 -40.07 24.61
N LYS J 461 88.03 -39.72 23.44
CA LYS J 461 88.82 -40.71 22.70
C LYS J 461 90.00 -41.20 23.51
N SER J 462 90.73 -40.28 24.14
CA SER J 462 91.94 -40.63 24.87
C SER J 462 91.67 -40.99 26.33
N SER J 463 90.41 -41.02 26.76
CA SER J 463 90.10 -41.33 28.14
C SER J 463 90.50 -42.76 28.48
N LEU J 464 91.00 -42.96 29.69
CA LEU J 464 91.47 -44.28 30.13
C LEU J 464 91.33 -44.39 31.64
N GLY J 465 91.35 -45.62 32.12
CA GLY J 465 91.21 -45.89 33.54
C GLY J 465 89.78 -45.79 34.03
N MET J 466 88.90 -46.65 33.53
CA MET J 466 87.48 -46.63 33.87
C MET J 466 87.08 -47.97 34.48
N VAL J 467 86.96 -48.01 35.81
CA VAL J 467 86.49 -49.17 36.53
C VAL J 467 85.24 -48.76 37.31
N GLU J 468 84.11 -49.35 36.96
CA GLU J 468 82.84 -48.96 37.55
C GLU J 468 82.78 -49.35 39.02
N SER J 469 81.88 -48.71 39.75
CA SER J 469 81.62 -49.07 41.13
C SER J 469 80.62 -50.23 41.17
N SER J 470 80.99 -51.30 41.87
CA SER J 470 80.13 -52.47 41.93
C SER J 470 78.79 -52.14 42.57
N ARG J 471 78.80 -51.34 43.61
CA ARG J 471 77.59 -50.95 44.32
C ARG J 471 77.58 -49.45 44.53
N HIS J 472 76.38 -48.88 44.59
CA HIS J 472 76.20 -47.46 44.87
C HIS J 472 76.02 -47.29 46.37
N ASN J 473 77.02 -46.71 47.03
CA ASN J 473 76.95 -46.43 48.46
C ASN J 473 76.66 -44.93 48.62
N TRP J 474 75.50 -44.61 49.17
CA TRP J 474 75.09 -43.22 49.31
C TRP J 474 75.98 -42.52 50.33
N SER J 475 76.19 -41.22 50.13
CA SER J 475 77.00 -40.41 51.02
C SER J 475 76.71 -38.93 50.84
N ILE J 483 84.82 -38.26 43.68
CA ILE J 483 84.51 -37.12 42.82
C ILE J 483 85.72 -36.74 41.99
N GLN J 484 86.83 -36.42 42.67
CA GLN J 484 88.04 -35.97 41.98
C GLN J 484 88.67 -37.05 41.12
N ASN J 485 88.25 -38.30 41.27
CA ASN J 485 88.87 -39.40 40.53
C ASN J 485 88.63 -39.32 39.03
N LEU J 486 87.73 -38.45 38.58
CA LEU J 486 87.42 -38.35 37.16
C LEU J 486 88.64 -37.91 36.37
N ASN J 487 88.73 -38.40 35.14
CA ASN J 487 89.87 -38.11 34.28
C ASN J 487 89.85 -36.65 33.82
N GLU J 488 91.01 -36.19 33.38
CA GLU J 488 91.13 -34.82 32.89
C GLU J 488 90.17 -34.57 31.73
N GLU J 489 90.14 -35.49 30.77
CA GLU J 489 89.12 -35.42 29.74
C GLU J 489 87.72 -35.54 30.35
N ARG J 490 87.56 -36.47 31.30
CA ARG J 490 86.28 -36.62 31.95
C ARG J 490 85.88 -35.37 32.73
N ILE J 491 86.84 -34.79 33.46
CA ILE J 491 86.55 -33.58 34.22
C ILE J 491 86.19 -32.43 33.30
N LEU J 492 86.93 -32.28 32.21
CA LEU J 492 86.63 -31.22 31.26
C LEU J 492 85.25 -31.40 30.66
N ALA J 493 84.88 -32.65 30.33
CA ALA J 493 83.56 -32.90 29.80
C ALA J 493 82.49 -32.56 30.83
N LEU J 494 82.72 -32.90 32.10
CA LEU J 494 81.76 -32.58 33.13
C LEU J 494 81.59 -31.08 33.28
N GLN J 495 82.70 -30.33 33.27
CA GLN J 495 82.60 -28.88 33.40
C GLN J 495 81.91 -28.27 32.20
N LEU J 496 82.25 -28.72 31.00
CA LEU J 496 81.66 -28.14 29.79
C LEU J 496 80.21 -28.55 29.60
N CYS J 497 79.77 -29.61 30.26
CA CYS J 497 78.38 -30.03 30.14
C CYS J 497 77.40 -28.99 30.66
N GLY J 498 77.86 -28.05 31.49
CA GLY J 498 76.98 -27.07 32.08
C GLY J 498 76.62 -27.33 33.53
N TRP J 499 77.46 -28.06 34.27
CA TRP J 499 77.19 -28.36 35.67
C TRP J 499 78.25 -27.83 36.61
N ILE J 500 79.52 -28.08 36.32
CA ILE J 500 80.62 -27.71 37.21
C ILE J 500 81.21 -26.39 36.75
N LYS J 501 81.29 -25.43 37.66
CA LYS J 501 81.84 -24.13 37.32
C LYS J 501 83.35 -24.22 37.14
N LYS J 502 83.97 -23.08 36.82
CA LYS J 502 85.40 -23.05 36.56
C LYS J 502 86.17 -23.44 37.81
N GLY J 503 87.27 -24.14 37.61
CA GLY J 503 88.13 -24.61 38.68
C GLY J 503 87.97 -26.10 38.91
N THR J 504 88.78 -26.59 39.85
CA THR J 504 88.78 -28.00 40.21
C THR J 504 87.79 -28.34 41.32
N ASP J 505 86.99 -27.37 41.76
CA ASP J 505 86.02 -27.61 42.82
C ASP J 505 84.91 -28.53 42.30
N VAL J 506 84.94 -29.79 42.75
CA VAL J 506 83.98 -30.80 42.29
C VAL J 506 82.78 -30.71 43.23
N ASP J 507 81.88 -29.78 42.93
CA ASP J 507 80.66 -29.62 43.71
C ASP J 507 79.60 -29.02 42.82
N VAL J 508 78.38 -29.56 42.91
CA VAL J 508 77.26 -29.09 42.11
C VAL J 508 76.25 -28.33 42.96
N GLY J 509 76.67 -27.84 44.12
CA GLY J 509 75.81 -27.07 44.99
C GLY J 509 75.33 -25.81 44.31
N PRO J 510 76.24 -25.11 43.63
CA PRO J 510 75.83 -23.93 42.86
C PRO J 510 74.80 -24.27 41.80
N PHE J 511 74.96 -25.41 41.14
CA PHE J 511 73.96 -25.83 40.17
C PHE J 511 72.64 -26.16 40.86
N LEU J 512 72.71 -26.71 42.09
CA LEU J 512 71.49 -27.01 42.83
C LEU J 512 70.73 -25.75 43.17
N ASN J 513 71.43 -24.71 43.64
CA ASN J 513 70.78 -23.44 43.90
C ASN J 513 70.21 -22.85 42.62
N SER J 514 70.95 -22.96 41.52
CA SER J 514 70.46 -22.47 40.24
C SER J 514 69.18 -23.17 39.82
N LEU J 515 69.15 -24.49 39.94
CA LEU J 515 67.96 -25.25 39.57
C LEU J 515 66.79 -24.91 40.47
N VAL J 516 67.05 -24.72 41.76
CA VAL J 516 65.99 -24.30 42.68
C VAL J 516 65.43 -22.96 42.25
N GLN J 517 66.31 -22.03 41.85
CA GLN J 517 65.86 -20.74 41.34
C GLN J 517 65.02 -20.92 40.09
N GLU J 518 65.44 -21.81 39.18
CA GLU J 518 64.66 -22.06 37.98
C GLU J 518 63.39 -22.84 38.28
N GLY J 519 63.29 -23.45 39.46
CA GLY J 519 62.09 -24.17 39.85
C GLY J 519 61.98 -25.56 39.28
N GLU J 520 62.95 -26.00 38.48
CA GLU J 520 62.95 -27.35 37.92
C GLU J 520 63.46 -28.32 38.98
N TRP J 521 62.53 -28.76 39.85
CA TRP J 521 62.91 -29.67 40.93
C TRP J 521 63.32 -31.03 40.38
N GLU J 522 62.66 -31.49 39.31
CA GLU J 522 62.95 -32.81 38.79
C GLU J 522 64.39 -32.93 38.32
N ARG J 523 64.89 -31.92 37.59
CA ARG J 523 66.25 -31.97 37.10
C ARG J 523 67.25 -31.97 38.25
N ALA J 524 67.00 -31.17 39.28
CA ALA J 524 67.89 -31.14 40.44
C ALA J 524 67.90 -32.48 41.14
N ALA J 525 66.72 -33.09 41.31
CA ALA J 525 66.65 -34.40 41.95
C ALA J 525 67.42 -35.43 41.15
N ALA J 526 67.28 -35.40 39.83
CA ALA J 526 67.99 -36.35 38.98
C ALA J 526 69.49 -36.15 39.06
N VAL J 527 69.93 -34.90 39.12
CA VAL J 527 71.37 -34.62 39.24
C VAL J 527 71.90 -35.14 40.56
N ALA J 528 71.18 -34.88 41.65
CA ALA J 528 71.62 -35.37 42.95
C ALA J 528 71.67 -36.89 42.98
N LEU J 529 70.66 -37.54 42.39
CA LEU J 529 70.70 -39.00 42.32
C LEU J 529 71.91 -39.46 41.53
N PHE J 530 72.16 -38.85 40.38
CA PHE J 530 73.35 -39.17 39.62
C PHE J 530 74.62 -38.79 40.38
N ASN J 531 74.53 -37.86 41.31
CA ASN J 531 75.67 -37.50 42.14
C ASN J 531 75.70 -38.25 43.47
N LEU J 532 74.75 -39.16 43.69
CA LEU J 532 74.71 -39.96 44.92
C LEU J 532 74.60 -39.07 46.15
N ASP J 533 73.46 -38.38 46.25
CA ASP J 533 73.13 -37.49 47.37
C ASP J 533 71.73 -37.81 47.88
N ILE J 534 71.48 -39.10 48.15
CA ILE J 534 70.12 -39.60 48.32
C ILE J 534 69.38 -38.85 49.43
N ARG J 535 70.01 -38.72 50.60
CA ARG J 535 69.35 -38.03 51.69
C ARG J 535 69.13 -36.55 51.36
N ARG J 536 70.15 -35.91 50.77
CA ARG J 536 70.00 -34.52 50.34
C ARG J 536 69.01 -34.42 49.19
N ALA J 537 68.99 -35.41 48.30
CA ALA J 537 68.02 -35.41 47.23
C ALA J 537 66.61 -35.44 47.78
N ILE J 538 66.36 -36.29 48.77
CA ILE J 538 65.04 -36.38 49.38
C ILE J 538 64.69 -35.09 50.10
N GLN J 539 65.65 -34.52 50.84
CA GLN J 539 65.40 -33.28 51.57
C GLN J 539 65.03 -32.15 50.61
N ILE J 540 65.80 -31.98 49.54
CA ILE J 540 65.52 -30.94 48.57
C ILE J 540 64.19 -31.22 47.87
N LEU J 541 63.87 -32.50 47.64
CA LEU J 541 62.61 -32.83 47.00
C LEU J 541 61.44 -32.44 47.88
N ASN J 542 61.55 -32.67 49.19
CA ASN J 542 60.51 -32.21 50.11
C ASN J 542 60.42 -30.69 50.09
N GLU J 543 61.57 -30.01 50.03
CA GLU J 543 61.57 -28.56 49.97
C GLU J 543 60.84 -28.05 48.72
N GLY J 544 61.15 -28.63 47.57
CA GLY J 544 60.50 -28.19 46.33
C GLY J 544 59.03 -28.55 46.29
N ALA J 545 58.69 -29.76 46.76
CA ALA J 545 57.31 -30.23 46.72
C ALA J 545 56.43 -29.49 47.71
N SER J 546 57.03 -28.89 48.73
CA SER J 546 56.30 -27.99 49.61
C SER J 546 55.87 -26.73 48.86
N SER J 547 56.55 -26.42 47.76
CA SER J 547 56.13 -25.34 46.88
C SER J 547 55.06 -25.84 45.92
N GLU J 548 54.45 -24.89 45.21
CA GLU J 548 53.28 -25.18 44.37
C GLU J 548 52.24 -25.96 45.12
N LEU J 552 51.01 -32.20 43.67
CA LEU J 552 52.19 -32.36 44.50
C LEU J 552 52.36 -33.81 44.95
N ASN J 553 52.48 -34.71 43.97
CA ASN J 553 52.74 -36.12 44.24
C ASN J 553 54.21 -36.42 44.42
N LEU J 554 55.05 -35.38 44.44
CA LEU J 554 56.46 -35.60 44.74
C LEU J 554 56.64 -36.21 46.12
N ASN J 555 55.64 -36.06 47.00
CA ASN J 555 55.66 -36.80 48.25
C ASN J 555 55.73 -38.30 48.00
N VAL J 556 54.83 -38.82 47.16
CA VAL J 556 54.80 -40.25 46.88
C VAL J 556 56.04 -40.65 46.10
N VAL J 557 56.52 -39.77 45.23
CA VAL J 557 57.77 -40.05 44.52
C VAL J 557 58.92 -40.23 45.49
N ALA J 558 59.03 -39.35 46.48
CA ALA J 558 60.13 -39.43 47.44
C ALA J 558 59.98 -40.63 48.36
N MET J 559 58.74 -40.99 48.68
CA MET J 559 58.53 -42.21 49.47
C MET J 559 58.99 -43.43 48.69
N ALA J 560 58.67 -43.50 47.39
CA ALA J 560 59.16 -44.60 46.57
C ALA J 560 60.68 -44.60 46.50
N LEU J 561 61.28 -43.41 46.41
CA LEU J 561 62.75 -43.32 46.41
C LEU J 561 63.33 -43.86 47.71
N SER J 562 62.76 -43.44 48.85
CA SER J 562 63.19 -43.98 50.14
C SER J 562 63.00 -45.49 50.19
N GLY J 563 62.03 -46.00 49.46
CA GLY J 563 61.92 -47.43 49.23
C GLY J 563 62.89 -47.91 48.17
N TYR J 564 64.17 -47.97 48.52
CA TYR J 564 65.21 -48.44 47.63
C TYR J 564 66.13 -49.39 48.37
N THR J 565 66.42 -50.53 47.75
CA THR J 565 67.26 -51.54 48.35
C THR J 565 67.98 -52.28 47.24
N ASP J 566 68.52 -53.47 47.57
CA ASP J 566 69.22 -54.27 46.58
C ASP J 566 68.95 -55.76 46.73
N GLU J 567 67.77 -56.16 47.20
CA GLU J 567 67.45 -57.57 47.33
C GLU J 567 67.07 -58.16 45.98
N LYS J 568 67.26 -59.48 45.83
CA LYS J 568 66.86 -60.17 44.61
C LYS J 568 65.41 -59.91 44.29
N ASN J 569 64.51 -60.35 45.18
CA ASN J 569 63.07 -60.17 45.06
C ASN J 569 62.56 -59.04 45.96
N SER J 570 63.30 -57.93 46.04
CA SER J 570 62.84 -56.79 46.82
C SER J 570 61.48 -56.31 46.32
N LEU J 571 60.56 -56.09 47.26
CA LEU J 571 59.20 -55.72 46.88
C LEU J 571 59.18 -54.41 46.11
N TRP J 572 59.93 -53.42 46.59
CA TRP J 572 60.07 -52.17 45.85
C TRP J 572 60.51 -52.43 44.42
N ARG J 573 61.40 -53.40 44.21
CA ARG J 573 61.86 -53.70 42.87
C ARG J 573 60.77 -54.37 42.05
N GLU J 574 60.19 -55.45 42.55
CA GLU J 574 59.19 -56.19 41.79
C GLU J 574 58.00 -55.31 41.44
N MET J 575 57.79 -54.24 42.21
CA MET J 575 56.70 -53.32 41.93
C MET J 575 57.11 -52.19 40.99
N CYS J 576 58.13 -51.40 41.36
CA CYS J 576 58.50 -50.25 40.54
C CYS J 576 58.94 -50.67 39.14
N SER J 577 59.49 -51.88 38.99
CA SER J 577 59.93 -52.35 37.69
C SER J 577 58.84 -52.20 36.63
N THR J 578 57.63 -52.62 36.95
CA THR J 578 56.51 -52.34 36.06
C THR J 578 55.95 -50.94 36.27
N LEU J 579 55.92 -50.45 37.51
CA LEU J 579 55.22 -49.21 37.85
C LEU J 579 55.80 -47.99 37.17
N ARG J 580 57.01 -48.09 36.61
CA ARG J 580 57.62 -46.94 35.95
C ARG J 580 56.75 -46.40 34.82
N LEU J 581 55.89 -47.23 34.24
CA LEU J 581 55.11 -46.82 33.08
C LEU J 581 54.11 -45.71 33.42
N GLN J 582 53.47 -45.78 34.59
CA GLN J 582 52.41 -44.84 34.92
C GLN J 582 52.92 -43.43 35.20
N LEU J 583 54.23 -43.23 35.28
CA LEU J 583 54.77 -41.91 35.57
C LEU J 583 54.52 -40.96 34.41
N ASN J 584 54.46 -39.66 34.74
CA ASN J 584 54.24 -38.62 33.74
C ASN J 584 55.54 -37.88 33.38
N ASN J 585 56.35 -37.54 34.37
CA ASN J 585 57.55 -36.74 34.12
C ASN J 585 58.65 -37.61 33.53
N PRO J 586 59.16 -37.29 32.34
CA PRO J 586 60.18 -38.16 31.74
C PRO J 586 61.45 -38.24 32.56
N TYR J 587 61.96 -37.10 33.03
CA TYR J 587 63.18 -37.12 33.83
C TYR J 587 62.96 -37.86 35.14
N LEU J 588 61.82 -37.61 35.80
CA LEU J 588 61.54 -38.30 37.05
C LEU J 588 61.41 -39.80 36.83
N CYS J 589 60.72 -40.20 35.77
CA CYS J 589 60.57 -41.63 35.48
C CYS J 589 61.92 -42.27 35.22
N VAL J 590 62.79 -41.59 34.46
CA VAL J 590 64.13 -42.10 34.23
C VAL J 590 64.86 -42.26 35.56
N MET J 591 64.68 -41.30 36.47
CA MET J 591 65.34 -41.39 37.77
C MET J 591 64.84 -42.59 38.57
N PHE J 592 63.53 -42.81 38.55
CA PHE J 592 62.99 -43.97 39.26
C PHE J 592 63.55 -45.26 38.69
N ALA J 593 63.62 -45.35 37.36
CA ALA J 593 64.22 -46.52 36.73
C ALA J 593 65.68 -46.67 37.13
N PHE J 594 66.42 -45.56 37.14
CA PHE J 594 67.85 -45.62 37.44
C PHE J 594 68.07 -46.11 38.86
N LEU J 595 67.26 -45.63 39.81
CA LEU J 595 67.32 -46.14 41.16
C LEU J 595 67.00 -47.63 41.19
N THR J 596 65.98 -48.05 40.44
CA THR J 596 65.61 -49.45 40.36
C THR J 596 66.51 -50.24 39.41
N SER J 597 67.42 -49.59 38.70
CA SER J 597 68.20 -50.27 37.68
C SER J 597 69.14 -51.29 38.32
N GLU J 598 69.59 -52.24 37.49
CA GLU J 598 70.60 -53.20 37.92
C GLU J 598 71.95 -52.52 38.07
N THR J 599 72.89 -53.24 38.69
CA THR J 599 74.20 -52.66 38.99
C THR J 599 75.00 -52.40 37.72
N GLY J 600 75.14 -51.13 37.35
CA GLY J 600 75.99 -50.73 36.25
C GLY J 600 75.34 -50.75 34.89
N SER J 601 74.09 -51.18 34.78
CA SER J 601 73.42 -51.29 33.48
C SER J 601 72.49 -50.09 33.29
N TYR J 602 73.08 -48.98 32.87
CA TYR J 602 72.31 -47.78 32.57
C TYR J 602 71.66 -47.86 31.19
N ASP J 603 70.92 -48.95 30.97
CA ASP J 603 70.50 -49.30 29.62
C ASP J 603 69.57 -48.24 29.03
N GLY J 604 68.50 -47.90 29.74
CA GLY J 604 67.59 -46.89 29.25
C GLY J 604 68.26 -45.52 29.15
N VAL J 605 69.26 -45.28 30.01
CA VAL J 605 69.97 -44.01 29.99
C VAL J 605 70.55 -43.75 28.60
N LEU J 606 71.22 -44.75 28.03
CA LEU J 606 71.68 -44.61 26.65
C LEU J 606 70.52 -44.50 25.68
N TYR J 607 69.46 -45.26 25.93
CA TYR J 607 68.32 -45.31 25.02
C TYR J 607 67.26 -44.26 25.31
N GLU J 608 67.42 -43.45 26.35
CA GLU J 608 66.42 -42.43 26.64
C GLU J 608 66.38 -41.41 25.51
N ASN J 609 65.18 -40.94 25.18
CA ASN J 609 65.00 -39.95 24.13
C ASN J 609 64.28 -38.70 24.58
N LYS J 610 63.47 -38.76 25.63
CA LYS J 610 62.73 -37.61 26.12
C LYS J 610 63.48 -36.83 27.19
N VAL J 611 64.70 -37.21 27.52
CA VAL J 611 65.50 -36.52 28.52
C VAL J 611 66.58 -35.70 27.82
N ALA J 612 67.26 -34.87 28.60
CA ALA J 612 68.25 -33.96 28.05
C ALA J 612 69.44 -34.72 27.48
N VAL J 613 69.90 -34.32 26.29
CA VAL J 613 71.04 -34.97 25.68
C VAL J 613 72.32 -34.65 26.44
N ARG J 614 72.52 -33.38 26.78
CA ARG J 614 73.72 -33.01 27.54
C ARG J 614 73.72 -33.71 28.90
N ASP J 615 72.57 -33.74 29.56
CA ASP J 615 72.48 -34.43 30.85
C ASP J 615 72.71 -35.92 30.68
N ARG J 616 72.17 -36.51 29.62
CA ARG J 616 72.39 -37.94 29.38
C ARG J 616 73.88 -38.23 29.22
N VAL J 617 74.57 -37.41 28.43
CA VAL J 617 76.00 -37.59 28.24
C VAL J 617 76.72 -37.39 29.56
N ALA J 618 76.25 -36.44 30.37
CA ALA J 618 76.90 -36.17 31.64
C ALA J 618 76.81 -37.37 32.58
N PHE J 619 75.63 -37.98 32.66
CA PHE J 619 75.50 -39.18 33.48
C PHE J 619 76.34 -40.32 32.93
N ALA J 620 76.34 -40.49 31.60
CA ALA J 620 77.12 -41.58 31.00
C ALA J 620 78.60 -41.42 31.30
N CYS J 621 79.13 -40.21 31.17
CA CYS J 621 80.52 -39.95 31.54
C CYS J 621 80.71 -40.08 33.04
N LYS J 622 79.64 -39.85 33.81
CA LYS J 622 79.74 -40.01 35.25
C LYS J 622 79.92 -41.46 35.65
N PHE J 623 79.35 -42.40 34.90
CA PHE J 623 79.39 -43.79 35.30
C PHE J 623 80.04 -44.73 34.28
N LEU J 624 79.67 -44.63 33.01
CA LEU J 624 79.96 -45.69 32.05
C LEU J 624 81.45 -45.94 31.88
N SER J 625 81.80 -47.21 31.68
CA SER J 625 83.19 -47.61 31.52
C SER J 625 83.73 -47.14 30.18
N ASP J 626 85.01 -47.42 29.94
CA ASP J 626 85.68 -46.90 28.75
C ASP J 626 85.02 -47.42 27.48
N THR J 627 84.87 -48.73 27.36
CA THR J 627 84.22 -49.29 26.18
C THR J 627 82.78 -48.83 26.08
N GLN J 628 82.06 -48.81 27.20
CA GLN J 628 80.68 -48.35 27.18
C GLN J 628 80.60 -46.88 26.77
N LEU J 629 81.47 -46.04 27.34
CA LEU J 629 81.45 -44.63 27.00
C LEU J 629 81.76 -44.41 25.52
N ASN J 630 82.77 -45.10 25.00
CA ASN J 630 83.13 -44.93 23.60
C ASN J 630 82.00 -45.38 22.68
N ARG J 631 81.43 -46.56 22.97
CA ARG J 631 80.37 -47.07 22.12
C ARG J 631 79.15 -46.17 22.16
N TYR J 632 78.78 -45.69 23.35
CA TYR J 632 77.63 -44.80 23.46
C TYR J 632 77.88 -43.48 22.73
N ILE J 633 79.10 -42.94 22.86
CA ILE J 633 79.40 -41.68 22.20
C ILE J 633 79.31 -41.85 20.68
N GLU J 634 79.89 -42.94 20.16
CA GLU J 634 79.87 -43.17 18.73
C GLU J 634 78.46 -43.38 18.22
N LYS J 635 77.66 -44.19 18.94
CA LYS J 635 76.29 -44.44 18.51
C LYS J 635 75.47 -43.16 18.53
N LEU J 636 75.61 -42.35 19.59
CA LEU J 636 74.87 -41.10 19.66
C LEU J 636 75.29 -40.16 18.55
N THR J 637 76.60 -40.12 18.24
CA THR J 637 77.06 -39.27 17.15
C THR J 637 76.48 -39.73 15.83
N ASN J 638 76.45 -41.04 15.58
CA ASN J 638 75.86 -41.54 14.34
C ASN J 638 74.38 -41.19 14.26
N GLU J 639 73.66 -41.35 15.37
CA GLU J 639 72.24 -41.02 15.38
C GLU J 639 72.01 -39.53 15.12
N MET J 640 72.81 -38.67 15.75
CA MET J 640 72.65 -37.23 15.54
C MET J 640 73.00 -36.85 14.10
N LYS J 641 74.07 -37.43 13.55
CA LYS J 641 74.44 -37.12 12.18
C LYS J 641 73.33 -37.55 11.22
N GLU J 642 72.75 -38.72 11.45
CA GLU J 642 71.62 -39.15 10.62
C GLU J 642 70.43 -38.22 10.78
N ALA J 643 70.17 -37.77 12.00
CA ALA J 643 68.96 -36.99 12.26
C ALA J 643 69.16 -35.51 11.97
N GLY J 644 70.11 -34.88 12.65
CA GLY J 644 70.34 -33.47 12.48
C GLY J 644 69.82 -32.63 13.62
N ASN J 645 69.86 -33.18 14.84
CA ASN J 645 69.51 -32.44 16.04
C ASN J 645 70.71 -31.63 16.48
N LEU J 646 70.58 -30.30 16.41
CA LEU J 646 71.73 -29.41 16.57
C LEU J 646 72.45 -29.61 17.88
N GLU J 647 71.76 -30.08 18.92
CA GLU J 647 72.41 -30.32 20.20
C GLU J 647 73.58 -31.28 20.07
N GLY J 648 73.56 -32.15 19.06
CA GLY J 648 74.69 -33.04 18.82
C GLY J 648 75.99 -32.32 18.59
N ILE J 649 75.95 -31.03 18.27
CA ILE J 649 77.18 -30.26 18.16
C ILE J 649 77.91 -30.23 19.49
N LEU J 650 77.19 -30.44 20.59
CA LEU J 650 77.84 -30.45 21.89
C LEU J 650 78.88 -31.56 21.97
N LEU J 651 78.54 -32.74 21.46
CA LEU J 651 79.55 -33.79 21.33
C LEU J 651 80.47 -33.55 20.14
N THR J 652 79.92 -33.03 19.03
CA THR J 652 80.69 -32.92 17.79
C THR J 652 81.51 -31.64 17.73
N GLY J 653 80.88 -30.50 17.94
CA GLY J 653 81.60 -29.24 17.92
C GLY J 653 81.99 -28.83 16.51
N LEU J 654 82.87 -27.84 16.47
CA LEU J 654 83.34 -27.30 15.19
C LEU J 654 84.29 -28.33 14.58
N THR J 655 83.71 -29.28 13.87
CA THR J 655 84.49 -30.35 13.25
C THR J 655 84.03 -30.51 11.81
N LYS J 656 84.82 -31.26 11.04
CA LYS J 656 84.40 -31.58 9.67
C LYS J 656 83.08 -32.35 9.69
N ASP J 657 83.01 -33.42 10.50
CA ASP J 657 81.74 -34.08 10.71
C ASP J 657 80.74 -33.12 11.34
N GLY J 658 81.22 -32.18 12.13
CA GLY J 658 80.35 -31.12 12.61
C GLY J 658 79.81 -30.26 11.49
N VAL J 659 80.65 -29.98 10.49
CA VAL J 659 80.19 -29.24 9.33
C VAL J 659 79.12 -30.03 8.60
N ASP J 660 79.33 -31.33 8.44
CA ASP J 660 78.33 -32.17 7.78
C ASP J 660 77.03 -32.19 8.58
N LEU J 661 77.14 -32.24 9.90
CA LEU J 661 75.94 -32.20 10.74
C LEU J 661 75.20 -30.89 10.58
N MET J 662 75.94 -29.78 10.53
CA MET J 662 75.32 -28.49 10.29
C MET J 662 74.62 -28.47 8.94
N GLU J 663 75.24 -29.07 7.93
CA GLU J 663 74.61 -29.16 6.62
C GLU J 663 73.31 -29.95 6.68
N SER J 664 73.32 -31.06 7.41
CA SER J 664 72.10 -31.84 7.55
C SER J 664 71.02 -31.03 8.27
N TYR J 665 71.41 -30.30 9.32
CA TYR J 665 70.45 -29.50 10.07
C TYR J 665 69.86 -28.40 9.18
N VAL J 666 70.67 -27.83 8.31
CA VAL J 666 70.16 -26.86 7.34
C VAL J 666 69.20 -27.53 6.38
N ASP J 667 69.56 -28.72 5.91
CA ASP J 667 68.70 -29.43 4.96
C ASP J 667 67.34 -29.72 5.56
N ARG J 668 67.29 -30.08 6.85
CA ARG J 668 66.02 -30.47 7.45
C ARG J 668 65.03 -29.31 7.46
N THR J 669 65.48 -28.11 7.82
CA THR J 669 64.59 -26.96 7.94
C THR J 669 64.97 -25.83 7.00
N GLY J 670 66.22 -25.40 7.01
CA GLY J 670 66.65 -24.31 6.17
C GLY J 670 66.78 -23.01 6.92
N ASP J 671 67.24 -23.07 8.16
CA ASP J 671 67.42 -21.87 8.96
C ASP J 671 68.47 -20.97 8.33
N VAL J 672 68.05 -19.78 7.93
CA VAL J 672 68.92 -18.93 7.12
C VAL J 672 70.17 -18.49 7.86
N GLN J 673 70.03 -17.70 8.91
CA GLN J 673 71.17 -17.14 9.61
C GLN J 673 71.78 -18.08 10.64
N THR J 674 71.08 -19.16 11.00
CA THR J 674 71.57 -20.04 12.05
C THR J 674 72.91 -20.66 11.68
N ALA J 675 72.98 -21.24 10.50
CA ALA J 675 74.21 -21.93 10.09
C ALA J 675 75.38 -20.97 10.04
N SER J 676 75.18 -19.80 9.46
CA SER J 676 76.26 -18.83 9.34
C SER J 676 76.71 -18.35 10.72
N TYR J 677 75.78 -17.93 11.56
CA TYR J 677 76.16 -17.40 12.85
C TYR J 677 76.85 -18.46 13.70
N CYS J 678 76.32 -19.68 13.70
CA CYS J 678 76.91 -20.73 14.53
C CYS J 678 78.27 -21.14 14.01
N MET J 679 78.37 -21.42 12.70
CA MET J 679 79.65 -21.86 12.16
C MET J 679 80.72 -20.79 12.34
N LEU J 680 80.33 -19.52 12.20
CA LEU J 680 81.28 -18.43 12.39
C LEU J 680 81.69 -18.25 13.84
N GLN J 681 80.93 -18.78 14.79
CA GLN J 681 81.23 -18.61 16.20
C GLN J 681 82.46 -19.42 16.59
N GLY J 682 83.62 -18.76 16.64
CA GLY J 682 84.83 -19.45 17.05
C GLY J 682 85.25 -20.58 16.14
N SER J 683 85.17 -20.39 14.83
CA SER J 683 85.56 -21.43 13.89
C SER J 683 87.09 -21.55 13.83
N PRO J 684 87.60 -22.73 13.53
CA PRO J 684 89.05 -22.88 13.36
C PRO J 684 89.50 -22.25 12.05
N LEU J 685 90.83 -22.10 11.93
CA LEU J 685 91.40 -21.60 10.68
C LEU J 685 91.07 -22.53 9.52
N ASP J 686 91.31 -23.84 9.70
CA ASP J 686 90.94 -24.79 8.68
C ASP J 686 89.45 -24.88 8.48
N VAL J 687 88.66 -24.43 9.47
CA VAL J 687 87.21 -24.51 9.36
C VAL J 687 86.68 -23.65 8.22
N LEU J 688 87.34 -22.53 7.92
CA LEU J 688 86.91 -21.65 6.85
C LEU J 688 87.10 -22.27 5.47
N LYS J 689 87.80 -23.40 5.37
CA LYS J 689 88.07 -24.03 4.09
C LYS J 689 86.93 -24.91 3.59
N ASP J 690 85.88 -25.12 4.39
CA ASP J 690 84.77 -25.94 3.93
C ASP J 690 83.98 -25.22 2.85
N GLU J 691 83.58 -25.97 1.82
CA GLU J 691 82.79 -25.39 0.75
C GLU J 691 81.38 -25.05 1.22
N ARG J 692 80.83 -25.88 2.11
CA ARG J 692 79.47 -25.65 2.60
C ARG J 692 79.38 -24.33 3.36
N VAL J 693 80.40 -24.00 4.13
CA VAL J 693 80.36 -22.77 4.92
C VAL J 693 80.32 -21.56 4.00
N GLN J 694 81.19 -21.53 3.00
CA GLN J 694 81.21 -20.42 2.06
C GLN J 694 79.89 -20.32 1.30
N TYR J 695 79.35 -21.47 0.90
CA TYR J 695 78.08 -21.46 0.19
C TYR J 695 76.98 -20.88 1.06
N TRP J 696 76.92 -21.29 2.33
CA TRP J 696 75.89 -20.77 3.23
C TRP J 696 76.06 -19.28 3.43
N ILE J 697 77.31 -18.82 3.60
CA ILE J 697 77.55 -17.40 3.82
C ILE J 697 77.10 -16.59 2.61
N GLU J 698 77.47 -17.04 1.42
CA GLU J 698 77.08 -16.32 0.21
C GLU J 698 75.57 -16.34 0.03
N ASN J 699 74.92 -17.46 0.34
CA ASN J 699 73.48 -17.53 0.19
C ASN J 699 72.79 -16.56 1.14
N TYR J 700 73.27 -16.47 2.37
CA TYR J 700 72.70 -15.52 3.31
C TYR J 700 72.93 -14.10 2.82
N ARG J 701 74.10 -13.83 2.25
CA ARG J 701 74.36 -12.50 1.71
C ARG J 701 73.38 -12.16 0.59
N ASN J 702 73.16 -13.11 -0.32
CA ASN J 702 72.23 -12.88 -1.42
C ASN J 702 70.81 -12.70 -0.91
N LEU J 703 70.39 -13.52 0.05
CA LEU J 703 69.05 -13.41 0.60
C LEU J 703 68.84 -12.08 1.31
N LEU J 704 69.81 -11.66 2.11
CA LEU J 704 69.70 -10.36 2.77
C LEU J 704 69.63 -9.23 1.74
N ASP J 705 70.48 -9.31 0.70
CA ASP J 705 70.47 -8.27 -0.33
C ASP J 705 69.14 -8.22 -1.05
N ALA J 706 68.59 -9.40 -1.40
CA ALA J 706 67.25 -9.44 -1.95
C ALA J 706 66.25 -8.83 -0.99
N TRP J 707 66.48 -8.92 0.33
CA TRP J 707 65.49 -8.31 1.20
C TRP J 707 65.61 -6.79 1.23
N ARG J 708 66.66 -6.22 0.62
CA ARG J 708 66.93 -4.79 0.57
C ARG J 708 67.37 -4.22 1.92
N PHE J 709 67.36 -5.03 2.99
CA PHE J 709 67.89 -4.59 4.28
C PHE J 709 69.41 -4.69 4.22
N TRP J 710 70.00 -3.84 3.38
CA TRP J 710 71.40 -3.99 3.03
C TRP J 710 72.31 -3.76 4.24
N HIS J 711 71.83 -3.06 5.26
CA HIS J 711 72.63 -2.88 6.46
C HIS J 711 72.88 -4.19 7.19
N LYS J 712 71.98 -5.16 7.09
CA LYS J 712 72.27 -6.48 7.62
C LYS J 712 73.50 -7.07 6.94
N ARG J 713 73.56 -6.96 5.61
CA ARG J 713 74.75 -7.41 4.89
C ARG J 713 75.98 -6.64 5.33
N ALA J 714 75.86 -5.33 5.50
CA ALA J 714 77.02 -4.53 5.91
C ALA J 714 77.55 -4.98 7.26
N GLU J 715 76.67 -5.08 8.26
CA GLU J 715 77.12 -5.46 9.59
C GLU J 715 77.66 -6.89 9.61
N PHE J 716 76.97 -7.82 8.96
CA PHE J 716 77.44 -9.20 8.92
C PHE J 716 78.80 -9.30 8.23
N ASP J 717 78.97 -8.56 7.13
CA ASP J 717 80.24 -8.60 6.42
C ASP J 717 81.35 -8.02 7.27
N ILE J 718 81.08 -6.91 7.97
CA ILE J 718 82.10 -6.32 8.83
C ILE J 718 82.50 -7.29 9.91
N HIS J 719 81.51 -7.93 10.55
CA HIS J 719 81.82 -8.90 11.59
C HIS J 719 82.57 -10.10 11.06
N ARG J 720 82.21 -10.57 9.86
CA ARG J 720 82.90 -11.72 9.28
C ARG J 720 84.34 -11.38 8.97
N SER J 721 84.58 -10.23 8.34
CA SER J 721 85.95 -9.81 8.08
C SER J 721 86.72 -9.65 9.38
N LYS J 722 86.04 -9.16 10.42
CA LYS J 722 86.68 -9.04 11.73
C LYS J 722 87.11 -10.41 12.25
N LEU J 723 86.19 -11.38 12.23
CA LEU J 723 86.53 -12.71 12.68
C LEU J 723 87.53 -13.37 11.74
N ASP J 724 87.28 -13.29 10.45
CA ASP J 724 88.13 -13.93 9.44
C ASP J 724 88.60 -12.90 8.44
N PRO J 725 89.89 -12.55 8.43
CA PRO J 725 90.40 -11.61 7.44
C PRO J 725 90.58 -12.19 6.04
N SER J 726 90.09 -13.41 5.79
CA SER J 726 90.28 -14.05 4.50
C SER J 726 89.58 -13.27 3.39
N SER J 727 88.36 -12.81 3.64
CA SER J 727 87.53 -12.18 2.62
C SER J 727 87.42 -10.67 2.86
N LYS J 728 88.53 -10.03 3.23
CA LYS J 728 88.51 -8.59 3.45
C LYS J 728 88.20 -7.87 2.15
N PRO J 729 87.48 -6.75 2.21
CA PRO J 729 87.13 -6.03 0.98
C PRO J 729 88.34 -5.33 0.38
N LEU J 730 88.79 -5.81 -0.76
CA LEU J 730 89.98 -5.29 -1.43
C LEU J 730 89.67 -3.97 -2.11
N ALA J 731 90.64 -3.45 -2.86
CA ALA J 731 90.47 -2.17 -3.53
C ALA J 731 89.46 -2.26 -4.66
N GLN J 732 88.72 -1.17 -4.87
CA GLN J 732 87.74 -1.10 -5.94
C GLN J 732 87.99 0.03 -6.93
N VAL J 733 89.07 0.80 -6.75
CA VAL J 733 89.40 1.91 -7.64
C VAL J 733 90.90 1.90 -7.90
N PHE J 734 91.30 2.63 -8.94
CA PHE J 734 92.70 2.76 -9.32
C PHE J 734 93.04 4.22 -9.57
N VAL J 735 94.05 4.72 -8.85
CA VAL J 735 94.50 6.09 -9.01
C VAL J 735 95.69 6.11 -9.97
N SER J 736 95.44 6.51 -11.21
CA SER J 736 96.47 6.47 -12.25
C SER J 736 96.54 7.81 -12.96
N CYS J 737 97.75 8.34 -13.08
CA CYS J 737 97.95 9.59 -13.80
C CYS J 737 97.86 9.36 -15.29
N ASN J 738 96.97 10.10 -15.95
CA ASN J 738 96.81 9.97 -17.40
C ASN J 738 98.08 10.42 -18.12
N PHE J 739 98.67 11.54 -17.69
CA PHE J 739 99.91 11.99 -18.30
C PHE J 739 101.04 10.98 -18.09
N CYS J 740 101.16 10.45 -16.87
CA CYS J 740 102.19 9.46 -16.59
C CYS J 740 101.90 8.12 -17.29
N GLY J 741 100.63 7.71 -17.30
CA GLY J 741 100.27 6.42 -17.83
C GLY J 741 100.45 5.26 -16.87
N LYS J 742 100.84 5.53 -15.63
CA LYS J 742 101.05 4.50 -14.62
C LYS J 742 100.24 4.84 -13.37
N SER J 743 99.83 3.79 -12.64
CA SER J 743 99.01 3.98 -11.45
C SER J 743 99.82 4.69 -10.37
N ILE J 744 99.16 5.64 -9.70
CA ILE J 744 99.78 6.37 -8.61
C ILE J 744 99.18 5.91 -7.29
N THR J 773 100.77 15.57 -2.50
CA THR J 773 100.98 16.80 -3.26
C THR J 773 100.67 16.58 -4.74
N SER J 774 101.71 16.61 -5.56
CA SER J 774 101.61 16.39 -6.99
C SER J 774 102.08 14.99 -7.33
N CYS J 775 101.96 14.63 -8.61
CA CYS J 775 102.40 13.32 -9.06
C CYS J 775 103.92 13.21 -8.97
N PRO J 776 104.45 12.14 -8.38
CA PRO J 776 105.92 12.00 -8.37
C PRO J 776 106.53 11.91 -9.75
N GLY J 777 105.86 11.26 -10.70
CA GLY J 777 106.40 11.10 -12.03
C GLY J 777 105.83 12.08 -13.04
N CYS J 778 104.50 12.22 -13.07
CA CYS J 778 103.87 13.11 -14.03
C CYS J 778 103.91 14.57 -13.62
N ARG J 779 104.22 14.84 -12.35
CA ARG J 779 104.11 16.19 -11.80
C ARG J 779 102.73 16.75 -12.11
N LYS J 780 101.70 16.11 -11.57
CA LYS J 780 100.33 16.47 -11.90
C LYS J 780 99.47 16.42 -10.65
N PRO J 781 98.54 17.36 -10.50
CA PRO J 781 97.59 17.28 -9.39
C PRO J 781 96.31 16.59 -9.81
N LEU J 782 95.42 16.40 -8.84
CA LEU J 782 94.09 15.90 -9.14
C LEU J 782 93.26 16.99 -9.81
N PRO J 783 92.19 16.60 -10.49
CA PRO J 783 91.37 17.61 -11.20
C PRO J 783 90.75 18.61 -10.24
N ARG J 784 90.50 19.81 -10.75
CA ARG J 784 89.99 20.90 -9.92
C ARG J 784 88.55 20.65 -9.49
N CYS J 785 88.03 21.58 -8.69
CA CYS J 785 86.68 21.43 -8.17
C CYS J 785 85.65 22.07 -9.11
N ALA J 786 84.91 21.21 -9.81
CA ALA J 786 83.98 21.66 -10.84
C ALA J 786 82.97 22.65 -10.31
N LEU J 787 82.69 22.62 -9.02
CA LEU J 787 82.10 23.76 -8.35
C LEU J 787 83.08 24.51 -7.46
N CYS J 788 83.67 23.88 -6.44
CA CYS J 788 84.41 24.63 -5.43
C CYS J 788 85.67 25.31 -5.94
N LEU J 789 85.99 25.20 -7.24
CA LEU J 789 87.04 25.99 -7.89
C LEU J 789 88.43 25.70 -7.31
N ILE J 790 88.58 24.58 -6.60
CA ILE J 790 89.78 24.29 -5.81
C ILE J 790 90.37 22.96 -6.24
N ASN J 791 91.54 22.66 -5.69
CA ASN J 791 92.21 21.39 -5.97
C ASN J 791 91.54 20.26 -5.22
N MET J 792 91.40 19.11 -5.89
CA MET J 792 90.83 17.95 -5.23
C MET J 792 91.77 17.42 -4.17
N GLY J 793 91.22 17.11 -3.00
CA GLY J 793 91.99 16.65 -1.87
C GLY J 793 92.56 17.75 -0.99
N THR J 794 92.36 19.01 -1.37
CA THR J 794 92.84 20.11 -0.55
C THR J 794 92.01 20.21 0.73
N PRO J 795 92.58 20.75 1.81
CA PRO J 795 91.83 20.85 3.06
C PRO J 795 90.59 21.70 2.92
N VAL J 796 89.51 21.25 3.56
CA VAL J 796 88.22 21.93 3.53
C VAL J 796 87.75 22.13 2.09
N LEU J 817 78.40 15.42 12.69
CA LEU J 817 79.26 16.33 11.95
C LEU J 817 78.95 16.27 10.46
N ALA J 818 79.68 17.06 9.67
CA ALA J 818 79.48 17.13 8.23
C ALA J 818 80.76 16.87 7.45
N GLN J 819 81.67 16.06 7.99
CA GLN J 819 82.92 15.75 7.28
C GLN J 819 82.68 14.99 6.00
N PHE J 820 81.53 14.30 5.87
CA PHE J 820 81.20 13.66 4.60
C PHE J 820 80.98 14.69 3.50
N ASN J 821 80.61 15.91 3.89
CA ASN J 821 80.49 17.00 2.93
C ASN J 821 81.85 17.51 2.46
N ASN J 822 82.94 17.07 3.09
CA ASN J 822 84.29 17.47 2.70
C ASN J 822 84.92 16.51 1.71
N TRP J 823 84.18 15.53 1.22
CA TRP J 823 84.70 14.57 0.25
C TRP J 823 84.45 15.09 -1.17
N PHE J 824 84.76 14.25 -2.16
CA PHE J 824 84.56 14.55 -3.57
C PHE J 824 84.04 13.32 -4.27
N THR J 825 83.19 13.54 -5.27
CA THR J 825 82.62 12.45 -6.06
C THR J 825 83.21 12.45 -7.46
N TRP J 826 83.10 11.30 -8.12
CA TRP J 826 83.42 11.18 -9.54
C TRP J 826 82.28 10.46 -10.23
N CYS J 827 81.95 10.88 -11.44
CA CYS J 827 80.88 10.28 -12.21
C CYS J 827 81.39 9.94 -13.60
N HIS J 828 81.04 8.74 -14.08
CA HIS J 828 81.48 8.32 -15.41
C HIS J 828 80.77 9.08 -16.51
N ASN J 829 79.61 9.66 -16.22
CA ASN J 829 78.87 10.40 -17.24
C ASN J 829 79.42 11.81 -17.40
N CYS J 830 79.35 12.61 -16.34
CA CYS J 830 79.85 13.98 -16.39
C CYS J 830 81.35 14.05 -16.59
N ARG J 831 82.09 13.01 -16.15
CA ARG J 831 83.55 13.04 -16.11
C ARG J 831 84.02 14.29 -15.38
N HIS J 832 83.32 14.63 -14.30
CA HIS J 832 83.62 15.83 -13.54
C HIS J 832 83.14 15.63 -12.10
N GLY J 833 83.84 16.27 -11.18
CA GLY J 833 83.45 16.24 -9.78
C GLY J 833 84.05 17.41 -9.05
N GLY J 834 83.66 17.55 -7.78
CA GLY J 834 84.16 18.65 -6.97
C GLY J 834 83.78 18.55 -5.51
N HIS J 835 83.41 19.68 -4.90
CA HIS J 835 82.99 19.66 -3.50
C HIS J 835 81.68 18.91 -3.35
N ALA J 836 81.68 17.90 -2.48
CA ALA J 836 80.53 17.00 -2.37
C ALA J 836 79.28 17.75 -1.94
N GLY J 837 79.41 18.66 -0.96
CA GLY J 837 78.28 19.47 -0.60
C GLY J 837 77.86 20.40 -1.71
N HIS J 838 78.82 21.03 -2.38
CA HIS J 838 78.51 21.89 -3.51
C HIS J 838 77.84 21.10 -4.62
N MET J 839 78.36 19.89 -4.90
CA MET J 839 77.72 19.04 -5.90
C MET J 839 76.32 18.65 -5.48
N LEU J 840 76.11 18.41 -4.18
CA LEU J 840 74.77 18.08 -3.70
C LEU J 840 73.81 19.24 -3.92
N SER J 841 74.24 20.45 -3.61
CA SER J 841 73.39 21.61 -3.84
C SER J 841 73.09 21.78 -5.32
N TRP J 842 74.10 21.60 -6.17
CA TRP J 842 73.89 21.71 -7.61
C TRP J 842 72.87 20.68 -8.09
N PHE J 843 73.03 19.43 -7.69
CA PHE J 843 72.07 18.40 -8.10
C PHE J 843 70.68 18.69 -7.52
N ARG J 844 70.62 19.40 -6.40
CA ARG J 844 69.33 19.90 -5.93
C ARG J 844 68.74 20.90 -6.91
N ASP J 845 69.55 21.83 -7.41
CA ASP J 845 69.06 22.86 -8.32
C ASP J 845 69.34 22.53 -9.79
N HIS J 846 70.60 22.31 -10.14
CA HIS J 846 70.96 22.00 -11.52
C HIS J 846 70.49 20.60 -11.90
N ALA J 847 70.56 20.30 -13.20
CA ALA J 847 70.15 19.00 -13.71
C ALA J 847 71.08 18.47 -14.80
N GLU J 848 72.34 18.89 -14.81
CA GLU J 848 73.29 18.45 -15.82
C GLU J 848 74.69 18.50 -15.25
N CYS J 849 75.65 18.02 -16.03
CA CYS J 849 77.05 18.14 -15.64
C CYS J 849 77.42 19.61 -15.55
N PRO J 850 77.88 20.10 -14.39
CA PRO J 850 78.05 21.55 -14.22
C PRO J 850 79.02 22.16 -15.21
N VAL J 851 79.97 21.39 -15.73
CA VAL J 851 80.81 21.91 -16.79
C VAL J 851 79.96 22.15 -18.04
N SER J 852 80.10 23.34 -18.60
CA SER J 852 79.52 23.61 -19.91
C SER J 852 80.07 22.63 -20.94
N ALA J 853 79.39 22.54 -22.08
CA ALA J 853 79.75 21.61 -23.16
C ALA J 853 79.73 20.17 -22.66
N CYS J 854 78.95 19.91 -21.61
CA CYS J 854 78.76 18.57 -21.07
C CYS J 854 77.25 18.34 -20.93
N THR J 855 76.77 17.28 -21.53
CA THR J 855 75.34 16.97 -21.58
C THR J 855 75.01 15.79 -20.70
N CYS J 856 75.64 15.71 -19.54
CA CYS J 856 75.53 14.56 -18.66
C CYS J 856 74.69 14.91 -17.44
N LYS J 857 73.61 14.16 -17.23
CA LYS J 857 72.85 14.22 -15.98
C LYS J 857 73.35 13.07 -15.11
N CYS J 858 74.53 13.27 -14.52
CA CYS J 858 75.18 12.20 -13.77
C CYS J 858 74.38 11.83 -12.52
N MET J 859 73.84 12.82 -11.81
CA MET J 859 73.13 12.54 -10.57
C MET J 859 71.88 11.72 -10.83
N GLN J 860 71.22 11.94 -11.96
CA GLN J 860 69.99 11.24 -12.30
C GLN J 860 70.25 9.97 -13.11
N LEU J 861 71.51 9.54 -13.21
CA LEU J 861 71.82 8.34 -13.97
C LEU J 861 71.17 7.10 -13.35
N ASP J 862 71.18 7.01 -12.03
CA ASP J 862 70.61 5.85 -11.35
C ASP J 862 69.20 6.14 -10.83
N VAL K 15 65.59 29.73 -119.86
CA VAL K 15 64.94 30.35 -118.72
C VAL K 15 65.21 31.84 -118.69
N LEU K 16 65.70 32.34 -117.55
CA LEU K 16 66.01 33.75 -117.38
C LEU K 16 67.01 33.89 -116.25
N THR K 17 67.64 35.06 -116.17
CA THR K 17 68.63 35.33 -115.14
C THR K 17 68.71 36.83 -114.89
N GLY K 18 69.18 37.19 -113.70
CA GLY K 18 69.35 38.58 -113.35
C GLY K 18 69.10 38.88 -111.89
N ARG K 19 69.51 40.06 -111.42
CA ARG K 19 69.35 40.44 -110.02
C ARG K 19 68.69 41.81 -109.96
N THR K 20 68.55 42.34 -108.74
CA THR K 20 67.90 43.63 -108.53
C THR K 20 68.71 44.77 -109.13
N MET K 21 68.01 45.78 -109.63
CA MET K 21 68.62 46.79 -110.48
C MET K 21 67.99 48.15 -110.19
N HIS K 22 68.57 49.19 -110.79
CA HIS K 22 68.02 50.54 -110.79
C HIS K 22 68.30 51.18 -112.13
N CYS K 23 67.56 52.25 -112.44
CA CYS K 23 67.87 53.11 -113.57
C CYS K 23 67.20 54.47 -113.30
N HIS K 24 68.01 55.46 -112.97
CA HIS K 24 67.49 56.79 -112.65
C HIS K 24 67.16 57.53 -113.94
N LEU K 25 65.92 58.00 -114.04
CA LEU K 25 65.41 58.59 -115.27
C LEU K 25 65.55 60.11 -115.26
N ASP K 26 64.93 60.74 -116.25
CA ASP K 26 64.96 62.18 -116.42
C ASP K 26 63.68 62.86 -115.95
N ALA K 27 62.53 62.20 -116.08
CA ALA K 27 61.24 62.76 -115.75
C ALA K 27 60.38 61.72 -115.04
N PRO K 28 59.32 62.14 -114.35
CA PRO K 28 58.38 61.16 -113.80
C PRO K 28 57.74 60.33 -114.91
N ALA K 29 57.44 59.08 -114.59
CA ALA K 29 56.87 58.14 -115.55
C ALA K 29 55.64 57.46 -114.95
N ASN K 30 54.67 57.17 -115.82
CA ASN K 30 53.46 56.51 -115.35
C ASN K 30 52.94 55.45 -116.31
N ALA K 31 53.83 54.76 -117.01
CA ALA K 31 53.41 53.66 -117.89
C ALA K 31 54.62 52.81 -118.25
N ILE K 32 54.43 51.50 -118.26
CA ILE K 32 55.47 50.54 -118.63
C ILE K 32 54.84 49.42 -119.43
N SER K 33 55.58 48.88 -120.39
CA SER K 33 55.17 47.67 -121.08
C SER K 33 56.43 46.88 -121.45
N VAL K 34 56.26 45.57 -121.62
CA VAL K 34 57.36 44.67 -121.91
C VAL K 34 57.08 43.95 -123.22
N CYS K 35 58.13 43.50 -123.89
CA CYS K 35 58.00 42.85 -125.18
C CYS K 35 57.88 41.33 -125.00
N ARG K 36 57.61 40.64 -126.10
CA ARG K 36 57.52 39.19 -126.06
C ARG K 36 58.87 38.54 -125.81
N ASP K 37 59.96 39.20 -126.18
CA ASP K 37 61.30 38.68 -125.96
C ASP K 37 61.70 38.70 -124.49
N ALA K 38 60.92 39.35 -123.63
CA ALA K 38 61.24 39.49 -122.21
C ALA K 38 62.59 40.17 -122.01
N ALA K 39 62.89 41.16 -122.84
CA ALA K 39 64.14 41.91 -122.73
C ALA K 39 63.98 43.42 -122.87
N GLN K 40 62.84 43.92 -123.33
CA GLN K 40 62.64 45.33 -123.57
C GLN K 40 61.61 45.91 -122.60
N VAL K 41 61.84 47.14 -122.17
CA VAL K 41 60.91 47.91 -121.37
C VAL K 41 60.66 49.22 -122.09
N VAL K 42 59.41 49.68 -122.07
CA VAL K 42 58.97 50.79 -122.91
C VAL K 42 58.47 51.94 -122.05
N VAL K 43 59.13 52.18 -120.92
CA VAL K 43 58.75 53.21 -119.96
C VAL K 43 58.43 54.54 -120.64
N ALA K 44 57.27 55.09 -120.33
CA ALA K 44 56.78 56.32 -120.97
C ALA K 44 56.16 57.20 -119.91
N GLY K 45 55.61 58.33 -120.34
CA GLY K 45 54.99 59.26 -119.41
C GLY K 45 54.65 60.60 -120.03
N ARG K 46 54.82 61.67 -119.25
CA ARG K 46 54.42 62.99 -119.69
C ARG K 46 55.52 63.73 -120.45
N SER K 47 56.78 63.50 -120.12
CA SER K 47 57.85 64.24 -120.77
C SER K 47 58.97 63.32 -121.24
N ILE K 48 58.72 62.01 -121.25
CA ILE K 48 59.72 61.04 -121.68
C ILE K 48 59.02 59.90 -122.40
N PHE K 49 59.66 59.39 -123.46
CA PHE K 49 59.23 58.17 -124.12
C PHE K 49 60.48 57.47 -124.63
N LYS K 50 60.99 56.53 -123.84
CA LYS K 50 62.17 55.76 -124.20
C LYS K 50 61.81 54.29 -124.33
N ILE K 51 62.71 53.54 -124.95
CA ILE K 51 62.69 52.09 -124.95
C ILE K 51 64.02 51.60 -124.42
N TYR K 52 64.00 50.60 -123.56
CA TYR K 52 65.18 50.19 -122.82
C TYR K 52 65.53 48.74 -123.12
N ALA K 53 66.81 48.43 -122.95
CA ALA K 53 67.32 47.07 -123.02
C ALA K 53 68.02 46.77 -121.70
N ILE K 54 67.64 45.69 -121.05
CA ILE K 54 68.15 45.35 -119.73
C ILE K 54 69.22 44.28 -119.86
N GLU K 55 70.42 44.58 -119.36
CA GLU K 55 71.50 43.61 -119.31
C GLU K 55 71.66 43.10 -117.88
N GLU K 56 72.44 42.03 -117.72
CA GLU K 56 72.59 41.41 -116.41
C GLU K 56 73.24 42.33 -115.39
N GLU K 57 74.08 43.27 -115.84
CA GLU K 57 74.75 44.20 -114.94
C GLU K 57 73.99 45.52 -114.82
N GLN K 58 73.75 46.20 -115.94
CA GLN K 58 73.09 47.48 -115.94
C GLN K 58 72.01 47.45 -117.02
N PHE K 59 71.39 48.60 -117.28
CA PHE K 59 70.41 48.75 -118.34
C PHE K 59 70.73 50.02 -119.12
N VAL K 60 70.70 49.92 -120.43
CA VAL K 60 71.12 50.99 -121.32
C VAL K 60 69.97 51.36 -122.25
N GLU K 61 69.74 52.67 -122.41
CA GLU K 61 68.75 53.14 -123.36
C GLU K 61 69.13 52.71 -124.77
N LYS K 62 68.16 52.20 -125.53
CA LYS K 62 68.40 51.74 -126.89
C LYS K 62 67.86 52.69 -127.93
N LEU K 63 66.83 53.47 -127.61
CA LEU K 63 66.25 54.39 -128.56
C LEU K 63 65.39 55.40 -127.80
N ASN K 64 65.44 56.65 -128.24
CA ASN K 64 64.62 57.73 -127.68
C ASN K 64 63.56 58.09 -128.70
N LEU K 65 62.31 57.70 -128.42
CA LEU K 65 61.26 57.87 -129.40
C LEU K 65 60.85 59.33 -129.56
N ARG K 66 61.24 60.20 -128.62
CA ARG K 66 61.01 61.63 -128.75
C ARG K 66 62.22 62.30 -129.39
N VAL K 67 62.65 61.74 -130.51
CA VAL K 67 63.76 62.29 -131.27
C VAL K 67 63.33 63.43 -132.18
N GLY K 68 62.23 63.30 -132.90
CA GLY K 68 61.63 64.43 -133.57
C GLY K 68 60.90 65.30 -132.58
N ARG K 69 61.67 65.86 -131.63
CA ARG K 69 61.08 66.55 -130.49
C ARG K 69 60.30 67.78 -130.94
N LYS K 70 59.12 67.95 -130.37
CA LYS K 70 58.30 69.13 -130.57
C LYS K 70 57.58 69.45 -129.28
N PRO K 71 57.83 70.60 -128.67
CA PRO K 71 57.20 70.91 -127.38
C PRO K 71 55.70 71.12 -127.52
N SER K 72 54.97 70.03 -127.77
CA SER K 72 53.54 70.05 -127.98
C SER K 72 52.89 68.94 -127.16
N LEU K 73 51.58 69.09 -126.95
CA LEU K 73 50.78 68.12 -126.22
C LEU K 73 50.36 66.96 -127.10
N ASN K 74 50.73 66.98 -128.38
CA ASN K 74 50.27 65.96 -129.32
C ASN K 74 50.65 64.56 -128.85
N LEU K 75 51.78 64.41 -128.16
CA LEU K 75 52.27 63.12 -127.70
C LEU K 75 52.60 63.22 -126.20
N SER K 76 51.59 63.05 -125.37
CA SER K 76 51.75 62.71 -123.96
C SER K 76 51.53 61.21 -123.83
N CYS K 77 51.47 60.75 -122.58
CA CYS K 77 51.20 59.32 -122.38
C CYS K 77 50.50 59.11 -121.05
N ALA K 78 49.45 58.30 -121.09
CA ALA K 78 48.83 57.78 -119.88
C ALA K 78 48.65 56.28 -119.93
N ASP K 79 48.98 55.63 -121.05
CA ASP K 79 48.91 54.18 -121.15
C ASP K 79 49.67 53.76 -122.40
N VAL K 80 50.54 52.76 -122.26
CA VAL K 80 51.28 52.19 -123.37
C VAL K 80 51.03 50.68 -123.38
N VAL K 81 50.73 50.13 -124.55
CA VAL K 81 50.44 48.72 -124.70
C VAL K 81 51.27 48.16 -125.84
N TRP K 82 52.13 47.19 -125.52
CA TRP K 82 52.92 46.49 -126.52
C TRP K 82 52.16 45.29 -127.05
N HIS K 83 52.31 45.02 -128.34
CA HIS K 83 51.53 44.00 -129.02
C HIS K 83 52.42 42.84 -129.42
N GLN K 84 51.99 41.62 -129.09
CA GLN K 84 52.80 40.44 -129.35
C GLN K 84 52.11 39.63 -130.46
N MET K 85 52.27 40.10 -131.67
CA MET K 85 52.13 39.40 -132.94
C MET K 85 53.32 39.70 -133.83
N ASP K 86 53.83 40.94 -133.78
CA ASP K 86 55.04 41.36 -134.45
C ASP K 86 55.96 42.00 -133.42
N GLU K 87 57.05 42.62 -133.87
CA GLU K 87 58.01 43.21 -132.96
C GLU K 87 58.10 44.72 -133.16
N ASN K 88 57.08 45.32 -133.75
CA ASN K 88 57.08 46.77 -133.94
C ASN K 88 55.79 47.47 -133.59
N LEU K 89 54.67 46.76 -133.41
CA LEU K 89 53.38 47.41 -133.24
C LEU K 89 53.23 47.90 -131.80
N LEU K 90 53.12 49.22 -131.65
CA LEU K 90 52.99 49.87 -130.35
C LEU K 90 51.98 50.99 -130.43
N ALA K 91 51.31 51.27 -129.31
CA ALA K 91 50.26 52.27 -129.28
C ALA K 91 50.27 52.99 -127.94
N THR K 92 50.07 54.31 -127.99
CA THR K 92 50.07 55.14 -126.78
C THR K 92 48.77 55.92 -126.68
N ALA K 93 48.41 56.26 -125.44
CA ALA K 93 47.21 57.03 -125.13
C ALA K 93 47.64 58.40 -124.62
N ALA K 94 47.07 59.44 -125.19
CA ALA K 94 47.43 60.80 -124.82
C ALA K 94 46.28 61.48 -124.08
N THR K 95 46.64 62.39 -123.17
CA THR K 95 45.66 63.18 -122.46
C THR K 95 45.11 64.32 -123.30
N ASN K 96 45.49 64.40 -124.57
CA ASN K 96 44.90 65.31 -125.53
C ASN K 96 43.70 64.69 -126.25
N GLY K 97 43.35 63.45 -125.93
CA GLY K 97 42.26 62.77 -126.57
C GLY K 97 42.61 62.06 -127.87
N VAL K 98 43.85 62.18 -128.33
CA VAL K 98 44.29 61.55 -129.57
C VAL K 98 45.09 60.31 -129.23
N VAL K 99 45.01 59.30 -130.09
CA VAL K 99 45.71 58.04 -129.91
C VAL K 99 46.73 57.91 -131.02
N VAL K 100 47.98 57.65 -130.66
CA VAL K 100 49.08 57.55 -131.61
C VAL K 100 49.63 56.14 -131.57
N THR K 101 49.57 55.44 -132.70
CA THR K 101 50.19 54.14 -132.84
C THR K 101 51.55 54.29 -133.51
N TRP K 102 52.43 53.33 -133.25
CA TRP K 102 53.79 53.39 -133.74
C TRP K 102 54.16 52.08 -134.43
N ASN K 103 55.08 52.17 -135.38
CA ASN K 103 55.65 51.02 -136.07
C ASN K 103 57.15 51.16 -136.05
N LEU K 104 57.82 50.34 -135.25
CA LEU K 104 59.27 50.47 -135.08
C LEU K 104 60.03 50.16 -136.37
N GLY K 105 59.38 49.57 -137.36
CA GLY K 105 59.96 49.24 -138.63
C GLY K 105 60.02 50.37 -139.64
N ARG K 106 59.56 51.56 -139.27
CA ARG K 106 59.62 52.70 -140.17
C ARG K 106 61.08 53.06 -140.44
N PRO K 107 61.40 53.57 -141.60
CA PRO K 107 62.80 53.85 -141.92
C PRO K 107 63.44 55.17 -141.46
N SER K 108 62.72 56.27 -141.31
CA SER K 108 63.31 57.46 -140.74
C SER K 108 63.29 57.35 -139.21
N ARG K 109 63.87 58.35 -138.55
CA ARG K 109 63.90 58.38 -137.09
C ARG K 109 62.56 58.83 -136.50
N ASN K 110 61.49 58.13 -136.88
CA ASN K 110 60.15 58.44 -136.38
C ASN K 110 59.29 57.22 -136.54
N LYS K 111 58.92 56.59 -135.43
CA LYS K 111 58.15 55.36 -135.45
C LYS K 111 56.65 55.58 -135.63
N GLN K 112 56.20 56.83 -135.67
CA GLN K 112 54.77 57.09 -135.79
C GLN K 112 54.22 56.52 -137.09
N ASP K 113 53.10 55.81 -136.98
CA ASP K 113 52.48 55.15 -138.12
C ASP K 113 51.11 55.70 -138.45
N GLN K 114 50.19 55.73 -137.47
CA GLN K 114 48.83 56.16 -137.72
C GLN K 114 48.29 56.87 -136.49
N LEU K 115 47.59 57.96 -136.73
CA LEU K 115 47.02 58.79 -135.67
C LEU K 115 45.50 58.70 -135.70
N PHE K 116 44.89 58.91 -134.54
CA PHE K 116 43.44 58.82 -134.40
C PHE K 116 42.95 59.98 -133.54
N THR K 117 41.90 60.66 -133.97
CA THR K 117 41.29 61.76 -133.24
C THR K 117 39.77 61.62 -133.24
N GLU K 118 39.28 60.43 -132.94
CA GLU K 118 37.84 60.17 -132.89
C GLU K 118 37.35 60.09 -131.45
N HIS K 119 37.95 60.85 -130.54
CA HIS K 119 37.61 60.77 -129.13
C HIS K 119 37.33 62.15 -128.59
N LYS K 120 36.30 62.26 -127.75
CA LYS K 120 35.85 63.54 -127.25
C LYS K 120 36.88 64.23 -126.36
N ARG K 121 37.20 63.63 -125.21
CA ARG K 121 37.95 64.34 -124.18
C ARG K 121 39.34 63.79 -123.94
N THR K 122 39.44 62.52 -123.55
CA THR K 122 40.70 61.90 -123.20
C THR K 122 40.57 60.40 -123.35
N VAL K 123 41.72 59.73 -123.41
CA VAL K 123 41.78 58.27 -123.46
C VAL K 123 42.66 57.82 -122.31
N ASN K 124 42.25 56.73 -121.65
CA ASN K 124 42.89 56.28 -120.42
C ASN K 124 43.58 54.94 -120.54
N LYS K 125 42.98 53.96 -121.19
CA LYS K 125 43.62 52.67 -121.31
C LYS K 125 43.50 52.16 -122.74
N VAL K 126 44.56 51.54 -123.22
CA VAL K 126 44.65 50.99 -124.56
C VAL K 126 45.09 49.54 -124.46
N CYS K 127 44.44 48.65 -125.20
CA CYS K 127 44.78 47.24 -125.21
C CYS K 127 44.78 46.73 -126.64
N PHE K 128 45.32 45.53 -126.81
CA PHE K 128 45.34 44.81 -128.06
C PHE K 128 44.57 43.52 -127.86
N HIS K 129 44.63 42.64 -128.86
CA HIS K 129 44.07 41.31 -128.71
C HIS K 129 45.13 40.29 -129.10
N PRO K 130 45.33 39.24 -128.32
CA PRO K 130 46.54 38.42 -128.46
C PRO K 130 46.77 37.84 -129.85
N THR K 131 45.75 37.34 -130.54
CA THR K 131 45.98 36.65 -131.80
C THR K 131 45.94 37.61 -132.99
N GLU K 132 44.80 38.26 -133.21
CA GLU K 132 44.66 39.18 -134.33
C GLU K 132 45.43 40.47 -134.06
N ALA K 133 46.07 41.01 -135.10
CA ALA K 133 46.89 42.19 -134.96
C ALA K 133 46.23 43.48 -135.44
N HIS K 134 45.01 43.40 -135.96
CA HIS K 134 44.34 44.56 -136.53
C HIS K 134 43.20 45.06 -135.64
N VAL K 135 43.31 44.87 -134.33
CA VAL K 135 42.27 45.28 -133.39
C VAL K 135 42.92 46.05 -132.26
N LEU K 136 42.28 47.13 -131.84
CA LEU K 136 42.82 48.06 -130.86
C LEU K 136 41.68 48.78 -130.18
N LEU K 137 41.49 48.48 -128.90
CA LEU K 137 40.44 49.06 -128.08
C LEU K 137 40.91 50.38 -127.48
N SER K 138 39.97 51.12 -126.88
CA SER K 138 40.33 52.38 -126.25
C SER K 138 39.25 52.74 -125.24
N GLY K 139 39.68 53.23 -124.09
CA GLY K 139 38.78 53.74 -123.07
C GLY K 139 38.87 55.26 -123.00
N SER K 140 37.77 55.90 -122.65
CA SER K 140 37.67 57.34 -122.66
C SER K 140 37.27 57.87 -121.29
N GLN K 141 37.10 59.19 -121.25
CA GLN K 141 36.50 59.88 -120.13
C GLN K 141 35.03 60.20 -120.36
N ASP K 142 34.54 60.07 -121.59
CA ASP K 142 33.16 60.36 -121.95
C ASP K 142 32.28 59.10 -121.93
N GLY K 143 32.79 58.00 -121.40
CA GLY K 143 32.05 56.75 -121.43
C GLY K 143 31.83 56.25 -122.85
N PHE K 144 32.82 56.47 -123.70
CA PHE K 144 32.73 56.10 -125.12
C PHE K 144 33.93 55.21 -125.43
N MET K 145 33.76 53.91 -125.25
CA MET K 145 34.80 52.95 -125.62
C MET K 145 34.70 52.63 -127.11
N LYS K 146 35.85 52.57 -127.77
CA LYS K 146 35.89 52.44 -129.21
C LYS K 146 36.91 51.38 -129.61
N CYS K 147 36.73 50.83 -130.81
CA CYS K 147 37.64 49.85 -131.39
C CYS K 147 38.05 50.31 -132.78
N PHE K 148 39.28 49.98 -133.18
CA PHE K 148 39.83 50.42 -134.45
C PHE K 148 40.24 49.21 -135.29
N ASP K 149 40.85 49.47 -136.45
CA ASP K 149 41.34 48.42 -137.32
C ASP K 149 42.58 48.91 -138.04
N LEU K 150 43.08 48.10 -138.97
CA LEU K 150 44.17 48.53 -139.84
C LEU K 150 43.68 49.22 -141.10
N ARG K 151 42.41 49.02 -141.47
CA ARG K 151 41.81 49.77 -142.58
C ARG K 151 41.65 51.22 -142.14
N ARG K 152 42.31 52.13 -142.84
CA ARG K 152 42.34 53.52 -142.41
C ARG K 152 40.93 54.12 -142.37
N LYS K 153 40.14 53.87 -143.40
CA LYS K 153 38.78 54.41 -143.43
C LYS K 153 37.93 53.81 -142.31
N ASP K 154 38.06 52.51 -142.05
CA ASP K 154 37.26 51.83 -141.05
C ASP K 154 37.89 52.05 -139.67
N SER K 155 37.42 53.07 -138.95
CA SER K 155 37.93 53.34 -137.62
C SER K 155 36.83 53.69 -136.63
N VAL K 156 35.72 52.96 -136.64
CA VAL K 156 34.59 53.31 -135.78
C VAL K 156 33.84 52.04 -135.38
N SER K 157 33.74 51.84 -134.07
CA SER K 157 32.73 50.96 -133.47
C SER K 157 32.55 51.48 -132.05
N THR K 158 31.50 52.28 -131.85
CA THR K 158 31.44 53.23 -130.74
C THR K 158 30.36 52.84 -129.73
N PHE K 159 30.33 51.56 -129.36
CA PHE K 159 29.45 51.11 -128.31
C PHE K 159 29.71 51.90 -127.03
N SER K 160 28.63 52.28 -126.36
CA SER K 160 28.72 53.10 -125.16
C SER K 160 27.90 52.49 -124.04
N GLY K 161 28.37 52.70 -122.82
CA GLY K 161 27.59 52.35 -121.66
C GLY K 161 27.14 53.61 -120.95
N GLN K 162 25.85 53.74 -120.69
CA GLN K 162 25.33 54.93 -120.03
C GLN K 162 25.83 54.94 -118.60
N SER K 163 27.09 55.31 -118.44
CA SER K 163 27.76 55.35 -117.15
C SER K 163 28.78 56.48 -117.17
N GLU K 164 29.68 56.50 -116.20
CA GLU K 164 30.69 57.55 -116.17
C GLU K 164 31.99 57.09 -116.79
N SER K 165 33.04 57.88 -116.60
CA SER K 165 34.33 57.69 -117.24
C SER K 165 34.79 56.24 -117.16
N VAL K 166 35.33 55.77 -118.28
CA VAL K 166 35.96 54.45 -118.39
C VAL K 166 37.39 54.56 -117.89
N ARG K 167 37.87 53.53 -117.18
CA ARG K 167 39.20 53.59 -116.61
C ARG K 167 40.10 52.40 -116.91
N ASP K 168 39.56 51.29 -117.41
CA ASP K 168 40.41 50.17 -117.82
C ASP K 168 39.60 49.22 -118.68
N VAL K 169 40.21 48.77 -119.77
CA VAL K 169 39.63 47.75 -120.62
C VAL K 169 40.65 46.63 -120.79
N GLN K 170 40.18 45.39 -120.80
CA GLN K 170 41.05 44.23 -120.94
C GLN K 170 40.31 43.16 -121.71
N PHE K 171 41.04 42.44 -122.56
CA PHE K 171 40.49 41.33 -123.33
C PHE K 171 40.83 40.01 -122.67
N SER K 172 39.91 39.06 -122.78
CA SER K 172 40.05 37.77 -122.13
C SER K 172 41.20 36.98 -122.74
N ILE K 173 41.65 35.97 -121.99
CA ILE K 173 42.78 35.17 -122.44
C ILE K 173 42.32 34.09 -123.41
N ARG K 174 41.37 33.25 -122.98
CA ARG K 174 40.94 32.12 -123.79
C ARG K 174 39.83 32.51 -124.75
N ASP K 175 38.75 33.08 -124.24
CA ASP K 175 37.62 33.47 -125.07
C ASP K 175 37.99 34.73 -125.85
N TYR K 176 38.54 34.55 -127.04
CA TYR K 176 39.11 35.68 -127.79
C TYR K 176 38.08 36.33 -128.69
N PHE K 177 36.90 36.59 -128.14
CA PHE K 177 35.87 37.38 -128.79
C PHE K 177 35.27 38.43 -127.85
N THR K 178 35.47 38.29 -126.55
CA THR K 178 34.88 39.18 -125.56
C THR K 178 35.97 39.96 -124.85
N PHE K 179 35.55 40.89 -124.00
CA PHE K 179 36.48 41.68 -123.20
C PHE K 179 35.73 42.28 -122.02
N ALA K 180 36.49 42.82 -121.08
CA ALA K 180 35.95 43.46 -119.90
C ALA K 180 36.21 44.95 -119.94
N SER K 181 35.55 45.66 -119.03
CA SER K 181 35.72 47.10 -118.91
C SER K 181 35.20 47.54 -117.56
N THR K 182 35.80 48.59 -117.01
CA THR K 182 35.45 49.09 -115.69
C THR K 182 35.14 50.57 -115.77
N PHE K 183 34.23 51.03 -114.91
CA PHE K 183 33.73 52.39 -114.99
C PHE K 183 33.95 53.14 -113.68
N GLU K 184 33.59 54.42 -113.69
CA GLU K 184 33.83 55.29 -112.55
C GLU K 184 32.84 55.08 -111.42
N ASN K 185 31.57 54.79 -111.72
CA ASN K 185 30.60 54.63 -110.64
C ASN K 185 30.82 53.32 -109.89
N GLY K 186 31.35 52.30 -110.56
CA GLY K 186 31.71 51.07 -109.89
C GLY K 186 31.02 49.83 -110.43
N ASN K 187 30.60 49.88 -111.70
CA ASN K 187 29.95 48.75 -112.34
C ASN K 187 30.86 48.22 -113.43
N VAL K 188 31.13 46.93 -113.40
CA VAL K 188 31.98 46.28 -114.38
C VAL K 188 31.10 45.63 -115.44
N GLN K 189 31.48 45.78 -116.70
CA GLN K 189 30.68 45.32 -117.82
C GLN K 189 31.44 44.27 -118.62
N LEU K 190 30.74 43.69 -119.59
CA LEU K 190 31.31 42.62 -120.42
C LEU K 190 30.69 42.72 -121.80
N TRP K 191 31.51 42.91 -122.82
CA TRP K 191 31.05 43.12 -124.18
C TRP K 191 31.58 42.01 -125.10
N ASP K 192 31.04 41.97 -126.31
CA ASP K 192 31.49 41.03 -127.33
C ASP K 192 31.57 41.76 -128.66
N ILE K 193 32.69 41.57 -129.37
CA ILE K 193 32.96 42.33 -130.58
C ILE K 193 31.93 42.02 -131.66
N ARG K 194 31.51 40.76 -131.75
CA ARG K 194 30.54 40.37 -132.76
C ARG K 194 29.18 41.05 -132.57
N ARG K 195 28.76 41.29 -131.34
CA ARG K 195 27.47 41.89 -131.05
C ARG K 195 27.69 43.10 -130.16
N PRO K 196 27.99 44.25 -130.75
CA PRO K 196 28.28 45.46 -129.97
C PRO K 196 27.08 46.30 -129.60
N ASP K 197 25.86 45.74 -129.67
CA ASP K 197 24.66 46.53 -129.38
C ASP K 197 24.36 46.57 -127.88
N ARG K 198 24.31 45.40 -127.25
CA ARG K 198 23.93 45.30 -125.84
C ARG K 198 25.02 44.58 -125.05
N CYS K 199 25.11 44.90 -123.77
CA CYS K 199 26.09 44.30 -122.89
C CYS K 199 25.68 42.89 -122.47
N GLU K 200 26.65 42.13 -121.98
CA GLU K 200 26.39 40.77 -121.54
C GLU K 200 26.23 40.65 -120.03
N ARG K 201 26.76 41.60 -119.25
CA ARG K 201 26.61 41.58 -117.80
C ARG K 201 26.98 42.95 -117.25
N MET K 202 26.52 43.22 -116.04
CA MET K 202 26.87 44.46 -115.35
C MET K 202 26.55 44.27 -113.87
N PHE K 203 27.56 44.31 -113.02
CA PHE K 203 27.38 44.16 -111.58
C PHE K 203 28.18 45.23 -110.86
N THR K 204 27.65 45.69 -109.72
CA THR K 204 28.26 46.79 -108.97
C THR K 204 29.39 46.23 -108.11
N ALA K 205 30.62 46.36 -108.60
CA ALA K 205 31.78 45.78 -107.92
C ALA K 205 32.17 46.55 -106.68
N HIS K 206 32.22 47.88 -106.74
CA HIS K 206 32.74 48.68 -105.64
C HIS K 206 31.80 49.83 -105.34
N ASN K 207 32.17 50.62 -104.33
CA ASN K 207 31.58 51.93 -104.09
C ASN K 207 32.70 52.94 -104.30
N GLY K 208 32.65 53.62 -105.44
CA GLY K 208 33.77 54.39 -105.93
C GLY K 208 34.33 53.77 -107.19
N PRO K 209 35.19 54.50 -107.89
CA PRO K 209 35.75 54.00 -109.15
C PRO K 209 36.56 52.73 -108.95
N VAL K 210 36.51 51.86 -109.96
CA VAL K 210 37.40 50.71 -110.03
C VAL K 210 38.50 51.04 -111.03
N PHE K 211 39.74 51.00 -110.57
CA PHE K 211 40.86 51.54 -111.33
C PHE K 211 41.58 50.50 -112.19
N CYS K 212 41.40 49.22 -111.93
CA CYS K 212 42.20 48.22 -112.63
C CYS K 212 41.46 46.89 -112.66
N CYS K 213 41.92 46.02 -113.57
CA CYS K 213 41.39 44.67 -113.69
C CYS K 213 42.48 43.78 -114.27
N ASP K 214 42.34 42.47 -114.05
CA ASP K 214 43.28 41.50 -114.62
C ASP K 214 42.64 40.12 -114.63
N TRP K 215 42.67 39.47 -115.78
CA TRP K 215 42.12 38.12 -115.92
C TRP K 215 43.11 37.08 -115.39
N HIS K 216 42.58 35.95 -114.97
CA HIS K 216 43.42 34.85 -114.49
C HIS K 216 44.05 34.13 -115.66
N PRO K 217 45.38 33.97 -115.66
CA PRO K 217 46.01 33.20 -116.75
C PRO K 217 45.55 31.76 -116.82
N GLU K 218 45.25 31.13 -115.70
CA GLU K 218 45.03 29.69 -115.68
C GLU K 218 43.59 29.31 -115.98
N ASP K 219 42.65 29.85 -115.21
CA ASP K 219 41.27 29.40 -115.27
C ASP K 219 40.53 30.04 -116.44
N ARG K 220 39.34 29.53 -116.70
CA ARG K 220 38.45 30.07 -117.72
C ARG K 220 37.46 30.99 -117.00
N GLY K 221 37.86 32.24 -116.82
CA GLY K 221 37.00 33.28 -116.32
C GLY K 221 37.17 33.51 -114.84
N TRP K 222 38.04 34.46 -114.51
CA TRP K 222 38.36 34.83 -113.13
C TRP K 222 38.95 36.22 -113.18
N LEU K 223 38.21 37.22 -112.72
CA LEU K 223 38.57 38.61 -112.95
C LEU K 223 38.75 39.27 -111.58
N ALA K 224 39.79 40.06 -111.44
CA ALA K 224 40.12 40.74 -110.19
C ALA K 224 40.12 42.24 -110.41
N THR K 225 39.31 42.96 -109.64
CA THR K 225 39.17 44.40 -109.76
C THR K 225 39.64 45.06 -108.47
N GLY K 226 40.33 46.18 -108.59
CA GLY K 226 40.73 46.99 -107.45
C GLY K 226 40.17 48.38 -107.58
N GLY K 227 39.76 48.95 -106.45
CA GLY K 227 39.16 50.26 -106.47
C GLY K 227 39.67 51.21 -105.41
N ARG K 228 39.16 52.44 -105.42
CA ARG K 228 39.56 53.46 -104.47
C ARG K 228 39.18 53.14 -103.03
N ASP K 229 38.20 52.27 -102.83
CA ASP K 229 37.73 51.91 -101.50
C ASP K 229 38.69 51.02 -100.73
N LYS K 230 39.93 50.88 -101.21
CA LYS K 230 40.97 50.08 -100.57
C LYS K 230 40.61 48.59 -100.55
N MET K 231 39.92 48.14 -101.59
CA MET K 231 39.48 46.75 -101.70
C MET K 231 40.15 46.11 -102.91
N VAL K 232 40.36 44.81 -102.84
CA VAL K 232 40.67 43.99 -104.00
C VAL K 232 39.75 42.79 -103.96
N LYS K 233 38.96 42.61 -105.02
CA LYS K 233 37.97 41.56 -105.09
C LYS K 233 38.23 40.72 -106.32
N VAL K 234 38.00 39.42 -106.21
CA VAL K 234 38.12 38.51 -107.34
C VAL K 234 36.76 37.90 -107.61
N TRP K 235 36.25 38.10 -108.84
CA TRP K 235 34.90 37.70 -109.21
C TRP K 235 34.93 36.45 -110.08
N ASP K 236 33.95 35.58 -109.88
CA ASP K 236 33.78 34.40 -110.73
C ASP K 236 32.62 34.65 -111.67
N MET K 237 32.94 34.80 -112.97
CA MET K 237 31.94 35.13 -113.98
C MET K 237 31.51 33.91 -114.79
N THR K 238 31.87 32.71 -114.34
CA THR K 238 31.47 31.50 -115.06
C THR K 238 29.97 31.28 -115.01
N THR K 239 29.33 31.61 -113.88
CA THR K 239 27.91 31.38 -113.71
C THR K 239 27.12 32.50 -114.39
N HIS K 240 25.79 32.41 -114.34
CA HIS K 240 24.96 33.47 -114.89
C HIS K 240 25.17 34.78 -114.14
N ARG K 241 25.20 34.73 -112.82
CA ARG K 241 25.44 35.89 -111.98
C ARG K 241 26.78 35.74 -111.29
N ALA K 242 27.51 36.84 -111.18
CA ALA K 242 28.83 36.82 -110.59
C ALA K 242 28.73 36.72 -109.06
N LYS K 243 29.85 36.36 -108.45
CA LYS K 243 29.93 36.24 -107.00
C LYS K 243 31.35 36.58 -106.58
N GLU K 244 31.49 37.02 -105.34
CA GLU K 244 32.78 37.44 -104.80
C GLU K 244 33.30 36.34 -103.88
N MET K 245 34.53 35.90 -104.11
CA MET K 245 35.11 34.85 -103.29
C MET K 245 36.09 35.41 -102.25
N HIS K 246 37.06 36.21 -102.68
CA HIS K 246 38.08 36.73 -101.79
C HIS K 246 38.07 38.25 -101.81
N CYS K 247 38.51 38.84 -100.70
CA CYS K 247 38.54 40.29 -100.56
C CYS K 247 39.77 40.67 -99.74
N VAL K 248 40.77 41.20 -100.41
CA VAL K 248 42.01 41.64 -99.77
C VAL K 248 41.88 43.10 -99.41
N GLN K 249 42.18 43.43 -98.16
CA GLN K 249 42.03 44.78 -97.63
C GLN K 249 43.40 45.45 -97.60
N THR K 250 43.54 46.53 -98.37
CA THR K 250 44.79 47.27 -98.43
C THR K 250 44.65 48.62 -97.73
N ILE K 251 45.80 49.25 -97.48
CA ILE K 251 45.83 50.46 -96.67
C ILE K 251 45.66 51.74 -97.49
N ALA K 252 45.53 51.65 -98.80
CA ALA K 252 45.34 52.82 -99.64
C ALA K 252 44.63 52.39 -100.93
N SER K 253 44.32 53.39 -101.76
CA SER K 253 43.60 53.12 -103.00
C SER K 253 44.45 52.26 -103.93
N VAL K 254 43.81 51.33 -104.61
CA VAL K 254 44.50 50.30 -105.37
C VAL K 254 44.50 50.66 -106.85
N ALA K 255 45.67 50.55 -107.48
CA ALA K 255 45.82 50.74 -108.91
C ALA K 255 46.68 49.62 -109.47
N ARG K 256 46.44 49.29 -110.74
CA ARG K 256 47.27 48.36 -111.50
C ARG K 256 47.50 47.02 -110.80
N VAL K 257 46.44 46.24 -110.64
CA VAL K 257 46.52 44.91 -110.05
C VAL K 257 46.90 43.91 -111.13
N LYS K 258 47.85 43.03 -110.83
CA LYS K 258 48.36 42.07 -111.80
C LYS K 258 48.63 40.72 -111.14
N TRP K 259 48.17 39.65 -111.81
CA TRP K 259 48.42 38.29 -111.36
C TRP K 259 49.86 37.87 -111.63
N ARG K 260 50.41 37.05 -110.72
CA ARG K 260 51.75 36.50 -110.88
C ARG K 260 51.70 35.26 -111.78
N PRO K 261 52.82 34.92 -112.41
CA PRO K 261 52.82 33.76 -113.31
C PRO K 261 53.10 32.46 -112.59
N GLU K 262 52.46 31.40 -113.05
CA GLU K 262 52.65 30.02 -112.60
C GLU K 262 52.20 29.79 -111.16
N CYS K 263 51.74 30.83 -110.47
CA CYS K 263 51.19 30.71 -109.13
C CYS K 263 49.81 31.33 -109.13
N ARG K 264 48.79 30.50 -108.93
CA ARG K 264 47.41 30.88 -109.19
C ARG K 264 46.74 31.60 -108.03
N HIS K 265 47.46 31.86 -106.95
CA HIS K 265 46.87 32.46 -105.75
C HIS K 265 47.62 33.69 -105.25
N HIS K 266 48.37 34.37 -106.11
CA HIS K 266 49.14 35.55 -105.72
C HIS K 266 48.79 36.73 -106.60
N LEU K 267 48.66 37.91 -105.99
CA LEU K 267 48.33 39.15 -106.68
C LEU K 267 49.36 40.20 -106.33
N ALA K 268 49.81 40.96 -107.33
CA ALA K 268 50.75 42.05 -107.12
C ALA K 268 50.02 43.36 -107.33
N THR K 269 49.82 44.12 -106.26
CA THR K 269 49.05 45.35 -106.30
C THR K 269 49.88 46.51 -105.78
N CYS K 270 49.81 47.63 -106.48
CA CYS K 270 50.43 48.88 -106.06
C CYS K 270 49.34 49.87 -105.67
N SER K 271 49.73 50.89 -104.93
CA SER K 271 48.80 51.91 -104.47
C SER K 271 48.81 53.10 -105.43
N MET K 272 47.87 54.01 -105.22
CA MET K 272 47.82 55.22 -106.04
C MET K 272 48.09 56.48 -105.20
N MET K 273 48.03 56.39 -103.88
CA MET K 273 48.54 57.46 -103.03
C MET K 273 49.11 56.92 -101.73
N VAL K 274 49.71 57.83 -100.97
CA VAL K 274 50.19 57.62 -99.61
C VAL K 274 51.23 56.51 -99.59
N ASP K 275 50.80 55.29 -99.88
CA ASP K 275 51.69 54.15 -99.85
C ASP K 275 52.64 54.20 -101.03
N HIS K 276 53.93 53.96 -100.76
CA HIS K 276 54.94 53.86 -101.81
C HIS K 276 55.32 52.42 -102.11
N ASN K 277 54.89 51.46 -101.31
CA ASN K 277 55.41 50.11 -101.37
C ASN K 277 54.71 49.32 -102.48
N ILE K 278 55.11 48.06 -102.64
CA ILE K 278 54.43 47.12 -103.52
C ILE K 278 54.26 45.82 -102.77
N TYR K 279 53.06 45.26 -102.81
CA TYR K 279 52.72 44.05 -102.07
C TYR K 279 52.35 42.92 -103.01
N VAL K 280 52.62 41.70 -102.59
CA VAL K 280 52.04 40.51 -103.21
C VAL K 280 51.22 39.81 -102.14
N TRP K 281 49.97 39.48 -102.47
CA TRP K 281 49.08 38.89 -101.50
C TRP K 281 48.88 37.41 -101.81
N ASP K 282 48.39 36.66 -100.82
CA ASP K 282 48.15 35.24 -100.96
C ASP K 282 46.68 34.92 -101.22
N VAL K 283 45.82 35.92 -101.31
CA VAL K 283 44.40 35.76 -101.61
C VAL K 283 43.72 34.86 -100.57
N ARG K 284 44.28 33.68 -100.33
CA ARG K 284 43.74 32.80 -99.29
C ARG K 284 43.85 33.46 -97.92
N ARG K 285 44.99 34.09 -97.64
CA ARG K 285 45.18 34.85 -96.41
C ARG K 285 45.17 36.33 -96.79
N PRO K 286 44.08 37.05 -96.50
CA PRO K 286 43.94 38.41 -97.01
C PRO K 286 44.33 39.53 -96.07
N PHE K 287 44.60 39.25 -94.79
CA PHE K 287 44.85 40.32 -93.85
C PHE K 287 46.33 40.66 -93.69
N VAL K 288 47.23 39.88 -94.28
CA VAL K 288 48.67 40.11 -94.17
C VAL K 288 49.29 39.75 -95.52
N PRO K 289 50.19 40.57 -96.05
CA PRO K 289 50.80 40.25 -97.34
C PRO K 289 51.84 39.16 -97.26
N ALA K 290 52.46 38.83 -98.39
CA ALA K 290 53.54 37.85 -98.45
C ALA K 290 54.90 38.48 -98.67
N ALA K 291 54.96 39.57 -99.44
CA ALA K 291 56.21 40.26 -99.68
C ALA K 291 55.95 41.76 -99.65
N MET K 292 57.02 42.53 -99.43
CA MET K 292 56.95 43.99 -99.34
C MET K 292 58.19 44.57 -100.02
N PHE K 293 58.02 45.01 -101.26
CA PHE K 293 59.09 45.75 -101.93
C PHE K 293 59.03 47.22 -101.54
N GLU K 294 60.06 47.70 -100.85
CA GLU K 294 60.11 49.08 -100.39
C GLU K 294 61.45 49.69 -100.79
N GLU K 295 61.52 50.23 -102.00
CA GLU K 295 62.68 51.02 -102.39
C GLU K 295 62.27 52.36 -102.98
N HIS K 296 61.12 52.41 -103.64
CA HIS K 296 60.64 53.64 -104.23
C HIS K 296 60.36 54.68 -103.15
N ARG K 297 60.61 55.95 -103.47
CA ARG K 297 60.38 57.05 -102.54
C ARG K 297 59.24 57.95 -103.02
N ASP K 298 58.30 57.37 -103.76
CA ASP K 298 57.06 58.03 -104.15
C ASP K 298 56.12 56.96 -104.67
N VAL K 299 54.92 57.38 -105.05
CA VAL K 299 53.92 56.41 -105.48
C VAL K 299 54.38 55.74 -106.76
N THR K 300 54.31 54.42 -106.77
CA THR K 300 54.60 53.68 -108.00
C THR K 300 53.41 53.77 -108.93
N THR K 301 53.69 53.65 -110.23
CA THR K 301 52.67 53.90 -111.24
C THR K 301 52.44 52.73 -112.18
N GLY K 302 53.38 51.82 -112.32
CA GLY K 302 53.22 50.71 -113.24
C GLY K 302 54.00 49.51 -112.77
N ILE K 303 53.40 48.34 -112.90
CA ILE K 303 54.05 47.08 -112.56
C ILE K 303 53.71 46.07 -113.64
N ALA K 304 54.70 45.26 -114.01
CA ALA K 304 54.49 44.24 -115.02
C ALA K 304 55.43 43.07 -114.75
N TRP K 305 54.93 41.86 -114.85
CA TRP K 305 55.77 40.68 -114.71
C TRP K 305 56.49 40.43 -116.02
N ARG K 306 57.81 40.21 -115.94
CA ARG K 306 58.65 40.12 -117.13
C ARG K 306 58.20 39.00 -118.06
N HIS K 307 58.15 37.85 -117.56
CA HIS K 307 57.67 36.80 -118.46
C HIS K 307 56.50 36.08 -117.82
N PRO K 308 55.52 35.64 -118.60
CA PRO K 308 54.36 34.97 -118.01
C PRO K 308 54.59 33.50 -117.70
N HIS K 309 55.85 33.07 -117.71
CA HIS K 309 56.17 31.66 -117.49
C HIS K 309 57.37 31.48 -116.57
N ASP K 310 57.74 32.50 -115.81
CA ASP K 310 58.90 32.44 -114.92
C ASP K 310 58.80 33.51 -113.84
N PRO K 311 58.13 33.19 -112.73
CA PRO K 311 58.00 34.20 -111.67
C PRO K 311 59.25 34.31 -110.81
N SER K 312 60.08 35.30 -111.09
CA SER K 312 61.13 35.67 -110.15
C SER K 312 61.29 37.18 -110.11
N PHE K 313 60.88 37.84 -111.20
CA PHE K 313 61.24 39.21 -111.46
C PHE K 313 60.01 40.06 -111.74
N LEU K 314 60.02 41.28 -111.21
CA LEU K 314 58.95 42.25 -111.40
C LEU K 314 59.58 43.59 -111.74
N LEU K 315 59.08 44.26 -112.78
CA LEU K 315 59.52 45.59 -113.15
C LEU K 315 58.49 46.61 -112.73
N SER K 316 58.94 47.66 -112.06
CA SER K 316 58.03 48.62 -111.44
C SER K 316 58.66 50.00 -111.42
N GLY K 317 58.22 50.85 -112.34
CA GLY K 317 58.63 52.25 -112.33
C GLY K 317 57.71 53.09 -111.47
N SER K 318 58.16 54.30 -111.17
CA SER K 318 57.45 55.14 -110.23
C SER K 318 57.57 56.59 -110.68
N LYS K 319 57.08 57.51 -109.85
CA LYS K 319 57.11 58.93 -110.12
C LYS K 319 58.42 59.56 -109.67
N ASP K 320 59.23 58.83 -108.93
CA ASP K 320 60.51 59.32 -108.43
C ASP K 320 61.60 59.21 -109.49
N SER K 321 61.18 59.07 -110.75
CA SER K 321 62.08 58.93 -111.89
C SER K 321 63.06 57.77 -111.67
N SER K 322 62.50 56.57 -111.57
CA SER K 322 63.31 55.38 -111.31
C SER K 322 62.62 54.17 -111.91
N LEU K 323 63.39 53.31 -112.58
CA LEU K 323 62.92 52.04 -113.10
C LEU K 323 63.63 50.91 -112.36
N CYS K 324 62.85 49.97 -111.83
CA CYS K 324 63.39 48.94 -110.96
C CYS K 324 62.99 47.56 -111.45
N GLN K 325 63.82 46.57 -111.13
CA GLN K 325 63.59 45.19 -111.56
C GLN K 325 63.82 44.26 -110.38
N HIS K 326 63.20 44.55 -109.25
CA HIS K 326 63.41 43.78 -108.02
C HIS K 326 62.94 42.34 -108.18
N LEU K 327 63.54 41.45 -107.39
CA LEU K 327 63.34 40.01 -107.50
C LEU K 327 62.69 39.47 -106.23
N PHE K 328 61.94 38.39 -106.37
CA PHE K 328 61.15 37.80 -105.29
C PHE K 328 61.99 37.40 -104.08
N ARG K 329 63.13 36.75 -104.32
CA ARG K 329 63.94 36.20 -103.24
C ARG K 329 64.39 37.28 -102.28
N ASP K 330 64.72 38.47 -102.81
CA ASP K 330 65.22 39.58 -101.99
C ASP K 330 64.05 40.50 -101.62
N ALA K 331 63.15 39.95 -100.81
CA ALA K 331 61.97 40.69 -100.36
C ALA K 331 62.20 41.31 -98.98
N SER K 332 61.12 41.83 -98.37
CA SER K 332 61.16 42.36 -97.02
C SER K 332 59.99 41.84 -96.21
N GLN K 333 59.75 40.52 -96.26
CA GLN K 333 58.60 39.82 -95.69
C GLN K 333 58.22 40.32 -94.31
N PRO K 334 56.93 40.57 -94.06
CA PRO K 334 56.51 41.01 -92.73
C PRO K 334 55.99 39.89 -91.85
N VAL K 335 55.75 38.72 -92.44
CA VAL K 335 55.20 37.61 -91.67
C VAL K 335 56.23 37.05 -90.69
N GLU K 336 57.47 36.88 -91.14
CA GLU K 336 58.54 36.34 -90.31
C GLU K 336 59.13 37.36 -89.36
N ARG K 337 58.72 38.63 -89.47
CA ARG K 337 59.22 39.69 -88.60
C ARG K 337 58.10 40.22 -87.69
N ALA K 338 57.20 39.35 -87.27
CA ALA K 338 56.09 39.72 -86.42
C ALA K 338 56.34 39.23 -85.00
N ASN K 339 55.49 39.67 -84.08
CA ASN K 339 55.55 39.26 -82.67
C ASN K 339 54.35 38.40 -82.37
N PRO K 340 54.51 37.07 -82.27
CA PRO K 340 53.35 36.18 -82.24
C PRO K 340 52.55 36.20 -80.95
N GLU K 341 53.09 36.67 -79.83
CA GLU K 341 52.44 36.42 -78.56
C GLU K 341 52.05 37.73 -77.86
N GLY K 342 51.36 37.58 -76.74
CA GLY K 342 50.95 38.69 -75.90
C GLY K 342 50.63 38.26 -74.48
N LEU K 343 51.08 39.03 -73.49
CA LEU K 343 50.93 38.69 -72.09
C LEU K 343 50.33 39.84 -71.32
N CYS K 344 49.65 39.52 -70.22
CA CYS K 344 49.15 40.53 -69.30
C CYS K 344 48.83 39.88 -67.97
N TYR K 345 49.01 40.64 -66.90
CA TYR K 345 48.67 40.25 -65.54
C TYR K 345 47.30 40.81 -65.17
N GLY K 346 46.91 40.57 -63.91
CA GLY K 346 45.65 41.06 -63.42
C GLY K 346 45.72 41.30 -61.93
N LEU K 347 44.72 42.00 -61.41
CA LEU K 347 44.65 42.29 -59.99
C LEU K 347 44.56 41.03 -59.14
N PHE K 348 44.07 39.92 -59.72
CA PHE K 348 43.85 38.69 -58.98
C PHE K 348 44.85 37.61 -59.34
N GLY K 349 46.02 38.00 -59.84
CA GLY K 349 47.01 37.03 -60.25
C GLY K 349 46.58 36.14 -61.39
N ASP K 350 45.83 36.69 -62.33
CA ASP K 350 45.40 35.96 -63.52
C ASP K 350 46.29 36.37 -64.69
N LEU K 351 46.85 35.38 -65.38
CA LEU K 351 47.76 35.60 -66.49
C LEU K 351 47.07 35.21 -67.79
N ALA K 352 47.08 36.12 -68.75
CA ALA K 352 46.48 35.88 -70.06
C ALA K 352 47.61 35.72 -71.07
N PHE K 353 47.66 34.57 -71.74
CA PHE K 353 48.75 34.23 -72.65
C PHE K 353 48.16 33.80 -73.97
N ALA K 354 48.57 34.46 -75.05
CA ALA K 354 48.13 34.13 -76.40
C ALA K 354 49.35 33.88 -77.26
N ALA K 355 49.32 32.79 -78.03
CA ALA K 355 50.41 32.47 -78.94
C ALA K 355 49.86 31.59 -80.05
N LYS K 356 50.45 31.72 -81.23
CA LYS K 356 49.95 31.00 -82.39
C LYS K 356 50.22 29.52 -82.27
N GLU K 357 49.37 28.71 -82.90
CA GLU K 357 49.44 27.26 -82.78
C GLU K 357 50.53 26.68 -83.68
N SER K 358 51.70 27.27 -83.58
CA SER K 358 52.92 26.69 -84.12
C SER K 358 54.02 26.64 -83.08
N LEU K 359 53.81 27.25 -81.92
CA LEU K 359 54.72 27.13 -80.79
C LEU K 359 54.08 26.45 -79.59
N VAL K 360 52.78 26.21 -79.60
CA VAL K 360 52.10 25.52 -78.52
C VAL K 360 51.73 24.11 -78.97
N LEU K 392 48.96 27.87 -89.07
CA LEU K 392 49.76 28.93 -88.47
C LEU K 392 49.09 30.29 -88.68
N ALA K 393 47.81 30.27 -89.00
CA ALA K 393 47.04 31.49 -89.26
C ALA K 393 46.03 31.79 -88.16
N SER K 394 46.16 31.15 -87.01
CA SER K 394 45.28 31.42 -85.88
C SER K 394 46.05 31.16 -84.59
N SER K 395 45.56 31.75 -83.51
CA SER K 395 46.22 31.67 -82.21
C SER K 395 45.21 31.29 -81.14
N ALA K 396 45.69 30.68 -80.06
CA ALA K 396 44.86 30.25 -78.95
C ALA K 396 45.35 30.91 -77.67
N LEU K 397 44.42 31.27 -76.79
CA LEU K 397 44.77 31.92 -75.54
C LEU K 397 43.99 31.30 -74.38
N SER K 398 44.57 31.43 -73.19
CA SER K 398 43.97 30.95 -71.96
C SER K 398 44.32 31.89 -70.83
N VAL K 399 43.48 31.91 -69.80
CA VAL K 399 43.70 32.71 -68.61
C VAL K 399 44.15 31.78 -67.51
N PHE K 400 45.30 32.07 -66.90
CA PHE K 400 45.92 31.20 -65.91
C PHE K 400 45.56 31.73 -64.53
N GLU K 401 44.69 31.01 -63.82
CA GLU K 401 44.22 31.43 -62.50
C GLU K 401 45.26 31.05 -61.44
N THR K 402 46.45 31.62 -61.60
CA THR K 402 47.56 31.33 -60.70
C THR K 402 47.38 31.95 -59.32
N MET K 409 46.65 38.14 -53.70
CA MET K 409 46.84 39.15 -52.66
C MET K 409 45.62 39.22 -51.76
N ARG K 410 45.09 38.05 -51.38
CA ARG K 410 43.87 38.02 -50.58
C ARG K 410 44.05 38.69 -49.24
N TRP K 411 45.23 38.55 -48.62
CA TRP K 411 45.46 39.12 -47.30
C TRP K 411 45.26 40.63 -47.28
N PHE K 412 45.46 41.29 -48.43
CA PHE K 412 45.36 42.74 -48.50
C PHE K 412 43.97 43.21 -48.09
N VAL K 413 42.93 42.54 -48.60
CA VAL K 413 41.57 42.98 -48.35
C VAL K 413 41.22 42.85 -46.88
N ASP K 414 41.48 41.69 -46.29
CA ASP K 414 41.12 41.48 -44.89
C ASP K 414 41.94 42.37 -43.97
N THR K 415 43.21 42.59 -44.30
CA THR K 415 44.01 43.51 -43.50
C THR K 415 43.44 44.92 -43.57
N ALA K 416 42.98 45.34 -44.75
CA ALA K 416 42.38 46.66 -44.86
C ALA K 416 41.08 46.77 -44.08
N GLU K 417 40.24 45.74 -44.16
CA GLU K 417 38.95 45.81 -43.46
C GLU K 417 39.12 45.78 -41.95
N ARG K 418 39.91 44.85 -41.43
CA ARG K 418 39.89 44.56 -40.01
C ARG K 418 40.74 45.50 -39.18
N TYR K 419 41.56 46.35 -39.79
CA TYR K 419 42.44 47.22 -39.01
C TYR K 419 41.64 48.34 -38.35
N ALA K 420 42.26 48.98 -37.37
CA ALA K 420 41.69 50.12 -36.69
C ALA K 420 42.70 51.25 -36.67
N LEU K 421 42.23 52.48 -36.90
CA LEU K 421 43.12 53.60 -37.10
C LEU K 421 42.82 54.81 -36.21
N ALA K 422 41.71 54.82 -35.49
CA ALA K 422 41.39 55.92 -34.58
C ALA K 422 40.27 55.48 -33.65
N GLY K 423 39.88 56.38 -32.76
CA GLY K 423 38.77 56.14 -31.86
C GLY K 423 39.11 55.31 -30.64
N ARG K 424 40.36 54.91 -30.47
CA ARG K 424 40.80 54.17 -29.30
C ARG K 424 42.15 54.71 -28.87
N PRO K 425 42.57 54.45 -27.63
CA PRO K 425 43.92 54.82 -27.23
C PRO K 425 44.98 54.10 -28.06
N LEU K 426 46.22 54.57 -27.92
CA LEU K 426 47.30 54.01 -28.71
C LEU K 426 47.52 52.53 -28.40
N ALA K 427 47.52 52.17 -27.12
CA ALA K 427 47.77 50.79 -26.74
C ALA K 427 46.68 49.86 -27.25
N GLU K 428 45.41 50.29 -27.14
CA GLU K 428 44.32 49.46 -27.63
C GLU K 428 44.39 49.28 -29.13
N LEU K 429 44.72 50.34 -29.86
CA LEU K 429 44.85 50.23 -31.31
C LEU K 429 45.95 49.27 -31.69
N CYS K 430 47.12 49.38 -31.05
CA CYS K 430 48.21 48.46 -31.35
C CYS K 430 47.83 47.03 -31.04
N ASP K 431 47.17 46.81 -29.90
CA ASP K 431 46.76 45.47 -29.53
C ASP K 431 45.77 44.88 -30.53
N HIS K 432 44.78 45.68 -30.95
CA HIS K 432 43.81 45.18 -31.91
C HIS K 432 44.47 44.84 -33.23
N ASN K 433 45.34 45.71 -33.71
CA ASN K 433 46.01 45.45 -34.98
C ASN K 433 46.90 44.22 -34.87
N ALA K 434 47.57 44.05 -33.74
CA ALA K 434 48.41 42.87 -33.55
C ALA K 434 47.58 41.60 -33.55
N LYS K 435 46.43 41.63 -32.88
CA LYS K 435 45.56 40.45 -32.87
C LYS K 435 45.08 40.12 -34.28
N VAL K 436 44.70 41.15 -35.04
CA VAL K 436 44.23 40.91 -36.41
C VAL K 436 45.35 40.33 -37.26
N ALA K 437 46.55 40.88 -37.13
CA ALA K 437 47.68 40.37 -37.90
C ALA K 437 48.00 38.93 -37.54
N ARG K 438 47.96 38.61 -36.24
CA ARG K 438 48.23 37.24 -35.81
C ARG K 438 47.18 36.27 -36.35
N GLU K 439 45.91 36.66 -36.30
CA GLU K 439 44.86 35.76 -36.75
C GLU K 439 44.94 35.50 -38.25
N LEU K 440 45.50 36.45 -39.00
CA LEU K 440 45.59 36.29 -40.45
C LEU K 440 46.69 35.33 -40.87
N GLY K 441 47.70 35.12 -40.03
CA GLY K 441 48.73 34.14 -40.30
C GLY K 441 50.13 34.68 -40.35
N ARG K 442 50.31 36.00 -40.36
CA ARG K 442 51.63 36.62 -40.42
C ARG K 442 52.03 37.04 -39.00
N ASN K 443 53.06 36.39 -38.45
CA ASN K 443 53.45 36.69 -37.08
C ASN K 443 54.52 37.76 -37.01
N GLN K 444 55.44 37.78 -37.99
CA GLN K 444 56.46 38.81 -38.05
C GLN K 444 55.85 40.20 -38.15
N VAL K 445 54.68 40.30 -38.78
CA VAL K 445 53.89 41.52 -38.78
C VAL K 445 53.20 41.76 -37.46
N ALA K 446 52.80 40.69 -36.78
CA ALA K 446 52.04 40.86 -35.56
C ALA K 446 52.90 41.38 -34.44
N GLN K 447 54.13 40.90 -34.33
CA GLN K 447 54.99 41.28 -33.22
C GLN K 447 55.46 42.72 -33.33
N THR K 448 55.49 43.29 -34.53
CA THR K 448 55.89 44.68 -34.69
C THR K 448 54.92 45.61 -33.96
N TRP K 449 53.62 45.32 -34.05
CA TRP K 449 52.63 46.14 -33.36
C TRP K 449 52.86 46.10 -31.85
N THR K 450 53.07 44.90 -31.30
CA THR K 450 53.28 44.78 -29.87
C THR K 450 54.55 45.48 -29.43
N MET K 451 55.61 45.39 -30.24
CA MET K 451 56.83 46.09 -29.91
C MET K 451 56.63 47.59 -29.91
N LEU K 452 55.87 48.11 -30.88
CA LEU K 452 55.58 49.54 -30.89
C LEU K 452 54.82 49.93 -29.63
N ARG K 453 53.88 49.08 -29.21
CA ARG K 453 53.14 49.37 -27.99
C ARG K 453 54.06 49.40 -26.78
N ILE K 454 54.99 48.45 -26.69
CA ILE K 454 55.94 48.43 -25.59
C ILE K 454 56.82 49.68 -25.62
N ILE K 455 57.21 50.10 -26.82
CA ILE K 455 58.11 51.26 -26.95
C ILE K 455 57.41 52.53 -26.49
N TYR K 456 56.15 52.71 -26.90
CA TYR K 456 55.49 53.99 -26.71
C TYR K 456 54.54 54.02 -25.52
N CYS K 457 53.93 52.90 -25.15
CA CYS K 457 52.85 52.88 -24.18
C CYS K 457 53.28 52.25 -22.85
N SER K 458 54.48 52.56 -22.40
CA SER K 458 54.97 52.05 -21.12
C SER K 458 54.20 52.68 -19.96
N SER K 626 66.98 57.09 -13.17
CA SER K 626 66.24 57.55 -14.34
C SER K 626 65.83 56.38 -15.23
N ARG K 627 65.24 56.72 -16.37
CA ARG K 627 64.76 55.74 -17.35
C ARG K 627 65.59 55.84 -18.62
N LEU K 628 65.19 55.06 -19.63
CA LEU K 628 65.87 55.11 -20.90
C LEU K 628 65.65 56.47 -21.57
N PRO K 629 66.60 56.93 -22.38
CA PRO K 629 66.44 58.23 -23.02
C PRO K 629 65.19 58.25 -23.87
N PRO K 630 64.51 59.40 -23.93
CA PRO K 630 63.20 59.42 -24.61
C PRO K 630 63.27 59.14 -26.10
N ASP K 631 64.29 59.65 -26.80
CA ASP K 631 64.37 59.52 -28.25
C ASP K 631 65.11 58.27 -28.68
N PHE K 632 65.24 57.28 -27.80
CA PHE K 632 66.11 56.14 -28.05
C PHE K 632 65.67 55.38 -29.30
N PHE K 633 64.38 55.15 -29.44
CA PHE K 633 63.85 54.34 -30.52
C PHE K 633 63.42 55.16 -31.73
N GLY K 634 63.56 56.49 -31.68
CA GLY K 634 63.17 57.30 -32.82
C GLY K 634 63.94 56.93 -34.08
N VAL K 635 65.26 57.05 -34.02
CA VAL K 635 66.12 56.62 -35.13
C VAL K 635 65.90 55.16 -35.46
N LEU K 636 65.33 54.39 -34.55
CA LEU K 636 65.14 52.96 -34.75
C LEU K 636 63.78 52.64 -35.35
N VAL K 637 62.72 53.25 -34.84
CA VAL K 637 61.42 53.06 -35.47
C VAL K 637 61.42 53.66 -36.87
N ARG K 638 62.23 54.70 -37.10
CA ARG K 638 62.27 55.39 -38.39
C ARG K 638 62.68 54.48 -39.54
N ASP K 639 63.46 53.43 -39.27
CA ASP K 639 63.92 52.53 -40.31
C ASP K 639 62.94 51.40 -40.61
N MET K 640 62.06 51.05 -39.66
CA MET K 640 61.08 50.02 -39.93
C MET K 640 60.10 50.46 -41.03
N LEU K 641 59.75 51.74 -41.05
CA LEU K 641 58.93 52.27 -42.13
C LEU K 641 59.57 52.02 -43.48
N HIS K 642 60.85 52.39 -43.62
CA HIS K 642 61.53 52.23 -44.89
C HIS K 642 61.67 50.75 -45.24
N PHE K 643 61.91 49.91 -44.24
CA PHE K 643 62.01 48.48 -44.50
C PHE K 643 60.71 47.94 -45.06
N TYR K 644 59.57 48.34 -44.49
CA TYR K 644 58.29 47.83 -44.97
C TYR K 644 57.89 48.46 -46.28
N ALA K 645 58.31 49.70 -46.54
CA ALA K 645 57.98 50.37 -47.78
C ALA K 645 58.78 49.84 -48.96
N GLU K 646 60.06 49.52 -48.78
CA GLU K 646 60.93 49.13 -49.87
C GLU K 646 60.72 47.70 -50.32
N GLN K 647 59.59 47.09 -49.96
CA GLN K 647 59.22 45.77 -50.46
C GLN K 647 57.85 45.78 -51.12
N GLY K 648 57.19 46.93 -51.19
CA GLY K 648 55.87 47.03 -51.78
C GLY K 648 54.73 46.97 -50.79
N ASP K 649 55.01 46.70 -49.51
CA ASP K 649 53.97 46.65 -48.49
C ASP K 649 53.83 48.05 -47.88
N VAL K 650 53.13 48.92 -48.60
CA VAL K 650 52.81 50.25 -48.09
C VAL K 650 51.66 50.25 -47.11
N GLN K 651 50.90 49.16 -47.06
CA GLN K 651 49.79 49.07 -46.12
C GLN K 651 50.27 49.32 -44.70
N MET K 652 51.31 48.59 -44.29
CA MET K 652 51.83 48.79 -42.94
C MET K 652 52.36 50.17 -42.70
N ALA K 653 53.17 50.68 -43.62
CA ALA K 653 53.82 51.96 -43.39
C ALA K 653 52.78 53.04 -43.19
N VAL K 654 51.78 53.09 -44.07
CA VAL K 654 50.71 54.06 -43.92
C VAL K 654 49.94 53.82 -42.63
N SER K 655 49.67 52.56 -42.29
CA SER K 655 48.87 52.28 -41.11
C SER K 655 49.58 52.77 -39.84
N VAL K 656 50.85 52.42 -39.68
CA VAL K 656 51.55 52.82 -38.47
C VAL K 656 51.76 54.32 -38.45
N LEU K 657 51.95 54.93 -39.63
CA LEU K 657 52.03 56.39 -39.67
C LEU K 657 50.75 57.02 -39.13
N ILE K 658 49.60 56.53 -39.58
CA ILE K 658 48.33 57.08 -39.11
C ILE K 658 48.17 56.83 -37.61
N VAL K 659 48.55 55.64 -37.14
CA VAL K 659 48.37 55.30 -35.73
C VAL K 659 49.21 56.22 -34.86
N LEU K 660 50.47 56.44 -35.23
CA LEU K 660 51.36 57.22 -34.38
C LEU K 660 51.10 58.71 -34.53
N GLY K 661 51.24 59.25 -35.73
CA GLY K 661 50.94 60.66 -35.95
C GLY K 661 52.08 61.54 -35.51
N GLU K 662 51.77 62.49 -34.62
CA GLU K 662 52.68 63.59 -34.32
C GLU K 662 54.00 63.12 -33.74
N ARG K 663 54.04 61.94 -33.12
CA ARG K 663 55.29 61.46 -32.55
C ARG K 663 56.35 61.23 -33.63
N VAL K 664 55.97 60.62 -34.74
CA VAL K 664 56.92 60.23 -35.78
C VAL K 664 56.76 61.03 -37.05
N ARG K 665 55.83 61.99 -37.11
CA ARG K 665 55.59 62.73 -38.34
C ARG K 665 56.85 63.47 -38.79
N LYS K 666 57.53 64.15 -37.87
CA LYS K 666 58.69 64.95 -38.25
C LYS K 666 59.96 64.11 -38.31
N ASP K 667 59.92 62.99 -39.01
CA ASP K 667 61.08 62.13 -39.19
C ASP K 667 61.15 61.50 -40.57
N ILE K 668 60.06 61.51 -41.32
CA ILE K 668 59.99 61.03 -42.69
C ILE K 668 59.78 62.24 -43.60
N ASP K 669 60.53 62.30 -44.69
CA ASP K 669 60.40 63.42 -45.61
C ASP K 669 58.98 63.53 -46.14
N GLU K 670 58.53 64.76 -46.38
CA GLU K 670 57.15 64.98 -46.79
C GLU K 670 56.85 64.30 -48.11
N GLN K 671 57.78 64.36 -49.06
CA GLN K 671 57.56 63.76 -50.37
C GLN K 671 57.40 62.24 -50.26
N THR K 672 58.20 61.60 -49.41
CA THR K 672 58.06 60.16 -49.19
C THR K 672 56.70 59.83 -48.59
N GLN K 673 56.23 60.65 -47.66
CA GLN K 673 54.91 60.45 -47.09
C GLN K 673 53.84 60.53 -48.16
N GLU K 674 53.92 61.54 -49.03
CA GLU K 674 52.96 61.66 -50.11
C GLU K 674 53.02 60.47 -51.05
N HIS K 675 54.22 59.99 -51.34
CA HIS K 675 54.38 58.83 -52.21
C HIS K 675 53.68 57.61 -51.62
N TRP K 676 53.92 57.34 -50.34
CA TRP K 676 53.30 56.17 -49.72
C TRP K 676 51.80 56.30 -49.67
N TYR K 677 51.30 57.47 -49.27
CA TYR K 677 49.86 57.69 -49.20
C TYR K 677 49.21 57.45 -50.56
N THR K 678 49.79 58.05 -51.61
CA THR K 678 49.16 57.95 -52.93
C THR K 678 49.21 56.54 -53.47
N SER K 679 50.34 55.84 -53.29
CA SER K 679 50.43 54.47 -53.78
C SER K 679 49.42 53.58 -53.07
N TYR K 680 49.32 53.70 -51.75
CA TYR K 680 48.35 52.89 -51.01
C TYR K 680 46.94 53.22 -51.43
N ILE K 681 46.63 54.50 -51.64
CA ILE K 681 45.27 54.89 -52.04
C ILE K 681 44.91 54.30 -53.38
N ASP K 682 45.84 54.35 -54.35
CA ASP K 682 45.57 53.75 -55.64
C ASP K 682 45.36 52.24 -55.52
N LEU K 683 46.19 51.57 -54.71
CA LEU K 683 46.02 50.15 -54.52
C LEU K 683 44.65 49.83 -53.93
N LEU K 684 44.22 50.60 -52.93
CA LEU K 684 42.93 50.38 -52.30
C LEU K 684 41.80 50.61 -53.29
N GLN K 685 41.91 51.66 -54.11
CA GLN K 685 40.86 51.97 -55.07
C GLN K 685 40.75 50.90 -56.14
N ARG K 686 41.86 50.26 -56.49
CA ARG K 686 41.80 49.21 -57.50
C ARG K 686 40.89 48.07 -57.09
N PHE K 687 40.80 47.78 -55.80
CA PHE K 687 39.98 46.69 -55.29
C PHE K 687 38.56 47.12 -54.95
N ARG K 688 38.19 48.35 -55.31
CA ARG K 688 36.86 48.91 -55.02
C ARG K 688 36.59 48.95 -53.52
N LEU K 689 37.63 49.25 -52.73
CA LEU K 689 37.49 49.44 -51.29
C LEU K 689 37.43 50.93 -50.98
N TRP K 690 36.29 51.51 -51.35
CA TRP K 690 36.13 52.97 -51.21
C TRP K 690 36.11 53.40 -49.75
N ASN K 691 35.54 52.58 -48.87
CA ASN K 691 35.46 52.95 -47.46
C ASN K 691 36.83 53.18 -46.87
N VAL K 692 37.74 52.21 -47.05
CA VAL K 692 39.10 52.35 -46.52
C VAL K 692 39.84 53.45 -47.27
N SER K 693 39.61 53.58 -48.57
CA SER K 693 40.27 54.62 -49.34
C SER K 693 39.94 56.01 -48.83
N ASN K 694 38.70 56.26 -48.43
CA ASN K 694 38.34 57.53 -47.83
C ASN K 694 38.77 57.64 -46.37
N GLU K 695 38.75 56.54 -45.62
CA GLU K 695 39.27 56.59 -44.26
C GLU K 695 40.74 56.93 -44.21
N VAL K 696 41.51 56.60 -45.25
CA VAL K 696 42.90 57.03 -45.29
C VAL K 696 42.99 58.52 -45.57
N VAL K 697 42.16 59.04 -46.49
CA VAL K 697 42.23 60.45 -46.86
C VAL K 697 41.80 61.34 -45.72
N LYS K 698 40.79 60.92 -44.95
CA LYS K 698 40.19 61.80 -43.97
C LYS K 698 41.18 62.21 -42.88
N LEU K 699 42.00 61.27 -42.41
CA LEU K 699 42.91 61.51 -41.31
C LEU K 699 44.35 61.20 -41.71
N SER K 700 44.74 61.60 -42.91
CA SER K 700 46.12 61.43 -43.32
C SER K 700 46.98 62.57 -42.81
N THR K 701 48.24 62.25 -42.51
CA THR K 701 49.12 63.23 -41.89
C THR K 701 49.39 64.41 -42.81
N SER K 702 49.61 64.15 -44.09
CA SER K 702 49.98 65.21 -45.03
C SER K 702 48.77 66.07 -45.37
N ARG K 703 48.96 67.40 -45.33
CA ARG K 703 47.87 68.30 -45.66
C ARG K 703 47.47 68.18 -47.14
N ALA K 704 48.46 68.05 -48.03
CA ALA K 704 48.16 67.96 -49.45
C ALA K 704 47.49 66.64 -49.80
N VAL K 705 47.72 65.61 -48.98
CA VAL K 705 47.05 64.33 -49.22
C VAL K 705 45.66 64.34 -48.61
N SER K 706 45.52 64.88 -47.40
CA SER K 706 44.20 64.92 -46.78
C SER K 706 43.42 66.13 -47.28
N CYS K 707 43.44 66.33 -48.59
CA CYS K 707 42.49 67.22 -49.27
C CYS K 707 42.34 66.65 -50.68
N LEU K 708 41.44 65.69 -50.82
CA LEU K 708 41.09 65.16 -52.13
C LEU K 708 39.59 65.06 -52.35
N ASN K 709 38.81 64.77 -51.32
CA ASN K 709 37.36 64.82 -51.38
C ASN K 709 36.84 66.18 -50.95
N GLN K 710 37.71 67.19 -51.05
CA GLN K 710 37.39 68.55 -50.65
C GLN K 710 37.34 69.50 -51.83
N ALA K 711 37.20 69.00 -53.04
CA ALA K 711 37.19 69.83 -54.24
C ALA K 711 36.03 69.42 -55.12
N SER K 712 35.14 70.37 -55.42
CA SER K 712 33.97 70.12 -56.27
C SER K 712 33.11 68.98 -55.72
N THR K 713 32.87 69.01 -54.40
CA THR K 713 32.03 68.01 -53.75
C THR K 713 30.84 68.67 -53.04
N THR K 714 30.49 69.89 -53.41
CA THR K 714 29.36 70.62 -52.83
C THR K 714 28.35 70.87 -53.93
N LEU K 715 27.17 70.27 -53.79
CA LEU K 715 26.12 70.45 -54.79
C LEU K 715 25.34 71.73 -54.52
N HIS K 716 25.18 72.55 -55.55
CA HIS K 716 24.35 73.75 -55.47
C HIS K 716 22.90 73.35 -55.76
N VAL K 717 22.00 73.68 -54.85
CA VAL K 717 20.62 73.21 -54.89
C VAL K 717 19.69 74.40 -54.74
N ASN K 718 18.66 74.44 -55.57
CA ASN K 718 17.66 75.50 -55.58
C ASN K 718 16.26 74.92 -55.72
N CYS K 719 15.26 75.74 -55.40
CA CYS K 719 13.87 75.34 -55.45
C CYS K 719 13.37 75.30 -56.89
N SER K 720 12.46 74.35 -57.15
CA SER K 720 11.87 74.21 -58.46
C SER K 720 10.55 74.95 -58.59
N HIS K 721 10.19 75.77 -57.61
CA HIS K 721 8.99 76.58 -57.64
C HIS K 721 9.29 78.06 -57.80
N CYS K 722 10.12 78.62 -56.93
CA CYS K 722 10.52 80.02 -57.00
C CYS K 722 11.79 80.24 -57.81
N LYS K 723 12.54 79.18 -58.10
CA LYS K 723 13.72 79.10 -58.96
C LYS K 723 14.99 79.61 -58.28
N ARG K 724 14.90 80.20 -57.07
CA ARG K 724 16.08 80.85 -56.52
C ARG K 724 16.94 79.86 -55.73
N PRO K 725 18.24 80.12 -55.64
CA PRO K 725 19.14 79.18 -54.95
C PRO K 725 18.89 79.14 -53.46
N MET K 726 18.72 77.92 -52.94
CA MET K 726 18.54 77.72 -51.50
C MET K 726 19.84 78.04 -50.79
N SER K 727 19.91 79.19 -50.16
CA SER K 727 21.12 79.61 -49.49
C SER K 727 21.18 79.03 -48.08
N SER K 728 22.26 79.39 -47.36
CA SER K 728 22.45 79.01 -45.97
C SER K 728 22.39 77.50 -45.76
N ARG K 729 21.94 77.10 -44.56
CA ARG K 729 21.76 75.69 -44.23
C ARG K 729 20.39 75.57 -43.57
N GLY K 730 19.36 75.41 -44.40
CA GLY K 730 18.01 75.27 -43.92
C GLY K 730 17.17 74.44 -44.86
N TRP K 731 15.84 74.45 -44.69
CA TRP K 731 14.97 73.67 -45.54
C TRP K 731 13.80 74.47 -46.11
N VAL K 732 13.77 75.79 -45.94
CA VAL K 732 12.65 76.61 -46.35
C VAL K 732 13.15 77.69 -47.30
N CYS K 733 12.45 77.85 -48.42
CA CYS K 733 12.80 78.87 -49.39
C CYS K 733 12.62 80.26 -48.78
N ASP K 734 13.47 81.19 -49.20
CA ASP K 734 13.36 82.55 -48.69
C ASP K 734 12.12 83.25 -49.21
N ARG K 735 11.78 83.03 -50.48
CA ARG K 735 10.64 83.69 -51.10
C ARG K 735 9.39 82.85 -51.10
N CYS K 736 9.46 81.60 -51.58
CA CYS K 736 8.27 80.75 -51.67
C CYS K 736 7.66 80.51 -50.30
N HIS K 737 8.49 80.49 -49.25
CA HIS K 737 8.11 80.21 -47.88
C HIS K 737 7.58 78.80 -47.71
N ARG K 738 7.85 77.90 -48.64
CA ARG K 738 7.40 76.52 -48.55
C ARG K 738 8.52 75.61 -48.08
N CYS K 739 8.15 74.41 -47.66
CA CYS K 739 9.10 73.39 -47.23
C CYS K 739 9.55 72.64 -48.49
N ALA K 740 10.63 73.14 -49.10
CA ALA K 740 11.08 72.58 -50.37
C ALA K 740 11.51 71.13 -50.22
N SER K 741 12.30 70.83 -49.18
CA SER K 741 12.84 69.48 -49.00
C SER K 741 11.81 68.62 -48.31
N MET K 742 10.76 68.29 -49.05
CA MET K 742 9.68 67.44 -48.56
C MET K 742 9.77 66.10 -49.25
N CYS K 743 9.63 65.01 -48.48
CA CYS K 743 9.72 63.69 -49.06
C CYS K 743 8.53 63.39 -49.94
N ALA K 744 8.69 62.39 -50.81
CA ALA K 744 7.58 61.94 -51.62
C ALA K 744 6.79 60.83 -50.92
N VAL K 745 7.47 60.02 -50.12
CA VAL K 745 6.81 58.94 -49.40
C VAL K 745 6.54 59.31 -47.95
N CYS K 746 7.56 59.83 -47.25
CA CYS K 746 7.38 60.22 -45.87
C CYS K 746 6.40 61.39 -45.73
N HIS K 747 6.42 62.33 -46.68
CA HIS K 747 5.79 63.64 -46.56
C HIS K 747 6.30 64.42 -45.37
N HIS K 748 7.42 64.00 -44.77
CA HIS K 748 8.03 64.76 -43.69
C HIS K 748 9.08 65.69 -44.25
N VAL K 749 9.85 66.29 -43.38
CA VAL K 749 10.92 67.19 -43.77
C VAL K 749 12.22 66.42 -43.81
N VAL K 750 12.96 66.56 -44.90
CA VAL K 750 14.25 65.92 -45.06
C VAL K 750 15.33 66.86 -44.54
N LYS K 751 16.01 66.45 -43.48
CA LYS K 751 17.08 67.22 -42.88
C LYS K 751 18.45 66.64 -43.14
N GLY K 752 18.53 65.37 -43.51
CA GLY K 752 19.79 64.72 -43.78
C GLY K 752 19.96 64.37 -45.25
N LEU K 753 20.03 63.08 -45.56
CA LEU K 753 20.34 62.67 -46.91
C LEU K 753 19.09 62.73 -47.79
N PHE K 754 19.21 63.42 -48.92
CA PHE K 754 18.13 63.59 -49.88
C PHE K 754 18.56 62.96 -51.18
N VAL K 755 17.67 62.24 -51.82
CA VAL K 755 17.96 61.59 -53.09
C VAL K 755 17.18 62.29 -54.18
N TRP K 756 17.66 62.17 -55.41
CA TRP K 756 17.16 62.98 -56.50
C TRP K 756 17.09 62.12 -57.76
N CYS K 757 16.23 62.52 -58.69
CA CYS K 757 16.13 61.86 -59.99
C CYS K 757 16.39 62.88 -61.07
N GLN K 758 17.24 62.54 -62.04
CA GLN K 758 17.59 63.50 -63.07
C GLN K 758 16.46 63.73 -64.05
N GLY K 759 15.56 62.76 -64.21
CA GLY K 759 14.42 62.97 -65.08
C GLY K 759 13.20 63.46 -64.37
N CYS K 760 12.78 62.73 -63.32
CA CYS K 760 11.59 63.09 -62.57
C CYS K 760 11.78 64.37 -61.76
N SER K 761 13.01 64.73 -61.42
CA SER K 761 13.29 65.82 -60.49
C SER K 761 12.55 65.64 -59.18
N HIS K 762 12.49 64.40 -58.70
CA HIS K 762 11.83 64.02 -57.46
C HIS K 762 12.82 63.30 -56.56
N GLY K 763 12.34 62.95 -55.36
CA GLY K 763 13.16 62.23 -54.42
C GLY K 763 12.76 62.56 -52.99
N GLY K 764 13.56 62.05 -52.05
CA GLY K 764 13.32 62.26 -50.64
C GLY K 764 14.31 61.54 -49.75
N HIS K 765 13.82 60.96 -48.67
CA HIS K 765 14.69 60.19 -47.78
C HIS K 765 15.29 59.02 -48.54
N LEU K 766 16.54 58.68 -48.19
CA LEU K 766 17.24 57.64 -48.94
C LEU K 766 16.59 56.28 -48.74
N GLN K 767 16.28 55.93 -47.50
CA GLN K 767 15.78 54.59 -47.21
C GLN K 767 14.38 54.38 -47.80
N HIS K 768 13.52 55.39 -47.70
CA HIS K 768 12.17 55.22 -48.21
C HIS K 768 12.17 55.06 -49.72
N ILE K 769 12.98 55.84 -50.43
CA ILE K 769 13.03 55.70 -51.88
C ILE K 769 13.62 54.35 -52.27
N MET K 770 14.63 53.89 -51.52
CA MET K 770 15.15 52.55 -51.75
C MET K 770 14.05 51.50 -51.62
N LYS K 771 13.28 51.56 -50.53
CA LYS K 771 12.24 50.56 -50.32
C LYS K 771 11.18 50.63 -51.41
N TRP K 772 10.77 51.84 -51.80
CA TRP K 772 9.74 51.98 -52.81
C TRP K 772 10.19 51.43 -54.15
N LEU K 773 11.43 51.72 -54.54
CA LEU K 773 11.90 51.26 -55.84
C LEU K 773 12.16 49.76 -55.87
N GLU K 774 12.24 49.11 -54.71
CA GLU K 774 12.40 47.67 -54.68
C GLU K 774 11.14 46.93 -55.11
N GLY K 775 9.96 47.48 -54.81
CA GLY K 775 8.72 46.80 -55.13
C GLY K 775 7.87 47.50 -56.17
N SER K 776 8.06 48.81 -56.32
CA SER K 776 7.35 49.60 -57.30
C SER K 776 8.25 49.88 -58.50
N SER K 777 7.68 50.53 -59.51
CA SER K 777 8.45 50.93 -60.67
C SER K 777 8.11 52.32 -61.18
N HIS K 778 7.25 53.07 -60.48
CA HIS K 778 6.87 54.42 -60.86
C HIS K 778 7.43 55.42 -59.86
N CYS K 779 7.41 56.69 -60.25
CA CYS K 779 7.86 57.74 -59.35
C CYS K 779 6.87 57.89 -58.21
N PRO K 780 7.34 57.95 -56.95
CA PRO K 780 6.40 58.02 -55.83
C PRO K 780 5.58 59.29 -55.80
N ALA K 781 6.01 60.35 -56.48
CA ALA K 781 5.33 61.64 -56.40
C ALA K 781 4.20 61.79 -57.39
N GLY K 782 3.68 60.68 -57.92
CA GLY K 782 2.66 60.77 -58.94
C GLY K 782 3.30 60.85 -60.31
N CYS K 783 3.90 62.00 -60.62
CA CYS K 783 4.79 62.23 -61.76
C CYS K 783 4.47 61.37 -62.97
N GLY K 784 4.63 60.05 -62.84
CA GLY K 784 4.29 59.13 -63.90
C GLY K 784 5.48 58.59 -64.65
N HIS K 785 6.64 59.21 -64.49
CA HIS K 785 7.82 58.81 -65.23
C HIS K 785 8.56 57.75 -64.44
N LEU K 786 8.76 56.58 -65.04
CA LEU K 786 9.44 55.48 -64.36
C LEU K 786 10.91 55.82 -64.24
N CYS K 787 11.34 56.31 -63.06
CA CYS K 787 12.73 56.73 -62.93
C CYS K 787 13.66 55.56 -62.67
N GLU K 788 13.44 54.46 -63.37
CA GLU K 788 14.37 53.35 -63.55
C GLU K 788 13.81 52.59 -64.74
N TYR K 789 14.48 52.66 -65.87
CA TYR K 789 13.89 52.06 -67.06
C TYR K 789 13.94 50.54 -66.96
N SER K 790 12.86 49.96 -66.45
CA SER K 790 12.75 48.52 -66.23
C SER K 790 13.88 48.01 -65.32
N ILE L 534 115.19 59.41 -0.04
CA ILE L 534 114.33 58.47 0.66
C ILE L 534 112.86 58.82 0.43
N PRO L 535 112.11 57.88 -0.13
CA PRO L 535 110.68 58.13 -0.38
C PRO L 535 109.90 58.32 0.91
N PHE L 536 108.85 59.13 0.80
CA PHE L 536 107.89 59.25 1.88
C PHE L 536 107.02 57.99 1.92
N PRO L 537 106.48 57.63 3.09
CA PRO L 537 105.77 56.35 3.20
C PRO L 537 104.42 56.35 2.50
N ARG L 538 103.89 57.50 2.08
CA ARG L 538 102.55 57.60 1.51
C ARG L 538 101.51 57.05 2.48
N THR L 539 101.42 57.72 3.63
CA THR L 539 100.53 57.28 4.70
C THR L 539 99.06 57.37 4.32
N SER L 540 98.73 58.05 3.23
CA SER L 540 97.35 58.17 2.76
C SER L 540 97.15 57.26 1.56
N GLY L 541 96.07 56.50 1.56
CA GLY L 541 95.79 55.60 0.44
C GLY L 541 94.35 55.14 0.48
N ALA L 542 93.88 54.72 -0.69
CA ALA L 542 92.52 54.22 -0.84
C ALA L 542 92.53 53.05 -1.82
N ARG L 543 91.66 52.08 -1.57
CA ARG L 543 91.52 50.94 -2.45
C ARG L 543 90.04 50.66 -2.65
N PHE L 544 89.73 49.94 -3.73
CA PHE L 544 88.37 49.64 -4.14
C PHE L 544 88.14 48.14 -4.11
N CYS L 545 88.58 47.51 -3.03
CA CYS L 545 88.54 46.07 -2.90
C CYS L 545 87.11 45.61 -2.66
N GLY L 546 86.93 44.30 -2.58
CA GLY L 546 85.63 43.72 -2.40
C GLY L 546 84.81 43.81 -3.67
N ALA L 547 83.64 43.16 -3.62
CA ALA L 547 82.72 43.19 -4.74
C ALA L 547 82.13 44.58 -4.95
N GLY L 548 81.64 45.18 -3.87
CA GLY L 548 81.14 46.55 -3.93
C GLY L 548 81.54 47.34 -2.71
N TYR L 549 82.68 47.01 -2.14
CA TYR L 549 83.16 47.61 -0.90
C TYR L 549 84.24 48.64 -1.20
N LEU L 550 84.78 49.23 -0.14
CA LEU L 550 85.79 50.26 -0.25
C LEU L 550 86.64 50.24 1.00
N VAL L 551 87.94 50.47 0.83
CA VAL L 551 88.89 50.54 1.93
C VAL L 551 89.55 51.91 1.88
N TYR L 552 89.45 52.66 2.97
CA TYR L 552 90.02 53.99 3.04
C TYR L 552 90.71 54.19 4.38
N PHE L 553 91.75 55.03 4.38
CA PHE L 553 92.43 55.38 5.61
C PHE L 553 93.30 56.60 5.33
N THR L 554 93.72 57.27 6.40
CA THR L 554 94.58 58.44 6.29
C THR L 554 95.24 58.78 7.62
N LYS L 646 92.33 54.84 11.68
CA LYS L 646 91.58 53.60 11.67
C LYS L 646 91.18 53.27 10.24
N VAL L 647 91.00 51.98 9.97
CA VAL L 647 90.59 51.51 8.66
C VAL L 647 89.08 51.63 8.56
N ILE L 648 88.61 52.41 7.58
CA ILE L 648 87.18 52.64 7.37
C ILE L 648 86.78 51.90 6.10
N ILE L 649 85.80 51.01 6.22
CA ILE L 649 85.29 50.24 5.09
C ILE L 649 83.85 50.65 4.85
N GLN L 650 83.56 51.11 3.63
CA GLN L 650 82.25 51.62 3.28
C GLN L 650 81.72 50.92 2.04
N ASP L 651 80.46 50.48 2.11
CA ASP L 651 79.80 49.88 0.97
C ASP L 651 79.61 50.94 -0.11
N ILE L 652 80.16 50.68 -1.29
CA ILE L 652 80.05 51.62 -2.40
C ILE L 652 79.15 51.01 -3.46
N ALA L 653 78.21 50.18 -3.03
CA ALA L 653 77.27 49.55 -3.96
C ALA L 653 76.32 50.57 -4.58
N CYS L 654 76.19 51.76 -4.00
CA CYS L 654 75.36 52.79 -4.59
C CYS L 654 75.95 53.35 -5.87
N LEU L 655 77.26 53.18 -6.10
CA LEU L 655 77.92 53.70 -7.28
C LEU L 655 78.09 52.68 -8.39
N LEU L 656 78.07 51.39 -8.08
CA LEU L 656 78.38 50.38 -9.08
C LEU L 656 77.23 50.25 -10.06
N PRO L 657 77.52 49.84 -11.31
CA PRO L 657 76.45 49.63 -12.29
C PRO L 657 75.72 48.32 -12.12
N VAL L 658 76.27 47.38 -11.35
CA VAL L 658 75.68 46.06 -11.15
C VAL L 658 75.14 45.98 -9.74
N HIS L 659 74.00 45.31 -9.57
CA HIS L 659 73.33 45.19 -8.29
C HIS L 659 73.28 43.73 -7.88
N LYS L 660 73.64 43.44 -6.63
CA LYS L 660 73.65 42.07 -6.15
C LYS L 660 72.24 41.54 -5.93
N SER L 661 71.34 42.41 -5.46
CA SER L 661 69.97 41.98 -5.20
C SER L 661 69.29 41.47 -6.46
N LEU L 662 69.49 42.16 -7.58
CA LEU L 662 69.00 41.66 -8.85
C LEU L 662 69.72 40.37 -9.24
N GLY L 663 71.00 40.27 -8.92
CA GLY L 663 71.77 39.10 -9.31
C GLY L 663 71.29 37.83 -8.63
N GLU L 664 70.77 37.96 -7.40
CA GLU L 664 70.33 36.78 -6.69
C GLU L 664 69.06 36.17 -7.30
N LEU L 665 68.16 37.02 -7.80
CA LEU L 665 66.82 36.59 -8.20
C LEU L 665 66.71 36.24 -9.68
N TYR L 666 67.80 36.24 -10.43
CA TYR L 666 67.72 35.94 -11.85
C TYR L 666 67.48 34.44 -12.06
N ILE L 667 67.16 34.10 -13.31
CA ILE L 667 66.92 32.71 -13.70
C ILE L 667 67.27 32.57 -15.17
N LEU L 668 67.68 31.37 -15.56
CA LEU L 668 68.13 31.14 -16.94
C LEU L 668 67.88 29.67 -17.28
N ASN L 669 66.77 29.40 -17.97
CA ASN L 669 66.34 28.06 -18.31
C ASN L 669 66.35 27.91 -19.83
N VAL L 670 67.21 27.01 -20.33
CA VAL L 670 67.24 26.75 -21.76
C VAL L 670 65.99 26.00 -22.21
N ASN L 671 65.34 25.27 -21.31
CA ASN L 671 64.16 24.50 -21.69
C ASN L 671 63.04 25.41 -22.17
N ASP L 672 62.84 26.55 -21.50
CA ASP L 672 61.80 27.49 -21.88
C ASP L 672 62.39 28.90 -21.75
N ILE L 673 62.82 29.47 -22.88
CA ILE L 673 63.40 30.81 -22.86
C ILE L 673 62.34 31.84 -22.48
N GLN L 674 61.14 31.73 -23.06
CA GLN L 674 60.09 32.71 -22.77
C GLN L 674 59.71 32.69 -21.29
N GLU L 675 59.89 31.55 -20.63
CA GLU L 675 59.55 31.47 -19.23
C GLU L 675 60.44 32.37 -18.37
N THR L 676 61.74 32.42 -18.68
CA THR L 676 62.67 33.15 -17.83
C THR L 676 62.54 34.67 -17.94
N CYS L 677 62.14 35.17 -19.11
CA CYS L 677 62.12 36.61 -19.32
C CYS L 677 61.03 37.30 -18.51
N GLN L 678 59.86 36.70 -18.35
CA GLN L 678 58.85 37.31 -17.50
C GLN L 678 59.29 37.35 -16.04
N LYS L 679 59.94 36.28 -15.57
CA LYS L 679 60.45 36.28 -14.20
C LYS L 679 61.51 37.35 -14.01
N ASN L 680 62.40 37.53 -14.99
CA ASN L 680 63.39 38.58 -14.90
C ASN L 680 62.75 39.96 -14.94
N ALA L 681 61.69 40.12 -15.73
CA ALA L 681 60.98 41.38 -15.75
C ALA L 681 60.34 41.68 -14.41
N ALA L 682 59.77 40.67 -13.76
CA ALA L 682 59.21 40.87 -12.43
C ALA L 682 60.29 41.24 -11.43
N SER L 683 61.46 40.59 -11.53
CA SER L 683 62.57 40.92 -10.65
C SER L 683 63.01 42.37 -10.84
N ALA L 684 63.10 42.81 -12.10
CA ALA L 684 63.46 44.20 -12.38
C ALA L 684 62.40 45.15 -11.83
N LEU L 685 61.13 44.77 -11.94
CA LEU L 685 60.08 45.61 -11.40
C LEU L 685 60.20 45.76 -9.89
N LEU L 686 60.56 44.68 -9.20
CA LEU L 686 60.68 44.71 -7.76
C LEU L 686 62.05 45.23 -7.29
N VAL L 687 62.95 45.51 -8.22
CA VAL L 687 64.24 46.09 -7.87
C VAL L 687 64.25 47.60 -7.95
N GLY L 688 63.49 48.21 -8.85
CA GLY L 688 63.43 49.65 -8.97
C GLY L 688 64.04 50.24 -10.22
N ARG L 689 64.22 49.44 -11.28
CA ARG L 689 64.79 49.92 -12.53
C ARG L 689 63.77 49.72 -13.65
N LYS L 690 63.23 50.83 -14.18
CA LYS L 690 62.26 50.76 -15.26
C LYS L 690 62.93 50.47 -16.61
N ASP L 691 64.20 50.83 -16.76
CA ASP L 691 64.91 50.48 -17.98
C ASP L 691 64.91 48.97 -18.18
N LEU L 692 65.22 48.23 -17.13
CA LEU L 692 65.25 46.77 -17.25
C LEU L 692 63.87 46.21 -17.53
N VAL L 693 62.82 46.79 -16.94
CA VAL L 693 61.48 46.25 -17.23
C VAL L 693 61.18 46.44 -18.71
N GLN L 694 61.57 47.58 -19.28
CA GLN L 694 61.30 47.80 -20.69
C GLN L 694 62.11 46.84 -21.57
N VAL L 695 63.40 46.68 -21.28
CA VAL L 695 64.22 45.84 -22.16
C VAL L 695 63.84 44.37 -22.02
N TRP L 696 63.42 43.94 -20.83
CA TRP L 696 62.99 42.55 -20.68
C TRP L 696 61.63 42.33 -21.31
N SER L 697 60.77 43.34 -21.31
CA SER L 697 59.52 43.23 -22.07
C SER L 697 59.81 43.09 -23.55
N LEU L 698 60.74 43.88 -24.07
CA LEU L 698 61.13 43.74 -25.48
C LEU L 698 61.68 42.35 -25.75
N ALA L 699 62.48 41.82 -24.82
CA ALA L 699 63.00 40.46 -24.99
C ALA L 699 61.88 39.44 -25.04
N THR L 700 60.88 39.58 -24.17
CA THR L 700 59.73 38.67 -24.22
C THR L 700 59.06 38.72 -25.58
N VAL L 701 58.75 39.92 -26.06
CA VAL L 701 58.05 40.05 -27.34
C VAL L 701 58.98 39.94 -28.52
N ALA L 702 60.25 39.60 -28.29
CA ALA L 702 61.24 39.56 -29.36
C ALA L 702 61.77 38.16 -29.61
N THR L 703 61.34 37.18 -28.82
CA THR L 703 61.92 35.85 -28.89
C THR L 703 60.86 34.76 -29.05
N ASP L 704 59.60 35.12 -29.23
CA ASP L 704 58.54 34.12 -29.35
C ASP L 704 58.86 33.14 -30.46
N LEU L 705 58.58 31.86 -30.20
CA LEU L 705 58.94 30.79 -31.12
C LEU L 705 58.27 30.92 -32.48
N CYS L 706 57.22 31.72 -32.59
CA CYS L 706 56.50 31.83 -33.86
C CYS L 706 57.39 32.43 -34.95
N LEU L 707 58.40 33.21 -34.57
CA LEU L 707 59.30 33.83 -35.53
C LEU L 707 60.66 33.16 -35.61
N GLY L 708 60.73 31.86 -35.31
CA GLY L 708 61.96 31.13 -35.49
C GLY L 708 62.33 31.04 -36.96
N PRO L 709 63.63 30.96 -37.24
CA PRO L 709 64.08 30.95 -38.63
C PRO L 709 63.68 29.67 -39.36
N LYS L 710 63.59 29.79 -40.68
CA LYS L 710 63.25 28.66 -41.54
C LYS L 710 64.51 28.19 -42.29
N SER L 711 64.32 27.16 -43.12
CA SER L 711 65.44 26.50 -43.79
C SER L 711 65.83 27.19 -45.09
N ASP L 712 64.92 27.25 -46.05
CA ASP L 712 65.22 27.83 -47.35
C ASP L 712 65.08 29.35 -47.28
N PRO L 713 66.10 30.10 -47.70
CA PRO L 713 66.01 31.57 -47.60
C PRO L 713 64.91 32.16 -48.45
N ASP L 714 64.49 31.47 -49.51
CA ASP L 714 63.50 32.02 -50.43
C ASP L 714 62.10 32.02 -49.86
N LEU L 715 61.84 31.24 -48.81
CA LEU L 715 60.49 31.13 -48.26
C LEU L 715 60.05 32.45 -47.64
N GLU L 716 60.92 33.06 -46.83
CA GLU L 716 60.58 34.32 -46.17
C GLU L 716 61.86 34.94 -45.64
N THR L 717 61.82 36.26 -45.46
CA THR L 717 62.94 36.95 -44.85
C THR L 717 63.06 36.55 -43.39
N PRO L 718 64.27 36.34 -42.88
CA PRO L 718 64.42 36.00 -41.47
C PRO L 718 64.08 37.18 -40.59
N TRP L 719 63.68 36.87 -39.35
CA TRP L 719 63.45 37.93 -38.37
C TRP L 719 64.71 38.74 -38.10
N ALA L 720 65.88 38.13 -38.23
CA ALA L 720 67.12 38.81 -37.87
C ALA L 720 67.34 40.04 -38.74
N ARG L 721 66.88 40.01 -39.99
CA ARG L 721 67.09 41.15 -40.87
C ARG L 721 66.10 42.27 -40.60
N HIS L 722 65.05 42.01 -39.84
CA HIS L 722 64.10 43.05 -39.47
C HIS L 722 64.81 44.11 -38.64
N PRO L 723 64.48 45.39 -38.81
CA PRO L 723 65.16 46.45 -38.04
C PRO L 723 64.88 46.39 -36.55
N PHE L 724 64.17 45.37 -36.07
CA PHE L 724 63.90 45.24 -34.64
C PHE L 724 64.67 44.09 -34.01
N GLY L 725 65.10 43.11 -34.80
CA GLY L 725 65.83 41.99 -34.27
C GLY L 725 67.32 42.24 -34.02
N ARG L 726 68.08 42.48 -35.08
CA ARG L 726 69.53 42.59 -34.99
C ARG L 726 70.00 44.04 -34.85
N GLN L 727 69.12 45.01 -35.03
CA GLN L 727 69.49 46.42 -34.91
C GLN L 727 69.05 47.05 -33.60
N LEU L 728 67.85 46.72 -33.13
CA LEU L 728 67.47 47.08 -31.77
C LEU L 728 68.38 46.43 -30.74
N LEU L 729 68.68 45.14 -30.93
CA LEU L 729 69.57 44.45 -30.01
C LEU L 729 70.97 45.06 -30.03
N GLU L 730 71.47 45.37 -31.22
CA GLU L 730 72.80 45.96 -31.33
C GLU L 730 72.85 47.41 -30.85
N SER L 731 71.73 48.12 -30.85
CA SER L 731 71.68 49.44 -30.23
C SER L 731 71.63 49.37 -28.71
N LEU L 732 70.84 48.45 -28.16
CA LEU L 732 70.83 48.25 -26.72
C LEU L 732 72.18 47.78 -26.21
N LEU L 733 72.85 46.87 -26.93
CA LEU L 733 74.15 46.40 -26.50
C LEU L 733 75.15 47.54 -26.44
N ALA L 734 75.17 48.40 -27.47
CA ALA L 734 76.08 49.52 -27.46
C ALA L 734 75.75 50.49 -26.33
N HIS L 735 74.46 50.71 -26.08
CA HIS L 735 74.07 51.58 -24.98
C HIS L 735 74.59 51.06 -23.65
N TYR L 736 74.45 49.75 -23.43
CA TYR L 736 74.87 49.19 -22.14
C TYR L 736 76.38 49.10 -22.03
N CYS L 737 77.09 48.89 -23.14
CA CYS L 737 78.54 48.99 -23.10
C CYS L 737 78.99 50.40 -22.74
N ARG L 738 78.35 51.42 -23.32
CA ARG L 738 78.69 52.79 -22.95
C ARG L 738 78.39 53.05 -21.47
N LEU L 739 77.25 52.58 -20.99
CA LEU L 739 76.96 52.62 -19.56
C LEU L 739 77.85 51.69 -18.77
N ARG L 740 78.55 50.77 -19.44
CA ARG L 740 79.53 49.89 -18.82
C ARG L 740 78.88 49.07 -17.73
N ASP L 741 77.92 48.24 -18.13
CA ASP L 741 77.10 47.45 -17.22
C ASP L 741 77.19 45.99 -17.68
N VAL L 742 78.17 45.27 -17.15
CA VAL L 742 78.22 43.85 -17.44
C VAL L 742 77.42 43.09 -16.39
N GLN L 743 76.13 43.25 -16.44
CA GLN L 743 75.12 42.35 -15.90
C GLN L 743 74.00 42.14 -16.90
N THR L 744 73.59 43.19 -17.60
CA THR L 744 72.57 43.06 -18.63
C THR L 744 73.18 42.52 -19.92
N LEU L 745 74.45 42.83 -20.17
CA LEU L 745 75.12 42.36 -21.38
C LEU L 745 75.15 40.84 -21.40
N ALA L 746 75.62 40.21 -20.31
CA ALA L 746 75.73 38.77 -20.28
C ALA L 746 74.37 38.11 -20.42
N MET L 747 73.37 38.64 -19.71
CA MET L 747 72.04 38.03 -19.76
C MET L 747 71.42 38.14 -21.15
N LEU L 748 71.51 39.32 -21.77
CA LEU L 748 70.92 39.49 -23.09
C LEU L 748 71.61 38.61 -24.11
N CYS L 749 72.95 38.58 -24.08
CA CYS L 749 73.69 37.74 -25.02
C CYS L 749 73.33 36.28 -24.82
N SER L 750 73.28 35.83 -23.56
CA SER L 750 73.00 34.43 -23.29
C SER L 750 71.61 34.04 -23.76
N VAL L 751 70.61 34.87 -23.48
CA VAL L 751 69.24 34.54 -23.87
C VAL L 751 69.12 34.47 -25.39
N PHE L 752 69.65 35.49 -26.08
CA PHE L 752 69.50 35.50 -27.53
C PHE L 752 70.31 34.40 -28.20
N GLU L 753 71.46 34.04 -27.64
CA GLU L 753 72.23 32.94 -28.21
C GLU L 753 71.56 31.60 -27.97
N ALA L 754 71.12 31.33 -26.75
CA ALA L 754 70.42 30.08 -26.46
C ALA L 754 69.11 29.96 -27.22
N GLN L 755 68.54 31.10 -27.64
CA GLN L 755 67.38 31.03 -28.52
C GLN L 755 67.67 30.31 -29.82
N SER L 756 68.94 30.23 -30.23
CA SER L 756 69.32 29.51 -31.43
C SER L 756 69.40 28.01 -31.19
N GLU L 838 75.27 26.36 -52.98
CA GLU L 838 75.66 25.94 -51.64
C GLU L 838 76.16 27.15 -50.83
N ARG L 839 76.84 28.06 -51.51
CA ARG L 839 77.33 29.26 -50.84
C ARG L 839 76.18 30.13 -50.35
N GLU L 840 75.10 30.22 -51.14
CA GLU L 840 73.97 31.06 -50.77
C GLU L 840 73.35 30.60 -49.45
N ARG L 841 73.21 29.29 -49.26
CA ARG L 841 72.72 28.79 -47.99
C ARG L 841 73.66 29.13 -46.85
N ASP L 842 74.97 29.04 -47.09
CA ASP L 842 75.94 29.36 -46.05
C ASP L 842 75.85 30.82 -45.63
N GLN L 843 75.69 31.73 -46.60
CA GLN L 843 75.52 33.14 -46.26
C GLN L 843 74.24 33.37 -45.49
N HIS L 844 73.16 32.70 -45.89
CA HIS L 844 71.92 32.79 -45.12
C HIS L 844 72.07 32.17 -43.74
N ASP L 845 72.92 31.15 -43.61
CA ASP L 845 73.15 30.56 -42.29
C ASP L 845 73.75 31.58 -41.34
N LYS L 846 74.70 32.39 -41.83
CA LYS L 846 75.21 33.50 -41.02
C LYS L 846 74.40 34.77 -41.27
N ASN L 847 73.08 34.62 -41.31
CA ASN L 847 72.18 35.75 -41.40
C ASN L 847 70.94 35.58 -40.54
N LYS L 848 70.84 34.49 -39.78
CA LYS L 848 69.68 34.19 -38.95
C LYS L 848 69.91 34.57 -37.50
N ARG L 849 71.14 34.49 -37.03
CA ARG L 849 71.42 34.72 -35.63
C ARG L 849 71.33 36.21 -35.31
N LEU L 850 70.58 36.53 -34.26
CA LEU L 850 70.48 37.91 -33.80
C LEU L 850 71.80 38.43 -33.28
N LEU L 851 72.68 37.56 -32.81
CA LEU L 851 74.05 37.91 -32.44
C LEU L 851 74.95 37.63 -33.64
N ASP L 852 75.75 38.60 -34.02
CA ASP L 852 76.53 38.48 -35.25
C ASP L 852 77.51 37.33 -35.13
N PRO L 853 77.58 36.42 -36.11
CA PRO L 853 78.51 35.29 -36.01
C PRO L 853 79.95 35.71 -35.83
N ALA L 854 80.40 36.76 -36.51
CA ALA L 854 81.80 37.18 -36.40
C ALA L 854 81.98 38.21 -35.30
N ASN L 855 81.41 37.94 -34.13
CA ASN L 855 81.68 38.74 -32.95
C ASN L 855 81.69 37.88 -31.68
N THR L 856 81.83 36.57 -31.81
CA THR L 856 81.66 35.67 -30.68
C THR L 856 82.79 35.74 -29.67
N GLN L 857 83.89 36.44 -29.99
CA GLN L 857 85.00 36.54 -29.05
C GLN L 857 84.77 37.61 -27.98
N GLN L 858 83.71 38.41 -28.10
CA GLN L 858 83.39 39.43 -27.11
C GLN L 858 82.30 38.98 -26.15
N PHE L 859 81.32 38.23 -26.65
CA PHE L 859 80.27 37.72 -25.78
C PHE L 859 80.86 36.79 -24.72
N ASP L 860 81.84 35.97 -25.11
CA ASP L 860 82.49 35.09 -24.14
C ASP L 860 83.21 35.90 -23.07
N ASP L 861 83.84 37.01 -23.44
CA ASP L 861 84.49 37.86 -22.46
C ASP L 861 83.47 38.43 -21.48
N PHE L 862 82.34 38.91 -22.00
CA PHE L 862 81.27 39.40 -21.14
C PHE L 862 80.84 38.31 -20.15
N LYS L 863 80.56 37.11 -20.68
CA LYS L 863 80.04 36.05 -19.84
C LYS L 863 81.03 35.65 -18.76
N LYS L 864 82.31 35.53 -19.11
CA LYS L 864 83.29 35.08 -18.13
C LYS L 864 83.59 36.16 -17.11
N CYS L 865 83.56 37.45 -17.50
CA CYS L 865 83.73 38.49 -16.51
C CYS L 865 82.56 38.53 -15.54
N TYR L 866 81.34 38.37 -16.04
CA TYR L 866 80.19 38.32 -15.14
C TYR L 866 80.27 37.11 -14.22
N GLY L 867 80.78 35.99 -14.74
CA GLY L 867 80.98 34.83 -13.89
C GLY L 867 81.98 35.08 -12.78
N GLU L 868 83.07 35.78 -13.09
CA GLU L 868 84.10 36.04 -12.08
C GLU L 868 83.71 37.19 -11.16
N ILE L 869 82.61 37.89 -11.43
CA ILE L 869 81.98 38.75 -10.45
C ILE L 869 81.02 37.96 -9.56
N LEU L 870 80.22 37.10 -10.16
CA LEU L 870 79.28 36.28 -9.40
C LEU L 870 80.01 35.38 -8.41
N TYR L 871 81.14 34.80 -8.83
CA TYR L 871 81.90 33.94 -7.93
C TYR L 871 82.40 34.71 -6.73
N ARG L 872 82.86 35.94 -6.93
CA ARG L 872 83.27 36.78 -5.81
C ARG L 872 82.09 37.10 -4.92
N TRP L 873 80.90 37.27 -5.50
CA TRP L 873 79.71 37.54 -4.70
C TRP L 873 79.35 36.36 -3.80
N GLY L 874 79.49 35.14 -4.31
CA GLY L 874 79.14 33.98 -3.52
C GLY L 874 77.92 33.20 -3.98
N LEU L 875 77.74 33.07 -5.29
CA LEU L 875 76.62 32.34 -5.88
C LEU L 875 77.13 31.30 -6.87
N ARG L 876 78.04 30.44 -6.41
CA ARG L 876 78.67 29.42 -7.24
C ARG L 876 77.71 28.72 -8.18
N GLU L 877 76.45 28.51 -7.77
CA GLU L 877 75.48 27.96 -8.72
C GLU L 877 75.25 28.91 -9.89
N LYS L 878 75.09 30.21 -9.60
CA LYS L 878 74.75 31.16 -10.64
C LYS L 878 75.86 31.27 -11.69
N ARG L 879 77.11 31.22 -11.26
CA ARG L 879 78.20 31.25 -12.24
C ARG L 879 78.17 30.02 -13.13
N ALA L 880 77.76 28.87 -12.58
CA ALA L 880 77.61 27.68 -13.40
C ALA L 880 76.52 27.88 -14.44
N GLU L 881 75.38 28.44 -14.04
CA GLU L 881 74.31 28.68 -15.01
C GLU L 881 74.75 29.65 -16.09
N VAL L 882 75.50 30.69 -15.73
CA VAL L 882 75.92 31.67 -16.73
C VAL L 882 76.91 31.05 -17.70
N LEU L 883 77.94 30.37 -17.18
CA LEU L 883 78.96 29.79 -18.05
C LEU L 883 78.50 28.53 -18.74
N LYS L 884 77.28 28.06 -18.48
CA LYS L 884 76.68 27.07 -19.36
C LYS L 884 76.72 27.47 -20.82
N PHE L 885 76.55 28.75 -21.12
CA PHE L 885 76.31 29.22 -22.47
C PHE L 885 77.56 29.67 -23.21
N VAL L 886 78.75 29.54 -22.61
CA VAL L 886 79.98 29.80 -23.34
C VAL L 886 80.11 28.78 -24.47
N SER L 887 80.84 29.16 -25.51
CA SER L 887 80.93 28.31 -26.69
C SER L 887 82.21 27.48 -26.74
N CYS L 888 83.33 28.02 -26.27
CA CYS L 888 84.62 27.40 -26.56
C CYS L 888 84.97 26.29 -25.58
N PRO L 889 84.71 25.04 -25.95
CA PRO L 889 84.96 23.86 -25.09
C PRO L 889 84.79 24.08 -23.59
N PRO L 890 85.04 23.04 -22.78
CA PRO L 890 85.20 23.26 -21.34
C PRO L 890 86.66 23.33 -20.91
N ASP L 891 87.58 23.14 -21.86
CA ASP L 891 89.01 23.09 -21.60
C ASP L 891 89.32 22.05 -20.53
N PRO L 892 89.26 20.76 -20.85
CA PRO L 892 89.42 19.73 -19.83
C PRO L 892 90.79 19.78 -19.16
N HIS L 893 90.79 19.51 -17.86
CA HIS L 893 92.02 19.54 -17.08
C HIS L 893 92.80 18.24 -17.26
N LYS L 894 94.12 18.35 -17.21
CA LYS L 894 95.02 17.21 -17.28
C LYS L 894 95.70 17.04 -15.94
N GLY L 895 95.57 15.85 -15.36
CA GLY L 895 96.14 15.57 -14.05
C GLY L 895 95.98 14.12 -13.64
N ILE L 896 95.80 13.88 -12.34
CA ILE L 896 95.63 12.53 -11.83
C ILE L 896 94.21 12.06 -12.13
N GLU L 897 94.09 10.83 -12.65
CA GLU L 897 92.80 10.25 -12.99
C GLU L 897 92.54 9.02 -12.13
N PHE L 898 91.26 8.81 -11.82
CA PHE L 898 90.84 7.73 -10.94
C PHE L 898 90.22 6.61 -11.77
N GLY L 899 91.00 5.58 -12.05
CA GLY L 899 90.48 4.40 -12.72
C GLY L 899 89.85 3.47 -11.71
N VAL L 900 89.27 2.36 -12.16
CA VAL L 900 88.57 1.42 -11.30
C VAL L 900 88.98 0.01 -11.65
N TYR L 901 89.23 -0.82 -10.64
CA TYR L 901 89.38 -2.24 -10.87
C TYR L 901 88.04 -2.85 -11.20
N CYS L 902 88.00 -3.64 -12.26
CA CYS L 902 86.75 -4.23 -12.74
C CYS L 902 86.20 -5.23 -11.73
N SER L 903 84.87 -5.41 -11.76
CA SER L 903 84.20 -6.26 -10.80
C SER L 903 84.23 -7.74 -11.15
N HIS L 904 84.60 -8.10 -12.38
CA HIS L 904 84.58 -9.49 -12.82
C HIS L 904 85.97 -10.04 -13.10
N CYS L 905 86.73 -9.40 -13.99
CA CYS L 905 88.04 -9.87 -14.37
C CYS L 905 89.17 -9.11 -13.68
N ARG L 906 88.84 -8.21 -12.75
CA ARG L 906 89.81 -7.48 -11.93
C ARG L 906 90.81 -6.69 -12.75
N SER L 907 90.41 -6.21 -13.92
CA SER L 907 91.28 -5.40 -14.76
C SER L 907 91.01 -3.91 -14.53
N GLU L 908 92.05 -3.11 -14.75
CA GLU L 908 91.95 -1.66 -14.59
C GLU L 908 91.28 -1.10 -15.84
N VAL L 909 90.04 -0.65 -15.71
CA VAL L 909 89.27 -0.11 -16.82
C VAL L 909 88.94 1.35 -16.50
N ARG L 910 89.19 2.23 -17.47
CA ARG L 910 88.94 3.66 -17.30
C ARG L 910 87.66 4.02 -18.06
N GLY L 911 86.54 3.86 -17.38
CA GLY L 911 85.25 4.13 -17.99
C GLY L 911 84.15 3.41 -17.24
N THR L 912 82.94 3.54 -17.79
CA THR L 912 81.76 2.98 -17.13
C THR L 912 81.67 1.46 -17.27
N GLN L 913 82.14 0.91 -18.38
CA GLN L 913 82.04 -0.52 -18.65
C GLN L 913 83.40 -1.09 -19.00
N CYS L 914 83.64 -2.34 -18.59
CA CYS L 914 84.89 -3.00 -18.90
C CYS L 914 84.99 -3.26 -20.41
N ALA L 915 86.22 -3.51 -20.86
CA ALA L 915 86.47 -3.75 -22.28
C ALA L 915 86.67 -5.22 -22.62
N ILE L 916 86.82 -6.09 -21.63
CA ILE L 916 87.03 -7.52 -21.87
C ILE L 916 85.71 -8.25 -21.72
N CYS L 917 85.13 -8.21 -20.52
CA CYS L 917 83.85 -8.81 -20.25
C CYS L 917 82.68 -7.89 -20.57
N LYS L 918 82.97 -6.62 -20.90
CA LYS L 918 81.96 -5.63 -21.27
C LYS L 918 80.87 -5.46 -20.21
N GLY L 919 81.19 -5.79 -18.96
CA GLY L 919 80.24 -5.68 -17.87
C GLY L 919 80.52 -4.49 -16.97
N PHE L 920 79.73 -4.41 -15.90
CA PHE L 920 79.89 -3.34 -14.92
C PHE L 920 81.20 -3.54 -14.15
N THR L 921 81.89 -2.43 -13.86
CA THR L 921 83.18 -2.50 -13.17
C THR L 921 83.10 -2.13 -11.70
N PHE L 922 82.10 -1.36 -11.29
CA PHE L 922 81.95 -0.92 -9.90
C PHE L 922 80.59 -1.36 -9.39
N GLN L 923 80.60 -2.10 -8.29
CA GLN L 923 79.37 -2.56 -7.65
C GLN L 923 79.20 -1.83 -6.33
N CYS L 924 77.95 -1.50 -6.00
CA CYS L 924 77.69 -0.78 -4.76
C CYS L 924 77.99 -1.65 -3.56
N ALA L 925 78.71 -1.09 -2.60
CA ALA L 925 79.01 -1.77 -1.36
C ALA L 925 77.83 -1.76 -0.40
N ILE L 926 76.78 -1.00 -0.69
CA ILE L 926 75.54 -1.02 0.06
C ILE L 926 74.45 -1.79 -0.69
N CYS L 927 74.15 -1.39 -1.92
CA CYS L 927 73.07 -2.03 -2.65
C CYS L 927 73.49 -3.25 -3.43
N HIS L 928 74.80 -3.45 -3.65
CA HIS L 928 75.30 -4.56 -4.46
C HIS L 928 74.69 -4.53 -5.86
N VAL L 929 74.57 -3.33 -6.41
CA VAL L 929 74.09 -3.10 -7.75
C VAL L 929 75.09 -2.21 -8.47
N ALA L 930 75.01 -2.22 -9.80
CA ALA L 930 75.92 -1.41 -10.59
C ALA L 930 75.68 0.08 -10.34
N VAL L 931 76.77 0.82 -10.16
CA VAL L 931 76.71 2.25 -9.87
C VAL L 931 77.31 3.01 -11.05
N ARG L 932 76.53 3.93 -11.63
CA ARG L 932 76.94 4.67 -12.81
C ARG L 932 76.99 6.17 -12.63
N GLY L 933 76.19 6.75 -11.74
CA GLY L 933 76.15 8.18 -11.62
C GLY L 933 77.09 8.74 -10.59
N SER L 934 76.56 9.53 -9.68
CA SER L 934 77.36 10.08 -8.59
C SER L 934 77.85 8.96 -7.69
N SER L 935 79.12 9.04 -7.31
CA SER L 935 79.72 8.01 -6.49
C SER L 935 80.77 8.61 -5.59
N ASN L 936 80.81 8.16 -4.34
CA ASN L 936 81.82 8.58 -3.39
C ASN L 936 82.75 7.41 -3.12
N PHE L 937 83.97 7.74 -2.70
CA PHE L 937 84.97 6.73 -2.39
C PHE L 937 86.00 7.35 -1.44
N CYS L 938 86.77 6.49 -0.79
CA CYS L 938 87.91 6.93 0.00
C CYS L 938 89.17 6.43 -0.68
N LEU L 939 90.26 7.17 -0.54
CA LEU L 939 91.52 6.76 -1.15
C LEU L 939 92.27 5.77 -0.29
N THR L 940 91.79 5.52 0.93
CA THR L 940 92.51 4.62 1.84
C THR L 940 92.13 3.17 1.57
N CYS L 941 90.86 2.81 1.77
CA CYS L 941 90.45 1.42 1.66
C CYS L 941 90.06 0.98 0.26
N GLY L 942 90.00 1.89 -0.70
CA GLY L 942 89.67 1.51 -2.06
C GLY L 942 88.29 0.92 -2.22
N HIS L 943 87.29 1.50 -1.56
CA HIS L 943 85.90 1.10 -1.72
C HIS L 943 85.03 2.33 -1.97
N GLY L 944 83.99 2.16 -2.78
CA GLY L 944 83.06 3.23 -3.05
C GLY L 944 81.68 2.68 -3.33
N GLY L 945 80.73 3.59 -3.47
CA GLY L 945 79.35 3.20 -3.71
C GLY L 945 78.53 4.38 -4.17
N HIS L 946 77.22 4.24 -4.02
CA HIS L 946 76.31 5.30 -4.42
C HIS L 946 76.43 6.50 -3.48
N THR L 947 76.21 7.70 -4.02
CA THR L 947 76.43 8.91 -3.24
C THR L 947 75.39 9.05 -2.12
N SER L 948 74.10 8.90 -2.44
CA SER L 948 73.08 8.99 -1.41
C SER L 948 73.25 7.87 -0.39
N HIS L 949 73.62 6.68 -0.86
CA HIS L 949 73.78 5.54 0.02
C HIS L 949 74.90 5.77 1.02
N MET L 950 76.04 6.30 0.55
CA MET L 950 77.12 6.58 1.47
C MET L 950 76.79 7.73 2.40
N MET L 951 76.05 8.74 1.92
CA MET L 951 75.62 9.80 2.83
C MET L 951 74.78 9.23 3.96
N GLU L 952 73.83 8.36 3.61
CA GLU L 952 72.98 7.73 4.62
C GLU L 952 73.81 6.87 5.59
N TRP L 953 74.76 6.11 5.05
CA TRP L 953 75.54 5.20 5.89
C TRP L 953 76.47 5.98 6.81
N PHE L 954 77.07 7.05 6.31
CA PHE L 954 78.05 7.79 7.09
C PHE L 954 77.45 8.91 7.92
N ARG L 955 76.15 9.19 7.78
CA ARG L 955 75.53 10.15 8.68
C ARG L 955 75.56 9.66 10.13
N THR L 956 75.63 8.35 10.34
CA THR L 956 75.61 7.78 11.68
C THR L 956 76.88 7.05 12.05
N GLN L 957 77.33 6.11 11.22
CA GLN L 957 78.44 5.24 11.56
C GLN L 957 79.76 5.94 11.33
N GLU L 958 80.79 5.38 11.95
CA GLU L 958 82.17 5.85 11.76
C GLU L 958 83.07 4.76 11.18
N VAL L 959 82.50 3.64 10.72
CA VAL L 959 83.30 2.56 10.14
C VAL L 959 82.73 2.22 8.77
N CYS L 960 83.59 1.59 7.85
CA CYS L 960 83.45 1.05 6.41
C CYS L 960 82.36 0.03 6.14
N PRO L 961 81.20 0.37 5.59
CA PRO L 961 80.22 -0.69 5.35
C PRO L 961 80.69 -1.77 4.45
N THR L 962 81.93 -1.69 4.04
CA THR L 962 82.65 -2.78 3.35
C THR L 962 83.38 -3.68 4.33
N GLY L 963 83.34 -3.34 5.61
CA GLY L 963 83.83 -4.22 6.66
C GLY L 963 85.34 -4.35 6.75
N CYS L 964 86.10 -3.47 6.11
CA CYS L 964 87.55 -3.55 6.17
C CYS L 964 88.14 -2.84 7.39
N GLY L 965 87.33 -2.11 8.16
CA GLY L 965 87.82 -1.40 9.32
C GLY L 965 88.45 -0.06 9.03
N CYS L 966 88.45 0.38 7.78
CA CYS L 966 89.02 1.68 7.43
C CYS L 966 88.07 2.80 7.86
N HIS L 967 88.52 3.61 8.82
CA HIS L 967 87.76 4.76 9.29
C HIS L 967 87.85 5.85 8.22
N CYS L 968 86.99 5.74 7.20
CA CYS L 968 87.05 6.65 6.08
C CYS L 968 86.76 8.09 6.49
N LEU L 969 85.94 8.29 7.53
CA LEU L 969 85.58 9.63 7.96
C LEU L 969 86.78 10.46 8.34
N LEU L 970 87.88 9.83 8.76
CA LEU L 970 89.13 10.52 9.03
C LEU L 970 90.22 10.20 8.02
N GLU L 971 90.05 9.17 7.19
CA GLU L 971 91.05 8.79 6.20
C GLU L 971 90.79 9.39 4.83
N SER L 972 89.66 10.08 4.64
CA SER L 972 89.34 10.67 3.34
C SER L 972 88.88 12.12 3.46
N THR L 973 88.86 12.69 4.67
CA THR L 973 88.45 14.07 4.88
C THR L 973 89.56 15.06 4.57
N PHE L 974 90.69 14.59 4.04
CA PHE L 974 91.80 15.45 3.68
C PHE L 974 91.41 16.44 2.58
N MET M 1 -20.11 50.27 -29.09
CA MET M 1 -19.43 49.14 -28.46
C MET M 1 -17.96 49.50 -28.21
N PHE M 2 -17.61 49.64 -26.93
CA PHE M 2 -16.28 50.02 -26.54
C PHE M 2 -15.78 49.12 -25.41
N VAL M 3 -14.52 48.70 -25.52
CA VAL M 3 -13.87 47.84 -24.54
C VAL M 3 -12.78 48.65 -23.86
N ALA M 4 -12.88 48.79 -22.55
CA ALA M 4 -11.98 49.63 -21.78
C ALA M 4 -10.78 48.84 -21.28
N ARG M 5 -9.70 49.55 -21.02
CA ARG M 5 -8.48 48.95 -20.49
C ARG M 5 -7.74 50.01 -19.68
N SER M 6 -6.77 49.57 -18.89
CA SER M 6 -5.93 50.48 -18.12
C SER M 6 -4.55 50.49 -18.74
N ILE M 7 -4.06 51.68 -19.09
CA ILE M 7 -2.77 51.80 -19.74
C ILE M 7 -1.66 51.64 -18.71
N ALA M 8 -0.61 50.90 -19.09
CA ALA M 8 0.50 50.62 -18.19
C ALA M 8 1.37 51.87 -18.05
N ALA M 9 0.89 52.80 -17.23
CA ALA M 9 1.60 54.03 -16.96
C ALA M 9 1.54 54.33 -15.47
N ASP M 10 2.53 55.10 -15.00
CA ASP M 10 2.61 55.48 -13.60
C ASP M 10 2.74 56.99 -13.49
N HIS M 11 2.21 57.52 -12.40
CA HIS M 11 2.31 58.96 -12.14
C HIS M 11 2.44 59.16 -10.64
N LYS M 12 3.05 60.29 -10.27
CA LYS M 12 3.22 60.64 -8.88
C LYS M 12 2.13 61.57 -8.36
N ASP M 13 1.74 62.57 -9.15
CA ASP M 13 0.66 63.47 -8.78
C ASP M 13 -0.47 63.29 -9.79
N LEU M 14 -1.59 63.98 -9.54
CA LEU M 14 -2.75 63.87 -10.40
C LEU M 14 -2.45 64.44 -11.78
N ILE M 15 -3.07 63.86 -12.80
CA ILE M 15 -2.88 64.30 -14.18
C ILE M 15 -3.89 65.37 -14.52
N HIS M 16 -3.47 66.37 -15.29
CA HIS M 16 -4.30 67.52 -15.62
C HIS M 16 -4.76 67.53 -17.07
N ASP M 17 -3.88 67.23 -18.03
CA ASP M 17 -4.26 67.23 -19.43
C ASP M 17 -3.46 66.18 -20.18
N VAL M 18 -4.00 65.74 -21.32
CA VAL M 18 -3.38 64.74 -22.16
C VAL M 18 -3.54 65.16 -23.62
N SER M 19 -2.48 65.00 -24.41
CA SER M 19 -2.52 65.31 -25.83
C SER M 19 -1.72 64.26 -26.59
N PHE M 20 -2.01 64.13 -27.88
CA PHE M 20 -1.33 63.17 -28.74
C PHE M 20 -0.53 63.90 -29.81
N ASP M 21 0.05 63.14 -30.72
CA ASP M 21 1.04 63.65 -31.66
C ASP M 21 0.62 63.38 -33.10
N PHE M 22 -0.62 63.73 -33.44
CA PHE M 22 -1.14 63.59 -34.80
C PHE M 22 -1.13 62.13 -35.23
N HIS M 23 0.06 61.57 -35.41
CA HIS M 23 0.20 60.15 -35.70
C HIS M 23 -0.20 59.28 -34.52
N GLY M 24 -0.35 59.86 -33.34
CA GLY M 24 -0.74 59.11 -32.16
C GLY M 24 0.28 58.12 -31.64
N ARG M 25 1.55 58.49 -31.64
CA ARG M 25 2.58 57.68 -31.00
C ARG M 25 3.33 58.40 -29.90
N ARG M 26 2.95 59.63 -29.57
CA ARG M 26 3.55 60.34 -28.46
C ARG M 26 2.46 61.00 -27.65
N MET M 27 2.54 60.89 -26.33
CA MET M 27 1.61 61.53 -25.42
C MET M 27 2.39 62.49 -24.53
N ALA M 28 1.69 63.52 -24.04
CA ALA M 28 2.31 64.52 -23.18
C ALA M 28 1.31 64.87 -22.09
N THR M 29 1.56 64.38 -20.89
CA THR M 29 0.67 64.61 -19.75
C THR M 29 1.35 65.53 -18.76
N CYS M 30 0.61 66.52 -18.28
CA CYS M 30 1.09 67.43 -17.25
C CYS M 30 0.49 67.03 -15.91
N SER M 31 1.34 66.78 -14.93
CA SER M 31 0.91 66.28 -13.63
C SER M 31 0.61 67.44 -12.68
N SER M 32 0.02 67.09 -11.53
CA SER M 32 -0.17 68.06 -10.46
C SER M 32 1.12 68.38 -9.74
N ASP M 33 2.20 67.65 -10.04
CA ASP M 33 3.52 67.94 -9.52
C ASP M 33 4.29 68.90 -10.42
N GLN M 34 3.59 69.60 -11.32
CA GLN M 34 4.18 70.64 -12.16
C GLN M 34 5.25 70.04 -13.08
N SER M 35 5.03 68.80 -13.50
CA SER M 35 5.97 68.07 -14.35
C SER M 35 5.30 67.74 -15.68
N VAL M 36 6.00 68.02 -16.78
CA VAL M 36 5.52 67.72 -18.12
C VAL M 36 6.27 66.50 -18.61
N LYS M 37 5.56 65.37 -18.72
CA LYS M 37 6.15 64.10 -19.12
C LYS M 37 5.80 63.81 -20.57
N VAL M 38 6.82 63.56 -21.38
CA VAL M 38 6.65 63.27 -22.81
C VAL M 38 6.65 61.76 -22.96
N TRP M 39 5.47 61.18 -22.85
CA TRP M 39 5.29 59.74 -22.99
C TRP M 39 5.53 59.33 -24.43
N ASP M 40 5.94 58.08 -24.64
CA ASP M 40 6.20 57.60 -25.99
C ASP M 40 5.68 56.18 -26.14
N LYS M 41 4.97 55.91 -27.23
CA LYS M 41 4.38 54.61 -27.48
C LYS M 41 5.31 53.81 -28.38
N SER M 42 5.94 52.78 -27.80
CA SER M 42 6.89 51.98 -28.54
C SER M 42 6.16 51.04 -29.51
N GLU M 43 6.93 50.48 -30.44
CA GLU M 43 6.36 49.59 -31.45
C GLU M 43 5.96 48.23 -30.87
N SER M 44 6.38 47.92 -29.65
CA SER M 44 6.09 46.64 -29.05
C SER M 44 4.67 46.54 -28.52
N GLY M 45 3.92 47.65 -28.52
CA GLY M 45 2.58 47.67 -27.97
C GLY M 45 2.49 48.28 -26.58
N ASP M 46 3.60 48.73 -26.02
CA ASP M 46 3.64 49.36 -24.71
C ASP M 46 4.16 50.80 -24.84
N TRP M 47 4.41 51.42 -23.69
CA TRP M 47 4.88 52.80 -23.64
C TRP M 47 6.12 52.89 -22.78
N HIS M 48 7.08 53.71 -23.21
CA HIS M 48 8.29 54.01 -22.44
C HIS M 48 8.52 55.51 -22.43
N CYS M 49 8.88 56.05 -21.27
CA CYS M 49 9.02 57.49 -21.12
C CYS M 49 10.31 57.98 -21.77
N THR M 50 10.25 59.15 -22.38
CA THR M 50 11.41 59.69 -23.07
C THR M 50 12.07 60.81 -22.28
N ALA M 51 11.29 61.66 -21.62
CA ALA M 51 11.85 62.76 -20.84
C ALA M 51 10.83 63.22 -19.82
N SER M 52 11.31 63.95 -18.82
CA SER M 52 10.44 64.47 -17.76
C SER M 52 11.18 65.62 -17.08
N TRP M 53 10.58 66.80 -17.09
CA TRP M 53 11.21 67.98 -16.49
C TRP M 53 10.19 68.78 -15.71
N LYS M 54 10.71 69.74 -14.93
CA LYS M 54 9.89 70.60 -14.08
C LYS M 54 9.33 71.75 -14.92
N THR M 55 8.39 72.50 -14.37
CA THR M 55 7.77 73.61 -15.09
C THR M 55 7.90 74.92 -14.32
N HIS M 56 7.16 75.93 -14.74
CA HIS M 56 7.40 77.32 -14.35
C HIS M 56 6.45 77.73 -13.23
N SER M 57 7.01 78.11 -12.08
CA SER M 57 6.30 78.73 -10.96
C SER M 57 5.00 78.03 -10.61
N GLY M 58 3.87 78.62 -10.99
CA GLY M 58 2.59 78.08 -10.61
C GLY M 58 2.25 76.81 -11.37
N SER M 59 1.09 76.24 -11.02
CA SER M 59 0.65 75.01 -11.64
C SER M 59 0.27 75.24 -13.10
N VAL M 60 0.52 74.23 -13.93
CA VAL M 60 0.21 74.29 -15.35
C VAL M 60 -1.24 73.85 -15.54
N TRP M 61 -1.79 74.12 -16.73
CA TRP M 61 -3.17 73.73 -16.99
C TRP M 61 -3.35 72.93 -18.29
N ARG M 62 -2.63 73.27 -19.36
CA ARG M 62 -2.86 72.62 -20.64
C ARG M 62 -1.55 72.31 -21.34
N VAL M 63 -1.54 71.24 -22.12
CA VAL M 63 -0.39 70.85 -22.92
C VAL M 63 -0.88 70.45 -24.31
N THR M 64 -0.26 71.01 -25.34
CA THR M 64 -0.69 70.82 -26.73
C THR M 64 0.47 70.28 -27.57
N TRP M 65 0.19 70.05 -28.85
CA TRP M 65 1.14 69.46 -29.78
C TRP M 65 1.09 70.18 -31.11
N ALA M 66 2.19 70.07 -31.86
CA ALA M 66 2.35 70.74 -33.15
C ALA M 66 2.26 69.72 -34.28
N HIS M 67 2.19 70.26 -35.50
CA HIS M 67 2.18 69.41 -36.68
C HIS M 67 3.56 68.80 -36.90
N PRO M 68 3.66 67.57 -37.43
CA PRO M 68 4.97 66.98 -37.74
C PRO M 68 5.54 67.46 -39.08
N GLU M 69 5.48 68.77 -39.30
CA GLU M 69 6.13 69.42 -40.42
C GLU M 69 6.93 70.58 -39.89
N PHE M 70 6.46 71.15 -38.78
CA PHE M 70 7.15 72.25 -38.12
C PHE M 70 8.19 71.76 -37.12
N GLY M 71 8.41 70.44 -37.03
CA GLY M 71 9.32 69.87 -36.07
C GLY M 71 8.56 69.17 -34.95
N GLN M 72 9.04 69.36 -33.73
CA GLN M 72 8.41 68.81 -32.54
C GLN M 72 8.29 69.94 -31.52
N VAL M 73 7.09 70.46 -31.33
CA VAL M 73 6.85 71.61 -30.46
C VAL M 73 5.69 71.30 -29.53
N LEU M 74 5.85 71.64 -28.27
CA LEU M 74 4.78 71.59 -27.28
C LEU M 74 4.42 73.00 -26.85
N ALA M 75 3.46 73.09 -25.93
CA ALA M 75 3.06 74.37 -25.37
C ALA M 75 2.41 74.13 -24.01
N SER M 76 2.41 75.17 -23.19
CA SER M 76 1.82 75.07 -21.87
C SER M 76 1.40 76.45 -21.39
N CYS M 77 0.38 76.50 -20.54
CA CYS M 77 -0.06 77.72 -19.90
C CYS M 77 -0.30 77.44 -18.43
N SER M 78 0.23 78.29 -17.57
CA SER M 78 0.14 78.09 -16.13
C SER M 78 -0.57 79.28 -15.48
N PHE M 79 -0.59 79.28 -14.15
CA PHE M 79 -1.26 80.34 -13.41
C PHE M 79 -0.43 81.61 -13.33
N ASP M 80 0.80 81.61 -13.84
CA ASP M 80 1.70 82.76 -13.75
C ASP M 80 1.64 83.63 -14.99
N ARG M 81 0.49 83.69 -15.66
CA ARG M 81 0.26 84.50 -16.85
C ARG M 81 1.42 84.42 -17.84
N THR M 82 2.05 83.25 -17.93
CA THR M 82 3.14 83.04 -18.86
C THR M 82 2.96 81.69 -19.56
N ALA M 83 3.14 81.70 -20.88
CA ALA M 83 3.02 80.49 -21.70
C ALA M 83 4.35 80.23 -22.39
N ALA M 84 4.82 79.00 -22.30
CA ALA M 84 6.15 78.63 -22.76
C ALA M 84 6.06 77.65 -23.91
N VAL M 85 6.98 77.80 -24.86
CA VAL M 85 7.06 76.96 -26.04
C VAL M 85 8.23 76.01 -25.88
N TRP M 86 7.95 74.71 -25.86
CA TRP M 86 8.93 73.68 -25.61
C TRP M 86 9.31 73.02 -26.92
N GLU M 87 10.60 72.99 -27.22
CA GLU M 87 11.10 72.35 -28.43
C GLU M 87 12.04 71.22 -28.08
N GLU M 88 12.36 70.41 -29.07
CA GLU M 88 13.23 69.25 -28.88
C GLU M 88 14.55 69.46 -29.61
N ILE M 89 15.65 69.13 -28.93
CA ILE M 89 16.98 69.13 -29.52
C ILE M 89 17.50 67.70 -29.49
N VAL M 90 17.81 67.16 -30.66
CA VAL M 90 18.29 65.79 -30.76
C VAL M 90 19.70 65.67 -30.18
N SER M 101 18.13 62.40 -25.08
CA SER M 101 17.05 63.28 -25.49
C SER M 101 16.94 64.48 -24.56
N HIS M 102 16.94 65.68 -25.14
CA HIS M 102 16.88 66.91 -24.37
C HIS M 102 15.85 67.84 -25.00
N TRP M 103 15.24 68.67 -24.16
CA TRP M 103 14.28 69.67 -24.60
C TRP M 103 14.69 71.05 -24.11
N VAL M 104 14.55 72.05 -24.97
CA VAL M 104 15.05 73.41 -24.71
C VAL M 104 13.89 74.38 -24.77
N LYS M 105 13.68 75.12 -23.70
CA LYS M 105 12.69 76.19 -23.68
C LYS M 105 13.13 77.32 -24.61
N ARG M 106 12.20 77.85 -25.39
CA ARG M 106 12.56 78.83 -26.40
C ARG M 106 11.70 80.09 -26.42
N THR M 107 10.71 80.25 -25.55
CA THR M 107 9.90 81.45 -25.60
C THR M 107 9.14 81.63 -24.29
N THR M 108 8.72 82.87 -24.06
CA THR M 108 7.86 83.22 -22.94
C THR M 108 6.93 84.32 -23.40
N LEU M 109 5.64 84.16 -23.12
CA LEU M 109 4.64 85.17 -23.43
C LEU M 109 4.29 85.90 -22.13
N VAL M 110 5.13 86.87 -21.79
CA VAL M 110 4.98 87.61 -20.54
C VAL M 110 3.98 88.74 -20.75
N ASP M 111 3.30 88.73 -21.90
CA ASP M 111 2.36 89.80 -22.22
C ASP M 111 1.14 89.78 -21.31
N SER M 112 0.74 88.60 -20.85
CA SER M 112 -0.50 88.47 -20.11
C SER M 112 -0.43 89.17 -18.76
N ARG M 113 -1.47 89.92 -18.42
CA ARG M 113 -1.61 90.52 -17.11
C ARG M 113 -2.45 89.68 -16.16
N THR M 114 -2.99 88.56 -16.64
CA THR M 114 -3.82 87.66 -15.85
C THR M 114 -3.56 86.22 -16.30
N SER M 115 -4.01 85.28 -15.48
CA SER M 115 -3.74 83.87 -15.73
C SER M 115 -4.28 83.44 -17.10
N VAL M 116 -3.47 82.68 -17.83
CA VAL M 116 -3.85 82.21 -19.16
C VAL M 116 -4.40 80.80 -19.04
N THR M 117 -5.65 80.61 -19.46
CA THR M 117 -6.32 79.33 -19.26
C THR M 117 -5.90 78.30 -20.31
N ASP M 118 -6.20 78.58 -21.58
CA ASP M 118 -5.97 77.61 -22.66
C ASP M 118 -5.05 78.20 -23.70
N VAL M 119 -4.18 77.36 -24.24
CA VAL M 119 -3.29 77.70 -25.34
C VAL M 119 -3.40 76.61 -26.40
N LYS M 120 -3.67 77.01 -27.64
CA LYS M 120 -3.96 76.06 -28.71
C LYS M 120 -3.30 76.48 -30.02
N PHE M 121 -2.68 75.52 -30.68
CA PHE M 121 -2.01 75.76 -31.95
C PHE M 121 -3.02 75.96 -33.07
N ALA M 122 -2.59 76.67 -34.11
CA ALA M 122 -3.46 76.99 -35.22
C ALA M 122 -3.30 75.97 -36.35
N PRO M 123 -4.26 75.92 -37.28
CA PRO M 123 -4.15 74.96 -38.38
C PRO M 123 -2.89 75.18 -39.20
N LYS M 124 -2.47 74.10 -39.88
CA LYS M 124 -1.21 74.13 -40.60
C LYS M 124 -1.22 75.14 -41.74
N HIS M 125 -2.34 75.29 -42.44
CA HIS M 125 -2.38 76.06 -43.66
C HIS M 125 -2.21 77.56 -43.46
N MET M 126 -2.04 78.06 -42.23
CA MET M 126 -1.75 79.46 -42.03
C MET M 126 -0.42 79.70 -41.34
N GLY M 127 0.49 78.74 -41.37
CA GLY M 127 1.79 78.93 -40.77
C GLY M 127 1.89 78.37 -39.38
N LEU M 128 2.69 79.01 -38.53
CA LEU M 128 2.88 78.60 -37.14
C LEU M 128 2.33 79.71 -36.25
N MET M 129 1.04 79.67 -35.98
CA MET M 129 0.37 80.62 -35.12
C MET M 129 0.13 80.03 -33.75
N LEU M 130 -0.11 80.91 -32.78
CA LEU M 130 -0.33 80.53 -31.39
C LEU M 130 -1.39 81.44 -30.79
N ALA M 131 -2.52 80.86 -30.42
CA ALA M 131 -3.62 81.60 -29.82
C ALA M 131 -3.73 81.21 -28.36
N THR M 132 -3.85 82.21 -27.49
CA THR M 132 -4.04 81.99 -26.06
C THR M 132 -5.19 82.84 -25.57
N CYS M 133 -5.73 82.49 -24.40
CA CYS M 133 -6.78 83.24 -23.75
C CYS M 133 -6.36 83.57 -22.33
N SER M 134 -6.85 84.71 -21.83
CA SER M 134 -6.46 85.21 -20.53
C SER M 134 -7.65 85.22 -19.58
N ALA M 135 -7.35 85.27 -18.28
CA ALA M 135 -8.41 85.34 -17.29
C ALA M 135 -9.16 86.67 -17.37
N ASP M 136 -8.46 87.77 -17.65
CA ASP M 136 -9.11 89.07 -17.77
C ASP M 136 -9.99 89.15 -19.01
N GLY M 137 -9.84 88.23 -19.95
CA GLY M 137 -10.70 88.18 -21.11
C GLY M 137 -10.12 88.87 -22.33
N ILE M 138 -8.82 88.71 -22.55
CA ILE M 138 -8.14 89.27 -23.71
C ILE M 138 -7.49 88.11 -24.45
N VAL M 139 -7.72 88.03 -25.75
CA VAL M 139 -7.26 86.92 -26.58
C VAL M 139 -6.23 87.45 -27.56
N ARG M 140 -5.11 86.74 -27.67
CA ARG M 140 -4.02 87.15 -28.55
C ARG M 140 -3.61 85.99 -29.44
N ILE M 141 -3.11 86.32 -30.63
CA ILE M 141 -2.75 85.32 -31.63
C ILE M 141 -1.33 85.62 -32.08
N TYR M 142 -0.35 84.90 -31.51
CA TYR M 142 1.05 85.10 -31.82
C TYR M 142 1.39 84.47 -33.17
N GLU M 143 2.22 85.16 -33.94
CA GLU M 143 2.78 84.59 -35.16
C GLU M 143 4.14 83.96 -34.88
N ALA M 144 4.63 83.23 -35.86
CA ALA M 144 6.02 82.76 -35.90
C ALA M 144 6.52 83.05 -37.31
N PRO M 145 7.03 84.26 -37.56
CA PRO M 145 7.34 84.67 -38.93
C PRO M 145 8.33 83.78 -39.64
N ASP M 146 9.31 83.24 -38.92
CA ASP M 146 10.31 82.36 -39.51
C ASP M 146 10.24 81.00 -38.85
N VAL M 147 10.13 79.94 -39.67
CA VAL M 147 10.17 78.59 -39.13
C VAL M 147 11.59 78.14 -38.86
N MET M 148 12.59 78.93 -39.26
CA MET M 148 13.96 78.60 -38.92
C MET M 148 14.22 78.83 -37.43
N ASN M 149 13.77 79.98 -36.92
CA ASN M 149 14.06 80.41 -35.56
C ASN M 149 12.80 80.30 -34.73
N LEU M 150 12.76 79.28 -33.87
CA LEU M 150 11.62 79.11 -32.97
C LEU M 150 11.70 80.04 -31.77
N SER M 151 12.81 80.74 -31.57
CA SER M 151 12.98 81.63 -30.45
C SER M 151 12.53 83.06 -30.73
N GLN M 152 11.97 83.32 -31.91
CA GLN M 152 11.50 84.64 -32.29
C GLN M 152 10.02 84.58 -32.60
N TRP M 153 9.22 85.30 -31.83
CA TRP M 153 7.78 85.31 -31.98
C TRP M 153 7.28 86.75 -31.93
N SER M 154 6.11 86.98 -32.51
CA SER M 154 5.55 88.33 -32.58
C SER M 154 4.06 88.27 -32.34
N LEU M 155 3.52 89.38 -31.85
CA LEU M 155 2.09 89.51 -31.57
C LEU M 155 1.38 90.04 -32.81
N GLN M 156 0.12 89.67 -32.98
CA GLN M 156 -0.67 90.09 -34.12
C GLN M 156 -1.85 90.97 -33.73
N HIS M 157 -2.75 90.47 -32.90
CA HIS M 157 -3.98 91.19 -32.56
C HIS M 157 -4.38 90.89 -31.13
N GLU M 158 -5.04 91.87 -30.51
CA GLU M 158 -5.49 91.76 -29.13
C GLU M 158 -6.98 92.06 -29.09
N ILE M 159 -7.80 91.02 -29.12
CA ILE M 159 -9.23 91.15 -29.06
C ILE M 159 -9.70 90.90 -27.63
N SER M 160 -10.91 91.36 -27.31
CA SER M 160 -11.45 91.23 -25.97
C SER M 160 -12.86 90.64 -26.03
N CYS M 161 -13.30 90.10 -24.90
CA CYS M 161 -14.59 89.41 -24.82
C CYS M 161 -15.50 89.92 -23.72
N LYS M 162 -15.04 90.87 -22.90
CA LYS M 162 -15.84 91.45 -21.81
C LYS M 162 -16.24 90.43 -20.76
N LEU M 163 -15.56 89.29 -20.70
CA LEU M 163 -15.81 88.29 -19.67
C LEU M 163 -14.59 87.39 -19.56
N SER M 164 -14.45 86.73 -18.42
CA SER M 164 -13.35 85.81 -18.21
C SER M 164 -13.42 84.68 -19.23
N CYS M 165 -12.26 84.25 -19.72
CA CYS M 165 -12.20 83.27 -20.79
C CYS M 165 -11.93 81.88 -20.24
N SER M 166 -12.55 80.88 -20.86
CA SER M 166 -12.40 79.49 -20.45
C SER M 166 -11.73 78.62 -21.51
N CYS M 167 -12.27 78.59 -22.72
CA CYS M 167 -11.78 77.65 -23.72
C CYS M 167 -11.76 78.33 -25.08
N ILE M 168 -10.83 77.89 -25.92
CA ILE M 168 -10.71 78.36 -27.29
C ILE M 168 -10.56 77.15 -28.21
N SER M 169 -10.95 77.33 -29.47
CA SER M 169 -10.86 76.26 -30.45
C SER M 169 -10.76 76.84 -31.85
N TRP M 170 -9.79 76.38 -32.62
CA TRP M 170 -9.59 76.78 -34.00
C TRP M 170 -10.48 75.94 -34.90
N ASN M 171 -10.74 76.45 -36.10
CA ASN M 171 -11.49 75.69 -37.09
C ASN M 171 -10.52 74.96 -38.02
N PRO M 172 -10.55 73.63 -38.07
CA PRO M 172 -9.58 72.89 -38.89
C PRO M 172 -9.78 73.03 -40.39
N SER M 173 -10.72 73.85 -40.85
CA SER M 173 -11.03 73.92 -42.27
C SER M 173 -9.94 74.64 -43.04
N SER M 174 -9.48 74.03 -44.12
CA SER M 174 -8.50 74.63 -45.02
C SER M 174 -9.14 75.09 -46.32
N SER M 175 -10.45 75.34 -46.31
CA SER M 175 -11.15 75.73 -47.52
C SER M 175 -10.76 77.15 -47.93
N ARG M 176 -10.54 77.34 -49.23
CA ARG M 176 -10.31 78.68 -49.75
C ARG M 176 -11.56 79.53 -49.62
N ALA M 177 -12.73 78.91 -49.63
CA ALA M 177 -13.97 79.64 -49.43
C ALA M 177 -14.18 80.07 -47.99
N HIS M 178 -13.46 79.48 -47.04
CA HIS M 178 -13.62 79.81 -45.64
C HIS M 178 -12.63 80.89 -45.23
N SER M 179 -12.66 81.23 -43.95
CA SER M 179 -11.78 82.22 -43.36
C SER M 179 -11.46 81.78 -41.93
N PRO M 180 -10.33 82.23 -41.38
CA PRO M 180 -9.99 81.86 -40.00
C PRO M 180 -11.04 82.36 -39.02
N MET M 181 -11.32 81.54 -38.02
CA MET M 181 -12.15 81.99 -36.91
C MET M 181 -11.79 81.21 -35.65
N ILE M 182 -12.13 81.81 -34.51
CA ILE M 182 -11.81 81.30 -33.18
C ILE M 182 -13.08 81.38 -32.34
N ALA M 183 -13.10 80.61 -31.26
CA ALA M 183 -14.30 80.49 -30.43
C ALA M 183 -13.89 80.54 -28.96
N VAL M 184 -14.18 81.65 -28.30
CA VAL M 184 -13.81 81.86 -26.91
C VAL M 184 -15.07 81.87 -26.06
N GLY M 185 -15.03 81.19 -24.92
CA GLY M 185 -16.15 81.10 -24.02
C GLY M 185 -15.84 81.67 -22.64
N SER M 186 -16.88 81.73 -21.82
CA SER M 186 -16.79 82.34 -20.51
C SER M 186 -17.24 81.37 -19.43
N ASP M 187 -16.51 81.36 -18.31
CA ASP M 187 -16.86 80.55 -17.16
C ASP M 187 -17.51 81.37 -16.06
N ASP M 188 -17.98 82.57 -16.39
CA ASP M 188 -18.56 83.47 -15.39
C ASP M 188 -19.87 82.89 -14.89
N SER M 189 -19.99 82.77 -13.57
CA SER M 189 -21.25 82.41 -12.92
C SER M 189 -21.85 83.68 -12.35
N SER M 190 -22.50 84.44 -13.21
CA SER M 190 -22.99 85.77 -12.88
C SER M 190 -24.46 85.90 -13.23
N PRO M 191 -25.19 86.78 -12.55
CA PRO M 191 -26.60 87.01 -12.90
C PRO M 191 -26.79 87.65 -14.27
N ASN M 192 -25.74 88.24 -14.85
CA ASN M 192 -25.82 88.87 -16.15
C ASN M 192 -26.09 87.80 -17.21
N ALA M 193 -27.29 87.82 -17.80
CA ALA M 193 -27.67 86.85 -18.82
C ALA M 193 -27.37 87.45 -20.18
N MET M 194 -26.22 87.06 -20.73
CA MET M 194 -25.81 87.48 -22.07
C MET M 194 -25.16 86.31 -22.77
N ALA M 195 -24.86 86.50 -24.05
CA ALA M 195 -24.20 85.46 -24.83
C ALA M 195 -22.77 85.27 -24.35
N LYS M 196 -22.35 84.01 -24.22
CA LYS M 196 -21.03 83.69 -23.71
C LYS M 196 -20.29 82.66 -24.55
N VAL M 197 -20.71 82.45 -25.80
CA VAL M 197 -20.01 81.54 -26.70
C VAL M 197 -19.63 82.30 -27.96
N GLN M 198 -19.31 83.58 -27.81
CA GLN M 198 -19.08 84.47 -28.95
C GLN M 198 -18.00 83.92 -29.87
N ILE M 199 -18.25 84.02 -31.17
CA ILE M 199 -17.34 83.52 -32.20
C ILE M 199 -16.74 84.71 -32.93
N PHE M 200 -15.42 84.75 -33.00
CA PHE M 200 -14.68 85.81 -33.68
C PHE M 200 -14.15 85.29 -35.02
N GLU M 201 -14.44 86.02 -36.09
CA GLU M 201 -14.00 85.65 -37.43
C GLU M 201 -13.01 86.66 -37.98
N TYR M 202 -12.35 86.28 -39.07
CA TYR M 202 -11.28 87.07 -39.68
C TYR M 202 -11.76 87.75 -40.94
N ASN M 203 -11.68 89.09 -40.96
CA ASN M 203 -12.01 89.88 -42.14
C ASN M 203 -10.71 90.22 -42.86
N GLU M 204 -10.54 89.65 -44.04
CA GLU M 204 -9.27 89.80 -44.76
C GLU M 204 -9.00 91.26 -45.12
N ASN M 205 -10.03 91.98 -45.58
CA ASN M 205 -9.83 93.35 -46.04
C ASN M 205 -9.35 94.25 -44.91
N THR M 206 -10.08 94.26 -43.79
CA THR M 206 -9.67 95.08 -42.66
C THR M 206 -8.46 94.52 -41.93
N ARG M 207 -8.07 93.28 -42.23
CA ARG M 207 -6.96 92.62 -41.55
C ARG M 207 -7.15 92.66 -40.04
N LYS M 208 -8.37 92.40 -39.60
CA LYS M 208 -8.73 92.47 -38.19
C LYS M 208 -9.94 91.59 -37.95
N TYR M 209 -9.97 90.96 -36.78
CA TYR M 209 -11.08 90.11 -36.41
C TYR M 209 -12.25 90.94 -35.90
N ALA M 210 -13.43 90.33 -35.88
CA ALA M 210 -14.63 91.01 -35.41
C ALA M 210 -15.65 89.97 -34.99
N LYS M 211 -16.64 90.42 -34.23
CA LYS M 211 -17.78 89.58 -33.88
C LYS M 211 -18.45 89.05 -35.14
N ALA M 212 -18.79 87.77 -35.13
CA ALA M 212 -19.46 87.16 -36.27
C ALA M 212 -20.87 86.70 -35.92
N GLU M 213 -21.02 85.85 -34.91
CA GLU M 213 -22.35 85.35 -34.54
C GLU M 213 -22.29 84.88 -33.10
N THR M 214 -22.78 85.71 -32.18
CA THR M 214 -22.85 85.32 -30.78
C THR M 214 -23.99 84.34 -30.58
N LEU M 215 -23.73 83.30 -29.78
CA LEU M 215 -24.73 82.28 -29.50
C LEU M 215 -25.53 82.74 -28.29
N MET M 216 -26.77 83.15 -28.54
CA MET M 216 -27.61 83.68 -27.47
C MET M 216 -28.29 82.58 -26.66
N THR M 217 -28.26 81.34 -27.14
CA THR M 217 -28.98 80.27 -26.46
C THR M 217 -28.27 79.77 -25.20
N VAL M 218 -27.03 80.17 -24.97
CA VAL M 218 -26.26 79.69 -23.83
C VAL M 218 -26.29 80.74 -22.73
N THR M 219 -26.75 80.33 -21.55
CA THR M 219 -26.83 81.21 -20.39
C THR M 219 -26.03 80.72 -19.19
N ASP M 220 -25.76 79.42 -19.10
CA ASP M 220 -24.93 78.89 -18.02
C ASP M 220 -23.45 79.04 -18.37
N PRO M 221 -22.57 78.96 -17.37
CA PRO M 221 -21.13 78.98 -17.66
C PRO M 221 -20.72 77.86 -18.59
N VAL M 222 -19.74 78.15 -19.44
CA VAL M 222 -19.22 77.23 -20.44
C VAL M 222 -17.80 76.85 -20.07
N HIS M 223 -17.50 75.55 -20.12
CA HIS M 223 -16.19 75.07 -19.72
C HIS M 223 -15.31 74.61 -20.87
N ASP M 224 -15.88 74.19 -22.00
CA ASP M 224 -15.05 73.74 -23.11
C ASP M 224 -15.81 73.88 -24.41
N ILE M 225 -15.07 74.14 -25.49
CA ILE M 225 -15.62 74.26 -26.84
C ILE M 225 -14.68 73.52 -27.78
N ALA M 226 -15.25 72.77 -28.72
CA ALA M 226 -14.48 72.07 -29.73
C ALA M 226 -15.12 72.26 -31.10
N PHE M 227 -14.29 72.22 -32.13
CA PHE M 227 -14.73 72.32 -33.51
C PHE M 227 -14.44 71.01 -34.21
N ALA M 228 -15.45 70.41 -34.81
CA ALA M 228 -15.26 69.14 -35.49
C ALA M 228 -14.48 69.34 -36.78
N PRO M 229 -13.56 68.43 -37.10
CA PRO M 229 -12.85 68.51 -38.37
C PRO M 229 -13.79 68.37 -39.55
N ASN M 230 -13.40 68.98 -40.67
CA ASN M 230 -14.37 69.23 -41.74
C ASN M 230 -14.57 68.01 -42.62
N LEU M 231 -13.52 67.56 -43.30
CA LEU M 231 -13.62 66.47 -44.26
C LEU M 231 -14.67 66.75 -45.33
N GLY M 232 -14.61 67.93 -45.92
CA GLY M 232 -15.48 68.28 -47.04
C GLY M 232 -16.95 68.41 -46.73
N ARG M 233 -17.29 68.91 -45.55
CA ARG M 233 -18.68 69.15 -45.19
C ARG M 233 -19.14 70.47 -45.78
N SER M 234 -20.40 70.84 -45.52
CA SER M 234 -20.93 72.11 -45.96
C SER M 234 -21.15 73.11 -44.84
N PHE M 235 -21.06 72.68 -43.58
CA PHE M 235 -21.30 73.57 -42.45
C PHE M 235 -20.24 73.32 -41.38
N HIS M 236 -20.42 73.94 -40.22
CA HIS M 236 -19.51 73.83 -39.10
C HIS M 236 -20.24 73.24 -37.90
N ILE M 237 -19.59 72.32 -37.21
CA ILE M 237 -20.17 71.64 -36.06
C ILE M 237 -19.43 72.09 -34.81
N LEU M 238 -20.16 72.60 -33.83
CA LEU M 238 -19.62 73.00 -32.56
C LEU M 238 -19.95 71.96 -31.50
N ALA M 239 -19.35 72.13 -30.32
CA ALA M 239 -19.64 71.26 -29.19
C ALA M 239 -19.30 72.02 -27.93
N ILE M 240 -20.33 72.46 -27.21
CA ILE M 240 -20.16 73.34 -26.06
C ILE M 240 -20.36 72.52 -24.78
N ALA M 241 -19.44 72.66 -23.84
CA ALA M 241 -19.55 72.03 -22.53
C ALA M 241 -20.23 73.00 -21.59
N THR M 242 -21.36 72.61 -21.03
CA THR M 242 -22.20 73.47 -20.23
C THR M 242 -22.89 72.61 -19.18
N LYS M 243 -23.97 73.11 -18.61
CA LYS M 243 -24.80 72.30 -17.73
C LYS M 243 -25.25 71.02 -18.43
N ASP M 244 -25.37 71.06 -19.75
CA ASP M 244 -25.65 69.90 -20.58
C ASP M 244 -24.84 70.00 -21.86
N VAL M 245 -24.65 68.86 -22.52
CA VAL M 245 -23.87 68.85 -23.76
C VAL M 245 -24.73 69.33 -24.92
N ARG M 246 -24.20 70.26 -25.70
CA ARG M 246 -24.90 70.87 -26.81
C ARG M 246 -24.05 70.79 -28.08
N ILE M 247 -24.71 70.58 -29.21
CA ILE M 247 -24.05 70.50 -30.50
C ILE M 247 -24.77 71.45 -31.45
N PHE M 248 -24.00 72.31 -32.13
CA PHE M 248 -24.56 73.34 -33.00
C PHE M 248 -23.99 73.21 -34.41
N THR M 249 -24.81 73.56 -35.40
CA THR M 249 -24.41 73.58 -36.80
C THR M 249 -24.53 75.01 -37.31
N LEU M 250 -23.45 75.54 -37.87
CA LEU M 250 -23.38 76.92 -38.33
C LEU M 250 -23.14 76.92 -39.84
N LYS M 251 -24.20 76.83 -40.62
CA LYS M 251 -24.06 76.90 -42.07
C LYS M 251 -23.75 78.33 -42.49
N PRO M 252 -23.03 78.53 -43.59
CA PRO M 252 -22.67 79.89 -44.00
C PRO M 252 -23.75 80.53 -44.87
N VAL M 253 -23.74 81.86 -44.88
CA VAL M 253 -24.71 82.61 -45.67
C VAL M 253 -24.46 82.36 -47.15
N ARG M 254 -25.53 82.18 -47.90
CA ARG M 254 -25.43 81.99 -49.34
C ARG M 254 -25.04 83.29 -50.03
N GLY M 262 -18.57 92.04 -44.32
CA GLY M 262 -17.97 91.84 -43.02
C GLY M 262 -18.27 90.48 -42.43
N PRO M 263 -18.85 90.46 -41.23
CA PRO M 263 -19.19 89.17 -40.60
C PRO M 263 -20.28 88.46 -41.39
N THR M 264 -19.92 87.31 -41.96
CA THR M 264 -20.86 86.53 -42.74
C THR M 264 -21.99 86.03 -41.85
N LYS M 265 -23.21 86.02 -42.38
CA LYS M 265 -24.39 85.73 -41.58
C LYS M 265 -24.68 84.23 -41.51
N PHE M 266 -24.15 83.57 -40.48
CA PHE M 266 -24.41 82.15 -40.28
C PHE M 266 -25.88 81.89 -40.00
N GLU M 267 -26.36 80.71 -40.41
CA GLU M 267 -27.72 80.28 -40.11
C GLU M 267 -27.66 79.27 -38.97
N ILE M 268 -27.63 79.80 -37.75
CA ILE M 268 -27.38 79.00 -36.56
C ILE M 268 -28.55 78.05 -36.31
N HIS M 269 -28.24 76.83 -35.89
CA HIS M 269 -29.24 75.83 -35.50
C HIS M 269 -28.86 75.24 -34.15
N ILE M 270 -29.58 74.19 -33.76
CA ILE M 270 -29.28 73.41 -32.57
C ILE M 270 -29.75 71.99 -32.81
N VAL M 271 -28.92 71.01 -32.48
CA VAL M 271 -29.22 69.64 -32.86
C VAL M 271 -29.23 68.69 -31.67
N ALA M 272 -28.59 69.08 -30.57
CA ALA M 272 -28.41 68.19 -29.43
C ALA M 272 -28.58 68.94 -28.11
N GLN M 273 -29.25 68.31 -27.17
CA GLN M 273 -29.48 68.87 -25.84
C GLN M 273 -29.29 67.79 -24.79
N PHE M 274 -28.26 66.96 -24.97
CA PHE M 274 -28.08 65.79 -24.12
C PHE M 274 -27.81 66.21 -22.69
N ASP M 275 -28.61 65.69 -21.77
CA ASP M 275 -28.46 65.92 -20.34
C ASP M 275 -28.44 64.55 -19.68
N ASN M 276 -27.26 63.92 -19.66
CA ASN M 276 -27.09 62.63 -19.03
C ASN M 276 -26.09 62.64 -17.89
N HIS M 277 -25.17 63.59 -17.84
CA HIS M 277 -24.21 63.63 -16.76
C HIS M 277 -24.81 64.17 -15.47
N ASN M 278 -25.95 64.86 -15.55
CA ASN M 278 -26.62 65.42 -14.38
C ASN M 278 -25.66 66.26 -13.55
N SER M 279 -24.76 66.98 -14.22
CA SER M 279 -23.69 67.69 -13.55
C SER M 279 -23.23 68.82 -14.46
N GLN M 280 -22.06 69.38 -14.17
CA GLN M 280 -21.44 70.38 -15.03
C GLN M 280 -20.34 69.69 -15.84
N VAL M 281 -20.54 69.58 -17.16
CA VAL M 281 -19.55 68.92 -18.00
C VAL M 281 -18.37 69.85 -18.24
N TRP M 282 -17.17 69.29 -18.12
CA TRP M 282 -15.94 70.07 -18.10
C TRP M 282 -15.25 70.11 -19.46
N ARG M 283 -15.14 68.98 -20.15
CA ARG M 283 -14.36 68.90 -21.37
C ARG M 283 -15.12 68.13 -22.45
N VAL M 284 -14.79 68.40 -23.70
CA VAL M 284 -15.38 67.71 -24.84
C VAL M 284 -14.34 67.65 -25.96
N SER M 285 -14.31 66.54 -26.69
CA SER M 285 -13.32 66.33 -27.75
C SER M 285 -13.94 65.59 -28.92
N TRP M 286 -13.37 65.81 -30.10
CA TRP M 286 -13.90 65.30 -31.36
C TRP M 286 -12.94 64.28 -31.98
N ASN M 287 -13.49 63.38 -32.77
CA ASN M 287 -12.73 62.41 -33.53
C ASN M 287 -12.05 63.07 -34.73
N ILE M 288 -11.21 62.30 -35.42
CA ILE M 288 -10.52 62.82 -36.59
C ILE M 288 -11.50 63.07 -37.73
N THR M 289 -12.53 62.24 -37.86
CA THR M 289 -13.47 62.30 -38.97
C THR M 289 -14.64 63.22 -38.69
N GLY M 290 -14.80 63.70 -37.47
CA GLY M 290 -15.98 64.48 -37.14
C GLY M 290 -17.25 63.66 -37.13
N THR M 291 -17.19 62.41 -36.65
CA THR M 291 -18.36 61.55 -36.58
C THR M 291 -18.65 61.04 -35.17
N VAL M 292 -17.70 61.11 -34.24
CA VAL M 292 -17.90 60.65 -32.88
C VAL M 292 -17.54 61.79 -31.93
N LEU M 293 -18.20 61.84 -30.79
CA LEU M 293 -17.94 62.84 -29.76
C LEU M 293 -17.57 62.15 -28.46
N ALA M 294 -16.71 62.79 -27.68
CA ALA M 294 -16.34 62.31 -26.36
C ALA M 294 -16.61 63.40 -25.34
N SER M 295 -17.26 63.03 -24.24
CA SER M 295 -17.65 63.99 -23.22
C SER M 295 -17.30 63.44 -21.84
N SER M 296 -16.87 64.33 -20.96
CA SER M 296 -16.49 63.98 -19.59
C SER M 296 -17.12 64.96 -18.61
N GLY M 297 -17.54 64.46 -17.46
CA GLY M 297 -18.20 65.30 -16.48
C GLY M 297 -17.97 64.88 -15.05
N ASP M 298 -18.82 65.36 -14.15
CA ASP M 298 -18.69 65.05 -12.73
C ASP M 298 -19.38 63.74 -12.34
N ASP M 299 -20.03 63.07 -13.29
CA ASP M 299 -20.68 61.79 -13.03
C ASP M 299 -19.72 60.62 -13.14
N GLY M 300 -18.44 60.86 -13.38
CA GLY M 300 -17.45 59.81 -13.40
C GLY M 300 -17.60 58.81 -14.53
N CYS M 301 -17.87 59.28 -15.74
CA CYS M 301 -17.97 58.40 -16.90
C CYS M 301 -17.61 59.18 -18.15
N VAL M 302 -17.20 58.46 -19.19
CA VAL M 302 -16.87 59.02 -20.48
C VAL M 302 -17.94 58.60 -21.46
N ARG M 303 -18.80 59.54 -21.85
CA ARG M 303 -19.94 59.26 -22.70
C ARG M 303 -19.59 59.57 -24.14
N LEU M 304 -19.94 58.66 -25.04
CA LEU M 304 -19.67 58.80 -26.47
C LEU M 304 -20.98 58.97 -27.22
N TRP M 305 -20.94 59.78 -28.27
CA TRP M 305 -22.12 60.05 -29.09
C TRP M 305 -21.75 59.97 -30.55
N LYS M 306 -22.73 59.66 -31.39
CA LYS M 306 -22.51 59.51 -32.82
C LYS M 306 -23.81 59.82 -33.54
N ALA M 307 -23.85 59.50 -34.83
CA ALA M 307 -24.98 59.81 -35.69
C ALA M 307 -25.82 58.57 -35.94
N ASN M 308 -27.14 58.74 -35.87
CA ASN M 308 -28.06 57.62 -36.07
C ASN M 308 -28.28 57.41 -37.57
N TYR M 309 -29.22 56.52 -37.90
CA TYR M 309 -29.49 56.22 -39.30
C TYR M 309 -30.09 57.43 -40.03
N MET M 310 -30.92 58.20 -39.35
CA MET M 310 -31.62 59.34 -39.95
C MET M 310 -31.01 60.67 -39.53
N ASP M 311 -29.68 60.73 -39.41
CA ASP M 311 -28.98 61.94 -38.99
C ASP M 311 -29.42 62.41 -37.61
N ASN M 312 -29.75 61.47 -36.73
CA ASN M 312 -30.12 61.78 -35.36
C ASN M 312 -28.91 61.56 -34.43
N TRP M 313 -28.99 62.16 -33.26
CA TRP M 313 -27.92 62.08 -32.27
C TRP M 313 -28.38 61.20 -31.12
N LYS M 314 -27.59 60.17 -30.82
CA LYS M 314 -27.98 59.19 -29.81
C LYS M 314 -26.75 58.68 -29.09
N CYS M 315 -26.97 58.14 -27.90
CA CYS M 315 -25.91 57.58 -27.09
C CYS M 315 -25.26 56.39 -27.81
N THR M 316 -23.97 56.21 -27.56
CA THR M 316 -23.24 55.12 -28.20
C THR M 316 -22.50 54.24 -27.22
N GLY M 317 -22.01 54.80 -26.12
CA GLY M 317 -21.28 54.03 -25.13
C GLY M 317 -21.01 54.80 -23.87
N ILE M 318 -21.28 54.18 -22.72
CA ILE M 318 -21.08 54.80 -21.42
C ILE M 318 -20.06 53.98 -20.66
N LEU M 319 -19.00 54.62 -20.18
CA LEU M 319 -17.94 53.92 -19.47
C LEU M 319 -17.77 54.47 -18.06
N MET N 1 43.56 -20.69 7.08
CA MET N 1 44.46 -19.54 7.26
C MET N 1 44.80 -18.91 5.91
N PHE N 2 43.84 -18.92 4.99
CA PHE N 2 44.00 -18.36 3.66
C PHE N 2 43.14 -17.11 3.54
N VAL N 3 43.78 -16.01 3.13
CA VAL N 3 43.10 -14.72 2.97
C VAL N 3 43.24 -14.28 1.53
N ALA N 4 42.12 -13.94 0.90
CA ALA N 4 42.09 -13.47 -0.48
C ALA N 4 41.60 -12.03 -0.50
N ARG N 5 42.24 -11.21 -1.34
CA ARG N 5 41.92 -9.79 -1.42
C ARG N 5 41.78 -9.40 -2.88
N SER N 6 41.10 -8.27 -3.10
CA SER N 6 40.90 -7.70 -4.42
C SER N 6 41.37 -6.24 -4.40
N ILE N 7 42.09 -5.84 -5.45
CA ILE N 7 42.64 -4.50 -5.56
C ILE N 7 42.05 -3.84 -6.80
N ALA N 8 42.19 -2.51 -6.86
CA ALA N 8 41.67 -1.72 -7.97
C ALA N 8 42.66 -1.78 -9.12
N ALA N 9 42.50 -2.77 -9.99
CA ALA N 9 43.33 -2.94 -11.17
C ALA N 9 42.47 -2.76 -12.41
N ASP N 10 42.90 -1.86 -13.30
CA ASP N 10 42.15 -1.56 -14.51
C ASP N 10 42.64 -2.44 -15.65
N HIS N 11 41.80 -3.35 -16.11
CA HIS N 11 42.11 -4.19 -17.24
C HIS N 11 40.82 -4.52 -17.98
N LYS N 12 40.96 -4.85 -19.26
CA LYS N 12 39.80 -5.15 -20.10
C LYS N 12 39.36 -6.60 -19.95
N ASP N 13 40.28 -7.54 -20.14
CA ASP N 13 39.97 -8.96 -20.07
C ASP N 13 41.21 -9.69 -19.56
N LEU N 14 41.20 -11.02 -19.70
CA LEU N 14 42.33 -11.82 -19.26
C LEU N 14 43.56 -11.52 -20.09
N ILE N 15 44.72 -11.69 -19.48
CA ILE N 15 46.00 -11.39 -20.10
C ILE N 15 46.72 -12.70 -20.40
N HIS N 16 47.84 -12.59 -21.13
CA HIS N 16 48.63 -13.76 -21.49
C HIS N 16 49.55 -14.19 -20.35
N ASP N 17 50.42 -13.29 -19.86
CA ASP N 17 51.31 -13.61 -18.77
C ASP N 17 51.66 -12.34 -18.01
N VAL N 18 52.12 -12.51 -16.77
CA VAL N 18 52.49 -11.39 -15.91
C VAL N 18 53.77 -11.75 -15.16
N SER N 19 54.48 -10.73 -14.68
CA SER N 19 55.72 -10.90 -13.93
C SER N 19 55.82 -9.82 -12.85
N PHE N 20 56.88 -9.91 -12.04
CA PHE N 20 57.10 -8.99 -10.95
C PHE N 20 58.58 -8.60 -10.93
N ASP N 21 59.00 -7.96 -9.84
CA ASP N 21 60.38 -7.52 -9.68
C ASP N 21 60.84 -7.76 -8.24
N PHE N 22 62.16 -7.96 -8.10
CA PHE N 22 62.72 -8.25 -6.78
C PHE N 22 62.56 -7.08 -5.83
N HIS N 23 62.54 -5.84 -6.36
CA HIS N 23 62.36 -4.68 -5.50
C HIS N 23 60.96 -4.60 -4.92
N GLY N 24 60.00 -5.36 -5.46
CA GLY N 24 58.66 -5.38 -4.92
C GLY N 24 57.79 -4.22 -5.32
N ARG N 25 58.29 -3.30 -6.14
CA ARG N 25 57.52 -2.15 -6.57
C ARG N 25 57.27 -2.11 -8.07
N ARG N 26 57.71 -3.13 -8.81
CA ARG N 26 57.54 -3.17 -10.26
C ARG N 26 56.89 -4.48 -10.67
N MET N 27 55.90 -4.39 -11.56
CA MET N 27 55.23 -5.57 -12.09
C MET N 27 54.85 -5.29 -13.53
N ALA N 28 54.77 -6.35 -14.33
CA ALA N 28 54.48 -6.24 -15.74
C ALA N 28 53.41 -7.23 -16.13
N THR N 29 52.64 -6.88 -17.16
CA THR N 29 51.58 -7.73 -17.67
C THR N 29 51.54 -7.65 -19.19
N CYS N 30 51.25 -8.79 -19.82
CA CYS N 30 51.10 -8.88 -21.27
C CYS N 30 49.69 -9.37 -21.56
N SER N 31 48.88 -8.51 -22.16
CA SER N 31 47.48 -8.82 -22.42
C SER N 31 47.32 -9.52 -23.77
N SER N 32 46.11 -10.00 -24.02
CA SER N 32 45.81 -10.67 -25.28
C SER N 32 45.91 -9.74 -26.48
N ASP N 33 45.95 -8.42 -26.25
CA ASP N 33 45.96 -7.44 -27.32
C ASP N 33 47.34 -7.25 -27.95
N GLN N 34 48.27 -8.18 -27.73
CA GLN N 34 49.62 -8.09 -28.28
C GLN N 34 50.28 -6.76 -27.89
N SER N 35 50.02 -6.33 -26.66
CA SER N 35 50.58 -5.10 -26.12
C SER N 35 51.20 -5.38 -24.76
N VAL N 36 52.25 -4.62 -24.43
CA VAL N 36 53.01 -4.81 -23.20
C VAL N 36 52.67 -3.67 -22.26
N LYS N 37 52.27 -4.00 -21.04
CA LYS N 37 51.92 -3.02 -20.03
C LYS N 37 52.72 -3.28 -18.77
N VAL N 38 53.00 -2.20 -18.04
CA VAL N 38 53.79 -2.25 -16.81
C VAL N 38 53.05 -1.48 -15.73
N TRP N 39 52.86 -2.11 -14.59
CA TRP N 39 52.21 -1.48 -13.44
C TRP N 39 53.16 -1.54 -12.24
N ASP N 40 53.42 -0.38 -11.65
CA ASP N 40 54.39 -0.25 -10.57
C ASP N 40 53.66 -0.04 -9.25
N LYS N 41 54.02 -0.83 -8.24
CA LYS N 41 53.47 -0.66 -6.90
C LYS N 41 54.07 0.57 -6.26
N SER N 42 53.23 1.42 -5.70
CA SER N 42 53.68 2.68 -5.13
C SER N 42 54.24 2.47 -3.72
N GLU N 43 54.73 3.55 -3.12
CA GLU N 43 55.20 3.48 -1.74
C GLU N 43 54.07 3.11 -0.79
N SER N 44 52.87 3.66 -1.03
CA SER N 44 51.69 3.23 -0.29
C SER N 44 51.26 1.82 -0.64
N GLY N 45 51.83 1.22 -1.68
CA GLY N 45 51.53 -0.13 -2.08
C GLY N 45 50.64 -0.25 -3.30
N ASP N 46 49.98 0.82 -3.71
CA ASP N 46 49.10 0.77 -4.87
C ASP N 46 49.90 0.57 -6.15
N TRP N 47 49.38 -0.29 -7.02
CA TRP N 47 50.04 -0.61 -8.28
C TRP N 47 49.61 0.38 -9.34
N HIS N 48 50.55 1.19 -9.83
CA HIS N 48 50.28 2.23 -10.81
C HIS N 48 50.87 1.81 -12.15
N CYS N 49 50.03 1.78 -13.18
CA CYS N 49 50.50 1.48 -14.52
C CYS N 49 51.45 2.57 -15.01
N THR N 50 52.54 2.14 -15.65
CA THR N 50 53.58 3.08 -16.06
C THR N 50 53.81 3.10 -17.57
N ALA N 51 53.43 2.06 -18.30
CA ALA N 51 53.66 2.01 -19.73
C ALA N 51 52.64 1.08 -20.37
N SER N 52 52.46 1.25 -21.67
CA SER N 52 51.58 0.38 -22.45
C SER N 52 51.96 0.53 -23.91
N TRP N 53 52.45 -0.55 -24.52
CA TRP N 53 52.89 -0.51 -25.90
C TRP N 53 52.81 -1.90 -26.49
N LYS N 54 52.51 -1.95 -27.79
CA LYS N 54 52.44 -3.22 -28.51
C LYS N 54 53.83 -3.84 -28.59
N THR N 55 53.85 -5.16 -28.71
CA THR N 55 55.10 -5.92 -28.76
C THR N 55 55.39 -6.49 -30.14
N HIS N 56 54.47 -7.25 -30.71
CA HIS N 56 54.66 -7.85 -32.01
C HIS N 56 53.31 -8.25 -32.58
N SER N 57 53.32 -8.62 -33.86
CA SER N 57 52.09 -9.05 -34.51
C SER N 57 51.52 -10.30 -33.85
N GLY N 58 52.38 -11.26 -33.51
CA GLY N 58 51.94 -12.44 -32.81
C GLY N 58 51.56 -12.13 -31.37
N SER N 59 50.73 -13.00 -30.81
CA SER N 59 50.32 -12.85 -29.43
C SER N 59 51.51 -13.09 -28.50
N VAL N 60 51.55 -12.34 -27.41
CA VAL N 60 52.67 -12.41 -26.47
C VAL N 60 52.56 -13.72 -25.71
N TRP N 61 53.47 -14.66 -26.00
CA TRP N 61 53.41 -15.97 -25.35
C TRP N 61 53.65 -15.86 -23.85
N ARG N 62 54.74 -15.21 -23.44
CA ARG N 62 55.09 -15.15 -22.03
C ARG N 62 55.97 -13.92 -21.80
N VAL N 63 56.05 -13.51 -20.53
CA VAL N 63 56.82 -12.35 -20.12
C VAL N 63 57.71 -12.74 -18.94
N THR N 64 58.99 -12.40 -19.03
CA THR N 64 59.96 -12.73 -18.00
C THR N 64 60.76 -11.49 -17.61
N TRP N 65 60.80 -11.19 -16.33
CA TRP N 65 61.62 -10.09 -15.84
C TRP N 65 63.09 -10.51 -15.80
N ALA N 66 63.96 -9.54 -15.51
CA ALA N 66 65.40 -9.76 -15.55
C ALA N 66 66.02 -9.46 -14.19
N HIS N 67 67.31 -9.78 -14.08
CA HIS N 67 68.04 -9.62 -12.83
C HIS N 67 68.40 -8.15 -12.60
N PRO N 68 68.18 -7.65 -11.38
CA PRO N 68 68.55 -6.26 -11.09
C PRO N 68 70.03 -6.00 -11.22
N GLU N 69 70.87 -7.04 -11.14
CA GLU N 69 72.31 -6.83 -11.24
C GLU N 69 72.72 -6.39 -12.64
N PHE N 70 71.86 -6.63 -13.64
CA PHE N 70 72.19 -6.28 -15.01
C PHE N 70 71.41 -5.09 -15.53
N GLY N 71 70.42 -4.60 -14.80
CA GLY N 71 69.66 -3.43 -15.21
C GLY N 71 68.18 -3.71 -15.38
N GLN N 72 67.45 -2.63 -15.63
CA GLN N 72 66.00 -2.70 -15.83
C GLN N 72 65.73 -3.24 -17.22
N VAL N 73 65.51 -4.54 -17.32
CA VAL N 73 65.31 -5.21 -18.59
C VAL N 73 64.12 -6.14 -18.49
N LEU N 74 63.37 -6.27 -19.58
CA LEU N 74 62.23 -7.18 -19.67
C LEU N 74 62.34 -7.98 -20.95
N ALA N 75 61.86 -9.22 -20.92
CA ALA N 75 61.93 -10.13 -22.05
C ALA N 75 60.53 -10.50 -22.50
N SER N 76 60.30 -10.51 -23.81
CA SER N 76 59.01 -10.86 -24.39
C SER N 76 59.19 -11.93 -25.45
N CYS N 77 58.31 -12.93 -25.43
CA CYS N 77 58.28 -14.00 -26.42
C CYS N 77 56.96 -13.95 -27.17
N SER N 78 57.04 -14.00 -28.49
CA SER N 78 55.87 -13.81 -29.34
C SER N 78 55.54 -15.09 -30.09
N PHE N 79 54.26 -15.28 -30.37
CA PHE N 79 53.79 -16.39 -31.17
C PHE N 79 54.08 -16.19 -32.65
N ASP N 80 54.88 -15.19 -33.00
CA ASP N 80 55.23 -14.89 -34.40
C ASP N 80 56.66 -15.27 -34.72
N ARG N 81 57.17 -16.35 -34.14
CA ARG N 81 58.52 -16.84 -34.41
C ARG N 81 59.57 -15.78 -34.09
N THR N 82 59.29 -14.95 -33.10
CA THR N 82 60.20 -13.88 -32.73
C THR N 82 60.16 -13.68 -31.23
N ALA N 83 61.29 -13.21 -30.69
CA ALA N 83 61.40 -12.83 -29.28
C ALA N 83 61.85 -11.38 -29.23
N ALA N 84 61.24 -10.60 -28.33
CA ALA N 84 61.49 -9.17 -28.24
C ALA N 84 62.15 -8.83 -26.92
N VAL N 85 63.24 -8.07 -26.99
CA VAL N 85 63.95 -7.58 -25.81
C VAL N 85 63.77 -6.08 -25.75
N TRP N 86 62.99 -5.61 -24.77
CA TRP N 86 62.64 -4.20 -24.66
C TRP N 86 63.13 -3.67 -23.31
N GLU N 87 63.72 -2.47 -23.35
CA GLU N 87 64.26 -1.83 -22.16
C GLU N 87 63.57 -0.48 -21.96
N GLU N 88 63.07 -0.25 -20.75
CA GLU N 88 62.40 1.00 -20.44
C GLU N 88 63.42 2.11 -20.23
N ILE N 89 63.18 3.25 -20.87
CA ILE N 89 64.02 4.44 -20.75
C ILE N 89 63.12 5.64 -20.52
N VAL N 90 63.43 6.44 -19.50
CA VAL N 90 62.65 7.61 -19.15
C VAL N 90 63.49 8.85 -19.39
N GLY N 91 62.92 9.81 -20.11
CA GLY N 91 63.61 11.05 -20.40
C GLY N 91 63.35 12.14 -19.39
N GLY N 99 59.14 13.07 -15.93
CA GLY N 99 59.93 12.15 -16.74
C GLY N 99 59.25 10.81 -16.96
N GLN N 100 58.27 10.79 -17.86
CA GLN N 100 57.57 9.56 -18.17
C GLN N 100 58.50 8.57 -18.85
N SER N 101 58.31 7.29 -18.54
CA SER N 101 59.14 6.25 -19.12
C SER N 101 58.77 6.02 -20.58
N HIS N 102 59.70 5.42 -21.32
CA HIS N 102 59.49 5.05 -22.72
C HIS N 102 60.21 3.73 -22.96
N TRP N 103 59.45 2.66 -23.19
CA TRP N 103 60.05 1.34 -23.40
C TRP N 103 60.35 1.13 -24.88
N VAL N 104 61.60 0.76 -25.17
CA VAL N 104 62.07 0.58 -26.53
C VAL N 104 62.70 -0.80 -26.65
N LYS N 105 62.35 -1.52 -27.72
CA LYS N 105 62.96 -2.83 -27.99
C LYS N 105 64.35 -2.60 -28.56
N ARG N 106 65.34 -2.48 -27.68
CA ARG N 106 66.71 -2.25 -28.13
C ARG N 106 67.25 -3.43 -28.90
N THR N 107 66.60 -4.59 -28.80
CA THR N 107 67.06 -5.78 -29.49
C THR N 107 65.88 -6.74 -29.63
N THR N 108 66.08 -7.77 -30.45
CA THR N 108 65.07 -8.79 -30.69
C THR N 108 65.74 -10.07 -31.17
N LEU N 109 64.98 -11.16 -31.13
CA LEU N 109 65.49 -12.48 -31.51
C LEU N 109 64.39 -13.24 -32.25
N VAL N 110 64.58 -13.42 -33.56
CA VAL N 110 63.59 -14.12 -34.38
C VAL N 110 64.26 -15.25 -35.14
N ASP N 111 65.38 -15.76 -34.60
CA ASP N 111 66.10 -16.84 -35.26
C ASP N 111 65.26 -18.10 -35.37
N SER N 112 64.30 -18.29 -34.46
CA SER N 112 63.45 -19.47 -34.51
C SER N 112 62.47 -19.36 -35.67
N ARG N 113 62.38 -20.42 -36.46
CA ARG N 113 61.49 -20.42 -37.62
C ARG N 113 60.02 -20.39 -37.22
N THR N 114 59.67 -21.09 -36.14
CA THR N 114 58.29 -21.19 -35.68
C THR N 114 58.11 -20.37 -34.41
N SER N 115 56.86 -20.27 -33.99
CA SER N 115 56.51 -19.49 -32.81
C SER N 115 57.25 -20.01 -31.58
N VAL N 116 57.64 -19.08 -30.71
CA VAL N 116 58.38 -19.44 -29.50
C VAL N 116 57.40 -19.67 -28.36
N THR N 117 57.53 -20.81 -27.69
CA THR N 117 56.64 -21.12 -26.58
C THR N 117 56.94 -20.25 -25.36
N ASP N 118 58.21 -20.14 -24.98
CA ASP N 118 58.56 -19.37 -23.80
C ASP N 118 60.06 -19.08 -23.83
N VAL N 119 60.44 -18.06 -23.05
CA VAL N 119 61.83 -17.68 -22.86
C VAL N 119 61.97 -17.08 -21.47
N LYS N 120 63.05 -17.42 -20.78
CA LYS N 120 63.25 -16.99 -19.41
C LYS N 120 64.70 -16.58 -19.20
N PHE N 121 64.93 -15.84 -18.12
CA PHE N 121 66.28 -15.42 -17.78
C PHE N 121 67.05 -16.56 -17.13
N ALA N 122 68.30 -16.71 -17.51
CA ALA N 122 69.14 -17.79 -17.00
C ALA N 122 69.74 -17.40 -15.66
N PRO N 123 70.58 -18.24 -15.08
CA PRO N 123 71.21 -17.90 -13.81
C PRO N 123 72.07 -16.66 -13.90
N LYS N 124 72.09 -15.89 -12.82
CA LYS N 124 72.91 -14.68 -12.79
C LYS N 124 74.39 -14.99 -12.83
N HIS N 125 74.78 -16.24 -12.55
CA HIS N 125 76.19 -16.56 -12.49
C HIS N 125 76.76 -16.96 -13.84
N MET N 126 75.95 -16.95 -14.89
CA MET N 126 76.40 -17.27 -16.24
C MET N 126 76.40 -16.05 -17.15
N GLY N 127 76.38 -14.84 -16.60
CA GLY N 127 76.27 -13.64 -17.40
C GLY N 127 74.84 -13.34 -17.79
N LEU N 128 74.69 -12.25 -18.54
CA LEU N 128 73.37 -11.83 -19.03
C LEU N 128 73.02 -12.70 -20.24
N MET N 129 72.72 -13.96 -19.96
CA MET N 129 72.37 -14.95 -20.98
C MET N 129 70.93 -15.38 -20.81
N LEU N 130 70.25 -15.61 -21.92
CA LEU N 130 68.87 -16.07 -21.92
C LEU N 130 68.65 -17.02 -23.08
N ALA N 131 67.65 -17.89 -22.92
CA ALA N 131 67.34 -18.89 -23.93
C ALA N 131 65.84 -18.91 -24.19
N THR N 132 65.45 -19.48 -25.32
CA THR N 132 64.05 -19.61 -25.70
C THR N 132 63.83 -21.00 -26.27
N CYS N 133 62.69 -21.59 -25.95
CA CYS N 133 62.31 -22.91 -26.46
C CYS N 133 61.00 -22.78 -27.22
N SER N 134 60.98 -23.30 -28.44
CA SER N 134 59.81 -23.27 -29.30
C SER N 134 59.13 -24.65 -29.31
N ALA N 135 58.04 -24.73 -30.07
CA ALA N 135 57.28 -25.98 -30.13
C ALA N 135 57.98 -27.08 -30.89
N ASP N 136 59.07 -26.77 -31.59
CA ASP N 136 59.76 -27.77 -32.41
C ASP N 136 60.73 -28.63 -31.60
N GLY N 137 60.86 -28.39 -30.31
CA GLY N 137 61.82 -29.13 -29.50
C GLY N 137 63.22 -28.58 -29.50
N ILE N 138 63.48 -27.50 -30.21
CA ILE N 138 64.79 -26.88 -30.29
C ILE N 138 64.81 -25.70 -29.33
N VAL N 139 65.85 -25.62 -28.52
CA VAL N 139 66.06 -24.50 -27.61
C VAL N 139 67.43 -23.93 -27.90
N ARG N 140 67.50 -22.63 -28.15
CA ARG N 140 68.76 -21.95 -28.44
C ARG N 140 69.07 -20.96 -27.33
N ILE N 141 70.27 -21.06 -26.78
CA ILE N 141 70.72 -20.17 -25.72
C ILE N 141 71.69 -19.17 -26.33
N TYR N 142 71.33 -17.90 -26.27
CA TYR N 142 72.15 -16.82 -26.81
C TYR N 142 72.77 -16.04 -25.66
N GLU N 143 74.08 -15.86 -25.71
CA GLU N 143 74.82 -15.16 -24.66
C GLU N 143 75.53 -13.96 -25.28
N ALA N 144 75.08 -12.76 -24.92
CA ALA N 144 75.70 -11.54 -25.42
C ALA N 144 76.76 -11.08 -24.43
N PRO N 145 78.05 -11.10 -24.81
CA PRO N 145 79.08 -10.65 -23.86
C PRO N 145 78.93 -9.19 -23.46
N ASP N 146 78.41 -8.34 -24.34
CA ASP N 146 78.30 -6.91 -24.07
C ASP N 146 77.18 -6.68 -23.07
N VAL N 147 77.53 -6.61 -21.79
CA VAL N 147 76.53 -6.28 -20.77
C VAL N 147 76.10 -4.83 -20.91
N MET N 148 77.03 -3.94 -21.26
CA MET N 148 76.72 -2.53 -21.44
C MET N 148 75.97 -2.24 -22.73
N ASN N 149 75.88 -3.20 -23.64
CA ASN N 149 75.20 -3.01 -24.93
C ASN N 149 74.32 -4.22 -25.19
N LEU N 150 73.02 -4.06 -25.00
CA LEU N 150 72.08 -5.16 -25.18
C LEU N 150 71.63 -5.35 -26.63
N SER N 151 72.04 -4.46 -27.54
CA SER N 151 71.57 -4.56 -28.91
C SER N 151 72.09 -5.83 -29.59
N GLN N 152 73.37 -6.13 -29.43
CA GLN N 152 73.99 -7.27 -30.10
C GLN N 152 73.78 -8.52 -29.24
N TRP N 153 73.38 -9.61 -29.89
CA TRP N 153 73.20 -10.89 -29.22
C TRP N 153 73.92 -11.97 -30.00
N SER N 154 74.63 -12.85 -29.28
CA SER N 154 75.35 -13.96 -29.87
C SER N 154 74.71 -15.26 -29.40
N LEU N 155 74.38 -16.13 -30.34
CA LEU N 155 73.74 -17.41 -30.04
C LEU N 155 74.79 -18.35 -29.45
N GLN N 156 74.85 -18.41 -28.12
CA GLN N 156 75.86 -19.23 -27.47
C GLN N 156 75.62 -20.72 -27.71
N HIS N 157 74.38 -21.19 -27.52
CA HIS N 157 74.11 -22.62 -27.59
C HIS N 157 72.75 -22.87 -28.19
N GLU N 158 72.56 -24.09 -28.68
CA GLU N 158 71.28 -24.56 -29.18
C GLU N 158 71.16 -26.04 -28.85
N ILE N 159 69.98 -26.44 -28.39
CA ILE N 159 69.73 -27.81 -27.95
C ILE N 159 68.38 -28.26 -28.49
N SER N 160 68.31 -29.52 -28.89
CA SER N 160 67.09 -30.12 -29.41
C SER N 160 66.64 -31.21 -28.46
N CYS N 161 65.38 -31.15 -28.04
CA CYS N 161 64.83 -32.10 -27.09
C CYS N 161 64.16 -33.30 -27.77
N LYS N 162 64.05 -33.29 -29.10
CA LYS N 162 63.43 -34.38 -29.85
C LYS N 162 61.99 -34.63 -29.42
N LEU N 163 61.34 -33.61 -28.85
CA LEU N 163 59.96 -33.73 -28.41
C LEU N 163 59.36 -32.33 -28.34
N SER N 164 58.04 -32.27 -28.40
CA SER N 164 57.35 -30.99 -28.48
C SER N 164 57.57 -30.16 -27.23
N CYS N 165 58.35 -29.08 -27.35
CA CYS N 165 58.71 -28.26 -26.20
C CYS N 165 57.71 -27.13 -26.02
N SER N 166 57.19 -26.99 -24.81
CA SER N 166 56.24 -25.93 -24.48
C SER N 166 56.64 -25.09 -23.27
N CYS N 167 57.31 -25.68 -22.27
CA CYS N 167 57.70 -24.94 -21.08
C CYS N 167 58.92 -25.62 -20.47
N ILE N 168 60.06 -24.91 -20.45
CA ILE N 168 61.30 -25.42 -19.93
C ILE N 168 61.89 -24.39 -18.98
N SER N 169 62.51 -24.86 -17.90
CA SER N 169 63.12 -23.99 -16.90
C SER N 169 64.56 -24.40 -16.66
N TRP N 170 65.47 -23.44 -16.73
CA TRP N 170 66.87 -23.71 -16.43
C TRP N 170 67.05 -23.97 -14.93
N ASN N 171 67.85 -24.97 -14.60
CA ASN N 171 68.06 -25.33 -13.21
C ASN N 171 68.73 -24.18 -12.47
N PRO N 172 68.42 -24.00 -11.18
CA PRO N 172 69.02 -22.91 -10.40
C PRO N 172 70.47 -23.15 -9.99
N SER N 173 71.13 -24.15 -10.57
CA SER N 173 72.55 -24.37 -10.31
C SER N 173 73.35 -23.26 -10.97
N SER N 174 73.72 -22.25 -10.18
CA SER N 174 74.46 -21.10 -10.70
C SER N 174 75.91 -21.07 -10.27
N SER N 175 76.20 -21.43 -9.02
CA SER N 175 77.55 -21.34 -8.48
C SER N 175 78.53 -22.16 -9.30
N ARG N 176 79.73 -21.60 -9.50
CA ARG N 176 80.78 -22.28 -10.26
C ARG N 176 81.32 -23.50 -9.52
N ALA N 177 80.95 -23.68 -8.26
CA ALA N 177 81.39 -24.86 -7.51
C ALA N 177 80.82 -26.15 -8.08
N HIS N 178 79.82 -26.07 -8.95
CA HIS N 178 79.22 -27.24 -9.59
C HIS N 178 79.06 -26.94 -11.07
N SER N 179 78.31 -27.80 -11.76
CA SER N 179 78.15 -27.47 -13.17
C SER N 179 76.73 -27.01 -13.45
N PRO N 180 76.53 -26.20 -14.49
CA PRO N 180 75.17 -25.73 -14.81
C PRO N 180 74.32 -26.85 -15.40
N MET N 181 73.01 -26.74 -15.16
CA MET N 181 72.04 -27.68 -15.71
C MET N 181 70.78 -26.94 -16.11
N ILE N 182 70.01 -27.57 -17.00
CA ILE N 182 68.76 -26.99 -17.48
C ILE N 182 67.73 -28.11 -17.64
N ALA N 183 66.49 -27.83 -17.25
CA ALA N 183 65.42 -28.81 -17.26
C ALA N 183 64.40 -28.46 -18.35
N VAL N 184 64.29 -29.34 -19.34
CA VAL N 184 63.45 -29.10 -20.52
C VAL N 184 62.14 -29.86 -20.33
N GLY N 185 61.03 -29.15 -20.47
CA GLY N 185 59.72 -29.75 -20.39
C GLY N 185 59.12 -30.04 -21.77
N SER N 186 57.97 -30.72 -21.76
CA SER N 186 57.30 -31.07 -22.99
C SER N 186 55.80 -31.11 -22.76
N ASP N 187 55.05 -30.89 -23.85
CA ASP N 187 53.60 -30.95 -23.84
C ASP N 187 53.08 -31.72 -25.04
N ASP N 188 53.89 -32.61 -25.59
CA ASP N 188 53.45 -33.44 -26.71
C ASP N 188 52.34 -34.39 -26.26
N SER N 189 51.36 -34.60 -27.13
CA SER N 189 50.26 -35.50 -26.87
C SER N 189 50.43 -36.85 -27.58
N SER N 190 51.66 -37.32 -27.69
CA SER N 190 51.92 -38.58 -28.35
C SER N 190 51.26 -39.72 -27.59
N PRO N 191 50.51 -40.60 -28.27
CA PRO N 191 49.90 -41.74 -27.55
C PRO N 191 50.92 -42.64 -26.90
N ASN N 192 52.08 -42.83 -27.51
CA ASN N 192 53.14 -43.61 -26.88
C ASN N 192 53.72 -42.86 -25.70
N ALA N 193 54.01 -43.61 -24.63
CA ALA N 193 54.60 -43.00 -23.44
C ALA N 193 56.06 -42.65 -23.69
N MET N 194 56.52 -41.56 -23.08
CA MET N 194 57.89 -41.10 -23.25
C MET N 194 58.24 -40.17 -22.10
N ALA N 195 59.53 -39.84 -22.02
CA ALA N 195 60.03 -38.94 -20.98
C ALA N 195 59.60 -37.51 -21.28
N LYS N 196 58.62 -37.01 -20.53
CA LYS N 196 58.13 -35.66 -20.75
C LYS N 196 59.15 -34.60 -20.35
N VAL N 197 60.23 -34.98 -19.67
CA VAL N 197 61.27 -34.05 -19.27
C VAL N 197 62.63 -34.70 -19.47
N GLN N 198 63.65 -33.83 -19.57
CA GLN N 198 65.03 -34.27 -19.66
C GLN N 198 65.92 -33.25 -18.95
N ILE N 199 67.05 -33.73 -18.44
CA ILE N 199 67.99 -32.90 -17.70
C ILE N 199 69.16 -32.57 -18.62
N PHE N 200 69.36 -31.28 -18.88
CA PHE N 200 70.40 -30.80 -19.79
C PHE N 200 71.42 -30.00 -19.00
N GLU N 201 72.62 -30.55 -18.86
CA GLU N 201 73.68 -29.93 -18.09
C GLU N 201 74.84 -29.57 -19.02
N TYR N 202 75.29 -28.32 -18.94
CA TYR N 202 76.42 -27.88 -19.74
C TYR N 202 77.71 -28.51 -19.23
N ASN N 203 78.52 -29.01 -20.15
CA ASN N 203 79.81 -29.59 -19.82
C ASN N 203 80.88 -28.52 -19.99
N GLU N 204 81.52 -28.14 -18.89
CA GLU N 204 82.53 -27.09 -18.94
C GLU N 204 83.71 -27.50 -19.83
N ASN N 205 84.18 -28.74 -19.68
CA ASN N 205 85.27 -29.21 -20.53
C ASN N 205 84.84 -29.28 -21.99
N THR N 206 83.63 -29.76 -22.25
CA THR N 206 83.15 -29.90 -23.62
C THR N 206 82.48 -28.64 -24.15
N ARG N 207 82.24 -27.65 -23.30
CA ARG N 207 81.57 -26.40 -23.69
C ARG N 207 80.24 -26.69 -24.39
N LYS N 208 79.56 -27.74 -23.92
CA LYS N 208 78.32 -28.18 -24.54
C LYS N 208 77.38 -28.71 -23.47
N TYR N 209 76.10 -28.70 -23.77
CA TYR N 209 75.06 -29.21 -22.88
C TYR N 209 74.59 -30.57 -23.37
N ALA N 210 74.62 -31.57 -22.50
CA ALA N 210 74.24 -32.92 -22.83
C ALA N 210 73.08 -33.38 -21.97
N LYS N 211 72.34 -34.37 -22.46
CA LYS N 211 71.18 -34.86 -21.75
C LYS N 211 71.63 -35.64 -20.52
N ALA N 212 71.62 -34.97 -19.36
CA ALA N 212 72.05 -35.62 -18.13
C ALA N 212 71.15 -36.80 -17.79
N GLU N 213 69.84 -36.61 -17.92
CA GLU N 213 68.88 -37.68 -17.66
C GLU N 213 67.53 -37.28 -18.22
N THR N 214 66.81 -38.25 -18.76
CA THR N 214 65.46 -38.06 -19.25
C THR N 214 64.48 -38.59 -18.20
N LEU N 215 63.60 -37.71 -17.73
CA LEU N 215 62.66 -38.06 -16.67
C LEU N 215 61.58 -38.96 -17.24
N MET N 216 61.85 -40.27 -17.20
CA MET N 216 60.87 -41.25 -17.65
C MET N 216 59.65 -41.29 -16.75
N THR N 217 59.73 -40.70 -15.55
CA THR N 217 58.62 -40.74 -14.61
C THR N 217 57.45 -39.85 -15.05
N VAL N 218 57.64 -39.03 -16.07
CA VAL N 218 56.61 -38.12 -16.55
C VAL N 218 56.22 -38.53 -17.96
N THR N 219 54.94 -38.85 -18.16
CA THR N 219 54.42 -39.21 -19.48
C THR N 219 53.12 -38.45 -19.74
N ASP N 220 52.46 -37.98 -18.68
CA ASP N 220 51.24 -37.21 -18.83
C ASP N 220 51.56 -35.85 -19.44
N PRO N 221 50.57 -35.21 -20.05
CA PRO N 221 50.80 -33.88 -20.62
C PRO N 221 51.21 -32.89 -19.55
N VAL N 222 52.24 -32.10 -19.84
CA VAL N 222 52.82 -31.16 -18.90
C VAL N 222 52.68 -29.75 -19.47
N HIS N 223 52.15 -28.83 -18.65
CA HIS N 223 51.94 -27.47 -19.11
C HIS N 223 53.09 -26.55 -18.73
N ASP N 224 53.66 -26.72 -17.53
CA ASP N 224 54.73 -25.85 -17.07
C ASP N 224 55.64 -26.62 -16.12
N ILE N 225 56.88 -26.14 -16.02
CA ILE N 225 57.88 -26.72 -15.14
C ILE N 225 58.40 -25.63 -14.22
N ALA N 226 58.42 -25.90 -12.92
CA ALA N 226 58.87 -24.94 -11.92
C ALA N 226 59.84 -25.63 -10.96
N PHE N 227 61.06 -25.12 -10.88
CA PHE N 227 62.07 -25.58 -9.92
C PHE N 227 62.44 -24.41 -9.03
N ALA N 228 62.33 -24.61 -7.74
CA ALA N 228 62.53 -23.49 -6.83
C ALA N 228 64.01 -23.16 -6.70
N PRO N 229 64.33 -21.94 -6.26
CA PRO N 229 65.72 -21.61 -5.96
C PRO N 229 66.21 -22.42 -4.78
N ASN N 230 67.47 -22.87 -4.88
CA ASN N 230 67.98 -23.82 -3.89
C ASN N 230 68.12 -23.14 -2.54
N LEU N 231 69.05 -22.20 -2.43
CA LEU N 231 69.36 -21.51 -1.18
C LEU N 231 69.53 -22.49 -0.03
N GLY N 232 69.84 -23.74 -0.35
CA GLY N 232 69.93 -24.79 0.62
C GLY N 232 71.33 -25.32 0.75
N ARG N 233 71.47 -26.63 0.99
CA ARG N 233 72.78 -27.23 1.19
C ARG N 233 73.09 -28.32 0.17
N SER N 234 72.18 -29.28 -0.02
CA SER N 234 72.50 -30.47 -0.80
C SER N 234 72.10 -30.32 -2.26
N PHE N 235 70.82 -30.12 -2.52
CA PHE N 235 70.30 -30.05 -3.88
C PHE N 235 68.94 -29.38 -3.84
N HIS N 236 68.24 -29.41 -4.97
CA HIS N 236 66.93 -28.81 -5.11
C HIS N 236 65.93 -29.80 -5.70
N ILE N 237 64.70 -29.34 -5.86
CA ILE N 237 63.61 -30.13 -6.43
C ILE N 237 62.89 -29.28 -7.46
N LEU N 238 62.13 -29.95 -8.32
CA LEU N 238 61.38 -29.31 -9.39
C LEU N 238 59.93 -29.78 -9.33
N ALA N 239 59.08 -29.13 -10.12
CA ALA N 239 57.67 -29.46 -10.16
C ALA N 239 57.21 -29.58 -11.60
N ILE N 240 56.18 -30.39 -11.80
CA ILE N 240 55.60 -30.63 -13.12
C ILE N 240 54.12 -30.30 -13.05
N ALA N 241 53.66 -29.44 -13.97
CA ALA N 241 52.27 -29.04 -14.04
C ALA N 241 51.56 -29.94 -15.04
N THR N 242 50.74 -30.86 -14.54
CA THR N 242 50.12 -31.88 -15.35
C THR N 242 48.74 -32.19 -14.77
N LYS N 243 48.17 -33.32 -15.19
CA LYS N 243 46.90 -33.76 -14.60
C LYS N 243 47.08 -34.10 -13.12
N ASP N 244 48.19 -34.72 -12.76
CA ASP N 244 48.53 -35.02 -11.38
C ASP N 244 49.87 -34.40 -11.05
N VAL N 245 49.89 -33.50 -10.06
CA VAL N 245 51.11 -32.81 -9.69
C VAL N 245 52.00 -33.74 -8.87
N ARG N 246 53.27 -33.82 -9.25
CA ARG N 246 54.25 -34.63 -8.53
C ARG N 246 55.51 -33.82 -8.31
N ILE N 247 56.20 -34.13 -7.21
CA ILE N 247 57.44 -33.48 -6.84
C ILE N 247 58.52 -34.54 -6.70
N PHE N 248 59.68 -34.29 -7.30
CA PHE N 248 60.77 -35.24 -7.32
C PHE N 248 62.05 -34.58 -6.86
N THR N 249 62.85 -35.33 -6.10
CA THR N 249 64.11 -34.84 -5.55
C THR N 249 65.26 -35.51 -6.29
N LEU N 250 66.22 -34.70 -6.73
CA LEU N 250 67.40 -35.20 -7.40
C LEU N 250 68.54 -35.29 -6.38
N LYS N 251 69.24 -36.43 -6.37
CA LYS N 251 70.34 -36.67 -5.45
C LYS N 251 71.60 -36.95 -6.27
N PRO N 252 72.41 -35.93 -6.55
CA PRO N 252 73.60 -36.14 -7.37
C PRO N 252 74.56 -37.12 -6.72
N VAL N 253 75.19 -37.94 -7.56
CA VAL N 253 76.13 -38.95 -7.09
C VAL N 253 77.51 -38.35 -6.90
N GLY N 262 81.61 -37.47 -17.72
CA GLY N 262 80.47 -36.74 -18.24
C GLY N 262 79.55 -36.21 -17.16
N PRO N 263 78.25 -36.18 -17.45
CA PRO N 263 77.30 -35.68 -16.45
C PRO N 263 77.28 -36.57 -15.22
N THR N 264 77.06 -35.93 -14.07
CA THR N 264 77.03 -36.65 -12.80
C THR N 264 75.64 -37.25 -12.59
N LYS N 265 75.61 -38.55 -12.29
CA LYS N 265 74.35 -39.23 -12.07
C LYS N 265 73.64 -38.69 -10.83
N PHE N 266 72.31 -38.69 -10.87
CA PHE N 266 71.49 -38.23 -9.76
C PHE N 266 70.37 -39.23 -9.52
N GLU N 267 70.01 -39.40 -8.25
CA GLU N 267 68.94 -40.32 -7.87
C GLU N 267 67.63 -39.56 -7.81
N ILE N 268 66.72 -39.84 -8.73
CA ILE N 268 65.44 -39.17 -8.83
C ILE N 268 64.40 -40.03 -8.13
N HIS N 269 63.66 -39.42 -7.21
CA HIS N 269 62.59 -40.11 -6.49
C HIS N 269 61.51 -39.11 -6.15
N ILE N 270 60.27 -39.59 -6.08
CA ILE N 270 59.14 -38.71 -5.78
C ILE N 270 59.25 -38.21 -4.35
N VAL N 271 59.02 -36.92 -4.16
CA VAL N 271 59.03 -36.32 -2.83
C VAL N 271 57.60 -36.02 -2.42
N ALA N 272 56.75 -35.73 -3.40
CA ALA N 272 55.35 -35.42 -3.14
C ALA N 272 54.52 -35.72 -4.38
N GLN N 273 53.21 -35.83 -4.19
CA GLN N 273 52.28 -36.07 -5.28
C GLN N 273 50.92 -35.57 -4.83
N PHE N 274 50.40 -34.55 -5.50
CA PHE N 274 49.14 -33.91 -5.15
C PHE N 274 48.22 -33.88 -6.35
N ASP N 275 46.94 -34.19 -6.12
CA ASP N 275 45.93 -34.15 -7.17
C ASP N 275 44.66 -33.46 -6.69
N ASN N 276 44.77 -32.52 -5.75
CA ASN N 276 43.58 -31.88 -5.19
C ASN N 276 42.86 -31.01 -6.20
N HIS N 277 43.59 -30.49 -7.20
CA HIS N 277 42.94 -29.71 -8.24
C HIS N 277 42.08 -30.60 -9.14
N ASN N 278 42.46 -31.87 -9.29
CA ASN N 278 41.73 -32.83 -10.13
C ASN N 278 41.59 -32.31 -11.55
N SER N 279 42.65 -31.69 -12.06
CA SER N 279 42.65 -31.13 -13.40
C SER N 279 44.08 -31.04 -13.88
N GLN N 280 44.25 -30.62 -15.14
CA GLN N 280 45.57 -30.44 -15.73
C GLN N 280 46.16 -29.13 -15.22
N VAL N 281 47.24 -29.23 -14.45
CA VAL N 281 47.86 -28.04 -13.88
C VAL N 281 48.48 -27.20 -14.99
N TRP N 282 48.14 -25.91 -15.01
CA TRP N 282 48.64 -24.99 -16.01
C TRP N 282 49.83 -24.17 -15.52
N ARG N 283 49.64 -23.43 -14.43
CA ARG N 283 50.68 -22.58 -13.87
C ARG N 283 50.99 -23.04 -12.45
N VAL N 284 52.24 -22.80 -12.04
CA VAL N 284 52.71 -23.18 -10.72
C VAL N 284 53.19 -21.92 -9.99
N SER N 285 52.95 -21.90 -8.69
CA SER N 285 53.42 -20.80 -7.85
C SER N 285 54.91 -20.95 -7.58
N TRP N 286 55.50 -19.90 -7.03
CA TRP N 286 56.92 -19.87 -6.70
C TRP N 286 57.09 -19.66 -5.20
N ASN N 287 58.10 -20.31 -4.63
CA ASN N 287 58.36 -20.18 -3.20
C ASN N 287 59.87 -20.34 -2.99
N ILE N 288 60.55 -19.25 -2.65
CA ILE N 288 61.98 -19.30 -2.40
C ILE N 288 62.28 -20.05 -1.11
N THR N 289 61.37 -19.99 -0.14
CA THR N 289 61.58 -20.68 1.13
C THR N 289 61.72 -22.18 0.93
N GLY N 290 60.98 -22.75 -0.02
CA GLY N 290 61.07 -24.15 -0.32
C GLY N 290 60.17 -25.03 0.51
N THR N 291 59.51 -24.48 1.52
CA THR N 291 58.56 -25.25 2.32
C THR N 291 57.16 -25.26 1.74
N VAL N 292 56.90 -24.48 0.70
CA VAL N 292 55.59 -24.39 0.07
C VAL N 292 55.72 -24.76 -1.40
N LEU N 293 54.88 -25.71 -1.83
CA LEU N 293 54.81 -26.14 -3.22
C LEU N 293 53.37 -25.97 -3.68
N ALA N 294 53.07 -24.81 -4.26
CA ALA N 294 51.72 -24.48 -4.68
C ALA N 294 51.68 -24.35 -6.20
N SER N 295 50.54 -24.71 -6.79
CA SER N 295 50.36 -24.65 -8.23
C SER N 295 48.89 -24.40 -8.53
N SER N 296 48.63 -23.90 -9.73
CA SER N 296 47.28 -23.58 -10.19
C SER N 296 46.86 -24.58 -11.26
N GLY N 297 45.86 -25.40 -10.95
CA GLY N 297 45.34 -26.35 -11.89
C GLY N 297 44.27 -25.76 -12.79
N ASP N 298 43.76 -26.61 -13.69
CA ASP N 298 42.69 -26.19 -14.59
C ASP N 298 41.33 -26.14 -13.92
N ASP N 299 41.23 -26.56 -12.67
CA ASP N 299 39.97 -26.51 -11.94
C ASP N 299 39.48 -25.10 -11.67
N GLY N 300 40.34 -24.09 -11.86
CA GLY N 300 39.99 -22.72 -11.57
C GLY N 300 40.05 -22.35 -10.12
N CYS N 301 40.47 -23.26 -9.25
CA CYS N 301 40.65 -22.99 -7.83
C CYS N 301 42.12 -23.12 -7.48
N VAL N 302 42.63 -22.11 -6.76
CA VAL N 302 44.04 -22.08 -6.40
C VAL N 302 44.33 -23.16 -5.37
N ARG N 303 45.34 -23.98 -5.63
CA ARG N 303 45.74 -25.04 -4.74
C ARG N 303 47.09 -24.72 -4.13
N LEU N 304 47.17 -24.69 -2.81
CA LEU N 304 48.42 -24.48 -2.09
C LEU N 304 48.69 -25.69 -1.21
N TRP N 305 49.88 -26.25 -1.36
CA TRP N 305 50.33 -27.37 -0.54
C TRP N 305 51.73 -27.06 -0.02
N LYS N 306 52.01 -27.54 1.19
CA LYS N 306 53.27 -27.22 1.83
C LYS N 306 53.73 -28.40 2.68
N ALA N 307 55.04 -28.49 2.87
CA ALA N 307 55.59 -29.49 3.76
C ALA N 307 55.24 -29.17 5.20
N ASN N 308 55.33 -30.19 6.06
CA ASN N 308 54.95 -30.08 7.46
C ASN N 308 56.13 -30.46 8.34
N TYR N 309 55.87 -30.49 9.66
CA TYR N 309 56.92 -30.83 10.62
C TYR N 309 57.46 -32.24 10.37
N MET N 310 56.63 -33.14 9.87
CA MET N 310 57.06 -34.48 9.50
C MET N 310 57.70 -34.53 8.13
N ASP N 311 58.08 -33.37 7.59
CA ASP N 311 58.60 -33.27 6.22
C ASP N 311 57.63 -33.89 5.21
N ASN N 312 56.33 -33.70 5.47
CA ASN N 312 55.28 -34.26 4.63
C ASN N 312 54.52 -33.13 3.95
N TRP N 313 54.52 -33.15 2.63
CA TRP N 313 53.78 -32.14 1.88
C TRP N 313 52.28 -32.37 2.00
N LYS N 314 51.55 -31.30 2.29
CA LYS N 314 50.11 -31.38 2.41
C LYS N 314 49.50 -30.04 2.04
N CYS N 315 48.24 -30.07 1.60
CA CYS N 315 47.55 -28.85 1.21
C CYS N 315 47.45 -27.90 2.38
N THR N 316 47.75 -26.63 2.13
CA THR N 316 47.74 -25.59 3.15
C THR N 316 46.65 -24.55 2.96
N GLY N 317 46.45 -24.08 1.74
CA GLY N 317 45.42 -23.10 1.47
C GLY N 317 44.74 -23.39 0.15
N ILE N 318 43.56 -22.79 -0.02
CA ILE N 318 42.78 -22.97 -1.25
C ILE N 318 41.93 -21.74 -1.49
N LEU N 319 41.88 -21.28 -2.73
CA LEU N 319 41.08 -20.10 -3.09
C LEU N 319 40.58 -20.25 -4.52
N LYS N 320 39.53 -19.50 -4.84
CA LYS N 320 38.99 -19.50 -6.17
C LYS N 320 39.58 -18.35 -6.99
N GLY N 321 39.41 -18.44 -8.31
CA GLY N 321 39.92 -17.40 -9.19
C GLY N 321 39.22 -16.07 -9.00
N ASN N 322 37.91 -16.09 -8.74
CA ASN N 322 37.15 -14.87 -8.54
C ASN N 322 37.53 -14.14 -7.25
N MET O 1 49.80 26.24 -58.61
CA MET O 1 49.56 25.61 -59.90
C MET O 1 48.31 26.19 -60.56
N PHE O 2 48.51 27.01 -61.58
CA PHE O 2 47.39 27.61 -62.28
C PHE O 2 46.64 26.57 -63.10
N VAL O 3 45.36 26.85 -63.35
CA VAL O 3 44.52 26.04 -64.20
C VAL O 3 44.28 26.80 -65.49
N ALA O 4 44.72 26.24 -66.60
CA ALA O 4 44.66 26.92 -67.89
C ALA O 4 43.30 26.70 -68.53
N ARG O 5 42.40 27.66 -68.32
CA ARG O 5 41.08 27.60 -68.92
C ARG O 5 41.09 28.36 -70.25
N SER O 6 40.82 27.65 -71.34
CA SER O 6 40.90 28.23 -72.66
C SER O 6 39.55 28.82 -73.08
N ILE O 7 39.61 29.93 -73.80
CA ILE O 7 38.44 30.57 -74.38
C ILE O 7 38.64 30.73 -75.88
N ALA O 8 37.54 30.62 -76.62
CA ALA O 8 37.58 30.65 -78.08
C ALA O 8 37.40 32.08 -78.54
N ALA O 9 38.49 32.68 -79.03
CA ALA O 9 38.44 34.07 -79.49
C ALA O 9 37.74 34.20 -80.83
N ASP O 10 37.79 33.17 -81.67
CA ASP O 10 37.16 33.18 -83.00
C ASP O 10 37.72 34.30 -83.88
N HIS O 11 38.93 34.77 -83.58
CA HIS O 11 39.59 35.74 -84.44
C HIS O 11 39.97 35.09 -85.75
N LYS O 12 39.83 35.85 -86.84
CA LYS O 12 40.12 35.30 -88.16
C LYS O 12 41.61 35.34 -88.51
N ASP O 13 42.43 35.92 -87.65
CA ASP O 13 43.88 35.91 -87.86
C ASP O 13 44.55 35.91 -86.48
N LEU O 14 45.84 36.21 -86.46
CA LEU O 14 46.61 36.11 -85.22
C LEU O 14 46.10 37.09 -84.17
N ILE O 15 46.60 36.92 -82.96
CA ILE O 15 46.32 37.81 -81.83
C ILE O 15 47.64 38.44 -81.40
N HIS O 16 47.64 39.75 -81.23
CA HIS O 16 48.89 40.45 -80.94
C HIS O 16 48.96 41.08 -79.55
N ASP O 17 47.84 41.27 -78.86
CA ASP O 17 47.93 41.86 -77.53
C ASP O 17 46.67 41.57 -76.74
N VAL O 18 46.84 41.42 -75.42
CA VAL O 18 45.74 41.27 -74.46
C VAL O 18 46.01 42.26 -73.32
N SER O 19 44.96 42.88 -72.80
CA SER O 19 45.16 43.87 -71.76
C SER O 19 43.98 43.91 -70.80
N PHE O 20 44.28 43.86 -69.51
CA PHE O 20 43.28 44.05 -68.46
C PHE O 20 43.19 45.53 -68.11
N ASP O 21 42.00 45.95 -67.66
CA ASP O 21 41.71 47.39 -67.68
C ASP O 21 42.25 48.15 -66.46
N PHE O 22 41.57 48.05 -65.32
CA PHE O 22 42.02 48.68 -64.09
C PHE O 22 41.60 47.85 -62.90
N HIS O 23 40.64 46.97 -63.13
CA HIS O 23 39.97 46.23 -62.08
C HIS O 23 40.09 44.72 -62.24
N GLY O 24 40.70 44.25 -63.32
CA GLY O 24 40.91 42.83 -63.50
C GLY O 24 39.70 42.07 -63.95
N ARG O 25 38.62 42.74 -64.35
CA ARG O 25 37.40 42.05 -64.74
C ARG O 25 37.03 42.22 -66.20
N ARG O 26 37.73 43.08 -66.95
CA ARG O 26 37.50 43.18 -68.39
C ARG O 26 38.84 43.12 -69.10
N MET O 27 38.86 42.47 -70.26
CA MET O 27 40.04 42.39 -71.10
C MET O 27 39.69 42.80 -72.53
N ALA O 28 40.71 43.21 -73.28
CA ALA O 28 40.54 43.64 -74.66
C ALA O 28 41.58 42.93 -75.51
N THR O 29 41.16 42.35 -76.62
CA THR O 29 42.05 41.61 -77.50
C THR O 29 42.11 42.27 -78.87
N CYS O 30 43.31 42.53 -79.35
CA CYS O 30 43.52 43.07 -80.69
C CYS O 30 44.07 41.98 -81.61
N SER O 31 43.57 41.95 -82.83
CA SER O 31 43.98 40.90 -83.77
C SER O 31 44.56 41.52 -85.02
N SER O 32 44.88 40.68 -86.01
CA SER O 32 45.45 41.14 -87.27
C SER O 32 44.43 41.15 -88.39
N ASP O 33 43.14 41.14 -88.05
CA ASP O 33 42.08 41.22 -89.05
C ASP O 33 41.23 42.48 -88.87
N GLN O 34 41.84 43.52 -88.30
CA GLN O 34 41.16 44.80 -88.06
C GLN O 34 39.94 44.62 -87.17
N SER O 35 40.15 44.10 -85.96
CA SER O 35 39.08 43.92 -85.01
C SER O 35 39.60 44.05 -83.59
N VAL O 36 38.77 44.58 -82.71
CA VAL O 36 39.06 44.68 -81.29
C VAL O 36 37.86 44.14 -80.54
N LYS O 37 38.08 43.17 -79.66
CA LYS O 37 37.03 42.51 -78.92
C LYS O 37 37.18 42.78 -77.43
N VAL O 38 36.07 42.79 -76.72
CA VAL O 38 36.05 43.07 -75.28
C VAL O 38 35.33 41.91 -74.59
N TRP O 39 35.94 41.40 -73.53
CA TRP O 39 35.40 40.29 -72.76
C TRP O 39 35.21 40.70 -71.31
N ASP O 40 34.04 40.42 -70.77
CA ASP O 40 33.72 40.75 -69.39
C ASP O 40 33.54 39.47 -68.58
N LYS O 41 33.66 39.61 -67.26
CA LYS O 41 33.59 38.49 -66.34
C LYS O 41 32.17 38.34 -65.80
N SER O 42 31.72 37.09 -65.72
CA SER O 42 30.41 36.77 -65.15
C SER O 42 30.57 36.28 -63.72
N GLU O 43 29.47 36.36 -62.96
CA GLU O 43 29.44 35.74 -61.64
C GLU O 43 29.57 34.23 -61.73
N SER O 44 29.13 33.64 -62.85
CA SER O 44 29.33 32.21 -63.05
C SER O 44 30.82 31.87 -63.07
N GLY O 45 31.62 32.70 -63.72
CA GLY O 45 33.05 32.52 -63.70
C GLY O 45 33.69 32.29 -65.06
N ASP O 46 33.06 32.78 -66.13
CA ASP O 46 33.60 32.63 -67.46
C ASP O 46 33.53 33.94 -68.21
N TRP O 47 34.39 34.08 -69.22
CA TRP O 47 34.46 35.27 -70.05
C TRP O 47 33.57 35.09 -71.27
N HIS O 48 32.74 36.09 -71.56
CA HIS O 48 31.93 36.11 -72.76
C HIS O 48 32.17 37.43 -73.50
N CYS O 49 32.14 37.37 -74.83
CA CYS O 49 32.39 38.56 -75.63
C CYS O 49 31.18 39.49 -75.59
N THR O 50 31.42 40.76 -75.32
CA THR O 50 30.35 41.75 -75.22
C THR O 50 30.43 42.86 -76.25
N ALA O 51 31.50 42.93 -77.04
CA ALA O 51 31.63 43.98 -78.04
C ALA O 51 32.68 43.57 -79.06
N SER O 52 32.45 43.93 -80.32
CA SER O 52 33.42 43.66 -81.39
C SER O 52 33.07 44.54 -82.58
N TRP O 53 34.10 45.09 -83.22
CA TRP O 53 33.88 45.97 -84.36
C TRP O 53 35.15 45.97 -85.22
N LYS O 54 35.12 46.77 -86.28
CA LYS O 54 36.23 46.91 -87.22
C LYS O 54 36.92 48.24 -86.92
N THR O 55 38.18 48.18 -86.54
CA THR O 55 38.86 49.36 -86.01
C THR O 55 39.63 50.11 -87.09
N HIS O 56 40.55 49.43 -87.75
CA HIS O 56 41.50 50.06 -88.65
C HIS O 56 41.41 49.41 -90.03
N SER O 57 42.33 49.78 -90.91
CA SER O 57 42.42 49.22 -92.25
C SER O 57 43.76 48.51 -92.46
N GLY O 58 44.37 48.06 -91.37
CA GLY O 58 45.65 47.40 -91.43
C GLY O 58 45.73 46.18 -90.52
N SER O 59 46.68 46.19 -89.60
CA SER O 59 46.82 45.12 -88.61
C SER O 59 47.03 45.78 -87.24
N VAL O 60 46.06 45.61 -86.34
CA VAL O 60 46.15 46.24 -85.03
C VAL O 60 47.21 45.53 -84.20
N TRP O 61 48.18 46.31 -83.71
CA TRP O 61 49.28 45.75 -82.93
C TRP O 61 49.02 45.77 -81.42
N ARG O 62 48.48 46.86 -80.90
CA ARG O 62 48.30 47.00 -79.46
C ARG O 62 46.95 47.64 -79.14
N VAL O 63 46.42 47.32 -77.97
CA VAL O 63 45.25 47.98 -77.40
C VAL O 63 45.51 48.23 -75.93
N THR O 64 45.28 49.45 -75.46
CA THR O 64 45.52 49.80 -74.07
C THR O 64 44.32 50.53 -73.49
N TRP O 65 44.09 50.30 -72.21
CA TRP O 65 43.03 50.95 -71.46
C TRP O 65 43.54 52.24 -70.83
N ALA O 66 42.60 53.10 -70.43
CA ALA O 66 42.91 54.31 -69.70
C ALA O 66 42.38 54.20 -68.29
N HIS O 67 42.63 55.23 -67.49
CA HIS O 67 42.16 55.23 -66.12
C HIS O 67 40.64 55.37 -66.10
N PRO O 68 39.96 54.70 -65.17
CA PRO O 68 38.50 54.84 -65.08
C PRO O 68 38.03 56.25 -64.77
N GLU O 69 38.91 57.11 -64.25
CA GLU O 69 38.50 58.48 -63.94
C GLU O 69 38.08 59.23 -65.19
N PHE O 70 38.79 59.04 -66.29
CA PHE O 70 38.49 59.70 -67.55
C PHE O 70 37.42 58.97 -68.35
N GLY O 71 36.91 57.85 -67.86
CA GLY O 71 35.90 57.08 -68.55
C GLY O 71 36.44 55.77 -69.07
N GLN O 72 35.55 55.01 -69.71
CA GLN O 72 35.94 53.75 -70.34
C GLN O 72 36.49 54.05 -71.72
N VAL O 73 37.80 54.16 -71.83
CA VAL O 73 38.46 54.64 -73.05
C VAL O 73 39.49 53.61 -73.49
N LEU O 74 39.60 53.41 -74.79
CA LEU O 74 40.56 52.48 -75.38
C LEU O 74 41.38 53.19 -76.44
N ALA O 75 42.57 52.66 -76.72
CA ALA O 75 43.43 53.20 -77.76
C ALA O 75 44.05 52.05 -78.55
N SER O 76 44.33 52.28 -79.82
CA SER O 76 44.85 51.25 -80.69
C SER O 76 45.74 51.84 -81.77
N CYS O 77 46.79 51.11 -82.12
CA CYS O 77 47.72 51.49 -83.18
C CYS O 77 47.66 50.42 -84.24
N SER O 78 47.95 50.79 -85.50
CA SER O 78 47.76 49.86 -86.59
C SER O 78 48.79 50.11 -87.67
N PHE O 79 48.84 49.20 -88.63
CA PHE O 79 49.72 49.25 -89.79
C PHE O 79 49.25 50.27 -90.81
N ASP O 80 48.03 50.77 -90.69
CA ASP O 80 47.53 51.83 -91.55
C ASP O 80 48.00 53.22 -91.12
N ARG O 81 49.04 53.28 -90.29
CA ARG O 81 49.74 54.51 -89.95
C ARG O 81 48.90 55.50 -89.17
N THR O 82 48.08 55.02 -88.23
CA THR O 82 47.21 55.88 -87.45
C THR O 82 47.20 55.43 -85.99
N ALA O 83 46.34 56.08 -85.21
CA ALA O 83 46.08 55.72 -83.83
C ALA O 83 44.72 56.29 -83.46
N ALA O 84 43.93 55.54 -82.72
CA ALA O 84 42.54 55.91 -82.47
C ALA O 84 42.23 55.83 -80.98
N VAL O 85 41.14 56.50 -80.61
CA VAL O 85 40.65 56.51 -79.24
C VAL O 85 39.14 56.27 -79.26
N TRP O 86 38.68 55.32 -78.47
CA TRP O 86 37.28 54.92 -78.45
C TRP O 86 36.71 55.03 -77.04
N GLU O 87 35.41 55.28 -76.95
CA GLU O 87 34.70 55.32 -75.68
C GLU O 87 33.41 54.51 -75.79
N GLU O 88 33.05 53.85 -74.70
CA GLU O 88 31.80 53.10 -74.60
C GLU O 88 30.69 54.01 -74.14
N ILE O 89 29.58 54.02 -74.88
CA ILE O 89 28.42 54.84 -74.57
C ILE O 89 27.26 53.92 -74.25
N VAL O 90 26.62 54.16 -73.11
CA VAL O 90 25.44 53.40 -72.72
C VAL O 90 24.20 53.96 -73.39
N GLN O 100 23.43 50.05 -74.21
CA GLN O 100 24.07 48.82 -74.60
C GLN O 100 25.55 49.04 -74.92
N SER O 101 26.13 48.16 -75.74
CA SER O 101 27.55 48.21 -76.08
C SER O 101 27.74 49.07 -77.32
N HIS O 102 27.83 50.38 -77.10
CA HIS O 102 28.10 51.33 -78.17
C HIS O 102 29.51 51.87 -77.98
N TRP O 103 30.42 51.46 -78.85
CA TRP O 103 31.79 51.98 -78.86
C TRP O 103 31.91 52.96 -80.03
N VAL O 104 32.30 54.19 -79.72
CA VAL O 104 32.30 55.28 -80.68
C VAL O 104 33.72 55.80 -80.86
N LYS O 105 34.07 56.09 -82.10
CA LYS O 105 35.39 56.63 -82.42
C LYS O 105 35.44 58.11 -82.06
N ARG O 106 36.59 58.55 -81.56
CA ARG O 106 36.73 59.94 -81.14
C ARG O 106 37.73 60.72 -81.98
N THR O 107 38.97 60.26 -82.08
CA THR O 107 40.01 60.96 -82.84
C THR O 107 40.80 59.98 -83.68
N THR O 108 41.60 60.53 -84.59
CA THR O 108 42.46 59.74 -85.46
C THR O 108 43.79 60.49 -85.56
N LEU O 109 44.78 60.05 -84.79
CA LEU O 109 46.09 60.68 -84.77
C LEU O 109 46.86 60.26 -86.02
N VAL O 110 46.91 61.16 -87.01
CA VAL O 110 47.34 60.81 -88.35
C VAL O 110 48.71 61.40 -88.70
N ASP O 111 49.50 61.77 -87.71
CA ASP O 111 50.74 62.49 -87.97
C ASP O 111 51.86 61.59 -88.47
N SER O 112 51.75 60.27 -88.33
CA SER O 112 52.86 59.39 -88.66
C SER O 112 53.05 59.30 -90.16
N ARG O 113 54.13 58.63 -90.56
CA ARG O 113 54.50 58.51 -91.95
C ARG O 113 54.75 57.08 -92.40
N THR O 114 55.21 56.21 -91.50
CA THR O 114 55.56 54.83 -91.86
C THR O 114 54.67 53.81 -91.19
N SER O 115 54.62 53.79 -89.86
CA SER O 115 53.83 52.82 -89.10
C SER O 115 53.90 53.20 -87.63
N VAL O 116 53.00 52.62 -86.86
CA VAL O 116 52.95 52.82 -85.42
C VAL O 116 53.06 51.45 -84.76
N THR O 117 53.99 51.32 -83.83
CA THR O 117 54.27 50.01 -83.25
C THR O 117 53.77 49.88 -81.82
N ASP O 118 53.82 50.96 -81.03
CA ASP O 118 53.37 50.91 -79.65
C ASP O 118 52.54 52.14 -79.33
N VAL O 119 51.68 51.99 -78.33
CA VAL O 119 50.80 53.07 -77.86
C VAL O 119 50.55 52.85 -76.38
N LYS O 120 50.79 53.87 -75.58
CA LYS O 120 50.66 53.73 -74.13
C LYS O 120 50.15 55.03 -73.52
N PHE O 121 49.23 54.88 -72.57
CA PHE O 121 48.70 56.00 -71.82
C PHE O 121 49.65 56.39 -70.70
N ALA O 122 49.80 57.68 -70.48
CA ALA O 122 50.63 58.15 -69.39
C ALA O 122 49.97 57.83 -68.05
N PRO O 123 50.75 57.63 -66.99
CA PRO O 123 50.16 57.40 -65.68
C PRO O 123 49.24 58.55 -65.28
N LYS O 124 48.11 58.19 -64.68
CA LYS O 124 46.98 59.11 -64.53
C LYS O 124 47.17 60.01 -63.33
N HIS O 125 48.33 60.66 -63.28
CA HIS O 125 48.56 61.69 -62.29
C HIS O 125 49.09 62.97 -62.91
N MET O 126 49.21 63.05 -64.23
CA MET O 126 49.60 64.28 -64.91
C MET O 126 48.72 64.60 -66.11
N GLY O 127 47.52 64.02 -66.20
CA GLY O 127 46.57 64.33 -67.23
C GLY O 127 46.22 63.10 -68.02
N LEU O 128 45.60 63.33 -69.18
CA LEU O 128 45.27 62.26 -70.13
C LEU O 128 46.24 62.40 -71.29
N MET O 129 47.40 61.77 -71.17
CA MET O 129 48.48 61.93 -72.13
C MET O 129 48.80 60.58 -72.76
N LEU O 130 49.22 60.61 -74.02
CA LEU O 130 49.36 59.41 -74.82
C LEU O 130 50.62 59.52 -75.65
N ALA O 131 51.39 58.44 -75.70
CA ALA O 131 52.65 58.40 -76.43
C ALA O 131 52.63 57.28 -77.45
N THR O 132 52.97 57.61 -78.70
CA THR O 132 52.98 56.64 -79.79
C THR O 132 54.36 56.60 -80.43
N CYS O 133 54.81 55.39 -80.74
CA CYS O 133 56.07 55.17 -81.42
C CYS O 133 55.86 55.15 -82.93
N SER O 134 56.95 55.03 -83.67
CA SER O 134 56.88 54.96 -85.12
C SER O 134 58.09 54.20 -85.64
N ALA O 135 57.89 53.43 -86.71
CA ALA O 135 58.97 52.63 -87.26
C ALA O 135 60.08 53.50 -87.84
N ASP O 136 59.77 54.77 -88.14
CA ASP O 136 60.80 55.68 -88.62
C ASP O 136 61.70 56.19 -87.51
N GLY O 137 61.23 56.13 -86.26
CA GLY O 137 62.07 56.53 -85.15
C GLY O 137 61.64 57.80 -84.46
N ILE O 138 60.33 58.07 -84.46
CA ILE O 138 59.78 59.28 -83.85
C ILE O 138 58.82 58.86 -82.75
N VAL O 139 59.03 59.39 -81.55
CA VAL O 139 58.13 59.18 -80.42
C VAL O 139 57.42 60.49 -80.15
N ARG O 140 56.10 60.49 -80.26
CA ARG O 140 55.28 61.67 -80.12
C ARG O 140 54.41 61.54 -78.89
N ILE O 141 54.22 62.66 -78.19
CA ILE O 141 53.45 62.70 -76.94
C ILE O 141 52.27 63.64 -77.14
N TYR O 142 51.06 63.13 -76.92
CA TYR O 142 49.84 63.89 -77.10
C TYR O 142 49.27 64.27 -75.73
N GLU O 143 48.24 65.10 -75.76
CA GLU O 143 47.62 65.57 -74.52
C GLU O 143 46.21 66.07 -74.83
N ALA O 144 45.37 66.10 -73.79
CA ALA O 144 44.00 66.58 -73.89
C ALA O 144 43.73 67.56 -72.75
N PRO O 145 43.91 68.86 -72.99
CA PRO O 145 43.73 69.82 -71.89
C PRO O 145 42.35 69.80 -71.28
N ASP O 146 41.31 69.60 -72.09
CA ASP O 146 39.94 69.47 -71.58
C ASP O 146 39.71 67.99 -71.39
N VAL O 147 39.71 67.56 -70.13
CA VAL O 147 39.72 66.15 -69.80
C VAL O 147 38.50 65.47 -70.38
N MET O 148 37.42 66.20 -70.60
CA MET O 148 36.16 65.53 -70.88
C MET O 148 35.82 65.44 -72.38
N ASN O 149 36.13 66.48 -73.16
CA ASN O 149 36.20 66.33 -74.62
C ASN O 149 37.37 65.42 -74.97
N LEU O 150 37.06 64.24 -75.49
CA LEU O 150 38.03 63.31 -76.04
C LEU O 150 38.20 63.48 -77.55
N SER O 151 37.72 64.59 -78.11
CA SER O 151 37.92 64.88 -79.52
C SER O 151 39.00 65.93 -79.75
N GLN O 152 39.51 66.55 -78.69
CA GLN O 152 40.51 67.60 -78.79
C GLN O 152 41.82 67.12 -78.18
N TRP O 153 42.74 66.69 -79.02
CA TRP O 153 44.07 66.24 -78.61
C TRP O 153 45.11 67.15 -79.26
N SER O 154 46.11 67.54 -78.48
CA SER O 154 47.17 68.40 -78.96
C SER O 154 48.51 67.70 -78.88
N LEU O 155 49.41 68.07 -79.78
CA LEU O 155 50.76 67.52 -79.83
C LEU O 155 51.68 68.45 -79.04
N GLN O 156 52.33 67.91 -78.02
CA GLN O 156 53.15 68.72 -77.13
C GLN O 156 54.65 68.57 -77.39
N HIS O 157 55.12 67.33 -77.57
CA HIS O 157 56.54 67.10 -77.80
C HIS O 157 56.72 66.06 -78.89
N GLU O 158 57.95 65.97 -79.40
CA GLU O 158 58.32 64.95 -80.36
C GLU O 158 59.80 64.66 -80.20
N ILE O 159 60.17 63.39 -80.18
CA ILE O 159 61.53 62.95 -79.94
C ILE O 159 62.00 62.12 -81.14
N SER O 160 63.18 62.44 -81.65
CA SER O 160 63.80 61.69 -82.73
C SER O 160 64.97 60.90 -82.17
N CYS O 161 64.92 59.57 -82.29
CA CYS O 161 65.91 58.72 -81.68
C CYS O 161 66.90 58.12 -82.67
N LYS O 162 66.76 58.43 -83.96
CA LYS O 162 67.73 58.03 -84.98
C LYS O 162 67.90 56.53 -85.06
N LEU O 163 66.83 55.79 -84.77
CA LEU O 163 66.82 54.34 -84.90
C LEU O 163 65.38 53.87 -84.94
N SER O 164 65.17 52.68 -85.47
CA SER O 164 63.82 52.11 -85.51
C SER O 164 63.28 51.93 -84.10
N CYS O 165 62.02 52.28 -83.91
CA CYS O 165 61.36 52.21 -82.61
C CYS O 165 60.38 51.04 -82.60
N SER O 166 60.40 50.25 -81.53
CA SER O 166 59.54 49.09 -81.47
C SER O 166 58.83 48.88 -80.14
N CYS O 167 59.11 49.69 -79.11
CA CYS O 167 58.44 49.52 -77.83
C CYS O 167 58.50 50.84 -77.06
N ILE O 168 57.68 50.92 -76.02
CA ILE O 168 57.56 52.13 -75.22
C ILE O 168 57.01 51.74 -73.87
N SER O 169 57.40 52.49 -72.83
CA SER O 169 56.91 52.24 -71.48
C SER O 169 57.19 53.44 -70.61
N TRP O 170 56.18 53.92 -69.90
CA TRP O 170 56.30 55.09 -69.05
C TRP O 170 56.85 54.72 -67.69
N ASN O 171 57.01 55.71 -66.82
CA ASN O 171 57.46 55.52 -65.46
C ASN O 171 56.28 55.72 -64.51
N PRO O 172 55.77 54.67 -63.86
CA PRO O 172 54.60 54.80 -63.00
C PRO O 172 54.86 55.47 -61.65
N SER O 173 56.10 55.83 -61.34
CA SER O 173 56.40 56.38 -60.02
C SER O 173 55.61 57.66 -59.80
N SER O 174 54.86 57.71 -58.71
CA SER O 174 53.88 58.77 -58.47
C SER O 174 54.39 59.83 -57.50
N SER O 175 55.69 59.83 -57.19
CA SER O 175 56.23 60.74 -56.20
C SER O 175 56.63 62.06 -56.85
N ARG O 176 56.66 63.11 -56.04
CA ARG O 176 57.16 64.41 -56.50
C ARG O 176 58.67 64.50 -56.33
N ALA O 177 59.36 63.43 -56.74
CA ALA O 177 60.81 63.44 -56.80
C ALA O 177 61.34 62.74 -58.04
N HIS O 178 60.47 62.28 -58.94
CA HIS O 178 60.88 61.59 -60.14
C HIS O 178 60.25 62.29 -61.33
N SER O 179 61.04 63.08 -62.05
CA SER O 179 60.52 63.73 -63.24
C SER O 179 60.11 62.68 -64.26
N PRO O 180 58.97 62.86 -64.94
CA PRO O 180 58.44 61.80 -65.78
C PRO O 180 59.43 61.40 -66.87
N MET O 181 59.55 60.10 -67.11
CA MET O 181 60.51 59.62 -68.07
C MET O 181 59.93 58.46 -68.86
N ILE O 182 60.49 58.24 -70.04
CA ILE O 182 59.98 57.25 -70.99
C ILE O 182 61.15 56.41 -71.48
N ALA O 183 60.84 55.18 -71.90
CA ALA O 183 61.85 54.25 -72.38
C ALA O 183 61.41 53.68 -73.73
N VAL O 184 62.32 53.72 -74.69
CA VAL O 184 62.05 53.28 -76.05
C VAL O 184 63.05 52.20 -76.43
N GLY O 185 62.59 51.21 -77.19
CA GLY O 185 63.40 50.07 -77.58
C GLY O 185 63.47 49.93 -79.08
N SER O 186 64.65 49.65 -79.60
CA SER O 186 64.88 49.51 -81.02
C SER O 186 64.77 48.06 -81.46
N ASP O 187 64.70 47.85 -82.77
CA ASP O 187 64.61 46.51 -83.31
C ASP O 187 65.47 46.42 -84.57
N ASP O 188 66.41 47.35 -84.74
CA ASP O 188 67.24 47.41 -85.92
C ASP O 188 68.28 46.29 -85.87
N SER O 189 68.34 45.48 -86.93
CA SER O 189 69.35 44.44 -87.04
C SER O 189 70.58 44.98 -87.78
N SER O 190 71.08 46.11 -87.30
CA SER O 190 72.25 46.72 -87.90
C SER O 190 73.49 45.90 -87.56
N PRO O 191 74.46 45.82 -88.47
CA PRO O 191 75.71 45.10 -88.15
C PRO O 191 76.46 45.71 -86.99
N ASN O 192 76.43 47.02 -86.84
CA ASN O 192 77.13 47.67 -85.73
C ASN O 192 76.39 47.43 -84.43
N ALA O 193 77.15 47.45 -83.33
CA ALA O 193 76.58 47.21 -82.00
C ALA O 193 76.22 48.53 -81.32
N MET O 194 75.32 49.27 -81.96
CA MET O 194 74.79 50.49 -81.37
C MET O 194 73.74 50.14 -80.32
N ALA O 195 73.70 50.93 -79.25
CA ALA O 195 72.77 50.66 -78.16
C ALA O 195 71.33 50.73 -78.66
N LYS O 196 70.49 49.83 -78.15
CA LYS O 196 69.13 49.69 -78.65
C LYS O 196 68.07 49.94 -77.59
N VAL O 197 68.43 50.50 -76.44
CA VAL O 197 67.47 50.97 -75.44
C VAL O 197 67.92 52.34 -74.96
N GLN O 198 66.99 53.29 -74.90
CA GLN O 198 67.29 54.67 -74.57
C GLN O 198 66.26 55.20 -73.59
N ILE O 199 66.66 56.21 -72.81
CA ILE O 199 65.83 56.76 -71.75
C ILE O 199 65.79 58.28 -71.91
N PHE O 200 64.59 58.85 -71.87
CA PHE O 200 64.39 60.30 -71.94
C PHE O 200 63.64 60.76 -70.70
N GLU O 201 63.99 61.94 -70.21
CA GLU O 201 63.36 62.48 -69.00
C GLU O 201 62.99 63.94 -69.21
N TYR O 202 61.96 64.36 -68.48
CA TYR O 202 61.37 65.69 -68.64
C TYR O 202 62.04 66.66 -67.70
N ASN O 203 62.53 67.78 -68.25
CA ASN O 203 63.20 68.80 -67.46
C ASN O 203 62.20 69.92 -67.19
N GLU O 204 62.09 70.31 -65.92
CA GLU O 204 60.98 71.17 -65.50
C GLU O 204 61.16 72.59 -66.02
N ASN O 205 62.40 73.05 -66.17
CA ASN O 205 62.63 74.46 -66.48
C ASN O 205 62.70 74.74 -67.98
N THR O 206 63.09 73.77 -68.80
CA THR O 206 63.18 73.99 -70.24
C THR O 206 61.96 73.49 -70.99
N ARG O 207 61.00 72.87 -70.31
CA ARG O 207 59.76 72.39 -70.91
C ARG O 207 60.05 71.47 -72.10
N LYS O 208 61.03 70.59 -71.96
CA LYS O 208 61.46 69.77 -73.08
C LYS O 208 62.01 68.44 -72.57
N TYR O 209 61.72 67.37 -73.31
CA TYR O 209 62.27 66.06 -72.99
C TYR O 209 63.72 65.97 -73.45
N ALA O 210 64.58 65.42 -72.59
CA ALA O 210 66.00 65.33 -72.87
C ALA O 210 66.49 63.92 -72.59
N LYS O 211 67.50 63.50 -73.36
CA LYS O 211 68.11 62.19 -73.16
C LYS O 211 68.76 62.11 -71.79
N ALA O 212 68.47 61.05 -71.05
CA ALA O 212 69.01 60.88 -69.70
C ALA O 212 70.16 59.90 -69.66
N GLU O 213 69.94 58.66 -70.09
CA GLU O 213 71.00 57.66 -70.11
C GLU O 213 70.69 56.64 -71.19
N THR O 214 71.73 55.94 -71.62
CA THR O 214 71.63 54.95 -72.67
C THR O 214 72.22 53.64 -72.17
N LEU O 215 71.55 52.54 -72.48
CA LEU O 215 71.98 51.22 -72.01
C LEU O 215 72.93 50.65 -73.05
N MET O 216 74.23 50.89 -72.83
CA MET O 216 75.24 50.51 -73.80
C MET O 216 75.43 48.99 -73.85
N THR O 217 75.21 48.31 -72.74
CA THR O 217 75.46 46.88 -72.68
C THR O 217 74.50 46.08 -73.55
N VAL O 218 73.38 46.69 -73.95
CA VAL O 218 72.36 46.01 -74.75
C VAL O 218 72.66 46.31 -76.22
N THR O 219 73.20 45.32 -76.93
CA THR O 219 73.51 45.46 -78.34
C THR O 219 72.82 44.38 -79.18
N ASP O 220 71.65 43.95 -78.75
CA ASP O 220 70.84 42.95 -79.43
C ASP O 220 69.43 43.47 -79.61
N PRO O 221 68.71 42.99 -80.62
CA PRO O 221 67.37 43.54 -80.89
C PRO O 221 66.44 43.36 -79.69
N VAL O 222 65.61 44.38 -79.45
CA VAL O 222 64.74 44.47 -78.29
C VAL O 222 63.31 44.31 -78.74
N HIS O 223 62.54 43.43 -78.08
CA HIS O 223 61.16 43.18 -78.44
C HIS O 223 60.15 43.68 -77.42
N ASP O 224 60.56 43.96 -76.18
CA ASP O 224 59.62 44.44 -75.18
C ASP O 224 60.37 45.20 -74.10
N ILE O 225 59.73 46.23 -73.56
CA ILE O 225 60.27 47.07 -72.50
C ILE O 225 59.17 47.30 -71.48
N ALA O 226 59.49 47.13 -70.20
CA ALA O 226 58.50 47.30 -69.15
C ALA O 226 59.14 47.79 -67.87
N PHE O 227 58.58 48.85 -67.30
CA PHE O 227 58.99 49.34 -66.00
C PHE O 227 58.26 48.57 -64.89
N ALA O 228 58.84 48.62 -63.69
CA ALA O 228 58.19 47.95 -62.57
C ALA O 228 57.49 48.96 -61.68
N PRO O 229 56.27 48.66 -61.22
CA PRO O 229 55.54 49.61 -60.39
C PRO O 229 56.30 49.91 -59.10
N ASN O 230 56.24 51.16 -58.67
CA ASN O 230 57.13 51.59 -57.60
C ASN O 230 56.59 51.24 -56.23
N LEU O 231 55.46 51.83 -55.84
CA LEU O 231 54.82 51.58 -54.56
C LEU O 231 55.77 51.79 -53.38
N GLY O 232 56.59 52.83 -53.48
CA GLY O 232 57.36 53.28 -52.34
C GLY O 232 58.86 53.07 -52.42
N ARG O 233 59.36 52.37 -53.42
CA ARG O 233 60.81 52.25 -53.59
C ARG O 233 61.41 53.61 -53.95
N SER O 234 62.72 53.72 -53.78
CA SER O 234 63.42 54.94 -54.12
C SER O 234 64.18 54.86 -55.44
N PHE O 235 64.38 53.66 -55.97
CA PHE O 235 65.02 53.49 -57.26
C PHE O 235 64.02 52.92 -58.25
N HIS O 236 64.49 52.66 -59.47
CA HIS O 236 63.66 52.17 -60.55
C HIS O 236 64.15 50.83 -61.05
N ILE O 237 63.26 50.06 -61.65
CA ILE O 237 63.58 48.74 -62.18
C ILE O 237 63.02 48.65 -63.60
N LEU O 238 63.83 48.12 -64.51
CA LEU O 238 63.46 47.99 -65.91
C LEU O 238 63.72 46.57 -66.37
N ALA O 239 62.82 46.05 -67.19
CA ALA O 239 62.94 44.69 -67.74
C ALA O 239 63.00 44.76 -69.26
N ILE O 240 63.96 44.08 -69.85
CA ILE O 240 64.15 44.05 -71.29
C ILE O 240 64.19 42.60 -71.75
N ALA O 241 63.50 42.30 -72.84
CA ALA O 241 63.47 40.96 -73.41
C ALA O 241 64.08 40.99 -74.80
N THR O 242 65.42 40.95 -74.87
CA THR O 242 66.09 40.92 -76.17
C THR O 242 66.21 39.51 -76.71
N LYS O 243 67.00 38.69 -76.03
CA LYS O 243 67.14 37.27 -76.31
C LYS O 243 67.21 36.45 -75.02
N ASP O 244 67.47 37.10 -73.89
CA ASP O 244 67.28 36.53 -72.57
C ASP O 244 66.72 37.64 -71.69
N VAL O 245 65.90 37.25 -70.72
CA VAL O 245 65.30 38.24 -69.82
C VAL O 245 66.39 38.94 -69.04
N ARG O 246 66.28 40.27 -68.94
CA ARG O 246 67.25 41.08 -68.23
C ARG O 246 66.51 42.08 -67.34
N ILE O 247 67.10 42.36 -66.17
CA ILE O 247 66.55 43.33 -65.23
C ILE O 247 67.64 44.31 -64.87
N PHE O 248 67.35 45.60 -64.96
CA PHE O 248 68.30 46.65 -64.66
C PHE O 248 67.84 47.44 -63.44
N THR O 249 68.72 48.33 -62.99
CA THR O 249 68.46 49.20 -61.85
C THR O 249 68.97 50.59 -62.19
N LEU O 250 68.20 51.61 -61.86
CA LEU O 250 68.48 52.99 -62.26
C LEU O 250 68.47 53.91 -61.06
N LYS O 251 69.20 53.54 -60.02
CA LYS O 251 69.27 54.38 -58.83
C LYS O 251 69.91 55.72 -59.18
N PRO O 252 69.33 56.83 -58.76
CA PRO O 252 69.87 58.14 -59.11
C PRO O 252 70.96 58.58 -58.13
N VAL O 253 71.47 59.78 -58.35
CA VAL O 253 72.42 60.44 -57.46
C VAL O 253 71.72 61.64 -56.84
N ARG O 254 72.14 62.01 -55.63
CA ARG O 254 71.52 63.12 -54.93
C ARG O 254 71.80 64.43 -55.64
N LYS O 255 70.80 65.29 -55.70
CA LYS O 255 70.95 66.60 -56.33
C LYS O 255 71.61 67.58 -55.37
N PRO O 263 69.22 67.57 -66.69
CA PRO O 263 68.91 66.15 -66.49
C PRO O 263 69.44 65.61 -65.17
N THR O 264 69.32 64.30 -64.98
CA THR O 264 69.82 63.63 -63.79
C THR O 264 70.71 62.47 -64.20
N LYS O 265 71.60 62.07 -63.30
CA LYS O 265 72.54 60.99 -63.57
C LYS O 265 72.15 59.74 -62.80
N PHE O 266 72.04 58.63 -63.51
CA PHE O 266 71.69 57.34 -62.93
C PHE O 266 72.90 56.42 -62.99
N GLU O 267 73.01 55.52 -62.01
CA GLU O 267 74.07 54.50 -62.01
C GLU O 267 73.41 53.16 -62.34
N ILE O 268 73.54 52.76 -63.61
CA ILE O 268 72.87 51.56 -64.08
C ILE O 268 73.64 50.32 -63.62
N HIS O 269 72.90 49.28 -63.23
CA HIS O 269 73.48 48.02 -62.81
C HIS O 269 72.70 46.88 -63.43
N ILE O 270 73.34 45.72 -63.54
CA ILE O 270 72.71 44.53 -64.09
C ILE O 270 72.41 43.58 -62.94
N VAL O 271 71.18 43.09 -62.88
CA VAL O 271 70.74 42.28 -61.75
C VAL O 271 70.32 40.88 -62.17
N ALA O 272 69.90 40.66 -63.41
CA ALA O 272 69.50 39.34 -63.84
C ALA O 272 69.86 39.14 -65.31
N GLN O 273 70.15 37.89 -65.67
CA GLN O 273 70.44 37.52 -67.05
C GLN O 273 70.08 36.05 -67.18
N PHE O 274 68.91 35.76 -67.74
CA PHE O 274 68.32 34.43 -67.64
C PHE O 274 68.14 33.85 -69.03
N ASP O 275 69.04 32.95 -69.43
CA ASP O 275 68.98 32.27 -70.71
C ASP O 275 68.21 30.96 -70.64
N ASN O 276 67.26 30.85 -69.70
CA ASN O 276 66.53 29.60 -69.52
C ASN O 276 65.66 29.26 -70.73
N HIS O 277 65.36 30.25 -71.56
CA HIS O 277 64.37 30.05 -72.61
C HIS O 277 64.93 29.23 -73.77
N ASN O 278 66.22 29.39 -74.07
CA ASN O 278 66.83 28.79 -75.26
C ASN O 278 66.09 29.18 -76.53
N SER O 279 65.61 30.42 -76.57
CA SER O 279 64.92 30.95 -77.74
C SER O 279 64.88 32.47 -77.61
N GLN O 280 64.10 33.12 -78.46
CA GLN O 280 63.96 34.57 -78.46
C GLN O 280 62.77 34.93 -77.57
N VAL O 281 62.99 35.87 -76.66
CA VAL O 281 61.95 36.29 -75.74
C VAL O 281 61.18 37.44 -76.35
N TRP O 282 59.86 37.32 -76.40
CA TRP O 282 59.01 38.28 -77.10
C TRP O 282 58.44 39.37 -76.19
N ARG O 283 57.69 38.99 -75.15
CA ARG O 283 57.01 39.98 -74.33
C ARG O 283 57.17 39.67 -72.84
N VAL O 284 57.08 40.73 -72.02
CA VAL O 284 57.22 40.63 -70.58
C VAL O 284 56.13 41.47 -69.90
N SER O 285 55.94 41.22 -68.61
CA SER O 285 54.98 41.97 -67.82
C SER O 285 55.37 41.89 -66.34
N TRP O 286 54.83 42.81 -65.55
CA TRP O 286 55.05 42.87 -64.12
C TRP O 286 53.75 42.61 -63.39
N ASN O 287 53.85 42.07 -62.17
CA ASN O 287 52.67 41.47 -61.55
C ASN O 287 51.57 42.47 -61.19
N ILE O 288 51.71 43.15 -60.06
CA ILE O 288 50.89 44.31 -59.74
C ILE O 288 51.77 45.25 -58.92
N THR O 289 52.83 44.70 -58.37
CA THR O 289 53.59 45.37 -57.32
C THR O 289 55.09 45.21 -57.48
N GLY O 290 55.56 44.90 -58.68
CA GLY O 290 57.00 44.80 -58.91
C GLY O 290 57.66 43.70 -58.11
N THR O 291 56.96 42.60 -57.87
CA THR O 291 57.53 41.46 -57.17
C THR O 291 57.75 40.27 -58.08
N VAL O 292 56.80 39.95 -58.95
CA VAL O 292 56.93 38.86 -59.90
C VAL O 292 57.00 39.43 -61.31
N LEU O 293 57.79 38.78 -62.17
CA LEU O 293 57.96 39.19 -63.55
C LEU O 293 57.65 38.01 -64.46
N ALA O 294 56.92 38.27 -65.53
CA ALA O 294 56.54 37.25 -66.50
C ALA O 294 57.39 37.37 -67.75
N SER O 295 57.37 36.31 -68.55
CA SER O 295 58.16 36.25 -69.77
C SER O 295 57.47 35.33 -70.75
N SER O 296 57.85 35.44 -72.01
CA SER O 296 57.21 34.66 -73.06
C SER O 296 58.17 34.51 -74.23
N GLY O 297 58.68 33.29 -74.43
CA GLY O 297 59.62 33.01 -75.49
C GLY O 297 59.02 32.13 -76.57
N ASP O 298 59.86 31.79 -77.54
CA ASP O 298 59.44 30.99 -78.68
C ASP O 298 59.15 29.54 -78.32
N ASP O 299 59.57 29.08 -77.14
CA ASP O 299 59.29 27.71 -76.74
C ASP O 299 57.82 27.48 -76.42
N GLY O 300 57.04 28.54 -76.26
CA GLY O 300 55.63 28.42 -75.98
C GLY O 300 55.26 28.33 -74.52
N CYS O 301 56.14 28.75 -73.62
CA CYS O 301 55.89 28.66 -72.19
C CYS O 301 56.11 30.01 -71.52
N VAL O 302 55.33 30.27 -70.48
CA VAL O 302 55.48 31.45 -69.66
C VAL O 302 56.34 31.08 -68.46
N ARG O 303 57.11 32.04 -67.97
CA ARG O 303 57.96 31.81 -66.81
C ARG O 303 57.90 33.01 -65.87
N LEU O 304 57.93 32.73 -64.58
CA LEU O 304 57.83 33.75 -63.54
C LEU O 304 59.13 33.80 -62.75
N TRP O 305 59.55 35.00 -62.35
CA TRP O 305 60.78 35.18 -61.59
C TRP O 305 60.50 36.11 -60.41
N LYS O 306 61.35 36.00 -59.38
CA LYS O 306 61.14 36.71 -58.13
C LYS O 306 62.47 36.85 -57.39
N ALA O 307 62.52 37.80 -56.47
CA ALA O 307 63.72 38.05 -55.68
C ALA O 307 63.65 37.32 -54.34
N ASN O 308 64.78 37.31 -53.63
CA ASN O 308 64.95 36.55 -52.39
C ASN O 308 65.74 37.33 -51.33
N TYR O 309 65.43 38.62 -51.19
CA TYR O 309 65.90 39.46 -50.08
C TYR O 309 67.43 39.53 -50.00
N MET O 310 68.10 38.79 -50.87
CA MET O 310 69.50 39.01 -51.19
C MET O 310 69.67 39.62 -52.58
N ASP O 311 68.58 40.05 -53.21
CA ASP O 311 68.57 40.48 -54.59
C ASP O 311 69.08 39.39 -55.52
N ASN O 312 68.82 38.13 -55.17
CA ASN O 312 69.19 36.98 -55.98
C ASN O 312 67.92 36.46 -56.65
N TRP O 313 67.67 36.91 -57.87
CA TRP O 313 66.48 36.50 -58.59
C TRP O 313 66.56 35.02 -58.95
N LYS O 314 65.41 34.35 -58.91
CA LYS O 314 65.34 32.94 -59.23
C LYS O 314 63.94 32.61 -59.76
N CYS O 315 63.85 31.50 -60.48
CA CYS O 315 62.57 31.09 -61.04
C CYS O 315 61.60 30.73 -59.92
N THR O 316 60.32 30.96 -60.17
CA THR O 316 59.28 30.65 -59.20
C THR O 316 58.03 30.08 -59.86
N GLY O 317 58.20 29.38 -60.97
CA GLY O 317 57.08 28.76 -61.66
C GLY O 317 57.26 28.67 -63.16
N ILE O 318 56.75 27.58 -63.74
CA ILE O 318 56.74 27.37 -65.18
C ILE O 318 55.32 26.99 -65.57
N LEU O 319 54.76 27.72 -66.53
CA LEU O 319 53.40 27.48 -67.00
C LEU O 319 53.42 27.23 -68.50
N LYS O 320 52.72 26.19 -68.93
CA LYS O 320 52.64 25.87 -70.34
C LYS O 320 51.44 26.54 -70.98
N VAL P 50 76.56 50.83 5.49
CA VAL P 50 77.20 51.80 6.39
C VAL P 50 78.70 51.57 6.43
N ILE P 51 79.35 52.14 7.43
CA ILE P 51 80.79 52.07 7.60
C ILE P 51 81.10 51.38 8.92
N ASN P 52 81.98 50.39 8.87
CA ASN P 52 82.46 49.73 10.07
C ASN P 52 83.90 50.16 10.35
N THR P 53 84.14 50.64 11.56
CA THR P 53 85.45 51.18 11.94
C THR P 53 86.27 50.10 12.62
N VAL P 54 87.51 49.94 12.17
CA VAL P 54 88.43 48.95 12.71
C VAL P 54 89.63 49.69 13.32
N ASP P 55 89.93 49.38 14.58
CA ASP P 55 91.07 49.98 15.26
C ASP P 55 92.33 49.21 14.88
N THR P 56 93.32 49.92 14.33
CA THR P 56 94.56 49.26 13.92
C THR P 56 95.28 48.65 15.12
N SER P 57 95.32 49.37 16.24
CA SER P 57 95.96 48.90 17.46
C SER P 57 97.43 48.53 17.22
N HIS P 58 98.11 49.31 16.40
CA HIS P 58 99.51 49.09 16.08
C HIS P 58 100.34 50.27 16.55
N GLU P 59 101.58 49.98 16.95
CA GLU P 59 102.46 51.02 17.48
C GLU P 59 102.87 52.04 16.42
N ASP P 60 102.64 51.75 15.15
CA ASP P 60 103.02 52.64 14.07
C ASP P 60 101.83 52.83 13.14
N MET P 61 101.89 53.88 12.32
CA MET P 61 100.81 54.20 11.42
C MET P 61 100.70 53.15 10.32
N ILE P 62 99.47 52.76 10.00
CA ILE P 62 99.24 51.77 8.95
C ILE P 62 99.48 52.42 7.60
N HIS P 63 100.17 51.69 6.72
CA HIS P 63 100.53 52.21 5.41
C HIS P 63 100.08 51.35 4.24
N ASP P 64 99.25 50.33 4.47
CA ASP P 64 98.76 49.48 3.39
C ASP P 64 97.47 48.81 3.83
N ALA P 65 96.69 48.33 2.84
CA ALA P 65 95.46 47.61 3.14
C ALA P 65 94.92 46.98 1.85
N GLN P 66 94.42 45.75 1.98
CA GLN P 66 93.71 45.07 0.91
C GLN P 66 92.87 43.95 1.51
N MET P 67 91.65 43.81 1.02
CA MET P 67 90.69 42.87 1.57
C MET P 67 90.63 41.60 0.72
N ASP P 68 89.90 40.61 1.23
CA ASP P 68 89.78 39.32 0.56
C ASP P 68 88.93 39.44 -0.70
N TYR P 69 89.03 38.41 -1.54
CA TYR P 69 88.25 38.40 -2.79
C TYR P 69 86.76 38.52 -2.51
N TYR P 70 86.25 37.68 -1.61
CA TYR P 70 84.91 37.91 -1.08
C TYR P 70 84.90 39.11 -0.15
N GLY P 71 85.91 39.19 0.70
CA GLY P 71 86.11 40.28 1.63
C GLY P 71 85.65 39.89 3.02
N THR P 72 86.58 39.36 3.82
CA THR P 72 86.31 39.03 5.21
C THR P 72 87.51 39.32 6.11
N ARG P 73 88.64 39.73 5.56
CA ARG P 73 89.95 39.55 6.19
C ARG P 73 90.80 40.80 6.06
N LEU P 74 90.27 41.94 6.50
CA LEU P 74 90.90 43.22 6.16
C LEU P 74 92.26 43.37 6.83
N ALA P 75 93.30 43.02 6.07
CA ALA P 75 94.68 43.04 6.55
C ALA P 75 95.17 44.48 6.74
N THR P 76 96.14 44.62 7.63
CA THR P 76 96.76 45.91 7.91
C THR P 76 98.27 45.72 8.03
N CYS P 77 99.02 46.70 7.51
CA CYS P 77 100.46 46.69 7.56
C CYS P 77 100.96 48.05 8.00
N SER P 78 101.99 48.07 8.84
CA SER P 78 102.54 49.31 9.36
C SER P 78 104.06 49.22 9.33
N SER P 79 104.72 50.16 9.98
CA SER P 79 106.16 50.14 10.14
C SER P 79 106.61 49.46 11.42
N ASP P 80 105.68 48.82 12.15
CA ASP P 80 105.98 48.14 13.39
C ASP P 80 106.61 46.77 13.19
N ARG P 81 107.09 46.47 11.98
CA ARG P 81 107.68 45.17 11.66
C ARG P 81 106.69 44.04 11.90
N SER P 82 105.42 44.28 11.55
CA SER P 82 104.38 43.28 11.76
C SER P 82 103.18 43.60 10.89
N VAL P 83 102.69 42.58 10.18
CA VAL P 83 101.47 42.66 9.38
C VAL P 83 100.53 41.59 9.88
N LYS P 84 99.29 41.95 10.14
CA LYS P 84 98.36 41.06 10.81
C LYS P 84 97.10 40.84 9.99
N ILE P 85 96.25 39.95 10.50
CA ILE P 85 94.98 39.62 9.87
C ILE P 85 93.86 39.87 10.86
N PHE P 86 92.82 40.57 10.41
CA PHE P 86 91.66 40.89 11.22
C PHE P 86 90.40 40.56 10.44
N ASP P 87 89.53 39.73 11.02
CA ASP P 87 88.29 39.35 10.38
C ASP P 87 87.27 40.47 10.50
N VAL P 88 86.44 40.66 9.47
CA VAL P 88 85.49 41.76 9.45
C VAL P 88 84.08 41.28 9.09
N ARG P 89 83.78 40.01 9.32
CA ARG P 89 82.48 39.49 8.93
C ARG P 89 81.39 40.01 9.86
N ASN P 90 80.19 40.21 9.29
CA ASN P 90 79.00 40.65 10.03
C ASN P 90 79.24 41.96 10.78
N GLY P 91 80.04 42.84 10.19
CA GLY P 91 80.34 44.11 10.84
C GLY P 91 81.13 43.95 12.12
N GLY P 92 82.16 43.11 12.11
CA GLY P 92 82.98 42.86 13.28
C GLY P 92 84.43 43.29 13.08
N GLN P 93 85.19 43.17 14.18
CA GLN P 93 86.61 43.50 14.19
C GLN P 93 87.28 42.59 15.23
N ILE P 94 87.84 41.47 14.75
CA ILE P 94 88.50 40.50 15.59
C ILE P 94 89.89 40.24 15.04
N LEU P 95 90.89 40.30 15.91
CA LEU P 95 92.28 40.05 15.51
C LEU P 95 92.45 38.54 15.36
N ILE P 96 91.98 38.02 14.22
CA ILE P 96 91.92 36.58 14.02
C ILE P 96 93.32 35.96 14.10
N ALA P 97 94.30 36.61 13.48
CA ALA P 97 95.65 36.09 13.49
C ALA P 97 96.62 37.25 13.32
N ASP P 98 97.74 37.18 14.03
CA ASP P 98 98.79 38.19 13.96
C ASP P 98 100.07 37.53 13.48
N LEU P 99 100.81 38.23 12.63
CA LEU P 99 102.07 37.72 12.11
C LEU P 99 103.17 38.73 12.43
N ARG P 100 104.39 38.21 12.64
CA ARG P 100 105.55 39.06 12.88
C ARG P 100 106.78 38.28 12.43
N GLY P 101 107.29 38.59 11.24
CA GLY P 101 108.47 37.94 10.72
C GLY P 101 109.40 38.81 9.91
N HIS P 102 109.21 40.13 9.96
CA HIS P 102 110.02 41.04 9.16
C HIS P 102 111.12 41.66 10.00
N GLU P 103 111.83 42.62 9.40
CA GLU P 103 112.91 43.33 10.06
C GLU P 103 112.62 44.80 10.29
N GLY P 104 112.12 45.51 9.28
CA GLY P 104 111.76 46.89 9.43
C GLY P 104 110.34 47.15 8.98
N PRO P 105 110.11 48.26 8.30
CA PRO P 105 108.76 48.59 7.85
C PRO P 105 108.27 47.61 6.80
N VAL P 106 106.94 47.47 6.72
CA VAL P 106 106.27 46.73 5.67
C VAL P 106 105.36 47.70 4.91
N TRP P 107 105.56 47.81 3.60
CA TRP P 107 104.90 48.81 2.79
C TRP P 107 103.66 48.31 2.06
N GLN P 108 103.59 47.02 1.73
CA GLN P 108 102.52 46.50 0.90
C GLN P 108 102.00 45.16 1.44
N VAL P 109 100.75 44.88 1.11
CA VAL P 109 100.13 43.58 1.38
C VAL P 109 99.12 43.30 0.28
N ALA P 110 99.35 42.24 -0.48
CA ALA P 110 98.49 41.88 -1.60
C ALA P 110 98.10 40.43 -1.49
N TRP P 111 96.92 40.09 -2.01
CA TRP P 111 96.31 38.80 -1.77
C TRP P 111 96.45 37.88 -2.99
N ALA P 112 95.85 36.70 -2.83
CA ALA P 112 95.87 35.65 -3.84
C ALA P 112 94.45 35.26 -4.17
N HIS P 113 94.27 34.74 -5.38
CA HIS P 113 92.98 34.18 -5.72
C HIS P 113 92.74 32.89 -4.94
N PRO P 114 91.53 32.69 -4.40
CA PRO P 114 91.28 31.49 -3.59
C PRO P 114 91.50 30.18 -4.34
N MET P 115 91.40 30.16 -5.66
CA MET P 115 91.61 28.91 -6.40
C MET P 115 93.00 28.35 -6.20
N TYR P 116 93.93 29.17 -5.70
CA TYR P 116 95.27 28.73 -5.32
C TYR P 116 95.46 28.77 -3.82
N GLY P 117 94.39 28.98 -3.05
CA GLY P 117 94.45 28.92 -1.60
C GLY P 117 94.55 30.27 -0.94
N ASN P 118 94.50 30.25 0.40
CA ASN P 118 94.55 31.47 1.21
C ASN P 118 96.01 31.85 1.44
N ILE P 119 96.50 32.78 0.61
CA ILE P 119 97.91 33.15 0.61
C ILE P 119 98.03 34.66 0.54
N LEU P 120 98.91 35.23 1.35
CA LEU P 120 99.22 36.65 1.34
C LEU P 120 100.55 36.90 0.62
N ALA P 121 100.99 38.15 0.67
CA ALA P 121 102.30 38.53 0.15
C ALA P 121 102.72 39.83 0.84
N SER P 122 103.86 39.79 1.51
CA SER P 122 104.33 40.93 2.30
C SER P 122 105.65 41.44 1.72
N CYS P 123 105.74 42.75 1.54
CA CYS P 123 106.96 43.42 1.11
C CYS P 123 107.54 44.20 2.27
N SER P 124 108.84 44.06 2.50
CA SER P 124 109.50 44.69 3.64
C SER P 124 110.75 45.40 3.18
N TYR P 125 111.15 46.39 3.99
CA TYR P 125 112.36 47.17 3.70
C TYR P 125 113.62 46.30 3.69
N ASP P 126 113.56 45.11 4.29
CA ASP P 126 114.72 44.24 4.42
C ASP P 126 115.05 43.50 3.12
N ARG P 127 114.52 43.95 1.98
CA ARG P 127 114.80 43.35 0.67
C ARG P 127 114.38 41.88 0.64
N LYS P 128 113.21 41.59 1.20
CA LYS P 128 112.72 40.22 1.31
C LYS P 128 111.21 40.21 1.16
N VAL P 129 110.69 39.07 0.72
CA VAL P 129 109.26 38.83 0.60
C VAL P 129 108.90 37.70 1.56
N ILE P 130 107.93 37.96 2.43
CA ILE P 130 107.47 37.00 3.43
C ILE P 130 106.07 36.55 3.05
N ILE P 131 105.97 35.40 2.39
CA ILE P 131 104.67 34.83 2.04
C ILE P 131 104.12 34.13 3.28
N TRP P 132 102.89 34.44 3.63
CA TRP P 132 102.22 33.82 4.77
C TRP P 132 101.02 33.02 4.28
N ARG P 133 100.89 31.79 4.77
CA ARG P 133 99.73 30.96 4.51
C ARG P 133 98.97 30.70 5.81
N GLU P 134 97.71 30.31 5.67
CA GLU P 134 96.88 29.89 6.78
C GLU P 134 96.53 28.42 6.57
N GLU P 135 97.16 27.55 7.36
CA GLU P 135 96.93 26.11 7.28
C GLU P 135 96.35 25.63 8.60
N ASN P 136 95.30 24.81 8.53
CA ASN P 136 94.65 24.23 9.70
C ASN P 136 94.19 25.31 10.68
N GLY P 137 93.72 26.43 10.14
CA GLY P 137 93.20 27.50 10.96
C GLY P 137 94.24 28.37 11.63
N THR P 138 95.52 28.15 11.36
CA THR P 138 96.59 28.94 11.95
C THR P 138 97.47 29.52 10.85
N TRP P 139 97.98 30.73 11.09
CA TRP P 139 98.81 31.44 10.14
C TRP P 139 100.27 31.14 10.43
N GLU P 140 101.06 30.94 9.37
CA GLU P 140 102.47 30.62 9.54
C GLU P 140 103.23 30.97 8.27
N LYS P 141 104.50 31.33 8.45
CA LYS P 141 105.35 31.70 7.33
C LYS P 141 105.62 30.49 6.45
N SER P 142 105.81 30.74 5.15
CA SER P 142 106.02 29.66 4.20
C SER P 142 107.18 29.86 3.25
N HIS P 143 107.62 31.08 2.99
CA HIS P 143 108.66 31.29 1.99
C HIS P 143 109.37 32.60 2.28
N GLU P 144 110.51 32.78 1.62
CA GLU P 144 111.29 34.00 1.74
C GLU P 144 112.15 34.15 0.49
N HIS P 145 112.68 35.37 0.30
CA HIS P 145 113.54 35.66 -0.82
C HIS P 145 114.61 36.66 -0.40
N ALA P 146 115.72 36.68 -1.14
CA ALA P 146 116.78 37.65 -0.92
C ALA P 146 117.36 38.14 -2.24
N GLY P 147 116.55 38.19 -3.29
CA GLY P 147 117.04 38.52 -4.62
C GLY P 147 117.15 39.98 -4.96
N HIS P 148 116.81 40.88 -4.03
CA HIS P 148 116.87 42.32 -4.27
C HIS P 148 117.94 42.94 -3.39
N ASP P 149 118.69 43.89 -3.95
CA ASP P 149 119.73 44.60 -3.22
C ASP P 149 119.20 45.82 -2.49
N SER P 150 117.95 46.20 -2.70
CA SER P 150 117.35 47.34 -2.02
C SER P 150 115.96 46.95 -1.55
N SER P 151 115.31 47.87 -0.84
CA SER P 151 113.97 47.63 -0.33
C SER P 151 113.00 47.39 -1.49
N VAL P 152 112.21 46.32 -1.38
CA VAL P 152 111.21 46.01 -2.39
C VAL P 152 110.12 47.07 -2.37
N ASN P 153 109.82 47.64 -3.53
CA ASN P 153 108.84 48.72 -3.59
C ASN P 153 107.42 48.18 -3.48
N SER P 154 107.01 47.36 -4.43
CA SER P 154 105.66 46.81 -4.41
C SER P 154 105.68 45.40 -4.99
N VAL P 155 104.70 44.60 -4.59
CA VAL P 155 104.50 43.26 -5.11
C VAL P 155 103.02 43.10 -5.42
N CYS P 156 102.71 42.72 -6.66
CA CYS P 156 101.34 42.54 -7.11
C CYS P 156 101.22 41.20 -7.82
N TRP P 157 100.05 40.59 -7.72
CA TRP P 157 99.85 39.23 -8.16
C TRP P 157 99.37 39.19 -9.60
N ALA P 158 99.73 38.11 -10.30
CA ALA P 158 99.27 37.89 -11.66
C ALA P 158 97.78 37.58 -11.65
N PRO P 159 97.10 37.75 -12.78
CA PRO P 159 95.73 37.27 -12.87
C PRO P 159 95.69 35.75 -12.98
N HIS P 160 94.75 35.15 -12.27
CA HIS P 160 94.79 33.71 -11.99
C HIS P 160 94.65 32.86 -13.25
N ASP P 161 94.21 33.43 -14.37
CA ASP P 161 93.92 32.61 -15.54
C ASP P 161 95.16 31.97 -16.14
N TYR P 162 96.36 32.37 -15.71
CA TYR P 162 97.59 31.83 -16.27
C TYR P 162 98.58 31.42 -15.18
N GLY P 163 98.09 30.99 -14.02
CA GLY P 163 98.96 30.53 -12.97
C GLY P 163 99.18 31.52 -11.85
N LEU P 164 100.24 31.33 -11.07
CA LEU P 164 100.56 32.17 -9.93
C LEU P 164 101.91 32.83 -10.17
N ILE P 165 101.94 34.15 -10.09
CA ILE P 165 103.18 34.91 -10.27
C ILE P 165 103.10 36.16 -9.39
N LEU P 166 103.98 36.24 -8.40
CA LEU P 166 104.04 37.40 -7.51
C LEU P 166 105.22 38.27 -7.93
N ALA P 167 104.98 39.11 -8.93
CA ALA P 167 106.02 39.99 -9.45
C ALA P 167 106.27 41.15 -8.51
N CYS P 168 107.55 41.41 -8.24
CA CYS P 168 107.95 42.50 -7.36
C CYS P 168 109.17 43.20 -7.96
N GLY P 169 109.32 44.47 -7.63
CA GLY P 169 110.41 45.26 -8.15
C GLY P 169 111.55 45.44 -7.17
N SER P 170 112.76 45.49 -7.71
CA SER P 170 113.98 45.70 -6.93
C SER P 170 114.44 47.14 -7.12
N SER P 171 114.51 47.89 -6.02
CA SER P 171 114.71 49.33 -6.13
C SER P 171 116.18 49.68 -6.34
N ASP P 172 116.82 49.02 -7.29
CA ASP P 172 118.07 49.51 -7.85
C ASP P 172 117.96 49.77 -9.34
N GLY P 173 117.67 48.75 -10.14
CA GLY P 173 117.38 48.94 -11.54
C GLY P 173 116.42 47.95 -12.16
N ALA P 174 115.82 47.05 -11.39
CA ALA P 174 115.16 45.89 -11.99
C ALA P 174 113.96 45.48 -11.13
N ILE P 175 113.43 44.30 -11.43
CA ILE P 175 112.31 43.69 -10.72
C ILE P 175 112.63 42.24 -10.46
N SER P 176 111.67 41.51 -9.89
CA SER P 176 111.85 40.10 -9.57
C SER P 176 110.51 39.38 -9.77
N LEU P 177 110.40 38.61 -10.84
CA LEU P 177 109.21 37.84 -11.15
C LEU P 177 109.43 36.39 -10.73
N LEU P 178 108.55 35.87 -9.87
CA LEU P 178 108.72 34.56 -9.25
C LEU P 178 107.41 33.78 -9.33
N THR P 179 107.42 32.70 -10.10
CA THR P 179 106.25 31.86 -10.29
C THR P 179 106.47 30.52 -9.61
N TYR P 180 105.61 30.20 -8.64
CA TYR P 180 105.73 28.94 -7.93
C TYR P 180 105.54 27.78 -8.90
N THR P 181 106.46 26.82 -8.87
CA THR P 181 106.45 25.67 -9.76
C THR P 181 105.88 24.43 -9.11
N GLY P 182 105.24 24.56 -7.96
CA GLY P 182 104.65 23.43 -7.27
C GLY P 182 105.63 22.72 -6.36
N GLU P 183 105.07 22.03 -5.36
CA GLU P 183 105.86 21.29 -4.37
C GLU P 183 106.88 22.19 -3.70
N GLY P 184 106.47 23.41 -3.37
CA GLY P 184 107.35 24.34 -2.70
C GLY P 184 108.56 24.75 -3.51
N GLN P 185 108.39 24.90 -4.83
CA GLN P 185 109.44 25.36 -5.71
C GLN P 185 109.01 26.68 -6.33
N TRP P 186 109.70 27.76 -5.97
CA TRP P 186 109.47 29.08 -6.54
C TRP P 186 110.78 29.57 -7.14
N GLU P 187 110.73 30.01 -8.39
CA GLU P 187 111.92 30.42 -9.13
C GLU P 187 111.86 31.90 -9.44
N VAL P 188 112.94 32.61 -9.14
CA VAL P 188 113.00 34.06 -9.31
C VAL P 188 113.74 34.38 -10.60
N LYS P 189 113.06 35.07 -11.50
CA LYS P 189 113.66 35.59 -12.73
C LYS P 189 113.61 37.11 -12.67
N LYS P 190 114.77 37.75 -12.84
CA LYS P 190 114.91 39.18 -12.59
C LYS P 190 115.18 39.93 -13.88
N ILE P 191 114.81 41.23 -13.87
CA ILE P 191 115.10 42.13 -14.97
C ILE P 191 116.55 42.57 -14.87
N ASN P 192 117.06 43.24 -15.90
CA ASN P 192 118.45 43.69 -15.95
C ASN P 192 118.50 45.20 -16.21
N ASN P 193 118.52 45.98 -15.14
CA ASN P 193 118.74 47.43 -15.19
C ASN P 193 117.68 48.12 -16.06
N ALA P 194 116.44 48.04 -15.59
CA ALA P 194 115.29 48.64 -16.27
C ALA P 194 115.02 50.07 -15.83
N HIS P 195 114.78 50.29 -14.55
CA HIS P 195 114.47 51.64 -14.06
C HIS P 195 115.75 52.42 -13.78
N THR P 196 115.64 53.75 -13.87
CA THR P 196 116.81 54.60 -13.66
C THR P 196 117.27 54.55 -12.20
N ILE P 197 116.35 54.68 -11.26
CA ILE P 197 116.65 54.64 -9.84
C ILE P 197 115.89 53.56 -9.10
N GLY P 198 115.05 52.79 -9.78
CA GLY P 198 114.30 51.73 -9.14
C GLY P 198 112.81 51.83 -9.39
N CYS P 199 112.19 50.71 -9.76
CA CYS P 199 110.75 50.69 -9.99
C CYS P 199 110.00 50.90 -8.68
N ASN P 200 108.80 51.44 -8.78
CA ASN P 200 107.99 51.75 -7.60
C ASN P 200 106.73 50.90 -7.50
N ALA P 201 106.01 50.71 -8.59
CA ALA P 201 104.77 49.94 -8.57
C ALA P 201 104.69 49.09 -9.82
N VAL P 202 104.26 47.85 -9.65
CA VAL P 202 104.07 46.91 -10.76
C VAL P 202 102.59 46.70 -10.95
N SER P 203 102.11 46.99 -12.14
CA SER P 203 100.69 46.88 -12.47
C SER P 203 100.51 45.74 -13.45
N TRP P 204 99.50 44.90 -13.20
CA TRP P 204 99.33 43.67 -13.94
C TRP P 204 98.27 43.86 -15.02
N ALA P 205 98.65 43.64 -16.27
CA ALA P 205 97.71 43.76 -17.36
C ALA P 205 96.66 42.65 -17.26
N PRO P 206 95.42 42.93 -17.68
CA PRO P 206 94.40 41.90 -17.60
C PRO P 206 94.59 40.85 -18.69
N ALA P 207 93.89 39.74 -18.52
CA ALA P 207 94.03 38.63 -19.44
C ALA P 207 93.43 38.98 -20.80
N VAL P 208 93.93 38.32 -21.84
CA VAL P 208 93.43 38.48 -23.20
C VAL P 208 93.30 37.11 -23.83
N VAL P 209 92.50 37.04 -24.89
CA VAL P 209 92.29 35.80 -25.61
C VAL P 209 93.44 35.55 -26.57
N ASN P 223 98.03 31.66 -27.16
CA ASN P 223 98.50 31.35 -25.82
C ASN P 223 97.83 32.25 -24.78
N TYR P 224 98.63 33.09 -24.14
CA TYR P 224 98.13 34.00 -23.11
C TYR P 224 98.64 35.43 -23.26
N ILE P 225 99.78 35.65 -23.93
CA ILE P 225 100.36 36.97 -24.14
C ILE P 225 100.49 37.72 -22.83
N LYS P 226 101.42 37.29 -21.98
CA LYS P 226 101.62 37.92 -20.68
C LYS P 226 102.06 39.37 -20.86
N ARG P 227 101.62 40.24 -19.96
CA ARG P 227 101.93 41.65 -20.04
C ARG P 227 101.74 42.29 -18.67
N PHE P 228 102.47 43.37 -18.44
CA PHE P 228 102.33 44.15 -17.22
C PHE P 228 103.05 45.49 -17.44
N ALA P 229 102.76 46.44 -16.55
CA ALA P 229 103.32 47.77 -16.62
C ALA P 229 103.95 48.14 -15.28
N SER P 230 104.89 49.08 -15.31
CA SER P 230 105.63 49.44 -14.12
C SER P 230 106.06 50.90 -14.20
N GLY P 231 106.50 51.43 -13.06
CA GLY P 231 106.98 52.79 -12.99
C GLY P 231 107.81 53.00 -11.75
N GLY P 232 108.48 54.14 -11.69
CA GLY P 232 109.34 54.47 -10.58
C GLY P 232 109.68 55.94 -10.56
N CYS P 233 110.79 56.27 -9.89
CA CYS P 233 111.25 57.65 -9.79
C CYS P 233 112.01 58.12 -11.01
N ASP P 234 111.86 57.44 -12.14
CA ASP P 234 112.50 57.82 -13.38
C ASP P 234 111.66 58.80 -14.19
N ASN P 235 110.57 59.32 -13.62
CA ASN P 235 109.70 60.29 -14.28
C ASN P 235 109.16 59.73 -15.59
N LEU P 236 108.93 58.42 -15.63
CA LEU P 236 108.42 57.76 -16.81
C LEU P 236 107.74 56.45 -16.40
N ILE P 237 106.91 55.93 -17.31
CA ILE P 237 106.24 54.66 -17.11
C ILE P 237 106.47 53.80 -18.35
N LYS P 238 106.86 52.55 -18.15
CA LYS P 238 107.18 51.64 -19.24
C LYS P 238 106.36 50.36 -19.14
N LEU P 239 105.93 49.86 -20.29
CA LEU P 239 105.20 48.61 -20.38
C LEU P 239 106.16 47.50 -20.77
N TRP P 240 106.11 46.39 -20.04
CA TRP P 240 107.06 45.29 -20.19
C TRP P 240 106.32 44.04 -20.64
N LYS P 241 106.75 43.46 -21.75
CA LYS P 241 106.06 42.34 -22.37
C LYS P 241 106.94 41.11 -22.35
N GLU P 242 106.38 40.00 -21.88
CA GLU P 242 107.12 38.74 -21.87
C GLU P 242 107.08 38.10 -23.24
N GLU P 243 108.25 37.73 -23.76
CA GLU P 243 108.36 37.17 -25.10
C GLU P 243 108.09 35.66 -25.08
N GLU P 244 107.94 35.10 -26.28
CA GLU P 244 107.67 33.67 -26.40
C GLU P 244 108.82 32.83 -25.88
N ASP P 245 110.06 33.32 -26.03
CA ASP P 245 111.21 32.58 -25.52
C ASP P 245 111.21 32.53 -23.99
N GLY P 246 110.44 33.40 -23.34
CA GLY P 246 110.36 33.46 -21.90
C GLY P 246 111.09 34.63 -21.28
N GLN P 247 111.99 35.28 -22.02
CA GLN P 247 112.69 36.45 -21.52
C GLN P 247 111.92 37.71 -21.89
N TRP P 248 111.58 38.52 -20.89
CA TRP P 248 110.80 39.72 -21.12
C TRP P 248 111.58 40.70 -22.00
N LYS P 249 110.89 41.29 -22.97
CA LYS P 249 111.47 42.29 -23.85
C LYS P 249 110.60 43.54 -23.83
N GLU P 250 111.25 44.70 -23.70
CA GLU P 250 110.53 45.96 -23.67
C GLU P 250 109.86 46.21 -25.01
N GLU P 251 108.66 46.77 -24.97
CA GLU P 251 107.89 47.03 -26.18
C GLU P 251 107.53 48.50 -26.38
N GLN P 252 107.47 49.29 -25.31
CA GLN P 252 107.12 50.70 -25.43
C GLN P 252 107.66 51.44 -24.22
N LYS P 253 107.65 52.77 -24.32
CA LYS P 253 108.09 53.63 -23.23
C LYS P 253 107.29 54.93 -23.26
N LEU P 254 106.79 55.33 -22.10
CA LEU P 254 106.00 56.54 -21.96
C LEU P 254 106.65 57.43 -20.91
N GLU P 255 106.76 58.73 -21.21
CA GLU P 255 107.41 59.68 -20.32
C GLU P 255 106.65 61.01 -20.38
N ALA P 256 105.85 61.28 -19.35
CA ALA P 256 105.18 62.56 -19.23
C ALA P 256 105.19 63.15 -17.83
N HIS P 257 105.54 62.38 -16.80
CA HIS P 257 105.49 62.89 -15.44
C HIS P 257 106.67 63.82 -15.19
N SER P 258 106.37 65.07 -14.79
CA SER P 258 107.42 66.03 -14.52
C SER P 258 108.26 65.64 -13.31
N ASP P 259 107.73 64.81 -12.42
CA ASP P 259 108.45 64.39 -11.22
C ASP P 259 108.47 62.87 -11.11
N TRP P 260 108.91 62.36 -9.96
CA TRP P 260 108.96 60.92 -9.75
C TRP P 260 107.56 60.32 -9.76
N VAL P 261 107.44 59.15 -10.37
CA VAL P 261 106.15 58.46 -10.45
C VAL P 261 106.04 57.48 -9.28
N ARG P 262 104.99 57.63 -8.49
CA ARG P 262 104.81 56.82 -7.29
C ARG P 262 104.06 55.53 -7.58
N ASP P 263 102.85 55.63 -8.13
CA ASP P 263 102.00 54.47 -8.32
C ASP P 263 101.45 54.44 -9.74
N VAL P 264 101.42 53.24 -10.33
CA VAL P 264 100.81 53.00 -11.63
C VAL P 264 99.79 51.88 -11.47
N ALA P 265 98.58 52.12 -11.97
CA ALA P 265 97.48 51.17 -11.85
C ALA P 265 96.96 50.82 -13.23
N TRP P 266 96.68 49.55 -13.45
CA TRP P 266 96.12 49.07 -14.71
C TRP P 266 94.64 48.71 -14.49
N ALA P 267 93.78 49.26 -15.32
CA ALA P 267 92.36 49.09 -15.13
C ALA P 267 91.91 47.69 -15.55
N PRO P 268 90.98 47.08 -14.82
CA PRO P 268 90.49 45.75 -15.22
C PRO P 268 89.57 45.84 -16.43
N SER P 269 89.42 44.70 -17.09
CA SER P 269 88.74 44.63 -18.38
C SER P 269 87.39 43.94 -18.25
N ILE P 270 86.45 44.31 -19.12
CA ILE P 270 85.12 43.73 -19.14
C ILE P 270 84.76 43.17 -20.50
N GLY P 271 85.58 43.40 -21.52
CA GLY P 271 85.29 42.88 -22.84
C GLY P 271 85.30 43.95 -23.92
N LEU P 272 85.38 45.20 -23.52
CA LEU P 272 85.42 46.30 -24.47
C LEU P 272 86.79 46.36 -25.15
N PRO P 273 86.86 46.99 -26.32
CA PRO P 273 88.16 47.12 -27.00
C PRO P 273 88.90 48.39 -26.58
N THR P 274 89.44 48.37 -25.37
CA THR P 274 90.18 49.50 -24.85
C THR P 274 90.99 49.05 -23.63
N SER P 275 92.06 49.78 -23.35
CA SER P 275 92.88 49.57 -22.16
C SER P 275 93.18 50.93 -21.55
N THR P 276 93.06 51.02 -20.23
CA THR P 276 93.25 52.27 -19.51
C THR P 276 94.26 52.07 -18.40
N ILE P 277 95.10 53.08 -18.17
CA ILE P 277 96.10 53.07 -17.12
C ILE P 277 96.04 54.42 -16.40
N ALA P 278 95.98 54.38 -15.08
CA ALA P 278 96.03 55.60 -14.26
C ALA P 278 97.37 55.66 -13.54
N SER P 279 98.13 56.71 -13.84
CA SER P 279 99.48 56.86 -13.30
C SER P 279 99.51 58.04 -12.33
N CYS P 280 99.93 57.76 -11.10
CA CYS P 280 100.21 58.81 -10.13
C CYS P 280 101.68 59.23 -10.25
N SER P 281 101.99 60.39 -9.67
CA SER P 281 103.35 60.92 -9.76
C SER P 281 103.58 61.89 -8.61
N GLN P 282 104.86 62.21 -8.39
CA GLN P 282 105.20 63.21 -7.39
C GLN P 282 104.72 64.60 -7.77
N ASP P 283 104.55 64.88 -9.06
CA ASP P 283 104.03 66.16 -9.51
C ASP P 283 102.52 66.28 -9.32
N GLY P 284 101.84 65.20 -8.98
CA GLY P 284 100.41 65.25 -8.73
C GLY P 284 99.52 65.11 -9.94
N ARG P 285 100.01 64.53 -11.03
CA ARG P 285 99.22 64.37 -12.23
C ARG P 285 98.62 62.97 -12.28
N VAL P 286 97.31 62.90 -12.50
CA VAL P 286 96.59 61.63 -12.59
C VAL P 286 96.04 61.54 -14.00
N PHE P 287 96.80 60.93 -14.90
CA PHE P 287 96.44 60.81 -16.31
C PHE P 287 95.90 59.42 -16.58
N ILE P 288 94.77 59.36 -17.28
CA ILE P 288 94.16 58.09 -17.65
C ILE P 288 94.63 57.79 -19.07
N TRP P 289 95.79 57.15 -19.16
CA TRP P 289 96.35 56.77 -20.45
C TRP P 289 95.47 55.70 -21.09
N THR P 290 95.05 55.93 -22.32
CA THR P 290 94.14 55.03 -23.01
C THR P 290 94.67 54.66 -24.38
N CYS P 291 94.28 53.48 -24.85
CA CYS P 291 94.64 53.00 -26.18
C CYS P 291 93.37 52.43 -26.79
N ASP P 292 92.76 53.18 -27.71
CA ASP P 292 91.50 52.79 -28.32
C ASP P 292 91.65 51.63 -29.29
N ASP P 293 92.88 51.24 -29.64
CA ASP P 293 93.12 50.14 -30.56
C ASP P 293 94.05 49.13 -29.92
N ALA P 294 93.87 47.86 -30.32
CA ALA P 294 94.69 46.77 -29.80
C ALA P 294 96.01 46.61 -30.54
N SER P 295 96.23 47.38 -31.61
CA SER P 295 97.50 47.36 -32.34
C SER P 295 98.15 48.73 -32.45
N SER P 296 97.45 49.81 -32.14
CA SER P 296 98.03 51.14 -32.24
C SER P 296 99.19 51.31 -31.26
N ASN P 297 99.01 50.84 -30.03
CA ASN P 297 100.00 51.03 -28.96
C ASN P 297 100.37 52.50 -28.81
N THR P 298 99.38 53.37 -28.93
CA THR P 298 99.57 54.81 -28.83
C THR P 298 98.78 55.31 -27.62
N TRP P 299 99.41 55.28 -26.46
CA TRP P 299 98.79 55.76 -25.24
C TRP P 299 98.53 57.25 -25.35
N SER P 300 97.26 57.64 -25.29
CA SER P 300 96.88 59.05 -25.37
C SER P 300 96.57 59.56 -23.97
N PRO P 301 97.46 60.32 -23.36
CA PRO P 301 97.23 60.77 -21.98
C PRO P 301 96.26 61.94 -21.93
N LYS P 302 95.64 62.08 -20.76
CA LYS P 302 94.67 63.15 -20.52
C LYS P 302 94.64 63.41 -19.03
N LEU P 303 95.29 64.48 -18.59
CA LEU P 303 95.32 64.81 -17.17
C LEU P 303 93.91 65.08 -16.66
N LEU P 304 93.61 64.56 -15.48
CA LEU P 304 92.28 64.67 -14.89
C LEU P 304 92.21 65.69 -13.77
N HIS P 305 93.28 65.87 -13.01
CA HIS P 305 93.27 66.76 -11.87
C HIS P 305 94.69 67.26 -11.61
N LYS P 306 94.78 68.31 -10.81
CA LYS P 306 96.06 68.90 -10.42
C LYS P 306 96.19 68.77 -8.90
N PHE P 307 96.81 67.68 -8.46
CA PHE P 307 97.01 67.46 -7.04
C PHE P 307 98.00 68.46 -6.47
N ASN P 308 97.68 68.99 -5.29
CA ASN P 308 98.56 69.95 -4.63
C ASN P 308 99.89 69.31 -4.25
N ASP P 309 99.86 68.08 -3.77
CA ASP P 309 101.07 67.36 -3.35
C ASP P 309 101.25 66.13 -4.24
N VAL P 310 102.22 65.29 -3.87
CA VAL P 310 102.51 64.10 -4.63
C VAL P 310 101.36 63.11 -4.52
N VAL P 311 100.89 62.60 -5.65
CA VAL P 311 99.82 61.61 -5.66
C VAL P 311 100.38 60.28 -5.16
N TRP P 312 99.74 59.71 -4.14
CA TRP P 312 100.29 58.55 -3.44
C TRP P 312 99.79 57.24 -4.02
N HIS P 313 98.48 57.10 -4.21
CA HIS P 313 97.89 55.84 -4.61
C HIS P 313 96.87 56.05 -5.73
N VAL P 314 96.61 54.98 -6.48
CA VAL P 314 95.59 54.97 -7.51
C VAL P 314 94.99 53.58 -7.62
N SER P 315 93.68 53.47 -7.44
CA SER P 315 92.98 52.19 -7.51
C SER P 315 91.70 52.36 -8.33
N TRP P 316 91.34 51.33 -9.08
CA TRP P 316 90.21 51.38 -9.98
C TRP P 316 89.04 50.58 -9.41
N SER P 317 87.92 50.66 -10.11
CA SER P 317 86.67 50.05 -9.65
C SER P 317 86.51 48.64 -10.21
N ILE P 318 85.48 47.96 -9.73
CA ILE P 318 85.28 46.55 -10.05
C ILE P 318 85.10 46.36 -11.55
N THR P 319 84.32 47.24 -12.18
CA THR P 319 84.13 47.21 -13.62
C THR P 319 84.66 48.46 -14.30
N ALA P 320 85.77 49.02 -13.82
CA ALA P 320 86.47 50.13 -14.43
C ALA P 320 85.58 51.38 -14.55
N ASN P 321 85.14 51.87 -13.40
CA ASN P 321 84.29 53.05 -13.34
C ASN P 321 84.95 54.21 -12.61
N ILE P 322 85.43 54.00 -11.39
CA ILE P 322 85.93 55.07 -10.55
C ILE P 322 87.40 54.82 -10.25
N LEU P 323 88.22 55.85 -10.39
CA LEU P 323 89.62 55.80 -10.03
C LEU P 323 89.81 56.50 -8.69
N ALA P 324 90.14 55.72 -7.66
CA ALA P 324 90.36 56.24 -6.33
C ALA P 324 91.79 56.76 -6.23
N VAL P 325 91.95 57.94 -5.63
CA VAL P 325 93.25 58.58 -5.49
C VAL P 325 93.37 59.16 -4.09
N SER P 326 94.55 59.04 -3.50
CA SER P 326 94.87 59.67 -2.24
C SER P 326 96.23 60.33 -2.36
N GLY P 327 96.36 61.55 -1.84
CA GLY P 327 97.56 62.34 -1.99
C GLY P 327 98.06 62.85 -0.65
N GLY P 328 98.81 63.95 -0.71
CA GLY P 328 99.41 64.55 0.45
C GLY P 328 98.47 65.40 1.28
N ASP P 329 97.21 65.54 0.86
CA ASP P 329 96.24 66.32 1.59
C ASP P 329 95.47 65.51 2.62
N ASN P 330 95.84 64.25 2.83
CA ASN P 330 95.14 63.35 3.76
C ASN P 330 93.66 63.25 3.41
N LYS P 331 93.36 63.28 2.11
CA LYS P 331 91.99 63.21 1.63
C LYS P 331 91.91 62.22 0.49
N VAL P 332 90.72 61.65 0.31
CA VAL P 332 90.47 60.67 -0.74
C VAL P 332 89.43 61.25 -1.68
N THR P 333 89.77 61.32 -2.97
CA THR P 333 88.89 61.85 -4.00
C THR P 333 88.49 60.72 -4.94
N LEU P 334 87.19 60.48 -5.07
CA LEU P 334 86.66 59.45 -5.96
C LEU P 334 86.41 60.08 -7.31
N TRP P 335 87.48 60.22 -8.09
CA TRP P 335 87.41 60.91 -9.38
C TRP P 335 86.84 59.96 -10.43
N LYS P 336 85.60 60.20 -10.83
CA LYS P 336 84.92 59.41 -11.84
C LYS P 336 84.68 60.25 -13.08
N GLU P 337 84.83 59.63 -14.25
CA GLU P 337 84.74 60.35 -15.51
C GLU P 337 83.31 60.83 -15.75
N SER P 338 83.11 61.54 -16.86
CA SER P 338 81.84 62.12 -17.20
C SER P 338 81.49 61.81 -18.66
N VAL P 339 80.28 62.22 -19.05
CA VAL P 339 79.81 61.96 -20.41
C VAL P 339 80.64 62.74 -21.43
N ASP P 340 81.08 63.94 -21.08
CA ASP P 340 81.84 64.78 -21.99
C ASP P 340 83.33 64.46 -22.02
N GLY P 341 83.75 63.37 -21.39
CA GLY P 341 85.15 62.98 -21.36
C GLY P 341 85.96 63.54 -20.20
N GLN P 342 85.37 64.42 -19.40
CA GLN P 342 86.06 64.94 -18.23
C GLN P 342 85.81 64.03 -17.03
N TRP P 343 86.58 64.27 -15.97
CA TRP P 343 86.44 63.54 -14.71
C TRP P 343 86.20 64.55 -13.59
N VAL P 344 85.11 64.38 -12.85
CA VAL P 344 84.74 65.28 -11.78
C VAL P 344 84.54 64.49 -10.51
N CYS P 345 85.21 64.92 -9.43
CA CYS P 345 85.05 64.26 -8.15
C CYS P 345 83.62 64.34 -7.65
N ILE P 346 83.10 63.22 -7.18
CA ILE P 346 81.76 63.14 -6.61
C ILE P 346 81.81 62.89 -5.10
N SER P 347 82.93 63.22 -4.47
CA SER P 347 83.08 63.02 -3.03
C SER P 347 82.77 64.29 -2.27
N GLY Q 43 -13.77 -81.17 107.07
CA GLY Q 43 -14.14 -82.21 106.13
C GLY Q 43 -15.55 -82.04 105.57
N PRO Q 44 -15.76 -82.47 104.33
CA PRO Q 44 -17.09 -82.35 103.72
C PRO Q 44 -18.16 -83.12 104.46
N SER Q 45 -17.82 -84.26 105.05
CA SER Q 45 -18.80 -85.13 105.69
C SER Q 45 -18.34 -85.49 107.09
N ALA Q 46 -19.30 -85.58 108.01
CA ALA Q 46 -19.04 -86.07 109.35
C ALA Q 46 -19.24 -87.57 109.47
N PHE Q 47 -19.74 -88.22 108.42
CA PHE Q 47 -19.97 -89.66 108.40
C PHE Q 47 -18.81 -90.44 107.82
N ILE Q 48 -18.13 -89.87 106.81
CA ILE Q 48 -16.95 -90.49 106.22
C ILE Q 48 -15.71 -89.81 106.80
N PRO Q 49 -14.68 -90.56 107.18
CA PRO Q 49 -13.47 -89.92 107.70
C PRO Q 49 -12.81 -89.01 106.67
N VAL Q 50 -12.24 -87.92 107.16
CA VAL Q 50 -11.58 -86.96 106.26
C VAL Q 50 -10.36 -87.60 105.63
N GLU Q 51 -9.66 -88.46 106.36
CA GLU Q 51 -8.48 -89.13 105.81
C GLU Q 51 -8.87 -90.02 104.63
N GLU Q 52 -10.00 -90.71 104.74
CA GLU Q 52 -10.46 -91.55 103.63
C GLU Q 52 -10.79 -90.71 102.40
N VAL Q 53 -11.46 -89.57 102.59
CA VAL Q 53 -11.81 -88.71 101.47
C VAL Q 53 -10.55 -88.15 100.81
N LEU Q 54 -9.57 -87.73 101.62
CA LEU Q 54 -8.33 -87.22 101.07
C LEU Q 54 -7.56 -88.30 100.32
N ARG Q 55 -7.53 -89.51 100.87
CA ARG Q 55 -6.82 -90.61 100.21
C ARG Q 55 -7.48 -90.97 98.89
N GLU Q 56 -8.80 -91.02 98.84
CA GLU Q 56 -9.51 -91.34 97.62
C GLU Q 56 -9.73 -90.09 96.77
N ASN Q 78 -20.47 -77.53 97.88
CA ASN Q 78 -19.30 -78.07 98.57
C ASN Q 78 -19.34 -79.59 98.58
N LEU Q 79 -20.50 -80.15 98.25
CA LEU Q 79 -20.70 -81.58 98.23
C LEU Q 79 -20.31 -82.22 96.91
N ALA Q 80 -19.87 -81.43 95.94
CA ALA Q 80 -19.54 -81.97 94.62
C ALA Q 80 -18.27 -82.82 94.65
N VAL Q 81 -17.29 -82.44 95.46
CA VAL Q 81 -16.02 -83.16 95.50
C VAL Q 81 -16.23 -84.59 95.97
N VAL Q 82 -17.26 -84.84 96.77
CA VAL Q 82 -17.51 -86.20 97.27
C VAL Q 82 -17.80 -87.14 96.12
N MET Q 83 -18.63 -86.71 95.17
CA MET Q 83 -18.99 -87.55 94.04
C MET Q 83 -17.88 -87.69 93.03
N GLY Q 84 -16.74 -87.03 93.23
CA GLY Q 84 -15.66 -87.08 92.26
C GLY Q 84 -14.93 -88.40 92.20
N LEU Q 85 -15.13 -89.27 93.19
CA LEU Q 85 -14.42 -90.55 93.19
C LEU Q 85 -14.92 -91.45 92.06
N HIS Q 86 -16.08 -91.14 91.49
CA HIS Q 86 -16.56 -91.82 90.30
C HIS Q 86 -16.47 -90.85 89.13
N PRO Q 87 -15.59 -91.08 88.15
CA PRO Q 87 -15.41 -90.10 87.07
C PRO Q 87 -16.59 -90.03 86.10
N ASP Q 88 -17.00 -91.19 85.59
CA ASP Q 88 -18.03 -91.21 84.55
C ASP Q 88 -19.34 -90.64 85.06
N TYR Q 89 -19.79 -91.06 86.24
CA TYR Q 89 -21.06 -90.57 86.74
C TYR Q 89 -20.96 -89.10 87.14
N PHE Q 90 -19.81 -88.69 87.70
CA PHE Q 90 -19.64 -87.27 87.98
C PHE Q 90 -19.85 -86.46 86.70
N THR Q 91 -19.23 -86.89 85.61
CA THR Q 91 -19.38 -86.18 84.34
C THR Q 91 -20.82 -86.16 83.87
N SER Q 92 -21.48 -87.33 83.91
CA SER Q 92 -22.85 -87.41 83.39
C SER Q 92 -23.82 -86.58 84.23
N PHE Q 93 -23.70 -86.67 85.55
CA PHE Q 93 -24.56 -85.87 86.42
C PHE Q 93 -24.31 -84.40 86.21
N TRP Q 94 -23.06 -83.99 86.05
CA TRP Q 94 -22.80 -82.57 85.85
C TRP Q 94 -23.37 -82.10 84.52
N ARG Q 95 -23.29 -82.92 83.47
CA ARG Q 95 -23.93 -82.57 82.21
C ARG Q 95 -25.44 -82.42 82.38
N LEU Q 96 -26.08 -83.36 83.07
CA LEU Q 96 -27.51 -83.29 83.26
C LEU Q 96 -27.90 -82.04 84.04
N HIS Q 97 -27.16 -81.75 85.12
CA HIS Q 97 -27.45 -80.59 85.94
C HIS Q 97 -27.30 -79.31 85.12
N TYR Q 98 -26.25 -79.24 84.30
CA TYR Q 98 -26.01 -78.06 83.48
C TYR Q 98 -27.14 -77.83 82.49
N LEU Q 99 -27.61 -78.89 81.83
CA LEU Q 99 -28.72 -78.71 80.89
C LEU Q 99 -29.99 -78.33 81.63
N LEU Q 100 -30.28 -78.99 82.75
CA LEU Q 100 -31.56 -78.80 83.42
C LEU Q 100 -31.69 -77.40 84.01
N LEU Q 101 -30.68 -76.93 84.73
CA LEU Q 101 -30.89 -75.74 85.55
C LEU Q 101 -30.28 -74.46 84.98
N HIS Q 102 -29.39 -74.57 83.99
CA HIS Q 102 -28.67 -73.39 83.51
C HIS Q 102 -28.99 -73.03 82.07
N THR Q 103 -29.19 -74.02 81.20
CA THR Q 103 -29.44 -73.73 79.79
C THR Q 103 -30.85 -73.17 79.61
N ASP Q 104 -31.00 -72.30 78.61
CA ASP Q 104 -32.30 -71.71 78.31
C ASP Q 104 -33.27 -72.77 77.79
N GLY Q 105 -34.54 -72.63 78.15
CA GLY Q 105 -35.53 -73.62 77.81
C GLY Q 105 -36.96 -73.13 77.95
N PRO Q 106 -37.90 -74.06 78.02
CA PRO Q 106 -39.32 -73.68 78.07
C PRO Q 106 -39.67 -72.78 79.25
N LEU Q 107 -39.08 -73.00 80.41
CA LEU Q 107 -39.34 -72.18 81.59
C LEU Q 107 -38.21 -71.19 81.80
N ALA Q 108 -38.46 -70.22 82.68
CA ALA Q 108 -37.43 -69.26 83.03
C ALA Q 108 -36.49 -69.84 84.08
N SER Q 109 -35.36 -69.18 84.29
CA SER Q 109 -34.38 -69.64 85.27
C SER Q 109 -34.90 -69.50 86.70
N SER Q 110 -35.58 -68.39 86.99
CA SER Q 110 -36.11 -68.18 88.33
C SER Q 110 -37.12 -69.26 88.68
N TRP Q 111 -37.99 -69.60 87.73
CA TRP Q 111 -38.99 -70.64 87.99
C TRP Q 111 -38.33 -72.00 88.19
N ARG Q 112 -37.27 -72.28 87.45
CA ARG Q 112 -36.57 -73.55 87.64
C ARG Q 112 -35.92 -73.62 89.02
N HIS Q 113 -35.33 -72.52 89.47
CA HIS Q 113 -34.75 -72.50 90.81
C HIS Q 113 -35.84 -72.65 91.88
N TYR Q 114 -36.99 -72.01 91.68
CA TYR Q 114 -38.09 -72.18 92.62
C TYR Q 114 -38.59 -73.62 92.65
N ILE Q 115 -38.65 -74.27 91.48
CA ILE Q 115 -39.05 -75.67 91.43
C ILE Q 115 -38.04 -76.54 92.17
N ALA Q 116 -36.75 -76.28 91.97
CA ALA Q 116 -35.72 -77.00 92.71
C ALA Q 116 -35.89 -76.78 94.21
N ILE Q 117 -36.23 -75.56 94.61
CA ILE Q 117 -36.43 -75.26 96.02
C ILE Q 117 -37.57 -76.09 96.59
N MET Q 118 -38.70 -76.12 95.89
CA MET Q 118 -39.87 -76.81 96.42
C MET Q 118 -39.69 -78.32 96.36
N ALA Q 119 -38.86 -78.81 95.44
CA ALA Q 119 -38.60 -80.24 95.37
C ALA Q 119 -37.49 -80.69 96.32
N ALA Q 120 -36.69 -79.76 96.82
CA ALA Q 120 -35.70 -80.11 97.84
C ALA Q 120 -36.22 -79.86 99.24
N ALA Q 121 -37.20 -78.98 99.41
CA ALA Q 121 -37.83 -78.76 100.70
C ALA Q 121 -38.94 -79.78 100.94
N ARG Q 122 -38.58 -81.05 100.75
CA ARG Q 122 -39.52 -82.14 100.91
C ARG Q 122 -38.89 -83.26 101.74
N HIS Q 123 -37.57 -83.35 101.66
CA HIS Q 123 -36.79 -84.25 102.50
C HIS Q 123 -35.97 -83.49 103.52
N GLN Q 124 -36.26 -82.20 103.70
CA GLN Q 124 -35.58 -81.33 104.65
C GLN Q 124 -34.07 -81.29 104.41
N CYS Q 125 -33.66 -81.33 103.16
CA CYS Q 125 -32.25 -81.22 102.78
C CYS Q 125 -31.82 -79.77 102.91
N SER Q 126 -31.27 -79.42 104.06
CA SER Q 126 -30.79 -78.05 104.28
C SER Q 126 -29.43 -77.84 103.64
N TYR Q 127 -29.29 -78.32 102.43
CA TYR Q 127 -28.14 -78.04 101.59
C TYR Q 127 -28.55 -77.61 100.21
N LEU Q 128 -29.63 -78.18 99.67
CA LEU Q 128 -30.12 -77.81 98.35
C LEU Q 128 -31.18 -76.73 98.43
N VAL Q 129 -31.82 -76.56 99.58
CA VAL Q 129 -32.80 -75.48 99.76
C VAL Q 129 -32.00 -74.22 100.09
N GLY Q 130 -30.69 -74.33 100.01
CA GLY Q 130 -29.77 -73.25 100.33
C GLY Q 130 -29.30 -72.59 99.06
N SER Q 131 -28.16 -73.03 98.54
CA SER Q 131 -27.58 -72.52 97.31
C SER Q 131 -28.63 -72.26 96.24
N HIS Q 132 -29.68 -73.08 96.19
CA HIS Q 132 -30.70 -72.88 95.18
C HIS Q 132 -31.48 -71.59 95.42
N MET Q 133 -31.80 -71.28 96.67
CA MET Q 133 -32.37 -69.98 97.00
C MET Q 133 -31.33 -68.89 96.99
N ALA Q 134 -30.05 -69.26 97.13
CA ALA Q 134 -28.96 -68.29 97.09
C ALA Q 134 -28.60 -67.90 95.67
N GLU Q 135 -28.94 -68.74 94.70
CA GLU Q 135 -28.75 -68.41 93.29
C GLU Q 135 -30.04 -68.03 92.60
N PHE Q 136 -31.19 -68.30 93.22
CA PHE Q 136 -32.46 -67.79 92.70
C PHE Q 136 -32.51 -66.27 92.78
N LEU Q 137 -32.00 -65.70 93.86
CA LEU Q 137 -32.05 -64.25 94.03
C LEU Q 137 -31.17 -63.53 93.01
N GLN Q 138 -30.04 -64.11 92.65
CA GLN Q 138 -29.10 -63.49 91.74
C GLN Q 138 -29.47 -63.65 90.27
N THR Q 139 -30.67 -64.16 89.98
CA THR Q 139 -31.14 -64.36 88.62
C THR Q 139 -32.41 -63.58 88.31
N GLY Q 140 -32.55 -62.40 88.92
CA GLY Q 140 -33.70 -61.56 88.66
C GLY Q 140 -34.95 -61.99 89.39
N GLY Q 141 -34.83 -62.91 90.33
CA GLY Q 141 -36.00 -63.40 91.03
C GLY Q 141 -36.62 -62.36 91.93
N ASP Q 142 -37.84 -62.63 92.35
CA ASP Q 142 -38.53 -61.76 93.28
C ASP Q 142 -38.15 -62.11 94.70
N PRO Q 143 -37.53 -61.19 95.45
CA PRO Q 143 -37.17 -61.52 96.84
C PRO Q 143 -38.37 -61.77 97.73
N GLU Q 144 -39.54 -61.24 97.36
CA GLU Q 144 -40.72 -61.34 98.20
C GLU Q 144 -41.32 -62.74 98.19
N TRP Q 145 -40.98 -63.55 97.19
CA TRP Q 145 -41.60 -64.87 97.05
C TRP Q 145 -41.24 -65.82 98.16
N LEU Q 146 -40.07 -65.66 98.79
CA LEU Q 146 -39.63 -66.60 99.80
C LEU Q 146 -40.45 -66.54 101.08
N LEU Q 147 -41.35 -65.56 101.21
CA LEU Q 147 -42.22 -65.52 102.38
C LEU Q 147 -43.05 -66.78 102.49
N GLY Q 148 -43.38 -67.40 101.37
CA GLY Q 148 -44.07 -68.66 101.38
C GLY Q 148 -44.79 -68.91 100.06
N LEU Q 149 -45.33 -70.11 99.95
CA LEU Q 149 -46.16 -70.43 98.78
C LEU Q 149 -47.42 -69.59 98.75
N HIS Q 150 -47.89 -69.13 99.91
CA HIS Q 150 -49.01 -68.19 99.95
C HIS Q 150 -48.68 -66.90 99.21
N ARG Q 151 -47.41 -66.52 99.18
CA ARG Q 151 -46.97 -65.36 98.42
C ARG Q 151 -46.64 -65.70 96.97
N ALA Q 152 -46.55 -66.97 96.62
CA ALA Q 152 -46.22 -67.37 95.27
C ALA Q 152 -47.38 -67.09 94.32
N PRO Q 153 -47.11 -66.91 93.03
CA PRO Q 153 -48.20 -66.69 92.08
C PRO Q 153 -49.03 -67.95 91.90
N GLU Q 154 -50.27 -67.74 91.42
CA GLU Q 154 -51.22 -68.85 91.27
C GLU Q 154 -50.93 -69.60 89.96
N LYS Q 155 -49.67 -69.99 89.82
CA LYS Q 155 -49.21 -70.83 88.72
C LYS Q 155 -48.50 -72.08 89.20
N LEU Q 156 -47.83 -72.04 90.35
CA LEU Q 156 -47.21 -73.20 90.96
C LEU Q 156 -48.10 -73.85 92.00
N ARG Q 157 -49.18 -73.18 92.40
CA ARG Q 157 -50.08 -73.76 93.39
C ARG Q 157 -50.70 -75.05 92.91
N LYS Q 158 -50.83 -75.22 91.59
CA LYS Q 158 -51.30 -76.48 91.03
C LYS Q 158 -50.24 -77.57 91.10
N LEU Q 159 -48.98 -77.23 91.38
CA LEU Q 159 -47.90 -78.20 91.37
C LEU Q 159 -47.65 -78.86 92.72
N SER Q 160 -48.17 -78.31 93.81
CA SER Q 160 -47.88 -78.87 95.13
C SER Q 160 -48.50 -80.25 95.31
N GLU Q 161 -49.72 -80.44 94.79
CA GLU Q 161 -50.39 -81.72 94.99
C GLU Q 161 -49.64 -82.86 94.32
N ILE Q 162 -49.07 -82.60 93.14
CA ILE Q 162 -48.25 -83.61 92.50
C ILE Q 162 -46.84 -83.67 93.09
N ASN Q 163 -46.34 -82.58 93.66
CA ASN Q 163 -45.09 -82.64 94.38
C ASN Q 163 -45.19 -83.51 95.63
N LYS Q 164 -46.40 -83.68 96.17
CA LYS Q 164 -46.60 -84.58 97.31
C LYS Q 164 -46.09 -85.98 97.01
N LEU Q 165 -46.72 -86.64 96.05
CA LEU Q 165 -46.48 -88.07 95.83
C LEU Q 165 -45.19 -88.33 95.09
N LEU Q 166 -44.65 -87.34 94.38
CA LEU Q 166 -43.39 -87.53 93.69
C LEU Q 166 -42.23 -87.64 94.67
N ALA Q 167 -42.46 -87.33 95.94
CA ALA Q 167 -41.45 -87.50 96.97
C ALA Q 167 -41.86 -88.47 98.07
N HIS Q 168 -43.15 -88.62 98.35
CA HIS Q 168 -43.56 -89.54 99.39
C HIS Q 168 -44.16 -90.84 98.87
N ARG Q 169 -45.24 -90.78 98.10
CA ARG Q 169 -46.03 -91.97 97.78
C ARG Q 169 -46.35 -91.97 96.29
N PRO Q 170 -45.43 -92.45 95.45
CA PRO Q 170 -45.62 -92.31 93.99
C PRO Q 170 -46.83 -93.02 93.42
N TRP Q 171 -47.46 -93.96 94.12
CA TRP Q 171 -48.34 -94.87 93.39
C TRP Q 171 -49.74 -94.32 93.16
N LEU Q 172 -50.10 -93.15 93.71
CA LEU Q 172 -51.44 -92.62 93.52
C LEU Q 172 -51.56 -91.72 92.29
N ILE Q 173 -50.49 -91.56 91.51
CA ILE Q 173 -50.59 -90.73 90.31
C ILE Q 173 -51.47 -91.42 89.29
N THR Q 174 -52.20 -90.63 88.51
CA THR Q 174 -53.10 -91.14 87.50
C THR Q 174 -53.46 -89.99 86.56
N LYS Q 175 -54.38 -90.26 85.63
CA LYS Q 175 -54.75 -89.29 84.61
C LYS Q 175 -55.38 -88.04 85.20
N GLU Q 176 -56.20 -88.19 86.23
CA GLU Q 176 -56.91 -87.07 86.83
C GLU Q 176 -55.98 -86.00 87.38
N HIS Q 177 -54.78 -86.38 87.80
CA HIS Q 177 -53.84 -85.42 88.36
C HIS Q 177 -53.20 -84.56 87.28
N ILE Q 178 -52.70 -85.21 86.22
CA ILE Q 178 -52.13 -84.46 85.10
C ILE Q 178 -53.19 -83.65 84.37
N GLN Q 179 -54.41 -84.17 84.25
CA GLN Q 179 -55.46 -83.42 83.58
C GLN Q 179 -55.77 -82.12 84.30
N ALA Q 180 -55.94 -82.18 85.62
CA ALA Q 180 -56.22 -80.97 86.38
C ALA Q 180 -55.09 -79.97 86.28
N LEU Q 181 -53.86 -80.43 86.06
CA LEU Q 181 -52.70 -79.59 85.82
C LEU Q 181 -52.77 -78.94 84.44
N LEU Q 182 -53.24 -79.70 83.44
CA LEU Q 182 -53.39 -79.22 82.08
C LEU Q 182 -54.84 -78.80 81.87
N LYS Q 183 -55.29 -77.83 82.66
CA LYS Q 183 -56.68 -77.41 82.64
C LYS Q 183 -56.75 -75.95 82.22
N THR Q 184 -57.71 -75.64 81.34
CA THR Q 184 -57.83 -74.30 80.79
C THR Q 184 -58.26 -73.31 81.87
N GLY Q 185 -57.79 -72.07 81.75
CA GLY Q 185 -58.13 -71.02 82.68
C GLY Q 185 -57.23 -69.82 82.56
N GLU Q 186 -56.90 -69.18 83.68
CA GLU Q 186 -55.99 -68.03 83.69
C GLU Q 186 -54.56 -68.41 84.04
N HIS Q 187 -54.28 -69.69 84.27
CA HIS Q 187 -52.93 -70.15 84.56
C HIS Q 187 -52.85 -71.61 84.13
N THR Q 188 -52.30 -71.84 82.94
CA THR Q 188 -52.28 -73.16 82.33
C THR Q 188 -50.86 -73.54 81.96
N TRP Q 189 -50.55 -74.81 82.03
CA TRP Q 189 -49.28 -75.34 81.57
C TRP Q 189 -49.47 -75.93 80.18
N SER Q 190 -48.37 -76.05 79.45
CA SER Q 190 -48.31 -76.87 78.25
C SER Q 190 -47.53 -78.14 78.57
N LEU Q 191 -47.55 -79.09 77.63
CA LEU Q 191 -46.82 -80.32 77.86
C LEU Q 191 -45.33 -80.07 78.03
N ALA Q 192 -44.76 -79.23 77.15
CA ALA Q 192 -43.31 -79.06 77.16
C ALA Q 192 -42.85 -78.33 78.41
N GLU Q 193 -43.71 -77.56 79.04
CA GLU Q 193 -43.34 -76.79 80.22
C GLU Q 193 -43.77 -77.45 81.52
N LEU Q 194 -44.43 -78.60 81.47
CA LEU Q 194 -44.61 -79.40 82.67
C LEU Q 194 -43.76 -80.67 82.68
N ILE Q 195 -43.38 -81.18 81.51
CA ILE Q 195 -42.42 -82.29 81.50
C ILE Q 195 -41.06 -81.85 82.02
N GLN Q 196 -40.65 -80.61 81.76
CA GLN Q 196 -39.43 -80.10 82.39
C GLN Q 196 -39.60 -80.02 83.90
N ALA Q 197 -40.77 -79.57 84.36
CA ALA Q 197 -41.01 -79.46 85.79
C ALA Q 197 -40.94 -80.81 86.49
N LEU Q 198 -41.52 -81.84 85.91
CA LEU Q 198 -41.52 -83.12 86.61
C LEU Q 198 -40.14 -83.76 86.62
N VAL Q 199 -39.37 -83.60 85.53
CA VAL Q 199 -37.99 -84.08 85.53
C VAL Q 199 -37.17 -83.33 86.58
N LEU Q 200 -37.41 -82.02 86.69
CA LEU Q 200 -36.73 -81.23 87.71
C LEU Q 200 -37.05 -81.74 89.11
N LEU Q 201 -38.33 -82.01 89.37
CA LEU Q 201 -38.75 -82.46 90.69
C LEU Q 201 -38.11 -83.81 91.03
N THR Q 202 -38.09 -84.72 90.06
CA THR Q 202 -37.47 -86.03 90.31
C THR Q 202 -35.97 -85.90 90.56
N HIS Q 203 -35.29 -85.07 89.77
CA HIS Q 203 -33.86 -84.86 89.98
C HIS Q 203 -33.58 -84.31 91.37
N CYS Q 204 -34.39 -83.35 91.82
CA CYS Q 204 -34.14 -82.76 93.12
C CYS Q 204 -34.45 -83.72 94.25
N HIS Q 205 -35.50 -84.53 94.11
CA HIS Q 205 -35.74 -85.57 95.10
C HIS Q 205 -34.58 -86.54 95.18
N SER Q 206 -34.04 -86.96 94.03
CA SER Q 206 -32.92 -87.89 94.03
C SER Q 206 -31.69 -87.28 94.71
N LEU Q 207 -31.40 -86.02 94.42
CA LEU Q 207 -30.28 -85.36 95.08
C LEU Q 207 -30.50 -85.23 96.57
N SER Q 208 -31.73 -84.91 96.99
CA SER Q 208 -32.04 -84.83 98.41
C SER Q 208 -31.83 -86.16 99.12
N SER Q 209 -32.20 -87.27 98.48
CA SER Q 209 -31.94 -88.58 99.03
C SER Q 209 -30.45 -88.89 99.12
N PHE Q 210 -29.69 -88.66 98.04
CA PHE Q 210 -28.27 -88.96 98.05
C PHE Q 210 -27.46 -88.12 99.03
N VAL Q 211 -27.78 -86.85 99.18
CA VAL Q 211 -26.98 -85.98 100.05
C VAL Q 211 -27.01 -86.51 101.48
N PHE Q 212 -28.20 -86.83 101.99
CA PHE Q 212 -28.28 -87.52 103.27
C PHE Q 212 -27.69 -88.92 103.21
N GLY Q 213 -27.75 -89.58 102.06
CA GLY Q 213 -27.09 -90.87 101.92
C GLY Q 213 -25.60 -90.83 102.10
N CYS Q 214 -24.98 -89.66 101.94
CA CYS Q 214 -23.60 -89.46 102.34
C CYS Q 214 -23.44 -88.53 103.53
N GLY Q 215 -24.54 -88.01 104.09
CA GLY Q 215 -24.48 -87.24 105.32
C GLY Q 215 -23.58 -86.03 105.22
N ILE Q 216 -23.71 -85.27 104.15
CA ILE Q 216 -22.74 -84.23 103.82
C ILE Q 216 -23.01 -82.98 104.64
N LEU Q 217 -21.97 -82.48 105.31
CA LEU Q 217 -21.83 -81.25 106.09
C LEU Q 217 -21.51 -80.09 105.16
N PRO Q 218 -22.25 -78.97 105.29
CA PRO Q 218 -22.10 -77.78 104.44
C PRO Q 218 -20.67 -77.24 104.42
N ASP Q 311 -38.76 -71.29 108.46
CA ASP Q 311 -38.33 -71.01 107.10
C ASP Q 311 -38.85 -72.08 106.13
N MET Q 312 -38.27 -73.27 106.24
CA MET Q 312 -38.68 -74.38 105.38
C MET Q 312 -40.15 -74.73 105.60
N LEU Q 313 -40.59 -74.77 106.87
CA LEU Q 313 -41.95 -75.19 107.18
C LEU Q 313 -42.98 -74.22 106.62
N CYS Q 314 -42.56 -73.02 106.22
CA CYS Q 314 -43.44 -72.05 105.57
C CYS Q 314 -43.49 -72.24 104.06
N PHE Q 315 -43.01 -73.38 103.56
CA PHE Q 315 -42.96 -73.66 102.14
C PHE Q 315 -43.73 -74.90 101.74
N VAL Q 316 -44.34 -75.58 102.69
CA VAL Q 316 -44.93 -76.90 102.48
C VAL Q 316 -46.42 -76.82 102.78
N GLU Q 317 -47.17 -77.71 102.14
CA GLU Q 317 -48.58 -77.93 102.45
C GLU Q 317 -48.73 -79.29 103.11
N ASP Q 318 -49.28 -79.31 104.34
CA ASP Q 318 -49.43 -80.52 105.13
C ASP Q 318 -48.09 -81.24 105.26
N PRO Q 319 -47.17 -80.71 106.05
CA PRO Q 319 -45.80 -81.26 106.05
C PRO Q 319 -45.63 -82.52 106.89
N THR Q 320 -46.72 -83.18 107.26
CA THR Q 320 -46.66 -84.39 108.08
C THR Q 320 -47.07 -85.62 107.29
N PHE Q 321 -46.78 -85.61 105.99
CA PHE Q 321 -47.29 -86.68 105.11
C PHE Q 321 -46.49 -87.97 105.28
N GLY Q 322 -45.21 -87.94 104.93
CA GLY Q 322 -44.36 -89.10 105.08
C GLY Q 322 -44.56 -90.20 104.05
N TYR Q 323 -43.76 -91.25 104.17
CA TYR Q 323 -43.86 -92.41 103.29
C TYR Q 323 -44.49 -93.59 104.02
N GLU Q 324 -45.45 -94.24 103.38
CA GLU Q 324 -46.10 -95.42 103.91
C GLU Q 324 -45.38 -96.65 103.41
N ASP Q 325 -45.37 -97.72 104.22
CA ASP Q 325 -44.64 -98.94 103.89
C ASP Q 325 -44.96 -99.42 102.48
N PHE Q 326 -46.26 -99.65 102.21
CA PHE Q 326 -46.84 -100.03 100.93
C PHE Q 326 -48.17 -100.73 101.17
N THR Q 327 -48.11 -102.01 101.51
CA THR Q 327 -49.30 -102.81 101.75
C THR Q 327 -49.66 -102.83 103.23
N PRO Q 335 -53.28 -102.89 93.01
CA PRO Q 335 -52.99 -102.54 91.61
C PRO Q 335 -51.51 -102.31 91.37
N THR Q 336 -50.70 -103.37 91.43
CA THR Q 336 -49.27 -103.23 91.31
C THR Q 336 -48.88 -102.84 89.89
N PHE Q 337 -47.65 -102.33 89.76
CA PHE Q 337 -47.09 -101.96 88.47
C PHE Q 337 -46.32 -103.16 87.92
N ARG Q 338 -46.77 -103.69 86.78
CA ARG Q 338 -46.05 -104.78 86.16
C ARG Q 338 -44.81 -104.24 85.45
N ALA Q 339 -43.68 -104.94 85.62
CA ALA Q 339 -42.40 -104.35 85.26
C ALA Q 339 -42.24 -104.24 83.75
N GLN Q 340 -42.25 -105.37 83.06
CA GLN Q 340 -42.02 -105.42 81.62
C GLN Q 340 -43.33 -105.34 80.83
N ASP Q 341 -44.11 -104.33 81.21
CA ASP Q 341 -45.30 -103.88 80.49
C ASP Q 341 -45.14 -102.47 79.94
N TYR Q 342 -44.36 -101.63 80.62
CA TYR Q 342 -44.05 -100.27 80.19
C TYR Q 342 -42.63 -99.99 80.70
N THR Q 343 -41.66 -100.24 79.83
CA THR Q 343 -40.26 -100.14 80.21
C THR Q 343 -39.63 -98.89 79.59
N TRP Q 344 -38.54 -98.44 80.20
CA TRP Q 344 -37.88 -97.23 79.73
C TRP Q 344 -37.22 -97.44 78.38
N GLU Q 345 -36.55 -98.58 78.19
CA GLU Q 345 -35.72 -98.76 77.01
C GLU Q 345 -36.54 -98.93 75.75
N ASP Q 346 -37.85 -99.15 75.88
CA ASP Q 346 -38.71 -99.38 74.73
C ASP Q 346 -39.79 -98.30 74.60
N HIS Q 347 -40.54 -98.05 75.67
CA HIS Q 347 -41.71 -97.18 75.60
C HIS Q 347 -41.41 -95.77 76.08
N GLY Q 348 -40.94 -95.62 77.32
CA GLY Q 348 -40.82 -94.30 77.89
C GLY Q 348 -39.81 -93.41 77.19
N TYR Q 349 -38.73 -94.02 76.68
CA TYR Q 349 -37.67 -93.23 76.04
C TYR Q 349 -38.21 -92.47 74.83
N SER Q 350 -39.06 -93.12 74.03
CA SER Q 350 -39.64 -92.46 72.87
C SER Q 350 -40.47 -91.25 73.28
N LEU Q 351 -41.29 -91.39 74.33
CA LEU Q 351 -42.16 -90.30 74.73
C LEU Q 351 -41.37 -89.14 75.31
N ILE Q 352 -40.41 -89.41 76.19
CA ILE Q 352 -39.64 -88.31 76.75
C ILE Q 352 -38.85 -87.63 75.64
N GLN Q 353 -38.30 -88.41 74.71
CA GLN Q 353 -37.55 -87.83 73.60
C GLN Q 353 -38.44 -86.95 72.73
N ARG Q 354 -39.67 -87.39 72.46
CA ARG Q 354 -40.58 -86.61 71.64
C ARG Q 354 -40.95 -85.29 72.32
N LEU Q 355 -41.25 -85.33 73.62
CA LEU Q 355 -41.57 -84.10 74.31
C LEU Q 355 -40.34 -83.31 74.74
N TYR Q 356 -39.17 -83.96 74.82
CA TYR Q 356 -37.96 -83.34 75.35
C TYR Q 356 -36.77 -84.12 74.81
N PRO Q 357 -36.22 -83.68 73.68
CA PRO Q 357 -35.16 -84.48 73.02
C PRO Q 357 -33.87 -84.59 73.82
N GLU Q 358 -33.29 -83.47 74.24
CA GLU Q 358 -32.00 -83.53 74.91
C GLU Q 358 -32.11 -84.15 76.30
N GLY Q 359 -33.23 -83.89 76.99
CA GLY Q 359 -33.42 -84.47 78.30
C GLY Q 359 -33.45 -85.99 78.25
N GLY Q 360 -34.10 -86.55 77.23
CA GLY Q 360 -34.11 -87.99 77.07
C GLY Q 360 -32.73 -88.58 76.91
N GLN Q 361 -31.90 -87.98 76.06
CA GLN Q 361 -30.55 -88.48 75.84
C GLN Q 361 -29.70 -88.38 77.11
N LEU Q 362 -29.80 -87.25 77.82
CA LEU Q 362 -28.99 -87.14 79.03
C LEU Q 362 -29.45 -88.13 80.10
N LEU Q 363 -30.77 -88.29 80.26
CA LEU Q 363 -31.27 -89.30 81.18
C LEU Q 363 -30.79 -90.68 80.79
N ASP Q 364 -30.78 -90.98 79.50
CA ASP Q 364 -30.31 -92.27 79.02
C ASP Q 364 -28.85 -92.49 79.38
N GLU Q 365 -28.01 -91.50 79.12
CA GLU Q 365 -26.59 -91.64 79.42
C GLU Q 365 -26.38 -91.85 80.90
N LYS Q 366 -27.11 -91.09 81.73
CA LYS Q 366 -27.01 -91.27 83.18
C LYS Q 366 -27.39 -92.68 83.58
N PHE Q 367 -28.47 -93.20 83.01
CA PHE Q 367 -28.98 -94.50 83.43
C PHE Q 367 -28.03 -95.64 83.06
N GLN Q 368 -27.43 -95.60 81.86
CA GLN Q 368 -26.46 -96.64 81.53
C GLN Q 368 -25.11 -96.43 82.22
N ALA Q 369 -24.71 -95.18 82.45
CA ALA Q 369 -23.45 -94.95 83.16
C ALA Q 369 -23.54 -95.49 84.59
N ALA Q 370 -24.66 -95.26 85.26
CA ALA Q 370 -24.82 -95.81 86.61
C ALA Q 370 -24.92 -97.33 86.58
N TYR Q 371 -25.44 -97.89 85.49
CA TYR Q 371 -25.66 -99.33 85.39
C TYR Q 371 -24.45 -100.08 84.85
N SER Q 372 -23.29 -99.43 84.73
CA SER Q 372 -22.06 -100.09 84.31
C SER Q 372 -20.98 -100.09 85.40
N LEU Q 373 -21.32 -99.76 86.63
CA LEU Q 373 -20.32 -99.67 87.68
C LEU Q 373 -20.13 -101.00 88.40
N THR Q 374 -18.88 -101.30 88.76
CA THR Q 374 -18.52 -102.56 89.37
C THR Q 374 -18.65 -102.50 90.90
N TYR Q 375 -18.43 -103.64 91.54
CA TYR Q 375 -18.51 -103.73 92.99
C TYR Q 375 -17.28 -104.32 93.65
N ASN Q 376 -16.35 -104.90 92.88
CA ASN Q 376 -15.08 -105.39 93.40
C ASN Q 376 -15.24 -106.40 94.54
N THR Q 377 -15.09 -105.93 95.78
CA THR Q 377 -15.04 -106.81 96.94
C THR Q 377 -16.33 -107.60 97.07
N ILE Q 378 -16.23 -108.93 96.87
CA ILE Q 378 -17.37 -109.82 96.99
C ILE Q 378 -16.83 -111.22 97.25
N ALA Q 379 -17.61 -112.02 97.98
CA ALA Q 379 -17.20 -113.38 98.32
C ALA Q 379 -17.07 -114.25 97.08
N ASP Q 385 -17.97 -112.28 90.28
CA ASP Q 385 -19.35 -112.14 89.82
C ASP Q 385 -20.01 -110.92 90.45
N THR Q 386 -19.49 -109.73 90.14
CA THR Q 386 -20.02 -108.49 90.69
C THR Q 386 -21.24 -108.01 89.90
N SER Q 387 -22.21 -108.91 89.72
CA SER Q 387 -23.44 -108.57 89.04
C SER Q 387 -24.67 -109.00 89.84
N VAL Q 388 -24.54 -110.07 90.62
CA VAL Q 388 -25.67 -110.59 91.36
C VAL Q 388 -26.12 -109.62 92.45
N LEU Q 389 -25.16 -109.10 93.23
CA LEU Q 389 -25.52 -108.12 94.26
C LEU Q 389 -26.04 -106.85 93.62
N ARG Q 390 -25.53 -106.51 92.44
CA ARG Q 390 -26.05 -105.36 91.72
C ARG Q 390 -27.52 -105.54 91.37
N ARG Q 391 -27.86 -106.70 90.79
CA ARG Q 391 -29.24 -106.97 90.43
C ARG Q 391 -30.13 -106.99 91.66
N ALA Q 392 -29.63 -107.55 92.77
CA ALA Q 392 -30.42 -107.58 93.99
C ALA Q 392 -30.72 -106.17 94.49
N ILE Q 393 -29.67 -105.34 94.61
CA ILE Q 393 -29.87 -103.99 95.13
C ILE Q 393 -30.61 -103.13 94.14
N TRP Q 394 -30.69 -103.55 92.88
CA TRP Q 394 -31.41 -102.82 91.84
C TRP Q 394 -32.89 -103.16 91.81
N ASN Q 395 -33.23 -104.43 91.98
CA ASN Q 395 -34.63 -104.83 91.93
C ASN Q 395 -35.33 -104.71 93.28
N TYR Q 396 -34.60 -104.74 94.39
CA TYR Q 396 -35.25 -104.70 95.68
C TYR Q 396 -35.87 -103.33 95.89
N ILE Q 397 -35.11 -102.28 95.56
CA ILE Q 397 -35.62 -100.92 95.69
C ILE Q 397 -36.79 -100.69 94.76
N HIS Q 398 -36.78 -101.37 93.60
CA HIS Q 398 -37.91 -101.27 92.68
C HIS Q 398 -39.16 -101.90 93.26
N CYS Q 399 -39.05 -103.11 93.82
CA CYS Q 399 -40.24 -103.72 94.41
C CYS Q 399 -40.68 -102.99 95.67
N VAL Q 400 -39.80 -102.19 96.28
CA VAL Q 400 -40.23 -101.31 97.35
C VAL Q 400 -41.27 -100.33 96.83
N PHE Q 401 -41.10 -99.87 95.59
CA PHE Q 401 -41.98 -98.85 95.02
C PHE Q 401 -43.20 -99.44 94.34
N GLY Q 402 -43.16 -100.69 93.91
CA GLY Q 402 -44.36 -101.31 93.37
C GLY Q 402 -44.18 -102.03 92.06
N ILE Q 403 -43.05 -101.80 91.40
CA ILE Q 403 -42.71 -102.48 90.15
C ILE Q 403 -42.18 -103.86 90.48
N ARG Q 404 -42.81 -104.89 89.94
CA ARG Q 404 -42.46 -106.27 90.24
C ARG Q 404 -41.94 -106.95 88.99
N TYR Q 405 -40.65 -107.27 88.99
CA TYR Q 405 -40.08 -108.09 87.92
C TYR Q 405 -40.35 -109.56 88.21
N ASP Q 406 -41.03 -110.21 87.27
CA ASP Q 406 -41.45 -111.59 87.47
C ASP Q 406 -40.29 -112.56 87.32
N ASP Q 407 -39.26 -112.17 86.57
CA ASP Q 407 -38.19 -113.12 86.24
C ASP Q 407 -37.26 -113.36 87.44
N TYR Q 408 -37.01 -112.33 88.24
CA TYR Q 408 -36.10 -112.48 89.37
C TYR Q 408 -36.69 -113.43 90.41
N ASP Q 409 -35.85 -114.32 90.93
CA ASP Q 409 -36.22 -115.16 92.06
C ASP Q 409 -35.88 -114.43 93.34
N TYR Q 410 -36.91 -114.15 94.14
CA TYR Q 410 -36.79 -113.21 95.24
C TYR Q 410 -36.24 -113.82 96.52
N GLY Q 411 -35.93 -115.11 96.52
CA GLY Q 411 -35.15 -115.65 97.63
C GLY Q 411 -33.76 -115.06 97.69
N GLU Q 412 -33.16 -114.80 96.53
CA GLU Q 412 -31.83 -114.20 96.48
C GLU Q 412 -31.82 -112.79 97.06
N VAL Q 413 -32.98 -112.12 97.10
CA VAL Q 413 -33.03 -110.78 97.68
C VAL Q 413 -32.70 -110.82 99.16
N ASN Q 414 -33.34 -111.73 99.91
CA ASN Q 414 -33.03 -111.85 101.33
C ASN Q 414 -31.72 -112.60 101.54
N GLN Q 415 -31.36 -113.50 100.62
CA GLN Q 415 -30.17 -114.32 100.78
C GLN Q 415 -28.92 -113.66 100.22
N LEU Q 416 -29.01 -112.44 99.71
CA LEU Q 416 -27.89 -111.76 99.08
C LEU Q 416 -27.61 -110.39 99.69
N LEU Q 417 -28.34 -110.00 100.72
CA LEU Q 417 -28.15 -108.69 101.33
C LEU Q 417 -28.44 -108.78 102.82
N GLU Q 418 -27.47 -108.38 103.63
CA GLU Q 418 -27.64 -108.43 105.08
C GLU Q 418 -28.78 -107.52 105.52
N ARG Q 419 -29.46 -107.94 106.60
CA ARG Q 419 -30.56 -107.14 107.13
C ARG Q 419 -30.09 -105.73 107.48
N ASN Q 420 -28.83 -105.58 107.88
CA ASN Q 420 -28.28 -104.25 108.09
C ASN Q 420 -28.31 -103.44 106.80
N LEU Q 421 -27.93 -104.07 105.67
CA LEU Q 421 -27.99 -103.39 104.39
C LEU Q 421 -29.42 -102.99 104.05
N LYS Q 422 -30.37 -103.90 104.29
CA LYS Q 422 -31.77 -103.62 103.96
C LYS Q 422 -32.31 -102.46 104.79
N VAL Q 423 -32.06 -102.47 106.10
CA VAL Q 423 -32.56 -101.38 106.92
C VAL Q 423 -31.88 -100.08 106.54
N TYR Q 424 -30.59 -100.13 106.16
CA TYR Q 424 -29.91 -98.92 105.74
C TYR Q 424 -30.53 -98.34 104.48
N ILE Q 425 -30.76 -99.19 103.48
CA ILE Q 425 -31.26 -98.68 102.20
C ILE Q 425 -32.69 -98.17 102.35
N LYS Q 426 -33.51 -98.86 103.15
CA LYS Q 426 -34.85 -98.35 103.40
C LYS Q 426 -34.82 -97.03 104.16
N THR Q 427 -33.97 -96.90 105.17
CA THR Q 427 -33.89 -95.63 105.90
C THR Q 427 -33.46 -94.51 104.99
N VAL Q 428 -32.51 -94.78 104.08
CA VAL Q 428 -32.04 -93.75 103.18
C VAL Q 428 -33.13 -93.35 102.18
N ALA Q 429 -33.79 -94.33 101.55
CA ALA Q 429 -34.67 -94.03 100.44
C ALA Q 429 -36.06 -93.59 100.91
N CYS Q 430 -36.44 -93.93 102.13
CA CYS Q 430 -37.75 -93.56 102.64
C CYS Q 430 -37.70 -92.29 103.49
N TYR Q 431 -36.93 -92.31 104.58
CA TYR Q 431 -36.84 -91.20 105.52
C TYR Q 431 -35.37 -90.83 105.66
N PRO Q 432 -34.82 -90.12 104.68
CA PRO Q 432 -33.38 -89.85 104.69
C PRO Q 432 -32.92 -89.02 105.88
N GLU Q 433 -33.81 -88.29 106.55
CA GLU Q 433 -33.40 -87.55 107.73
C GLU Q 433 -33.12 -88.44 108.93
N LYS Q 434 -33.45 -89.74 108.85
CA LYS Q 434 -33.31 -90.63 109.98
C LYS Q 434 -31.96 -91.31 110.07
N THR Q 435 -31.10 -91.18 109.06
CA THR Q 435 -29.83 -91.86 109.08
C THR Q 435 -28.87 -91.21 110.08
N THR Q 436 -28.06 -92.04 110.73
CA THR Q 436 -27.09 -91.58 111.71
C THR Q 436 -25.75 -92.24 111.40
N ARG Q 437 -24.70 -91.73 112.06
CA ARG Q 437 -23.37 -92.32 111.88
C ARG Q 437 -23.36 -93.78 112.33
N ARG Q 438 -24.03 -94.08 113.45
CA ARG Q 438 -24.20 -95.47 113.86
C ARG Q 438 -24.95 -96.26 112.80
N MET Q 439 -25.99 -95.65 112.21
CA MET Q 439 -26.73 -96.32 111.15
C MET Q 439 -25.84 -96.59 109.94
N TYR Q 440 -25.02 -95.61 109.56
CA TYR Q 440 -24.10 -95.82 108.44
C TYR Q 440 -23.10 -96.94 108.73
N ASN Q 441 -22.40 -96.89 109.87
CA ASN Q 441 -21.33 -97.83 110.15
C ASN Q 441 -21.83 -99.20 110.57
N LEU Q 442 -23.09 -99.34 110.96
CA LEU Q 442 -23.56 -100.62 111.48
C LEU Q 442 -23.61 -101.71 110.42
N PHE Q 443 -23.45 -101.38 109.14
CA PHE Q 443 -23.43 -102.37 108.08
C PHE Q 443 -22.09 -102.36 107.37
N TRP Q 444 -21.53 -103.56 107.19
CA TRP Q 444 -20.35 -103.78 106.37
C TRP Q 444 -19.18 -102.87 106.77
N ARG Q 445 -18.70 -103.07 108.00
CA ARG Q 445 -17.54 -102.33 108.47
C ARG Q 445 -16.26 -102.75 107.76
N HIS Q 446 -16.22 -103.95 107.19
CA HIS Q 446 -15.01 -104.47 106.53
C HIS Q 446 -15.14 -104.26 105.03
N PHE Q 447 -14.90 -103.02 104.61
CA PHE Q 447 -14.96 -102.65 103.21
C PHE Q 447 -14.25 -101.32 103.07
N ARG Q 448 -14.40 -100.69 101.91
CA ARG Q 448 -13.85 -99.36 101.71
C ARG Q 448 -15.02 -98.47 101.31
N HIS Q 449 -14.94 -97.20 101.71
CA HIS Q 449 -16.11 -96.33 101.69
C HIS Q 449 -16.70 -96.14 100.30
N SER Q 450 -15.87 -96.24 99.25
CA SER Q 450 -16.39 -96.16 97.89
C SER Q 450 -17.31 -97.33 97.60
N GLU Q 451 -17.06 -98.49 98.22
CA GLU Q 451 -18.01 -99.59 98.09
C GLU Q 451 -19.36 -99.26 98.71
N LYS Q 452 -19.38 -98.57 99.85
CA LYS Q 452 -20.62 -98.12 100.49
C LYS Q 452 -21.20 -96.89 99.78
N VAL Q 453 -20.42 -96.24 98.93
CA VAL Q 453 -20.87 -95.09 98.14
C VAL Q 453 -21.52 -95.53 96.85
N HIS Q 454 -20.92 -96.50 96.16
CA HIS Q 454 -21.50 -97.02 94.93
C HIS Q 454 -22.82 -97.74 95.17
N VAL Q 455 -23.10 -98.12 96.43
CA VAL Q 455 -24.40 -98.69 96.74
C VAL Q 455 -25.39 -97.60 97.19
N ASN Q 456 -24.95 -96.69 98.05
CA ASN Q 456 -25.78 -95.57 98.48
C ASN Q 456 -25.97 -94.53 97.39
N LEU Q 457 -25.36 -94.76 96.23
CA LEU Q 457 -25.38 -93.84 95.11
C LEU Q 457 -26.16 -94.36 93.92
N LEU Q 458 -26.50 -95.65 93.91
CA LEU Q 458 -27.37 -96.20 92.87
C LEU Q 458 -28.83 -96.10 93.27
N LEU Q 459 -29.10 -95.89 94.56
CA LEU Q 459 -30.48 -95.82 95.02
C LEU Q 459 -31.18 -94.59 94.49
N LEU Q 460 -30.46 -93.48 94.34
CA LEU Q 460 -31.07 -92.30 93.73
C LEU Q 460 -31.45 -92.61 92.28
N GLU Q 461 -30.60 -93.37 91.58
CA GLU Q 461 -30.88 -93.72 90.19
C GLU Q 461 -32.10 -94.62 90.08
N ALA Q 462 -32.20 -95.63 90.95
CA ALA Q 462 -33.38 -96.50 90.92
C ALA Q 462 -34.64 -95.72 91.28
N ARG Q 463 -34.53 -94.82 92.27
CA ARG Q 463 -35.67 -93.99 92.63
C ARG Q 463 -36.12 -93.13 91.47
N MET Q 464 -35.17 -92.53 90.77
CA MET Q 464 -35.49 -91.67 89.63
C MET Q 464 -36.11 -92.47 88.50
N GLN Q 465 -35.57 -93.66 88.24
CA GLN Q 465 -36.15 -94.53 87.22
C GLN Q 465 -37.60 -94.86 87.54
N ALA Q 466 -37.87 -95.29 88.78
CA ALA Q 466 -39.24 -95.65 89.13
C ALA Q 466 -40.18 -94.45 89.04
N ALA Q 467 -39.73 -93.29 89.52
CA ALA Q 467 -40.57 -92.10 89.46
C ALA Q 467 -40.86 -91.70 88.03
N LEU Q 468 -39.85 -91.74 87.16
CA LEU Q 468 -40.06 -91.39 85.76
C LEU Q 468 -40.99 -92.37 85.07
N LEU Q 469 -40.84 -93.66 85.35
CA LEU Q 469 -41.72 -94.65 84.74
C LEU Q 469 -43.16 -94.42 85.17
N TYR Q 470 -43.39 -94.17 86.46
CA TYR Q 470 -44.75 -93.94 86.92
C TYR Q 470 -45.34 -92.69 86.28
N ALA Q 471 -44.55 -91.62 86.22
CA ALA Q 471 -45.05 -90.37 85.63
C ALA Q 471 -45.36 -90.52 84.16
N LEU Q 472 -44.50 -91.21 83.42
CA LEU Q 472 -44.76 -91.41 82.00
C LEU Q 472 -45.92 -92.36 81.73
N ARG Q 473 -46.13 -93.37 82.57
CA ARG Q 473 -47.35 -94.15 82.47
C ARG Q 473 -48.58 -93.32 82.75
N ALA Q 474 -48.50 -92.39 83.70
CA ALA Q 474 -49.62 -91.49 83.97
C ALA Q 474 -49.91 -90.60 82.76
N ILE Q 475 -48.86 -90.07 82.13
CA ILE Q 475 -49.08 -89.11 81.05
C ILE Q 475 -49.52 -89.82 79.76
N THR Q 476 -49.04 -91.04 79.52
CA THR Q 476 -49.36 -91.72 78.27
C THR Q 476 -50.85 -92.02 78.17
N ARG Q 477 -51.46 -92.47 79.27
CA ARG Q 477 -52.90 -92.73 79.30
C ARG Q 477 -53.74 -91.51 78.95
N TYR Q 478 -53.20 -90.31 79.15
CA TYR Q 478 -53.94 -89.09 78.88
C TYR Q 478 -54.09 -88.82 77.39
N MET Q 479 -53.25 -89.41 76.56
CA MET Q 479 -53.36 -89.28 75.12
C MET Q 479 -54.02 -90.48 74.45
N THR Q 480 -53.97 -91.66 75.06
CA THR Q 480 -54.58 -92.84 74.50
C THR Q 480 -56.09 -92.75 74.57
N ASP R 77 18.33 82.47 -91.00
CA ASP R 77 18.89 83.73 -91.47
C ASP R 77 18.35 84.07 -92.86
N ASN R 78 18.66 85.29 -93.32
CA ASN R 78 18.20 85.73 -94.63
C ASN R 78 18.86 84.95 -95.76
N LEU R 79 20.13 84.56 -95.59
CA LEU R 79 20.84 83.88 -96.66
C LEU R 79 20.23 82.52 -96.97
N ALA R 80 19.58 81.90 -95.99
CA ALA R 80 18.99 80.58 -96.21
C ALA R 80 17.90 80.64 -97.27
N VAL R 81 17.07 81.69 -97.24
CA VAL R 81 15.97 81.78 -98.19
C VAL R 81 16.50 81.89 -99.62
N VAL R 82 17.51 82.72 -99.82
CA VAL R 82 18.09 82.86 -101.15
C VAL R 82 18.78 81.57 -101.58
N MET R 83 19.52 80.93 -100.67
CA MET R 83 20.24 79.71 -101.01
C MET R 83 19.27 78.57 -101.32
N GLY R 84 18.08 78.60 -100.74
CA GLY R 84 17.11 77.54 -100.94
C GLY R 84 16.35 77.65 -102.24
N LEU R 85 16.99 78.19 -103.26
CA LEU R 85 16.37 78.22 -104.59
C LEU R 85 16.14 76.81 -105.12
N HIS R 86 17.10 75.91 -104.87
CA HIS R 86 16.96 74.51 -105.24
C HIS R 86 17.16 73.62 -104.02
N PRO R 87 16.50 72.46 -103.97
CA PRO R 87 16.66 71.58 -102.79
C PRO R 87 17.82 70.62 -102.90
N ASP R 88 18.40 70.43 -104.08
CA ASP R 88 19.50 69.49 -104.23
C ASP R 88 20.84 70.03 -103.73
N TYR R 89 20.90 71.32 -103.41
CA TYR R 89 22.13 71.94 -102.95
C TYR R 89 22.08 72.38 -101.50
N PHE R 90 20.91 72.83 -101.03
CA PHE R 90 20.80 73.35 -99.67
C PHE R 90 21.09 72.28 -98.64
N THR R 91 20.61 71.06 -98.87
CA THR R 91 20.85 69.99 -97.90
C THR R 91 22.35 69.70 -97.77
N SER R 92 23.05 69.62 -98.91
CA SER R 92 24.48 69.37 -98.86
C SER R 92 25.22 70.50 -98.17
N PHE R 93 24.86 71.75 -98.48
CA PHE R 93 25.53 72.87 -97.84
C PHE R 93 25.28 72.89 -96.35
N TRP R 94 24.05 72.61 -95.93
CA TRP R 94 23.73 72.59 -94.50
C TRP R 94 24.47 71.48 -93.79
N ARG R 95 24.60 70.32 -94.44
CA ARG R 95 25.36 69.22 -93.86
C ARG R 95 26.81 69.62 -93.63
N LEU R 96 27.43 70.23 -94.65
CA LEU R 96 28.82 70.62 -94.50
C LEU R 96 28.98 71.68 -93.41
N HIS R 97 28.06 72.62 -93.35
CA HIS R 97 28.13 73.65 -92.31
C HIS R 97 28.02 73.04 -90.93
N TYR R 98 27.09 72.09 -90.74
CA TYR R 98 26.90 71.47 -89.44
C TYR R 98 28.13 70.67 -89.03
N LEU R 99 28.74 69.95 -89.97
CA LEU R 99 29.96 69.23 -89.64
C LEU R 99 31.08 70.19 -89.29
N LEU R 100 31.22 71.28 -90.05
CA LEU R 100 32.36 72.16 -89.86
C LEU R 100 32.27 72.96 -88.56
N LEU R 101 31.08 73.45 -88.21
CA LEU R 101 30.99 74.45 -87.15
C LEU R 101 30.40 73.95 -85.84
N HIS R 102 29.61 72.88 -85.85
CA HIS R 102 28.94 72.45 -84.62
C HIS R 102 29.32 71.05 -84.16
N THR R 103 29.52 70.10 -85.06
CA THR R 103 29.91 68.76 -84.67
C THR R 103 31.28 68.76 -84.03
N ASP R 104 31.48 67.90 -83.04
CA ASP R 104 32.74 67.85 -82.31
C ASP R 104 33.87 67.33 -83.20
N GLY R 105 35.05 67.91 -83.00
CA GLY R 105 36.22 67.54 -83.77
C GLY R 105 37.50 67.91 -83.07
N PRO R 106 38.60 67.97 -83.82
CA PRO R 106 39.91 68.22 -83.20
C PRO R 106 40.09 69.64 -82.66
N LEU R 107 39.18 70.56 -82.94
CA LEU R 107 39.32 71.93 -82.47
C LEU R 107 38.08 72.34 -81.69
N ALA R 108 38.28 73.16 -80.68
CA ALA R 108 37.17 73.67 -79.89
C ALA R 108 36.29 74.58 -80.73
N SER R 109 35.03 74.71 -80.30
CA SER R 109 34.06 75.50 -81.06
C SER R 109 34.46 76.97 -81.12
N SER R 110 34.96 77.51 -80.01
CA SER R 110 35.37 78.91 -80.00
C SER R 110 36.49 79.17 -80.97
N TRP R 111 37.47 78.27 -81.04
CA TRP R 111 38.55 78.40 -82.02
C TRP R 111 38.02 78.35 -83.44
N ARG R 112 37.06 77.46 -83.70
CA ARG R 112 36.49 77.36 -85.03
C ARG R 112 35.81 78.66 -85.43
N HIS R 113 35.02 79.23 -84.51
CA HIS R 113 34.35 80.50 -84.81
C HIS R 113 35.37 81.62 -85.02
N TYR R 114 36.45 81.63 -84.24
CA TYR R 114 37.44 82.67 -84.38
C TYR R 114 38.12 82.60 -85.75
N ILE R 115 38.51 81.39 -86.18
CA ILE R 115 39.14 81.30 -87.50
C ILE R 115 38.12 81.59 -88.59
N ALA R 116 36.84 81.31 -88.36
CA ALA R 116 35.82 81.70 -89.33
C ALA R 116 35.75 83.22 -89.48
N ILE R 117 35.76 83.92 -88.34
CA ILE R 117 35.74 85.39 -88.38
C ILE R 117 36.99 85.91 -89.09
N MET R 118 38.15 85.34 -88.77
CA MET R 118 39.39 85.76 -89.42
C MET R 118 39.31 85.56 -90.92
N ALA R 119 38.77 84.43 -91.36
CA ALA R 119 38.66 84.15 -92.79
C ALA R 119 37.69 85.10 -93.46
N ALA R 120 36.54 85.34 -92.84
CA ALA R 120 35.52 86.20 -93.42
C ALA R 120 35.94 87.66 -93.46
N ALA R 121 36.84 88.09 -92.57
CA ALA R 121 37.29 89.48 -92.55
C ALA R 121 38.25 89.81 -93.67
N ARG R 122 38.54 88.87 -94.58
CA ARG R 122 39.45 89.14 -95.68
C ARG R 122 38.77 89.84 -96.84
N HIS R 123 37.51 89.53 -97.10
CA HIS R 123 36.72 90.27 -98.07
C HIS R 123 35.91 91.40 -97.43
N GLN R 124 36.07 91.61 -96.13
CA GLN R 124 35.35 92.67 -95.40
C GLN R 124 33.85 92.57 -95.61
N CYS R 125 33.33 91.36 -95.40
CA CYS R 125 31.89 91.11 -95.44
C CYS R 125 31.41 91.10 -93.99
N SER R 126 30.43 91.94 -93.68
CA SER R 126 30.01 92.12 -92.30
C SER R 126 28.86 91.20 -91.91
N TYR R 127 28.16 90.63 -92.88
CA TYR R 127 27.05 89.73 -92.56
C TYR R 127 27.54 88.49 -91.84
N LEU R 128 28.54 87.80 -92.42
CA LEU R 128 29.11 86.62 -91.77
C LEU R 128 29.82 86.97 -90.46
N VAL R 129 30.59 88.05 -90.43
CA VAL R 129 31.30 88.39 -89.21
C VAL R 129 30.34 88.72 -88.09
N GLY R 130 29.26 89.43 -88.40
CA GLY R 130 28.23 89.67 -87.41
C GLY R 130 27.57 88.39 -86.94
N SER R 131 27.24 87.49 -87.87
CA SER R 131 26.58 86.25 -87.49
C SER R 131 27.51 85.34 -86.68
N HIS R 132 28.82 85.52 -86.84
CA HIS R 132 29.79 84.65 -86.17
C HIS R 132 30.27 85.21 -84.85
N MET R 133 30.24 86.53 -84.66
CA MET R 133 30.64 87.10 -83.38
C MET R 133 29.74 86.62 -82.25
N ALA R 134 28.43 86.62 -82.48
CA ALA R 134 27.51 86.16 -81.45
C ALA R 134 27.71 84.69 -81.14
N GLU R 135 27.95 83.88 -82.17
CA GLU R 135 28.16 82.45 -81.97
C GLU R 135 29.45 82.21 -81.17
N PHE R 136 30.50 82.98 -81.45
CA PHE R 136 31.73 82.85 -80.68
C PHE R 136 31.50 83.24 -79.22
N LEU R 137 30.73 84.30 -78.99
CA LEU R 137 30.50 84.74 -77.61
C LEU R 137 29.60 83.77 -76.85
N GLN R 138 28.64 83.13 -77.53
CA GLN R 138 27.70 82.26 -76.85
C GLN R 138 28.28 80.90 -76.53
N THR R 139 29.44 80.55 -77.08
CA THR R 139 30.06 79.25 -76.88
C THR R 139 31.28 79.32 -75.98
N GLY R 140 31.25 80.16 -74.94
CA GLY R 140 32.34 80.17 -73.99
C GLY R 140 33.60 80.83 -74.48
N GLY R 141 33.51 81.68 -75.49
CA GLY R 141 34.69 82.36 -75.97
C GLY R 141 35.17 83.42 -75.00
N ASP R 142 36.34 83.96 -75.29
CA ASP R 142 36.90 85.01 -74.45
C ASP R 142 36.66 86.37 -75.09
N PRO R 143 35.84 87.22 -74.48
CA PRO R 143 35.67 88.58 -75.02
C PRO R 143 36.97 89.32 -75.27
N GLU R 144 38.03 89.01 -74.52
CA GLU R 144 39.30 89.71 -74.69
C GLU R 144 39.91 89.50 -76.08
N TRP R 145 39.54 88.43 -76.78
CA TRP R 145 40.11 88.16 -78.09
C TRP R 145 39.53 89.03 -79.19
N LEU R 146 38.41 89.70 -78.94
CA LEU R 146 37.73 90.47 -79.97
C LEU R 146 38.13 91.93 -79.97
N LEU R 147 39.05 92.33 -79.09
CA LEU R 147 39.61 93.68 -79.11
C LEU R 147 40.78 93.80 -80.08
N GLY R 148 40.86 92.90 -81.05
CA GLY R 148 41.95 92.91 -82.02
C GLY R 148 42.49 91.52 -82.29
N LEU R 149 43.64 91.45 -82.95
CA LEU R 149 44.26 90.17 -83.26
C LEU R 149 45.54 89.90 -82.50
N HIS R 150 46.25 90.93 -82.05
CA HIS R 150 47.45 90.75 -81.24
C HIS R 150 47.16 90.07 -79.91
N ARG R 151 45.91 90.12 -79.44
CA ARG R 151 45.53 89.51 -78.18
C ARG R 151 44.96 88.10 -78.36
N ALA R 152 45.40 87.41 -79.39
CA ALA R 152 45.00 86.04 -79.68
C ALA R 152 46.17 85.10 -79.44
N PRO R 153 45.90 83.81 -79.22
CA PRO R 153 47.00 82.86 -79.00
C PRO R 153 47.94 82.82 -80.19
N GLU R 154 49.24 82.66 -79.89
CA GLU R 154 50.24 82.68 -80.93
C GLU R 154 50.08 81.50 -81.88
N LYS R 155 49.41 80.43 -81.45
CA LYS R 155 49.16 79.31 -82.34
C LYS R 155 48.23 79.71 -83.48
N LEU R 156 47.19 80.50 -83.18
CA LEU R 156 46.28 80.97 -84.21
C LEU R 156 46.86 82.12 -85.02
N ARG R 157 47.85 82.83 -84.50
CA ARG R 157 48.47 83.90 -85.25
C ARG R 157 49.35 83.36 -86.38
N LYS R 158 49.83 82.13 -86.27
CA LYS R 158 50.67 81.55 -87.31
C LYS R 158 49.89 81.22 -88.57
N LEU R 159 48.57 81.31 -88.53
CA LEU R 159 47.71 81.01 -89.67
C LEU R 159 47.45 82.23 -90.55
N SER R 160 47.92 83.40 -90.16
CA SER R 160 47.55 84.63 -90.85
C SER R 160 48.05 84.64 -92.28
N GLU R 161 49.32 84.31 -92.50
CA GLU R 161 49.87 84.41 -93.85
C GLU R 161 49.32 83.32 -94.76
N ILE R 162 49.03 82.14 -94.21
CA ILE R 162 48.37 81.12 -95.01
C ILE R 162 46.97 81.54 -95.41
N ASN R 163 46.24 82.17 -94.50
CA ASN R 163 44.93 82.71 -94.85
C ASN R 163 45.08 83.76 -95.95
N LYS R 164 46.09 84.62 -95.82
CA LYS R 164 46.33 85.66 -96.82
C LYS R 164 46.58 85.05 -98.19
N LEU R 165 47.38 84.00 -98.25
CA LEU R 165 47.65 83.34 -99.52
C LEU R 165 46.41 82.66 -100.08
N LEU R 166 45.64 81.98 -99.22
CA LEU R 166 44.48 81.23 -99.72
C LEU R 166 43.37 82.15 -100.18
N ALA R 167 43.30 83.37 -99.63
CA ALA R 167 42.20 84.27 -99.96
C ALA R 167 42.19 84.60 -101.45
N HIS R 168 43.27 85.22 -101.94
CA HIS R 168 43.24 85.84 -103.25
C HIS R 168 44.34 85.38 -104.21
N ARG R 169 45.50 84.92 -103.72
CA ARG R 169 46.58 84.44 -104.58
C ARG R 169 47.00 83.05 -104.13
N PRO R 170 46.23 82.02 -104.50
CA PRO R 170 46.59 80.65 -104.06
C PRO R 170 47.62 79.96 -104.94
N TRP R 171 48.01 80.56 -106.07
CA TRP R 171 49.03 79.94 -106.91
C TRP R 171 50.39 79.95 -106.24
N LEU R 172 50.67 80.94 -105.40
CA LEU R 172 51.98 81.11 -104.79
C LEU R 172 52.13 80.34 -103.49
N ILE R 173 51.39 79.25 -103.31
CA ILE R 173 51.44 78.48 -102.08
C ILE R 173 52.43 77.34 -102.25
N THR R 174 53.17 77.01 -101.19
CA THR R 174 54.17 75.97 -101.27
C THR R 174 54.45 75.34 -99.90
N LYS R 175 55.55 74.58 -99.82
CA LYS R 175 55.89 73.79 -98.65
C LYS R 175 56.42 74.61 -97.49
N GLU R 176 56.98 75.80 -97.75
CA GLU R 176 57.58 76.56 -96.66
C GLU R 176 56.54 76.93 -95.61
N HIS R 177 55.36 77.39 -96.05
CA HIS R 177 54.33 77.76 -95.09
C HIS R 177 53.88 76.57 -94.26
N ILE R 178 53.67 75.42 -94.90
CA ILE R 178 53.16 74.26 -94.17
C ILE R 178 54.21 73.71 -93.21
N GLN R 179 55.48 73.72 -93.62
CA GLN R 179 56.54 73.30 -92.69
C GLN R 179 56.67 74.25 -91.52
N ALA R 180 56.54 75.56 -91.76
CA ALA R 180 56.53 76.49 -90.64
C ALA R 180 55.33 76.23 -89.73
N LEU R 181 54.21 75.82 -90.30
CA LEU R 181 53.03 75.52 -89.51
C LEU R 181 53.20 74.29 -88.63
N LEU R 182 53.83 73.24 -89.15
CA LEU R 182 54.03 72.00 -88.40
C LEU R 182 55.44 71.93 -87.81
N LYS R 183 56.07 73.08 -87.60
CA LYS R 183 57.40 73.14 -87.00
C LYS R 183 57.28 72.95 -85.49
N THR R 184 58.19 72.15 -84.93
CA THR R 184 58.11 71.80 -83.52
C THR R 184 58.40 73.01 -82.64
N GLY R 185 57.65 73.12 -81.54
CA GLY R 185 57.82 74.20 -80.59
C GLY R 185 56.78 74.16 -79.49
N GLU R 186 56.27 75.32 -79.10
CA GLU R 186 55.17 75.42 -78.16
C GLU R 186 53.81 75.60 -78.83
N HIS R 187 53.73 76.42 -79.86
CA HIS R 187 52.50 76.65 -80.60
C HIS R 187 52.38 75.73 -81.81
N THR R 188 53.05 74.58 -81.77
CA THR R 188 53.08 73.69 -82.92
C THR R 188 51.72 73.05 -83.13
N TRP R 189 51.26 73.07 -84.37
CA TRP R 189 49.98 72.50 -84.74
C TRP R 189 50.10 70.98 -84.83
N SER R 190 49.02 70.33 -85.26
CA SER R 190 49.04 68.91 -85.57
C SER R 190 48.33 68.70 -86.88
N LEU R 191 48.66 67.61 -87.56
CA LEU R 191 48.20 67.43 -88.92
C LEU R 191 46.72 67.07 -88.99
N ALA R 192 46.08 66.78 -87.86
CA ALA R 192 44.65 66.54 -87.83
C ALA R 192 43.85 67.80 -87.52
N GLU R 193 44.51 68.90 -87.17
CA GLU R 193 43.86 70.19 -86.98
C GLU R 193 44.07 71.14 -88.15
N LEU R 194 45.23 71.06 -88.80
CA LEU R 194 45.51 71.93 -89.93
C LEU R 194 44.52 71.69 -91.07
N ILE R 195 44.15 70.43 -91.29
CA ILE R 195 43.25 70.13 -92.40
C ILE R 195 41.87 70.76 -92.17
N GLN R 196 41.36 70.66 -90.94
CA GLN R 196 40.09 71.29 -90.62
C GLN R 196 40.18 72.80 -90.72
N ALA R 197 41.30 73.37 -90.26
CA ALA R 197 41.48 74.80 -90.39
C ALA R 197 41.44 75.24 -91.85
N LEU R 198 42.12 74.51 -92.73
CA LEU R 198 42.11 74.87 -94.15
C LEU R 198 40.71 74.75 -94.74
N VAL R 199 39.99 73.68 -94.42
CA VAL R 199 38.65 73.51 -94.97
C VAL R 199 37.74 74.65 -94.50
N LEU R 200 37.84 75.00 -93.22
CA LEU R 200 37.03 76.11 -92.70
C LEU R 200 37.40 77.43 -93.37
N LEU R 201 38.69 77.69 -93.58
CA LEU R 201 39.10 78.93 -94.23
C LEU R 201 38.52 79.03 -95.63
N THR R 202 38.65 77.96 -96.42
CA THR R 202 38.14 77.98 -97.78
C THR R 202 36.62 78.14 -97.80
N HIS R 203 35.92 77.44 -96.90
CA HIS R 203 34.47 77.55 -96.83
C HIS R 203 34.05 78.97 -96.52
N CYS R 204 34.67 79.60 -95.52
CA CYS R 204 34.30 80.96 -95.18
C CYS R 204 34.61 81.95 -96.29
N HIS R 205 35.75 81.78 -96.97
CA HIS R 205 36.06 82.66 -98.10
C HIS R 205 34.98 82.57 -99.17
N SER R 206 34.63 81.36 -99.59
CA SER R 206 33.67 81.23 -100.68
C SER R 206 32.28 81.67 -100.24
N LEU R 207 31.92 81.43 -98.98
CA LEU R 207 30.65 81.93 -98.48
C LEU R 207 30.59 83.44 -98.52
N SER R 208 31.68 84.12 -98.15
CA SER R 208 31.71 85.57 -98.25
C SER R 208 31.56 86.02 -99.69
N SER R 209 32.20 85.30 -100.61
CA SER R 209 32.05 85.64 -102.03
C SER R 209 30.59 85.54 -102.46
N PHE R 210 29.91 84.46 -102.06
CA PHE R 210 28.49 84.33 -102.40
C PHE R 210 27.65 85.43 -101.79
N VAL R 211 27.91 85.76 -100.52
CA VAL R 211 27.11 86.77 -99.84
C VAL R 211 27.25 88.13 -100.51
N PHE R 212 28.47 88.52 -100.89
CA PHE R 212 28.66 89.79 -101.55
C PHE R 212 28.39 89.75 -103.05
N GLY R 213 28.17 88.58 -103.63
CA GLY R 213 27.85 88.50 -105.04
C GLY R 213 26.38 88.27 -105.29
N CYS R 214 25.62 88.01 -104.24
CA CYS R 214 24.17 87.90 -104.27
C CYS R 214 23.58 88.74 -103.15
N GLY R 215 23.98 90.01 -103.12
CA GLY R 215 23.91 90.86 -101.95
C GLY R 215 22.74 90.67 -101.00
N ILE R 216 23.05 90.47 -99.72
CA ILE R 216 22.06 90.17 -98.70
C ILE R 216 22.05 91.33 -97.70
N LEU R 217 20.85 91.84 -97.40
CA LEU R 217 20.72 92.91 -96.43
C LEU R 217 20.58 92.33 -95.02
N PRO R 218 21.44 92.75 -94.09
CA PRO R 218 21.41 92.34 -92.68
C PRO R 218 20.05 92.58 -92.02
N PRO R 234 15.08 89.47 -99.20
CA PRO R 234 15.84 90.53 -98.55
C PRO R 234 17.04 90.98 -99.36
N SER R 235 17.15 90.49 -100.58
CA SER R 235 18.27 90.79 -101.46
C SER R 235 17.90 91.96 -102.37
N GLU R 236 18.78 92.96 -102.42
CA GLU R 236 18.58 94.04 -103.37
C GLU R 236 18.77 93.59 -104.80
N GLN R 237 19.31 92.38 -104.99
CA GLN R 237 19.59 91.89 -106.34
C GLN R 237 18.33 91.47 -107.09
N SER R 238 17.42 90.77 -106.43
CA SER R 238 16.24 90.22 -107.10
C SER R 238 15.01 90.45 -106.23
N SER R 239 13.86 90.03 -106.74
CA SER R 239 12.60 90.14 -106.02
C SER R 239 11.76 88.90 -106.32
N PRO R 240 10.84 88.53 -105.41
CA PRO R 240 9.94 87.39 -105.60
C PRO R 240 9.22 87.40 -106.95
N ASP R 311 32.29 98.23 -84.23
CA ASP R 311 31.59 97.98 -85.47
C ASP R 311 32.19 96.78 -86.20
N MET R 312 33.37 96.98 -86.80
CA MET R 312 34.04 95.92 -87.52
C MET R 312 35.53 95.78 -87.21
N LEU R 313 36.19 96.83 -86.74
CA LEU R 313 37.63 96.83 -86.47
C LEU R 313 38.36 96.41 -87.75
N CYS R 314 39.55 95.82 -87.62
CA CYS R 314 40.34 95.42 -88.79
C CYS R 314 40.48 93.91 -88.90
N PHE R 315 41.07 93.26 -87.89
CA PHE R 315 41.15 91.79 -87.82
C PHE R 315 41.91 91.21 -89.03
N VAL R 316 42.79 92.03 -89.62
CA VAL R 316 43.46 91.67 -90.86
C VAL R 316 44.95 91.95 -90.74
N GLU R 317 45.75 91.09 -91.36
CA GLU R 317 47.18 91.33 -91.55
C GLU R 317 47.39 91.80 -92.97
N ASP R 318 47.98 93.00 -93.14
CA ASP R 318 48.23 93.61 -94.44
C ASP R 318 46.95 93.79 -95.24
N PRO R 319 46.07 94.71 -94.85
CA PRO R 319 44.80 94.85 -95.58
C PRO R 319 44.97 95.35 -97.00
N THR R 320 46.12 95.93 -97.35
CA THR R 320 46.35 96.46 -98.69
C THR R 320 46.87 95.41 -99.65
N PHE R 321 46.58 94.14 -99.41
CA PHE R 321 46.96 93.05 -100.32
C PHE R 321 45.69 92.47 -100.90
N GLY R 322 45.60 92.44 -102.23
CA GLY R 322 44.48 91.86 -102.93
C GLY R 322 44.90 90.93 -104.05
N TYR R 323 44.00 90.71 -105.01
CA TYR R 323 44.22 89.75 -106.09
C TYR R 323 45.08 90.37 -107.19
N GLU R 324 46.12 89.67 -107.62
CA GLU R 324 47.06 90.18 -108.61
C GLU R 324 46.57 89.87 -110.02
N ASP R 325 47.46 90.01 -111.00
CA ASP R 325 47.16 89.86 -112.41
C ASP R 325 46.99 88.40 -112.81
N PHE R 326 47.05 88.14 -114.12
CA PHE R 326 46.63 86.88 -114.75
C PHE R 326 46.93 85.64 -113.91
N THR R 327 48.17 85.45 -113.49
CA THR R 327 48.55 84.27 -112.73
C THR R 327 49.80 84.53 -111.89
N PRO R 334 53.50 81.69 -111.66
CA PRO R 334 53.54 81.65 -113.13
C PRO R 334 53.74 80.30 -113.84
N PRO R 335 54.25 79.22 -113.18
CA PRO R 335 54.47 77.97 -113.94
C PRO R 335 53.18 77.24 -114.31
N THR R 336 52.03 77.85 -114.02
CA THR R 336 50.72 77.30 -114.33
C THR R 336 50.50 75.94 -113.68
N PHE R 337 49.40 75.28 -114.05
CA PHE R 337 48.96 74.07 -113.37
C PHE R 337 48.23 73.24 -114.42
N ARG R 338 48.63 71.99 -114.58
CA ARG R 338 47.96 71.11 -115.54
C ARG R 338 47.02 70.19 -114.77
N ALA R 339 45.75 70.57 -114.71
CA ALA R 339 44.82 70.00 -113.74
C ALA R 339 44.61 68.51 -113.96
N GLN R 340 44.95 68.00 -115.13
CA GLN R 340 44.77 66.57 -115.34
C GLN R 340 45.85 65.74 -114.68
N ASP R 341 46.91 66.37 -114.17
CA ASP R 341 47.96 65.68 -113.43
C ASP R 341 47.67 65.69 -111.92
N TYR R 342 46.62 66.38 -111.52
CA TYR R 342 46.19 66.39 -110.13
C TYR R 342 44.70 66.69 -110.04
N THR R 343 43.91 65.65 -109.82
CA THR R 343 42.46 65.74 -109.89
C THR R 343 41.82 65.40 -108.54
N TRP R 344 40.65 65.98 -108.30
CA TRP R 344 39.82 65.63 -107.16
C TRP R 344 38.93 64.48 -107.64
N GLU R 345 39.44 63.26 -107.46
CA GLU R 345 38.82 62.05 -107.99
C GLU R 345 39.76 60.89 -107.73
N ASP R 346 40.87 60.88 -108.46
CA ASP R 346 41.87 59.85 -108.33
C ASP R 346 42.54 59.90 -106.97
N HIS R 347 43.08 61.05 -106.59
CA HIS R 347 43.97 61.13 -105.45
C HIS R 347 43.64 62.19 -104.40
N GLY R 348 43.19 63.39 -104.77
CA GLY R 348 42.95 64.40 -103.76
C GLY R 348 41.92 63.97 -102.73
N TYR R 349 40.84 63.37 -103.21
CA TYR R 349 39.83 62.81 -102.32
C TYR R 349 40.42 61.72 -101.44
N SER R 350 41.37 60.94 -101.98
CA SER R 350 42.00 59.90 -101.18
C SER R 350 42.80 60.48 -100.02
N LEU R 351 43.52 61.57 -100.25
CA LEU R 351 44.27 62.20 -99.17
C LEU R 351 43.32 62.74 -98.11
N ILE R 352 42.20 63.35 -98.50
CA ILE R 352 41.31 63.87 -97.44
C ILE R 352 40.60 62.78 -96.73
N GLN R 353 40.23 61.76 -97.42
CA GLN R 353 39.57 60.66 -96.74
C GLN R 353 40.43 60.05 -95.65
N ARG R 354 41.75 60.16 -95.77
CA ARG R 354 42.65 59.69 -94.72
C ARG R 354 42.91 60.74 -93.64
N LEU R 355 43.06 62.01 -94.02
CA LEU R 355 43.22 63.03 -92.98
C LEU R 355 41.91 63.41 -92.30
N TYR R 356 40.82 63.53 -93.06
CA TYR R 356 39.53 63.95 -92.53
C TYR R 356 38.50 62.94 -92.99
N PRO R 357 38.20 61.93 -92.15
CA PRO R 357 37.40 60.81 -92.64
C PRO R 357 35.97 61.18 -93.01
N GLU R 358 35.35 62.14 -92.32
CA GLU R 358 33.96 62.47 -92.58
C GLU R 358 33.79 63.70 -93.45
N GLY R 359 34.76 64.61 -93.46
CA GLY R 359 34.68 65.80 -94.26
C GLY R 359 35.03 65.61 -95.72
N GLY R 360 35.20 64.37 -96.18
CA GLY R 360 35.52 64.11 -97.56
C GLY R 360 34.29 63.80 -98.39
N GLN R 361 33.45 62.89 -97.91
CA GLN R 361 32.24 62.53 -98.63
C GLN R 361 31.22 63.66 -98.65
N LEU R 362 31.21 64.52 -97.62
CA LEU R 362 30.34 65.69 -97.65
C LEU R 362 30.79 66.70 -98.69
N LEU R 363 32.09 66.96 -98.80
CA LEU R 363 32.55 67.77 -99.91
C LEU R 363 32.18 67.12 -101.24
N ASP R 364 32.41 65.81 -101.38
CA ASP R 364 32.14 65.17 -102.66
C ASP R 364 30.68 65.25 -103.03
N GLU R 365 29.79 65.07 -102.04
CA GLU R 365 28.37 65.22 -102.29
C GLU R 365 28.03 66.63 -102.71
N LYS R 366 28.64 67.64 -102.07
CA LYS R 366 28.40 69.02 -102.45
C LYS R 366 28.85 69.29 -103.88
N PHE R 367 30.00 68.75 -104.27
CA PHE R 367 30.51 68.96 -105.63
C PHE R 367 29.59 68.30 -106.66
N GLN R 368 29.16 67.07 -106.40
CA GLN R 368 28.25 66.43 -107.35
C GLN R 368 26.92 67.17 -107.41
N ALA R 369 26.45 67.72 -106.30
CA ALA R 369 25.24 68.53 -106.34
C ALA R 369 25.42 69.77 -107.18
N ALA R 370 26.56 70.45 -107.03
CA ALA R 370 26.84 71.62 -107.85
C ALA R 370 26.98 71.26 -109.32
N TYR R 371 27.38 70.03 -109.63
CA TYR R 371 27.40 69.57 -111.01
C TYR R 371 26.07 69.04 -111.51
N SER R 372 25.10 68.81 -110.62
CA SER R 372 23.81 68.31 -111.07
C SER R 372 22.94 69.41 -111.65
N LEU R 373 23.04 70.63 -111.13
CA LEU R 373 22.18 71.73 -111.58
C LEU R 373 22.56 72.14 -113.00
N THR R 374 21.55 72.29 -113.86
CA THR R 374 21.75 72.71 -115.23
C THR R 374 20.76 73.81 -115.58
N TYR R 375 21.20 74.74 -116.42
CA TYR R 375 20.35 75.84 -116.87
C TYR R 375 19.47 75.39 -118.03
N ASN R 376 18.45 76.19 -118.31
CA ASN R 376 17.52 75.91 -119.40
C ASN R 376 17.51 76.98 -120.48
N THR R 377 17.90 78.22 -120.16
CA THR R 377 17.91 79.28 -121.16
C THR R 377 18.92 78.98 -122.26
N ILE R 378 18.50 79.17 -123.50
CA ILE R 378 19.34 78.87 -124.66
C ILE R 378 20.04 80.13 -125.16
N ASP R 385 23.86 73.68 -125.19
CA ASP R 385 23.31 72.40 -124.76
C ASP R 385 23.61 72.14 -123.28
N THR R 386 23.14 73.06 -122.43
CA THR R 386 23.22 72.94 -120.97
C THR R 386 24.66 72.81 -120.49
N SER R 387 25.21 71.60 -120.57
CA SER R 387 26.51 71.30 -119.94
C SER R 387 27.61 72.23 -120.44
N VAL R 388 27.58 72.60 -121.72
CA VAL R 388 28.62 73.48 -122.26
C VAL R 388 28.59 74.83 -121.57
N LEU R 389 27.40 75.30 -121.19
CA LEU R 389 27.29 76.60 -120.54
C LEU R 389 28.01 76.61 -119.20
N ARG R 390 27.78 75.57 -118.39
CA ARG R 390 28.42 75.49 -117.09
C ARG R 390 29.92 75.17 -117.22
N ARG R 391 30.29 74.44 -118.27
CA ARG R 391 31.71 74.21 -118.53
C ARG R 391 32.45 75.51 -118.76
N ALA R 392 31.84 76.45 -119.49
CA ALA R 392 32.48 77.73 -119.73
C ALA R 392 32.77 78.45 -118.43
N ILE R 393 31.78 78.48 -117.53
CA ILE R 393 31.98 79.13 -116.23
C ILE R 393 33.11 78.45 -115.47
N TRP R 394 33.06 77.10 -115.42
CA TRP R 394 34.02 76.35 -114.65
C TRP R 394 35.44 76.58 -115.16
N ASN R 395 35.65 76.44 -116.46
CA ASN R 395 36.98 76.61 -117.03
C ASN R 395 37.44 78.06 -116.94
N TYR R 396 36.53 79.02 -117.14
CA TYR R 396 36.93 80.42 -117.07
C TYR R 396 37.44 80.77 -115.68
N ILE R 397 36.73 80.34 -114.64
CA ILE R 397 37.20 80.66 -113.29
C ILE R 397 38.46 79.87 -112.97
N HIS R 398 38.54 78.61 -113.39
CA HIS R 398 39.74 77.85 -113.10
C HIS R 398 40.95 78.38 -113.84
N CYS R 399 40.75 79.09 -114.94
CA CYS R 399 41.86 79.73 -115.63
C CYS R 399 42.23 81.06 -114.98
N VAL R 400 41.24 81.88 -114.60
CA VAL R 400 41.57 83.15 -113.97
C VAL R 400 42.26 82.91 -112.62
N PHE R 401 42.05 81.74 -112.04
CA PHE R 401 42.90 81.35 -110.91
C PHE R 401 44.16 80.64 -111.39
N GLY R 402 44.03 79.87 -112.46
CA GLY R 402 45.11 79.19 -113.14
C GLY R 402 45.15 77.72 -112.75
N ILE R 403 44.42 76.91 -113.49
CA ILE R 403 44.36 75.46 -113.30
C ILE R 403 44.36 74.78 -114.67
N ARG R 404 44.97 75.43 -115.66
CA ARG R 404 44.76 75.14 -117.08
C ARG R 404 44.54 73.66 -117.37
N TYR R 405 43.44 73.35 -118.06
CA TYR R 405 43.04 71.98 -118.33
C TYR R 405 43.79 71.46 -119.55
N ASP R 406 43.36 70.32 -120.09
CA ASP R 406 44.07 69.69 -121.18
C ASP R 406 43.20 69.27 -122.36
N ASP R 407 41.90 69.58 -122.36
CA ASP R 407 40.99 69.17 -123.42
C ASP R 407 40.14 70.34 -123.88
N TYR R 408 40.65 71.56 -123.79
CA TYR R 408 39.82 72.73 -124.02
C TYR R 408 40.47 73.65 -125.04
N ASP R 409 39.63 74.26 -125.88
CA ASP R 409 40.03 75.33 -126.78
C ASP R 409 39.39 76.61 -126.26
N TYR R 410 40.22 77.54 -125.81
CA TYR R 410 39.71 78.73 -125.14
C TYR R 410 39.08 79.71 -126.11
N GLY R 411 39.20 79.49 -127.42
CA GLY R 411 38.41 80.25 -128.36
C GLY R 411 36.93 79.94 -128.28
N GLU R 412 36.56 78.81 -127.67
CA GLU R 412 35.18 78.47 -127.41
C GLU R 412 34.65 79.09 -126.14
N VAL R 413 35.52 79.65 -125.29
CA VAL R 413 35.08 80.27 -124.06
C VAL R 413 34.35 81.58 -124.33
N ASN R 414 34.81 82.32 -125.35
CA ASN R 414 34.25 83.65 -125.61
C ASN R 414 32.76 83.57 -125.93
N GLN R 415 32.41 82.90 -127.03
CA GLN R 415 31.01 82.87 -127.45
C GLN R 415 30.22 81.81 -126.67
N LEU R 416 30.41 81.83 -125.36
CA LEU R 416 29.52 81.18 -124.41
C LEU R 416 29.00 82.17 -123.39
N LEU R 417 29.86 83.06 -122.89
CA LEU R 417 29.45 84.14 -122.03
C LEU R 417 29.49 85.45 -122.81
N GLU R 418 29.27 86.57 -122.13
CA GLU R 418 29.36 87.89 -122.74
C GLU R 418 29.89 88.85 -121.70
N ARG R 419 30.42 89.98 -122.18
CA ARG R 419 31.03 90.96 -121.28
C ARG R 419 30.08 91.42 -120.19
N ASN R 420 28.78 91.45 -120.46
CA ASN R 420 27.81 91.82 -119.43
C ASN R 420 27.74 90.75 -118.34
N LEU R 421 28.27 89.55 -118.62
CA LEU R 421 28.27 88.45 -117.67
C LEU R 421 29.67 87.97 -117.35
N LYS R 422 30.68 88.77 -117.69
CA LYS R 422 32.07 88.44 -117.38
C LYS R 422 32.71 89.41 -116.40
N VAL R 423 32.39 90.71 -116.50
CA VAL R 423 32.87 91.65 -115.50
C VAL R 423 32.30 91.28 -114.12
N TYR R 424 31.02 90.92 -114.08
CA TYR R 424 30.42 90.43 -112.85
C TYR R 424 31.22 89.28 -112.26
N ILE R 425 31.50 88.27 -113.08
CA ILE R 425 32.11 87.04 -112.56
C ILE R 425 33.56 87.27 -112.15
N LYS R 426 34.34 87.99 -112.97
CA LYS R 426 35.73 88.27 -112.67
C LYS R 426 35.88 89.48 -111.78
N THR R 427 34.78 89.99 -111.23
CA THR R 427 34.83 90.92 -110.12
C THR R 427 34.42 90.25 -108.81
N VAL R 428 33.47 89.32 -108.85
CA VAL R 428 33.07 88.66 -107.61
C VAL R 428 34.14 87.66 -107.19
N ALA R 429 34.75 86.96 -108.15
CA ALA R 429 35.68 85.90 -107.79
C ALA R 429 36.91 86.46 -107.06
N CYS R 430 37.36 87.66 -107.44
CA CYS R 430 38.59 88.19 -106.87
C CYS R 430 38.33 89.22 -105.77
N TYR R 431 37.59 90.29 -106.08
CA TYR R 431 37.27 91.34 -105.11
C TYR R 431 35.77 91.56 -105.09
N PRO R 432 35.03 90.69 -104.42
CA PRO R 432 33.57 90.86 -104.36
C PRO R 432 33.11 92.03 -103.50
N GLU R 433 34.02 92.72 -102.81
CA GLU R 433 33.63 93.87 -102.00
C GLU R 433 33.10 95.01 -102.85
N LYS R 434 33.34 94.99 -104.16
CA LYS R 434 32.87 96.02 -105.09
C LYS R 434 31.91 95.35 -106.07
N THR R 435 30.63 95.36 -105.71
CA THR R 435 29.56 94.91 -106.61
C THR R 435 28.29 95.61 -106.17
N THR R 436 27.90 96.66 -106.89
CA THR R 436 26.79 97.50 -106.49
C THR R 436 25.52 97.07 -107.21
N ARG R 437 24.43 97.84 -107.00
CA ARG R 437 23.17 97.53 -107.65
C ARG R 437 23.31 97.54 -109.16
N ARG R 438 23.94 98.58 -109.71
CA ARG R 438 24.14 98.66 -111.15
C ARG R 438 25.09 97.57 -111.66
N MET R 439 25.98 97.06 -110.80
CA MET R 439 26.89 96.00 -111.22
C MET R 439 26.11 94.77 -111.69
N TYR R 440 24.96 94.53 -111.07
CA TYR R 440 24.09 93.44 -111.48
C TYR R 440 22.99 93.89 -112.44
N ASN R 441 22.55 95.15 -112.32
CA ASN R 441 21.30 95.60 -112.93
C ASN R 441 21.07 95.07 -114.33
N LEU R 442 22.14 94.90 -115.10
CA LEU R 442 22.06 94.36 -116.45
C LEU R 442 22.91 93.09 -116.51
N PHE R 443 22.30 91.95 -116.19
CA PHE R 443 23.00 90.68 -116.32
C PHE R 443 22.91 90.15 -117.74
N TRP R 444 21.71 89.76 -118.17
CA TRP R 444 21.38 89.51 -119.57
C TRP R 444 19.89 89.24 -119.71
N ARG R 445 19.32 89.71 -120.82
CA ARG R 445 17.97 89.36 -121.26
C ARG R 445 16.91 89.47 -120.18
N HIS R 446 15.80 88.77 -120.37
CA HIS R 446 14.77 88.64 -119.34
C HIS R 446 14.96 87.31 -118.62
N PHE R 447 16.02 87.27 -117.82
CA PHE R 447 16.40 86.04 -117.13
C PHE R 447 15.35 85.64 -116.12
N ARG R 448 15.28 84.33 -115.85
CA ARG R 448 14.29 83.79 -114.92
C ARG R 448 14.63 84.05 -113.47
N HIS R 449 15.78 84.65 -113.17
CA HIS R 449 16.27 84.99 -111.85
C HIS R 449 16.64 83.76 -111.03
N SER R 450 16.40 82.56 -111.55
CA SER R 450 16.90 81.34 -110.92
C SER R 450 18.19 80.87 -111.58
N GLU R 451 18.30 81.02 -112.90
CA GLU R 451 19.54 80.68 -113.58
C GLU R 451 20.68 81.57 -113.09
N LYS R 452 20.39 82.83 -112.80
CA LYS R 452 21.43 83.72 -112.28
C LYS R 452 21.90 83.27 -110.90
N VAL R 453 20.97 82.84 -110.06
CA VAL R 453 21.36 82.30 -108.75
C VAL R 453 22.19 81.04 -108.94
N HIS R 454 21.82 80.19 -109.90
CA HIS R 454 22.59 78.97 -110.17
C HIS R 454 24.01 79.31 -110.61
N VAL R 455 24.15 80.33 -111.46
CA VAL R 455 25.48 80.75 -111.89
C VAL R 455 26.28 81.31 -110.72
N ASN R 456 25.66 82.13 -109.88
CA ASN R 456 26.37 82.65 -108.72
C ASN R 456 26.69 81.56 -107.71
N LEU R 457 26.01 80.41 -107.82
CA LEU R 457 26.24 79.31 -106.88
C LEU R 457 27.38 78.42 -107.35
N LEU R 458 27.40 78.08 -108.64
CA LEU R 458 28.47 77.24 -109.17
C LEU R 458 29.84 77.86 -108.92
N LEU R 459 29.92 79.19 -108.85
CA LEU R 459 31.17 79.86 -108.54
C LEU R 459 31.67 79.47 -107.15
N LEU R 460 30.77 79.26 -106.21
CA LEU R 460 31.15 78.82 -104.86
C LEU R 460 31.98 77.55 -104.92
N GLU R 461 31.48 76.52 -105.60
CA GLU R 461 32.23 75.27 -105.69
C GLU R 461 33.50 75.44 -106.51
N ALA R 462 33.42 76.13 -107.64
CA ALA R 462 34.59 76.27 -108.49
C ALA R 462 35.71 77.06 -107.82
N ARG R 463 35.38 78.03 -106.97
CA ARG R 463 36.37 78.83 -106.27
C ARG R 463 36.91 78.12 -105.05
N MET R 464 36.12 77.29 -104.39
CA MET R 464 36.59 76.54 -103.23
C MET R 464 37.30 75.24 -103.63
N GLN R 465 37.18 74.84 -104.89
CA GLN R 465 37.88 73.69 -105.42
C GLN R 465 39.35 73.93 -105.72
N ALA R 466 39.66 75.01 -106.43
CA ALA R 466 41.05 75.26 -106.84
C ALA R 466 41.95 75.51 -105.65
N ALA R 467 41.47 76.30 -104.68
CA ALA R 467 42.28 76.58 -103.50
C ALA R 467 42.55 75.31 -102.71
N LEU R 468 41.53 74.46 -102.59
CA LEU R 468 41.71 73.20 -101.87
C LEU R 468 42.68 72.29 -102.60
N LEU R 469 42.64 72.29 -103.93
CA LEU R 469 43.60 71.49 -104.70
C LEU R 469 45.02 72.01 -104.50
N TYR R 470 45.20 73.33 -104.50
CA TYR R 470 46.52 73.89 -104.22
C TYR R 470 47.01 73.48 -102.83
N ALA R 471 46.13 73.56 -101.83
CA ALA R 471 46.52 73.20 -100.47
C ALA R 471 46.84 71.73 -100.36
N LEU R 472 46.07 70.87 -101.04
CA LEU R 472 46.32 69.44 -100.98
C LEU R 472 47.62 69.07 -101.68
N ARG R 473 47.93 69.72 -102.79
CA ARG R 473 49.23 69.55 -103.41
C ARG R 473 50.34 69.98 -102.47
N ALA R 474 50.17 71.10 -101.78
CA ALA R 474 51.18 71.55 -100.83
C ALA R 474 51.37 70.52 -99.71
N ILE R 475 50.28 69.91 -99.26
CA ILE R 475 50.37 68.88 -98.23
C ILE R 475 51.14 67.67 -98.76
N THR R 476 50.81 67.21 -99.96
CA THR R 476 51.35 65.95 -100.46
C THR R 476 52.81 66.04 -100.86
N ARG R 477 53.30 67.20 -101.28
CA ARG R 477 54.72 67.37 -101.54
C ARG R 477 55.57 67.24 -100.28
N TYR R 478 55.00 67.57 -99.13
CA TYR R 478 55.75 67.59 -97.89
C TYR R 478 55.83 66.23 -97.21
N MET R 479 54.91 65.32 -97.52
CA MET R 479 54.91 63.97 -96.96
C MET R 479 55.40 62.94 -97.98
N THR R 480 56.21 63.38 -98.94
CA THR R 480 56.73 62.47 -99.96
C THR R 480 58.24 62.61 -100.09
ZN ZN S . -27.24 -53.61 81.92
ZN ZN T . -31.00 -46.93 63.13
ZN ZN U . -28.49 -33.12 70.52
ZN ZN V . -32.26 -35.72 71.90
ZN ZN W . -103.22 -15.63 6.17
ZN ZN X . -85.39 -7.40 16.47
ZN ZN Y . -79.09 -18.28 7.53
ZN ZN Z . -79.84 -18.75 13.34
ZN ZN AA . -12.94 -40.23 85.21
ZN ZN BA . -12.37 -35.90 65.91
ZN ZN CA . -12.68 -51.88 68.04
ZN ZN DA . -9.68 -50.15 70.28
ZN ZN EA . -85.12 -23.76 -10.89
ZN ZN FA . -74.71 -9.38 -2.52
ZN ZN GA . -90.08 -2.45 -3.34
ZN ZN HA . -87.25 -3.17 -6.78
ZN ZN IA . 26.56 73.57 -66.29
ZN ZN JA . 30.63 57.16 -55.67
ZN ZN KA . 25.61 66.67 -43.41
ZN ZN LA . 29.30 67.59 -44.41
ZN ZN MA . 101.19 11.51 -12.62
ZN ZN NA . 83.14 21.88 -5.24
ZN ZN OA . 77.36 12.92 -15.84
ZN ZN PA . 80.29 16.93 -15.26
ZN ZN QA . 10.25 79.06 -52.47
ZN ZN RA . 9.97 57.79 -44.10
ZN ZN SA . 12.41 61.08 -60.79
ZN ZN TA . 8.52 62.28 -60.57
ZN ZN UA . 85.90 -6.77 -16.84
ZN ZN VA . 73.78 1.40 -3.65
ZN ZN WA . 88.04 3.53 3.46
ZN ZN XA . 86.38 -0.12 3.16
#